data_9OTM
#
_entry.id   9OTM
#
loop_
_entity.id
_entity.type
_entity.pdbx_description
1 polymer 'Glutamine synthetase'
2 non-polymer "ADENOSINE-5'-TRIPHOSPHATE"
3 non-polymer 'MAGNESIUM ION'
4 non-polymer GLUTAMINE
#
_entity_poly.entity_id   1
_entity_poly.type   'polypeptide(L)'
_entity_poly.pdbx_seq_one_letter_code
;MTTSASSHLNKGIKQVYMSLPQGEKVQAMYIWIDGTGEGLRCKTRTLDSEPKCVEELPEWNFDGSSTLQSEGSNSDMYLV
PAAMFRDPFRKDPNKLVLCEVFKYNRRPAETNLRHTCKRIMDMVSNQHPWFGMEQEYTLMGTDGHPFGWPSNGFPGPQGP
YYCGVGADRAYGRDIVEAHYRACLYAGVKIAGTNAEVMPAQWEFQIGPCEGISMGDHLWVARFILHRVCEDFGVIATFDP
KPIPGNWNGAGCHTNFSTKAMREENGLKYIEEAIEKLSKRHQYHIRAYDPKGGLDNARRLTGFHETSNINDFSAGVANRS
ASIRIPRTVGQEKKGYFEDRRPSANCDPFSVTEALIRTCLLNETGDEPFQYKN
;
_entity_poly.pdbx_strand_id   A,B,C,D,E,F,G,H,I,J,K,L,M,N,O,P,Q,R,S,T
#
loop_
_chem_comp.id
_chem_comp.type
_chem_comp.name
_chem_comp.formula
ATP non-polymer ADENOSINE-5'-TRIPHOSPHATE 'C10 H16 N5 O13 P3'
MG non-polymer 'MAGNESIUM ION' 'Mg 2'
#
# COMPACT_ATOMS: atom_id res chain seq x y z
N THR A 2 36.95 20.89 7.82
CA THR A 2 36.14 20.70 9.01
C THR A 2 35.54 19.30 9.03
N THR A 3 34.83 18.95 7.96
CA THR A 3 34.25 17.62 7.81
C THR A 3 35.09 16.81 6.81
N SER A 4 34.98 15.49 6.93
CA SER A 4 35.80 14.60 6.13
C SER A 4 35.37 14.63 4.66
N ALA A 5 36.32 14.26 3.79
CA ALA A 5 36.02 14.18 2.36
C ALA A 5 34.99 13.12 2.05
N SER A 6 34.96 12.04 2.84
CA SER A 6 33.97 10.99 2.63
C SER A 6 32.56 11.51 2.86
N SER A 7 32.39 12.48 3.74
CA SER A 7 31.07 13.05 4.02
C SER A 7 30.55 13.91 2.88
N HIS A 8 31.40 14.33 1.95
CA HIS A 8 30.97 15.14 0.82
C HIS A 8 30.54 14.30 -0.38
N LEU A 9 30.62 12.98 -0.29
CA LEU A 9 30.09 12.14 -1.35
C LEU A 9 28.57 12.21 -1.38
N ASN A 10 28.00 11.91 -2.55
CA ASN A 10 26.56 11.99 -2.73
C ASN A 10 25.89 10.86 -1.96
N LYS A 11 25.24 11.21 -0.85
CA LYS A 11 24.58 10.21 -0.02
C LYS A 11 23.30 9.67 -0.66
N GLY A 12 22.71 10.41 -1.60
CA GLY A 12 21.55 9.89 -2.31
C GLY A 12 21.88 8.66 -3.12
N ILE A 13 23.12 8.59 -3.64
CA ILE A 13 23.55 7.42 -4.41
C ILE A 13 23.55 6.18 -3.51
N LYS A 14 24.03 6.33 -2.28
CA LYS A 14 24.13 5.19 -1.38
C LYS A 14 22.75 4.62 -1.05
N GLN A 15 21.76 5.49 -0.84
CA GLN A 15 20.43 5.02 -0.46
C GLN A 15 19.79 4.21 -1.58
N VAL A 16 20.11 4.51 -2.83
CA VAL A 16 19.58 3.73 -3.94
C VAL A 16 20.06 2.30 -3.86
N TYR A 17 21.35 2.11 -3.55
CA TYR A 17 21.89 0.76 -3.44
C TYR A 17 21.34 0.04 -2.21
N MET A 18 21.21 0.76 -1.10
CA MET A 18 20.69 0.15 0.13
C MET A 18 19.22 -0.21 0.04
N SER A 19 18.51 0.28 -0.98
CA SER A 19 17.10 -0.05 -1.17
C SER A 19 16.88 -1.36 -1.91
N LEU A 20 17.94 -1.96 -2.45
CA LEU A 20 17.79 -3.23 -3.14
C LEU A 20 17.42 -4.32 -2.16
N PRO A 21 16.46 -5.19 -2.49
CA PRO A 21 16.16 -6.32 -1.60
C PRO A 21 17.39 -7.20 -1.39
N GLN A 22 17.58 -7.65 -0.16
CA GLN A 22 18.81 -8.33 0.21
C GLN A 22 18.82 -9.76 -0.31
N GLY A 23 17.75 -10.52 -0.05
CA GLY A 23 17.72 -11.91 -0.44
C GLY A 23 17.77 -12.86 0.74
N GLU A 24 18.47 -13.97 0.59
CA GLU A 24 18.54 -14.98 1.65
C GLU A 24 19.72 -14.78 2.58
N LYS A 25 20.82 -14.23 2.10
CA LYS A 25 22.03 -14.12 2.90
C LYS A 25 21.88 -13.02 3.96
N VAL A 26 22.66 -13.16 5.03
CA VAL A 26 22.62 -12.25 6.17
C VAL A 26 24.03 -11.78 6.48
N GLN A 27 24.18 -10.49 6.73
CA GLN A 27 25.46 -9.90 7.08
C GLN A 27 25.59 -9.80 8.59
N ALA A 28 26.79 -10.11 9.10
CA ALA A 28 27.11 -10.01 10.51
C ALA A 28 28.41 -9.25 10.68
N MET A 29 28.42 -8.27 11.56
CA MET A 29 29.59 -7.44 11.80
C MET A 29 30.16 -7.77 13.18
N TYR A 30 31.42 -8.16 13.21
CA TYR A 30 32.10 -8.53 14.46
C TYR A 30 32.86 -7.33 15.01
N ILE A 31 32.70 -7.07 16.29
CA ILE A 31 33.29 -5.90 16.94
C ILE A 31 34.10 -6.36 18.15
N TRP A 32 35.29 -5.80 18.32
CA TRP A 32 36.15 -6.14 19.44
C TRP A 32 37.00 -4.93 19.82
N ILE A 33 37.72 -5.07 20.94
CA ILE A 33 38.55 -4.01 21.49
C ILE A 33 40.01 -4.31 21.19
N ASP A 34 40.74 -3.31 20.71
CA ASP A 34 42.13 -3.49 20.30
C ASP A 34 43.06 -3.39 21.51
N GLY A 35 44.36 -3.31 21.26
CA GLY A 35 45.36 -3.34 22.30
C GLY A 35 45.54 -2.05 23.07
N THR A 36 44.98 -0.95 22.59
CA THR A 36 45.07 0.30 23.33
C THR A 36 44.07 0.37 24.48
N GLY A 37 43.09 -0.53 24.52
CA GLY A 37 42.07 -0.52 25.55
C GLY A 37 41.00 0.53 25.36
N GLU A 38 41.04 1.29 24.27
CA GLU A 38 40.05 2.33 24.03
C GLU A 38 39.47 2.21 22.63
N GLY A 39 40.26 1.71 21.69
CA GLY A 39 39.83 1.63 20.31
C GLY A 39 38.93 0.44 20.04
N LEU A 40 38.17 0.55 18.95
CA LEU A 40 37.28 -0.51 18.49
C LEU A 40 37.60 -0.86 17.06
N ARG A 41 37.42 -2.13 16.71
CA ARG A 41 37.66 -2.63 15.37
C ARG A 41 36.45 -3.45 14.93
N CYS A 42 36.28 -3.57 13.61
CA CYS A 42 35.13 -4.29 13.08
C CYS A 42 35.43 -4.83 11.70
N LYS A 43 34.72 -5.90 11.34
CA LYS A 43 34.71 -6.44 9.98
C LYS A 43 33.47 -7.30 9.82
N THR A 44 33.13 -7.59 8.57
CA THR A 44 31.85 -8.20 8.22
C THR A 44 32.06 -9.54 7.53
N ARG A 45 31.15 -10.48 7.80
CA ARG A 45 31.10 -11.75 7.09
C ARG A 45 29.65 -12.07 6.74
N THR A 46 29.48 -12.99 5.80
CA THR A 46 28.16 -13.38 5.30
C THR A 46 27.75 -14.70 5.92
N LEU A 47 26.49 -14.78 6.33
CA LEU A 47 25.90 -15.99 6.89
C LEU A 47 24.77 -16.49 6.01
N ASP A 48 24.58 -17.81 6.02
CA ASP A 48 23.59 -18.41 5.13
C ASP A 48 22.16 -18.16 5.60
N SER A 49 21.96 -18.00 6.91
CA SER A 49 20.63 -17.78 7.44
C SER A 49 20.73 -16.92 8.70
N GLU A 50 19.61 -16.30 9.06
CA GLU A 50 19.58 -15.41 10.21
C GLU A 50 19.74 -16.21 11.49
N PRO A 51 20.71 -15.89 12.34
CA PRO A 51 20.85 -16.59 13.61
C PRO A 51 19.82 -16.12 14.61
N LYS A 52 19.36 -17.04 15.45
CA LYS A 52 18.36 -16.71 16.46
C LYS A 52 18.97 -16.39 17.81
N CYS A 53 20.12 -16.98 18.13
CA CYS A 53 20.78 -16.72 19.40
C CYS A 53 22.27 -16.53 19.14
N VAL A 54 22.93 -15.88 20.10
CA VAL A 54 24.36 -15.59 19.95
C VAL A 54 25.18 -16.87 19.88
N GLU A 55 24.65 -17.97 20.42
CA GLU A 55 25.39 -19.22 20.43
C GLU A 55 25.43 -19.90 19.07
N GLU A 56 24.63 -19.45 18.11
CA GLU A 56 24.67 -20.01 16.77
C GLU A 56 25.75 -19.38 15.91
N LEU A 57 26.37 -18.31 16.36
CA LEU A 57 27.37 -17.61 15.56
C LEU A 57 28.70 -18.36 15.61
N PRO A 58 29.35 -18.57 14.47
CA PRO A 58 30.66 -19.24 14.49
C PRO A 58 31.75 -18.33 15.01
N GLU A 59 32.84 -18.94 15.45
CA GLU A 59 34.02 -18.18 15.86
C GLU A 59 34.77 -17.66 14.64
N TRP A 60 35.61 -16.66 14.87
CA TRP A 60 36.39 -16.06 13.80
C TRP A 60 37.80 -15.74 14.29
N ASN A 61 38.58 -15.04 13.47
CA ASN A 61 39.95 -14.73 13.81
C ASN A 61 40.38 -13.48 13.06
N PHE A 62 41.48 -12.88 13.54
CA PHE A 62 42.04 -11.70 12.90
C PHE A 62 43.53 -11.65 13.19
N ASP A 63 44.24 -10.86 12.38
CA ASP A 63 45.69 -10.73 12.50
C ASP A 63 46.00 -9.72 13.62
N GLY A 64 46.55 -10.22 14.72
CA GLY A 64 46.84 -9.39 15.87
C GLY A 64 48.05 -8.49 15.72
N SER A 65 48.91 -8.76 14.75
CA SER A 65 50.07 -7.90 14.52
C SER A 65 49.68 -6.53 13.99
N SER A 66 48.57 -6.42 13.28
CA SER A 66 48.10 -5.15 12.75
C SER A 66 47.34 -4.33 13.78
N THR A 67 46.91 -4.94 14.89
CA THR A 67 46.21 -4.22 15.94
C THR A 67 47.04 -4.07 17.21
N LEU A 68 48.35 -4.34 17.13
CA LEU A 68 49.26 -4.17 18.27
C LEU A 68 48.82 -5.01 19.47
N GLN A 69 48.50 -6.28 19.20
CA GLN A 69 48.04 -7.20 20.23
C GLN A 69 48.77 -8.53 20.23
N SER A 70 49.64 -8.79 19.27
CA SER A 70 50.24 -10.10 19.11
C SER A 70 51.72 -9.97 18.81
N GLU A 71 52.42 -11.10 18.88
CA GLU A 71 53.84 -11.17 18.55
C GLU A 71 54.00 -11.33 17.04
N GLY A 72 55.21 -11.65 16.60
CA GLY A 72 55.48 -11.81 15.19
C GLY A 72 55.04 -13.13 14.61
N SER A 73 55.63 -14.23 15.10
CA SER A 73 55.36 -15.54 14.51
C SER A 73 53.92 -15.98 14.75
N ASN A 74 53.45 -15.91 16.00
CA ASN A 74 52.09 -16.31 16.35
C ASN A 74 51.24 -15.05 16.45
N SER A 75 50.75 -14.60 15.30
CA SER A 75 50.00 -13.35 15.23
C SER A 75 48.49 -13.54 15.27
N ASP A 76 47.99 -14.73 14.99
CA ASP A 76 46.55 -14.95 14.91
C ASP A 76 45.92 -14.85 16.30
N MET A 77 44.78 -14.16 16.38
CA MET A 77 43.95 -14.10 17.57
C MET A 77 42.56 -14.61 17.22
N TYR A 78 41.81 -14.98 18.25
CA TYR A 78 40.49 -15.57 18.07
C TYR A 78 39.41 -14.63 18.59
N LEU A 79 38.29 -14.58 17.86
CA LEU A 79 37.12 -13.81 18.25
C LEU A 79 36.01 -14.78 18.66
N VAL A 80 35.52 -14.63 19.88
CA VAL A 80 34.46 -15.47 20.41
C VAL A 80 33.24 -14.58 20.65
N PRO A 81 32.13 -14.80 19.95
CA PRO A 81 30.95 -13.94 20.14
C PRO A 81 30.45 -13.96 21.57
N ALA A 82 30.00 -12.81 22.05
CA ALA A 82 29.49 -12.66 23.41
C ALA A 82 28.10 -12.08 23.48
N ALA A 83 27.76 -11.12 22.61
CA ALA A 83 26.45 -10.52 22.60
C ALA A 83 26.03 -10.21 21.17
N MET A 84 24.73 -10.15 20.94
CA MET A 84 24.19 -9.91 19.61
C MET A 84 23.14 -8.82 19.66
N PHE A 85 23.11 -7.98 18.63
CA PHE A 85 22.17 -6.88 18.54
C PHE A 85 21.72 -6.72 17.10
N ARG A 86 20.57 -6.08 16.92
CA ARG A 86 20.12 -5.72 15.59
C ARG A 86 20.99 -4.61 15.01
N ASP A 87 21.20 -4.67 13.69
CA ASP A 87 22.07 -3.71 13.02
C ASP A 87 21.24 -2.52 12.56
N PRO A 88 21.46 -1.32 13.12
CA PRO A 88 20.68 -0.15 12.67
C PRO A 88 21.17 0.45 11.37
N PHE A 89 22.37 0.12 10.92
CA PHE A 89 22.91 0.68 9.69
C PHE A 89 22.55 -0.13 8.47
N ARG A 90 22.24 -1.42 8.64
CA ARG A 90 21.80 -2.26 7.54
C ARG A 90 20.41 -2.84 7.75
N LYS A 91 19.79 -2.60 8.90
CA LYS A 91 18.42 -3.05 9.20
C LYS A 91 18.32 -4.56 9.27
N ASP A 92 17.16 -5.07 9.66
CA ASP A 92 16.96 -6.50 9.77
C ASP A 92 17.09 -7.16 8.40
N PRO A 93 17.56 -8.42 8.35
CA PRO A 93 17.94 -9.29 9.47
C PRO A 93 19.41 -9.25 9.83
N ASN A 94 20.13 -8.19 9.48
CA ASN A 94 21.55 -8.11 9.77
C ASN A 94 21.79 -7.83 11.26
N LYS A 95 22.94 -8.26 11.75
CA LYS A 95 23.22 -8.27 13.19
C LYS A 95 24.57 -7.63 13.48
N LEU A 96 24.70 -7.13 14.71
CA LEU A 96 25.97 -6.69 15.27
C LEU A 96 26.39 -7.65 16.36
N VAL A 97 27.67 -8.04 16.35
CA VAL A 97 28.19 -9.04 17.26
C VAL A 97 29.36 -8.44 18.03
N LEU A 98 29.27 -8.44 19.36
CA LEU A 98 30.37 -8.05 20.22
C LEU A 98 31.09 -9.31 20.68
N CYS A 99 32.42 -9.31 20.57
CA CYS A 99 33.21 -10.52 20.76
C CYS A 99 34.31 -10.29 21.78
N GLU A 100 34.80 -11.40 22.33
CA GLU A 100 35.96 -11.40 23.20
C GLU A 100 37.19 -11.84 22.42
N VAL A 101 38.37 -11.42 22.88
CA VAL A 101 39.62 -11.67 22.20
C VAL A 101 40.46 -12.65 23.01
N PHE A 102 40.96 -13.68 22.34
CA PHE A 102 41.83 -14.68 22.97
C PHE A 102 43.09 -14.86 22.13
N LYS A 103 44.18 -15.21 22.81
CA LYS A 103 45.44 -15.43 22.13
C LYS A 103 45.43 -16.79 21.44
N TYR A 104 46.53 -17.09 20.73
CA TYR A 104 46.59 -18.32 19.95
C TYR A 104 46.56 -19.56 20.84
N ASN A 105 46.97 -19.43 22.10
CA ASN A 105 46.92 -20.53 23.05
C ASN A 105 45.64 -20.52 23.89
N ARG A 106 44.58 -19.88 23.39
CA ARG A 106 43.26 -19.79 24.03
C ARG A 106 43.31 -19.05 25.37
N ARG A 107 44.38 -18.32 25.65
CA ARG A 107 44.40 -17.51 26.85
C ARG A 107 43.76 -16.15 26.56
N PRO A 108 43.15 -15.52 27.57
CA PRO A 108 42.55 -14.20 27.35
C PRO A 108 43.60 -13.17 26.99
N ALA A 109 43.20 -12.21 26.15
CA ALA A 109 44.10 -11.15 25.73
C ALA A 109 44.34 -10.18 26.87
N GLU A 110 45.36 -9.33 26.70
CA GLU A 110 45.73 -8.38 27.73
C GLU A 110 44.60 -7.38 27.99
N THR A 111 43.94 -6.91 26.93
CA THR A 111 42.84 -5.97 27.07
C THR A 111 41.49 -6.66 27.22
N ASN A 112 41.46 -7.99 27.27
CA ASN A 112 40.23 -8.72 27.48
C ASN A 112 39.93 -8.73 28.97
N LEU A 113 39.03 -7.84 29.40
CA LEU A 113 38.66 -7.74 30.80
C LEU A 113 37.27 -8.27 31.09
N ARG A 114 36.48 -8.59 30.06
CA ARG A 114 35.16 -9.16 30.28
C ARG A 114 35.25 -10.57 30.86
N HIS A 115 36.34 -11.28 30.60
CA HIS A 115 36.47 -12.65 31.08
C HIS A 115 36.46 -12.72 32.60
N THR A 116 37.27 -11.88 33.25
CA THR A 116 37.31 -11.88 34.70
C THR A 116 36.07 -11.23 35.31
N CYS A 117 35.56 -10.17 34.67
CA CYS A 117 34.39 -9.49 35.19
C CYS A 117 33.17 -10.41 35.21
N LYS A 118 33.02 -11.23 34.18
CA LYS A 118 31.86 -12.12 34.10
C LYS A 118 31.85 -13.12 35.26
N ARG A 119 33.01 -13.69 35.57
CA ARG A 119 33.06 -14.66 36.67
C ARG A 119 32.75 -14.00 38.01
N ILE A 120 33.24 -12.77 38.21
CA ILE A 120 32.91 -12.03 39.42
C ILE A 120 31.41 -11.76 39.49
N MET A 121 30.80 -11.46 38.33
CA MET A 121 29.38 -11.16 38.30
C MET A 121 28.55 -12.36 38.74
N ASP A 122 28.93 -13.56 38.30
CA ASP A 122 28.17 -14.76 38.65
C ASP A 122 28.27 -15.09 40.13
N MET A 123 29.30 -14.57 40.80
CA MET A 123 29.48 -14.87 42.22
C MET A 123 28.50 -14.14 43.11
N VAL A 124 27.91 -13.05 42.62
CA VAL A 124 26.96 -12.26 43.42
C VAL A 124 25.66 -12.12 42.65
N SER A 125 25.37 -13.10 41.79
CA SER A 125 24.19 -13.01 40.93
C SER A 125 22.89 -12.95 41.73
N ASN A 126 22.88 -13.54 42.92
CA ASN A 126 21.66 -13.56 43.73
C ASN A 126 21.31 -12.19 44.29
N GLN A 127 22.27 -11.29 44.39
CA GLN A 127 22.03 -9.94 44.92
C GLN A 127 21.54 -8.97 43.85
N HIS A 128 21.61 -9.34 42.57
CA HIS A 128 21.09 -8.54 41.47
C HIS A 128 21.65 -7.12 41.47
N PRO A 129 22.94 -6.94 41.20
CA PRO A 129 23.49 -5.58 41.11
C PRO A 129 23.04 -4.89 39.83
N TRP A 130 22.76 -3.60 39.94
CA TRP A 130 22.34 -2.77 38.81
C TRP A 130 23.33 -1.64 38.60
N PHE A 131 23.52 -1.26 37.35
CA PHE A 131 24.47 -0.22 36.98
C PHE A 131 23.83 0.78 36.03
N GLY A 132 24.25 2.04 36.15
CA GLY A 132 23.86 3.08 35.23
C GLY A 132 24.99 4.07 35.03
N MET A 133 25.41 4.29 33.79
CA MET A 133 26.56 5.12 33.48
C MET A 133 26.15 6.29 32.60
N GLU A 134 26.79 7.43 32.82
CA GLU A 134 26.53 8.65 32.08
C GLU A 134 27.78 8.96 31.25
N GLN A 135 27.69 8.70 29.95
CA GLN A 135 28.83 8.88 29.05
C GLN A 135 28.80 10.27 28.44
N GLU A 136 29.88 11.02 28.63
CA GLU A 136 30.02 12.35 28.05
C GLU A 136 31.04 12.31 26.92
N TYR A 137 30.86 13.18 25.93
CA TYR A 137 31.74 13.21 24.77
C TYR A 137 31.67 14.58 24.14
N THR A 138 32.64 14.86 23.27
CA THR A 138 32.73 16.10 22.54
C THR A 138 32.80 15.82 21.04
N LEU A 139 32.06 16.58 20.25
CA LEU A 139 32.10 16.46 18.81
C LEU A 139 33.19 17.37 18.24
N MET A 140 34.07 16.81 17.43
CA MET A 140 35.21 17.53 16.90
C MET A 140 35.23 17.41 15.38
N GLY A 141 35.67 18.49 14.72
CA GLY A 141 35.91 18.43 13.30
C GLY A 141 37.20 17.71 12.98
N THR A 142 37.39 17.45 11.68
CA THR A 142 38.58 16.74 11.24
C THR A 142 39.85 17.57 11.40
N ASP A 143 39.73 18.86 11.67
CA ASP A 143 40.88 19.73 11.85
C ASP A 143 41.40 19.74 13.29
N GLY A 144 40.79 18.99 14.18
CA GLY A 144 41.25 18.93 15.56
C GLY A 144 40.65 19.96 16.49
N HIS A 145 39.54 20.59 16.11
CA HIS A 145 38.89 21.60 16.92
C HIS A 145 37.43 21.22 17.13
N PRO A 146 36.79 21.70 18.21
CA PRO A 146 35.39 21.33 18.46
C PRO A 146 34.50 21.76 17.31
N PHE A 147 33.52 20.91 16.99
CA PHE A 147 32.64 21.17 15.87
C PHE A 147 31.80 22.41 16.11
N GLY A 148 31.72 23.28 15.11
CA GLY A 148 30.93 24.47 15.19
C GLY A 148 31.60 25.66 15.86
N TRP A 149 32.79 25.49 16.39
CA TRP A 149 33.48 26.59 17.03
C TRP A 149 34.04 27.55 15.98
N PRO A 150 34.24 28.82 16.34
CA PRO A 150 34.86 29.76 15.39
C PRO A 150 36.26 29.31 15.02
N SER A 151 36.62 29.53 13.77
CA SER A 151 37.94 29.11 13.29
C SER A 151 39.02 29.92 14.00
N ASN A 152 39.92 29.21 14.70
CA ASN A 152 40.98 29.83 15.48
C ASN A 152 40.44 30.80 16.52
N GLY A 153 39.29 30.48 17.10
CA GLY A 153 38.67 31.35 18.09
C GLY A 153 37.82 30.60 19.09
N PHE A 154 37.09 31.32 19.92
CA PHE A 154 36.29 30.73 20.97
C PHE A 154 34.88 31.29 20.94
N PRO A 155 33.89 30.52 21.40
CA PRO A 155 32.55 31.07 21.56
C PRO A 155 32.42 31.86 22.85
N GLY A 156 31.22 32.31 23.18
CA GLY A 156 31.01 33.10 24.37
C GLY A 156 31.22 32.30 25.64
N PRO A 157 31.18 32.96 26.79
CA PRO A 157 31.41 32.26 28.05
C PRO A 157 30.30 31.27 28.35
N GLN A 158 30.62 30.29 29.20
CA GLN A 158 29.68 29.24 29.53
C GLN A 158 28.48 29.79 30.27
N GLY A 159 27.39 29.01 30.26
CA GLY A 159 26.18 29.37 30.95
C GLY A 159 24.91 29.24 30.13
N PRO A 160 24.92 29.62 28.85
CA PRO A 160 23.74 29.41 28.02
C PRO A 160 23.72 28.11 27.22
N TYR A 161 24.73 27.26 27.34
CA TYR A 161 24.79 26.06 26.52
C TYR A 161 24.25 24.82 27.21
N TYR A 162 24.20 24.81 28.54
CA TYR A 162 23.71 23.65 29.26
C TYR A 162 22.22 23.45 28.99
N CYS A 163 21.88 22.31 28.37
CA CYS A 163 20.51 21.98 28.01
C CYS A 163 19.89 23.08 27.14
N GLY A 164 20.69 23.66 26.26
CA GLY A 164 20.24 24.79 25.47
C GLY A 164 19.50 24.37 24.22
N VAL A 165 18.77 25.32 23.65
CA VAL A 165 18.05 25.14 22.41
C VAL A 165 18.25 26.37 21.55
N GLY A 166 18.45 26.16 20.24
CA GLY A 166 18.68 27.26 19.33
C GLY A 166 19.93 27.08 18.50
N ALA A 167 20.01 27.79 17.38
CA ALA A 167 21.15 27.63 16.48
C ALA A 167 22.45 28.13 17.09
N ASP A 168 22.36 29.04 18.06
CA ASP A 168 23.54 29.60 18.70
C ASP A 168 23.81 28.98 20.07
N ARG A 169 23.13 27.91 20.41
CA ARG A 169 23.29 27.33 21.75
C ARG A 169 23.59 25.85 21.73
N ALA A 170 23.15 25.11 20.71
CA ALA A 170 23.38 23.69 20.60
C ALA A 170 24.01 23.38 19.25
N TYR A 171 25.14 22.67 19.27
CA TYR A 171 25.88 22.34 18.06
C TYR A 171 25.77 20.85 17.79
N GLY A 172 25.41 20.49 16.56
CA GLY A 172 25.38 19.11 16.14
C GLY A 172 24.33 18.24 16.79
N ARG A 173 23.11 18.76 16.96
CA ARG A 173 22.03 17.94 17.50
C ARG A 173 21.61 16.83 16.54
N ASP A 174 21.93 16.95 15.26
CA ASP A 174 21.55 15.91 14.30
C ASP A 174 22.21 14.58 14.65
N ILE A 175 23.48 14.62 15.05
CA ILE A 175 24.18 13.40 15.46
C ILE A 175 23.50 12.78 16.67
N VAL A 176 23.13 13.62 17.65
CA VAL A 176 22.52 13.12 18.88
C VAL A 176 21.19 12.43 18.59
N GLU A 177 20.36 13.06 17.75
CA GLU A 177 19.07 12.48 17.42
C GLU A 177 19.23 11.16 16.69
N ALA A 178 20.14 11.10 15.73
CA ALA A 178 20.37 9.86 14.99
C ALA A 178 20.90 8.76 15.91
N HIS A 179 21.81 9.12 16.82
CA HIS A 179 22.36 8.12 17.73
C HIS A 179 21.29 7.56 18.66
N TYR A 180 20.37 8.42 19.11
CA TYR A 180 19.32 7.96 20.01
C TYR A 180 18.42 6.94 19.33
N ARG A 181 18.02 7.21 18.09
CA ARG A 181 17.14 6.28 17.38
C ARG A 181 17.87 4.99 17.03
N ALA A 182 19.15 5.07 16.67
CA ALA A 182 19.92 3.88 16.33
C ALA A 182 20.05 2.95 17.53
N CYS A 183 20.29 3.52 18.72
CA CYS A 183 20.42 2.69 19.92
C CYS A 183 19.11 2.00 20.25
N LEU A 184 17.98 2.70 20.12
CA LEU A 184 16.69 2.09 20.40
C LEU A 184 16.40 0.94 19.45
N TYR A 185 16.71 1.12 18.16
CA TYR A 185 16.47 0.07 17.17
C TYR A 185 17.34 -1.15 17.45
N ALA A 186 18.59 -0.93 17.87
CA ALA A 186 19.51 -2.04 18.09
C ALA A 186 19.19 -2.81 19.37
N GLY A 187 18.47 -2.21 20.30
CA GLY A 187 18.19 -2.85 21.57
C GLY A 187 19.05 -2.40 22.73
N VAL A 188 19.87 -1.37 22.55
CA VAL A 188 20.69 -0.86 23.64
C VAL A 188 19.79 -0.09 24.60
N LYS A 189 19.97 -0.31 25.90
CA LYS A 189 19.12 0.29 26.92
C LYS A 189 19.60 1.71 27.19
N ILE A 190 19.21 2.62 26.31
CA ILE A 190 19.56 4.03 26.43
C ILE A 190 18.45 4.74 27.22
N ALA A 191 18.85 5.55 28.19
CA ALA A 191 17.90 6.15 29.12
C ALA A 191 17.58 7.61 28.82
N GLY A 192 18.47 8.36 28.20
CA GLY A 192 18.21 9.75 27.91
C GLY A 192 19.48 10.49 27.54
N THR A 193 19.29 11.71 27.06
CA THR A 193 20.39 12.55 26.60
C THR A 193 20.16 13.98 27.07
N ASN A 194 21.24 14.77 27.04
CA ASN A 194 21.15 16.19 27.32
C ASN A 194 22.41 16.87 26.81
N ALA A 195 22.30 18.17 26.56
CA ALA A 195 23.46 18.97 26.18
C ALA A 195 24.24 19.38 27.43
N GLU A 196 25.56 19.50 27.27
CA GLU A 196 26.45 19.73 28.39
C GLU A 196 26.85 21.21 28.46
N VAL A 197 27.70 21.52 29.44
CA VAL A 197 28.05 22.91 29.72
C VAL A 197 28.83 23.53 28.56
N MET A 198 29.84 22.83 28.08
CA MET A 198 30.62 23.34 26.95
C MET A 198 29.84 23.14 25.65
N PRO A 199 29.80 24.13 24.76
CA PRO A 199 29.15 23.92 23.47
C PRO A 199 29.81 22.80 22.69
N ALA A 200 28.99 22.07 21.92
CA ALA A 200 29.37 20.87 21.19
C ALA A 200 29.71 19.69 22.08
N GLN A 201 29.38 19.76 23.37
CA GLN A 201 29.56 18.65 24.29
C GLN A 201 28.20 18.10 24.70
N TRP A 202 28.07 16.77 24.69
CA TRP A 202 26.80 16.12 24.95
C TRP A 202 27.01 14.98 25.93
N GLU A 203 25.91 14.32 26.29
CA GLU A 203 25.94 13.21 27.23
C GLU A 203 24.71 12.33 27.01
N PHE A 204 24.89 11.02 27.13
CA PHE A 204 23.78 10.07 27.10
C PHE A 204 23.92 9.08 28.24
N GLN A 205 22.80 8.56 28.70
CA GLN A 205 22.74 7.66 29.83
C GLN A 205 22.33 6.25 29.40
N ILE A 206 22.99 5.25 29.97
CA ILE A 206 22.71 3.85 29.71
C ILE A 206 22.35 3.19 31.03
N GLY A 207 21.23 2.48 31.06
CA GLY A 207 20.84 1.74 32.24
C GLY A 207 19.37 1.91 32.60
N PRO A 208 18.96 1.30 33.71
CA PRO A 208 19.74 0.45 34.62
C PRO A 208 19.94 -0.94 34.03
N CYS A 209 21.17 -1.46 34.05
CA CYS A 209 21.48 -2.76 33.49
C CYS A 209 21.98 -3.68 34.59
N GLU A 210 21.72 -4.98 34.44
CA GLU A 210 22.05 -5.96 35.46
C GLU A 210 23.31 -6.72 35.08
N GLY A 211 24.26 -6.77 36.01
CA GLY A 211 25.40 -7.66 35.88
C GLY A 211 26.30 -7.32 34.71
N ILE A 212 26.76 -8.37 34.02
CA ILE A 212 27.72 -8.20 32.93
C ILE A 212 27.08 -7.49 31.75
N SER A 213 25.76 -7.43 31.70
CA SER A 213 25.09 -6.84 30.56
C SER A 213 25.34 -5.35 30.46
N MET A 214 25.77 -4.71 31.54
CA MET A 214 25.98 -3.27 31.51
C MET A 214 27.19 -2.92 30.66
N GLY A 215 28.28 -3.64 30.84
CA GLY A 215 29.47 -3.39 30.03
C GLY A 215 29.25 -3.64 28.55
N ASP A 216 28.49 -4.68 28.22
CA ASP A 216 28.19 -4.96 26.82
C ASP A 216 27.39 -3.83 26.19
N HIS A 217 26.40 -3.28 26.89
CA HIS A 217 25.57 -2.23 26.32
C HIS A 217 26.35 -0.94 26.11
N LEU A 218 27.26 -0.60 27.02
CA LEU A 218 28.00 0.65 26.88
C LEU A 218 28.96 0.58 25.69
N TRP A 219 29.66 -0.55 25.53
CA TRP A 219 30.62 -0.67 24.44
C TRP A 219 29.93 -0.60 23.09
N VAL A 220 28.78 -1.26 22.97
CA VAL A 220 28.03 -1.23 21.72
C VAL A 220 27.51 0.18 21.45
N ALA A 221 27.08 0.87 22.50
CA ALA A 221 26.64 2.26 22.35
C ALA A 221 27.78 3.14 21.86
N ARG A 222 28.99 2.90 22.36
CA ARG A 222 30.16 3.66 21.89
C ARG A 222 30.42 3.40 20.42
N PHE A 223 30.29 2.15 19.99
CA PHE A 223 30.52 1.81 18.58
C PHE A 223 29.52 2.52 17.69
N ILE A 224 28.25 2.53 18.09
CA ILE A 224 27.21 3.16 17.28
C ILE A 224 27.47 4.65 17.15
N LEU A 225 27.97 5.28 18.22
CA LEU A 225 28.30 6.70 18.16
C LEU A 225 29.39 6.98 17.14
N HIS A 226 30.44 6.15 17.15
CA HIS A 226 31.53 6.34 16.19
C HIS A 226 31.04 6.13 14.76
N ARG A 227 30.22 5.11 14.55
CA ARG A 227 29.73 4.82 13.21
C ARG A 227 28.78 5.90 12.71
N VAL A 228 27.92 6.42 13.59
CA VAL A 228 27.01 7.49 13.22
C VAL A 228 27.80 8.76 12.87
N CYS A 229 28.79 9.10 13.71
CA CYS A 229 29.60 10.28 13.45
C CYS A 229 30.37 10.16 12.15
N GLU A 230 30.76 8.93 11.78
CA GLU A 230 31.46 8.72 10.53
C GLU A 230 30.62 9.09 9.33
N ASP A 231 29.30 8.86 9.40
CA ASP A 231 28.41 9.23 8.31
C ASP A 231 28.37 10.75 8.13
N PHE A 232 28.35 11.50 9.22
CA PHE A 232 28.28 12.95 9.16
C PHE A 232 29.64 13.60 8.93
N GLY A 233 30.74 12.85 9.06
CA GLY A 233 32.05 13.39 8.82
C GLY A 233 32.70 14.09 9.99
N VAL A 234 32.25 13.81 11.22
CA VAL A 234 32.81 14.42 12.41
C VAL A 234 33.39 13.32 13.28
N ILE A 235 34.11 13.73 14.33
CA ILE A 235 34.80 12.83 15.23
C ILE A 235 34.26 13.02 16.64
N ALA A 236 33.94 11.92 17.30
CA ALA A 236 33.52 11.93 18.70
C ALA A 236 34.68 11.48 19.57
N THR A 237 35.05 12.30 20.55
CA THR A 237 36.19 12.01 21.41
C THR A 237 35.71 11.83 22.85
N PHE A 238 36.31 10.84 23.52
CA PHE A 238 36.03 10.58 24.93
C PHE A 238 37.16 11.07 25.83
N ASP A 239 37.99 11.98 25.34
CA ASP A 239 39.11 12.47 26.13
C ASP A 239 38.59 13.22 27.36
N PRO A 240 39.16 12.99 28.54
CA PRO A 240 38.65 13.66 29.75
C PRO A 240 38.73 15.18 29.69
N LYS A 241 39.76 15.74 29.06
CA LYS A 241 39.93 17.19 28.97
C LYS A 241 40.25 17.56 27.52
N PRO A 242 39.23 17.57 26.65
CA PRO A 242 39.49 17.89 25.24
C PRO A 242 40.04 19.29 25.02
N ILE A 243 39.62 20.27 25.81
CA ILE A 243 40.02 21.66 25.64
C ILE A 243 40.59 22.16 26.96
N PRO A 244 41.82 22.64 26.99
CA PRO A 244 42.38 23.17 28.25
C PRO A 244 41.78 24.53 28.58
N GLY A 245 41.84 24.87 29.86
CA GLY A 245 41.38 26.16 30.33
C GLY A 245 40.06 26.12 31.08
N ASN A 246 39.28 27.20 30.99
CA ASN A 246 38.01 27.30 31.69
C ASN A 246 36.88 26.68 30.86
N TRP A 247 37.02 25.39 30.61
CA TRP A 247 36.02 24.63 29.87
C TRP A 247 35.76 23.32 30.58
N ASN A 248 34.52 22.83 30.49
CA ASN A 248 34.09 21.67 31.27
C ASN A 248 34.81 20.41 30.79
N GLY A 249 35.11 19.53 31.73
CA GLY A 249 35.71 18.25 31.43
C GLY A 249 34.67 17.20 31.08
N ALA A 250 35.14 15.99 30.84
CA ALA A 250 34.29 14.88 30.45
C ALA A 250 34.55 13.69 31.37
N GLY A 251 33.48 13.18 32.00
CA GLY A 251 33.57 12.05 32.89
C GLY A 251 32.52 11.00 32.56
N CYS A 252 32.54 9.92 33.34
CA CYS A 252 31.58 8.83 33.22
C CYS A 252 31.08 8.48 34.61
N HIS A 253 30.02 9.14 35.05
CA HIS A 253 29.45 8.86 36.36
C HIS A 253 28.77 7.50 36.36
N THR A 254 28.92 6.78 37.46
CA THR A 254 28.40 5.41 37.59
C THR A 254 27.39 5.36 38.73
N ASN A 255 26.24 4.77 38.48
CA ASN A 255 25.22 4.58 39.50
C ASN A 255 25.12 3.09 39.85
N PHE A 256 25.15 2.79 41.14
CA PHE A 256 25.21 1.42 41.62
C PHE A 256 24.13 1.17 42.67
N SER A 257 23.50 0.01 42.59
CA SER A 257 22.54 -0.42 43.60
C SER A 257 22.42 -1.93 43.57
N THR A 258 21.98 -2.48 44.70
CA THR A 258 21.69 -3.90 44.84
C THR A 258 20.23 -4.09 45.23
N LYS A 259 19.77 -5.34 45.21
CA LYS A 259 18.39 -5.62 45.57
C LYS A 259 18.11 -5.27 47.01
N ALA A 260 19.15 -5.29 47.86
CA ALA A 260 18.97 -4.89 49.25
C ALA A 260 18.82 -3.38 49.37
N MET A 261 19.58 -2.62 48.58
CA MET A 261 19.48 -1.17 48.63
C MET A 261 18.16 -0.67 48.07
N ARG A 262 17.59 -1.38 47.11
CA ARG A 262 16.36 -0.93 46.47
C ARG A 262 15.10 -1.23 47.28
N GLU A 263 15.20 -2.10 48.28
CA GLU A 263 14.05 -2.40 49.13
C GLU A 263 13.89 -1.35 50.21
N GLU A 264 12.83 -1.49 51.01
CA GLU A 264 12.53 -0.53 52.04
C GLU A 264 13.66 -0.46 53.06
N ASN A 265 13.95 0.76 53.53
CA ASN A 265 15.05 1.02 54.45
C ASN A 265 16.39 0.56 53.89
N GLY A 266 16.54 0.63 52.56
CA GLY A 266 17.79 0.25 51.93
C GLY A 266 18.89 1.28 52.06
N LEU A 267 18.58 2.47 52.58
CA LEU A 267 19.60 3.49 52.75
C LEU A 267 20.68 3.04 53.72
N LYS A 268 20.33 2.18 54.68
CA LYS A 268 21.33 1.65 55.60
C LYS A 268 22.40 0.87 54.85
N TYR A 269 21.99 0.01 53.92
CA TYR A 269 22.93 -0.74 53.09
C TYR A 269 23.75 0.18 52.18
N ILE A 270 23.15 1.27 51.71
CA ILE A 270 23.88 2.20 50.85
C ILE A 270 25.06 2.81 51.59
N GLU A 271 24.85 3.20 52.84
CA GLU A 271 25.91 3.84 53.61
C GLU A 271 27.07 2.88 53.86
N GLU A 272 26.77 1.61 54.16
CA GLU A 272 27.83 0.63 54.43
C GLU A 272 28.74 0.47 53.24
N ALA A 273 28.17 0.42 52.04
CA ALA A 273 28.98 0.32 50.83
C ALA A 273 29.86 1.56 50.66
N ILE A 274 29.33 2.74 50.99
CA ILE A 274 30.09 3.97 50.84
C ILE A 274 31.29 3.98 51.77
N GLU A 275 31.11 3.53 53.02
CA GLU A 275 32.23 3.49 53.95
C GLU A 275 33.33 2.55 53.47
N LYS A 276 32.94 1.42 52.88
CA LYS A 276 33.93 0.51 52.32
C LYS A 276 34.71 1.18 51.19
N LEU A 277 34.02 1.96 50.36
CA LEU A 277 34.69 2.65 49.26
C LEU A 277 35.68 3.69 49.75
N SER A 278 35.48 4.24 50.95
CA SER A 278 36.38 5.27 51.47
C SER A 278 37.75 4.72 51.82
N LYS A 279 37.90 3.40 51.88
CA LYS A 279 39.17 2.78 52.26
C LYS A 279 40.08 2.50 51.08
N ARG A 280 39.53 2.36 49.88
CA ARG A 280 40.29 1.93 48.70
C ARG A 280 40.24 3.00 47.61
N HIS A 281 40.51 4.24 48.00
CA HIS A 281 40.47 5.35 47.05
C HIS A 281 41.51 5.18 45.96
N GLN A 282 42.74 4.82 46.33
CA GLN A 282 43.80 4.67 45.34
C GLN A 282 43.56 3.48 44.44
N TYR A 283 42.99 2.40 44.97
CA TYR A 283 42.71 1.23 44.15
C TYR A 283 41.69 1.55 43.06
N HIS A 284 40.65 2.31 43.40
CA HIS A 284 39.62 2.62 42.41
C HIS A 284 40.09 3.65 41.40
N ILE A 285 40.97 4.57 41.80
CA ILE A 285 41.49 5.56 40.87
C ILE A 285 42.29 4.87 39.75
N ARG A 286 43.11 3.88 40.11
CA ARG A 286 43.86 3.14 39.10
C ARG A 286 42.93 2.37 38.17
N ALA A 287 41.87 1.78 38.73
CA ALA A 287 40.95 0.96 37.92
C ALA A 287 40.01 1.79 37.07
N TYR A 288 39.84 3.08 37.35
CA TYR A 288 38.90 3.92 36.63
C TYR A 288 39.49 4.53 35.38
N ASP A 289 40.75 4.23 35.06
CA ASP A 289 41.40 4.80 33.89
C ASP A 289 42.15 3.72 33.13
N PRO A 290 42.07 3.73 31.79
CA PRO A 290 42.83 2.74 31.01
C PRO A 290 44.33 2.95 31.05
N LYS A 291 44.80 4.12 31.48
CA LYS A 291 46.23 4.40 31.55
C LYS A 291 46.79 4.35 32.97
N GLY A 292 45.96 4.09 33.97
CA GLY A 292 46.41 4.06 35.34
C GLY A 292 46.07 5.29 36.17
N GLY A 293 45.32 6.23 35.63
CA GLY A 293 44.93 7.41 36.38
C GLY A 293 45.49 8.70 35.83
N LEU A 294 46.38 8.61 34.86
CA LEU A 294 47.00 9.80 34.29
C LEU A 294 45.98 10.65 33.53
N ASP A 295 45.09 10.01 32.77
CA ASP A 295 44.11 10.75 31.99
C ASP A 295 43.16 11.52 32.89
N ASN A 296 42.66 10.88 33.96
CA ASN A 296 41.71 11.52 34.85
C ASN A 296 42.33 12.66 35.66
N ALA A 297 43.67 12.75 35.71
CA ALA A 297 44.32 13.81 36.47
C ALA A 297 44.06 15.17 35.84
N ARG A 298 43.91 15.24 34.52
CA ARG A 298 43.66 16.51 33.85
C ARG A 298 42.25 17.04 34.09
N ARG A 299 41.32 16.19 34.50
CA ARG A 299 39.92 16.59 34.70
C ARG A 299 39.58 16.80 36.17
N LEU A 300 39.91 15.85 37.04
CA LEU A 300 39.54 15.93 38.45
C LEU A 300 40.54 16.84 39.16
N THR A 301 40.25 18.14 39.10
CA THR A 301 41.08 19.15 39.73
C THR A 301 40.38 19.90 40.85
N GLY A 302 39.15 19.51 41.20
CA GLY A 302 38.40 20.19 42.24
C GLY A 302 37.57 21.36 41.79
N PHE A 303 37.48 21.62 40.49
CA PHE A 303 36.70 22.72 39.95
C PHE A 303 35.76 22.21 38.88
N HIS A 304 34.87 23.09 38.43
CA HIS A 304 33.87 22.77 37.42
C HIS A 304 33.00 21.59 37.86
N GLU A 305 32.52 21.65 39.10
CA GLU A 305 31.66 20.61 39.67
C GLU A 305 32.33 19.23 39.62
N THR A 306 33.61 19.20 39.98
CA THR A 306 34.37 17.96 40.02
C THR A 306 35.10 17.85 41.36
N SER A 307 35.37 16.63 41.76
CA SER A 307 36.08 16.35 43.00
C SER A 307 37.58 16.24 42.76
N ASN A 308 38.35 16.47 43.82
CA ASN A 308 39.81 16.41 43.72
C ASN A 308 40.27 14.97 43.58
N ILE A 309 41.37 14.78 42.83
CA ILE A 309 41.83 13.44 42.53
C ILE A 309 42.53 12.79 43.73
N ASN A 310 43.03 13.56 44.69
CA ASN A 310 43.71 12.99 45.84
C ASN A 310 42.81 12.72 47.03
N ASP A 311 41.63 13.35 47.08
CA ASP A 311 40.78 13.32 48.25
C ASP A 311 39.49 12.56 47.97
N PHE A 312 39.01 11.85 48.99
CA PHE A 312 37.73 11.15 48.93
C PHE A 312 36.72 11.90 49.79
N SER A 313 35.53 12.14 49.24
CA SER A 313 34.47 12.80 49.97
C SER A 313 33.13 12.25 49.52
N ALA A 314 32.17 12.24 50.44
CA ALA A 314 30.83 11.75 50.15
C ALA A 314 29.82 12.68 50.79
N GLY A 315 28.62 12.73 50.21
CA GLY A 315 27.57 13.56 50.73
C GLY A 315 26.28 13.36 49.96
N VAL A 316 25.19 13.79 50.57
CA VAL A 316 23.88 13.71 49.94
C VAL A 316 23.60 15.00 49.18
N ALA A 317 23.19 14.86 47.92
CA ALA A 317 22.91 15.99 47.04
C ALA A 317 24.11 16.92 46.91
N ASN A 318 25.31 16.35 46.91
CA ASN A 318 26.55 17.11 46.79
C ASN A 318 27.21 16.74 45.47
N ARG A 319 27.26 17.68 44.54
CA ARG A 319 27.85 17.44 43.22
C ARG A 319 29.34 17.71 43.19
N SER A 320 29.93 18.17 44.29
CA SER A 320 31.36 18.41 44.36
C SER A 320 32.12 17.29 45.07
N ALA A 321 31.43 16.25 45.50
CA ALA A 321 32.05 15.14 46.21
C ALA A 321 32.30 13.96 45.27
N SER A 322 33.16 13.05 45.72
CA SER A 322 33.44 11.85 44.94
C SER A 322 32.20 10.97 44.83
N ILE A 323 31.45 10.83 45.92
CA ILE A 323 30.23 10.03 45.96
C ILE A 323 29.07 10.94 46.31
N ARG A 324 28.00 10.87 45.53
CA ARG A 324 26.82 11.70 45.73
C ARG A 324 25.61 10.81 45.95
N ILE A 325 24.82 11.13 46.98
CA ILE A 325 23.55 10.46 47.25
C ILE A 325 22.44 11.40 46.79
N PRO A 326 21.59 11.00 45.85
CA PRO A 326 20.50 11.87 45.40
C PRO A 326 19.57 12.22 46.56
N ARG A 327 19.05 13.44 46.52
CA ARG A 327 18.17 13.91 47.59
C ARG A 327 16.90 13.08 47.66
N THR A 328 16.36 12.68 46.52
CA THR A 328 15.19 11.82 46.51
C THR A 328 15.47 10.48 47.17
N VAL A 329 16.66 9.92 46.91
CA VAL A 329 17.03 8.65 47.53
C VAL A 329 17.10 8.80 49.04
N GLY A 330 17.68 9.89 49.52
CA GLY A 330 17.79 10.10 50.95
C GLY A 330 16.44 10.26 51.64
N GLN A 331 15.48 10.91 50.97
CA GLN A 331 14.17 11.11 51.58
C GLN A 331 13.39 9.81 51.65
N GLU A 332 13.45 8.98 50.61
CA GLU A 332 12.71 7.73 50.59
C GLU A 332 13.45 6.59 51.26
N LYS A 333 14.67 6.81 51.75
CA LYS A 333 15.47 5.83 52.46
C LYS A 333 15.82 4.62 51.61
N LYS A 334 15.78 4.74 50.29
CA LYS A 334 16.12 3.63 49.41
C LYS A 334 16.49 4.20 48.05
N GLY A 335 17.19 3.38 47.27
CA GLY A 335 17.58 3.79 45.94
C GLY A 335 18.99 3.37 45.55
N TYR A 336 19.82 4.35 45.18
CA TYR A 336 21.17 4.08 44.68
C TYR A 336 22.07 5.25 45.07
N PHE A 337 23.34 5.15 44.69
CA PHE A 337 24.30 6.22 44.87
C PHE A 337 25.16 6.33 43.63
N GLU A 338 25.76 7.50 43.44
CA GLU A 338 26.48 7.84 42.23
C GLU A 338 27.97 8.03 42.52
N ASP A 339 28.81 7.40 41.71
CA ASP A 339 30.26 7.58 41.78
C ASP A 339 30.68 8.52 40.65
N ARG A 340 31.28 9.65 41.02
CA ARG A 340 31.61 10.70 40.06
C ARG A 340 33.08 10.73 39.69
N ARG A 341 33.86 9.74 40.12
CA ARG A 341 35.28 9.68 39.84
C ARG A 341 35.66 9.19 38.45
N PRO A 342 35.02 8.15 37.89
CA PRO A 342 35.52 7.59 36.62
C PRO A 342 35.54 8.61 35.50
N SER A 343 36.56 8.50 34.65
CA SER A 343 36.74 9.40 33.52
C SER A 343 35.93 8.93 32.31
N ALA A 344 35.85 9.82 31.31
CA ALA A 344 35.02 9.56 30.15
C ALA A 344 35.54 8.42 29.28
N ASN A 345 36.83 8.11 29.35
CA ASN A 345 37.42 7.04 28.55
C ASN A 345 37.66 5.78 29.36
N CYS A 346 36.89 5.57 30.43
CA CYS A 346 37.06 4.41 31.28
C CYS A 346 36.54 3.15 30.58
N ASP A 347 37.02 2.01 31.04
CA ASP A 347 36.51 0.72 30.59
C ASP A 347 35.39 0.28 31.52
N PRO A 348 34.16 0.09 31.02
CA PRO A 348 33.06 -0.29 31.93
C PRO A 348 33.28 -1.61 32.64
N PHE A 349 33.99 -2.56 32.03
CA PHE A 349 34.24 -3.84 32.67
C PHE A 349 35.13 -3.66 33.90
N SER A 350 36.11 -2.76 33.82
CA SER A 350 36.98 -2.51 34.97
C SER A 350 36.21 -1.80 36.07
N VAL A 351 35.37 -0.83 35.72
CA VAL A 351 34.68 -0.04 36.73
C VAL A 351 33.67 -0.89 37.48
N THR A 352 32.87 -1.67 36.76
CA THR A 352 31.85 -2.48 37.42
C THR A 352 32.48 -3.56 38.29
N GLU A 353 33.57 -4.16 37.84
CA GLU A 353 34.22 -5.20 38.63
C GLU A 353 34.79 -4.64 39.93
N ALA A 354 35.39 -3.45 39.88
CA ALA A 354 36.00 -2.87 41.07
C ALA A 354 34.95 -2.57 42.13
N LEU A 355 33.78 -2.09 41.72
CA LEU A 355 32.72 -1.77 42.68
C LEU A 355 32.24 -3.03 43.40
N ILE A 356 32.08 -4.12 42.65
CA ILE A 356 31.59 -5.37 43.25
C ILE A 356 32.62 -5.94 44.20
N ARG A 357 33.91 -5.88 43.83
CA ARG A 357 34.95 -6.43 44.67
C ARG A 357 35.01 -5.73 46.02
N THR A 358 34.96 -4.40 46.03
CA THR A 358 35.08 -3.65 47.27
C THR A 358 33.80 -3.72 48.10
N CYS A 359 32.65 -3.58 47.47
CA CYS A 359 31.40 -3.42 48.20
C CYS A 359 30.72 -4.73 48.54
N LEU A 360 30.76 -5.73 47.65
CA LEU A 360 30.04 -6.98 47.88
C LEU A 360 30.93 -8.13 48.33
N LEU A 361 32.18 -8.19 47.86
CA LEU A 361 33.09 -9.25 48.26
C LEU A 361 34.01 -8.84 49.41
N ASN A 362 33.94 -7.59 49.86
CA ASN A 362 34.69 -7.10 51.01
C ASN A 362 36.19 -7.33 50.84
N GLU A 363 36.66 -7.14 49.61
CA GLU A 363 38.08 -7.28 49.33
C GLU A 363 38.86 -6.10 49.88
N THR A 364 40.12 -6.37 50.23
CA THR A 364 41.03 -5.36 50.75
C THR A 364 42.39 -5.52 50.08
N GLY A 365 43.25 -4.52 50.24
CA GLY A 365 44.55 -4.53 49.61
C GLY A 365 44.52 -3.83 48.26
N ASP A 366 45.68 -3.86 47.60
CA ASP A 366 45.86 -3.19 46.32
C ASP A 366 45.77 -4.13 45.13
N GLU A 367 45.78 -5.44 45.36
CA GLU A 367 45.65 -6.41 44.28
C GLU A 367 44.34 -7.15 44.41
N PRO A 368 43.70 -7.48 43.28
CA PRO A 368 42.49 -8.30 43.34
C PRO A 368 42.82 -9.72 43.77
N PHE A 369 41.84 -10.37 44.41
CA PHE A 369 42.02 -11.75 44.85
C PHE A 369 42.07 -12.66 43.63
N GLN A 370 43.07 -13.56 43.60
CA GLN A 370 43.32 -14.35 42.40
C GLN A 370 42.17 -15.29 42.10
N TYR A 371 41.68 -16.02 43.09
CA TYR A 371 40.61 -16.98 42.89
C TYR A 371 39.37 -16.50 43.66
N LYS A 372 38.29 -16.27 42.93
CA LYS A 372 37.02 -15.82 43.51
C LYS A 372 37.20 -14.61 44.40
N ASN A 373 36.89 -14.77 45.68
CA ASN A 373 37.00 -13.68 46.65
C ASN A 373 37.73 -14.14 47.90
N THR B 2 40.15 14.82 -5.56
CA THR B 2 39.00 15.38 -6.26
C THR B 2 38.16 14.28 -6.90
N THR B 3 36.90 14.58 -7.17
CA THR B 3 35.98 13.66 -7.81
C THR B 3 35.70 14.11 -9.25
N SER B 4 35.17 13.19 -10.04
CA SER B 4 34.91 13.45 -11.44
C SER B 4 33.79 14.47 -11.62
N ALA B 5 33.82 15.14 -12.77
CA ALA B 5 32.78 16.12 -13.08
C ALA B 5 31.42 15.45 -13.24
N SER B 6 31.39 14.19 -13.69
CA SER B 6 30.12 13.48 -13.81
C SER B 6 29.46 13.29 -12.46
N SER B 7 30.25 13.13 -11.40
CA SER B 7 29.70 12.92 -10.07
C SER B 7 29.05 14.17 -9.49
N HIS B 8 29.28 15.34 -10.08
CA HIS B 8 28.68 16.57 -9.60
C HIS B 8 27.35 16.87 -10.25
N LEU B 9 26.89 16.05 -11.20
CA LEU B 9 25.56 16.24 -11.75
C LEU B 9 24.50 15.86 -10.71
N ASN B 10 23.31 16.43 -10.88
CA ASN B 10 22.22 16.20 -9.95
C ASN B 10 21.75 14.75 -10.07
N LYS B 11 22.05 13.95 -9.06
CA LYS B 11 21.64 12.55 -9.06
C LYS B 11 20.16 12.37 -8.79
N GLY B 12 19.51 13.36 -8.17
CA GLY B 12 18.08 13.27 -7.98
C GLY B 12 17.32 13.27 -9.30
N ILE B 13 17.86 13.97 -10.30
CA ILE B 13 17.24 13.98 -11.63
C ILE B 13 17.25 12.57 -12.21
N LYS B 14 18.35 11.85 -12.03
CA LYS B 14 18.46 10.51 -12.61
C LYS B 14 17.42 9.56 -12.03
N GLN B 15 17.17 9.65 -10.72
CA GLN B 15 16.25 8.72 -10.09
C GLN B 15 14.81 8.95 -10.54
N VAL B 16 14.46 10.16 -10.94
CA VAL B 16 13.13 10.41 -11.48
C VAL B 16 12.92 9.62 -12.76
N TYR B 17 13.94 9.60 -13.62
CA TYR B 17 13.84 8.84 -14.86
C TYR B 17 13.88 7.33 -14.60
N MET B 18 14.70 6.89 -13.66
CA MET B 18 14.81 5.48 -13.38
C MET B 18 13.57 4.93 -12.68
N SER B 19 12.69 5.79 -12.20
CA SER B 19 11.46 5.36 -11.56
C SER B 19 10.35 5.06 -12.55
N LEU B 20 10.53 5.39 -13.82
CA LEU B 20 9.51 5.13 -14.81
C LEU B 20 9.35 3.62 -15.02
N PRO B 21 8.14 3.09 -15.11
CA PRO B 21 7.97 1.67 -15.41
C PRO B 21 8.59 1.32 -16.76
N GLN B 22 9.21 0.14 -16.81
CA GLN B 22 9.98 -0.25 -18.00
C GLN B 22 9.06 -0.64 -19.14
N GLY B 23 8.16 -1.58 -18.90
CA GLY B 23 7.33 -2.11 -19.96
C GLY B 23 7.65 -3.56 -20.28
N GLU B 24 7.70 -3.90 -21.56
CA GLU B 24 7.92 -5.28 -21.98
C GLU B 24 9.38 -5.58 -22.31
N LYS B 25 10.12 -4.60 -22.82
CA LYS B 25 11.49 -4.84 -23.26
C LYS B 25 12.43 -5.01 -22.08
N VAL B 26 13.54 -5.71 -22.32
CA VAL B 26 14.53 -6.01 -21.31
C VAL B 26 15.91 -5.60 -21.80
N GLN B 27 16.68 -4.96 -20.92
CA GLN B 27 18.04 -4.54 -21.24
C GLN B 27 19.03 -5.60 -20.77
N ALA B 28 20.04 -5.85 -21.61
CA ALA B 28 21.10 -6.80 -21.30
C ALA B 28 22.45 -6.12 -21.55
N MET B 29 23.35 -6.22 -20.59
CA MET B 29 24.66 -5.60 -20.68
C MET B 29 25.71 -6.69 -20.89
N TYR B 30 26.46 -6.58 -21.99
CA TYR B 30 27.49 -7.56 -22.32
C TYR B 30 28.84 -7.07 -21.82
N ILE B 31 29.58 -7.94 -21.15
CA ILE B 31 30.85 -7.59 -20.53
C ILE B 31 31.92 -8.56 -21.01
N TRP B 32 33.10 -8.03 -21.35
CA TRP B 32 34.20 -8.86 -21.79
C TRP B 32 35.52 -8.20 -21.40
N ILE B 33 36.60 -8.95 -21.60
CA ILE B 33 37.95 -8.52 -21.24
C ILE B 33 38.69 -8.09 -22.50
N ASP B 34 39.37 -6.95 -22.44
CA ASP B 34 40.03 -6.38 -23.59
C ASP B 34 41.43 -6.99 -23.77
N GLY B 35 42.23 -6.41 -24.66
CA GLY B 35 43.52 -6.95 -25.01
C GLY B 35 44.62 -6.71 -24.00
N THR B 36 44.40 -5.84 -23.02
CA THR B 36 45.39 -5.62 -21.98
C THR B 36 45.38 -6.71 -20.92
N GLY B 37 44.33 -7.52 -20.87
CA GLY B 37 44.22 -8.56 -19.86
C GLY B 37 43.77 -8.11 -18.50
N GLU B 38 43.50 -6.81 -18.32
CA GLU B 38 43.07 -6.28 -17.04
C GLU B 38 41.81 -5.45 -17.19
N GLY B 39 41.65 -4.81 -18.35
CA GLY B 39 40.53 -3.93 -18.58
C GLY B 39 39.24 -4.66 -18.88
N LEU B 40 38.12 -3.97 -18.67
CA LEU B 40 36.79 -4.48 -18.94
C LEU B 40 36.04 -3.52 -19.84
N ARG B 41 35.21 -4.07 -20.73
CA ARG B 41 34.40 -3.29 -21.65
C ARG B 41 32.95 -3.75 -21.55
N CYS B 42 32.03 -2.87 -21.93
CA CYS B 42 30.62 -3.20 -21.82
C CYS B 42 29.81 -2.39 -22.82
N LYS B 43 28.67 -2.96 -23.23
CA LYS B 43 27.67 -2.25 -24.01
C LYS B 43 26.34 -2.98 -23.84
N THR B 44 25.27 -2.30 -24.20
CA THR B 44 23.91 -2.74 -23.88
C THR B 44 23.09 -2.93 -25.15
N ARG B 45 22.21 -3.92 -25.13
CA ARG B 45 21.24 -4.14 -26.19
C ARG B 45 19.88 -4.45 -25.58
N THR B 46 18.84 -4.33 -26.41
CA THR B 46 17.46 -4.54 -25.98
C THR B 46 16.98 -5.92 -26.43
N LEU B 47 16.25 -6.59 -25.53
CA LEU B 47 15.68 -7.90 -25.82
C LEU B 47 14.17 -7.83 -25.70
N ASP B 48 13.49 -8.69 -26.47
CA ASP B 48 12.04 -8.67 -26.50
C ASP B 48 11.42 -9.22 -25.22
N SER B 49 12.08 -10.19 -24.59
CA SER B 49 11.53 -10.81 -23.38
C SER B 49 12.67 -11.20 -22.46
N GLU B 50 12.32 -11.40 -21.19
CA GLU B 50 13.32 -11.73 -20.20
C GLU B 50 13.85 -13.15 -20.43
N PRO B 51 15.16 -13.33 -20.58
CA PRO B 51 15.71 -14.68 -20.73
C PRO B 51 15.72 -15.40 -19.39
N LYS B 52 15.48 -16.72 -19.45
CA LYS B 52 15.50 -17.53 -18.25
C LYS B 52 16.83 -18.23 -18.04
N CYS B 53 17.59 -18.47 -19.10
CA CYS B 53 18.87 -19.15 -19.01
C CYS B 53 19.86 -18.47 -19.95
N VAL B 54 21.14 -18.69 -19.69
CA VAL B 54 22.18 -18.06 -20.48
C VAL B 54 22.23 -18.63 -21.89
N GLU B 55 21.69 -19.83 -22.09
CA GLU B 55 21.81 -20.49 -23.39
C GLU B 55 20.94 -19.84 -24.46
N GLU B 56 19.94 -19.03 -24.07
CA GLU B 56 19.07 -18.40 -25.06
C GLU B 56 19.41 -16.94 -25.30
N LEU B 57 20.56 -16.47 -24.84
CA LEU B 57 21.01 -15.13 -25.20
C LEU B 57 21.71 -15.16 -26.56
N PRO B 58 21.36 -14.24 -27.46
CA PRO B 58 21.99 -14.23 -28.78
C PRO B 58 23.45 -13.82 -28.70
N GLU B 59 24.22 -14.27 -29.69
CA GLU B 59 25.60 -13.86 -29.81
C GLU B 59 25.69 -12.43 -30.33
N TRP B 60 26.84 -11.81 -30.09
CA TRP B 60 27.05 -10.44 -30.53
C TRP B 60 28.47 -10.25 -31.04
N ASN B 61 28.84 -9.01 -31.35
CA ASN B 61 30.15 -8.73 -31.92
C ASN B 61 30.54 -7.30 -31.59
N PHE B 62 31.83 -7.00 -31.77
CA PHE B 62 32.35 -5.67 -31.52
C PHE B 62 33.57 -5.46 -32.39
N ASP B 63 33.95 -4.19 -32.56
CA ASP B 63 35.10 -3.81 -33.37
C ASP B 63 36.36 -3.97 -32.53
N GLY B 64 37.18 -4.98 -32.87
CA GLY B 64 38.37 -5.25 -32.09
C GLY B 64 39.52 -4.30 -32.33
N SER B 65 39.44 -3.50 -33.40
CA SER B 65 40.50 -2.53 -33.67
C SER B 65 40.53 -1.41 -32.63
N SER B 66 39.39 -1.12 -32.00
CA SER B 66 39.30 -0.09 -30.98
C SER B 66 39.72 -0.57 -29.60
N THR B 67 39.90 -1.88 -29.42
CA THR B 67 40.29 -2.44 -28.13
C THR B 67 41.65 -3.12 -28.19
N LEU B 68 42.44 -2.88 -29.25
CA LEU B 68 43.77 -3.47 -29.41
C LEU B 68 43.72 -5.00 -29.34
N GLN B 69 42.76 -5.59 -30.04
CA GLN B 69 42.61 -7.03 -30.07
C GLN B 69 42.58 -7.61 -31.48
N SER B 70 42.68 -6.77 -32.51
CA SER B 70 42.60 -7.26 -33.89
C SER B 70 43.30 -6.28 -34.81
N GLU B 71 43.52 -6.72 -36.05
CA GLU B 71 44.14 -5.90 -37.07
C GLU B 71 43.08 -5.02 -37.74
N GLY B 72 43.46 -4.39 -38.85
CA GLY B 72 42.58 -3.47 -39.53
C GLY B 72 41.54 -4.11 -40.43
N SER B 73 41.98 -5.01 -41.32
CA SER B 73 41.08 -5.61 -42.29
C SER B 73 40.02 -6.47 -41.61
N ASN B 74 40.46 -7.53 -40.92
CA ASN B 74 39.55 -8.42 -40.19
C ASN B 74 39.56 -7.96 -38.73
N SER B 75 38.72 -6.96 -38.44
CA SER B 75 38.67 -6.36 -37.12
C SER B 75 37.53 -6.86 -36.25
N ASP B 76 36.51 -7.48 -36.84
CA ASP B 76 35.36 -7.93 -36.07
C ASP B 76 35.74 -9.08 -35.15
N MET B 77 35.25 -9.03 -33.92
CA MET B 77 35.39 -10.10 -32.95
C MET B 77 34.02 -10.48 -32.42
N TYR B 78 33.89 -11.71 -31.94
CA TYR B 78 32.61 -12.27 -31.54
C TYR B 78 32.53 -12.39 -30.03
N LEU B 79 31.35 -12.15 -29.49
CA LEU B 79 31.07 -12.28 -28.06
C LEU B 79 30.13 -13.46 -27.86
N VAL B 80 30.53 -14.43 -27.04
CA VAL B 80 29.71 -15.60 -26.75
C VAL B 80 29.34 -15.57 -25.27
N PRO B 81 28.06 -15.46 -24.93
CA PRO B 81 27.68 -15.41 -23.51
C PRO B 81 28.12 -16.66 -22.75
N ALA B 82 28.55 -16.46 -21.52
CA ALA B 82 29.03 -17.54 -20.67
C ALA B 82 28.33 -17.60 -19.31
N ALA B 83 28.01 -16.45 -18.72
CA ALA B 83 27.32 -16.42 -17.44
C ALA B 83 26.36 -15.25 -17.41
N MET B 84 25.29 -15.38 -16.63
CA MET B 84 24.26 -14.36 -16.53
C MET B 84 23.96 -14.05 -15.07
N PHE B 85 23.75 -12.77 -14.77
CA PHE B 85 23.48 -12.32 -13.43
C PHE B 85 22.39 -11.25 -13.47
N ARG B 86 21.74 -11.05 -12.33
CA ARG B 86 20.82 -9.94 -12.19
C ARG B 86 21.56 -8.62 -12.20
N ASP B 87 20.93 -7.59 -12.77
CA ASP B 87 21.57 -6.28 -12.92
C ASP B 87 21.22 -5.43 -11.71
N PRO B 88 22.19 -5.07 -10.85
CA PRO B 88 21.86 -4.25 -9.68
C PRO B 88 21.72 -2.77 -9.99
N PHE B 89 22.16 -2.31 -11.16
CA PHE B 89 22.07 -0.90 -11.50
C PHE B 89 20.78 -0.55 -12.24
N ARG B 90 20.08 -1.55 -12.75
CA ARG B 90 18.79 -1.35 -13.39
C ARG B 90 17.69 -2.21 -12.80
N LYS B 91 18.02 -3.13 -11.89
CA LYS B 91 17.06 -4.00 -11.23
C LYS B 91 16.40 -4.97 -12.20
N ASP B 92 15.58 -5.87 -11.68
CA ASP B 92 14.90 -6.85 -12.51
C ASP B 92 13.95 -6.15 -13.47
N PRO B 93 13.73 -6.72 -14.66
CA PRO B 93 14.26 -8.00 -15.17
C PRO B 93 15.54 -7.86 -15.98
N ASN B 94 16.28 -6.76 -15.84
CA ASN B 94 17.49 -6.57 -16.62
C ASN B 94 18.61 -7.45 -16.11
N LYS B 95 19.55 -7.77 -17.00
CA LYS B 95 20.57 -8.79 -16.73
C LYS B 95 21.96 -8.28 -17.07
N LEU B 96 22.96 -8.88 -16.44
CA LEU B 96 24.36 -8.71 -16.78
C LEU B 96 24.89 -10.00 -17.40
N VAL B 97 25.61 -9.88 -18.51
CA VAL B 97 26.09 -11.03 -19.25
C VAL B 97 27.60 -10.96 -19.36
N LEU B 98 28.29 -11.99 -18.87
CA LEU B 98 29.73 -12.11 -19.06
C LEU B 98 29.98 -13.02 -20.25
N CYS B 99 30.84 -12.57 -21.16
CA CYS B 99 31.02 -13.23 -22.45
C CYS B 99 32.48 -13.60 -22.68
N GLU B 100 32.68 -14.51 -23.62
CA GLU B 100 34.01 -14.88 -24.10
C GLU B 100 34.25 -14.24 -25.46
N VAL B 101 35.53 -13.99 -25.76
CA VAL B 101 35.93 -13.30 -26.97
C VAL B 101 36.58 -14.29 -27.93
N PHE B 102 36.13 -14.27 -29.18
CA PHE B 102 36.69 -15.12 -30.22
C PHE B 102 37.05 -14.28 -31.44
N LYS B 103 38.03 -14.75 -32.20
CA LYS B 103 38.45 -14.05 -33.40
C LYS B 103 37.45 -14.27 -34.53
N TYR B 104 37.72 -13.63 -35.67
CA TYR B 104 36.82 -13.74 -36.81
C TYR B 104 36.78 -15.16 -37.36
N ASN B 105 37.85 -15.93 -37.17
CA ASN B 105 37.90 -17.31 -37.60
C ASN B 105 37.48 -18.29 -36.51
N ARG B 106 36.68 -17.83 -35.55
CA ARG B 106 36.17 -18.62 -34.43
C ARG B 106 37.26 -19.20 -33.55
N ARG B 107 38.43 -18.60 -33.53
CA ARG B 107 39.46 -19.07 -32.61
C ARG B 107 39.48 -18.19 -31.36
N PRO B 108 39.87 -18.75 -30.21
CA PRO B 108 39.90 -17.95 -28.98
C PRO B 108 40.89 -16.81 -29.09
N ALA B 109 40.53 -15.68 -28.46
CA ALA B 109 41.40 -14.52 -28.46
C ALA B 109 42.61 -14.76 -27.56
N GLU B 110 43.61 -13.88 -27.68
CA GLU B 110 44.84 -14.03 -26.90
C GLU B 110 44.58 -13.90 -25.41
N THR B 111 43.70 -12.98 -25.01
CA THR B 111 43.39 -12.78 -23.60
C THR B 111 42.23 -13.65 -23.14
N ASN B 112 41.69 -14.51 -24.00
CA ASN B 112 40.62 -15.43 -23.63
C ASN B 112 41.25 -16.64 -22.96
N LEU B 113 41.27 -16.65 -21.64
CA LEU B 113 41.83 -17.75 -20.87
C LEU B 113 40.78 -18.67 -20.29
N ARG B 114 39.50 -18.29 -20.34
CA ARG B 114 38.44 -19.15 -19.81
C ARG B 114 38.26 -20.40 -20.66
N HIS B 115 38.56 -20.33 -21.96
CA HIS B 115 38.36 -21.47 -22.84
C HIS B 115 39.19 -22.67 -22.40
N THR B 116 40.49 -22.44 -22.15
CA THR B 116 41.35 -23.54 -21.72
C THR B 116 41.07 -23.94 -20.28
N CYS B 117 40.79 -22.96 -19.41
CA CYS B 117 40.54 -23.27 -18.00
C CYS B 117 39.31 -24.13 -17.83
N LYS B 118 38.26 -23.88 -18.63
CA LYS B 118 37.03 -24.65 -18.49
C LYS B 118 37.26 -26.12 -18.81
N ARG B 119 38.03 -26.40 -19.86
CA ARG B 119 38.31 -27.79 -20.22
C ARG B 119 39.14 -28.50 -19.16
N ILE B 120 40.08 -27.77 -18.53
CA ILE B 120 40.86 -28.35 -17.44
C ILE B 120 39.97 -28.69 -16.26
N MET B 121 39.03 -27.81 -15.94
CA MET B 121 38.13 -28.06 -14.81
C MET B 121 37.29 -29.31 -15.02
N ASP B 122 36.84 -29.54 -16.26
CA ASP B 122 36.01 -30.70 -16.54
C ASP B 122 36.76 -32.01 -16.37
N MET B 123 38.08 -31.99 -16.47
CA MET B 123 38.85 -33.23 -16.34
C MET B 123 38.97 -33.69 -14.90
N VAL B 124 38.73 -32.78 -13.94
CA VAL B 124 38.80 -33.10 -12.52
C VAL B 124 37.51 -32.78 -11.81
N SER B 125 36.37 -32.87 -12.50
CA SER B 125 35.10 -32.46 -11.93
C SER B 125 34.70 -33.31 -10.72
N ASN B 126 35.01 -34.61 -10.75
CA ASN B 126 34.58 -35.49 -9.67
C ASN B 126 35.30 -35.22 -8.36
N GLN B 127 36.45 -34.53 -8.40
CA GLN B 127 37.17 -34.18 -7.17
C GLN B 127 36.63 -32.90 -6.53
N HIS B 128 35.79 -32.15 -7.22
CA HIS B 128 35.12 -30.95 -6.70
C HIS B 128 36.11 -29.96 -6.08
N PRO B 129 36.94 -29.31 -6.88
CA PRO B 129 37.84 -28.30 -6.31
C PRO B 129 37.07 -27.04 -5.92
N TRP B 130 37.49 -26.43 -4.81
CA TRP B 130 36.88 -25.21 -4.31
C TRP B 130 37.94 -24.11 -4.26
N PHE B 131 37.53 -22.88 -4.55
CA PHE B 131 38.42 -21.74 -4.57
C PHE B 131 37.85 -20.58 -3.76
N GLY B 132 38.73 -19.83 -3.12
CA GLY B 132 38.37 -18.63 -2.41
C GLY B 132 39.44 -17.56 -2.58
N MET B 133 39.05 -16.39 -3.05
CA MET B 133 39.99 -15.34 -3.40
C MET B 133 39.70 -14.09 -2.59
N GLU B 134 40.76 -13.44 -2.10
CA GLU B 134 40.65 -12.21 -1.35
C GLU B 134 41.22 -11.08 -2.21
N GLN B 135 40.33 -10.24 -2.72
CA GLN B 135 40.72 -9.16 -3.63
C GLN B 135 40.92 -7.87 -2.84
N GLU B 136 42.10 -7.28 -2.98
CA GLU B 136 42.41 -6.00 -2.35
C GLU B 136 42.47 -4.90 -3.40
N TYR B 137 42.15 -3.68 -2.98
CA TYR B 137 42.12 -2.56 -3.89
C TYR B 137 42.28 -1.26 -3.10
N THR B 138 42.54 -0.18 -3.82
CA THR B 138 42.70 1.14 -3.24
C THR B 138 41.79 2.13 -3.95
N LEU B 139 41.12 2.98 -3.17
CA LEU B 139 40.28 4.02 -3.73
C LEU B 139 41.12 5.26 -4.01
N MET B 140 41.04 5.76 -5.24
CA MET B 140 41.87 6.87 -5.69
C MET B 140 40.99 7.98 -6.23
N GLY B 141 41.42 9.21 -6.00
CA GLY B 141 40.75 10.35 -6.59
C GLY B 141 41.13 10.52 -8.05
N THR B 142 40.40 11.40 -8.73
CA THR B 142 40.68 11.66 -10.14
C THR B 142 42.00 12.38 -10.36
N ASP B 143 42.63 12.89 -9.30
CA ASP B 143 43.92 13.56 -9.40
C ASP B 143 45.10 12.61 -9.29
N GLY B 144 44.86 11.31 -9.14
CA GLY B 144 45.94 10.36 -9.05
C GLY B 144 46.48 10.11 -7.65
N HIS B 145 45.73 10.49 -6.61
CA HIS B 145 46.16 10.29 -5.24
C HIS B 145 45.07 9.57 -4.46
N PRO B 146 45.43 8.86 -3.39
CA PRO B 146 44.43 8.08 -2.65
C PRO B 146 43.31 8.97 -2.11
N PHE B 147 42.09 8.45 -2.15
CA PHE B 147 40.92 9.21 -1.76
C PHE B 147 40.98 9.56 -0.28
N GLY B 148 40.71 10.83 0.03
CA GLY B 148 40.70 11.29 1.40
C GLY B 148 42.05 11.62 1.99
N TRP B 149 43.12 11.43 1.24
CA TRP B 149 44.45 11.75 1.75
C TRP B 149 44.68 13.26 1.73
N PRO B 150 45.55 13.76 2.61
CA PRO B 150 45.85 15.20 2.60
C PRO B 150 46.42 15.63 1.26
N SER B 151 46.04 16.84 0.83
CA SER B 151 46.50 17.36 -0.45
C SER B 151 48.01 17.54 -0.43
N ASN B 152 48.69 16.81 -1.30
CA ASN B 152 50.16 16.82 -1.40
C ASN B 152 50.81 16.45 -0.06
N GLY B 153 50.19 15.54 0.67
CA GLY B 153 50.71 15.13 1.96
C GLY B 153 50.39 13.69 2.30
N PHE B 154 50.64 13.31 3.55
CA PHE B 154 50.43 11.94 4.00
C PHE B 154 49.65 11.92 5.29
N PRO B 155 48.86 10.87 5.53
CA PRO B 155 48.23 10.71 6.84
C PRO B 155 49.21 10.18 7.87
N GLY B 156 48.73 9.90 9.08
CA GLY B 156 49.57 9.40 10.14
C GLY B 156 50.11 8.02 9.84
N PRO B 157 51.02 7.54 10.69
CA PRO B 157 51.62 6.22 10.45
C PRO B 157 50.59 5.11 10.60
N GLN B 158 50.90 3.96 10.00
CA GLN B 158 49.98 2.83 9.99
C GLN B 158 49.79 2.29 11.40
N GLY B 159 48.71 1.53 11.57
CA GLY B 159 48.39 0.92 12.84
C GLY B 159 46.97 1.12 13.33
N PRO B 160 46.40 2.31 13.18
CA PRO B 160 44.99 2.50 13.55
C PRO B 160 43.99 2.33 12.41
N TYR B 161 44.44 2.04 11.19
CA TYR B 161 43.51 1.97 10.07
C TYR B 161 42.99 0.57 9.80
N TYR B 162 43.71 -0.46 10.24
CA TYR B 162 43.29 -1.82 9.97
C TYR B 162 41.99 -2.13 10.72
N CYS B 163 40.94 -2.44 9.96
CA CYS B 163 39.62 -2.74 10.52
C CYS B 163 39.11 -1.60 11.39
N GLY B 164 39.48 -0.37 11.03
CA GLY B 164 39.16 0.78 11.85
C GLY B 164 37.75 1.29 11.65
N VAL B 165 37.30 2.10 12.60
CA VAL B 165 35.98 2.73 12.56
C VAL B 165 36.14 4.18 12.99
N GLY B 166 35.45 5.08 12.29
CA GLY B 166 35.54 6.49 12.61
C GLY B 166 35.89 7.34 11.40
N ALA B 167 35.59 8.64 11.47
CA ALA B 167 35.82 9.51 10.33
C ALA B 167 37.30 9.66 10.02
N ASP B 168 38.17 9.51 11.03
CA ASP B 168 39.60 9.67 10.84
C ASP B 168 40.33 8.35 10.64
N ARG B 169 39.60 7.25 10.51
CA ARG B 169 40.23 5.94 10.41
C ARG B 169 39.82 5.15 9.18
N ALA B 170 38.61 5.35 8.66
CA ALA B 170 38.13 4.65 7.49
C ALA B 170 37.69 5.66 6.44
N TYR B 171 38.20 5.51 5.22
CA TYR B 171 37.92 6.43 4.12
C TYR B 171 37.06 5.72 3.08
N GLY B 172 35.96 6.36 2.69
CA GLY B 172 35.12 5.84 1.62
C GLY B 172 34.38 4.57 1.93
N ARG B 173 33.81 4.44 3.13
CA ARG B 173 33.02 3.25 3.44
C ARG B 173 31.72 3.19 2.65
N ASP B 174 31.25 4.31 2.11
CA ASP B 174 30.02 4.31 1.34
C ASP B 174 30.14 3.44 0.10
N ILE B 175 31.29 3.48 -0.56
CA ILE B 175 31.52 2.63 -1.73
C ILE B 175 31.47 1.17 -1.32
N VAL B 176 32.11 0.82 -0.20
CA VAL B 176 32.18 -0.58 0.24
C VAL B 176 30.79 -1.11 0.55
N GLU B 177 29.98 -0.32 1.27
CA GLU B 177 28.64 -0.75 1.62
C GLU B 177 27.79 -0.95 0.38
N ALA B 178 27.87 -0.02 -0.57
CA ALA B 178 27.09 -0.13 -1.79
C ALA B 178 27.53 -1.34 -2.62
N HIS B 179 28.84 -1.58 -2.70
CA HIS B 179 29.34 -2.72 -3.46
C HIS B 179 28.89 -4.04 -2.84
N TYR B 180 28.92 -4.12 -1.51
CA TYR B 180 28.49 -5.35 -0.84
C TYR B 180 27.03 -5.67 -1.15
N ARG B 181 26.16 -4.67 -1.05
CA ARG B 181 24.75 -4.90 -1.30
C ARG B 181 24.48 -5.21 -2.76
N ALA B 182 25.21 -4.55 -3.67
CA ALA B 182 25.02 -4.80 -5.09
C ALA B 182 25.43 -6.21 -5.48
N CYS B 183 26.52 -6.72 -4.89
CA CYS B 183 26.97 -8.07 -5.21
C CYS B 183 25.95 -9.11 -4.73
N LEU B 184 25.36 -8.89 -3.55
CA LEU B 184 24.36 -9.82 -3.05
C LEU B 184 23.13 -9.85 -3.96
N TYR B 185 22.69 -8.69 -4.43
CA TYR B 185 21.53 -8.63 -5.31
C TYR B 185 21.81 -9.34 -6.63
N ALA B 186 23.01 -9.19 -7.17
CA ALA B 186 23.33 -9.77 -8.47
C ALA B 186 23.50 -11.28 -8.41
N GLY B 187 23.76 -11.84 -7.23
CA GLY B 187 24.02 -13.26 -7.11
C GLY B 187 25.47 -13.64 -7.02
N VAL B 188 26.37 -12.68 -6.85
CA VAL B 188 27.80 -12.98 -6.69
C VAL B 188 28.03 -13.48 -5.27
N LYS B 189 28.80 -14.55 -5.14
CA LYS B 189 29.04 -15.19 -3.85
C LYS B 189 30.13 -14.42 -3.11
N ILE B 190 29.73 -13.31 -2.50
CA ILE B 190 30.64 -12.48 -1.72
C ILE B 190 30.60 -12.94 -0.26
N ALA B 191 31.78 -13.11 0.34
CA ALA B 191 31.88 -13.70 1.67
C ALA B 191 32.07 -12.68 2.79
N GLY B 192 32.70 -11.54 2.52
CA GLY B 192 32.90 -10.55 3.56
C GLY B 192 33.87 -9.49 3.11
N THR B 193 33.96 -8.44 3.93
CA THR B 193 34.82 -7.29 3.65
C THR B 193 35.50 -6.84 4.94
N ASN B 194 36.60 -6.11 4.77
CA ASN B 194 37.28 -5.49 5.90
C ASN B 194 38.17 -4.37 5.38
N ALA B 195 38.50 -3.46 6.29
CA ALA B 195 39.44 -2.38 5.98
C ALA B 195 40.87 -2.87 6.15
N GLU B 196 41.76 -2.33 5.33
CA GLU B 196 43.14 -2.80 5.27
C GLU B 196 44.06 -1.86 6.07
N VAL B 197 45.34 -2.23 6.10
CA VAL B 197 46.32 -1.47 6.87
C VAL B 197 46.46 -0.06 6.32
N MET B 198 46.54 0.08 5.01
CA MET B 198 46.62 1.38 4.38
C MET B 198 45.27 2.10 4.48
N PRO B 199 45.25 3.37 4.86
CA PRO B 199 44.00 4.13 4.78
C PRO B 199 43.52 4.23 3.33
N ALA B 200 42.20 4.17 3.15
CA ALA B 200 41.53 4.11 1.85
C ALA B 200 41.81 2.81 1.10
N GLN B 201 42.33 1.79 1.78
CA GLN B 201 42.54 0.48 1.19
C GLN B 201 41.58 -0.53 1.80
N TRP B 202 40.95 -1.33 0.95
CA TRP B 202 39.91 -2.26 1.39
C TRP B 202 40.15 -3.62 0.77
N GLU B 203 39.32 -4.58 1.17
CA GLU B 203 39.41 -5.96 0.69
C GLU B 203 38.06 -6.63 0.81
N PHE B 204 37.72 -7.44 -0.18
CA PHE B 204 36.51 -8.27 -0.12
C PHE B 204 36.86 -9.69 -0.55
N GLN B 205 36.08 -10.65 -0.06
CA GLN B 205 36.34 -12.07 -0.27
C GLN B 205 35.22 -12.68 -1.11
N ILE B 206 35.60 -13.57 -2.02
CA ILE B 206 34.66 -14.31 -2.86
C ILE B 206 34.90 -15.79 -2.67
N GLY B 207 33.84 -16.54 -2.39
CA GLY B 207 33.94 -17.97 -2.29
C GLY B 207 33.18 -18.55 -1.11
N PRO B 208 33.27 -19.86 -0.93
CA PRO B 208 33.98 -20.84 -1.77
C PRO B 208 33.21 -21.12 -3.05
N CYS B 209 33.92 -21.24 -4.18
CA CYS B 209 33.29 -21.41 -5.47
C CYS B 209 33.76 -22.71 -6.12
N GLU B 210 32.90 -23.30 -6.93
CA GLU B 210 33.18 -24.60 -7.54
C GLU B 210 33.71 -24.44 -8.96
N GLY B 211 34.94 -24.88 -9.18
CA GLY B 211 35.47 -25.00 -10.53
C GLY B 211 35.54 -23.68 -11.26
N ILE B 212 35.01 -23.68 -12.50
CA ILE B 212 35.12 -22.53 -13.37
C ILE B 212 34.31 -21.35 -12.84
N SER B 213 33.35 -21.61 -11.95
CA SER B 213 32.49 -20.54 -11.46
C SER B 213 33.27 -19.51 -10.65
N MET B 214 34.43 -19.87 -10.11
CA MET B 214 35.22 -18.91 -9.33
C MET B 214 35.68 -17.76 -10.20
N GLY B 215 36.19 -18.06 -11.39
CA GLY B 215 36.66 -17.04 -12.30
C GLY B 215 35.55 -16.09 -12.73
N ASP B 216 34.38 -16.65 -13.02
CA ASP B 216 33.24 -15.84 -13.44
C ASP B 216 32.80 -14.89 -12.34
N HIS B 217 32.75 -15.38 -11.10
CA HIS B 217 32.25 -14.56 -10.01
C HIS B 217 33.21 -13.41 -9.68
N LEU B 218 34.51 -13.67 -9.75
CA LEU B 218 35.48 -12.62 -9.43
C LEU B 218 35.44 -11.51 -10.48
N TRP B 219 35.37 -11.88 -11.76
CA TRP B 219 35.38 -10.87 -12.80
C TRP B 219 34.14 -9.99 -12.74
N VAL B 220 32.98 -10.58 -12.46
CA VAL B 220 31.76 -9.79 -12.34
C VAL B 220 31.82 -8.90 -11.11
N ALA B 221 32.41 -9.38 -10.03
CA ALA B 221 32.57 -8.56 -8.84
C ALA B 221 33.47 -7.36 -9.12
N ARG B 222 34.52 -7.57 -9.92
CA ARG B 222 35.39 -6.46 -10.30
C ARG B 222 34.63 -5.43 -11.12
N PHE B 223 33.79 -5.89 -12.05
CA PHE B 223 33.01 -4.96 -12.87
C PHE B 223 32.07 -4.13 -12.02
N ILE B 224 31.41 -4.76 -11.04
CA ILE B 224 30.48 -4.04 -10.19
C ILE B 224 31.20 -2.99 -9.37
N LEU B 225 32.42 -3.29 -8.93
CA LEU B 225 33.20 -2.31 -8.18
C LEU B 225 33.51 -1.08 -9.02
N HIS B 226 33.92 -1.30 -10.28
CA HIS B 226 34.21 -0.17 -11.16
C HIS B 226 32.97 0.66 -11.43
N ARG B 227 31.85 -0.01 -11.69
CA ARG B 227 30.61 0.70 -12.01
C ARG B 227 30.09 1.48 -10.81
N VAL B 228 30.19 0.89 -9.61
CA VAL B 228 29.76 1.58 -8.40
C VAL B 228 30.67 2.79 -8.13
N CYS B 229 31.98 2.61 -8.27
CA CYS B 229 32.90 3.72 -8.06
C CYS B 229 32.68 4.83 -9.06
N GLU B 230 32.20 4.49 -10.26
CA GLU B 230 31.90 5.51 -11.26
C GLU B 230 30.78 6.44 -10.80
N ASP B 231 29.78 5.90 -10.10
CA ASP B 231 28.70 6.74 -9.60
C ASP B 231 29.21 7.76 -8.59
N PHE B 232 30.13 7.36 -7.72
CA PHE B 232 30.66 8.25 -6.70
C PHE B 232 31.77 9.15 -7.22
N GLY B 233 32.30 8.88 -8.41
CA GLY B 233 33.32 9.74 -8.98
C GLY B 233 34.74 9.41 -8.58
N VAL B 234 34.99 8.22 -8.04
CA VAL B 234 36.33 7.82 -7.63
C VAL B 234 36.78 6.66 -8.51
N ILE B 235 38.06 6.31 -8.38
CA ILE B 235 38.69 5.27 -9.18
C ILE B 235 39.19 4.18 -8.25
N ALA B 236 38.88 2.93 -8.60
CA ALA B 236 39.38 1.76 -7.89
C ALA B 236 40.52 1.14 -8.69
N THR B 237 41.67 0.96 -8.05
CA THR B 237 42.86 0.44 -8.70
C THR B 237 43.25 -0.89 -8.07
N PHE B 238 43.67 -1.84 -8.92
CA PHE B 238 44.17 -3.12 -8.47
C PHE B 238 45.69 -3.21 -8.58
N ASP B 239 46.37 -2.07 -8.66
CA ASP B 239 47.82 -2.08 -8.80
C ASP B 239 48.46 -2.67 -7.55
N PRO B 240 49.45 -3.56 -7.69
CA PRO B 240 50.04 -4.20 -6.51
C PRO B 240 50.67 -3.22 -5.52
N LYS B 241 51.29 -2.14 -6.00
CA LYS B 241 51.93 -1.15 -5.14
C LYS B 241 51.50 0.24 -5.55
N PRO B 242 50.31 0.68 -5.10
CA PRO B 242 49.81 2.01 -5.52
C PRO B 242 50.71 3.16 -5.08
N ILE B 243 51.32 3.08 -3.90
CA ILE B 243 52.12 4.16 -3.34
C ILE B 243 53.44 3.58 -2.89
N PRO B 244 54.58 4.16 -3.30
CA PRO B 244 55.87 3.63 -2.85
C PRO B 244 56.14 3.96 -1.39
N GLY B 245 57.07 3.22 -0.81
CA GLY B 245 57.51 3.47 0.55
C GLY B 245 56.94 2.50 1.58
N ASN B 246 56.80 2.95 2.82
CA ASN B 246 56.28 2.12 3.91
C ASN B 246 54.76 2.11 3.94
N TRP B 247 54.15 1.57 2.89
CA TRP B 247 52.70 1.45 2.80
C TRP B 247 52.34 0.06 2.29
N ASN B 248 51.16 -0.40 2.69
CA ASN B 248 50.74 -1.76 2.40
C ASN B 248 50.57 -1.99 0.91
N GLY B 249 51.01 -3.15 0.43
CA GLY B 249 50.78 -3.57 -0.93
C GLY B 249 49.41 -4.19 -1.12
N ALA B 250 49.14 -4.60 -2.36
CA ALA B 250 47.85 -5.18 -2.71
C ALA B 250 48.08 -6.54 -3.38
N GLY B 251 47.48 -7.58 -2.81
CA GLY B 251 47.57 -8.92 -3.36
C GLY B 251 46.20 -9.56 -3.47
N CYS B 252 46.20 -10.79 -4.00
CA CYS B 252 44.98 -11.58 -4.15
C CYS B 252 45.27 -12.99 -3.65
N HIS B 253 45.05 -13.22 -2.36
CA HIS B 253 45.29 -14.54 -1.78
C HIS B 253 44.26 -15.54 -2.27
N THR B 254 44.70 -16.77 -2.51
CA THR B 254 43.86 -17.83 -3.06
C THR B 254 43.78 -18.98 -2.07
N ASN B 255 42.57 -19.45 -1.80
CA ASN B 255 42.33 -20.60 -0.95
C ASN B 255 41.86 -21.76 -1.81
N PHE B 256 42.47 -22.93 -1.61
CA PHE B 256 42.22 -24.09 -2.47
C PHE B 256 41.96 -25.32 -1.60
N SER B 257 40.98 -26.13 -2.02
CA SER B 257 40.70 -27.39 -1.35
C SER B 257 39.98 -28.31 -2.34
N THR B 258 40.10 -29.61 -2.09
CA THR B 258 39.42 -30.64 -2.85
C THR B 258 38.50 -31.42 -1.92
N LYS B 259 37.74 -32.35 -2.51
CA LYS B 259 36.83 -33.17 -1.72
C LYS B 259 37.60 -34.03 -0.73
N ALA B 260 38.73 -34.60 -1.16
CA ALA B 260 39.55 -35.40 -0.25
C ALA B 260 40.13 -34.54 0.87
N MET B 261 40.52 -33.31 0.56
CA MET B 261 41.09 -32.43 1.57
C MET B 261 40.06 -32.05 2.63
N ARG B 262 38.79 -31.94 2.26
CA ARG B 262 37.75 -31.49 3.16
C ARG B 262 37.21 -32.60 4.05
N GLU B 263 37.53 -33.86 3.77
CA GLU B 263 37.04 -34.97 4.58
C GLU B 263 37.98 -35.20 5.77
N GLU B 264 37.62 -36.18 6.59
CA GLU B 264 38.42 -36.48 7.79
C GLU B 264 39.82 -36.93 7.39
N ASN B 265 40.80 -36.48 8.18
CA ASN B 265 42.22 -36.75 7.93
C ASN B 265 42.64 -36.25 6.55
N GLY B 266 42.04 -35.14 6.11
CA GLY B 266 42.40 -34.54 4.83
C GLY B 266 43.68 -33.74 4.85
N LEU B 267 44.27 -33.54 6.03
CA LEU B 267 45.53 -32.80 6.12
C LEU B 267 46.64 -33.52 5.36
N LYS B 268 46.52 -34.85 5.19
CA LYS B 268 47.52 -35.59 4.45
C LYS B 268 47.60 -35.12 3.00
N TYR B 269 46.44 -34.97 2.35
CA TYR B 269 46.42 -34.52 0.96
C TYR B 269 46.85 -33.07 0.83
N ILE B 270 46.60 -32.25 1.87
CA ILE B 270 47.05 -30.86 1.84
C ILE B 270 48.56 -30.78 1.76
N GLU B 271 49.24 -31.62 2.54
CA GLU B 271 50.70 -31.60 2.54
C GLU B 271 51.27 -32.08 1.20
N GLU B 272 50.63 -33.08 0.59
CA GLU B 272 51.09 -33.55 -0.72
C GLU B 272 50.95 -32.45 -1.77
N ALA B 273 49.83 -31.72 -1.75
CA ALA B 273 49.64 -30.63 -2.71
C ALA B 273 50.67 -29.54 -2.50
N ILE B 274 50.96 -29.20 -1.24
CA ILE B 274 51.97 -28.18 -0.95
C ILE B 274 53.33 -28.66 -1.39
N GLU B 275 53.62 -29.95 -1.21
CA GLU B 275 54.91 -30.50 -1.65
C GLU B 275 55.09 -30.37 -3.15
N LYS B 276 54.03 -30.65 -3.92
CA LYS B 276 54.12 -30.49 -5.36
C LYS B 276 54.32 -29.04 -5.76
N LEU B 277 53.67 -28.12 -5.06
CA LEU B 277 53.80 -26.70 -5.36
C LEU B 277 55.20 -26.18 -5.11
N SER B 278 55.97 -26.84 -4.22
CA SER B 278 57.31 -26.36 -3.89
C SER B 278 58.28 -26.49 -5.05
N LYS B 279 57.93 -27.24 -6.09
CA LYS B 279 58.84 -27.44 -7.22
C LYS B 279 58.64 -26.38 -8.30
N ARG B 280 57.41 -26.13 -8.71
CA ARG B 280 57.13 -25.21 -9.82
C ARG B 280 56.89 -23.80 -9.31
N HIS B 281 57.89 -23.27 -8.61
CA HIS B 281 57.78 -21.92 -8.07
C HIS B 281 57.80 -20.88 -9.19
N GLN B 282 58.73 -21.02 -10.14
CA GLN B 282 58.85 -20.04 -11.20
C GLN B 282 57.66 -20.12 -12.17
N TYR B 283 57.14 -21.33 -12.38
CA TYR B 283 55.98 -21.48 -13.27
C TYR B 283 54.77 -20.74 -12.72
N HIS B 284 54.55 -20.82 -11.41
CA HIS B 284 53.39 -20.15 -10.82
C HIS B 284 53.58 -18.65 -10.74
N ILE B 285 54.82 -18.18 -10.59
CA ILE B 285 55.06 -16.74 -10.55
C ILE B 285 54.68 -16.10 -11.88
N ARG B 286 55.02 -16.75 -12.99
CA ARG B 286 54.62 -16.25 -14.30
C ARG B 286 53.11 -16.23 -14.45
N ALA B 287 52.43 -17.28 -13.97
CA ALA B 287 51.00 -17.39 -14.16
C ALA B 287 50.21 -16.46 -13.24
N TYR B 288 50.82 -15.97 -12.16
CA TYR B 288 50.13 -15.15 -11.18
C TYR B 288 50.14 -13.67 -11.54
N ASP B 289 50.64 -13.30 -12.72
CA ASP B 289 50.71 -11.91 -13.11
C ASP B 289 50.36 -11.78 -14.59
N PRO B 290 49.58 -10.77 -14.96
CA PRO B 290 49.23 -10.60 -16.38
C PRO B 290 50.38 -10.14 -17.26
N LYS B 291 51.49 -9.70 -16.67
CA LYS B 291 52.65 -9.23 -17.42
C LYS B 291 53.86 -10.15 -17.28
N GLY B 292 53.65 -11.40 -16.88
CA GLY B 292 54.73 -12.35 -16.77
C GLY B 292 55.45 -12.38 -15.45
N GLY B 293 55.00 -11.61 -14.46
CA GLY B 293 55.62 -11.64 -13.15
C GLY B 293 56.43 -10.40 -12.81
N LEU B 294 56.07 -9.28 -13.42
CA LEU B 294 56.76 -8.01 -13.20
C LEU B 294 56.03 -7.08 -12.23
N ASP B 295 54.70 -7.05 -12.28
CA ASP B 295 53.95 -6.21 -11.36
C ASP B 295 54.13 -6.68 -9.92
N ASN B 296 54.10 -7.99 -9.69
CA ASN B 296 54.20 -8.53 -8.34
C ASN B 296 55.59 -8.33 -7.75
N ALA B 297 56.59 -7.99 -8.58
CA ALA B 297 57.94 -7.78 -8.07
C ALA B 297 58.01 -6.55 -7.17
N ARG B 298 57.16 -5.56 -7.40
CA ARG B 298 57.16 -4.35 -6.58
C ARG B 298 56.52 -4.57 -5.21
N ARG B 299 55.83 -5.68 -5.00
CA ARG B 299 55.11 -5.93 -3.76
C ARG B 299 55.68 -7.07 -2.94
N LEU B 300 56.05 -8.19 -3.56
CA LEU B 300 56.43 -9.40 -2.83
C LEU B 300 57.78 -9.19 -2.17
N THR B 301 57.77 -8.97 -0.85
CA THR B 301 58.99 -8.93 -0.05
C THR B 301 58.89 -9.73 1.24
N GLY B 302 57.68 -10.11 1.68
CA GLY B 302 57.52 -10.91 2.87
C GLY B 302 56.61 -10.28 3.90
N PHE B 303 56.70 -8.97 4.06
CA PHE B 303 55.86 -8.26 5.01
C PHE B 303 54.60 -7.74 4.33
N HIS B 304 53.81 -6.98 5.09
CA HIS B 304 52.57 -6.38 4.60
C HIS B 304 51.61 -7.44 4.07
N GLU B 305 51.52 -8.57 4.78
CA GLU B 305 50.61 -9.67 4.44
C GLU B 305 50.91 -10.25 3.06
N THR B 306 52.14 -10.10 2.58
CA THR B 306 52.54 -10.59 1.28
C THR B 306 53.39 -11.85 1.44
N SER B 307 53.97 -12.30 0.34
CA SER B 307 54.88 -13.44 0.30
C SER B 307 56.19 -13.00 -0.36
N ASN B 308 57.06 -13.96 -0.65
CA ASN B 308 58.32 -13.71 -1.33
C ASN B 308 58.25 -14.23 -2.76
N ILE B 309 58.90 -13.52 -3.67
CA ILE B 309 58.75 -13.80 -5.10
C ILE B 309 59.74 -14.86 -5.58
N ASN B 310 61.01 -14.76 -5.19
CA ASN B 310 62.04 -15.66 -5.69
C ASN B 310 62.41 -16.75 -4.70
N ASP B 311 61.63 -16.91 -3.62
CA ASP B 311 61.88 -17.95 -2.63
C ASP B 311 60.54 -18.54 -2.24
N PHE B 312 60.53 -19.86 -2.02
CA PHE B 312 59.33 -20.59 -1.65
C PHE B 312 59.44 -21.03 -0.19
N SER B 313 58.38 -20.79 0.58
CA SER B 313 58.32 -21.22 1.96
C SER B 313 56.88 -21.56 2.32
N ALA B 314 56.73 -22.47 3.27
CA ALA B 314 55.40 -22.88 3.71
C ALA B 314 55.43 -23.12 5.22
N GLY B 315 54.25 -23.04 5.83
CA GLY B 315 54.15 -23.26 7.26
C GLY B 315 52.73 -23.07 7.72
N VAL B 316 52.46 -23.55 8.93
CA VAL B 316 51.14 -23.41 9.54
C VAL B 316 51.10 -22.11 10.33
N ALA B 317 49.98 -21.39 10.22
CA ALA B 317 49.76 -20.12 10.89
C ALA B 317 50.84 -19.09 10.61
N ASN B 318 51.56 -19.24 9.50
CA ASN B 318 52.64 -18.34 9.12
C ASN B 318 52.15 -17.41 8.03
N ARG B 319 52.09 -16.11 8.34
CA ARG B 319 51.64 -15.11 7.38
C ARG B 319 52.77 -14.49 6.58
N SER B 320 54.02 -14.91 6.81
CA SER B 320 55.17 -14.42 6.07
C SER B 320 55.65 -15.43 5.03
N ALA B 321 54.96 -16.54 4.85
CA ALA B 321 55.37 -17.58 3.93
C ALA B 321 54.52 -17.53 2.66
N SER B 322 55.02 -18.21 1.62
CA SER B 322 54.27 -18.29 0.37
C SER B 322 52.96 -19.04 0.54
N ILE B 323 52.98 -20.13 1.30
CA ILE B 323 51.80 -20.95 1.55
C ILE B 323 51.56 -20.97 3.05
N ARG B 324 50.32 -20.68 3.45
CA ARG B 324 49.93 -20.64 4.86
C ARG B 324 48.82 -21.66 5.11
N ILE B 325 49.01 -22.49 6.12
CA ILE B 325 47.99 -23.41 6.59
C ILE B 325 47.32 -22.77 7.81
N PRO B 326 46.01 -22.55 7.79
CA PRO B 326 45.35 -21.98 8.97
C PRO B 326 45.49 -22.88 10.18
N ARG B 327 45.62 -22.26 11.35
CA ARG B 327 45.80 -23.02 12.58
C ARG B 327 44.61 -23.92 12.87
N THR B 328 43.40 -23.43 12.58
CA THR B 328 42.21 -24.25 12.75
C THR B 328 42.26 -25.47 11.84
N VAL B 329 42.71 -25.29 10.61
CA VAL B 329 42.81 -26.43 9.68
C VAL B 329 43.78 -27.47 10.21
N GLY B 330 44.92 -27.02 10.74
CA GLY B 330 45.89 -27.96 11.27
C GLY B 330 45.40 -28.72 12.49
N GLN B 331 44.60 -28.07 13.33
CA GLN B 331 44.10 -28.74 14.53
C GLN B 331 43.06 -29.80 14.18
N GLU B 332 42.18 -29.50 13.22
CA GLU B 332 41.13 -30.43 12.83
C GLU B 332 41.58 -31.43 11.76
N LYS B 333 42.82 -31.31 11.28
CA LYS B 333 43.39 -32.25 10.31
C LYS B 333 42.64 -32.25 8.99
N LYS B 334 41.92 -31.17 8.70
CA LYS B 334 41.16 -31.06 7.46
C LYS B 334 40.89 -29.60 7.17
N GLY B 335 40.57 -29.31 5.92
CA GLY B 335 40.27 -27.95 5.51
C GLY B 335 40.87 -27.53 4.18
N TYR B 336 41.68 -26.48 4.20
CA TYR B 336 42.24 -25.91 2.98
C TYR B 336 43.57 -25.26 3.30
N PHE B 337 44.19 -24.69 2.28
CA PHE B 337 45.42 -23.93 2.46
C PHE B 337 45.37 -22.68 1.59
N GLU B 338 46.17 -21.69 1.95
CA GLU B 338 46.13 -20.37 1.33
C GLU B 338 47.42 -20.11 0.58
N ASP B 339 47.29 -19.61 -0.65
CA ASP B 339 48.43 -19.19 -1.45
C ASP B 339 48.48 -17.67 -1.47
N ARG B 340 49.59 -17.10 -1.01
CA ARG B 340 49.71 -15.67 -0.80
C ARG B 340 50.57 -14.98 -1.85
N ARG B 341 50.95 -15.68 -2.91
CA ARG B 341 51.80 -15.12 -3.96
C ARG B 341 51.06 -14.24 -4.97
N PRO B 342 49.86 -14.59 -5.45
CA PRO B 342 49.26 -13.80 -6.54
C PRO B 342 49.05 -12.35 -6.15
N SER B 343 49.25 -11.46 -7.14
CA SER B 343 49.06 -10.03 -6.93
C SER B 343 47.61 -9.64 -7.15
N ALA B 344 47.30 -8.38 -6.85
CA ALA B 344 45.93 -7.90 -6.88
C ALA B 344 45.36 -7.81 -8.29
N ASN B 345 46.22 -7.73 -9.31
CA ASN B 345 45.77 -7.59 -10.69
C ASN B 345 45.87 -8.91 -11.46
N CYS B 346 45.85 -10.04 -10.77
CA CYS B 346 45.96 -11.33 -11.41
C CYS B 346 44.68 -11.68 -12.16
N ASP B 347 44.81 -12.62 -13.09
CA ASP B 347 43.65 -13.17 -13.80
C ASP B 347 43.18 -14.42 -13.08
N PRO B 348 41.95 -14.45 -12.56
CA PRO B 348 41.50 -15.65 -11.83
C PRO B 348 41.52 -16.92 -12.66
N PHE B 349 41.25 -16.84 -13.96
CA PHE B 349 41.29 -18.03 -14.81
C PHE B 349 42.70 -18.60 -14.89
N SER B 350 43.69 -17.71 -14.98
CA SER B 350 45.08 -18.17 -15.02
C SER B 350 45.50 -18.79 -13.69
N VAL B 351 45.09 -18.17 -12.58
CA VAL B 351 45.53 -18.64 -11.26
C VAL B 351 44.93 -20.00 -10.94
N THR B 352 43.63 -20.15 -11.17
CA THR B 352 42.97 -21.41 -10.82
C THR B 352 43.46 -22.56 -11.70
N GLU B 353 43.72 -22.28 -12.98
CA GLU B 353 44.19 -23.34 -13.88
C GLU B 353 45.56 -23.85 -13.46
N ALA B 354 46.45 -22.94 -13.06
CA ALA B 354 47.79 -23.36 -12.67
C ALA B 354 47.77 -24.27 -11.44
N LEU B 355 46.90 -23.96 -10.47
CA LEU B 355 46.80 -24.79 -9.27
C LEU B 355 46.33 -26.20 -9.62
N ILE B 356 45.35 -26.32 -10.52
CA ILE B 356 44.83 -27.63 -10.88
C ILE B 356 45.89 -28.45 -11.61
N ARG B 357 46.64 -27.80 -12.51
CA ARG B 357 47.64 -28.53 -13.29
C ARG B 357 48.73 -29.12 -12.39
N THR B 358 49.23 -28.33 -11.45
CA THR B 358 50.34 -28.79 -10.61
C THR B 358 49.88 -29.78 -9.55
N CYS B 359 48.74 -29.51 -8.91
CA CYS B 359 48.33 -30.30 -7.75
C CYS B 359 47.53 -31.54 -8.09
N LEU B 360 46.69 -31.48 -9.13
CA LEU B 360 45.80 -32.59 -9.45
C LEU B 360 46.23 -33.38 -10.68
N LEU B 361 46.70 -32.72 -11.73
CA LEU B 361 47.14 -33.40 -12.95
C LEU B 361 48.61 -33.77 -12.91
N ASN B 362 49.33 -33.39 -11.85
CA ASN B 362 50.73 -33.76 -11.66
C ASN B 362 51.61 -33.34 -12.83
N GLU B 363 51.31 -32.18 -13.40
CA GLU B 363 52.12 -31.65 -14.49
C GLU B 363 53.48 -31.20 -13.98
N THR B 364 54.47 -31.27 -14.86
CA THR B 364 55.83 -30.87 -14.55
C THR B 364 56.43 -30.15 -15.74
N GLY B 365 57.52 -29.42 -15.51
CA GLY B 365 58.16 -28.66 -16.54
C GLY B 365 57.82 -27.19 -16.50
N ASP B 366 58.16 -26.51 -17.59
CA ASP B 366 57.96 -25.07 -17.71
C ASP B 366 56.84 -24.69 -18.67
N GLU B 367 56.18 -25.67 -19.29
CA GLU B 367 55.10 -25.39 -20.22
C GLU B 367 53.91 -26.28 -19.91
N PRO B 368 52.70 -25.78 -20.12
CA PRO B 368 51.51 -26.62 -19.92
C PRO B 368 51.44 -27.74 -20.95
N PHE B 369 50.83 -28.84 -20.54
CA PHE B 369 50.62 -29.97 -21.45
C PHE B 369 49.57 -29.59 -22.48
N GLN B 370 49.94 -29.67 -23.76
CA GLN B 370 49.10 -29.10 -24.82
C GLN B 370 47.78 -29.84 -24.95
N TYR B 371 47.82 -31.17 -25.07
CA TYR B 371 46.63 -31.96 -25.30
C TYR B 371 46.11 -32.47 -23.97
N LYS B 372 45.08 -31.81 -23.44
CA LYS B 372 44.44 -32.17 -22.19
C LYS B 372 45.46 -32.43 -21.09
N ASN B 373 45.62 -33.69 -20.71
CA ASN B 373 46.62 -34.13 -19.74
C ASN B 373 46.53 -33.41 -18.40
N THR C 2 31.50 23.52 -17.62
CA THR C 2 30.51 24.13 -16.74
C THR C 2 29.09 23.86 -17.23
N THR C 3 28.13 23.90 -16.32
CA THR C 3 26.74 23.61 -16.61
C THR C 3 25.92 24.89 -16.54
N SER C 4 24.69 24.80 -17.06
CA SER C 4 23.80 25.95 -17.13
C SER C 4 23.34 26.38 -15.74
N ALA C 5 22.97 27.66 -15.64
CA ALA C 5 22.47 28.19 -14.38
C ALA C 5 21.14 27.54 -14.00
N SER C 6 20.35 27.14 -15.01
CA SER C 6 19.09 26.47 -14.73
C SER C 6 19.29 25.14 -14.03
N SER C 7 20.39 24.45 -14.32
CA SER C 7 20.67 23.17 -13.69
C SER C 7 21.04 23.30 -12.22
N HIS C 8 21.38 24.48 -11.75
CA HIS C 8 21.74 24.68 -10.35
C HIS C 8 20.53 25.02 -9.47
N LEU C 9 19.35 25.12 -10.05
CA LEU C 9 18.14 25.31 -9.25
C LEU C 9 17.83 24.03 -8.47
N ASN C 10 17.13 24.20 -7.35
CA ASN C 10 16.79 23.08 -6.48
C ASN C 10 15.79 22.19 -7.20
N LYS C 11 16.25 21.01 -7.62
CA LYS C 11 15.38 20.07 -8.32
C LYS C 11 14.40 19.37 -7.38
N GLY C 12 14.69 19.32 -6.09
CA GLY C 12 13.73 18.77 -5.15
C GLY C 12 12.45 19.57 -5.09
N ILE C 13 12.55 20.88 -5.29
CA ILE C 13 11.36 21.73 -5.31
C ILE C 13 10.44 21.34 -6.46
N LYS C 14 11.03 21.07 -7.63
CA LYS C 14 10.22 20.73 -8.79
C LYS C 14 9.47 19.43 -8.60
N GLN C 15 10.11 18.44 -7.97
CA GLN C 15 9.46 17.15 -7.79
C GLN C 15 8.23 17.25 -6.89
N VAL C 16 8.23 18.17 -5.93
CA VAL C 16 7.06 18.34 -5.07
C VAL C 16 5.86 18.79 -5.90
N TYR C 17 6.07 19.74 -6.80
CA TYR C 17 4.97 20.22 -7.64
C TYR C 17 4.50 19.14 -8.61
N MET C 18 5.43 18.39 -9.19
CA MET C 18 5.06 17.34 -10.14
C MET C 18 4.38 16.15 -9.47
N SER C 19 4.40 16.07 -8.13
CA SER C 19 3.73 15.00 -7.42
C SER C 19 2.26 15.28 -7.18
N LEU C 20 1.80 16.49 -7.45
CA LEU C 20 0.38 16.80 -7.26
C LEU C 20 -0.46 16.03 -8.26
N PRO C 21 -1.61 15.48 -7.85
CA PRO C 21 -2.49 14.82 -8.82
C PRO C 21 -2.95 15.79 -9.88
N GLN C 22 -3.02 15.30 -11.13
CA GLN C 22 -3.26 16.19 -12.25
C GLN C 22 -4.73 16.57 -12.36
N GLY C 23 -5.61 15.58 -12.37
CA GLY C 23 -7.03 15.82 -12.56
C GLY C 23 -7.56 15.29 -13.87
N GLU C 24 -8.48 16.03 -14.50
CA GLU C 24 -9.10 15.58 -15.74
C GLU C 24 -8.39 16.07 -16.98
N LYS C 25 -7.73 17.22 -16.93
CA LYS C 25 -7.11 17.81 -18.10
C LYS C 25 -5.85 17.05 -18.49
N VAL C 26 -5.50 17.12 -19.77
CA VAL C 26 -4.35 16.42 -20.33
C VAL C 26 -3.49 17.41 -21.10
N GLN C 27 -2.18 17.33 -20.91
CA GLN C 27 -1.22 18.17 -21.60
C GLN C 27 -0.69 17.47 -22.84
N ALA C 28 -0.58 18.21 -23.94
CA ALA C 28 -0.02 17.70 -25.19
C ALA C 28 1.06 18.65 -25.66
N MET C 29 2.23 18.10 -25.98
CA MET C 29 3.36 18.89 -26.44
C MET C 29 3.57 18.67 -27.92
N TYR C 30 3.42 19.74 -28.71
CA TYR C 30 3.58 19.67 -30.15
C TYR C 30 5.04 19.93 -30.51
N ILE C 31 5.57 19.13 -31.42
CA ILE C 31 6.98 19.22 -31.82
C ILE C 31 7.06 19.29 -33.33
N TRP C 32 7.91 20.17 -33.85
CA TRP C 32 8.10 20.31 -35.28
C TRP C 32 9.54 20.74 -35.57
N ILE C 33 9.91 20.68 -36.84
CA ILE C 33 11.26 21.01 -37.30
C ILE C 33 11.23 22.42 -37.88
N ASP C 34 12.22 23.23 -37.51
CA ASP C 34 12.28 24.62 -37.92
C ASP C 34 12.89 24.75 -39.32
N GLY C 35 13.18 25.99 -39.73
CA GLY C 35 13.67 26.27 -41.07
C GLY C 35 15.13 25.93 -41.32
N THR C 36 15.90 25.66 -40.27
CA THR C 36 17.30 25.29 -40.46
C THR C 36 17.47 23.83 -40.86
N GLY C 37 16.42 23.01 -40.74
CA GLY C 37 16.49 21.61 -41.07
C GLY C 37 17.13 20.74 -40.02
N GLU C 38 17.57 21.31 -38.89
CA GLU C 38 18.21 20.54 -37.85
C GLU C 38 17.60 20.83 -36.49
N GLY C 39 17.02 22.03 -36.33
CA GLY C 39 16.48 22.43 -35.06
C GLY C 39 15.08 21.89 -34.80
N LEU C 40 14.72 21.85 -33.53
CA LEU C 40 13.42 21.40 -33.08
C LEU C 40 12.76 22.48 -32.22
N ARG C 41 11.44 22.60 -32.34
CA ARG C 41 10.66 23.55 -31.57
C ARG C 41 9.50 22.82 -30.91
N CYS C 42 8.99 23.39 -29.82
CA CYS C 42 7.92 22.73 -29.08
C CYS C 42 7.12 23.76 -28.30
N LYS C 43 5.84 23.43 -28.08
CA LYS C 43 4.98 24.17 -27.16
C LYS C 43 3.83 23.26 -26.75
N THR C 44 3.14 23.67 -25.68
CA THR C 44 2.18 22.80 -25.00
C THR C 44 0.79 23.44 -25.00
N ARG C 45 -0.23 22.60 -25.11
CA ARG C 45 -1.61 23.01 -24.95
C ARG C 45 -2.35 22.00 -24.08
N THR C 46 -3.50 22.43 -23.57
CA THR C 46 -4.31 21.61 -22.67
C THR C 46 -5.48 21.00 -23.43
N LEU C 47 -5.74 19.72 -23.18
CA LEU C 47 -6.86 19.01 -23.78
C LEU C 47 -7.84 18.57 -22.70
N ASP C 48 -9.11 18.48 -23.09
CA ASP C 48 -10.15 18.15 -22.12
C ASP C 48 -10.12 16.69 -21.70
N SER C 49 -9.69 15.80 -22.60
CA SER C 49 -9.66 14.37 -22.29
C SER C 49 -8.49 13.74 -23.02
N GLU C 50 -8.10 12.56 -22.54
CA GLU C 50 -6.96 11.87 -23.13
C GLU C 50 -7.31 11.35 -24.51
N PRO C 51 -6.59 11.73 -25.55
CA PRO C 51 -6.84 11.17 -26.88
C PRO C 51 -6.29 9.76 -26.99
N LYS C 52 -7.05 8.90 -27.64
CA LYS C 52 -6.63 7.52 -27.83
C LYS C 52 -5.95 7.26 -29.17
N CYS C 53 -6.07 8.18 -30.11
CA CYS C 53 -5.47 8.00 -31.42
C CYS C 53 -5.02 9.36 -31.95
N VAL C 54 -4.08 9.32 -32.90
CA VAL C 54 -3.49 10.56 -33.40
C VAL C 54 -4.50 11.38 -34.19
N GLU C 55 -5.53 10.74 -34.74
CA GLU C 55 -6.53 11.48 -35.51
C GLU C 55 -7.43 12.33 -34.63
N GLU C 56 -7.41 12.13 -33.31
CA GLU C 56 -8.24 12.93 -32.42
C GLU C 56 -7.60 14.26 -32.05
N LEU C 57 -6.33 14.46 -32.40
CA LEU C 57 -5.63 15.68 -32.01
C LEU C 57 -5.99 16.82 -32.95
N PRO C 58 -6.41 17.97 -32.44
CA PRO C 58 -6.73 19.10 -33.32
C PRO C 58 -5.47 19.71 -33.93
N GLU C 59 -5.67 20.40 -35.05
CA GLU C 59 -4.58 21.11 -35.69
C GLU C 59 -4.24 22.38 -34.91
N TRP C 60 -3.02 22.89 -35.12
CA TRP C 60 -2.58 24.09 -34.44
C TRP C 60 -1.81 24.99 -35.40
N ASN C 61 -1.21 26.05 -34.89
CA ASN C 61 -0.49 27.01 -35.71
C ASN C 61 0.59 27.68 -34.88
N PHE C 62 1.53 28.33 -35.58
CA PHE C 62 2.61 29.06 -34.92
C PHE C 62 3.07 30.17 -35.85
N ASP C 63 3.81 31.12 -35.27
CA ASP C 63 4.32 32.27 -36.02
C ASP C 63 5.61 31.88 -36.71
N GLY C 64 5.57 31.77 -38.04
CA GLY C 64 6.73 31.37 -38.80
C GLY C 64 7.81 32.42 -38.93
N SER C 65 7.49 33.68 -38.70
CA SER C 65 8.48 34.74 -38.79
C SER C 65 9.53 34.65 -37.69
N SER C 66 9.20 34.05 -36.56
CA SER C 66 10.14 33.84 -35.47
C SER C 66 11.01 32.60 -35.66
N THR C 67 10.67 31.72 -36.61
CA THR C 67 11.45 30.52 -36.90
C THR C 67 12.06 30.53 -38.29
N LEU C 68 12.24 31.74 -38.86
CA LEU C 68 12.88 31.86 -40.20
C LEU C 68 12.23 30.87 -41.18
N GLN C 69 10.90 30.79 -41.17
CA GLN C 69 10.19 29.92 -42.08
C GLN C 69 9.11 30.64 -42.89
N SER C 70 8.97 31.96 -42.73
CA SER C 70 7.92 32.66 -43.45
C SER C 70 8.30 34.13 -43.57
N GLU C 71 7.55 34.83 -44.43
CA GLU C 71 7.74 36.26 -44.64
C GLU C 71 6.97 37.04 -43.57
N GLY C 72 6.86 38.34 -43.75
CA GLY C 72 6.22 39.20 -42.77
C GLY C 72 4.71 39.17 -42.78
N SER C 73 4.10 39.41 -43.94
CA SER C 73 2.65 39.55 -44.02
C SER C 73 1.95 38.24 -43.66
N ASN C 74 2.18 37.20 -44.47
CA ASN C 74 1.58 35.88 -44.23
C ASN C 74 2.61 35.05 -43.48
N SER C 75 2.65 35.23 -42.16
CA SER C 75 3.63 34.57 -41.32
C SER C 75 3.12 33.31 -40.64
N ASP C 76 1.80 33.13 -40.58
CA ASP C 76 1.25 31.97 -39.88
C ASP C 76 1.53 30.69 -40.64
N MET C 77 1.90 29.64 -39.92
CA MET C 77 2.05 28.30 -40.45
C MET C 77 1.18 27.34 -39.65
N TYR C 78 0.90 26.18 -40.23
CA TYR C 78 0.00 25.21 -39.64
C TYR C 78 0.75 23.97 -39.21
N LEU C 79 0.33 23.41 -38.07
CA LEU C 79 0.90 22.17 -37.55
C LEU C 79 -0.14 21.06 -37.67
N VAL C 80 0.22 20.00 -38.38
CA VAL C 80 -0.67 18.85 -38.55
C VAL C 80 -0.07 17.65 -37.83
N PRO C 81 -0.74 17.12 -36.80
CA PRO C 81 -0.18 15.98 -36.08
C PRO C 81 0.04 14.78 -36.98
N ALA C 82 1.14 14.07 -36.73
CA ALA C 82 1.52 12.91 -37.52
C ALA C 82 1.77 11.66 -36.69
N ALA C 83 2.33 11.80 -35.49
CA ALA C 83 2.59 10.66 -34.63
C ALA C 83 2.41 11.08 -33.18
N MET C 84 2.07 10.11 -32.34
CA MET C 84 1.81 10.36 -30.93
C MET C 84 2.59 9.38 -30.08
N PHE C 85 3.09 9.87 -28.94
CA PHE C 85 3.87 9.05 -28.02
C PHE C 85 3.53 9.44 -26.59
N ARG C 86 3.83 8.53 -25.66
CA ARG C 86 3.69 8.84 -24.25
C ARG C 86 4.77 9.83 -23.82
N ASP C 87 4.40 10.73 -22.91
CA ASP C 87 5.31 11.77 -22.44
C ASP C 87 6.11 11.25 -21.27
N PRO C 88 7.42 11.09 -21.38
CA PRO C 88 8.20 10.59 -20.24
C PRO C 88 8.56 11.65 -19.23
N PHE C 89 8.40 12.94 -19.55
CA PHE C 89 8.74 14.00 -18.62
C PHE C 89 7.55 14.41 -17.77
N ARG C 90 6.33 14.08 -18.19
CA ARG C 90 5.13 14.35 -17.41
C ARG C 90 4.33 13.09 -17.10
N LYS C 91 4.70 11.95 -17.65
CA LYS C 91 4.04 10.66 -17.41
C LYS C 91 2.62 10.65 -17.94
N ASP C 92 1.96 9.50 -17.84
CA ASP C 92 0.60 9.37 -18.34
C ASP C 92 -0.35 10.28 -17.56
N PRO C 93 -1.41 10.77 -18.19
CA PRO C 93 -1.85 10.53 -19.58
C PRO C 93 -1.34 11.56 -20.58
N ASN C 94 -0.29 12.29 -20.26
CA ASN C 94 0.20 13.33 -21.16
C ASN C 94 0.92 12.73 -22.37
N LYS C 95 0.92 13.46 -23.47
CA LYS C 95 1.36 12.92 -24.76
C LYS C 95 2.37 13.85 -25.41
N LEU C 96 3.19 13.26 -26.30
CA LEU C 96 4.07 14.00 -27.19
C LEU C 96 3.58 13.83 -28.61
N VAL C 97 3.51 14.93 -29.35
CA VAL C 97 2.95 14.95 -30.69
C VAL C 97 3.99 15.47 -31.66
N LEU C 98 4.32 14.66 -32.67
CA LEU C 98 5.19 15.09 -33.76
C LEU C 98 4.32 15.53 -34.93
N CYS C 99 4.60 16.71 -35.48
CA CYS C 99 3.73 17.34 -36.44
C CYS C 99 4.48 17.69 -37.72
N GLU C 100 3.72 17.87 -38.79
CA GLU C 100 4.23 18.37 -40.06
C GLU C 100 3.89 19.85 -40.20
N VAL C 101 4.71 20.57 -40.97
CA VAL C 101 4.59 22.01 -41.12
C VAL C 101 4.08 22.33 -42.52
N PHE C 102 3.06 23.16 -42.60
CA PHE C 102 2.50 23.60 -43.86
C PHE C 102 2.42 25.12 -43.88
N LYS C 103 2.52 25.70 -45.08
CA LYS C 103 2.43 27.13 -45.24
C LYS C 103 0.98 27.60 -45.16
N TYR C 104 0.78 28.92 -45.25
CA TYR C 104 -0.56 29.47 -45.10
C TYR C 104 -1.48 29.03 -46.23
N ASN C 105 -0.93 28.71 -47.40
CA ASN C 105 -1.71 28.22 -48.52
C ASN C 105 -1.81 26.69 -48.54
N ARG C 106 -1.63 26.05 -47.39
CA ARG C 106 -1.70 24.60 -47.22
C ARG C 106 -0.67 23.84 -48.04
N ARG C 107 0.39 24.51 -48.49
CA ARG C 107 1.46 23.81 -49.16
C ARG C 107 2.53 23.38 -48.15
N PRO C 108 3.21 22.27 -48.40
CA PRO C 108 4.24 21.82 -47.46
C PRO C 108 5.38 22.83 -47.37
N ALA C 109 5.96 22.91 -46.18
CA ALA C 109 7.06 23.83 -45.94
C ALA C 109 8.33 23.34 -46.65
N GLU C 110 9.31 24.24 -46.75
CA GLU C 110 10.54 23.89 -47.44
C GLU C 110 11.30 22.79 -46.72
N THR C 111 11.30 22.83 -45.38
CA THR C 111 11.95 21.80 -44.59
C THR C 111 11.05 20.61 -44.29
N ASN C 112 9.81 20.63 -44.78
CA ASN C 112 8.89 19.50 -44.60
C ASN C 112 9.22 18.46 -45.64
N LEU C 113 9.97 17.43 -45.23
CA LEU C 113 10.36 16.35 -46.13
C LEU C 113 9.60 15.06 -45.87
N ARG C 114 8.79 15.01 -44.81
CA ARG C 114 8.01 13.81 -44.54
C ARG C 114 6.88 13.64 -45.54
N HIS C 115 6.39 14.75 -46.11
CA HIS C 115 5.27 14.67 -47.04
C HIS C 115 5.63 13.84 -48.27
N THR C 116 6.77 14.12 -48.89
CA THR C 116 7.18 13.37 -50.06
C THR C 116 7.65 11.96 -49.71
N CYS C 117 8.34 11.81 -48.57
CA CYS C 117 8.85 10.51 -48.17
C CYS C 117 7.71 9.53 -47.91
N LYS C 118 6.63 10.00 -47.30
CA LYS C 118 5.51 9.10 -46.98
C LYS C 118 4.89 8.52 -48.24
N ARG C 119 4.72 9.35 -49.27
CA ARG C 119 4.13 8.86 -50.52
C ARG C 119 5.04 7.84 -51.19
N ILE C 120 6.35 8.04 -51.11
CA ILE C 120 7.30 7.09 -51.68
C ILE C 120 7.20 5.75 -50.94
N MET C 121 7.11 5.79 -49.61
CA MET C 121 7.03 4.56 -48.83
C MET C 121 5.75 3.79 -49.14
N ASP C 122 4.63 4.49 -49.34
CA ASP C 122 3.38 3.82 -49.70
C ASP C 122 3.47 3.12 -51.05
N MET C 123 4.42 3.50 -51.89
CA MET C 123 4.54 2.94 -53.23
C MET C 123 5.25 1.59 -53.26
N VAL C 124 5.96 1.24 -52.19
CA VAL C 124 6.68 -0.02 -52.12
C VAL C 124 6.29 -0.75 -50.83
N SER C 125 5.07 -0.50 -50.35
CA SER C 125 4.65 -1.02 -49.06
C SER C 125 4.64 -2.54 -49.02
N ASN C 126 4.41 -3.18 -50.16
CA ASN C 126 4.34 -4.64 -50.17
C ASN C 126 5.70 -5.29 -49.99
N GLN C 127 6.78 -4.57 -50.25
CA GLN C 127 8.13 -5.11 -50.09
C GLN C 127 8.65 -4.99 -48.66
N HIS C 128 7.97 -4.22 -47.80
CA HIS C 128 8.30 -4.10 -46.39
C HIS C 128 9.76 -3.72 -46.15
N PRO C 129 10.16 -2.50 -46.50
CA PRO C 129 11.53 -2.07 -46.22
C PRO C 129 11.72 -1.81 -44.73
N TRP C 130 12.89 -2.19 -44.22
CA TRP C 130 13.25 -1.98 -42.82
C TRP C 130 14.48 -1.10 -42.73
N PHE C 131 14.54 -0.26 -41.70
CA PHE C 131 15.64 0.66 -41.50
C PHE C 131 16.16 0.58 -40.08
N GLY C 132 17.46 0.78 -39.93
CA GLY C 132 18.08 0.89 -38.62
C GLY C 132 19.22 1.88 -38.66
N MET C 133 19.19 2.88 -37.79
CA MET C 133 20.15 3.98 -37.81
C MET C 133 20.90 4.05 -36.49
N GLU C 134 22.19 4.36 -36.57
CA GLU C 134 23.05 4.50 -35.40
C GLU C 134 23.40 5.98 -35.25
N GLN C 135 22.85 6.62 -34.23
CA GLN C 135 23.04 8.05 -34.03
C GLN C 135 24.16 8.29 -33.03
N GLU C 136 25.18 9.02 -33.45
CA GLU C 136 26.28 9.39 -32.58
C GLU C 136 26.16 10.86 -32.19
N TYR C 137 26.67 11.18 -31.00
CA TYR C 137 26.59 12.55 -30.50
C TYR C 137 27.68 12.75 -29.46
N THR C 138 27.93 14.02 -29.14
CA THR C 138 28.92 14.41 -28.15
C THR C 138 28.26 15.29 -27.09
N LEU C 139 28.59 15.03 -25.83
CA LEU C 139 28.10 15.85 -24.73
C LEU C 139 29.05 17.00 -24.48
N MET C 140 28.52 18.22 -24.48
CA MET C 140 29.33 19.42 -24.36
C MET C 140 28.82 20.27 -23.21
N GLY C 141 29.75 20.96 -22.55
CA GLY C 141 29.37 21.92 -21.54
C GLY C 141 28.88 23.22 -22.15
N THR C 142 28.35 24.09 -21.30
CA THR C 142 27.85 25.38 -21.77
C THR C 142 28.96 26.31 -22.20
N ASP C 143 30.23 25.97 -21.93
CA ASP C 143 31.36 26.79 -22.32
C ASP C 143 31.91 26.44 -23.70
N GLY C 144 31.27 25.51 -24.40
CA GLY C 144 31.71 25.15 -25.74
C GLY C 144 32.78 24.11 -25.83
N HIS C 145 32.99 23.32 -24.78
CA HIS C 145 33.99 22.28 -24.77
C HIS C 145 33.37 20.95 -24.33
N PRO C 146 33.95 19.81 -24.71
CA PRO C 146 33.36 18.52 -24.35
C PRO C 146 33.24 18.37 -22.84
N PHE C 147 32.12 17.77 -22.42
CA PHE C 147 31.84 17.64 -21.00
C PHE C 147 32.86 16.72 -20.33
N GLY C 148 33.38 17.16 -19.19
CA GLY C 148 34.34 16.39 -18.44
C GLY C 148 35.78 16.50 -18.88
N TRP C 149 36.05 17.24 -19.95
CA TRP C 149 37.42 17.41 -20.42
C TRP C 149 38.16 18.40 -19.53
N PRO C 150 39.48 18.31 -19.45
CA PRO C 150 40.25 19.28 -18.66
C PRO C 150 40.07 20.69 -19.20
N SER C 151 40.06 21.66 -18.28
CA SER C 151 39.90 23.06 -18.67
C SER C 151 41.09 23.50 -19.52
N ASN C 152 40.79 23.89 -20.76
CA ASN C 152 41.80 24.32 -21.73
C ASN C 152 42.85 23.24 -21.99
N GLY C 153 42.45 21.97 -21.92
CA GLY C 153 43.37 20.88 -22.13
C GLY C 153 42.73 19.67 -22.77
N PHE C 154 43.46 18.56 -22.84
CA PHE C 154 42.98 17.36 -23.50
C PHE C 154 43.18 16.16 -22.58
N PRO C 155 42.33 15.14 -22.71
CA PRO C 155 42.58 13.89 -21.98
C PRO C 155 43.63 13.04 -22.68
N GLY C 156 43.85 11.82 -22.19
CA GLY C 156 44.85 10.95 -22.75
C GLY C 156 44.50 10.51 -24.16
N PRO C 157 45.44 9.83 -24.82
CA PRO C 157 45.18 9.38 -26.19
C PRO C 157 44.07 8.34 -26.25
N GLN C 158 43.46 8.21 -27.42
CA GLN C 158 42.33 7.32 -27.60
C GLN C 158 42.76 5.86 -27.42
N GLY C 159 41.77 5.01 -27.16
CA GLY C 159 42.00 3.60 -27.00
C GLY C 159 41.34 2.97 -25.79
N PRO C 160 41.35 3.64 -24.63
CA PRO C 160 40.64 3.11 -23.47
C PRO C 160 39.21 3.58 -23.29
N TYR C 161 38.72 4.47 -24.15
CA TYR C 161 37.39 5.04 -23.95
C TYR C 161 36.29 4.27 -24.67
N TYR C 162 36.63 3.52 -25.72
CA TYR C 162 35.62 2.78 -26.46
C TYR C 162 35.01 1.69 -25.58
N CYS C 163 33.70 1.79 -25.34
CA CYS C 163 32.97 0.85 -24.50
C CYS C 163 33.60 0.73 -23.11
N GLY C 164 34.10 1.85 -22.60
CA GLY C 164 34.82 1.84 -21.34
C GLY C 164 33.91 1.91 -20.13
N VAL C 165 34.48 1.55 -18.98
CA VAL C 165 33.79 1.62 -17.71
C VAL C 165 34.76 2.19 -16.67
N GLY C 166 34.25 3.08 -15.82
CA GLY C 166 35.08 3.71 -14.81
C GLY C 166 35.00 5.22 -14.83
N ALA C 167 35.38 5.86 -13.72
CA ALA C 167 35.27 7.30 -13.63
C ALA C 167 36.22 8.01 -14.57
N ASP C 168 37.31 7.36 -14.95
CA ASP C 168 38.30 7.96 -15.84
C ASP C 168 38.16 7.50 -17.28
N ARG C 169 37.11 6.78 -17.62
CA ARG C 169 36.96 6.24 -18.96
C ARG C 169 35.63 6.57 -19.61
N ALA C 170 34.57 6.80 -18.83
CA ALA C 170 33.26 7.14 -19.36
C ALA C 170 32.77 8.42 -18.70
N TYR C 171 32.39 9.39 -19.52
CA TYR C 171 31.92 10.69 -19.04
C TYR C 171 30.44 10.84 -19.34
N GLY C 172 29.66 11.19 -18.32
CA GLY C 172 28.26 11.49 -18.50
C GLY C 172 27.36 10.31 -18.76
N ARG C 173 27.59 9.19 -18.08
CA ARG C 173 26.72 8.03 -18.26
C ARG C 173 25.32 8.27 -17.71
N ASP C 174 25.14 9.25 -16.82
CA ASP C 174 23.83 9.51 -16.25
C ASP C 174 22.85 9.94 -17.34
N ILE C 175 23.29 10.78 -18.26
CA ILE C 175 22.43 11.21 -19.36
C ILE C 175 22.03 10.02 -20.21
N VAL C 176 22.98 9.13 -20.51
CA VAL C 176 22.70 7.99 -21.37
C VAL C 176 21.67 7.06 -20.73
N GLU C 177 21.85 6.78 -19.43
CA GLU C 177 20.92 5.89 -18.74
C GLU C 177 19.53 6.49 -18.69
N ALA C 178 19.43 7.79 -18.40
CA ALA C 178 18.13 8.45 -18.36
C ALA C 178 17.47 8.47 -19.73
N HIS C 179 18.25 8.72 -20.78
CA HIS C 179 17.71 8.75 -22.13
C HIS C 179 17.20 7.38 -22.54
N TYR C 180 17.92 6.32 -22.19
CA TYR C 180 17.48 4.96 -22.53
C TYR C 180 16.14 4.64 -21.89
N ARG C 181 15.99 4.94 -20.60
CA ARG C 181 14.74 4.63 -19.92
C ARG C 181 13.60 5.49 -20.44
N ALA C 182 13.88 6.76 -20.75
CA ALA C 182 12.83 7.64 -21.25
C ALA C 182 12.33 7.18 -22.61
N CYS C 183 13.23 6.74 -23.49
CA CYS C 183 12.81 6.30 -24.81
C CYS C 183 11.95 5.03 -24.74
N LEU C 184 12.30 4.10 -23.84
CA LEU C 184 11.50 2.90 -23.68
C LEU C 184 10.10 3.23 -23.18
N TYR C 185 10.00 4.15 -22.23
CA TYR C 185 8.69 4.54 -21.71
C TYR C 185 7.83 5.19 -22.78
N ALA C 186 8.43 6.03 -23.61
CA ALA C 186 7.65 6.74 -24.63
C ALA C 186 7.20 5.83 -25.76
N GLY C 187 7.85 4.70 -25.96
CA GLY C 187 7.53 3.81 -27.06
C GLY C 187 8.44 3.89 -28.25
N VAL C 188 9.56 4.60 -28.15
CA VAL C 188 10.53 4.68 -29.23
C VAL C 188 11.30 3.38 -29.29
N LYS C 189 11.46 2.83 -30.50
CA LYS C 189 12.11 1.53 -30.69
C LYS C 189 13.63 1.71 -30.64
N ILE C 190 14.15 1.79 -29.43
CA ILE C 190 15.58 1.94 -29.20
C ILE C 190 16.19 0.55 -29.01
N ALA C 191 17.30 0.29 -29.71
CA ALA C 191 17.90 -1.03 -29.75
C ALA C 191 19.08 -1.22 -28.82
N GLY C 192 19.84 -0.17 -28.52
CA GLY C 192 20.98 -0.31 -27.63
C GLY C 192 21.86 0.91 -27.69
N THR C 193 22.85 0.93 -26.81
CA THR C 193 23.77 2.05 -26.67
C THR C 193 25.18 1.51 -26.41
N ASN C 194 26.17 2.38 -26.67
CA ASN C 194 27.55 2.08 -26.33
C ASN C 194 28.33 3.38 -26.29
N ALA C 195 29.47 3.34 -25.60
CA ALA C 195 30.38 4.47 -25.57
C ALA C 195 31.30 4.43 -26.78
N GLU C 196 31.68 5.62 -27.25
CA GLU C 196 32.41 5.77 -28.49
C GLU C 196 33.91 5.96 -28.22
N VAL C 197 34.67 6.14 -29.31
CA VAL C 197 36.12 6.21 -29.20
C VAL C 197 36.55 7.45 -28.44
N MET C 198 36.01 8.61 -28.79
CA MET C 198 36.36 9.83 -28.09
C MET C 198 35.64 9.88 -26.74
N PRO C 199 36.31 10.31 -25.67
CA PRO C 199 35.61 10.46 -24.40
C PRO C 199 34.51 11.50 -24.49
N ALA C 200 33.43 11.26 -23.75
CA ALA C 200 32.19 12.03 -23.77
C ALA C 200 31.43 11.91 -25.09
N GLN C 201 31.77 10.93 -25.92
CA GLN C 201 31.02 10.62 -27.13
C GLN C 201 30.28 9.31 -26.96
N TRP C 202 29.02 9.29 -27.39
CA TRP C 202 28.17 8.12 -27.21
C TRP C 202 27.40 7.85 -28.50
N GLU C 203 26.63 6.77 -28.48
CA GLU C 203 25.86 6.36 -29.65
C GLU C 203 24.70 5.48 -29.20
N PHE C 204 23.54 5.65 -29.84
CA PHE C 204 22.39 4.79 -29.61
C PHE C 204 21.82 4.35 -30.95
N GLN C 205 21.16 3.19 -30.96
CA GLN C 205 20.63 2.59 -32.16
C GLN C 205 19.10 2.54 -32.12
N ILE C 206 18.48 2.85 -33.24
CA ILE C 206 17.03 2.82 -33.39
C ILE C 206 16.68 1.85 -34.51
N GLY C 207 15.77 0.93 -34.23
CA GLY C 207 15.29 0.02 -35.24
C GLY C 207 15.22 -1.42 -34.78
N PRO C 208 14.86 -2.33 -35.69
CA PRO C 208 14.49 -2.09 -37.09
C PRO C 208 13.09 -1.51 -37.21
N CYS C 209 12.89 -0.50 -38.06
CA CYS C 209 11.61 0.17 -38.18
C CYS C 209 11.10 0.05 -39.61
N GLU C 210 9.78 0.07 -39.73
CA GLU C 210 9.11 -0.19 -41.00
C GLU C 210 8.72 1.11 -41.68
N GLY C 211 9.26 1.34 -42.87
CA GLY C 211 8.80 2.42 -43.73
C GLY C 211 8.96 3.80 -43.11
N ILE C 212 7.88 4.58 -43.18
CA ILE C 212 7.91 5.96 -42.73
C ILE C 212 8.08 6.06 -41.22
N SER C 213 7.78 4.97 -40.51
CA SER C 213 7.84 5.02 -39.05
C SER C 213 9.26 5.19 -38.55
N MET C 214 10.26 4.94 -39.41
CA MET C 214 11.65 5.04 -38.96
C MET C 214 12.04 6.50 -38.73
N GLY C 215 11.68 7.38 -39.67
CA GLY C 215 12.00 8.79 -39.51
C GLY C 215 11.30 9.42 -38.32
N ASP C 216 10.07 9.00 -38.05
CA ASP C 216 9.36 9.52 -36.89
C ASP C 216 10.05 9.12 -35.59
N HIS C 217 10.52 7.88 -35.49
CA HIS C 217 11.14 7.42 -34.26
C HIS C 217 12.48 8.09 -34.00
N LEU C 218 13.25 8.38 -35.05
CA LEU C 218 14.55 9.02 -34.85
C LEU C 218 14.40 10.46 -34.37
N TRP C 219 13.47 11.21 -34.97
CA TRP C 219 13.30 12.61 -34.61
C TRP C 219 12.82 12.74 -33.16
N VAL C 220 11.90 11.88 -32.74
CA VAL C 220 11.42 11.92 -31.36
C VAL C 220 12.53 11.53 -30.40
N ALA C 221 13.36 10.56 -30.79
CA ALA C 221 14.51 10.19 -29.97
C ALA C 221 15.48 11.35 -29.82
N ARG C 222 15.68 12.11 -30.90
CA ARG C 222 16.54 13.29 -30.84
C ARG C 222 15.97 14.33 -29.89
N PHE C 223 14.65 14.53 -29.93
CA PHE C 223 14.01 15.50 -29.05
C PHE C 223 14.18 15.11 -27.59
N ILE C 224 14.01 13.83 -27.28
CA ILE C 224 14.12 13.37 -25.90
C ILE C 224 15.54 13.57 -25.40
N LEU C 225 16.53 13.36 -26.26
CA LEU C 225 17.92 13.59 -25.86
C LEU C 225 18.16 15.05 -25.50
N HIS C 226 17.65 15.97 -26.32
CA HIS C 226 17.82 17.39 -26.03
C HIS C 226 17.12 17.76 -24.72
N ARG C 227 15.91 17.25 -24.51
CA ARG C 227 15.16 17.59 -23.31
C ARG C 227 15.80 16.99 -22.06
N VAL C 228 16.32 15.77 -22.16
CA VAL C 228 17.00 15.16 -21.02
C VAL C 228 18.28 15.91 -20.69
N CYS C 229 19.05 16.27 -21.71
CA CYS C 229 20.29 17.01 -21.48
C CYS C 229 20.02 18.37 -20.87
N GLU C 230 18.86 18.96 -21.19
CA GLU C 230 18.49 20.25 -20.61
C GLU C 230 18.33 20.15 -19.10
N ASP C 231 17.79 19.03 -18.61
CA ASP C 231 17.63 18.86 -17.16
C ASP C 231 18.98 18.83 -16.45
N PHE C 232 19.97 18.17 -17.05
CA PHE C 232 21.29 18.07 -16.45
C PHE C 232 22.16 19.30 -16.70
N GLY C 233 21.75 20.18 -17.61
CA GLY C 233 22.50 21.39 -17.86
C GLY C 233 23.63 21.27 -18.86
N VAL C 234 23.60 20.25 -19.72
CA VAL C 234 24.63 20.06 -20.74
C VAL C 234 23.97 20.13 -22.11
N ILE C 235 24.81 20.15 -23.14
CA ILE C 235 24.38 20.29 -24.52
C ILE C 235 24.81 19.07 -25.31
N ALA C 236 23.88 18.50 -26.07
CA ALA C 236 24.17 17.40 -26.97
C ALA C 236 24.25 17.94 -28.40
N THR C 237 25.37 17.65 -29.07
CA THR C 237 25.61 18.16 -30.41
C THR C 237 25.71 17.00 -31.40
N PHE C 238 25.13 17.19 -32.58
CA PHE C 238 25.20 16.22 -33.66
C PHE C 238 26.18 16.64 -34.74
N ASP C 239 27.07 17.58 -34.44
CA ASP C 239 28.02 18.06 -35.44
C ASP C 239 28.94 16.92 -35.88
N PRO C 240 29.18 16.76 -37.19
CA PRO C 240 30.00 15.64 -37.65
C PRO C 240 31.42 15.65 -37.11
N LYS C 241 32.03 16.82 -36.92
CA LYS C 241 33.40 16.94 -36.41
C LYS C 241 33.43 17.95 -35.28
N PRO C 242 32.97 17.56 -34.09
CA PRO C 242 32.93 18.52 -32.97
C PRO C 242 34.31 19.04 -32.57
N ILE C 243 35.34 18.21 -32.65
CA ILE C 243 36.69 18.57 -32.20
C ILE C 243 37.65 18.31 -33.35
N PRO C 244 38.44 19.31 -33.77
CA PRO C 244 39.40 19.08 -34.84
C PRO C 244 40.58 18.26 -34.37
N GLY C 245 41.26 17.64 -35.35
CA GLY C 245 42.48 16.91 -35.06
C GLY C 245 42.30 15.40 -35.00
N ASN C 246 43.13 14.74 -34.18
CA ASN C 246 43.10 13.29 -34.05
C ASN C 246 42.02 12.83 -33.07
N TRP C 247 40.76 13.13 -33.40
CA TRP C 247 39.63 12.72 -32.58
C TRP C 247 38.53 12.19 -33.49
N ASN C 248 37.77 11.22 -32.99
CA ASN C 248 36.78 10.54 -33.80
C ASN C 248 35.66 11.48 -34.23
N GLY C 249 35.17 11.28 -35.45
CA GLY C 249 34.04 12.02 -35.96
C GLY C 249 32.72 11.40 -35.54
N ALA C 250 31.63 12.01 -36.01
CA ALA C 250 30.28 11.57 -35.68
C ALA C 250 29.50 11.34 -36.96
N GLY C 251 28.98 10.13 -37.12
CA GLY C 251 28.18 9.78 -38.28
C GLY C 251 26.88 9.11 -37.88
N CYS C 252 26.08 8.80 -38.89
CA CYS C 252 24.79 8.13 -38.69
C CYS C 252 24.69 6.99 -39.71
N HIS C 253 25.16 5.81 -39.31
CA HIS C 253 25.10 4.64 -40.18
C HIS C 253 23.67 4.18 -40.35
N THR C 254 23.33 3.71 -41.54
CA THR C 254 21.98 3.29 -41.88
C THR C 254 22.00 1.84 -42.34
N ASN C 255 21.11 1.03 -41.78
CA ASN C 255 20.95 -0.36 -42.17
C ASN C 255 19.65 -0.54 -42.93
N PHE C 256 19.71 -1.21 -44.07
CA PHE C 256 18.58 -1.34 -44.97
C PHE C 256 18.37 -2.79 -45.37
N SER C 257 17.11 -3.20 -45.42
CA SER C 257 16.76 -4.54 -45.89
C SER C 257 15.31 -4.54 -46.35
N THR C 258 14.99 -5.46 -47.25
CA THR C 258 13.64 -5.69 -47.73
C THR C 258 13.21 -7.11 -47.39
N LYS C 259 11.92 -7.40 -47.60
CA LYS C 259 11.43 -8.73 -47.30
C LYS C 259 12.07 -9.79 -48.19
N ALA C 260 12.50 -9.39 -49.39
CA ALA C 260 13.23 -10.34 -50.25
C ALA C 260 14.64 -10.58 -49.74
N MET C 261 15.29 -9.54 -49.21
CA MET C 261 16.64 -9.70 -48.69
C MET C 261 16.67 -10.55 -47.43
N ARG C 262 15.62 -10.50 -46.62
CA ARG C 262 15.60 -11.21 -45.36
C ARG C 262 15.24 -12.68 -45.50
N GLU C 263 14.73 -13.10 -46.65
CA GLU C 263 14.39 -14.51 -46.85
C GLU C 263 15.62 -15.30 -47.25
N GLU C 264 15.43 -16.61 -47.41
CA GLU C 264 16.54 -17.50 -47.76
C GLU C 264 17.14 -17.12 -49.10
N ASN C 265 18.47 -17.20 -49.18
CA ASN C 265 19.22 -16.80 -50.36
C ASN C 265 18.97 -15.34 -50.74
N GLY C 266 18.76 -14.50 -49.74
CA GLY C 266 18.54 -13.08 -49.97
C GLY C 266 19.79 -12.28 -50.25
N LEU C 267 20.96 -12.91 -50.17
CA LEU C 267 22.20 -12.19 -50.44
C LEU C 267 22.27 -11.71 -51.88
N LYS C 268 21.63 -12.42 -52.81
CA LYS C 268 21.65 -11.98 -54.20
C LYS C 268 20.99 -10.63 -54.37
N TYR C 269 19.86 -10.40 -53.69
CA TYR C 269 19.18 -9.11 -53.79
C TYR C 269 20.00 -8.00 -53.14
N ILE C 270 20.77 -8.32 -52.09
CA ILE C 270 21.62 -7.33 -51.46
C ILE C 270 22.68 -6.84 -52.44
N GLU C 271 23.26 -7.77 -53.22
CA GLU C 271 24.29 -7.38 -54.18
C GLU C 271 23.72 -6.48 -55.28
N GLU C 272 22.50 -6.77 -55.74
CA GLU C 272 21.91 -5.92 -56.77
C GLU C 272 21.67 -4.51 -56.25
N ALA C 273 21.18 -4.38 -55.01
CA ALA C 273 20.97 -3.07 -54.43
C ALA C 273 22.28 -2.30 -54.27
N ILE C 274 23.34 -3.00 -53.84
CA ILE C 274 24.63 -2.35 -53.70
C ILE C 274 25.17 -1.92 -55.06
N GLU C 275 24.97 -2.75 -56.09
CA GLU C 275 25.41 -2.39 -57.42
C GLU C 275 24.71 -1.13 -57.92
N LYS C 276 23.41 -1.01 -57.66
CA LYS C 276 22.67 0.19 -58.06
C LYS C 276 23.21 1.42 -57.34
N LEU C 277 23.54 1.28 -56.05
CA LEU C 277 24.04 2.42 -55.29
C LEU C 277 25.38 2.91 -55.80
N SER C 278 26.16 2.06 -56.45
CA SER C 278 27.50 2.42 -56.88
C SER C 278 27.48 3.48 -57.98
N LYS C 279 26.36 3.64 -58.69
CA LYS C 279 26.29 4.58 -59.80
C LYS C 279 25.75 5.94 -59.39
N ARG C 280 25.27 6.10 -58.16
CA ARG C 280 24.65 7.34 -57.70
C ARG C 280 25.34 7.87 -56.46
N HIS C 281 26.68 7.87 -56.47
CA HIS C 281 27.43 8.32 -55.30
C HIS C 281 27.19 9.80 -55.02
N GLN C 282 27.22 10.63 -56.06
CA GLN C 282 27.06 12.07 -55.87
C GLN C 282 25.65 12.43 -55.42
N TYR C 283 24.65 11.72 -55.95
CA TYR C 283 23.26 12.00 -55.56
C TYR C 283 23.04 11.73 -54.08
N HIS C 284 23.59 10.63 -53.57
CA HIS C 284 23.37 10.29 -52.17
C HIS C 284 24.17 11.17 -51.22
N ILE C 285 25.36 11.62 -51.64
CA ILE C 285 26.13 12.53 -50.81
C ILE C 285 25.38 13.84 -50.60
N ARG C 286 24.73 14.33 -51.65
CA ARG C 286 23.92 15.54 -51.53
C ARG C 286 22.75 15.33 -50.57
N ALA C 287 22.11 14.17 -50.64
CA ALA C 287 20.93 13.90 -49.81
C ALA C 287 21.28 13.56 -48.37
N TYR C 288 22.52 13.17 -48.08
CA TYR C 288 22.93 12.75 -46.76
C TYR C 288 23.37 13.90 -45.87
N ASP C 289 23.02 15.14 -46.24
CA ASP C 289 23.45 16.29 -45.48
C ASP C 289 22.39 17.38 -45.54
N PRO C 290 22.03 17.98 -44.40
CA PRO C 290 21.04 19.07 -44.43
C PRO C 290 21.53 20.30 -45.18
N LYS C 291 22.85 20.47 -45.35
CA LYS C 291 23.39 21.62 -46.06
C LYS C 291 23.64 21.33 -47.54
N GLY C 292 24.07 20.12 -47.86
CA GLY C 292 24.36 19.76 -49.23
C GLY C 292 25.60 18.90 -49.38
N GLY C 293 26.28 18.64 -48.27
CA GLY C 293 27.46 17.81 -48.27
C GLY C 293 28.66 18.46 -47.60
N LEU C 294 28.54 19.76 -47.30
CA LEU C 294 29.65 20.49 -46.71
C LEU C 294 29.97 19.98 -45.30
N ASP C 295 28.94 19.69 -44.50
CA ASP C 295 29.17 19.23 -43.13
C ASP C 295 29.88 17.90 -43.10
N ASN C 296 29.45 16.95 -43.94
CA ASN C 296 30.06 15.62 -43.95
C ASN C 296 31.47 15.61 -44.53
N ALA C 297 31.89 16.70 -45.18
CA ALA C 297 33.24 16.76 -45.73
C ALA C 297 34.29 16.79 -44.63
N ARG C 298 33.99 17.42 -43.49
CA ARG C 298 34.93 17.49 -42.39
C ARG C 298 35.16 16.14 -41.71
N ARG C 299 34.25 15.19 -41.88
CA ARG C 299 34.35 13.88 -41.23
C ARG C 299 34.84 12.80 -42.17
N LEU C 300 34.27 12.70 -43.37
CA LEU C 300 34.61 11.63 -44.30
C LEU C 300 35.94 11.95 -44.96
N THR C 301 37.04 11.56 -44.29
CA THR C 301 38.37 11.71 -44.83
C THR C 301 39.12 10.40 -44.96
N GLY C 302 38.51 9.28 -44.56
CA GLY C 302 39.15 7.99 -44.70
C GLY C 302 40.25 7.72 -43.70
N PHE C 303 40.28 8.42 -42.58
CA PHE C 303 41.36 8.27 -41.60
C PHE C 303 40.94 7.40 -40.41
N HIS C 304 39.94 7.83 -39.65
CA HIS C 304 39.51 7.11 -38.45
C HIS C 304 38.35 6.17 -38.78
N GLU C 305 38.71 5.09 -39.49
CA GLU C 305 37.76 4.04 -39.85
C GLU C 305 36.55 4.59 -40.60
N THR C 306 36.81 5.47 -41.57
CA THR C 306 35.76 6.05 -42.40
C THR C 306 36.13 5.89 -43.87
N SER C 307 35.16 6.18 -44.73
CA SER C 307 35.36 6.15 -46.17
C SER C 307 35.58 7.55 -46.71
N ASN C 308 36.23 7.62 -47.87
CA ASN C 308 36.48 8.91 -48.50
C ASN C 308 35.19 9.52 -49.02
N ILE C 309 35.14 10.85 -49.03
CA ILE C 309 33.90 11.55 -49.38
C ILE C 309 33.59 11.36 -50.87
N ASN C 310 34.61 11.35 -51.72
CA ASN C 310 34.41 11.33 -53.17
C ASN C 310 34.64 9.95 -53.79
N ASP C 311 34.82 8.91 -52.99
CA ASP C 311 35.07 7.56 -53.49
C ASP C 311 34.02 6.60 -52.95
N PHE C 312 33.58 5.67 -53.80
CA PHE C 312 32.63 4.64 -53.43
C PHE C 312 33.35 3.30 -53.35
N SER C 313 33.09 2.56 -52.28
CA SER C 313 33.67 1.23 -52.12
C SER C 313 32.73 0.38 -51.28
N ALA C 314 32.73 -0.92 -51.54
CA ALA C 314 31.88 -1.86 -50.83
C ALA C 314 32.68 -3.10 -50.50
N GLY C 315 32.28 -3.78 -49.43
CA GLY C 315 32.96 -5.00 -49.03
C GLY C 315 32.25 -5.64 -47.86
N VAL C 316 32.56 -6.92 -47.66
CA VAL C 316 32.00 -7.67 -46.55
C VAL C 316 32.93 -7.57 -45.35
N ALA C 317 32.36 -7.23 -44.19
CA ALA C 317 33.11 -7.07 -42.95
C ALA C 317 34.23 -6.03 -43.10
N ASN C 318 33.99 -5.00 -43.89
CA ASN C 318 34.95 -3.93 -44.12
C ASN C 318 34.39 -2.64 -43.53
N ARG C 319 35.04 -2.13 -42.48
CA ARG C 319 34.58 -0.92 -41.82
C ARG C 319 35.18 0.35 -42.43
N SER C 320 36.03 0.22 -43.43
CA SER C 320 36.63 1.38 -44.10
C SER C 320 35.95 1.72 -45.42
N ALA C 321 34.93 0.96 -45.82
CA ALA C 321 34.25 1.17 -47.08
C ALA C 321 32.95 1.94 -46.88
N SER C 322 32.42 2.47 -47.98
CA SER C 322 31.16 3.19 -47.94
C SER C 322 30.01 2.26 -47.55
N ILE C 323 30.01 1.04 -48.11
CA ILE C 323 28.98 0.04 -47.82
C ILE C 323 29.67 -1.17 -47.21
N ARG C 324 29.12 -1.66 -46.09
CA ARG C 324 29.67 -2.80 -45.38
C ARG C 324 28.61 -3.88 -45.27
N ILE C 325 28.98 -5.11 -45.62
CA ILE C 325 28.14 -6.29 -45.44
C ILE C 325 28.62 -7.01 -44.18
N PRO C 326 27.77 -7.20 -43.17
CA PRO C 326 28.20 -7.92 -41.98
C PRO C 326 28.63 -9.34 -42.31
N ARG C 327 29.64 -9.82 -41.57
CA ARG C 327 30.16 -11.16 -41.82
C ARG C 327 29.10 -12.23 -41.58
N THR C 328 28.27 -12.04 -40.54
CA THR C 328 27.19 -12.97 -40.28
C THR C 328 26.21 -13.01 -41.44
N VAL C 329 25.89 -11.85 -42.01
CA VAL C 329 24.97 -11.80 -43.14
C VAL C 329 25.54 -12.56 -44.33
N GLY C 330 26.84 -12.39 -44.60
CA GLY C 330 27.44 -13.08 -45.73
C GLY C 330 27.46 -14.58 -45.56
N GLN C 331 27.66 -15.05 -44.32
CA GLN C 331 27.71 -16.49 -44.09
C GLN C 331 26.33 -17.14 -44.23
N GLU C 332 25.29 -16.47 -43.73
CA GLU C 332 23.94 -17.01 -43.79
C GLU C 332 23.24 -16.69 -45.11
N LYS C 333 23.88 -15.94 -46.00
CA LYS C 333 23.34 -15.61 -47.32
C LYS C 333 22.06 -14.79 -47.25
N LYS C 334 21.80 -14.12 -46.12
CA LYS C 334 20.60 -13.31 -45.97
C LYS C 334 20.85 -12.29 -44.88
N GLY C 335 20.03 -11.23 -44.89
CA GLY C 335 20.15 -10.20 -43.88
C GLY C 335 19.99 -8.79 -44.40
N TYR C 336 20.98 -7.95 -44.16
CA TYR C 336 20.93 -6.53 -44.50
C TYR C 336 22.34 -6.04 -44.80
N PHE C 337 22.44 -4.76 -45.16
CA PHE C 337 23.73 -4.12 -45.39
C PHE C 337 23.69 -2.73 -44.78
N GLU C 338 24.88 -2.19 -44.50
CA GLU C 338 25.03 -0.95 -43.77
C GLU C 338 25.64 0.12 -44.67
N ASP C 339 25.04 1.31 -44.64
CA ASP C 339 25.56 2.47 -45.34
C ASP C 339 26.25 3.37 -44.32
N ARG C 340 27.53 3.63 -44.51
CA ARG C 340 28.35 4.35 -43.55
C ARG C 340 28.62 5.80 -43.95
N ARG C 341 27.99 6.28 -45.02
CA ARG C 341 28.21 7.63 -45.52
C ARG C 341 27.49 8.74 -44.76
N PRO C 342 26.22 8.58 -44.36
CA PRO C 342 25.50 9.71 -43.76
C PRO C 342 26.17 10.24 -42.49
N SER C 343 26.12 11.56 -42.33
CA SER C 343 26.71 12.21 -41.15
C SER C 343 25.71 12.24 -40.01
N ALA C 344 26.19 12.68 -38.85
CA ALA C 344 25.40 12.62 -37.62
C ALA C 344 24.23 13.59 -37.63
N ASN C 345 24.27 14.64 -38.45
CA ASN C 345 23.21 15.64 -38.48
C ASN C 345 22.31 15.48 -39.70
N CYS C 346 22.22 14.28 -40.25
CA CYS C 346 21.40 14.03 -41.43
C CYS C 346 19.91 14.06 -41.07
N ASP C 347 19.09 14.26 -42.09
CA ASP C 347 17.65 14.17 -41.95
C ASP C 347 17.21 12.75 -42.29
N PRO C 348 16.63 12.00 -41.35
CA PRO C 348 16.25 10.61 -41.65
C PRO C 348 15.25 10.48 -42.80
N PHE C 349 14.38 11.46 -42.99
CA PHE C 349 13.42 11.38 -44.10
C PHE C 349 14.13 11.46 -45.44
N SER C 350 15.16 12.30 -45.54
CA SER C 350 15.95 12.39 -46.77
C SER C 350 16.73 11.10 -47.02
N VAL C 351 17.31 10.53 -45.97
CA VAL C 351 18.17 9.36 -46.13
C VAL C 351 17.35 8.15 -46.55
N THR C 352 16.22 7.91 -45.87
CA THR C 352 15.40 6.76 -46.19
C THR C 352 14.78 6.88 -47.59
N GLU C 353 14.36 8.08 -47.97
CA GLU C 353 13.75 8.26 -49.28
C GLU C 353 14.75 8.00 -50.40
N ALA C 354 15.99 8.47 -50.23
CA ALA C 354 17.00 8.30 -51.27
C ALA C 354 17.31 6.82 -51.49
N LEU C 355 17.38 6.04 -50.41
CA LEU C 355 17.66 4.61 -50.54
C LEU C 355 16.55 3.89 -51.32
N ILE C 356 15.30 4.23 -51.03
CA ILE C 356 14.18 3.58 -51.70
C ILE C 356 14.17 3.94 -53.19
N ARG C 357 14.44 5.20 -53.51
CA ARG C 357 14.39 5.64 -54.90
C ARG C 357 15.42 4.91 -55.76
N THR C 358 16.65 4.81 -55.28
CA THR C 358 17.72 4.21 -56.07
C THR C 358 17.59 2.69 -56.14
N CYS C 359 17.29 2.04 -55.01
CA CYS C 359 17.34 0.59 -54.93
C CYS C 359 16.05 -0.08 -55.34
N LEU C 360 14.89 0.51 -55.04
CA LEU C 360 13.62 -0.13 -55.31
C LEU C 360 12.88 0.44 -56.52
N LEU C 361 12.97 1.74 -56.76
CA LEU C 361 12.30 2.35 -57.91
C LEU C 361 13.22 2.48 -59.12
N ASN C 362 14.49 2.09 -58.99
CA ASN C 362 15.44 2.12 -60.10
C ASN C 362 15.54 3.49 -60.75
N GLU C 363 15.49 4.54 -59.93
CA GLU C 363 15.59 5.89 -60.43
C GLU C 363 17.02 6.18 -60.91
N THR C 364 17.13 7.03 -61.91
CA THR C 364 18.39 7.37 -62.54
C THR C 364 18.41 8.87 -62.83
N GLY C 365 19.54 9.51 -62.54
CA GLY C 365 19.66 10.95 -62.72
C GLY C 365 20.09 11.67 -61.46
N ASP C 366 20.03 12.99 -61.53
CA ASP C 366 20.40 13.85 -60.41
C ASP C 366 19.19 14.50 -59.74
N GLU C 367 18.01 14.41 -60.33
CA GLU C 367 16.78 14.91 -59.74
C GLU C 367 15.84 13.75 -59.44
N PRO C 368 15.04 13.87 -58.39
CA PRO C 368 14.01 12.87 -58.12
C PRO C 368 12.89 12.96 -59.16
N PHE C 369 12.22 11.84 -59.35
CA PHE C 369 11.07 11.80 -60.24
C PHE C 369 9.86 12.48 -59.59
N GLN C 370 9.06 13.16 -60.41
CA GLN C 370 7.92 13.93 -59.91
C GLN C 370 6.71 13.07 -59.58
N TYR C 371 6.72 11.79 -59.95
CA TYR C 371 5.60 10.90 -59.66
C TYR C 371 6.17 9.50 -59.43
N LYS C 372 5.27 8.51 -59.44
CA LYS C 372 5.69 7.12 -59.33
C LYS C 372 6.59 6.74 -60.51
N ASN C 373 6.06 6.83 -61.72
CA ASN C 373 6.81 6.53 -62.93
C ASN C 373 6.31 7.34 -64.11
N THR D 2 22.67 35.61 -7.52
CA THR D 2 21.62 35.75 -8.52
C THR D 2 20.29 35.20 -8.01
N THR D 3 20.36 34.31 -7.03
CA THR D 3 19.19 33.77 -6.37
C THR D 3 19.17 34.21 -4.91
N SER D 4 17.97 34.25 -4.34
CA SER D 4 17.79 34.75 -2.99
C SER D 4 18.42 33.82 -1.97
N ALA D 5 18.79 34.40 -0.81
CA ALA D 5 19.34 33.60 0.27
C ALA D 5 18.34 32.59 0.80
N SER D 6 17.04 32.91 0.73
CA SER D 6 16.03 31.97 1.18
C SER D 6 16.03 30.70 0.32
N SER D 7 16.40 30.81 -0.94
CA SER D 7 16.42 29.65 -1.82
C SER D 7 17.58 28.71 -1.54
N HIS D 8 18.56 29.14 -0.76
CA HIS D 8 19.70 28.30 -0.41
C HIS D 8 19.50 27.51 0.87
N LEU D 9 18.37 27.68 1.54
CA LEU D 9 18.06 26.86 2.70
C LEU D 9 17.75 25.44 2.28
N ASN D 10 17.97 24.50 3.20
CA ASN D 10 17.77 23.09 2.90
C ASN D 10 16.28 22.81 2.71
N LYS D 11 15.88 22.57 1.47
CA LYS D 11 14.48 22.31 1.17
C LYS D 11 14.02 20.93 1.61
N GLY D 12 14.95 20.00 1.81
CA GLY D 12 14.58 18.70 2.34
C GLY D 12 14.02 18.80 3.75
N ILE D 13 14.52 19.75 4.54
CA ILE D 13 14.02 19.97 5.88
C ILE D 13 12.55 20.37 5.84
N LYS D 14 12.20 21.28 4.92
CA LYS D 14 10.83 21.76 4.83
C LYS D 14 9.86 20.64 4.48
N GLN D 15 10.26 19.75 3.56
CA GLN D 15 9.37 18.69 3.13
C GLN D 15 9.06 17.72 4.26
N VAL D 16 9.99 17.55 5.21
CA VAL D 16 9.72 16.68 6.35
C VAL D 16 8.58 17.23 7.20
N TYR D 17 8.59 18.54 7.44
CA TYR D 17 7.54 19.15 8.25
C TYR D 17 6.21 19.12 7.54
N MET D 18 6.20 19.35 6.22
CA MET D 18 4.96 19.36 5.46
C MET D 18 4.37 17.97 5.30
N SER D 19 5.12 16.91 5.65
CA SER D 19 4.60 15.56 5.57
C SER D 19 3.80 15.16 6.80
N LEU D 20 3.80 15.97 7.85
CA LEU D 20 3.04 15.65 9.04
C LEU D 20 1.54 15.71 8.74
N PRO D 21 0.75 14.76 9.22
CA PRO D 21 -0.71 14.86 9.06
C PRO D 21 -1.24 16.13 9.70
N GLN D 22 -2.12 16.81 8.96
CA GLN D 22 -2.58 18.13 9.38
C GLN D 22 -3.56 18.03 10.55
N GLY D 23 -4.54 17.14 10.45
CA GLY D 23 -5.57 17.05 11.47
C GLY D 23 -6.91 17.56 11.01
N GLU D 24 -7.61 18.25 11.90
CA GLU D 24 -8.96 18.75 11.61
C GLU D 24 -8.90 20.17 11.06
N LYS D 25 -8.04 21.02 11.61
CA LYS D 25 -8.01 22.43 11.26
C LYS D 25 -7.62 22.62 9.80
N VAL D 26 -8.09 23.73 9.23
CA VAL D 26 -7.89 24.04 7.81
C VAL D 26 -7.33 25.45 7.70
N GLN D 27 -6.32 25.61 6.84
CA GLN D 27 -5.70 26.90 6.58
C GLN D 27 -6.32 27.56 5.35
N ALA D 28 -6.57 28.86 5.46
CA ALA D 28 -7.11 29.65 4.35
C ALA D 28 -6.20 30.85 4.14
N MET D 29 -5.82 31.10 2.89
CA MET D 29 -4.94 32.21 2.55
C MET D 29 -5.73 33.27 1.80
N TYR D 30 -5.80 34.46 2.37
CA TYR D 30 -6.53 35.56 1.76
C TYR D 30 -5.61 36.40 0.89
N ILE D 31 -6.06 36.70 -0.33
CA ILE D 31 -5.25 37.42 -1.31
C ILE D 31 -6.04 38.63 -1.80
N TRP D 32 -5.35 39.77 -1.92
CA TRP D 32 -5.99 40.98 -2.41
C TRP D 32 -4.96 41.85 -3.13
N ILE D 33 -5.45 42.91 -3.76
CA ILE D 33 -4.64 43.82 -4.56
C ILE D 33 -4.41 45.10 -3.75
N ASP D 34 -3.17 45.58 -3.71
CA ASP D 34 -2.80 46.73 -2.92
C ASP D 34 -3.11 48.02 -3.67
N GLY D 35 -2.61 49.15 -3.15
CA GLY D 35 -2.92 50.46 -3.69
C GLY D 35 -2.16 50.83 -4.95
N THR D 36 -1.12 50.08 -5.30
CA THR D 36 -0.39 50.37 -6.53
C THR D 36 -1.12 49.88 -7.78
N GLY D 37 -2.13 49.03 -7.62
CA GLY D 37 -2.85 48.48 -8.75
C GLY D 37 -2.15 47.32 -9.43
N GLU D 38 -0.97 46.93 -8.96
CA GLU D 38 -0.21 45.84 -9.56
C GLU D 38 0.28 44.81 -8.57
N GLY D 39 0.42 45.15 -7.29
CA GLY D 39 0.96 44.24 -6.31
C GLY D 39 -0.12 43.38 -5.65
N LEU D 40 0.32 42.26 -5.09
CA LEU D 40 -0.56 41.34 -4.39
C LEU D 40 -0.06 41.16 -2.95
N ARG D 41 -1.01 40.97 -2.04
CA ARG D 41 -0.71 40.74 -0.63
C ARG D 41 -1.47 39.50 -0.16
N CYS D 42 -0.97 38.88 0.91
CA CYS D 42 -1.57 37.65 1.40
C CYS D 42 -1.29 37.47 2.88
N LYS D 43 -2.18 36.75 3.55
CA LYS D 43 -1.97 36.29 4.92
C LYS D 43 -2.92 35.13 5.17
N THR D 44 -2.65 34.38 6.24
CA THR D 44 -3.29 33.10 6.50
C THR D 44 -4.02 33.12 7.83
N ARG D 45 -5.17 32.44 7.88
CA ARG D 45 -5.91 32.22 9.12
C ARG D 45 -6.35 30.75 9.17
N THR D 46 -6.69 30.31 10.37
CA THR D 46 -7.09 28.93 10.63
C THR D 46 -8.61 28.84 10.73
N LEU D 47 -9.18 27.82 10.10
CA LEU D 47 -10.62 27.56 10.16
C LEU D 47 -10.87 26.22 10.83
N ASP D 48 -12.04 26.11 11.47
CA ASP D 48 -12.36 24.90 12.23
C ASP D 48 -12.70 23.73 11.32
N SER D 49 -13.26 24.00 10.14
CA SER D 49 -13.65 22.94 9.22
C SER D 49 -13.51 23.43 7.80
N GLU D 50 -13.44 22.47 6.88
CA GLU D 50 -13.25 22.81 5.47
C GLU D 50 -14.50 23.46 4.92
N PRO D 51 -14.41 24.67 4.37
CA PRO D 51 -15.57 25.29 3.72
C PRO D 51 -15.91 24.59 2.41
N LYS D 52 -17.20 24.61 2.09
CA LYS D 52 -17.68 24.01 0.85
C LYS D 52 -17.90 25.02 -0.25
N CYS D 53 -18.27 26.25 0.09
CA CYS D 53 -18.50 27.29 -0.89
C CYS D 53 -17.88 28.58 -0.38
N VAL D 54 -17.65 29.52 -1.31
CA VAL D 54 -16.99 30.78 -0.96
C VAL D 54 -17.83 31.59 0.02
N GLU D 55 -19.14 31.35 0.05
CA GLU D 55 -20.01 32.12 0.92
C GLU D 55 -19.93 31.69 2.38
N GLU D 56 -19.27 30.57 2.69
CA GLU D 56 -19.09 30.16 4.07
C GLU D 56 -17.88 30.80 4.73
N LEU D 57 -17.06 31.52 3.97
CA LEU D 57 -15.85 32.10 4.52
C LEU D 57 -16.18 33.41 5.24
N PRO D 58 -15.64 33.64 6.44
CA PRO D 58 -15.90 34.90 7.14
C PRO D 58 -15.12 36.04 6.53
N GLU D 59 -15.58 37.26 6.82
CA GLU D 59 -14.87 38.45 6.41
C GLU D 59 -13.66 38.68 7.30
N TRP D 60 -12.73 39.49 6.80
CA TRP D 60 -11.49 39.79 7.52
C TRP D 60 -11.16 41.26 7.30
N ASN D 61 -10.01 41.67 7.82
CA ASN D 61 -9.58 43.07 7.73
C ASN D 61 -8.07 43.12 7.77
N PHE D 62 -7.53 44.28 7.39
CA PHE D 62 -6.09 44.50 7.41
C PHE D 62 -5.83 45.99 7.57
N ASP D 63 -4.60 46.31 7.96
CA ASP D 63 -4.18 47.69 8.20
C ASP D 63 -3.82 48.32 6.86
N GLY D 64 -4.67 49.24 6.38
CA GLY D 64 -4.45 49.85 5.09
C GLY D 64 -3.37 50.91 5.07
N SER D 65 -2.89 51.32 6.24
CA SER D 65 -1.80 52.29 6.29
C SER D 65 -0.47 51.71 5.85
N SER D 66 -0.27 50.39 5.99
CA SER D 66 0.95 49.73 5.57
C SER D 66 0.95 49.38 4.10
N THR D 67 -0.20 49.47 3.42
CA THR D 67 -0.30 49.17 2.00
C THR D 67 -0.64 50.40 1.16
N LEU D 68 -0.46 51.61 1.71
CA LEU D 68 -0.67 52.86 0.99
C LEU D 68 -2.10 52.99 0.45
N GLN D 69 -3.04 52.36 1.14
CA GLN D 69 -4.44 52.42 0.75
C GLN D 69 -5.30 53.26 1.71
N SER D 70 -4.73 53.69 2.83
CA SER D 70 -5.41 54.59 3.75
C SER D 70 -4.37 55.26 4.62
N GLU D 71 -4.73 56.39 5.21
CA GLU D 71 -3.81 57.19 6.01
C GLU D 71 -4.51 57.68 7.27
N GLY D 72 -3.71 57.93 8.30
CA GLY D 72 -4.23 58.48 9.54
C GLY D 72 -5.19 57.54 10.23
N SER D 73 -6.15 58.13 10.94
CA SER D 73 -7.18 57.36 11.61
C SER D 73 -8.11 56.72 10.57
N ASN D 74 -8.86 55.72 11.03
CA ASN D 74 -9.73 54.93 10.16
C ASN D 74 -8.91 54.29 9.03
N SER D 75 -7.78 53.70 9.41
CA SER D 75 -6.88 53.05 8.47
C SER D 75 -7.27 51.60 8.18
N ASP D 76 -8.25 51.07 8.91
CA ASP D 76 -8.66 49.69 8.69
C ASP D 76 -9.43 49.54 7.39
N MET D 77 -9.17 48.45 6.68
CA MET D 77 -9.90 48.10 5.47
C MET D 77 -10.44 46.68 5.61
N TYR D 78 -11.48 46.38 4.83
CA TYR D 78 -12.18 45.11 4.94
C TYR D 78 -11.91 44.24 3.72
N LEU D 79 -11.80 42.93 3.95
CA LEU D 79 -11.62 41.95 2.89
C LEU D 79 -12.89 41.10 2.80
N VAL D 80 -13.50 41.08 1.63
CA VAL D 80 -14.71 40.32 1.37
C VAL D 80 -14.37 39.22 0.37
N PRO D 81 -14.47 37.94 0.74
CA PRO D 81 -14.12 36.87 -0.19
C PRO D 81 -14.97 36.91 -1.45
N ALA D 82 -14.34 36.58 -2.58
CA ALA D 82 -14.99 36.59 -3.87
C ALA D 82 -14.87 35.27 -4.62
N ALA D 83 -13.72 34.60 -4.54
CA ALA D 83 -13.52 33.33 -5.22
C ALA D 83 -12.65 32.43 -4.37
N MET D 84 -12.82 31.12 -4.55
CA MET D 84 -12.13 30.12 -3.76
C MET D 84 -11.48 29.09 -4.67
N PHE D 85 -10.28 28.67 -4.32
CA PHE D 85 -9.53 27.69 -5.09
C PHE D 85 -8.79 26.75 -4.14
N ARG D 86 -8.43 25.59 -4.66
CA ARG D 86 -7.60 24.67 -3.91
C ARG D 86 -6.18 25.21 -3.79
N ASP D 87 -5.54 24.94 -2.64
CA ASP D 87 -4.20 25.44 -2.38
C ASP D 87 -3.19 24.44 -2.92
N PRO D 88 -2.38 24.81 -3.92
CA PRO D 88 -1.38 23.86 -4.43
C PRO D 88 -0.11 23.80 -3.59
N PHE D 89 0.12 24.78 -2.73
CA PHE D 89 1.33 24.79 -1.91
C PHE D 89 1.14 24.08 -0.58
N ARG D 90 -0.10 23.90 -0.14
CA ARG D 90 -0.40 23.17 1.08
C ARG D 90 -1.31 21.96 0.84
N LYS D 91 -1.83 21.78 -0.37
CA LYS D 91 -2.67 20.64 -0.74
C LYS D 91 -4.00 20.66 0.01
N ASP D 92 -4.88 19.74 -0.33
CA ASP D 92 -6.18 19.67 0.30
C ASP D 92 -6.03 19.34 1.79
N PRO D 93 -6.94 19.83 2.64
CA PRO D 93 -8.13 20.63 2.33
C PRO D 93 -7.92 22.14 2.43
N ASN D 94 -6.70 22.62 2.30
CA ASN D 94 -6.43 24.05 2.42
C ASN D 94 -6.86 24.78 1.14
N LYS D 95 -7.18 26.07 1.30
CA LYS D 95 -7.82 26.83 0.24
C LYS D 95 -7.10 28.16 0.01
N LEU D 96 -7.24 28.68 -1.20
CA LEU D 96 -6.85 30.04 -1.55
C LEU D 96 -8.09 30.89 -1.78
N VAL D 97 -8.11 32.08 -1.20
CA VAL D 97 -9.28 32.96 -1.24
C VAL D 97 -8.86 34.28 -1.87
N LEU D 98 -9.54 34.67 -2.94
CA LEU D 98 -9.37 35.98 -3.55
C LEU D 98 -10.48 36.90 -3.05
N CYS D 99 -10.10 38.09 -2.60
CA CYS D 99 -11.02 38.97 -1.89
C CYS D 99 -11.07 40.34 -2.54
N GLU D 100 -12.16 41.06 -2.26
CA GLU D 100 -12.31 42.44 -2.65
C GLU D 100 -12.02 43.35 -1.45
N VAL D 101 -11.58 44.56 -1.73
CA VAL D 101 -11.14 45.50 -0.71
C VAL D 101 -12.16 46.63 -0.61
N PHE D 102 -12.64 46.88 0.62
CA PHE D 102 -13.53 47.99 0.91
C PHE D 102 -12.94 48.81 2.05
N LYS D 103 -13.13 50.12 1.99
CA LYS D 103 -12.64 50.99 3.04
C LYS D 103 -13.61 51.00 4.21
N TYR D 104 -13.29 51.80 5.23
CA TYR D 104 -13.95 51.67 6.53
C TYR D 104 -15.45 52.00 6.46
N ASN D 105 -15.85 52.86 5.54
CA ASN D 105 -17.26 53.20 5.37
C ASN D 105 -17.96 52.33 4.33
N ARG D 106 -17.44 51.12 4.10
CA ARG D 106 -18.01 50.11 3.20
C ARG D 106 -18.05 50.56 1.75
N ARG D 107 -17.32 51.61 1.38
CA ARG D 107 -17.22 51.97 -0.02
C ARG D 107 -16.09 51.17 -0.68
N PRO D 108 -16.19 50.89 -1.97
CA PRO D 108 -15.12 50.17 -2.66
C PRO D 108 -13.83 50.98 -2.68
N ALA D 109 -12.71 50.27 -2.62
CA ALA D 109 -11.42 50.92 -2.62
C ALA D 109 -11.12 51.50 -4.00
N GLU D 110 -10.09 52.36 -4.05
CA GLU D 110 -9.73 53.01 -5.30
C GLU D 110 -9.25 52.00 -6.33
N THR D 111 -8.49 51.00 -5.91
CA THR D 111 -7.99 49.97 -6.80
C THR D 111 -8.95 48.79 -6.92
N ASN D 112 -10.10 48.85 -6.26
CA ASN D 112 -11.11 47.79 -6.36
C ASN D 112 -11.92 48.03 -7.62
N LEU D 113 -11.55 47.33 -8.70
CA LEU D 113 -12.24 47.47 -9.98
C LEU D 113 -13.17 46.32 -10.28
N ARG D 114 -13.15 45.26 -9.47
CA ARG D 114 -14.05 44.13 -9.69
C ARG D 114 -15.49 44.49 -9.38
N HIS D 115 -15.70 45.46 -8.49
CA HIS D 115 -17.06 45.84 -8.11
C HIS D 115 -17.85 46.36 -9.30
N THR D 116 -17.28 47.31 -10.04
CA THR D 116 -17.98 47.87 -11.19
C THR D 116 -18.03 46.87 -12.35
N CYS D 117 -16.96 46.10 -12.54
CA CYS D 117 -16.91 45.15 -13.65
C CYS D 117 -17.98 44.07 -13.50
N LYS D 118 -18.20 43.60 -12.27
CA LYS D 118 -19.16 42.53 -12.05
C LYS D 118 -20.57 42.97 -12.42
N ARG D 119 -20.96 44.19 -12.07
CA ARG D 119 -22.30 44.67 -12.41
C ARG D 119 -22.46 44.83 -13.91
N ILE D 120 -21.38 45.23 -14.61
CA ILE D 120 -21.44 45.34 -16.06
C ILE D 120 -21.67 43.99 -16.70
N MET D 121 -20.96 42.95 -16.21
CA MET D 121 -21.11 41.63 -16.79
C MET D 121 -22.51 41.08 -16.56
N ASP D 122 -23.12 41.37 -15.41
CA ASP D 122 -24.46 40.88 -15.14
C ASP D 122 -25.48 41.47 -16.11
N MET D 123 -25.18 42.65 -16.67
CA MET D 123 -26.11 43.29 -17.60
C MET D 123 -26.17 42.60 -18.96
N VAL D 124 -25.06 42.00 -19.41
CA VAL D 124 -24.99 41.33 -20.69
C VAL D 124 -24.87 39.81 -20.53
N SER D 125 -25.41 39.27 -19.45
CA SER D 125 -25.24 37.86 -19.10
C SER D 125 -25.76 36.92 -20.18
N ASN D 126 -26.91 37.25 -20.77
CA ASN D 126 -27.52 36.35 -21.73
C ASN D 126 -26.71 36.24 -23.03
N GLN D 127 -25.82 37.19 -23.31
CA GLN D 127 -24.98 37.12 -24.49
C GLN D 127 -23.75 36.25 -24.31
N HIS D 128 -23.43 35.88 -23.06
CA HIS D 128 -22.33 34.97 -22.73
C HIS D 128 -21.01 35.41 -23.35
N PRO D 129 -20.42 36.50 -22.89
CA PRO D 129 -19.10 36.90 -23.42
C PRO D 129 -18.01 35.96 -22.91
N TRP D 130 -17.05 35.67 -23.77
CA TRP D 130 -15.91 34.82 -23.43
C TRP D 130 -14.62 35.61 -23.61
N PHE D 131 -13.64 35.34 -22.76
CA PHE D 131 -12.36 36.02 -22.80
C PHE D 131 -11.22 35.01 -22.75
N GLY D 132 -10.15 35.34 -23.47
CA GLY D 132 -8.92 34.57 -23.44
C GLY D 132 -7.72 35.48 -23.44
N MET D 133 -6.84 35.35 -22.44
CA MET D 133 -5.76 36.28 -22.23
C MET D 133 -4.42 35.54 -22.26
N GLU D 134 -3.45 36.12 -22.95
CA GLU D 134 -2.11 35.57 -23.03
C GLU D 134 -1.16 36.46 -22.23
N GLN D 135 -0.62 35.93 -21.14
CA GLN D 135 0.20 36.70 -20.23
C GLN D 135 1.67 36.38 -20.48
N GLU D 136 2.47 37.41 -20.72
CA GLU D 136 3.91 37.27 -20.92
C GLU D 136 4.66 37.83 -19.71
N TYR D 137 5.82 37.24 -19.45
CA TYR D 137 6.62 37.64 -18.29
C TYR D 137 8.08 37.26 -18.54
N THR D 138 8.96 37.83 -17.72
CA THR D 138 10.39 37.56 -17.79
C THR D 138 10.88 37.13 -16.42
N LEU D 139 11.73 36.10 -16.39
CA LEU D 139 12.34 35.65 -15.15
C LEU D 139 13.63 36.43 -14.90
N MET D 140 13.75 36.98 -13.71
CA MET D 140 14.90 37.82 -13.35
C MET D 140 15.56 37.28 -12.11
N GLY D 141 16.88 37.45 -12.05
CA GLY D 141 17.62 37.15 -10.83
C GLY D 141 17.46 38.25 -9.80
N THR D 142 17.93 37.97 -8.59
CA THR D 142 17.85 38.96 -7.52
C THR D 142 18.75 40.16 -7.74
N ASP D 143 19.66 40.09 -8.71
CA ASP D 143 20.57 41.18 -9.01
C ASP D 143 20.00 42.18 -10.03
N GLY D 144 18.79 41.96 -10.51
CA GLY D 144 18.16 42.88 -11.44
C GLY D 144 18.41 42.59 -12.91
N HIS D 145 18.86 41.39 -13.25
CA HIS D 145 19.13 41.03 -14.63
C HIS D 145 18.42 39.73 -14.99
N PRO D 146 18.13 39.49 -16.27
CA PRO D 146 17.40 38.28 -16.65
C PRO D 146 18.11 37.02 -16.19
N PHE D 147 17.33 36.05 -15.74
CA PHE D 147 17.88 34.82 -15.20
C PHE D 147 18.61 34.03 -16.29
N GLY D 148 19.82 33.58 -15.97
CA GLY D 148 20.61 32.79 -16.89
C GLY D 148 21.43 33.59 -17.89
N TRP D 149 21.31 34.91 -17.89
CA TRP D 149 22.07 35.72 -18.81
C TRP D 149 23.52 35.84 -18.34
N PRO D 150 24.45 36.08 -19.27
CA PRO D 150 25.85 36.27 -18.86
C PRO D 150 26.01 37.48 -17.96
N SER D 151 26.93 37.38 -17.01
CA SER D 151 27.18 38.46 -16.07
C SER D 151 27.69 39.69 -16.81
N ASN D 152 26.93 40.78 -16.74
CA ASN D 152 27.27 42.03 -17.42
C ASN D 152 27.45 41.83 -18.92
N GLY D 153 26.63 40.96 -19.51
CA GLY D 153 26.74 40.68 -20.92
C GLY D 153 25.41 40.29 -21.51
N PHE D 154 25.44 39.87 -22.76
CA PHE D 154 24.24 39.52 -23.49
C PHE D 154 24.40 38.16 -24.15
N PRO D 155 23.30 37.43 -24.34
CA PRO D 155 23.38 36.19 -25.13
C PRO D 155 23.38 36.49 -26.62
N GLY D 156 23.31 35.45 -27.45
CA GLY D 156 23.34 35.62 -28.88
C GLY D 156 22.10 36.34 -29.40
N PRO D 157 22.10 36.66 -30.69
CA PRO D 157 20.95 37.37 -31.27
C PRO D 157 19.71 36.51 -31.27
N GLN D 158 18.55 37.17 -31.35
CA GLN D 158 17.28 36.48 -31.29
C GLN D 158 17.08 35.59 -32.51
N GLY D 159 16.17 34.63 -32.37
CA GLY D 159 15.85 33.72 -33.44
C GLY D 159 15.83 32.25 -33.07
N PRO D 160 16.76 31.78 -32.25
CA PRO D 160 16.72 30.39 -31.79
C PRO D 160 16.00 30.17 -30.46
N TYR D 161 15.49 31.21 -29.81
CA TYR D 161 14.90 31.05 -28.49
C TYR D 161 13.40 30.85 -28.52
N TYR D 162 12.73 31.26 -29.59
CA TYR D 162 11.28 31.13 -29.67
C TYR D 162 10.89 29.66 -29.74
N CYS D 163 10.16 29.20 -28.71
CA CYS D 163 9.74 27.80 -28.60
C CYS D 163 10.92 26.85 -28.68
N GLY D 164 12.04 27.27 -28.10
CA GLY D 164 13.26 26.48 -28.19
C GLY D 164 13.34 25.37 -27.17
N VAL D 165 14.24 24.43 -27.44
CA VAL D 165 14.51 23.31 -26.54
C VAL D 165 16.02 23.13 -26.46
N GLY D 166 16.51 22.86 -25.26
CA GLY D 166 17.94 22.70 -25.05
C GLY D 166 18.49 23.57 -23.95
N ALA D 167 19.66 23.22 -23.42
CA ALA D 167 20.23 23.97 -22.31
C ALA D 167 20.63 25.38 -22.71
N ASP D 168 20.93 25.58 -24.00
CA ASP D 168 21.37 26.88 -24.49
C ASP D 168 20.26 27.67 -25.16
N ARG D 169 19.01 27.22 -25.06
CA ARG D 169 17.92 27.89 -25.76
C ARG D 169 16.75 28.21 -24.86
N ALA D 170 16.59 27.48 -23.77
CA ALA D 170 15.50 27.69 -22.83
C ALA D 170 16.05 27.85 -21.43
N TYR D 171 15.69 28.95 -20.77
CA TYR D 171 16.15 29.26 -19.42
C TYR D 171 14.98 29.16 -18.46
N GLY D 172 15.19 28.43 -17.36
CA GLY D 172 14.19 28.35 -16.31
C GLY D 172 12.92 27.61 -16.64
N ARG D 173 13.01 26.50 -17.37
CA ARG D 173 11.82 25.72 -17.66
C ARG D 173 11.24 25.06 -16.41
N ASP D 174 12.05 24.89 -15.36
CA ASP D 174 11.54 24.26 -14.14
C ASP D 174 10.42 25.08 -13.51
N ILE D 175 10.55 26.41 -13.51
CA ILE D 175 9.50 27.26 -12.99
C ILE D 175 8.23 27.11 -13.81
N VAL D 176 8.36 27.06 -15.14
CA VAL D 176 7.20 26.96 -16.01
C VAL D 176 6.45 25.65 -15.77
N GLU D 177 7.19 24.55 -15.67
CA GLU D 177 6.56 23.25 -15.47
C GLU D 177 5.84 23.20 -14.12
N ALA D 178 6.47 23.71 -13.07
CA ALA D 178 5.83 23.73 -11.76
C ALA D 178 4.59 24.62 -11.75
N HIS D 179 4.67 25.78 -12.41
CA HIS D 179 3.52 26.68 -12.46
C HIS D 179 2.36 26.06 -13.21
N TYR D 180 2.65 25.36 -14.31
CA TYR D 180 1.58 24.71 -15.08
C TYR D 180 0.86 23.66 -14.24
N ARG D 181 1.62 22.84 -13.52
CA ARG D 181 1.01 21.79 -12.71
C ARG D 181 0.26 22.39 -11.52
N ALA D 182 0.78 23.46 -10.95
CA ALA D 182 0.12 24.09 -9.80
C ALA D 182 -1.21 24.71 -10.20
N CYS D 183 -1.27 25.33 -11.38
CA CYS D 183 -2.51 25.95 -11.83
C CYS D 183 -3.58 24.90 -12.10
N LEU D 184 -3.21 23.76 -12.68
CA LEU D 184 -4.17 22.70 -12.92
C LEU D 184 -4.74 22.16 -11.62
N TYR D 185 -3.89 21.97 -10.61
CA TYR D 185 -4.36 21.47 -9.32
C TYR D 185 -5.32 22.44 -8.66
N ALA D 186 -5.03 23.74 -8.74
CA ALA D 186 -5.85 24.74 -8.05
C ALA D 186 -7.19 24.94 -8.74
N GLY D 187 -7.30 24.57 -10.00
CA GLY D 187 -8.52 24.78 -10.76
C GLY D 187 -8.52 25.98 -11.67
N VAL D 188 -7.38 26.62 -11.87
CA VAL D 188 -7.28 27.74 -12.81
C VAL D 188 -7.31 27.20 -14.23
N LYS D 189 -8.10 27.84 -15.09
CA LYS D 189 -8.29 27.40 -16.46
C LYS D 189 -7.11 27.85 -17.32
N ILE D 190 -6.01 27.13 -17.18
CA ILE D 190 -4.81 27.41 -17.97
C ILE D 190 -4.87 26.62 -19.26
N ALA D 191 -4.58 27.29 -20.38
CA ALA D 191 -4.75 26.69 -21.70
C ALA D 191 -3.46 26.21 -22.33
N GLY D 192 -2.31 26.79 -22.00
CA GLY D 192 -1.07 26.36 -22.59
C GLY D 192 0.04 27.36 -22.32
N THR D 193 1.26 26.93 -22.66
CA THR D 193 2.44 27.74 -22.44
C THR D 193 3.36 27.61 -23.65
N ASN D 194 4.26 28.58 -23.79
CA ASN D 194 5.32 28.50 -24.79
C ASN D 194 6.44 29.46 -24.41
N ALA D 195 7.63 29.20 -24.95
CA ALA D 195 8.77 30.08 -24.76
C ALA D 195 8.71 31.22 -25.77
N GLU D 196 9.20 32.39 -25.35
CA GLU D 196 9.07 33.61 -26.13
C GLU D 196 10.38 33.91 -26.86
N VAL D 197 10.38 35.04 -27.59
CA VAL D 197 11.49 35.37 -28.47
C VAL D 197 12.75 35.65 -27.66
N MET D 198 12.65 36.47 -26.63
CA MET D 198 13.79 36.77 -25.79
C MET D 198 14.08 35.59 -24.86
N PRO D 199 15.34 35.20 -24.67
CA PRO D 199 15.64 34.13 -23.71
C PRO D 199 15.22 34.54 -22.29
N ALA D 200 14.78 33.55 -21.53
CA ALA D 200 14.21 33.70 -20.18
C ALA D 200 12.86 34.42 -20.19
N GLN D 201 12.25 34.57 -21.35
CA GLN D 201 10.90 35.13 -21.46
C GLN D 201 9.92 34.01 -21.84
N TRP D 202 8.77 34.00 -21.17
CA TRP D 202 7.79 32.94 -21.35
C TRP D 202 6.40 33.55 -21.47
N GLU D 203 5.41 32.69 -21.69
CA GLU D 203 4.03 33.12 -21.84
C GLU D 203 3.11 31.95 -21.53
N PHE D 204 1.99 32.23 -20.86
CA PHE D 204 0.95 31.24 -20.64
C PHE D 204 -0.40 31.85 -20.98
N GLN D 205 -1.35 30.98 -21.33
CA GLN D 205 -2.67 31.39 -21.79
C GLN D 205 -3.74 30.94 -20.80
N ILE D 206 -4.70 31.81 -20.54
CA ILE D 206 -5.82 31.52 -19.65
C ILE D 206 -7.11 31.69 -20.44
N GLY D 207 -7.99 30.69 -20.37
CA GLY D 207 -9.29 30.79 -21.00
C GLY D 207 -9.66 29.55 -21.78
N PRO D 208 -10.82 29.61 -22.46
CA PRO D 208 -11.78 30.72 -22.51
C PRO D 208 -12.61 30.80 -21.24
N CYS D 209 -12.75 31.99 -20.66
CA CYS D 209 -13.49 32.18 -19.43
C CYS D 209 -14.67 33.10 -19.69
N GLU D 210 -15.74 32.92 -18.93
CA GLU D 210 -16.98 33.65 -19.14
C GLU D 210 -17.14 34.75 -18.11
N GLY D 211 -17.35 35.97 -18.59
CA GLY D 211 -17.72 37.08 -17.72
C GLY D 211 -16.67 37.41 -16.69
N ILE D 212 -17.11 37.58 -15.44
CA ILE D 212 -16.23 38.05 -14.38
C ILE D 212 -15.19 36.99 -14.01
N SER D 213 -15.44 35.73 -14.39
CA SER D 213 -14.51 34.67 -14.00
C SER D 213 -13.15 34.83 -14.66
N MET D 214 -13.07 35.56 -15.77
CA MET D 214 -11.80 35.76 -16.43
C MET D 214 -10.84 36.57 -15.57
N GLY D 215 -11.33 37.64 -14.95
CA GLY D 215 -10.47 38.45 -14.11
C GLY D 215 -10.00 37.70 -12.88
N ASP D 216 -10.87 36.89 -12.28
CA ASP D 216 -10.48 36.13 -11.10
C ASP D 216 -9.41 35.10 -11.42
N HIS D 217 -9.55 34.41 -12.56
CA HIS D 217 -8.61 33.35 -12.90
C HIS D 217 -7.22 33.91 -13.20
N LEU D 218 -7.15 35.05 -13.89
CA LEU D 218 -5.86 35.62 -14.23
C LEU D 218 -5.11 36.09 -12.99
N TRP D 219 -5.80 36.75 -12.06
CA TRP D 219 -5.14 37.26 -10.87
C TRP D 219 -4.59 36.13 -10.02
N VAL D 220 -5.36 35.05 -9.87
CA VAL D 220 -4.89 33.91 -9.09
C VAL D 220 -3.70 33.24 -9.78
N ALA D 221 -3.73 33.18 -11.11
CA ALA D 221 -2.60 32.63 -11.85
C ALA D 221 -1.36 33.48 -11.64
N ARG D 222 -1.52 34.80 -11.57
CA ARG D 222 -0.39 35.68 -11.29
C ARG D 222 0.18 35.43 -9.91
N PHE D 223 -0.70 35.22 -8.93
CA PHE D 223 -0.25 34.95 -7.56
C PHE D 223 0.54 33.65 -7.50
N ILE D 224 0.07 32.61 -8.19
CA ILE D 224 0.74 31.31 -8.15
C ILE D 224 2.12 31.42 -8.78
N LEU D 225 2.25 32.23 -9.84
CA LEU D 225 3.56 32.42 -10.46
C LEU D 225 4.53 33.08 -9.50
N HIS D 226 4.08 34.11 -8.78
CA HIS D 226 4.94 34.79 -7.82
C HIS D 226 5.37 33.85 -6.70
N ARG D 227 4.41 33.07 -6.18
CA ARG D 227 4.70 32.18 -5.07
C ARG D 227 5.63 31.04 -5.51
N VAL D 228 5.42 30.51 -6.72
CA VAL D 228 6.31 29.46 -7.23
C VAL D 228 7.70 30.01 -7.44
N CYS D 229 7.82 31.20 -8.03
CA CYS D 229 9.13 31.79 -8.27
C CYS D 229 9.85 32.08 -6.96
N GLU D 230 9.10 32.35 -5.90
CA GLU D 230 9.70 32.58 -4.59
C GLU D 230 10.40 31.33 -4.08
N ASP D 231 9.86 30.15 -4.37
CA ASP D 231 10.49 28.91 -3.94
C ASP D 231 11.85 28.72 -4.60
N PHE D 232 11.95 29.04 -5.89
CA PHE D 232 13.20 28.88 -6.63
C PHE D 232 14.16 30.03 -6.43
N GLY D 233 13.73 31.13 -5.82
CA GLY D 233 14.60 32.26 -5.57
C GLY D 233 14.77 33.22 -6.72
N VAL D 234 13.84 33.26 -7.67
CA VAL D 234 13.89 34.17 -8.79
C VAL D 234 12.68 35.09 -8.75
N ILE D 235 12.71 36.13 -9.58
CA ILE D 235 11.67 37.14 -9.63
C ILE D 235 11.02 37.12 -11.00
N ALA D 236 9.70 37.12 -11.04
CA ALA D 236 8.93 37.22 -12.26
C ALA D 236 8.40 38.64 -12.41
N THR D 237 8.68 39.27 -13.54
CA THR D 237 8.31 40.65 -13.77
C THR D 237 7.34 40.73 -14.95
N PHE D 238 6.33 41.59 -14.80
CA PHE D 238 5.35 41.87 -15.85
C PHE D 238 5.60 43.20 -16.53
N ASP D 239 6.81 43.75 -16.39
CA ASP D 239 7.11 45.04 -16.99
C ASP D 239 7.03 44.95 -18.51
N PRO D 240 6.39 45.93 -19.16
CA PRO D 240 6.24 45.84 -20.63
C PRO D 240 7.56 45.81 -21.38
N LYS D 241 8.59 46.51 -20.91
CA LYS D 241 9.88 46.56 -21.58
C LYS D 241 10.97 46.30 -20.55
N PRO D 242 11.16 45.04 -20.14
CA PRO D 242 12.17 44.76 -19.11
C PRO D 242 13.60 45.09 -19.53
N ILE D 243 13.94 44.92 -20.80
CA ILE D 243 15.29 45.14 -21.29
C ILE D 243 15.23 46.14 -22.44
N PRO D 244 15.95 47.26 -22.36
CA PRO D 244 15.95 48.23 -23.46
C PRO D 244 16.71 47.69 -24.67
N GLY D 245 16.36 48.23 -25.83
CA GLY D 245 17.08 47.91 -27.05
C GLY D 245 16.37 46.92 -27.94
N ASN D 246 17.14 46.14 -28.69
CA ASN D 246 16.60 45.18 -29.66
C ASN D 246 16.20 43.87 -28.98
N TRP D 247 15.23 43.95 -28.08
CA TRP D 247 14.72 42.77 -27.39
C TRP D 247 13.21 42.85 -27.31
N ASN D 248 12.56 41.69 -27.29
CA ASN D 248 11.11 41.63 -27.37
C ASN D 248 10.45 42.22 -26.13
N GLY D 249 9.33 42.91 -26.34
CA GLY D 249 8.53 43.43 -25.25
C GLY D 249 7.58 42.40 -24.69
N ALA D 250 6.80 42.83 -23.70
CA ALA D 250 5.86 41.95 -23.02
C ALA D 250 4.47 42.58 -23.03
N GLY D 251 3.50 41.86 -23.58
CA GLY D 251 2.13 42.32 -23.64
C GLY D 251 1.16 41.28 -23.09
N CYS D 252 -0.11 41.63 -23.12
CA CYS D 252 -1.20 40.75 -22.68
C CYS D 252 -2.30 40.80 -23.73
N HIS D 253 -2.22 39.90 -24.71
CA HIS D 253 -3.22 39.84 -25.77
C HIS D 253 -4.53 39.32 -25.22
N THR D 254 -5.63 39.89 -25.68
CA THR D 254 -6.98 39.55 -25.19
C THR D 254 -7.81 39.04 -26.35
N ASN D 255 -8.47 37.91 -26.16
CA ASN D 255 -9.38 37.35 -27.15
C ASN D 255 -10.81 37.47 -26.63
N PHE D 256 -11.69 37.99 -27.49
CA PHE D 256 -13.06 38.29 -27.10
C PHE D 256 -14.03 37.63 -28.08
N SER D 257 -15.12 37.10 -27.54
CA SER D 257 -16.16 36.47 -28.34
C SER D 257 -17.46 36.46 -27.58
N THR D 258 -18.57 36.47 -28.32
CA THR D 258 -19.91 36.37 -27.77
C THR D 258 -20.62 35.16 -28.37
N LYS D 259 -21.80 34.87 -27.84
CA LYS D 259 -22.57 33.73 -28.33
C LYS D 259 -22.96 33.92 -29.80
N ALA D 260 -23.38 35.12 -30.17
CA ALA D 260 -23.69 35.40 -31.57
C ALA D 260 -22.45 35.28 -32.45
N MET D 261 -21.29 35.69 -31.93
CA MET D 261 -20.06 35.58 -32.69
C MET D 261 -19.67 34.14 -32.94
N ARG D 262 -19.92 33.25 -31.98
CA ARG D 262 -19.51 31.86 -32.09
C ARG D 262 -20.43 31.03 -32.99
N GLU D 263 -21.64 31.50 -33.26
CA GLU D 263 -22.56 30.73 -34.09
C GLU D 263 -22.22 30.90 -35.56
N GLU D 264 -22.97 30.19 -36.41
CA GLU D 264 -22.73 30.23 -37.84
C GLU D 264 -22.92 31.64 -38.39
N ASN D 265 -22.06 32.01 -39.34
CA ASN D 265 -22.06 33.35 -39.92
C ASN D 265 -21.87 34.44 -38.86
N GLY D 266 -21.10 34.11 -37.82
CA GLY D 266 -20.81 35.09 -36.77
C GLY D 266 -19.76 36.10 -37.13
N LEU D 267 -19.11 35.95 -38.29
CA LEU D 267 -18.09 36.91 -38.70
C LEU D 267 -18.69 38.30 -38.91
N LYS D 268 -19.98 38.37 -39.23
CA LYS D 268 -20.63 39.67 -39.37
C LYS D 268 -20.58 40.45 -38.06
N TYR D 269 -20.89 39.78 -36.95
CA TYR D 269 -20.84 40.45 -35.65
C TYR D 269 -19.43 40.83 -35.25
N ILE D 270 -18.44 40.04 -35.67
CA ILE D 270 -17.05 40.36 -35.36
C ILE D 270 -16.66 41.69 -36.00
N GLU D 271 -17.06 41.90 -37.25
CA GLU D 271 -16.70 43.13 -37.94
C GLU D 271 -17.40 44.34 -37.34
N GLU D 272 -18.63 44.16 -36.88
CA GLU D 272 -19.34 45.27 -36.22
C GLU D 272 -18.63 45.69 -34.95
N ALA D 273 -18.18 44.71 -34.15
CA ALA D 273 -17.47 45.03 -32.92
C ALA D 273 -16.14 45.72 -33.21
N ILE D 274 -15.42 45.26 -34.23
CA ILE D 274 -14.15 45.88 -34.58
C ILE D 274 -14.36 47.30 -35.06
N GLU D 275 -15.42 47.55 -35.83
CA GLU D 275 -15.72 48.90 -36.29
C GLU D 275 -15.99 49.83 -35.11
N LYS D 276 -16.72 49.35 -34.11
CA LYS D 276 -16.97 50.17 -32.93
C LYS D 276 -15.68 50.47 -32.18
N LEU D 277 -14.78 49.50 -32.09
CA LEU D 277 -13.52 49.70 -31.37
C LEU D 277 -12.64 50.74 -32.05
N SER D 278 -12.81 50.93 -33.37
CA SER D 278 -11.96 51.87 -34.09
C SER D 278 -12.24 53.31 -33.71
N LYS D 279 -13.35 53.59 -33.04
CA LYS D 279 -13.73 54.96 -32.70
C LYS D 279 -13.28 55.37 -31.31
N ARG D 280 -12.80 54.44 -30.49
CA ARG D 280 -12.45 54.71 -29.10
C ARG D 280 -11.03 54.25 -28.80
N HIS D 281 -10.10 54.62 -29.67
CA HIS D 281 -8.71 54.20 -29.51
C HIS D 281 -8.10 54.79 -28.24
N GLN D 282 -8.32 56.09 -28.01
CA GLN D 282 -7.71 56.73 -26.85
C GLN D 282 -8.32 56.24 -25.54
N TYR D 283 -9.62 55.96 -25.54
CA TYR D 283 -10.27 55.48 -24.33
C TYR D 283 -9.71 54.13 -23.90
N HIS D 284 -9.47 53.23 -24.85
CA HIS D 284 -8.98 51.90 -24.51
C HIS D 284 -7.50 51.93 -24.14
N ILE D 285 -6.73 52.84 -24.73
CA ILE D 285 -5.31 52.93 -24.37
C ILE D 285 -5.15 53.33 -22.91
N ARG D 286 -5.97 54.28 -22.44
CA ARG D 286 -5.93 54.68 -21.04
C ARG D 286 -6.35 53.51 -20.14
N ALA D 287 -7.35 52.75 -20.55
CA ALA D 287 -7.87 51.66 -19.73
C ALA D 287 -6.94 50.44 -19.71
N TYR D 288 -6.05 50.31 -20.69
CA TYR D 288 -5.19 49.14 -20.80
C TYR D 288 -3.89 49.29 -20.01
N ASP D 289 -3.85 50.19 -19.03
CA ASP D 289 -2.62 50.43 -18.30
C ASP D 289 -2.93 51.03 -16.93
N PRO D 290 -2.27 50.55 -15.87
CA PRO D 290 -2.52 51.12 -14.54
C PRO D 290 -2.04 52.55 -14.38
N LYS D 291 -1.12 53.01 -15.22
CA LYS D 291 -0.62 54.38 -15.16
C LYS D 291 -1.26 55.29 -16.19
N GLY D 292 -2.27 54.81 -16.91
CA GLY D 292 -2.91 55.61 -17.94
C GLY D 292 -2.32 55.48 -19.32
N GLY D 293 -1.35 54.61 -19.52
CA GLY D 293 -0.79 54.39 -20.84
C GLY D 293 0.70 54.64 -20.93
N LEU D 294 1.30 55.09 -19.83
CA LEU D 294 2.73 55.40 -19.83
C LEU D 294 3.57 54.13 -20.00
N ASP D 295 3.20 53.05 -19.32
CA ASP D 295 3.98 51.82 -19.39
C ASP D 295 3.96 51.23 -20.79
N ASN D 296 2.78 51.19 -21.43
CA ASN D 296 2.67 50.59 -22.76
C ASN D 296 3.37 51.41 -23.84
N ALA D 297 3.73 52.66 -23.56
CA ALA D 297 4.42 53.48 -24.56
C ALA D 297 5.81 52.93 -24.87
N ARG D 298 6.45 52.30 -23.89
CA ARG D 298 7.79 51.75 -24.11
C ARG D 298 7.77 50.50 -24.97
N ARG D 299 6.62 49.83 -25.10
CA ARG D 299 6.50 48.60 -25.87
C ARG D 299 5.90 48.82 -27.25
N LEU D 300 4.80 49.56 -27.33
CA LEU D 300 4.08 49.73 -28.60
C LEU D 300 4.76 50.84 -29.39
N THR D 301 5.87 50.47 -30.03
CA THR D 301 6.63 51.38 -30.87
C THR D 301 6.55 51.03 -32.35
N GLY D 302 5.72 50.07 -32.73
CA GLY D 302 5.61 49.66 -34.12
C GLY D 302 6.65 48.68 -34.60
N PHE D 303 7.47 48.14 -33.70
CA PHE D 303 8.53 47.21 -34.06
C PHE D 303 8.38 45.93 -33.25
N HIS D 304 9.06 44.88 -33.71
CA HIS D 304 9.05 43.56 -33.06
C HIS D 304 7.64 43.01 -32.99
N GLU D 305 6.94 43.00 -34.14
CA GLU D 305 5.58 42.48 -34.25
C GLU D 305 4.64 43.16 -33.26
N THR D 306 4.74 44.48 -33.16
CA THR D 306 3.88 45.28 -32.31
C THR D 306 3.27 46.41 -33.11
N SER D 307 2.08 46.83 -32.70
CA SER D 307 1.38 47.93 -33.34
C SER D 307 1.77 49.26 -32.72
N ASN D 308 1.52 50.34 -33.45
CA ASN D 308 1.82 51.67 -32.96
C ASN D 308 0.87 52.06 -31.84
N ILE D 309 1.38 52.86 -30.89
CA ILE D 309 0.60 53.20 -29.71
C ILE D 309 -0.55 54.13 -30.08
N ASN D 310 -0.33 55.06 -31.00
CA ASN D 310 -1.30 56.09 -31.31
C ASN D 310 -2.05 55.85 -32.62
N ASP D 311 -1.90 54.67 -33.23
CA ASP D 311 -2.58 54.33 -34.47
C ASP D 311 -3.40 53.08 -34.30
N PHE D 312 -4.58 53.06 -34.92
CA PHE D 312 -5.47 51.91 -34.90
C PHE D 312 -5.47 51.25 -36.26
N SER D 313 -5.32 49.92 -36.28
CA SER D 313 -5.37 49.16 -37.51
C SER D 313 -5.91 47.78 -37.21
N ALA D 314 -6.59 47.20 -38.19
CA ALA D 314 -7.18 45.87 -38.05
C ALA D 314 -6.98 45.11 -39.34
N GLY D 315 -6.91 43.78 -39.24
CA GLY D 315 -6.75 42.95 -40.40
C GLY D 315 -6.80 41.49 -40.02
N VAL D 316 -7.04 40.66 -41.03
CA VAL D 316 -7.08 39.21 -40.84
C VAL D 316 -5.67 38.66 -40.98
N ALA D 317 -5.29 37.75 -40.07
CA ALA D 317 -3.98 37.10 -40.08
C ALA D 317 -2.83 38.12 -40.07
N ASN D 318 -3.07 39.28 -39.46
CA ASN D 318 -2.07 40.34 -39.40
C ASN D 318 -1.60 40.49 -37.96
N ARG D 319 -0.33 40.20 -37.72
CA ARG D 319 0.24 40.29 -36.38
C ARG D 319 0.85 41.66 -36.08
N SER D 320 0.84 42.57 -37.05
CA SER D 320 1.35 43.93 -36.84
C SER D 320 0.26 44.94 -36.55
N ALA D 321 -1.01 44.55 -36.66
CA ALA D 321 -2.12 45.46 -36.42
C ALA D 321 -2.55 45.41 -34.95
N SER D 322 -3.33 46.41 -34.56
CA SER D 322 -3.84 46.44 -33.19
C SER D 322 -4.88 45.34 -32.96
N ILE D 323 -5.68 45.04 -33.96
CA ILE D 323 -6.68 43.98 -33.89
C ILE D 323 -6.38 42.96 -34.96
N ARG D 324 -6.34 41.69 -34.58
CA ARG D 324 -6.02 40.60 -35.50
C ARG D 324 -7.18 39.60 -35.53
N ILE D 325 -7.59 39.22 -36.73
CA ILE D 325 -8.58 38.17 -36.94
C ILE D 325 -7.84 36.91 -37.35
N PRO D 326 -7.95 35.81 -36.62
CA PRO D 326 -7.25 34.58 -37.03
C PRO D 326 -7.73 34.10 -38.40
N ARG D 327 -6.80 33.53 -39.15
CA ARG D 327 -7.13 33.06 -40.50
C ARG D 327 -8.16 31.94 -40.46
N THR D 328 -8.07 31.05 -39.47
CA THR D 328 -9.07 30.00 -39.33
C THR D 328 -10.44 30.59 -39.06
N VAL D 329 -10.52 31.62 -38.23
CA VAL D 329 -11.80 32.26 -37.94
C VAL D 329 -12.38 32.86 -39.21
N GLY D 330 -11.55 33.51 -40.02
CA GLY D 330 -12.05 34.13 -41.24
C GLY D 330 -12.57 33.12 -42.24
N GLN D 331 -11.93 31.95 -42.31
CA GLN D 331 -12.37 30.94 -43.27
C GLN D 331 -13.68 30.30 -42.85
N GLU D 332 -13.87 30.06 -41.55
CA GLU D 332 -15.09 29.43 -41.05
C GLU D 332 -16.20 30.44 -40.80
N LYS D 333 -15.94 31.74 -40.98
CA LYS D 333 -16.95 32.79 -40.84
C LYS D 333 -17.49 32.88 -39.41
N LYS D 334 -16.74 32.36 -38.44
CA LYS D 334 -17.15 32.41 -37.05
C LYS D 334 -15.92 32.24 -36.16
N GLY D 335 -16.07 32.65 -34.90
CA GLY D 335 -14.98 32.52 -33.96
C GLY D 335 -14.81 33.71 -33.04
N TYR D 336 -13.62 34.29 -33.04
CA TYR D 336 -13.27 35.37 -32.12
C TYR D 336 -12.26 36.29 -32.80
N PHE D 337 -11.87 37.35 -32.09
CA PHE D 337 -10.83 38.25 -32.56
C PHE D 337 -9.93 38.60 -31.38
N GLU D 338 -8.71 39.03 -31.70
CA GLU D 338 -7.66 39.25 -30.72
C GLU D 338 -7.29 40.72 -30.66
N ASP D 339 -7.21 41.26 -29.46
CA ASP D 339 -6.74 42.62 -29.21
C ASP D 339 -5.29 42.55 -28.73
N ARG D 340 -4.40 43.22 -29.45
CA ARG D 340 -2.97 43.13 -29.19
C ARG D 340 -2.40 44.36 -28.50
N ARG D 341 -3.27 45.29 -28.08
CA ARG D 341 -2.83 46.53 -27.44
C ARG D 341 -2.47 46.40 -25.96
N PRO D 342 -3.23 45.66 -25.13
CA PRO D 342 -2.98 45.70 -23.69
C PRO D 342 -1.57 45.26 -23.32
N SER D 343 -1.02 45.93 -22.30
CA SER D 343 0.33 45.66 -21.83
C SER D 343 0.35 44.48 -20.85
N ALA D 344 1.56 44.01 -20.55
CA ALA D 344 1.71 42.83 -19.70
C ALA D 344 1.28 43.07 -18.26
N ASN D 345 1.32 44.31 -17.79
CA ASN D 345 0.94 44.64 -16.42
C ASN D 345 -0.47 45.21 -16.32
N CYS D 346 -1.32 44.92 -17.29
CA CYS D 346 -2.68 45.44 -17.29
C CYS D 346 -3.52 44.75 -16.22
N ASP D 347 -4.59 45.44 -15.81
CA ASP D 347 -5.57 44.88 -14.91
C ASP D 347 -6.67 44.19 -15.72
N PRO D 348 -6.87 42.88 -15.55
CA PRO D 348 -7.90 42.20 -16.37
C PRO D 348 -9.30 42.75 -16.16
N PHE D 349 -9.63 43.22 -14.96
CA PHE D 349 -10.97 43.77 -14.73
C PHE D 349 -11.19 45.04 -15.55
N SER D 350 -10.15 45.85 -15.71
CA SER D 350 -10.26 47.05 -16.54
C SER D 350 -10.40 46.70 -18.01
N VAL D 351 -9.63 45.72 -18.47
CA VAL D 351 -9.61 45.39 -19.90
C VAL D 351 -10.94 44.77 -20.31
N THR D 352 -11.43 43.81 -19.53
CA THR D 352 -12.68 43.14 -19.88
C THR D 352 -13.86 44.10 -19.84
N GLU D 353 -13.89 45.00 -18.85
CA GLU D 353 -14.99 45.95 -18.74
C GLU D 353 -15.02 46.90 -19.93
N ALA D 354 -13.85 47.38 -20.36
CA ALA D 354 -13.80 48.33 -21.48
C ALA D 354 -14.32 47.70 -22.76
N LEU D 355 -13.98 46.43 -23.00
CA LEU D 355 -14.45 45.76 -24.21
C LEU D 355 -15.97 45.62 -24.21
N ILE D 356 -16.56 45.28 -23.06
CA ILE D 356 -18.00 45.11 -22.98
C ILE D 356 -18.70 46.44 -23.19
N ARG D 357 -18.17 47.52 -22.60
CA ARG D 357 -18.81 48.83 -22.71
C ARG D 357 -18.87 49.31 -24.16
N THR D 358 -17.77 49.19 -24.88
CA THR D 358 -17.70 49.71 -26.25
C THR D 358 -18.47 48.83 -27.23
N CYS D 359 -18.33 47.50 -27.11
CA CYS D 359 -18.85 46.61 -28.14
C CYS D 359 -20.29 46.16 -27.86
N LEU D 360 -20.65 45.92 -26.60
CA LEU D 360 -21.97 45.41 -26.29
C LEU D 360 -22.94 46.46 -25.77
N LEU D 361 -22.44 47.52 -25.13
CA LEU D 361 -23.30 48.57 -24.61
C LEU D 361 -23.30 49.82 -25.47
N ASN D 362 -22.48 49.86 -26.53
CA ASN D 362 -22.46 50.97 -27.47
C ASN D 362 -22.21 52.30 -26.78
N GLU D 363 -21.34 52.29 -25.77
CA GLU D 363 -20.99 53.52 -25.07
C GLU D 363 -20.14 54.41 -25.95
N THR D 364 -20.28 55.72 -25.75
CA THR D 364 -19.58 56.72 -26.54
C THR D 364 -19.08 57.82 -25.62
N GLY D 365 -17.85 58.27 -25.86
CA GLY D 365 -17.25 59.32 -25.07
C GLY D 365 -16.00 58.87 -24.34
N ASP D 366 -15.44 59.80 -23.57
CA ASP D 366 -14.21 59.59 -22.83
C ASP D 366 -14.47 59.18 -21.38
N GLU D 367 -15.73 59.02 -20.98
CA GLU D 367 -16.05 58.65 -19.61
C GLU D 367 -17.09 57.54 -19.61
N PRO D 368 -16.99 56.61 -18.67
CA PRO D 368 -18.02 55.57 -18.56
C PRO D 368 -19.33 56.14 -18.08
N PHE D 369 -20.42 55.50 -18.49
CA PHE D 369 -21.74 55.90 -18.04
C PHE D 369 -21.93 55.49 -16.57
N GLN D 370 -22.40 56.44 -15.76
CA GLN D 370 -22.41 56.23 -14.31
C GLN D 370 -23.37 55.11 -13.91
N TYR D 371 -24.60 55.18 -14.39
CA TYR D 371 -25.59 54.16 -14.05
C TYR D 371 -25.42 52.99 -15.02
N LYS D 372 -26.41 52.09 -15.05
CA LYS D 372 -26.36 50.95 -15.94
C LYS D 372 -26.23 51.41 -17.40
N ASN D 373 -25.76 50.48 -18.23
CA ASN D 373 -25.48 50.74 -19.65
C ASN D 373 -24.38 51.79 -19.79
N THR E 2 24.74 34.59 7.33
CA THR E 2 25.26 33.23 7.27
C THR E 2 24.46 32.29 8.16
N THR E 3 24.52 31.00 7.87
CA THR E 3 23.85 29.97 8.65
C THR E 3 24.88 29.19 9.45
N SER E 4 24.38 28.42 10.42
CA SER E 4 25.26 27.69 11.32
C SER E 4 25.92 26.52 10.59
N ALA E 5 27.06 26.08 11.14
CA ALA E 5 27.75 24.93 10.57
C ALA E 5 26.94 23.66 10.70
N SER E 6 26.10 23.56 11.75
CA SER E 6 25.24 22.39 11.90
C SER E 6 24.24 22.29 10.76
N SER E 7 23.79 23.41 10.21
CA SER E 7 22.83 23.39 9.12
C SER E 7 23.44 22.91 7.81
N HIS E 8 24.77 22.84 7.71
CA HIS E 8 25.43 22.39 6.50
C HIS E 8 25.69 20.89 6.48
N LEU E 9 25.33 20.17 7.55
CA LEU E 9 25.44 18.73 7.54
C LEU E 9 24.39 18.13 6.62
N ASN E 10 24.67 16.91 6.14
CA ASN E 10 23.78 16.22 5.22
C ASN E 10 22.51 15.82 5.95
N LYS E 11 21.40 16.52 5.67
CA LYS E 11 20.15 16.22 6.32
C LYS E 11 19.50 14.95 5.81
N GLY E 12 19.89 14.49 4.61
CA GLY E 12 19.39 13.22 4.13
C GLY E 12 19.84 12.05 5.00
N ILE E 13 21.03 12.17 5.58
CA ILE E 13 21.53 11.12 6.47
C ILE E 13 20.62 11.00 7.69
N LYS E 14 20.21 12.14 8.24
CA LYS E 14 19.38 12.12 9.44
C LYS E 14 18.03 11.46 9.18
N GLN E 15 17.44 11.70 8.01
CA GLN E 15 16.14 11.13 7.71
C GLN E 15 16.18 9.61 7.63
N VAL E 16 17.30 9.04 7.18
CA VAL E 16 17.42 7.59 7.13
C VAL E 16 17.34 7.00 8.53
N TYR E 17 18.01 7.63 9.49
CA TYR E 17 17.97 7.13 10.87
C TYR E 17 16.60 7.34 11.48
N MET E 18 15.94 8.46 11.17
CA MET E 18 14.62 8.73 11.71
C MET E 18 13.55 7.82 11.12
N SER E 19 13.85 7.12 10.03
CA SER E 19 12.88 6.21 9.42
C SER E 19 12.85 4.84 10.08
N LEU E 20 13.79 4.55 10.97
CA LEU E 20 13.80 3.25 11.64
C LEU E 20 12.59 3.13 12.57
N PRO E 21 11.92 1.99 12.59
CA PRO E 21 10.82 1.80 13.55
C PRO E 21 11.31 1.93 14.98
N GLN E 22 10.50 2.57 15.82
CA GLN E 22 10.93 2.92 17.16
C GLN E 22 10.89 1.72 18.09
N GLY E 23 9.76 1.03 18.13
CA GLY E 23 9.60 -0.07 19.07
C GLY E 23 8.64 0.24 20.19
N GLU E 24 8.92 -0.24 21.40
CA GLU E 24 8.06 -0.04 22.55
C GLU E 24 8.37 1.21 23.35
N LYS E 25 9.63 1.62 23.41
CA LYS E 25 10.01 2.75 24.24
C LYS E 25 9.49 4.05 23.65
N VAL E 26 9.29 5.03 24.53
CA VAL E 26 8.76 6.34 24.16
C VAL E 26 9.71 7.41 24.71
N GLN E 27 9.98 8.43 23.89
CA GLN E 27 10.81 9.55 24.30
C GLN E 27 9.95 10.70 24.77
N ALA E 28 10.36 11.35 25.85
CA ALA E 28 9.67 12.52 26.38
C ALA E 28 10.69 13.63 26.59
N MET E 29 10.37 14.82 26.10
CA MET E 29 11.25 15.99 26.23
C MET E 29 10.68 16.94 27.25
N TYR E 30 11.47 17.24 28.29
CA TYR E 30 11.05 18.15 29.35
C TYR E 30 11.56 19.55 29.05
N ILE E 31 10.67 20.53 29.14
CA ILE E 31 10.97 21.92 28.80
C ILE E 31 10.65 22.81 29.98
N TRP E 32 11.55 23.74 30.31
CA TRP E 32 11.33 24.66 31.40
C TRP E 32 12.00 25.99 31.10
N ILE E 33 11.71 26.98 31.94
CA ILE E 33 12.22 28.35 31.78
C ILE E 33 13.37 28.55 32.77
N ASP E 34 14.46 29.14 32.29
CA ASP E 34 15.66 29.31 33.09
C ASP E 34 15.56 30.59 33.93
N GLY E 35 16.69 30.98 34.54
CA GLY E 35 16.70 32.08 35.49
C GLY E 35 16.66 33.46 34.86
N THR E 36 16.85 33.57 33.55
CA THR E 36 16.75 34.87 32.90
C THR E 36 15.31 35.27 32.63
N GLY E 37 14.36 34.35 32.74
CA GLY E 37 12.98 34.66 32.46
C GLY E 37 12.64 34.71 30.99
N GLU E 38 13.60 34.44 30.10
CA GLU E 38 13.36 34.51 28.67
C GLU E 38 13.79 33.21 27.99
N GLY E 39 14.86 32.60 28.48
CA GLY E 39 15.40 31.42 27.85
C GLY E 39 14.62 30.16 28.16
N LEU E 40 14.85 29.15 27.33
CA LEU E 40 14.23 27.85 27.48
C LEU E 40 15.31 26.76 27.48
N ARG E 41 15.06 25.71 28.25
CA ARG E 41 15.97 24.57 28.35
C ARG E 41 15.19 23.28 28.15
N CYS E 42 15.90 22.24 27.72
CA CYS E 42 15.23 20.98 27.44
C CYS E 42 16.21 19.82 27.58
N LYS E 43 15.66 18.64 27.88
CA LYS E 43 16.39 17.39 27.85
C LYS E 43 15.39 16.25 27.76
N THR E 44 15.89 15.07 27.39
CA THR E 44 15.05 13.94 27.01
C THR E 44 15.31 12.75 27.91
N ARG E 45 14.25 11.96 28.16
CA ARG E 45 14.35 10.70 28.88
C ARG E 45 13.48 9.66 28.18
N THR E 46 13.73 8.39 28.49
CA THR E 46 13.03 7.28 27.88
C THR E 46 11.96 6.75 28.84
N LEU E 47 10.78 6.47 28.31
CA LEU E 47 9.68 5.91 29.08
C LEU E 47 9.32 4.54 28.53
N ASP E 48 8.80 3.68 29.42
CA ASP E 48 8.50 2.30 29.03
C ASP E 48 7.26 2.21 28.16
N SER E 49 6.31 3.12 28.33
CA SER E 49 5.06 3.07 27.58
C SER E 49 4.54 4.48 27.36
N GLU E 50 3.67 4.63 26.38
CA GLU E 50 3.13 5.94 26.05
C GLU E 50 2.21 6.43 27.15
N PRO E 51 2.46 7.59 27.74
CA PRO E 51 1.55 8.13 28.75
C PRO E 51 0.28 8.68 28.10
N LYS E 52 -0.84 8.45 28.78
CA LYS E 52 -2.13 8.93 28.29
C LYS E 52 -2.49 10.31 28.81
N CYS E 53 -2.01 10.67 30.00
CA CYS E 53 -2.32 11.96 30.60
C CYS E 53 -1.06 12.52 31.25
N VAL E 54 -1.07 13.82 31.48
CA VAL E 54 0.09 14.48 32.08
C VAL E 54 0.27 14.04 33.53
N GLU E 55 -0.79 13.52 34.15
CA GLU E 55 -0.72 13.19 35.57
C GLU E 55 0.20 12.00 35.84
N GLU E 56 0.47 11.18 34.83
CA GLU E 56 1.25 9.98 35.02
C GLU E 56 2.70 10.10 34.54
N LEU E 57 3.16 11.31 34.28
CA LEU E 57 4.57 11.52 34.03
C LEU E 57 5.34 11.61 35.34
N PRO E 58 6.50 10.95 35.44
CA PRO E 58 7.31 11.09 36.66
C PRO E 58 7.95 12.46 36.76
N GLU E 59 8.25 12.85 38.00
CA GLU E 59 8.98 14.09 38.23
C GLU E 59 10.45 13.90 37.89
N TRP E 60 11.13 15.01 37.62
CA TRP E 60 12.55 14.96 37.29
C TRP E 60 13.30 16.09 37.99
N ASN E 61 14.57 16.26 37.66
CA ASN E 61 15.41 17.26 38.33
C ASN E 61 16.53 17.66 37.40
N PHE E 62 17.17 18.78 37.73
CA PHE E 62 18.28 19.29 36.96
C PHE E 62 19.19 20.11 37.87
N ASP E 63 20.40 20.37 37.41
CA ASP E 63 21.39 21.12 38.17
C ASP E 63 21.16 22.61 37.93
N GLY E 64 20.68 23.31 38.97
CA GLY E 64 20.38 24.72 38.84
C GLY E 64 21.57 25.64 38.80
N SER E 65 22.75 25.17 39.23
CA SER E 65 23.94 25.99 39.18
C SER E 65 24.39 26.29 37.76
N SER E 66 24.05 25.44 36.80
CA SER E 66 24.40 25.66 35.41
C SER E 66 23.41 26.56 34.68
N THR E 67 22.26 26.86 35.28
CA THR E 67 21.26 27.72 34.67
C THR E 67 21.03 29.00 35.44
N LEU E 68 21.93 29.35 36.37
CA LEU E 68 21.83 30.58 37.17
C LEU E 68 20.51 30.65 37.92
N GLN E 69 20.15 29.55 38.57
CA GLN E 69 18.92 29.49 39.34
C GLN E 69 19.11 28.99 40.77
N SER E 70 20.34 28.66 41.17
CA SER E 70 20.57 28.12 42.50
C SER E 70 22.01 28.38 42.91
N GLU E 71 22.28 28.17 44.19
CA GLU E 71 23.61 28.35 44.75
C GLU E 71 24.41 27.06 44.55
N GLY E 72 25.57 26.97 45.20
CA GLY E 72 26.46 25.85 45.02
C GLY E 72 26.08 24.59 45.78
N SER E 73 25.93 24.71 47.11
CA SER E 73 25.71 23.54 47.94
C SER E 73 24.39 22.85 47.60
N ASN E 74 23.30 23.61 47.59
CA ASN E 74 21.98 23.10 47.23
C ASN E 74 21.64 23.60 45.83
N SER E 75 22.11 22.86 44.83
CA SER E 75 21.96 23.24 43.44
C SER E 75 20.83 22.51 42.72
N ASP E 76 20.32 21.42 43.29
CA ASP E 76 19.31 20.64 42.61
C ASP E 76 17.98 21.37 42.59
N MET E 77 17.31 21.36 41.44
CA MET E 77 15.96 21.88 41.29
C MET E 77 15.07 20.77 40.73
N TYR E 78 13.77 20.92 40.94
CA TYR E 78 12.81 19.89 40.56
C TYR E 78 11.95 20.36 39.40
N LEU E 79 11.63 19.43 38.50
CA LEU E 79 10.75 19.69 37.37
C LEU E 79 9.46 18.93 37.59
N VAL E 80 8.35 19.66 37.62
CA VAL E 80 7.03 19.08 37.81
C VAL E 80 6.24 19.27 36.52
N PRO E 81 5.86 18.19 35.83
CA PRO E 81 5.13 18.33 34.56
C PRO E 81 3.82 19.09 34.75
N ALA E 82 3.50 19.92 33.76
CA ALA E 82 2.30 20.74 33.78
C ALA E 82 1.42 20.55 32.57
N ALA E 83 1.99 20.33 31.39
CA ALA E 83 1.21 20.17 30.17
C ALA E 83 1.89 19.16 29.26
N MET E 84 1.10 18.54 28.40
CA MET E 84 1.59 17.54 27.46
C MET E 84 1.19 17.93 26.05
N PHE E 85 2.08 17.65 25.10
CA PHE E 85 1.79 17.87 23.68
C PHE E 85 2.47 16.78 22.88
N ARG E 86 1.95 16.56 21.67
CA ARG E 86 2.60 15.65 20.74
C ARG E 86 3.88 16.27 20.21
N ASP E 87 4.87 15.41 19.95
CA ASP E 87 6.17 15.87 19.51
C ASP E 87 6.19 15.92 17.99
N PRO E 88 6.31 17.11 17.37
CA PRO E 88 6.35 17.18 15.91
C PRO E 88 7.71 16.87 15.32
N PHE E 89 8.77 16.87 16.12
CA PHE E 89 10.10 16.58 15.61
C PHE E 89 10.44 15.10 15.66
N ARG E 90 9.72 14.33 16.47
CA ARG E 90 9.91 12.89 16.54
C ARG E 90 8.66 12.10 16.21
N LYS E 91 7.52 12.76 16.01
CA LYS E 91 6.25 12.14 15.65
C LYS E 91 5.73 11.26 16.78
N ASP E 92 4.52 10.73 16.62
CA ASP E 92 3.93 9.88 17.64
C ASP E 92 4.75 8.60 17.81
N PRO E 93 4.76 8.02 19.01
CA PRO E 93 4.07 8.43 20.23
C PRO E 93 4.88 9.32 21.16
N ASN E 94 5.93 9.98 20.68
CA ASN E 94 6.75 10.80 21.53
C ASN E 94 6.03 12.09 21.92
N LYS E 95 6.42 12.64 23.06
CA LYS E 95 5.68 13.74 23.68
C LYS E 95 6.62 14.89 24.06
N LEU E 96 6.04 16.09 24.13
CA LEU E 96 6.69 17.26 24.70
C LEU E 96 6.02 17.61 26.02
N VAL E 97 6.82 17.90 27.03
CA VAL E 97 6.33 18.15 28.38
C VAL E 97 6.82 19.51 28.84
N LEU E 98 5.89 20.40 29.18
CA LEU E 98 6.21 21.67 29.79
C LEU E 98 6.08 21.55 31.31
N CYS E 99 7.11 21.99 32.03
CA CYS E 99 7.21 21.73 33.45
C CYS E 99 7.40 23.03 34.22
N GLU E 100 7.07 22.97 35.50
CA GLU E 100 7.35 24.05 36.44
C GLU E 100 8.62 23.75 37.21
N VAL E 101 9.24 24.81 37.75
CA VAL E 101 10.53 24.71 38.44
C VAL E 101 10.32 25.04 39.90
N PHE E 102 10.84 24.18 40.78
CA PHE E 102 10.78 24.38 42.22
C PHE E 102 12.16 24.23 42.81
N LYS E 103 12.40 24.93 43.92
CA LYS E 103 13.67 24.86 44.61
C LYS E 103 13.77 23.55 45.40
N TYR E 104 14.93 23.34 46.03
CA TYR E 104 15.16 22.10 46.77
C TYR E 104 14.22 21.96 47.97
N ASN E 105 13.74 23.08 48.51
CA ASN E 105 12.79 23.06 49.61
C ASN E 105 11.34 23.10 49.15
N ARG E 106 11.07 22.71 47.91
CA ARG E 106 9.75 22.64 47.28
C ARG E 106 9.08 24.01 47.15
N ARG E 107 9.83 25.10 47.26
CA ARG E 107 9.25 26.41 47.03
C ARG E 107 9.38 26.77 45.54
N PRO E 108 8.46 27.57 45.01
CA PRO E 108 8.54 27.97 43.60
C PRO E 108 9.80 28.78 43.32
N ALA E 109 10.33 28.61 42.11
CA ALA E 109 11.51 29.34 41.71
C ALA E 109 11.17 30.81 41.47
N GLU E 110 12.24 31.61 41.32
CA GLU E 110 12.05 33.05 41.14
C GLU E 110 11.32 33.35 39.84
N THR E 111 11.65 32.62 38.77
CA THR E 111 11.03 32.82 37.47
C THR E 111 9.79 31.96 37.26
N ASN E 112 9.40 31.18 38.27
CA ASN E 112 8.20 30.35 38.18
C ASN E 112 6.99 31.23 38.46
N LEU E 113 6.44 31.82 37.40
CA LEU E 113 5.27 32.68 37.52
C LEU E 113 3.95 31.94 37.28
N ARG E 114 4.02 30.68 36.81
CA ARG E 114 2.79 29.93 36.56
C ARG E 114 2.08 29.54 37.86
N HIS E 115 2.84 29.40 38.95
CA HIS E 115 2.25 28.97 40.21
C HIS E 115 1.22 29.97 40.71
N THR E 116 1.56 31.26 40.70
CA THR E 116 0.62 32.27 41.16
C THR E 116 -0.49 32.52 40.14
N CYS E 117 -0.16 32.51 38.86
CA CYS E 117 -1.15 32.78 37.83
C CYS E 117 -2.25 31.74 37.82
N LYS E 118 -1.90 30.48 38.06
CA LYS E 118 -2.90 29.41 38.06
C LYS E 118 -3.92 29.62 39.18
N ARG E 119 -3.45 30.02 40.37
CA ARG E 119 -4.36 30.25 41.49
C ARG E 119 -5.29 31.41 41.18
N ILE E 120 -4.77 32.47 40.55
CA ILE E 120 -5.62 33.60 40.18
C ILE E 120 -6.65 33.17 39.14
N MET E 121 -6.25 32.31 38.20
CA MET E 121 -7.18 31.84 37.19
C MET E 121 -8.35 31.08 37.80
N ASP E 122 -8.09 30.25 38.82
CA ASP E 122 -9.15 29.49 39.44
C ASP E 122 -10.12 30.37 40.21
N MET E 123 -9.70 31.59 40.55
CA MET E 123 -10.55 32.48 41.33
C MET E 123 -11.69 33.04 40.50
N VAL E 124 -11.50 33.16 39.19
CA VAL E 124 -12.51 33.76 38.32
C VAL E 124 -12.89 32.76 37.22
N SER E 125 -12.77 31.47 37.54
CA SER E 125 -13.01 30.42 36.56
C SER E 125 -14.43 30.46 36.00
N ASN E 126 -15.39 30.90 36.81
CA ASN E 126 -16.78 30.93 36.36
C ASN E 126 -17.03 32.00 35.30
N GLN E 127 -16.18 33.02 35.23
CA GLN E 127 -16.35 34.09 34.25
C GLN E 127 -15.73 33.75 32.90
N HIS E 128 -14.95 32.67 32.81
CA HIS E 128 -14.36 32.16 31.57
C HIS E 128 -13.61 33.25 30.82
N PRO E 129 -12.48 33.73 31.32
CA PRO E 129 -11.69 34.71 30.57
C PRO E 129 -11.00 34.06 29.38
N TRP E 130 -10.93 34.80 28.28
CA TRP E 130 -10.28 34.34 27.06
C TRP E 130 -9.15 35.29 26.69
N PHE E 131 -8.06 34.74 26.16
CA PHE E 131 -6.89 35.52 25.79
C PHE E 131 -6.47 35.19 24.37
N GLY E 132 -5.99 36.20 23.66
CA GLY E 132 -5.43 36.04 22.33
C GLY E 132 -4.18 36.89 22.18
N MET E 133 -3.06 36.28 21.82
CA MET E 133 -1.77 36.93 21.83
C MET E 133 -1.15 36.87 20.44
N GLU E 134 -0.62 38.01 19.98
CA GLU E 134 0.04 38.10 18.68
C GLU E 134 1.53 38.28 18.92
N GLN E 135 2.33 37.27 18.58
CA GLN E 135 3.76 37.26 18.85
C GLN E 135 4.52 37.62 17.59
N GLU E 136 5.37 38.64 17.68
CA GLU E 136 6.22 39.06 16.57
C GLU E 136 7.66 38.67 16.84
N TYR E 137 8.41 38.47 15.75
CA TYR E 137 9.80 38.05 15.86
C TYR E 137 10.53 38.40 14.58
N THR E 138 11.85 38.34 14.64
CA THR E 138 12.72 38.62 13.51
C THR E 138 13.67 37.46 13.29
N LEU E 139 13.85 37.06 12.04
CA LEU E 139 14.79 36.00 11.68
C LEU E 139 16.17 36.60 11.49
N MET E 140 17.16 36.04 12.17
CA MET E 140 18.50 36.60 12.20
C MET E 140 19.51 35.54 11.76
N GLY E 141 20.54 35.98 11.03
CA GLY E 141 21.63 35.11 10.69
C GLY E 141 22.57 34.91 11.87
N THR E 142 23.46 33.93 11.72
CA THR E 142 24.43 33.64 12.77
C THR E 142 25.46 34.76 12.94
N ASP E 143 25.53 35.70 12.01
CA ASP E 143 26.46 36.81 12.08
C ASP E 143 25.90 38.03 12.80
N GLY E 144 24.68 37.93 13.32
CA GLY E 144 24.10 39.04 14.05
C GLY E 144 23.35 40.05 13.21
N HIS E 145 22.98 39.70 11.98
CA HIS E 145 22.25 40.60 11.10
C HIS E 145 21.00 39.91 10.57
N PRO E 146 19.96 40.67 10.21
CA PRO E 146 18.71 40.04 9.78
C PRO E 146 18.91 39.14 8.58
N PHE E 147 18.21 38.01 8.58
CA PHE E 147 18.38 37.02 7.53
C PHE E 147 17.94 37.57 6.19
N GLY E 148 18.77 37.37 5.17
CA GLY E 148 18.46 37.82 3.83
C GLY E 148 18.81 39.26 3.53
N TRP E 149 19.27 40.02 4.51
CA TRP E 149 19.64 41.40 4.27
C TRP E 149 20.98 41.49 3.56
N PRO E 150 21.23 42.56 2.81
CA PRO E 150 22.55 42.71 2.18
C PRO E 150 23.65 42.77 3.22
N SER E 151 24.79 42.17 2.88
CA SER E 151 25.92 42.17 3.79
C SER E 151 26.43 43.58 4.00
N ASN E 152 26.43 44.03 5.26
CA ASN E 152 26.82 45.38 5.64
C ASN E 152 26.00 46.45 4.93
N GLY E 153 24.73 46.17 4.65
CA GLY E 153 23.87 47.11 3.96
C GLY E 153 22.43 47.02 4.39
N PHE E 154 21.55 47.71 3.66
CA PHE E 154 20.14 47.75 3.99
C PHE E 154 19.30 47.48 2.75
N PRO E 155 18.11 46.91 2.92
CA PRO E 155 17.19 46.79 1.79
C PRO E 155 16.47 48.10 1.52
N GLY E 156 15.53 48.10 0.59
CA GLY E 156 14.79 49.30 0.25
C GLY E 156 13.92 49.78 1.37
N PRO E 157 13.32 50.95 1.20
CA PRO E 157 12.46 51.52 2.26
C PRO E 157 11.22 50.67 2.48
N GLN E 158 10.64 50.83 3.66
CA GLN E 158 9.48 50.03 4.05
C GLN E 158 8.28 50.36 3.18
N GLY E 159 7.31 49.45 3.16
CA GLY E 159 6.09 49.65 2.41
C GLY E 159 5.67 48.48 1.53
N PRO E 160 6.61 47.83 0.84
CA PRO E 160 6.25 46.64 0.07
C PRO E 160 6.42 45.31 0.79
N TYR E 161 6.87 45.30 2.04
CA TYR E 161 7.13 44.04 2.73
C TYR E 161 5.97 43.56 3.58
N TYR E 162 5.04 44.44 3.93
CA TYR E 162 3.91 44.04 4.78
C TYR E 162 2.99 43.11 4.00
N CYS E 163 2.86 41.88 4.49
CA CYS E 163 2.04 40.84 3.84
C CYS E 163 2.46 40.64 2.38
N GLY E 164 3.76 40.74 2.13
CA GLY E 164 4.27 40.68 0.77
C GLY E 164 4.43 39.25 0.26
N VAL E 165 4.54 39.15 -1.06
CA VAL E 165 4.78 37.88 -1.74
C VAL E 165 5.83 38.11 -2.82
N GLY E 166 6.74 37.15 -2.98
CA GLY E 166 7.81 37.28 -3.95
C GLY E 166 9.18 37.12 -3.34
N ALA E 167 10.17 36.78 -4.17
CA ALA E 167 11.51 36.53 -3.66
C ALA E 167 12.16 37.80 -3.12
N ASP E 168 11.73 38.96 -3.59
CA ASP E 168 12.31 40.23 -3.15
C ASP E 168 11.46 40.92 -2.09
N ARG E 169 10.41 40.27 -1.58
CA ARG E 169 9.52 40.88 -0.61
C ARG E 169 9.36 40.10 0.68
N ALA E 170 9.52 38.78 0.65
CA ALA E 170 9.39 37.95 1.84
C ALA E 170 10.63 37.10 2.00
N TYR E 171 11.24 37.16 3.19
CA TYR E 171 12.45 36.42 3.49
C TYR E 171 12.15 35.31 4.49
N GLY E 172 12.61 34.10 4.19
CA GLY E 172 12.48 33.00 5.12
C GLY E 172 11.07 32.48 5.34
N ARG E 173 10.25 32.39 4.29
CA ARG E 173 8.91 31.83 4.46
C ARG E 173 8.95 30.34 4.78
N ASP E 174 10.04 29.65 4.47
CA ASP E 174 10.12 28.22 4.76
C ASP E 174 10.02 27.94 6.25
N ILE E 175 10.67 28.77 7.06
CA ILE E 175 10.57 28.62 8.51
C ILE E 175 9.13 28.82 8.97
N VAL E 176 8.46 29.82 8.42
CA VAL E 176 7.09 30.13 8.83
C VAL E 176 6.16 28.98 8.49
N GLU E 177 6.30 28.44 7.27
CA GLU E 177 5.43 27.34 6.85
C GLU E 177 5.67 26.10 7.71
N ALA E 178 6.93 25.79 8.00
CA ALA E 178 7.23 24.63 8.83
C ALA E 178 6.73 24.83 10.25
N HIS E 179 6.88 26.04 10.80
CA HIS E 179 6.42 26.31 12.15
C HIS E 179 4.90 26.19 12.26
N TYR E 180 4.18 26.67 11.25
CA TYR E 180 2.72 26.58 11.26
C TYR E 180 2.26 25.14 11.28
N ARG E 181 2.86 24.29 10.45
CA ARG E 181 2.45 22.89 10.39
C ARG E 181 2.85 22.15 11.67
N ALA E 182 3.99 22.50 12.25
CA ALA E 182 4.43 21.83 13.47
C ALA E 182 3.51 22.15 14.64
N CYS E 183 3.05 23.40 14.74
CA CYS E 183 2.16 23.78 15.83
C CYS E 183 0.81 23.08 15.72
N LEU E 184 0.29 22.95 14.49
CA LEU E 184 -0.97 22.24 14.30
C LEU E 184 -0.86 20.78 14.71
N TYR E 185 0.26 20.13 14.35
CA TYR E 185 0.44 18.73 14.70
C TYR E 185 0.55 18.55 16.21
N ALA E 186 1.24 19.47 16.89
CA ALA E 186 1.45 19.33 18.32
C ALA E 186 0.20 19.61 19.14
N GLY E 187 -0.77 20.31 18.58
CA GLY E 187 -1.97 20.68 19.31
C GLY E 187 -1.98 22.10 19.85
N VAL E 188 -1.04 22.94 19.45
CA VAL E 188 -1.03 24.33 19.87
C VAL E 188 -2.09 25.08 19.08
N LYS E 189 -2.87 25.91 19.76
CA LYS E 189 -3.97 26.65 19.15
C LYS E 189 -3.43 27.88 18.42
N ILE E 190 -2.90 27.63 17.22
CA ILE E 190 -2.36 28.69 16.39
C ILE E 190 -3.46 29.20 15.46
N ALA E 191 -3.62 30.52 15.37
CA ALA E 191 -4.73 31.12 14.66
C ALA E 191 -4.38 31.66 13.28
N GLY E 192 -3.13 32.03 13.03
CA GLY E 192 -2.76 32.55 11.73
C GLY E 192 -1.43 33.25 11.79
N THR E 193 -0.93 33.59 10.61
CA THR E 193 0.38 34.23 10.45
C THR E 193 0.30 35.30 9.37
N ASN E 194 1.25 36.23 9.41
CA ASN E 194 1.39 37.22 8.35
C ASN E 194 2.79 37.79 8.39
N ALA E 195 3.23 38.35 7.27
CA ALA E 195 4.50 39.04 7.20
C ALA E 195 4.36 40.47 7.69
N GLU E 196 5.41 40.97 8.32
CA GLU E 196 5.38 42.26 8.98
C GLU E 196 5.99 43.35 8.11
N VAL E 197 5.98 44.58 8.64
CA VAL E 197 6.47 45.73 7.88
C VAL E 197 7.96 45.59 7.59
N MET E 198 8.73 45.19 8.59
CA MET E 198 10.15 44.94 8.41
C MET E 198 10.36 43.70 7.55
N PRO E 199 11.26 43.74 6.57
CA PRO E 199 11.65 42.50 5.88
C PRO E 199 12.30 41.54 6.86
N ALA E 200 12.05 40.24 6.64
CA ALA E 200 12.46 39.14 7.52
C ALA E 200 11.81 39.20 8.89
N GLN E 201 10.73 39.97 9.03
CA GLN E 201 9.98 40.03 10.28
C GLN E 201 8.61 39.42 10.08
N TRP E 202 8.17 38.60 11.03
CA TRP E 202 6.93 37.85 10.90
C TRP E 202 6.16 37.93 12.21
N GLU E 203 4.96 37.34 12.20
CA GLU E 203 4.08 37.35 13.35
C GLU E 203 3.12 36.17 13.25
N PHE E 204 2.83 35.53 14.39
CA PHE E 204 1.81 34.50 14.47
C PHE E 204 0.90 34.77 15.65
N GLN E 205 -0.33 34.28 15.56
CA GLN E 205 -1.36 34.52 16.57
C GLN E 205 -1.74 33.22 17.25
N ILE E 206 -1.93 33.29 18.57
CA ILE E 206 -2.33 32.15 19.38
C ILE E 206 -3.62 32.51 20.11
N GLY E 207 -4.62 31.65 20.01
CA GLY E 207 -5.85 31.84 20.73
C GLY E 207 -7.08 31.60 19.89
N PRO E 208 -8.27 31.84 20.46
CA PRO E 208 -8.52 32.28 21.85
C PRO E 208 -8.33 31.13 22.84
N CYS E 209 -7.65 31.38 23.95
CA CYS E 209 -7.38 30.36 24.95
C CYS E 209 -7.98 30.78 26.28
N GLU E 210 -8.38 29.80 27.08
CA GLU E 210 -9.09 30.06 28.33
C GLU E 210 -8.13 29.91 29.51
N GLY E 211 -8.05 30.95 30.34
CA GLY E 211 -7.35 30.85 31.59
C GLY E 211 -5.87 30.57 31.45
N ILE E 212 -5.40 29.59 32.22
CA ILE E 212 -3.97 29.30 32.28
C ILE E 212 -3.47 28.66 30.99
N SER E 213 -4.38 28.16 30.16
CA SER E 213 -3.96 27.47 28.95
C SER E 213 -3.27 28.41 27.97
N MET E 214 -3.57 29.71 28.04
CA MET E 214 -2.94 30.66 27.14
C MET E 214 -1.44 30.74 27.37
N GLY E 215 -1.02 30.78 28.64
CA GLY E 215 0.40 30.83 28.94
C GLY E 215 1.12 29.58 28.49
N ASP E 216 0.51 28.42 28.70
CA ASP E 216 1.13 27.17 28.28
C ASP E 216 1.28 27.09 26.77
N HIS E 217 0.27 27.51 26.02
CA HIS E 217 0.31 27.38 24.57
C HIS E 217 1.33 28.33 23.95
N LEU E 218 1.51 29.53 24.51
CA LEU E 218 2.46 30.47 23.94
C LEU E 218 3.90 30.01 24.14
N TRP E 219 4.22 29.50 25.34
CA TRP E 219 5.58 29.07 25.63
C TRP E 219 5.98 27.90 24.74
N VAL E 220 5.07 26.94 24.55
CA VAL E 220 5.37 25.79 23.70
C VAL E 220 5.53 26.24 22.25
N ALA E 221 4.74 27.21 21.82
CA ALA E 221 4.88 27.75 20.47
C ALA E 221 6.24 28.42 20.31
N ARG E 222 6.71 29.12 21.34
CA ARG E 222 8.03 29.73 21.28
C ARG E 222 9.13 28.67 21.18
N PHE E 223 8.97 27.58 21.92
CA PHE E 223 9.97 26.50 21.87
C PHE E 223 10.03 25.88 20.48
N ILE E 224 8.87 25.66 19.88
CA ILE E 224 8.83 25.03 18.55
C ILE E 224 9.50 25.93 17.52
N LEU E 225 9.29 27.25 17.65
CA LEU E 225 9.94 28.19 16.74
C LEU E 225 11.46 28.11 16.86
N HIS E 226 11.97 28.07 18.09
CA HIS E 226 13.42 27.97 18.28
C HIS E 226 13.96 26.66 17.71
N ARG E 227 13.27 25.56 17.97
CA ARG E 227 13.73 24.26 17.50
C ARG E 227 13.67 24.16 15.98
N VAL E 228 12.62 24.70 15.37
CA VAL E 228 12.51 24.70 13.91
C VAL E 228 13.61 25.55 13.29
N CYS E 229 13.83 26.75 13.84
CA CYS E 229 14.87 27.61 13.31
C CYS E 229 16.25 26.99 13.46
N GLU E 230 16.45 26.16 14.48
CA GLU E 230 17.72 25.48 14.66
C GLU E 230 18.02 24.53 13.51
N ASP E 231 16.98 23.88 12.96
CA ASP E 231 17.19 22.97 11.84
C ASP E 231 17.69 23.72 10.61
N PHE E 232 17.14 24.91 10.34
CA PHE E 232 17.54 25.69 9.19
C PHE E 232 18.83 26.48 9.42
N GLY E 233 19.27 26.63 10.66
CA GLY E 233 20.49 27.33 10.95
C GLY E 233 20.36 28.82 11.18
N VAL E 234 19.16 29.32 11.42
CA VAL E 234 18.93 30.73 11.68
C VAL E 234 18.51 30.92 13.13
N ILE E 235 18.44 32.17 13.55
CA ILE E 235 18.11 32.53 14.93
C ILE E 235 16.86 33.40 14.93
N ALA E 236 15.91 33.06 15.80
CA ALA E 236 14.71 33.85 16.00
C ALA E 236 14.84 34.66 17.27
N THR E 237 14.67 35.97 17.18
CA THR E 237 14.81 36.86 18.32
C THR E 237 13.48 37.53 18.63
N PHE E 238 13.19 37.66 19.92
CA PHE E 238 12.01 38.38 20.39
C PHE E 238 12.35 39.76 20.92
N ASP E 239 13.52 40.30 20.56
CA ASP E 239 13.94 41.60 21.05
C ASP E 239 12.98 42.68 20.56
N PRO E 240 12.54 43.60 21.44
CA PRO E 240 11.57 44.62 21.01
C PRO E 240 12.07 45.51 19.88
N LYS E 241 13.37 45.84 19.85
CA LYS E 241 13.94 46.70 18.82
C LYS E 241 15.21 46.05 18.27
N PRO E 242 15.07 45.06 17.40
CA PRO E 242 16.27 44.38 16.88
C PRO E 242 17.23 45.28 16.11
N ILE E 243 16.72 46.26 15.36
CA ILE E 243 17.55 47.13 14.54
C ILE E 243 17.16 48.58 14.85
N PRO E 244 18.11 49.44 15.19
CA PRO E 244 17.76 50.84 15.46
C PRO E 244 17.43 51.60 14.18
N GLY E 245 16.74 52.72 14.37
CA GLY E 245 16.44 53.61 13.26
C GLY E 245 15.00 53.55 12.79
N ASN E 246 14.78 53.85 11.51
CA ASN E 246 13.45 53.84 10.92
C ASN E 246 13.02 52.44 10.50
N TRP E 247 12.92 51.54 11.47
CA TRP E 247 12.49 50.17 11.24
C TRP E 247 11.50 49.77 12.31
N ASN E 248 10.55 48.91 11.93
CA ASN E 248 9.45 48.56 12.81
C ASN E 248 9.95 47.77 14.02
N GLY E 249 9.31 48.03 15.17
CA GLY E 249 9.61 47.29 16.38
C GLY E 249 8.83 46.00 16.47
N ALA E 250 9.01 45.31 17.60
CA ALA E 250 8.38 44.02 17.83
C ALA E 250 7.64 44.06 19.17
N GLY E 251 6.34 43.75 19.13
CA GLY E 251 5.53 43.70 20.34
C GLY E 251 4.72 42.42 20.40
N CYS E 252 3.95 42.31 21.48
CA CYS E 252 3.07 41.15 21.71
C CYS E 252 1.71 41.68 22.14
N HIS E 253 0.83 41.92 21.18
CA HIS E 253 -0.50 42.42 21.47
C HIS E 253 -1.34 41.34 22.13
N THR E 254 -2.16 41.74 23.10
CA THR E 254 -2.98 40.82 23.89
C THR E 254 -4.44 41.19 23.72
N ASN E 255 -5.27 40.20 23.43
CA ASN E 255 -6.71 40.38 23.34
C ASN E 255 -7.39 39.70 24.52
N PHE E 256 -8.26 40.42 25.20
CA PHE E 256 -8.90 39.94 26.41
C PHE E 256 -10.41 40.02 26.29
N SER E 257 -11.09 39.01 26.81
CA SER E 257 -12.54 38.96 26.78
C SER E 257 -13.03 38.03 27.89
N THR E 258 -14.25 38.32 28.37
CA THR E 258 -14.92 37.50 29.37
C THR E 258 -16.27 37.04 28.82
N LYS E 259 -16.94 36.18 29.60
CA LYS E 259 -18.25 35.67 29.18
C LYS E 259 -19.26 36.81 29.08
N ALA E 260 -19.23 37.75 30.03
CA ALA E 260 -20.14 38.88 29.98
C ALA E 260 -19.86 39.76 28.77
N MET E 261 -18.59 39.94 28.42
CA MET E 261 -18.24 40.77 27.28
C MET E 261 -18.71 40.16 25.97
N ARG E 262 -18.68 38.84 25.86
CA ARG E 262 -19.04 38.16 24.61
C ARG E 262 -20.54 38.09 24.37
N GLU E 263 -21.36 38.27 25.40
CA GLU E 263 -22.80 38.21 25.22
C GLU E 263 -23.33 39.53 24.66
N GLU E 264 -24.64 39.57 24.41
CA GLU E 264 -25.27 40.75 23.85
C GLU E 264 -25.11 41.94 24.78
N ASN E 265 -24.87 43.12 24.18
CA ASN E 265 -24.64 44.36 24.93
C ASN E 265 -23.48 44.23 25.90
N GLY E 266 -22.47 43.45 25.54
CA GLY E 266 -21.29 43.30 26.36
C GLY E 266 -20.29 44.43 26.25
N LEU E 267 -20.54 45.39 25.35
CA LEU E 267 -19.64 46.52 25.20
C LEU E 267 -19.58 47.36 26.48
N LYS E 268 -20.66 47.36 27.27
CA LYS E 268 -20.66 48.10 28.52
C LYS E 268 -19.60 47.56 29.47
N TYR E 269 -19.47 46.23 29.54
CA TYR E 269 -18.42 45.62 30.36
C TYR E 269 -17.04 45.92 29.81
N ILE E 270 -16.90 46.04 28.49
CA ILE E 270 -15.62 46.37 27.89
C ILE E 270 -15.19 47.76 28.33
N GLU E 271 -16.11 48.71 28.33
CA GLU E 271 -15.79 50.07 28.77
C GLU E 271 -15.42 50.10 30.25
N GLU E 272 -16.09 49.28 31.06
CA GLU E 272 -15.76 49.22 32.48
C GLU E 272 -14.33 48.73 32.70
N ALA E 273 -13.94 47.68 31.99
CA ALA E 273 -12.58 47.14 32.14
C ALA E 273 -11.54 48.14 31.67
N ILE E 274 -11.80 48.82 30.55
CA ILE E 274 -10.85 49.78 30.02
C ILE E 274 -10.68 50.95 31.00
N GLU E 275 -11.79 51.38 31.62
CA GLU E 275 -11.71 52.45 32.61
C GLU E 275 -10.83 52.05 33.78
N LYS E 276 -10.95 50.81 34.25
CA LYS E 276 -10.11 50.33 35.34
C LYS E 276 -8.64 50.31 34.93
N LEU E 277 -8.36 49.91 33.69
CA LEU E 277 -6.97 49.83 33.23
C LEU E 277 -6.31 51.20 33.15
N SER E 278 -7.11 52.27 33.01
CA SER E 278 -6.54 53.60 32.86
C SER E 278 -5.91 54.12 34.15
N LYS E 279 -6.16 53.48 35.28
CA LYS E 279 -5.67 53.93 36.56
C LYS E 279 -4.38 53.23 37.00
N ARG E 280 -3.97 52.16 36.31
CA ARG E 280 -2.83 51.36 36.70
C ARG E 280 -1.84 51.23 35.54
N HIS E 281 -1.52 52.37 34.92
CA HIS E 281 -0.62 52.35 33.78
C HIS E 281 0.79 51.90 34.17
N GLN E 282 1.30 52.44 35.29
CA GLN E 282 2.67 52.11 35.68
C GLN E 282 2.78 50.67 36.17
N TYR E 283 1.74 50.17 36.83
CA TYR E 283 1.76 48.78 37.30
C TYR E 283 1.85 47.81 36.14
N HIS E 284 1.09 48.08 35.07
CA HIS E 284 1.07 47.16 33.93
C HIS E 284 2.35 47.28 33.09
N ILE E 285 2.94 48.47 33.01
CA ILE E 285 4.18 48.63 32.26
C ILE E 285 5.28 47.79 32.87
N ARG E 286 5.39 47.79 34.21
CA ARG E 286 6.39 46.97 34.87
C ARG E 286 6.13 45.49 34.66
N ALA E 287 4.86 45.08 34.68
CA ALA E 287 4.51 43.67 34.51
C ALA E 287 4.65 43.19 33.08
N TYR E 288 4.64 44.08 32.10
CA TYR E 288 4.69 43.71 30.70
C TYR E 288 6.11 43.53 30.18
N ASP E 289 7.09 43.34 31.07
CA ASP E 289 8.46 43.23 30.65
C ASP E 289 9.25 42.42 31.67
N PRO E 290 10.12 41.50 31.21
CA PRO E 290 10.92 40.71 32.16
C PRO E 290 11.96 41.50 32.91
N LYS E 291 12.28 42.72 32.46
CA LYS E 291 13.29 43.55 33.11
C LYS E 291 12.68 44.78 33.78
N GLY E 292 11.36 44.80 33.99
CA GLY E 292 10.71 45.90 34.65
C GLY E 292 10.30 47.05 33.73
N GLY E 293 10.45 46.91 32.42
CA GLY E 293 10.03 47.92 31.47
C GLY E 293 11.15 48.56 30.67
N LEU E 294 12.40 48.19 30.91
CA LEU E 294 13.50 48.80 30.16
C LEU E 294 13.49 48.38 28.70
N ASP E 295 13.18 47.11 28.43
CA ASP E 295 13.18 46.63 27.05
C ASP E 295 12.12 47.33 26.21
N ASN E 296 10.91 47.49 26.75
CA ASN E 296 9.84 48.11 25.99
C ASN E 296 10.05 49.60 25.77
N ALA E 297 10.99 50.22 26.47
CA ALA E 297 11.25 51.64 26.27
C ALA E 297 11.83 51.92 24.88
N ARG E 298 12.60 50.98 24.33
CA ARG E 298 13.19 51.17 23.01
C ARG E 298 12.17 51.06 21.89
N ARG E 299 11.02 50.45 22.13
CA ARG E 299 9.99 50.27 21.11
C ARG E 299 8.84 51.26 21.22
N LEU E 300 8.28 51.46 22.40
CA LEU E 300 7.13 52.35 22.59
C LEU E 300 7.64 53.78 22.66
N THR E 301 7.73 54.41 21.50
CA THR E 301 8.16 55.80 21.40
C THR E 301 7.13 56.69 20.72
N GLY E 302 5.92 56.19 20.48
CA GLY E 302 4.90 56.98 19.83
C GLY E 302 5.01 57.07 18.33
N PHE E 303 5.84 56.23 17.72
CA PHE E 303 6.06 56.26 16.27
C PHE E 303 5.93 54.86 15.71
N HIS E 304 5.66 54.79 14.40
CA HIS E 304 5.47 53.52 13.69
C HIS E 304 4.31 52.73 14.29
N GLU E 305 3.16 53.39 14.41
CA GLU E 305 1.93 52.77 14.92
C GLU E 305 2.16 52.16 16.31
N THR E 306 2.77 52.94 17.20
CA THR E 306 3.01 52.53 18.57
C THR E 306 2.55 53.63 19.52
N SER E 307 2.15 53.21 20.71
CA SER E 307 1.72 54.14 21.74
C SER E 307 2.92 54.61 22.57
N ASN E 308 2.74 55.75 23.22
CA ASN E 308 3.80 56.29 24.06
C ASN E 308 3.94 55.49 25.34
N ILE E 309 5.17 55.40 25.85
CA ILE E 309 5.44 54.60 27.04
C ILE E 309 4.89 55.28 28.30
N ASN E 310 4.80 56.61 28.29
CA ASN E 310 4.40 57.34 29.49
C ASN E 310 2.91 57.67 29.53
N ASP E 311 2.23 57.63 28.39
CA ASP E 311 0.84 58.06 28.30
C ASP E 311 -0.09 56.87 28.05
N PHE E 312 -1.28 56.95 28.63
CA PHE E 312 -2.33 55.97 28.41
C PHE E 312 -3.43 56.58 27.55
N SER E 313 -3.83 55.86 26.51
CA SER E 313 -4.91 56.31 25.64
C SER E 313 -5.69 55.10 25.15
N ALA E 314 -6.97 55.33 24.86
CA ALA E 314 -7.84 54.28 24.37
C ALA E 314 -8.74 54.85 23.28
N GLY E 315 -9.16 54.00 22.36
CA GLY E 315 -10.04 54.42 21.29
C GLY E 315 -10.48 53.23 20.47
N VAL E 316 -11.58 53.44 19.74
CA VAL E 316 -12.12 52.41 18.86
C VAL E 316 -11.48 52.54 17.48
N ALA E 317 -10.98 51.42 16.96
CA ALA E 317 -10.32 51.38 15.66
C ALA E 317 -9.14 52.35 15.60
N ASN E 318 -8.45 52.51 16.72
CA ASN E 318 -7.29 53.39 16.83
C ASN E 318 -6.07 52.52 17.08
N ARG E 319 -5.15 52.49 16.11
CA ARG E 319 -3.95 51.68 16.22
C ARG E 319 -2.78 52.43 16.84
N SER E 320 -2.96 53.69 17.22
CA SER E 320 -1.93 54.47 17.88
C SER E 320 -2.13 54.59 19.38
N ALA E 321 -3.18 54.01 19.92
CA ALA E 321 -3.49 54.09 21.35
C ALA E 321 -3.00 52.85 22.07
N SER E 322 -2.93 52.95 23.40
CA SER E 322 -2.55 51.80 24.21
C SER E 322 -3.59 50.70 24.12
N ILE E 323 -4.87 51.05 24.14
CA ILE E 323 -5.97 50.10 24.05
C ILE E 323 -6.78 50.41 22.80
N ARG E 324 -7.03 49.39 22.00
CA ARG E 324 -7.79 49.54 20.76
C ARG E 324 -9.02 48.66 20.80
N ILE E 325 -10.17 49.25 20.52
CA ILE E 325 -11.43 48.51 20.36
C ILE E 325 -11.64 48.29 18.87
N PRO E 326 -11.75 47.04 18.41
CA PRO E 326 -12.01 46.81 16.98
C PRO E 326 -13.33 47.43 16.55
N ARG E 327 -13.34 47.93 15.30
CA ARG E 327 -14.53 48.60 14.79
C ARG E 327 -15.71 47.63 14.72
N THR E 328 -15.46 46.38 14.34
CA THR E 328 -16.52 45.39 14.31
C THR E 328 -17.09 45.16 15.71
N VAL E 329 -16.23 45.12 16.72
CA VAL E 329 -16.70 44.95 18.10
C VAL E 329 -17.61 46.10 18.50
N GLY E 330 -17.21 47.32 18.16
CA GLY E 330 -18.02 48.48 18.50
C GLY E 330 -19.36 48.50 17.79
N GLN E 331 -19.40 48.01 16.55
CA GLN E 331 -20.67 48.02 15.81
C GLN E 331 -21.64 46.98 16.35
N GLU E 332 -21.13 45.82 16.76
CA GLU E 332 -21.97 44.76 17.27
C GLU E 332 -22.19 44.84 18.78
N LYS E 333 -21.58 45.81 19.45
CA LYS E 333 -21.77 46.05 20.89
C LYS E 333 -21.31 44.86 21.73
N LYS E 334 -20.43 44.02 21.18
CA LYS E 334 -19.93 42.87 21.90
C LYS E 334 -18.62 42.43 21.27
N GLY E 335 -17.83 41.68 22.05
CA GLY E 335 -16.56 41.18 21.55
C GLY E 335 -15.42 41.23 22.55
N TYR E 336 -14.34 41.90 22.18
CA TYR E 336 -13.14 41.95 23.00
C TYR E 336 -12.43 43.28 22.75
N PHE E 337 -11.32 43.48 23.44
CA PHE E 337 -10.48 44.65 23.24
C PHE E 337 -9.02 44.21 23.26
N GLU E 338 -8.17 45.03 22.64
CA GLU E 338 -6.77 44.69 22.41
C GLU E 338 -5.86 45.62 23.21
N ASP E 339 -4.89 45.04 23.90
CA ASP E 339 -3.87 45.78 24.62
C ASP E 339 -2.59 45.76 23.79
N ARG E 340 -2.09 46.93 23.42
CA ARG E 340 -0.96 47.05 22.51
C ARG E 340 0.34 47.42 23.22
N ARG E 341 0.35 47.43 24.54
CA ARG E 341 1.52 47.79 25.33
C ARG E 341 2.58 46.68 25.48
N PRO E 342 2.20 45.42 25.71
CA PRO E 342 3.24 44.41 26.02
C PRO E 342 4.28 44.27 24.92
N SER E 343 5.52 44.04 25.34
CA SER E 343 6.64 43.88 24.42
C SER E 343 6.71 42.45 23.91
N ALA E 344 7.55 42.25 22.88
CA ALA E 344 7.64 40.96 22.23
C ALA E 344 8.27 39.88 23.11
N ASN E 345 9.07 40.27 24.11
CA ASN E 345 9.73 39.33 24.99
C ASN E 345 9.04 39.22 26.35
N CYS E 346 7.75 39.51 26.41
CA CYS E 346 7.01 39.46 27.67
C CYS E 346 6.76 38.02 28.08
N ASP E 347 6.50 37.84 29.38
CA ASP E 347 6.09 36.55 29.91
C ASP E 347 4.57 36.45 29.88
N PRO E 348 3.99 35.49 29.15
CA PRO E 348 2.53 35.43 29.08
C PRO E 348 1.87 35.21 30.43
N PHE E 349 2.50 34.47 31.34
CA PHE E 349 1.91 34.26 32.66
C PHE E 349 1.82 35.57 33.43
N SER E 350 2.84 36.42 33.31
CA SER E 350 2.81 37.71 33.98
C SER E 350 1.76 38.63 33.38
N VAL E 351 1.63 38.63 32.05
CA VAL E 351 0.71 39.55 31.37
C VAL E 351 -0.73 39.18 31.68
N THR E 352 -1.07 37.88 31.57
CA THR E 352 -2.44 37.46 31.79
C THR E 352 -2.87 37.69 33.23
N GLU E 353 -1.97 37.44 34.19
CA GLU E 353 -2.32 37.63 35.60
C GLU E 353 -2.63 39.09 35.90
N ALA E 354 -1.85 40.01 35.34
CA ALA E 354 -2.06 41.43 35.62
C ALA E 354 -3.42 41.90 35.11
N LEU E 355 -3.84 41.42 33.94
CA LEU E 355 -5.13 41.82 33.39
C LEU E 355 -6.27 41.35 34.29
N ILE E 356 -6.19 40.12 34.79
CA ILE E 356 -7.25 39.59 35.64
C ILE E 356 -7.31 40.35 36.96
N ARG E 357 -6.16 40.67 37.52
CA ARG E 357 -6.13 41.36 38.81
C ARG E 357 -6.80 42.72 38.74
N THR E 358 -6.48 43.50 37.71
CA THR E 358 -7.01 44.86 37.61
C THR E 358 -8.47 44.87 37.16
N CYS E 359 -8.82 44.03 36.20
CA CYS E 359 -10.14 44.11 35.58
C CYS E 359 -11.20 43.30 36.30
N LEU E 360 -10.86 42.11 36.79
CA LEU E 360 -11.83 41.23 37.41
C LEU E 360 -11.78 41.19 38.92
N LEU E 361 -10.60 41.33 39.52
CA LEU E 361 -10.46 41.31 40.97
C LEU E 361 -10.42 42.70 41.58
N ASN E 362 -10.47 43.75 40.77
CA ASN E 362 -10.57 45.13 41.23
C ASN E 362 -9.44 45.49 42.20
N GLU E 363 -8.24 44.99 41.91
CA GLU E 363 -7.09 45.31 42.74
C GLU E 363 -6.65 46.75 42.52
N THR E 364 -6.09 47.34 43.58
CA THR E 364 -5.65 48.73 43.55
C THR E 364 -4.32 48.83 44.27
N GLY E 365 -3.42 49.63 43.70
CA GLY E 365 -2.10 49.82 44.28
C GLY E 365 -0.99 49.41 43.32
N ASP E 366 0.20 49.30 43.89
CA ASP E 366 1.40 48.96 43.13
C ASP E 366 1.89 47.54 43.41
N GLU E 367 1.41 46.90 44.48
CA GLU E 367 1.79 45.53 44.78
C GLU E 367 0.58 44.63 44.63
N PRO E 368 0.79 43.38 44.22
CA PRO E 368 -0.31 42.42 44.21
C PRO E 368 -0.74 42.07 45.61
N PHE E 369 -2.00 41.68 45.76
CA PHE E 369 -2.53 41.31 47.06
C PHE E 369 -2.22 39.84 47.35
N GLN E 370 -1.63 39.59 48.51
CA GLN E 370 -1.23 38.24 48.88
C GLN E 370 -2.46 37.46 49.33
N TYR E 371 -2.71 36.32 48.66
CA TYR E 371 -3.83 35.43 48.94
C TYR E 371 -5.15 36.07 48.59
N LYS E 372 -6.02 35.31 47.93
CA LYS E 372 -7.34 35.76 47.47
C LYS E 372 -7.08 36.96 46.54
N ASN E 373 -7.87 38.03 46.63
CA ASN E 373 -7.72 39.17 45.74
C ASN E 373 -7.67 40.48 46.52
N THR F 2 45.40 30.52 8.01
CA THR F 2 46.78 30.10 8.23
C THR F 2 47.66 31.30 8.56
N THR F 3 47.52 32.36 7.79
CA THR F 3 48.22 33.62 8.04
C THR F 3 47.26 34.63 8.66
N SER F 4 47.83 35.57 9.40
CA SER F 4 47.02 36.54 10.14
C SER F 4 46.35 37.52 9.19
N ALA F 5 45.24 38.10 9.65
CA ALA F 5 44.52 39.07 8.85
C ALA F 5 45.33 40.34 8.66
N SER F 6 46.17 40.69 9.64
CA SER F 6 47.00 41.88 9.50
C SER F 6 48.00 41.74 8.36
N SER F 7 48.48 40.53 8.10
CA SER F 7 49.41 40.30 7.00
C SER F 7 48.76 40.46 5.63
N HIS F 8 47.44 40.48 5.56
CA HIS F 8 46.74 40.64 4.29
C HIS F 8 46.48 42.10 3.94
N LEU F 9 46.85 43.04 4.81
CA LEU F 9 46.74 44.45 4.48
C LEU F 9 47.78 44.82 3.42
N ASN F 10 47.49 45.90 2.70
CA ASN F 10 48.37 46.35 1.64
C ASN F 10 49.65 46.92 2.24
N LYS F 11 50.74 46.15 2.16
CA LYS F 11 52.01 46.58 2.72
C LYS F 11 52.67 47.69 1.91
N GLY F 12 52.24 47.89 0.66
CA GLY F 12 52.77 49.00 -0.12
C GLY F 12 52.35 50.34 0.45
N ILE F 13 51.14 50.41 1.02
CA ILE F 13 50.67 51.66 1.62
C ILE F 13 51.55 52.05 2.79
N LYS F 14 51.92 51.09 3.64
CA LYS F 14 52.76 51.39 4.79
C LYS F 14 54.13 51.89 4.35
N GLN F 15 54.67 51.32 3.27
CA GLN F 15 55.99 51.74 2.79
C GLN F 15 55.97 53.20 2.35
N VAL F 16 54.84 53.67 1.82
CA VAL F 16 54.73 55.07 1.41
C VAL F 16 54.84 55.98 2.63
N TYR F 17 54.11 55.65 3.69
CA TYR F 17 54.17 56.45 4.91
C TYR F 17 55.54 56.34 5.58
N MET F 18 56.13 55.14 5.57
CA MET F 18 57.43 54.94 6.18
C MET F 18 58.54 55.69 5.45
N SER F 19 58.30 56.15 4.23
CA SER F 19 59.29 56.89 3.45
C SER F 19 59.31 58.38 3.76
N LEU F 20 58.36 58.88 4.54
CA LEU F 20 58.36 60.29 4.89
C LEU F 20 59.57 60.60 5.77
N PRO F 21 60.25 61.72 5.53
CA PRO F 21 61.36 62.11 6.40
C PRO F 21 60.89 62.28 7.84
N GLN F 22 61.68 61.74 8.77
CA GLN F 22 61.27 61.75 10.18
C GLN F 22 61.27 63.17 10.75
N GLY F 23 62.28 63.95 10.39
CA GLY F 23 62.43 65.28 10.96
C GLY F 23 63.57 65.35 11.95
N GLU F 24 63.25 65.68 13.20
CA GLU F 24 64.27 65.78 14.24
C GLU F 24 64.03 64.85 15.42
N LYS F 25 62.78 64.52 15.73
CA LYS F 25 62.49 63.65 16.86
C LYS F 25 62.99 62.23 16.59
N VAL F 26 63.26 61.52 17.69
CA VAL F 26 63.77 60.15 17.64
C VAL F 26 62.86 59.25 18.44
N GLN F 27 62.54 58.09 17.88
CA GLN F 27 61.69 57.10 18.53
C GLN F 27 62.56 56.06 19.23
N ALA F 28 62.13 55.65 20.42
CA ALA F 28 62.83 54.64 21.21
C ALA F 28 61.84 53.58 21.63
N MET F 29 62.23 52.31 21.49
CA MET F 29 61.39 51.17 21.83
C MET F 29 61.95 50.50 23.08
N TYR F 30 61.11 50.32 24.09
CA TYR F 30 61.52 49.71 25.35
C TYR F 30 61.03 48.26 25.39
N ILE F 31 61.92 47.33 25.73
CA ILE F 31 61.63 45.91 25.72
C ILE F 31 61.94 45.33 27.09
N TRP F 32 61.03 44.50 27.62
CA TRP F 32 61.24 43.85 28.90
C TRP F 32 60.52 42.52 28.91
N ILE F 33 60.87 41.70 29.89
CA ILE F 33 60.32 40.34 30.02
C ILE F 33 59.14 40.37 30.99
N ASP F 34 58.08 39.67 30.63
CA ASP F 34 56.86 39.65 31.45
C ASP F 34 57.01 38.64 32.58
N GLY F 35 55.90 38.35 33.26
CA GLY F 35 55.92 37.45 34.40
C GLY F 35 56.01 35.97 34.07
N THR F 36 55.75 35.58 32.83
CA THR F 36 55.88 34.20 32.43
C THR F 36 57.33 33.73 32.35
N GLY F 37 58.27 34.67 32.28
CA GLY F 37 59.67 34.32 32.18
C GLY F 37 60.16 34.01 30.78
N GLU F 38 59.26 33.98 29.80
CA GLU F 38 59.66 33.73 28.43
C GLU F 38 59.01 34.65 27.41
N GLY F 39 58.05 35.49 27.80
CA GLY F 39 57.43 36.42 26.89
C GLY F 39 58.07 37.79 26.95
N LEU F 40 57.78 38.61 25.95
CA LEU F 40 58.33 39.94 25.83
C LEU F 40 57.22 40.97 25.62
N ARG F 41 57.45 42.18 26.13
CA ARG F 41 56.52 43.29 25.98
C ARG F 41 57.28 44.52 25.53
N CYS F 42 56.58 45.44 24.86
CA CYS F 42 57.24 46.59 24.28
C CYS F 42 56.27 47.75 24.15
N LYS F 43 56.83 48.96 24.15
CA LYS F 43 56.09 50.17 23.83
C LYS F 43 57.09 51.25 23.43
N THR F 44 56.58 52.31 22.80
CA THR F 44 57.41 53.32 22.17
C THR F 44 57.20 54.69 22.82
N ARG F 45 58.28 55.46 22.90
CA ARG F 45 58.24 56.84 23.37
C ARG F 45 59.10 57.70 22.47
N THR F 46 58.86 59.01 22.51
CA THR F 46 59.53 59.97 21.65
C THR F 46 60.61 60.70 22.42
N LEU F 47 61.80 60.83 21.82
CA LEU F 47 62.92 61.53 22.41
C LEU F 47 63.24 62.77 21.59
N ASP F 48 63.79 63.78 22.27
CA ASP F 48 64.08 65.05 21.61
C ASP F 48 65.34 64.97 20.76
N SER F 49 66.25 64.06 21.07
CA SER F 49 67.50 63.93 20.35
C SER F 49 67.98 62.48 20.40
N GLU F 50 68.85 62.14 19.47
CA GLU F 50 69.38 60.78 19.40
C GLU F 50 70.41 60.56 20.50
N PRO F 51 70.21 59.59 21.39
CA PRO F 51 71.19 59.33 22.43
C PRO F 51 72.47 58.73 21.85
N LYS F 52 73.59 59.00 22.51
CA LYS F 52 74.87 58.44 22.08
C LYS F 52 75.21 57.13 22.78
N CYS F 53 74.63 56.87 23.94
CA CYS F 53 74.86 55.61 24.66
C CYS F 53 73.68 55.37 25.58
N VAL F 54 73.60 54.14 26.10
CA VAL F 54 72.47 53.72 26.92
C VAL F 54 72.39 54.47 28.24
N GLU F 55 73.43 55.21 28.63
CA GLU F 55 73.47 55.79 29.95
C GLU F 55 72.52 56.98 30.11
N GLU F 56 72.26 57.71 29.04
CA GLU F 56 71.41 58.90 29.12
C GLU F 56 69.96 58.63 28.73
N LEU F 57 69.58 57.38 28.54
CA LEU F 57 68.19 57.06 28.24
C LEU F 57 67.34 57.24 29.48
N PRO F 58 66.19 57.91 29.38
CA PRO F 58 65.35 58.13 30.57
C PRO F 58 64.72 56.84 31.05
N GLU F 59 64.48 56.79 32.35
CA GLU F 59 63.83 55.59 32.95
C GLU F 59 62.32 55.75 32.79
N TRP F 60 61.60 54.66 32.61
CA TRP F 60 60.16 54.75 32.37
C TRP F 60 59.44 53.84 33.34
N ASN F 61 58.15 53.63 33.11
CA ASN F 61 57.34 52.80 34.03
C ASN F 61 56.23 52.14 33.22
N PHE F 62 55.57 51.13 33.79
CA PHE F 62 54.45 50.50 33.13
C PHE F 62 53.55 49.89 34.20
N ASP F 63 52.43 49.32 33.76
CA ASP F 63 51.43 48.74 34.64
C ASP F 63 51.70 47.24 34.78
N GLY F 64 52.09 46.81 35.97
CA GLY F 64 52.40 45.40 36.19
C GLY F 64 51.21 44.50 36.37
N SER F 65 50.04 45.07 36.68
CA SER F 65 48.84 44.26 36.81
C SER F 65 48.43 43.64 35.49
N SER F 66 48.55 44.38 34.39
CA SER F 66 48.15 43.88 33.08
C SER F 66 49.17 42.89 32.52
N THR F 67 50.36 42.80 33.10
CA THR F 67 51.43 41.95 32.63
C THR F 67 51.61 40.71 33.51
N LEU F 68 50.89 40.66 34.63
CA LEU F 68 50.93 39.52 35.56
C LEU F 68 52.27 39.44 36.29
N GLN F 69 52.80 40.59 36.68
CA GLN F 69 53.98 40.65 37.54
C GLN F 69 53.68 41.25 38.91
N SER F 70 52.44 41.67 39.16
CA SER F 70 52.09 42.30 40.42
C SER F 70 50.58 42.27 40.58
N GLU F 71 50.13 42.64 41.78
CA GLU F 71 48.72 42.73 42.11
C GLU F 71 48.26 44.19 41.99
N GLY F 72 47.00 44.45 42.34
CA GLY F 72 46.41 45.76 42.13
C GLY F 72 46.79 46.84 43.11
N SER F 73 47.36 46.48 44.26
CA SER F 73 47.71 47.50 45.25
C SER F 73 48.91 48.32 44.81
N ASN F 74 49.94 47.66 44.31
CA ASN F 74 51.20 48.28 43.91
C ASN F 74 51.57 47.88 42.49
N SER F 75 50.60 48.01 41.58
CA SER F 75 50.77 47.49 40.23
C SER F 75 51.91 48.16 39.47
N ASP F 76 52.28 49.39 39.86
CA ASP F 76 53.31 50.11 39.13
C ASP F 76 54.65 49.41 39.22
N MET F 77 55.32 49.30 38.07
CA MET F 77 56.65 48.71 37.98
C MET F 77 57.56 49.74 37.32
N TYR F 78 58.86 49.42 37.27
CA TYR F 78 59.85 50.34 36.71
C TYR F 78 60.71 49.64 35.67
N LEU F 79 61.16 50.42 34.69
CA LEU F 79 62.03 49.93 33.63
C LEU F 79 63.31 50.74 33.63
N VAL F 80 64.44 50.06 33.80
CA VAL F 80 65.76 50.68 33.80
C VAL F 80 66.49 50.21 32.55
N PRO F 81 66.85 51.10 31.63
CA PRO F 81 67.54 50.65 30.40
C PRO F 81 68.87 49.97 30.71
N ALA F 82 69.17 48.94 29.93
CA ALA F 82 70.40 48.16 30.10
C ALA F 82 71.28 48.14 28.87
N ALA F 83 70.70 48.04 27.67
CA ALA F 83 71.46 48.00 26.45
C ALA F 83 70.69 48.72 25.35
N MET F 84 71.42 49.22 24.35
CA MET F 84 70.85 49.94 23.24
C MET F 84 71.28 49.30 21.92
N PHE F 85 70.40 49.35 20.93
CA PHE F 85 70.68 48.81 19.61
C PHE F 85 69.98 49.67 18.57
N ARG F 86 70.49 49.62 17.34
CA ARG F 86 69.85 50.31 16.25
C ARG F 86 68.54 49.62 15.88
N ASP F 87 67.53 50.42 15.52
CA ASP F 87 66.22 49.88 15.17
C ASP F 87 66.23 49.45 13.71
N PRO F 88 66.04 48.17 13.40
CA PRO F 88 65.98 47.76 11.99
C PRO F 88 64.62 47.96 11.36
N PHE F 89 63.55 48.04 12.14
CA PHE F 89 62.21 48.21 11.61
C PHE F 89 61.85 49.67 11.34
N ARG F 90 62.61 50.60 11.90
CA ARG F 90 62.41 52.02 11.65
C ARG F 90 63.65 52.74 11.17
N LYS F 91 64.79 52.03 11.07
CA LYS F 91 66.05 52.58 10.58
C LYS F 91 66.59 53.68 11.50
N ASP F 92 67.77 54.19 11.18
CA ASP F 92 68.39 55.22 12.00
C ASP F 92 67.59 56.51 11.92
N PRO F 93 67.62 57.33 12.98
CA PRO F 93 68.38 57.18 14.23
C PRO F 93 67.56 56.56 15.36
N ASN F 94 66.49 55.83 15.05
CA ASN F 94 65.68 55.22 16.09
C ASN F 94 66.43 54.05 16.74
N LYS F 95 66.06 53.74 17.98
CA LYS F 95 66.80 52.81 18.80
C LYS F 95 65.88 51.76 19.41
N LEU F 96 66.48 50.62 19.75
CA LEU F 96 65.84 49.59 20.57
C LEU F 96 66.53 49.53 21.92
N VAL F 97 65.74 49.49 22.99
CA VAL F 97 66.27 49.53 24.35
C VAL F 97 65.79 48.29 25.09
N LEU F 98 66.73 47.55 25.66
CA LEU F 98 66.41 46.43 26.54
C LEU F 98 66.56 46.88 27.99
N CYS F 99 65.55 46.61 28.80
CA CYS F 99 65.46 47.18 30.14
C CYS F 99 65.27 46.10 31.18
N GLU F 100 65.73 46.40 32.40
CA GLU F 100 65.48 45.58 33.57
C GLU F 100 64.22 46.04 34.28
N VAL F 101 63.61 45.13 35.02
CA VAL F 101 62.33 45.38 35.68
C VAL F 101 62.54 45.43 37.19
N PHE F 102 62.11 46.52 37.80
CA PHE F 102 62.14 46.68 39.25
C PHE F 102 60.74 47.04 39.74
N LYS F 103 60.38 46.47 40.89
CA LYS F 103 59.06 46.72 41.46
C LYS F 103 59.06 48.04 42.21
N TYR F 104 57.96 48.31 42.92
CA TYR F 104 57.76 49.62 43.54
C TYR F 104 58.79 49.94 44.60
N ASN F 105 59.26 48.93 45.34
CA ASN F 105 60.28 49.12 46.36
C ASN F 105 61.69 48.97 45.81
N ARG F 106 61.88 49.15 44.51
CA ARG F 106 63.20 49.10 43.85
C ARG F 106 63.90 47.76 44.07
N ARG F 107 63.15 46.69 44.10
CA ARG F 107 63.78 45.39 44.12
C ARG F 107 63.58 44.68 42.78
N PRO F 108 64.54 43.84 42.37
CA PRO F 108 64.38 43.10 41.12
C PRO F 108 63.14 42.21 41.17
N ALA F 109 62.47 42.09 40.02
CA ALA F 109 61.28 41.27 39.92
C ALA F 109 61.65 39.80 39.94
N GLU F 110 60.62 38.95 40.00
CA GLU F 110 60.84 37.51 40.04
C GLU F 110 61.51 37.02 38.78
N THR F 111 61.11 37.55 37.62
CA THR F 111 61.68 37.16 36.35
C THR F 111 62.93 37.98 35.99
N ASN F 112 63.33 38.93 36.83
CA ASN F 112 64.52 39.74 36.57
C ASN F 112 65.74 38.96 37.06
N LEU F 113 66.20 38.06 36.21
CA LEU F 113 67.37 37.24 36.51
C LEU F 113 68.68 37.87 36.04
N ARG F 114 68.62 38.99 35.34
CA ARG F 114 69.84 39.65 34.88
C ARG F 114 70.58 40.30 36.04
N HIS F 115 69.85 40.79 37.05
CA HIS F 115 70.48 41.52 38.14
C HIS F 115 71.49 40.65 38.89
N THR F 116 71.09 39.43 39.26
CA THR F 116 72.02 38.54 39.94
C THR F 116 73.05 37.96 38.99
N CYS F 117 72.71 37.80 37.71
CA CYS F 117 73.66 37.25 36.75
C CYS F 117 74.82 38.21 36.50
N LYS F 118 74.54 39.52 36.49
CA LYS F 118 75.60 40.49 36.24
C LYS F 118 76.64 40.47 37.35
N ARG F 119 76.21 40.38 38.60
CA ARG F 119 77.15 40.35 39.72
C ARG F 119 78.03 39.12 39.66
N ILE F 120 77.46 37.97 39.30
CA ILE F 120 78.22 36.73 39.25
C ILE F 120 79.30 36.80 38.17
N MET F 121 78.95 37.35 37.01
CA MET F 121 79.91 37.38 35.91
C MET F 121 81.00 38.42 36.14
N ASP F 122 80.82 39.31 37.11
CA ASP F 122 81.86 40.30 37.41
C ASP F 122 82.97 39.72 38.26
N MET F 123 82.76 38.56 38.87
CA MET F 123 83.78 37.93 39.70
C MET F 123 84.78 37.10 38.90
N VAL F 124 84.50 36.82 37.63
CA VAL F 124 85.39 36.01 36.80
C VAL F 124 85.80 36.81 35.58
N SER F 125 85.89 38.13 35.73
CA SER F 125 86.18 39.00 34.58
C SER F 125 87.55 38.70 33.99
N ASN F 126 88.54 38.42 34.83
CA ASN F 126 89.89 38.21 34.35
C ASN F 126 90.01 36.95 33.49
N GLN F 127 89.11 35.98 33.66
CA GLN F 127 89.17 34.76 32.89
C GLN F 127 88.48 34.88 31.53
N HIS F 128 87.70 35.95 31.31
CA HIS F 128 87.03 36.23 30.05
C HIS F 128 86.24 35.04 29.53
N PRO F 129 85.11 34.70 30.16
CA PRO F 129 84.31 33.58 29.65
C PRO F 129 83.56 33.99 28.38
N TRP F 130 83.60 33.13 27.38
CA TRP F 130 82.86 33.34 26.13
C TRP F 130 81.71 32.36 26.04
N PHE F 131 80.62 32.80 25.42
CA PHE F 131 79.42 31.99 25.29
C PHE F 131 78.92 32.05 23.85
N GLY F 132 78.36 30.93 23.40
CA GLY F 132 77.70 30.85 22.11
C GLY F 132 76.57 29.87 22.14
N MET F 133 75.36 30.31 21.77
CA MET F 133 74.16 29.48 21.86
C MET F 133 73.54 29.32 20.48
N GLU F 134 73.13 28.08 20.17
CA GLU F 134 72.43 27.77 18.94
C GLU F 134 70.95 27.63 19.25
N GLN F 135 70.17 28.64 18.86
CA GLN F 135 68.76 28.72 19.20
C GLN F 135 67.93 28.13 18.06
N GLU F 136 67.03 27.22 18.39
CA GLU F 136 66.18 26.56 17.42
C GLU F 136 64.72 26.96 17.64
N TYR F 137 63.97 27.01 16.55
CA TYR F 137 62.58 27.45 16.60
C TYR F 137 61.82 26.84 15.45
N THR F 138 60.49 26.86 15.56
CA THR F 138 59.60 26.34 14.53
C THR F 138 58.60 27.40 14.12
N LEU F 139 58.44 27.58 12.81
CA LEU F 139 57.47 28.53 12.27
C LEU F 139 56.11 27.87 12.18
N MET F 140 55.09 28.52 12.74
CA MET F 140 53.74 27.98 12.79
C MET F 140 52.76 28.99 12.22
N GLY F 141 51.69 28.50 11.64
CA GLY F 141 50.61 29.36 11.19
C GLY F 141 49.71 29.76 12.35
N THR F 142 48.73 30.60 12.03
CA THR F 142 47.80 31.07 13.05
C THR F 142 46.83 29.99 13.50
N ASP F 143 46.78 28.84 12.83
CA ASP F 143 45.89 27.74 13.19
C ASP F 143 46.54 26.73 14.12
N GLY F 144 47.76 26.99 14.58
CA GLY F 144 48.44 26.08 15.47
C GLY F 144 49.16 24.93 14.80
N HIS F 145 49.24 24.93 13.47
CA HIS F 145 49.90 23.90 12.70
C HIS F 145 51.20 24.45 12.12
N PRO F 146 52.22 23.62 11.93
CA PRO F 146 53.48 24.11 11.38
C PRO F 146 53.28 24.75 10.01
N PHE F 147 54.03 25.81 9.75
CA PHE F 147 53.87 26.55 8.51
C PHE F 147 54.30 25.72 7.31
N GLY F 148 53.46 25.69 6.28
CA GLY F 148 53.74 24.96 5.07
C GLY F 148 53.38 23.50 5.09
N TRP F 149 52.94 22.98 6.23
CA TRP F 149 52.55 21.58 6.30
C TRP F 149 51.18 21.37 5.64
N PRO F 150 50.92 20.18 5.13
CA PRO F 150 49.60 19.89 4.55
C PRO F 150 48.51 20.01 5.59
N SER F 151 47.33 20.43 5.14
CA SER F 151 46.20 20.60 6.03
C SER F 151 45.76 19.26 6.61
N ASN F 152 45.80 19.15 7.94
CA ASN F 152 45.43 17.93 8.65
C ASN F 152 46.24 16.73 8.13
N GLY F 153 47.52 16.97 7.86
CA GLY F 153 48.35 15.93 7.32
C GLY F 153 49.80 16.16 7.69
N PHE F 154 50.68 15.32 7.13
CA PHE F 154 52.09 15.37 7.43
C PHE F 154 52.89 15.38 6.13
N PRO F 155 54.07 15.97 6.16
CA PRO F 155 54.98 15.87 5.00
C PRO F 155 55.68 14.52 4.96
N GLY F 156 56.62 14.35 4.05
CA GLY F 156 57.35 13.12 3.92
C GLY F 156 58.26 12.84 5.11
N PRO F 157 58.84 11.65 5.15
CA PRO F 157 59.72 11.30 6.27
C PRO F 157 60.97 12.16 6.28
N GLN F 158 61.56 12.26 7.48
CA GLN F 158 62.72 13.12 7.68
C GLN F 158 63.93 12.60 6.90
N GLY F 159 64.89 13.49 6.68
CA GLY F 159 66.10 13.15 5.97
C GLY F 159 66.50 14.11 4.87
N PRO F 160 65.55 14.60 4.07
CA PRO F 160 65.89 15.59 3.05
C PRO F 160 65.78 17.04 3.50
N TYR F 161 65.20 17.30 4.68
CA TYR F 161 64.95 18.69 5.08
C TYR F 161 66.14 19.33 5.78
N TYR F 162 67.10 18.55 6.27
CA TYR F 162 68.21 19.12 7.00
C TYR F 162 69.14 19.86 6.06
N CYS F 163 69.26 21.18 6.27
CA CYS F 163 70.08 22.05 5.41
C CYS F 163 69.67 21.92 3.95
N GLY F 164 68.37 21.76 3.71
CA GLY F 164 67.88 21.53 2.37
C GLY F 164 67.69 22.81 1.58
N VAL F 165 67.56 22.63 0.27
CA VAL F 165 67.28 23.73 -0.65
C VAL F 165 66.23 23.26 -1.65
N GLY F 166 65.27 24.13 -1.94
CA GLY F 166 64.20 23.78 -2.85
C GLY F 166 62.83 24.07 -2.28
N ALA F 167 61.83 24.19 -3.15
CA ALA F 167 60.48 24.54 -2.70
C ALA F 167 59.87 23.44 -1.85
N ASP F 168 60.31 22.20 -2.02
CA ASP F 168 59.77 21.07 -1.28
C ASP F 168 60.64 20.65 -0.10
N ARG F 169 61.67 21.40 0.20
CA ARG F 169 62.59 21.00 1.27
C ARG F 169 62.77 22.08 2.34
N ALA F 170 62.72 23.35 1.96
CA ALA F 170 62.86 24.45 2.91
C ALA F 170 61.57 25.25 2.95
N TYR F 171 61.00 25.40 4.15
CA TYR F 171 59.73 26.10 4.33
C TYR F 171 60.00 27.43 5.03
N GLY F 172 59.73 28.52 4.33
CA GLY F 172 59.79 29.83 4.93
C GLY F 172 61.18 30.42 5.09
N ARG F 173 62.00 30.33 4.04
CA ARG F 173 63.32 30.94 4.10
C ARG F 173 63.24 32.46 4.06
N ASP F 174 62.10 33.03 3.64
CA ASP F 174 61.97 34.48 3.58
C ASP F 174 62.11 35.10 4.96
N ILE F 175 61.49 34.48 5.96
CA ILE F 175 61.62 34.98 7.33
C ILE F 175 63.06 34.91 7.80
N VAL F 176 63.73 33.80 7.52
CA VAL F 176 65.09 33.58 8.00
C VAL F 176 66.03 34.63 7.42
N GLU F 177 65.93 34.90 6.12
CA GLU F 177 66.79 35.89 5.48
C GLU F 177 66.54 37.28 6.05
N ALA F 178 65.28 37.64 6.26
CA ALA F 178 64.96 38.96 6.82
C ALA F 178 65.48 39.10 8.23
N HIS F 179 65.32 38.05 9.05
CA HIS F 179 65.80 38.12 10.43
C HIS F 179 67.31 38.23 10.49
N TYR F 180 68.01 37.49 9.62
CA TYR F 180 69.47 37.56 9.58
C TYR F 180 69.94 38.97 9.24
N ARG F 181 69.33 39.60 8.24
CA ARG F 181 69.75 40.93 7.82
C ARG F 181 69.42 41.97 8.89
N ALA F 182 68.26 41.84 9.53
CA ALA F 182 67.88 42.79 10.57
C ALA F 182 68.81 42.70 11.77
N CYS F 183 69.20 41.47 12.15
CA CYS F 183 70.10 41.31 13.28
C CYS F 183 71.45 41.95 13.01
N LEU F 184 71.96 41.80 11.79
CA LEU F 184 73.25 42.41 11.45
C LEU F 184 73.17 43.93 11.51
N TYR F 185 72.06 44.50 11.02
CA TYR F 185 71.89 45.95 11.06
C TYR F 185 71.81 46.47 12.48
N ALA F 186 71.08 45.77 13.35
CA ALA F 186 70.88 46.22 14.72
C ALA F 186 72.16 46.13 15.55
N GLY F 187 73.09 45.25 15.18
CA GLY F 187 74.31 45.06 15.92
C GLY F 187 74.38 43.78 16.74
N VAL F 188 73.39 42.90 16.60
CA VAL F 188 73.43 41.61 17.30
C VAL F 188 74.51 40.74 16.68
N LYS F 189 75.31 40.08 17.53
CA LYS F 189 76.41 39.24 17.08
C LYS F 189 75.85 37.88 16.66
N ILE F 190 75.32 37.83 15.44
CA ILE F 190 74.76 36.61 14.87
C ILE F 190 75.85 35.92 14.05
N ALA F 191 75.98 34.60 14.21
CA ALA F 191 77.06 33.85 13.60
C ALA F 191 76.65 33.06 12.37
N GLY F 192 75.41 32.61 12.28
CA GLY F 192 74.99 31.85 11.12
C GLY F 192 73.67 31.17 11.35
N THR F 193 73.15 30.58 10.27
CA THR F 193 71.85 29.92 10.29
C THR F 193 71.93 28.64 9.46
N ASN F 194 70.97 27.74 9.70
CA ASN F 194 70.84 26.53 8.92
C ASN F 194 69.44 25.97 9.12
N ALA F 195 69.00 25.15 8.16
CA ALA F 195 67.73 24.45 8.29
C ALA F 195 67.90 23.20 9.14
N GLU F 196 66.83 22.84 9.85
CA GLU F 196 66.89 21.74 10.80
C GLU F 196 66.30 20.47 10.19
N VAL F 197 66.20 19.43 11.02
CA VAL F 197 65.84 18.10 10.53
C VAL F 197 64.40 18.06 10.03
N MET F 198 63.48 18.62 10.79
CA MET F 198 62.10 18.59 10.33
C MET F 198 61.76 19.88 9.59
N PRO F 199 60.83 19.83 8.64
CA PRO F 199 60.52 21.03 7.85
C PRO F 199 59.90 22.12 8.72
N ALA F 200 60.10 23.37 8.28
CA ALA F 200 59.63 24.58 8.96
C ALA F 200 60.33 24.81 10.29
N GLN F 201 61.46 24.14 10.53
CA GLN F 201 62.25 24.34 11.73
C GLN F 201 63.63 24.86 11.35
N TRP F 202 64.08 25.90 12.04
CA TRP F 202 65.32 26.58 11.70
C TRP F 202 66.14 26.81 12.96
N GLU F 203 67.36 27.30 12.77
CA GLU F 203 68.28 27.55 13.86
C GLU F 203 69.21 28.70 13.50
N PHE F 204 69.52 29.54 14.49
CA PHE F 204 70.52 30.58 14.33
C PHE F 204 71.44 30.57 15.54
N GLN F 205 72.69 30.96 15.32
CA GLN F 205 73.72 30.93 16.35
C GLN F 205 74.15 32.35 16.70
N ILE F 206 74.23 32.62 18.00
CA ILE F 206 74.65 33.92 18.52
C ILE F 206 75.95 33.73 19.29
N GLY F 207 76.94 34.55 18.97
CA GLY F 207 78.21 34.51 19.66
C GLY F 207 79.39 34.61 18.73
N PRO F 208 80.61 34.50 19.27
CA PRO F 208 80.95 34.32 20.69
C PRO F 208 80.85 35.62 21.47
N CYS F 209 79.90 35.73 22.40
CA CYS F 209 79.71 36.92 23.20
C CYS F 209 80.35 36.73 24.56
N GLU F 210 80.97 37.79 25.07
CA GLU F 210 81.74 37.72 26.32
C GLU F 210 80.94 38.34 27.46
N GLY F 211 80.76 37.57 28.53
CA GLY F 211 80.19 38.13 29.74
C GLY F 211 78.68 38.28 29.68
N ILE F 212 78.18 39.34 30.31
CA ILE F 212 76.73 39.55 30.41
C ILE F 212 76.14 39.92 29.06
N SER F 213 76.97 40.31 28.10
CA SER F 213 76.47 40.73 26.80
C SER F 213 75.79 39.60 26.05
N MET F 214 76.15 38.35 26.35
CA MET F 214 75.52 37.21 25.67
C MET F 214 74.03 37.15 25.97
N GLY F 215 73.65 37.38 27.23
CA GLY F 215 72.24 37.36 27.58
C GLY F 215 71.45 38.47 26.93
N ASP F 216 72.05 39.66 26.78
CA ASP F 216 71.37 40.77 26.13
C ASP F 216 71.16 40.49 24.65
N HIS F 217 72.18 39.96 23.98
CA HIS F 217 72.10 39.73 22.54
C HIS F 217 71.04 38.69 22.20
N LEU F 218 70.98 37.60 22.96
CA LEU F 218 70.00 36.56 22.67
C LEU F 218 68.58 37.07 22.84
N TRP F 219 68.32 37.83 23.92
CA TRP F 219 66.97 38.32 24.16
C TRP F 219 66.53 39.29 23.09
N VAL F 220 67.42 40.16 22.64
CA VAL F 220 67.09 41.09 21.57
C VAL F 220 66.87 40.33 20.26
N ALA F 221 67.67 39.29 20.02
CA ALA F 221 67.50 38.49 18.81
C ALA F 221 66.14 37.81 18.79
N ARG F 222 65.69 37.32 19.95
CA ARG F 222 64.36 36.72 20.05
C ARG F 222 63.27 37.74 19.73
N PHE F 223 63.43 38.96 20.23
CA PHE F 223 62.45 40.00 19.97
C PHE F 223 62.37 40.34 18.49
N ILE F 224 63.52 40.43 17.83
CA ILE F 224 63.54 40.74 16.40
C ILE F 224 62.85 39.64 15.61
N LEU F 225 63.09 38.38 15.97
CA LEU F 225 62.46 37.28 15.28
C LEU F 225 60.94 37.34 15.41
N HIS F 226 60.44 37.65 16.61
CA HIS F 226 59.00 37.77 16.80
C HIS F 226 58.43 38.93 16.00
N ARG F 227 59.14 40.06 15.98
CA ARG F 227 58.67 41.24 15.26
C ARG F 227 58.68 41.01 13.76
N VAL F 228 59.71 40.32 13.24
CA VAL F 228 59.78 40.03 11.82
C VAL F 228 58.65 39.08 11.41
N CYS F 229 58.43 38.04 12.22
CA CYS F 229 57.37 37.08 11.90
C CYS F 229 56.00 37.74 11.92
N GLU F 230 55.85 38.80 12.74
CA GLU F 230 54.59 39.53 12.77
C GLU F 230 54.28 40.19 11.43
N ASP F 231 55.31 40.68 10.74
CA ASP F 231 55.10 41.29 9.43
C ASP F 231 54.59 40.28 8.43
N PHE F 232 55.13 39.06 8.45
CA PHE F 232 54.70 38.01 7.52
C PHE F 232 53.42 37.31 7.96
N GLY F 233 52.99 37.50 9.21
CA GLY F 233 51.78 36.88 9.68
C GLY F 233 51.92 35.49 10.22
N VAL F 234 53.13 35.07 10.58
CA VAL F 234 53.37 33.74 11.13
C VAL F 234 53.82 33.89 12.57
N ILE F 235 53.91 32.75 13.27
CA ILE F 235 54.24 32.69 14.68
C ILE F 235 55.51 31.88 14.86
N ALA F 236 56.46 32.41 15.60
CA ALA F 236 57.68 31.71 15.96
C ALA F 236 57.51 31.09 17.34
N THR F 237 57.80 29.80 17.46
CA THR F 237 57.59 29.05 18.70
C THR F 237 58.91 28.51 19.20
N PHE F 238 59.13 28.59 20.51
CA PHE F 238 60.32 28.04 21.15
C PHE F 238 60.02 26.79 21.97
N ASP F 239 58.90 26.13 21.70
CA ASP F 239 58.55 24.93 22.44
C ASP F 239 59.55 23.81 22.14
N PRO F 240 60.02 23.11 23.17
CA PRO F 240 60.99 22.03 22.93
C PRO F 240 60.47 20.91 22.04
N LYS F 241 59.20 20.55 22.14
CA LYS F 241 58.61 19.47 21.34
C LYS F 241 57.28 19.94 20.76
N PRO F 242 57.33 20.77 19.72
CA PRO F 242 56.07 21.27 19.13
C PRO F 242 55.18 20.17 18.56
N ILE F 243 55.78 19.13 17.98
CA ILE F 243 55.03 18.07 17.32
C ILE F 243 55.44 16.73 17.92
N PRO F 244 54.52 15.99 18.56
CA PRO F 244 54.88 14.68 19.09
C PRO F 244 55.03 13.63 17.99
N GLY F 245 55.80 12.60 18.29
CA GLY F 245 56.01 11.52 17.36
C GLY F 245 57.43 11.42 16.85
N ASN F 246 57.58 10.93 15.62
CA ASN F 246 58.90 10.77 15.01
C ASN F 246 59.33 12.06 14.30
N TRP F 247 59.28 13.15 15.06
CA TRP F 247 59.68 14.46 14.58
C TRP F 247 60.65 15.09 15.55
N ASN F 248 61.67 15.77 15.02
CA ASN F 248 62.75 16.28 15.84
C ASN F 248 62.28 17.38 16.78
N GLY F 249 62.95 17.48 17.93
CA GLY F 249 62.65 18.50 18.91
C GLY F 249 63.53 19.73 18.74
N ALA F 250 63.36 20.67 19.67
CA ALA F 250 64.08 21.95 19.62
C ALA F 250 64.82 22.16 20.92
N GLY F 251 66.10 22.53 20.82
CA GLY F 251 66.92 22.81 21.98
C GLY F 251 67.84 23.98 21.72
N CYS F 252 68.52 24.41 22.79
CA CYS F 252 69.44 25.54 22.73
C CYS F 252 70.80 25.08 23.24
N HIS F 253 71.62 24.56 22.33
CA HIS F 253 72.98 24.15 22.68
C HIS F 253 73.80 25.37 23.06
N THR F 254 74.58 25.25 24.14
CA THR F 254 75.40 26.34 24.65
C THR F 254 76.86 25.95 24.57
N ASN F 255 77.66 26.79 23.92
CA ASN F 255 79.10 26.60 23.81
C ASN F 255 79.81 27.53 24.78
N PHE F 256 80.69 26.96 25.60
CA PHE F 256 81.33 27.70 26.68
C PHE F 256 82.83 27.49 26.66
N SER F 257 83.57 28.57 26.89
CA SER F 257 85.02 28.49 27.06
C SER F 257 85.48 29.75 27.80
N THR F 258 86.66 29.66 28.40
CA THR F 258 87.32 30.80 29.01
C THR F 258 88.74 30.88 28.48
N LYS F 259 89.48 31.90 28.93
CA LYS F 259 90.82 32.13 28.41
C LYS F 259 91.74 30.95 28.65
N ALA F 260 91.47 30.14 29.68
CA ALA F 260 92.32 29.00 29.97
C ALA F 260 92.30 27.97 28.84
N MET F 261 91.10 27.63 28.35
CA MET F 261 91.01 26.61 27.31
C MET F 261 91.44 27.12 25.95
N ARG F 262 91.34 28.42 25.68
CA ARG F 262 91.71 28.96 24.39
C ARG F 262 93.21 29.07 24.20
N GLU F 263 93.99 28.90 25.26
CA GLU F 263 95.44 28.91 25.16
C GLU F 263 95.94 27.52 24.76
N GLU F 264 97.24 27.36 24.63
CA GLU F 264 97.80 26.06 24.26
C GLU F 264 97.54 25.04 25.35
N ASN F 265 97.44 23.78 24.93
CA ASN F 265 97.17 22.62 25.81
C ASN F 265 95.93 22.84 26.69
N GLY F 266 95.03 23.71 26.27
CA GLY F 266 93.83 24.00 27.03
C GLY F 266 92.83 22.87 27.07
N LEU F 267 93.05 21.80 26.30
CA LEU F 267 92.17 20.64 26.37
C LEU F 267 92.18 20.05 27.78
N LYS F 268 93.30 20.16 28.48
CA LYS F 268 93.35 19.72 29.87
C LYS F 268 92.36 20.50 30.73
N TYR F 269 92.30 21.83 30.53
CA TYR F 269 91.37 22.66 31.30
C TYR F 269 89.92 22.35 30.99
N ILE F 270 89.61 21.89 29.78
CA ILE F 270 88.24 21.54 29.43
C ILE F 270 87.79 20.34 30.26
N GLU F 271 88.69 19.38 30.48
CA GLU F 271 88.29 18.12 31.09
C GLU F 271 87.80 18.28 32.53
N GLU F 272 88.43 19.15 33.32
CA GLU F 272 87.97 19.36 34.69
C GLU F 272 86.57 19.97 34.71
N ALA F 273 86.32 20.93 33.82
CA ALA F 273 84.99 21.54 33.77
C ALA F 273 83.92 20.51 33.45
N ILE F 274 84.20 19.61 32.51
CA ILE F 274 83.28 18.52 32.22
C ILE F 274 83.14 17.62 33.44
N GLU F 275 84.26 17.32 34.11
CA GLU F 275 84.19 16.49 35.30
C GLU F 275 83.50 17.23 36.44
N LYS F 276 83.63 18.55 36.49
CA LYS F 276 82.91 19.33 37.48
C LYS F 276 81.42 19.39 37.16
N LEU F 277 81.06 19.21 35.89
CA LEU F 277 79.65 19.21 35.52
C LEU F 277 78.99 17.86 35.78
N SER F 278 79.79 16.82 36.02
CA SER F 278 79.25 15.47 36.12
C SER F 278 78.37 15.28 37.35
N LYS F 279 78.76 15.81 38.50
CA LYS F 279 78.05 15.53 39.74
C LYS F 279 76.97 16.55 40.07
N ARG F 280 76.71 17.51 39.17
CA ARG F 280 75.65 18.49 39.34
C ARG F 280 74.68 18.42 38.17
N HIS F 281 74.45 17.21 37.66
CA HIS F 281 73.55 17.04 36.52
C HIS F 281 72.12 17.45 36.87
N GLN F 282 71.63 17.04 38.03
CA GLN F 282 70.25 17.33 38.41
C GLN F 282 70.06 18.82 38.67
N TYR F 283 71.07 19.48 39.23
CA TYR F 283 70.96 20.92 39.49
C TYR F 283 70.86 21.71 38.19
N HIS F 284 71.67 21.35 37.20
CA HIS F 284 71.68 22.11 35.95
C HIS F 284 70.41 21.90 35.14
N ILE F 285 69.85 20.68 35.21
CA ILE F 285 68.60 20.41 34.50
C ILE F 285 67.49 21.32 35.02
N ARG F 286 67.48 21.59 36.32
CA ARG F 286 66.46 22.46 36.90
C ARG F 286 66.58 23.87 36.36
N ALA F 287 67.80 24.38 36.21
CA ALA F 287 68.02 25.75 35.76
C ALA F 287 68.00 25.90 34.25
N TYR F 288 67.99 24.81 33.50
CA TYR F 288 67.97 24.86 32.04
C TYR F 288 66.55 24.94 31.48
N ASP F 289 65.53 24.93 32.33
CA ASP F 289 64.15 24.94 31.88
C ASP F 289 63.39 25.93 32.76
N PRO F 290 62.68 26.90 32.17
CA PRO F 290 61.89 27.83 32.99
C PRO F 290 60.79 27.14 33.78
N LYS F 291 60.37 25.94 33.38
CA LYS F 291 59.36 25.19 34.11
C LYS F 291 59.96 24.14 35.04
N GLY F 292 61.29 24.12 35.19
CA GLY F 292 61.95 23.22 36.09
C GLY F 292 62.42 21.91 35.49
N GLY F 293 62.02 21.59 34.27
CA GLY F 293 62.46 20.37 33.63
C GLY F 293 61.35 19.59 32.95
N LEU F 294 60.11 19.98 33.22
CA LEU F 294 58.97 19.28 32.62
C LEU F 294 58.95 19.44 31.10
N ASP F 295 59.24 20.65 30.61
CA ASP F 295 59.25 20.89 29.18
C ASP F 295 60.34 20.07 28.48
N ASN F 296 61.52 20.02 29.09
CA ASN F 296 62.63 19.27 28.51
C ASN F 296 62.46 17.76 28.63
N ALA F 297 61.49 17.29 29.41
CA ALA F 297 61.26 15.86 29.50
C ALA F 297 60.71 15.28 28.21
N ARG F 298 59.94 16.07 27.46
CA ARG F 298 59.38 15.60 26.20
C ARG F 298 60.38 15.61 25.05
N ARG F 299 61.54 16.23 25.23
CA ARG F 299 62.56 16.32 24.19
C ARG F 299 63.71 15.34 24.41
N LEU F 300 64.27 15.31 25.62
CA LEU F 300 65.40 14.43 25.94
C LEU F 300 64.86 13.05 26.28
N THR F 301 64.63 12.24 25.24
CA THR F 301 64.14 10.89 25.40
C THR F 301 65.15 9.82 25.02
N GLY F 302 66.31 10.21 24.51
CA GLY F 302 67.32 9.24 24.11
C GLY F 302 67.12 8.64 22.74
N PHE F 303 66.35 9.28 21.86
CA PHE F 303 66.10 8.77 20.52
C PHE F 303 66.49 9.81 19.49
N HIS F 304 66.81 9.33 18.30
CA HIS F 304 67.25 10.15 17.16
C HIS F 304 68.29 11.19 17.59
N GLU F 305 69.44 10.67 18.07
CA GLU F 305 70.59 11.49 18.44
C GLU F 305 70.24 12.46 19.57
N THR F 306 69.75 11.92 20.67
CA THR F 306 69.47 12.70 21.88
C THR F 306 69.94 11.93 23.11
N SER F 307 70.22 12.68 24.17
CA SER F 307 70.64 12.10 25.44
C SER F 307 69.44 11.99 26.37
N ASN F 308 69.48 10.96 27.23
CA ASN F 308 68.39 10.73 28.17
C ASN F 308 68.38 11.82 29.23
N ILE F 309 67.18 12.14 29.72
CA ILE F 309 67.03 13.19 30.73
C ILE F 309 67.67 12.80 32.05
N ASN F 310 67.72 11.52 32.39
CA ASN F 310 68.23 11.08 33.68
C ASN F 310 69.67 10.56 33.63
N ASP F 311 70.28 10.53 32.45
CA ASP F 311 71.62 9.98 32.29
C ASP F 311 72.59 11.07 31.86
N PHE F 312 73.74 11.12 32.51
CA PHE F 312 74.80 12.06 32.18
C PHE F 312 75.91 11.33 31.43
N SER F 313 76.42 11.95 30.37
CA SER F 313 77.47 11.35 29.57
C SER F 313 78.24 12.45 28.85
N ALA F 314 79.43 12.10 28.36
CA ALA F 314 80.27 13.03 27.63
C ALA F 314 81.17 12.24 26.69
N GLY F 315 81.72 12.94 25.70
CA GLY F 315 82.60 12.31 24.74
C GLY F 315 83.04 13.24 23.62
N VAL F 316 84.10 12.84 22.90
CA VAL F 316 84.59 13.65 21.79
C VAL F 316 83.85 13.29 20.52
N ALA F 317 83.26 14.29 19.87
CA ALA F 317 82.51 14.12 18.64
C ALA F 317 81.36 13.11 18.81
N ASN F 318 80.74 13.14 19.98
CA ASN F 318 79.59 12.30 20.29
C ASN F 318 78.38 13.19 20.45
N ARG F 319 77.50 13.18 19.46
CA ARG F 319 76.33 14.05 19.45
C ARG F 319 75.17 13.50 20.27
N SER F 320 75.28 12.26 20.76
CA SER F 320 74.25 11.67 21.61
C SER F 320 74.53 11.84 23.09
N ALA F 321 75.61 12.51 23.46
CA ALA F 321 75.98 12.70 24.85
C ALA F 321 75.48 14.05 25.37
N SER F 322 75.49 14.20 26.69
CA SER F 322 75.10 15.45 27.31
C SER F 322 76.10 16.57 27.01
N ILE F 323 77.38 16.24 26.99
CA ILE F 323 78.45 17.20 26.69
C ILE F 323 79.24 16.66 25.51
N ARG F 324 79.48 17.51 24.52
CA ARG F 324 80.21 17.13 23.32
C ARG F 324 81.48 17.97 23.21
N ILE F 325 82.60 17.32 22.94
CA ILE F 325 83.86 17.97 22.66
C ILE F 325 84.14 17.83 21.17
N PRO F 326 84.29 18.93 20.42
CA PRO F 326 84.53 18.82 18.98
C PRO F 326 85.79 18.04 18.68
N ARG F 327 85.73 17.26 17.60
CA ARG F 327 86.89 16.47 17.19
C ARG F 327 88.06 17.38 16.83
N THR F 328 87.78 18.52 16.21
CA THR F 328 88.82 19.49 15.92
C THR F 328 89.45 20.02 17.20
N VAL F 329 88.63 20.29 18.21
CA VAL F 329 89.15 20.76 19.49
C VAL F 329 90.05 19.71 20.13
N GLY F 330 89.63 18.44 20.10
CA GLY F 330 90.46 17.39 20.64
C GLY F 330 91.78 17.23 19.91
N GLN F 331 91.74 17.28 18.58
CA GLN F 331 92.96 17.15 17.80
C GLN F 331 93.88 18.36 17.95
N GLU F 332 93.32 19.54 18.24
CA GLU F 332 94.12 20.74 18.43
C GLU F 332 94.46 21.00 19.89
N LYS F 333 93.93 20.19 20.82
CA LYS F 333 94.24 20.27 22.24
C LYS F 333 93.88 21.62 22.84
N LYS F 334 92.91 22.32 22.26
CA LYS F 334 92.43 23.60 22.79
C LYS F 334 91.11 23.94 22.13
N GLY F 335 90.35 24.82 22.79
CA GLY F 335 89.09 25.25 22.22
C GLY F 335 87.98 25.45 23.24
N TYR F 336 86.84 24.81 23.00
CA TYR F 336 85.65 24.98 23.83
C TYR F 336 84.94 23.63 23.95
N PHE F 337 83.82 23.63 24.67
CA PHE F 337 82.97 22.45 24.76
C PHE F 337 81.52 22.89 24.72
N GLU F 338 80.66 21.98 24.28
CA GLU F 338 79.25 22.28 24.01
C GLU F 338 78.36 21.53 25.00
N ASP F 339 77.39 22.24 25.58
CA ASP F 339 76.37 21.65 26.43
C ASP F 339 75.08 21.52 25.64
N ARG F 340 74.59 20.30 25.49
CA ARG F 340 73.43 20.02 24.66
C ARG F 340 72.15 19.88 25.47
N ARG F 341 72.18 20.15 26.76
CA ARG F 341 71.04 19.95 27.65
C ARG F 341 69.97 21.04 27.58
N PRO F 342 70.31 22.34 27.55
CA PRO F 342 69.27 23.36 27.65
C PRO F 342 68.24 23.28 26.54
N SER F 343 66.99 23.59 26.89
CA SER F 343 65.88 23.57 25.96
C SER F 343 65.83 24.87 25.15
N ALA F 344 64.98 24.87 24.12
CA ALA F 344 64.87 26.03 23.25
C ALA F 344 64.32 27.24 23.98
N ASN F 345 63.40 27.04 24.92
CA ASN F 345 62.79 28.14 25.66
C ASN F 345 63.54 28.48 26.94
N CYS F 346 64.83 28.17 27.01
CA CYS F 346 65.61 28.47 28.20
C CYS F 346 65.90 29.95 28.31
N ASP F 347 66.12 30.40 29.54
CA ASP F 347 66.51 31.77 29.80
C ASP F 347 68.02 31.89 29.73
N PRO F 348 68.57 32.73 28.85
CA PRO F 348 70.04 32.79 28.71
C PRO F 348 70.75 33.21 29.99
N PHE F 349 70.13 34.05 30.82
CA PHE F 349 70.78 34.51 32.04
C PHE F 349 70.98 33.36 33.02
N SER F 350 69.99 32.49 33.16
CA SER F 350 70.14 31.33 34.04
C SER F 350 71.18 30.36 33.52
N VAL F 351 71.20 30.13 32.21
CA VAL F 351 72.12 29.15 31.63
C VAL F 351 73.57 29.60 31.84
N THR F 352 73.85 30.87 31.57
CA THR F 352 75.21 31.38 31.73
C THR F 352 75.61 31.42 33.20
N GLU F 353 74.68 31.80 34.08
CA GLU F 353 75.00 31.89 35.50
C GLU F 353 75.32 30.53 36.09
N ALA F 354 74.54 29.50 35.73
CA ALA F 354 74.78 28.17 36.28
C ALA F 354 76.12 27.61 35.85
N LEU F 355 76.50 27.83 34.59
CA LEU F 355 77.79 27.32 34.11
C LEU F 355 78.95 27.99 34.84
N ILE F 356 78.83 29.30 35.11
CA ILE F 356 79.89 30.00 35.81
C ILE F 356 80.05 29.48 37.23
N ARG F 357 78.93 29.22 37.92
CA ARG F 357 79.00 28.79 39.30
C ARG F 357 79.66 27.43 39.45
N THR F 358 79.24 26.45 38.65
CA THR F 358 79.74 25.08 38.81
C THR F 358 81.18 24.95 38.30
N CYS F 359 81.47 25.52 37.13
CA CYS F 359 82.76 25.29 36.51
C CYS F 359 83.84 26.28 36.92
N LEU F 360 83.45 27.49 37.35
CA LEU F 360 84.42 28.51 37.69
C LEU F 360 84.41 28.88 39.17
N LEU F 361 83.26 28.80 39.83
CA LEU F 361 83.14 29.13 41.24
C LEU F 361 83.22 27.90 42.14
N ASN F 362 83.23 26.70 41.57
CA ASN F 362 83.35 25.45 42.33
C ASN F 362 82.29 25.35 43.42
N GLU F 363 81.06 25.66 43.07
CA GLU F 363 79.96 25.59 44.02
C GLU F 363 79.36 24.18 44.04
N THR F 364 78.85 23.79 45.22
CA THR F 364 78.22 22.50 45.42
C THR F 364 76.84 22.71 46.05
N GLY F 365 76.10 21.62 46.17
CA GLY F 365 74.77 21.67 46.74
C GLY F 365 73.69 21.91 45.71
N ASP F 366 72.45 21.79 46.17
CA ASP F 366 71.29 21.97 45.32
C ASP F 366 70.80 23.40 45.26
N GLU F 367 71.41 24.32 46.01
CA GLU F 367 71.03 25.71 46.02
C GLU F 367 72.25 26.58 45.76
N PRO F 368 72.08 27.70 45.05
CA PRO F 368 73.23 28.56 44.77
C PRO F 368 73.73 29.25 46.04
N PHE F 369 75.02 29.54 46.06
CA PHE F 369 75.60 30.28 47.16
C PHE F 369 75.23 31.76 46.98
N GLN F 370 74.54 32.31 47.97
CA GLN F 370 73.92 33.62 47.84
C GLN F 370 74.92 34.76 47.64
N TYR F 371 76.20 34.55 47.89
CA TYR F 371 77.18 35.64 47.81
C TYR F 371 78.23 35.44 46.73
N LYS F 372 78.94 34.31 46.75
CA LYS F 372 80.11 34.15 45.90
C LYS F 372 80.36 32.66 45.71
N ASN F 373 81.57 32.32 45.25
CA ASN F 373 82.00 30.95 45.09
C ASN F 373 81.84 30.13 46.37
N THR G 2 35.29 42.31 5.28
CA THR G 2 35.76 42.94 6.51
C THR G 2 36.57 44.20 6.22
N THR G 3 37.04 44.31 4.98
CA THR G 3 37.74 45.50 4.51
C THR G 3 36.96 46.15 3.37
N SER G 4 37.10 47.47 3.27
CA SER G 4 36.33 48.24 2.30
C SER G 4 36.76 47.88 0.88
N ALA G 5 35.81 48.05 -0.04
CA ALA G 5 36.09 47.79 -1.45
C ALA G 5 37.12 48.75 -2.01
N SER G 6 37.17 49.97 -1.49
CA SER G 6 38.16 50.94 -1.96
C SER G 6 39.57 50.48 -1.65
N SER G 7 39.76 49.74 -0.56
CA SER G 7 41.07 49.24 -0.19
C SER G 7 41.57 48.14 -1.10
N HIS G 8 40.70 47.51 -1.89
CA HIS G 8 41.09 46.45 -2.81
C HIS G 8 41.51 46.99 -4.17
N LEU G 9 41.45 48.30 -4.38
CA LEU G 9 41.96 48.89 -5.61
C LEU G 9 43.47 48.80 -5.65
N ASN G 10 44.02 48.82 -6.86
CA ASN G 10 45.47 48.73 -7.04
C ASN G 10 46.13 50.00 -6.54
N LYS G 11 46.78 49.93 -5.38
CA LYS G 11 47.43 51.09 -4.80
C LYS G 11 48.70 51.47 -5.55
N GLY G 12 49.27 50.57 -6.34
CA GLY G 12 50.41 50.92 -7.15
C GLY G 12 50.07 51.94 -8.22
N ILE G 13 48.84 51.88 -8.75
CA ILE G 13 48.40 52.85 -9.75
C ILE G 13 48.39 54.25 -9.16
N LYS G 14 47.86 54.39 -7.94
CA LYS G 14 47.80 55.70 -7.30
C LYS G 14 49.20 56.27 -7.07
N GLN G 15 50.14 55.41 -6.67
CA GLN G 15 51.49 55.89 -6.37
C GLN G 15 52.17 56.43 -7.63
N VAL G 16 51.85 55.86 -8.78
CA VAL G 16 52.42 56.36 -10.04
C VAL G 16 51.96 57.80 -10.30
N TYR G 17 50.66 58.05 -10.10
CA TYR G 17 50.13 59.40 -10.31
C TYR G 17 50.66 60.38 -9.28
N MET G 18 50.77 59.95 -8.01
CA MET G 18 51.26 60.83 -6.97
C MET G 18 52.72 61.21 -7.14
N SER G 19 53.47 60.50 -7.98
CA SER G 19 54.87 60.81 -8.23
C SER G 19 55.06 61.90 -9.27
N LEU G 20 53.99 62.33 -9.94
CA LEU G 20 54.11 63.40 -10.91
C LEU G 20 54.47 64.71 -10.20
N PRO G 21 55.37 65.51 -10.77
CA PRO G 21 55.69 66.81 -10.16
C PRO G 21 54.45 67.68 -10.06
N GLN G 22 54.28 68.31 -8.89
CA GLN G 22 53.09 69.12 -8.64
C GLN G 22 53.07 70.36 -9.54
N GLY G 23 54.23 71.00 -9.70
CA GLY G 23 54.28 72.24 -10.44
C GLY G 23 54.49 73.43 -9.52
N GLU G 24 53.55 74.38 -9.56
CA GLU G 24 53.62 75.56 -8.71
C GLU G 24 52.44 75.71 -7.76
N LYS G 25 51.26 75.21 -8.14
CA LYS G 25 50.08 75.36 -7.31
C LYS G 25 50.22 74.54 -6.02
N VAL G 26 49.53 74.99 -4.98
CA VAL G 26 49.55 74.34 -3.67
C VAL G 26 48.13 73.99 -3.26
N GLN G 27 47.97 72.78 -2.72
CA GLN G 27 46.68 72.30 -2.26
C GLN G 27 46.55 72.49 -0.76
N ALA G 28 45.35 72.90 -0.32
CA ALA G 28 45.07 73.10 1.09
C ALA G 28 43.80 72.37 1.44
N MET G 29 43.82 71.63 2.56
CA MET G 29 42.67 70.87 3.02
C MET G 29 42.10 71.52 4.26
N TYR G 30 40.80 71.78 4.26
CA TYR G 30 40.12 72.45 5.36
C TYR G 30 39.38 71.42 6.20
N ILE G 31 39.57 71.48 7.52
CA ILE G 31 39.00 70.51 8.44
C ILE G 31 38.18 71.25 9.49
N TRP G 32 36.99 70.72 9.80
CA TRP G 32 36.13 71.31 10.81
C TRP G 32 35.23 70.23 11.41
N ILE G 33 34.65 70.55 12.56
CA ILE G 33 33.80 69.61 13.29
C ILE G 33 32.36 69.80 12.84
N ASP G 34 31.65 68.69 12.63
CA ASP G 34 30.26 68.73 12.19
C ASP G 34 29.33 68.96 13.39
N GLY G 35 28.02 68.84 13.15
CA GLY G 35 27.05 69.15 14.18
C GLY G 35 26.95 68.12 15.30
N THR G 36 27.41 66.90 15.06
CA THR G 36 27.37 65.88 16.10
C THR G 36 28.38 66.17 17.21
N GLY G 37 29.37 67.02 16.97
CA GLY G 37 30.40 67.29 17.94
C GLY G 37 31.46 66.22 18.06
N GLU G 38 31.39 65.18 17.24
CA GLU G 38 32.33 64.07 17.29
C GLU G 38 33.05 63.82 15.97
N GLY G 39 32.35 63.97 14.84
CA GLY G 39 32.95 63.70 13.55
C GLY G 39 33.68 64.90 12.97
N LEU G 40 34.26 64.68 11.80
CA LEU G 40 35.02 65.71 11.09
C LEU G 40 34.64 65.72 9.62
N ARG G 41 34.81 66.87 8.99
CA ARG G 41 34.54 67.04 7.57
C ARG G 41 35.71 67.75 6.92
N CYS G 42 35.91 67.50 5.63
CA CYS G 42 37.07 68.03 4.93
C CYS G 42 36.74 68.31 3.47
N LYS G 43 37.47 69.26 2.90
CA LYS G 43 37.41 69.59 1.48
C LYS G 43 38.68 70.31 1.10
N THR G 44 38.97 70.34 -0.20
CA THR G 44 40.25 70.80 -0.71
C THR G 44 40.08 71.96 -1.68
N ARG G 45 40.99 72.93 -1.60
CA ARG G 45 41.03 74.06 -2.53
C ARG G 45 42.45 74.24 -3.02
N THR G 46 42.60 75.01 -4.10
CA THR G 46 43.88 75.26 -4.73
C THR G 46 44.34 76.68 -4.40
N LEU G 47 45.61 76.82 -4.03
CA LEU G 47 46.21 78.12 -3.74
C LEU G 47 47.29 78.42 -4.77
N ASP G 48 47.51 79.71 -4.99
CA ASP G 48 48.47 80.12 -6.01
C ASP G 48 49.91 80.08 -5.51
N SER G 49 50.10 79.99 -4.19
CA SER G 49 51.43 79.94 -3.61
C SER G 49 51.36 79.29 -2.24
N GLU G 50 52.52 78.90 -1.74
CA GLU G 50 52.57 78.28 -0.41
C GLU G 50 52.46 79.34 0.67
N PRO G 51 51.47 79.25 1.55
CA PRO G 51 51.34 80.25 2.62
C PRO G 51 52.37 80.02 3.71
N LYS G 52 52.99 81.11 4.16
CA LYS G 52 54.00 81.02 5.22
C LYS G 52 53.40 80.83 6.60
N CYS G 53 52.25 81.43 6.88
CA CYS G 53 51.64 81.33 8.20
C CYS G 53 50.12 81.20 8.01
N VAL G 54 49.46 80.74 9.07
CA VAL G 54 48.02 80.51 9.03
C VAL G 54 47.25 81.80 8.80
N GLU G 55 47.85 82.96 9.08
CA GLU G 55 47.15 84.22 8.93
C GLU G 55 46.94 84.63 7.48
N GLU G 56 47.61 83.97 6.54
CA GLU G 56 47.50 84.29 5.12
C GLU G 56 46.47 83.45 4.40
N LEU G 57 45.78 82.56 5.09
CA LEU G 57 44.82 81.68 4.44
C LEU G 57 43.46 82.37 4.34
N PRO G 58 42.85 82.41 3.15
CA PRO G 58 41.54 83.06 3.02
C PRO G 58 40.45 82.24 3.68
N GLU G 59 39.36 82.93 4.03
CA GLU G 59 38.20 82.28 4.59
C GLU G 59 37.44 81.51 3.52
N TRP G 60 36.52 80.66 3.96
CA TRP G 60 35.76 79.81 3.05
C TRP G 60 34.36 79.61 3.64
N ASN G 61 33.60 78.72 3.02
CA ASN G 61 32.22 78.48 3.42
C ASN G 61 31.82 77.07 3.01
N PHE G 62 30.71 76.61 3.56
CA PHE G 62 30.17 75.29 3.25
C PHE G 62 28.67 75.32 3.52
N ASP G 63 28.00 74.23 3.12
CA ASP G 63 26.57 74.09 3.30
C ASP G 63 26.29 73.43 4.65
N GLY G 64 25.69 74.19 5.57
CA GLY G 64 25.42 73.66 6.89
C GLY G 64 24.24 72.71 6.94
N SER G 65 23.34 72.78 5.95
CA SER G 65 22.20 71.85 5.92
C SER G 65 22.64 70.41 5.73
N SER G 66 23.65 70.18 4.89
CA SER G 66 24.17 68.84 4.67
C SER G 66 25.05 68.36 5.82
N THR G 67 25.41 69.24 6.75
CA THR G 67 26.26 68.91 7.88
C THR G 67 25.47 68.77 9.16
N LEU G 68 24.16 69.06 9.11
CA LEU G 68 23.27 69.02 10.28
C LEU G 68 23.66 70.11 11.28
N GLN G 69 23.99 71.29 10.75
CA GLN G 69 24.31 72.44 11.57
C GLN G 69 23.42 73.64 11.31
N SER G 70 22.52 73.56 10.33
CA SER G 70 21.67 74.69 9.99
C SER G 70 20.42 74.17 9.29
N GLU G 71 19.41 75.05 9.24
CA GLU G 71 18.18 74.77 8.53
C GLU G 71 18.33 75.22 7.07
N GLY G 72 17.26 75.11 6.28
CA GLY G 72 17.34 75.42 4.87
C GLY G 72 17.32 76.89 4.53
N SER G 73 16.86 77.73 5.46
CA SER G 73 16.75 79.16 5.18
C SER G 73 18.12 79.83 5.15
N ASN G 74 18.97 79.51 6.13
CA ASN G 74 20.28 80.13 6.28
C ASN G 74 21.36 79.06 6.42
N SER G 75 21.33 78.10 5.50
CA SER G 75 22.22 76.94 5.60
C SER G 75 23.69 77.32 5.50
N ASP G 76 24.01 78.42 4.82
CA ASP G 76 25.40 78.78 4.61
C ASP G 76 26.10 79.08 5.92
N MET G 77 27.30 78.52 6.08
CA MET G 77 28.14 78.77 7.23
C MET G 77 29.53 79.19 6.75
N TYR G 78 30.40 79.54 7.69
CA TYR G 78 31.70 80.07 7.37
C TYR G 78 32.81 79.32 8.10
N LEU G 79 33.98 79.29 7.48
CA LEU G 79 35.16 78.62 8.04
C LEU G 79 36.28 79.63 8.20
N VAL G 80 36.83 79.71 9.40
CA VAL G 80 37.95 80.60 9.69
C VAL G 80 39.15 79.77 10.11
N PRO G 81 40.24 79.76 9.33
CA PRO G 81 41.40 78.93 9.70
C PRO G 81 41.98 79.34 11.04
N ALA G 82 42.45 78.34 11.79
CA ALA G 82 43.03 78.55 13.11
C ALA G 82 44.45 78.02 13.22
N ALA G 83 44.75 76.86 12.64
CA ALA G 83 46.08 76.27 12.71
C ALA G 83 46.43 75.68 11.35
N MET G 84 47.73 75.59 11.09
CA MET G 84 48.24 75.05 9.84
C MET G 84 49.25 73.96 10.13
N PHE G 85 49.23 72.89 9.31
CA PHE G 85 50.16 71.79 9.47
C PHE G 85 50.55 71.29 8.09
N ARG G 86 51.71 70.64 8.02
CA ARG G 86 52.16 70.04 6.78
C ARG G 86 51.31 68.81 6.46
N ASP G 87 51.04 68.64 5.17
CA ASP G 87 50.21 67.52 4.72
C ASP G 87 51.07 66.28 4.59
N PRO G 88 50.79 65.21 5.34
CA PRO G 88 51.57 63.97 5.18
C PRO G 88 51.07 63.10 4.04
N PHE G 89 49.80 63.22 3.65
CA PHE G 89 49.25 62.39 2.58
C PHE G 89 49.56 62.94 1.20
N ARG G 90 50.01 64.18 1.11
CA ARG G 90 50.38 64.80 -0.16
C ARG G 90 51.78 65.40 -0.15
N LYS G 91 52.45 65.40 1.00
CA LYS G 91 53.82 65.92 1.16
C LYS G 91 53.88 67.42 0.90
N ASP G 92 55.06 68.00 1.09
CA ASP G 92 55.23 69.44 0.91
C ASP G 92 55.04 69.80 -0.56
N PRO G 93 54.60 71.04 -0.84
CA PRO G 93 54.27 72.13 0.09
C PRO G 93 52.80 72.20 0.47
N ASN G 94 52.04 71.12 0.30
CA ASN G 94 50.63 71.14 0.63
C ASN G 94 50.43 71.19 2.14
N LYS G 95 49.27 71.71 2.55
CA LYS G 95 49.01 72.02 3.95
C LYS G 95 47.67 71.45 4.40
N LEU G 96 47.56 71.22 5.70
CA LEU G 96 46.30 70.95 6.38
C LEU G 96 45.98 72.11 7.32
N VAL G 97 44.73 72.56 7.30
CA VAL G 97 44.31 73.69 8.13
C VAL G 97 43.09 73.26 8.95
N LEU G 98 43.10 73.64 10.22
CA LEU G 98 41.97 73.42 11.11
C LEU G 98 41.23 74.73 11.29
N CYS G 99 39.93 74.71 11.04
CA CYS G 99 39.14 75.93 10.97
C CYS G 99 38.03 75.93 12.02
N GLU G 100 37.66 77.13 12.44
CA GLU G 100 36.51 77.35 13.31
C GLU G 100 35.28 77.59 12.46
N VAL G 101 34.12 77.24 13.01
CA VAL G 101 32.84 77.33 12.32
C VAL G 101 32.03 78.45 12.92
N PHE G 102 31.54 79.35 12.07
CA PHE G 102 30.69 80.46 12.48
C PHE G 102 29.40 80.44 11.69
N LYS G 103 28.33 80.88 12.35
CA LYS G 103 27.01 80.94 11.70
C LYS G 103 26.99 82.06 10.66
N TYR G 104 25.84 82.22 10.01
CA TYR G 104 25.69 83.26 9.01
C TYR G 104 25.77 84.66 9.64
N ASN G 105 25.37 84.78 10.90
CA ASN G 105 25.45 86.04 11.64
C ASN G 105 26.79 86.20 12.37
N ARG G 106 27.82 85.47 11.94
CA ARG G 106 29.16 85.54 12.53
C ARG G 106 29.15 85.19 14.02
N ARG G 107 28.24 84.32 14.42
CA ARG G 107 28.31 83.82 15.78
C ARG G 107 28.83 82.39 15.80
N PRO G 108 29.54 82.00 16.86
CA PRO G 108 30.05 80.62 16.94
C PRO G 108 28.92 79.61 16.92
N ALA G 109 29.18 78.47 16.28
CA ALA G 109 28.19 77.41 16.20
C ALA G 109 28.06 76.70 17.54
N GLU G 110 27.08 75.81 17.63
CA GLU G 110 26.85 75.08 18.87
C GLU G 110 28.04 74.19 19.21
N THR G 111 28.64 73.56 18.21
CA THR G 111 29.78 72.68 18.42
C THR G 111 31.12 73.42 18.42
N ASN G 112 31.10 74.74 18.20
CA ASN G 112 32.33 75.53 18.19
C ASN G 112 32.69 75.87 19.64
N LEU G 113 33.37 74.95 20.30
CA LEU G 113 33.81 75.14 21.68
C LEU G 113 35.19 75.77 21.77
N ARG G 114 35.89 75.94 20.64
CA ARG G 114 37.22 76.53 20.68
C ARG G 114 37.17 78.03 20.99
N HIS G 115 36.11 78.71 20.55
CA HIS G 115 36.03 80.16 20.74
C HIS G 115 36.06 80.53 22.21
N THR G 116 35.18 79.91 23.01
CA THR G 116 35.15 80.21 24.44
C THR G 116 36.35 79.62 25.16
N CYS G 117 36.87 78.49 24.68
CA CYS G 117 38.04 77.88 25.32
C CYS G 117 39.27 78.78 25.17
N LYS G 118 39.45 79.38 24.00
CA LYS G 118 40.61 80.23 23.77
C LYS G 118 40.60 81.45 24.69
N ARG G 119 39.42 82.04 24.91
CA ARG G 119 39.32 83.19 25.79
C ARG G 119 39.71 82.83 27.22
N ILE G 120 39.26 81.66 27.69
CA ILE G 120 39.53 81.27 29.07
C ILE G 120 41.02 81.09 29.31
N MET G 121 41.70 80.38 28.40
CA MET G 121 43.11 80.06 28.60
C MET G 121 43.99 81.29 28.47
N ASP G 122 43.48 82.36 27.87
CA ASP G 122 44.25 83.60 27.77
C ASP G 122 44.32 84.34 29.10
N MET G 123 43.46 83.99 30.06
CA MET G 123 43.46 84.65 31.36
C MET G 123 44.42 84.00 32.35
N VAL G 124 45.01 82.87 32.00
CA VAL G 124 45.95 82.17 32.88
C VAL G 124 47.25 81.93 32.12
N SER G 125 47.57 82.85 31.20
CA SER G 125 48.74 82.67 30.34
C SER G 125 50.02 82.62 31.16
N ASN G 126 50.11 83.42 32.22
CA ASN G 126 51.33 83.46 33.03
C ASN G 126 51.62 82.13 33.71
N GLN G 127 50.59 81.41 34.16
CA GLN G 127 50.80 80.14 34.83
C GLN G 127 51.30 79.05 33.90
N HIS G 128 51.15 79.22 32.59
CA HIS G 128 51.59 78.27 31.57
C HIS G 128 51.06 76.87 31.86
N PRO G 129 49.77 76.63 31.69
CA PRO G 129 49.24 75.28 31.89
C PRO G 129 49.68 74.34 30.77
N TRP G 130 50.03 73.12 31.15
CA TRP G 130 50.43 72.08 30.21
C TRP G 130 49.43 70.94 30.26
N PHE G 131 49.22 70.31 29.11
CA PHE G 131 48.24 69.24 28.98
C PHE G 131 48.84 68.05 28.25
N GLY G 132 48.41 66.86 28.64
CA GLY G 132 48.75 65.65 27.93
C GLY G 132 47.63 64.63 28.02
N MET G 133 47.13 64.18 26.87
CA MET G 133 46.00 63.26 26.82
C MET G 133 46.41 61.95 26.17
N GLU G 134 46.04 60.84 26.80
CA GLU G 134 46.29 59.51 26.27
C GLU G 134 45.00 59.03 25.61
N GLN G 135 44.96 59.08 24.28
CA GLN G 135 43.77 58.78 23.51
C GLN G 135 43.78 57.30 23.11
N GLU G 136 42.70 56.60 23.44
CA GLU G 136 42.56 55.19 23.13
C GLU G 136 41.50 54.99 22.06
N TYR G 137 41.67 53.94 21.26
CA TYR G 137 40.77 53.67 20.16
C TYR G 137 40.83 52.19 19.82
N THR G 138 39.84 51.73 19.05
CA THR G 138 39.74 50.35 18.63
C THR G 138 39.60 50.29 17.11
N LEU G 139 40.39 49.43 16.48
CA LEU G 139 40.31 49.23 15.03
C LEU G 139 39.20 48.23 14.73
N MET G 140 38.31 48.61 13.81
CA MET G 140 37.14 47.82 13.50
C MET G 140 37.07 47.55 12.00
N GLY G 141 36.56 46.39 11.64
CA GLY G 141 36.29 46.10 10.25
C GLY G 141 35.01 46.76 9.78
N THR G 142 34.76 46.65 8.47
CA THR G 142 33.56 47.24 7.89
C THR G 142 32.29 46.51 8.29
N ASP G 143 32.40 45.33 8.89
CA ASP G 143 31.24 44.55 9.30
C ASP G 143 30.82 44.84 10.74
N GLY G 144 31.45 45.79 11.42
CA GLY G 144 31.10 46.12 12.78
C GLY G 144 31.76 45.27 13.84
N HIS G 145 32.70 44.42 13.46
CA HIS G 145 33.45 43.57 14.39
C HIS G 145 34.87 44.08 14.53
N PRO G 146 35.51 43.87 15.69
CA PRO G 146 36.90 44.31 15.84
C PRO G 146 37.80 43.66 14.81
N PHE G 147 38.78 44.44 14.33
CA PHE G 147 39.67 43.96 13.27
C PHE G 147 40.54 42.82 13.79
N GLY G 148 40.60 41.74 13.01
CA GLY G 148 41.42 40.60 13.36
C GLY G 148 40.75 39.59 14.26
N TRP G 149 39.56 39.86 14.78
CA TRP G 149 38.87 38.91 15.63
C TRP G 149 38.29 37.77 14.80
N PRO G 150 38.15 36.59 15.39
CA PRO G 150 37.49 35.49 14.67
C PRO G 150 36.06 35.86 14.32
N SER G 151 35.62 35.39 13.16
CA SER G 151 34.27 35.71 12.70
C SER G 151 33.23 35.03 13.58
N ASN G 152 32.32 35.83 14.13
CA ASN G 152 31.29 35.35 15.05
C ASN G 152 31.90 34.62 16.24
N GLY G 153 33.01 35.15 16.73
CA GLY G 153 33.71 34.51 17.82
C GLY G 153 34.56 35.51 18.58
N PHE G 154 35.32 34.98 19.53
CA PHE G 154 36.15 35.80 20.40
C PHE G 154 37.56 35.24 20.45
N PRO G 155 38.55 36.10 20.70
CA PRO G 155 39.91 35.61 20.94
C PRO G 155 40.06 35.08 22.35
N GLY G 156 41.29 34.72 22.73
CA GLY G 156 41.55 34.21 24.06
C GLY G 156 41.36 35.26 25.12
N PRO G 157 41.35 34.83 26.38
CA PRO G 157 41.15 35.78 27.49
C PRO G 157 42.29 36.78 27.59
N GLN G 158 41.98 37.93 28.18
CA GLN G 158 42.92 39.03 28.26
C GLN G 158 44.14 38.65 29.09
N GLY G 159 45.21 39.43 28.92
CA GLY G 159 46.44 39.22 29.66
C GLY G 159 47.71 39.20 28.82
N PRO G 160 47.69 38.57 27.64
CA PRO G 160 48.87 38.62 26.77
C PRO G 160 48.87 39.76 25.76
N TYR G 161 47.76 40.45 25.56
CA TYR G 161 47.66 41.46 24.51
C TYR G 161 48.21 42.82 24.93
N TYR G 162 48.39 43.07 26.21
CA TYR G 162 48.85 44.39 26.66
C TYR G 162 50.32 44.56 26.33
N CYS G 163 50.62 45.55 25.48
CA CYS G 163 51.99 45.82 25.02
C CYS G 163 52.64 44.58 24.42
N GLY G 164 51.84 43.76 23.74
CA GLY G 164 52.34 42.50 23.22
C GLY G 164 53.01 42.64 21.87
N VAL G 165 53.72 41.58 21.49
CA VAL G 165 54.40 41.50 20.21
C VAL G 165 54.19 40.09 19.64
N GLY G 166 53.89 40.02 18.35
CA GLY G 166 53.64 38.75 17.71
C GLY G 166 52.38 38.76 16.88
N ALA G 167 52.26 37.79 15.96
CA ALA G 167 51.11 37.76 15.07
C ALA G 167 49.82 37.44 15.82
N ASP G 168 49.92 36.77 16.96
CA ASP G 168 48.75 36.39 17.74
C ASP G 168 48.49 37.32 18.92
N ARG G 169 49.24 38.40 19.04
CA ARG G 169 49.10 39.27 20.20
C ARG G 169 48.82 40.72 19.84
N ALA G 170 49.32 41.20 18.71
CA ALA G 170 49.09 42.57 18.27
C ALA G 170 48.37 42.55 16.92
N TYR G 171 47.24 43.24 16.84
CA TYR G 171 46.42 43.27 15.64
C TYR G 171 46.51 44.66 15.03
N GLY G 172 47.01 44.73 13.79
CA GLY G 172 46.99 45.97 13.04
C GLY G 172 48.06 46.98 13.43
N ARG G 173 49.30 46.53 13.60
CA ARG G 173 50.38 47.45 13.92
C ARG G 173 50.78 48.31 12.73
N ASP G 174 50.41 47.91 11.51
CA ASP G 174 50.74 48.71 10.34
C ASP G 174 50.08 50.08 10.39
N ILE G 175 48.82 50.12 10.83
CA ILE G 175 48.13 51.40 10.98
C ILE G 175 48.82 52.26 12.02
N VAL G 176 49.19 51.66 13.15
CA VAL G 176 49.81 52.42 14.24
C VAL G 176 51.13 53.03 13.80
N GLU G 177 51.97 52.23 13.13
CA GLU G 177 53.26 52.75 12.68
C GLU G 177 53.09 53.84 11.64
N ALA G 178 52.15 53.67 10.71
CA ALA G 178 51.92 54.70 9.70
C ALA G 178 51.40 55.98 10.33
N HIS G 179 50.48 55.87 11.28
CA HIS G 179 49.93 57.06 11.93
C HIS G 179 50.99 57.80 12.72
N TYR G 180 51.86 57.05 13.41
CA TYR G 180 52.94 57.68 14.17
C TYR G 180 53.86 58.48 13.27
N ARG G 181 54.27 57.89 12.14
CA ARG G 181 55.18 58.58 11.24
C ARG G 181 54.52 59.80 10.60
N ALA G 182 53.24 59.68 10.23
CA ALA G 182 52.53 60.79 9.62
C ALA G 182 52.39 61.95 10.59
N CYS G 183 52.10 61.67 11.86
CA CYS G 183 51.94 62.74 12.84
C CYS G 183 53.25 63.49 13.05
N LEU G 184 54.37 62.77 13.09
CA LEU G 184 55.67 63.44 13.25
C LEU G 184 55.97 64.34 12.06
N TYR G 185 55.66 63.88 10.84
CA TYR G 185 55.90 64.69 9.66
C TYR G 185 55.05 65.95 9.66
N ALA G 186 53.77 65.83 10.06
CA ALA G 186 52.87 66.96 10.03
C ALA G 186 53.20 68.00 11.09
N GLY G 187 53.87 67.62 12.16
CA GLY G 187 54.17 68.53 13.24
C GLY G 187 53.35 68.35 14.50
N VAL G 188 52.52 67.30 14.57
CA VAL G 188 51.76 67.02 15.77
C VAL G 188 52.69 66.53 16.87
N LYS G 189 52.53 67.06 18.07
CA LYS G 189 53.39 66.70 19.21
C LYS G 189 52.91 65.38 19.79
N ILE G 190 53.28 64.30 19.12
CA ILE G 190 52.95 62.95 19.56
C ILE G 190 54.07 62.43 20.45
N ALA G 191 53.70 61.81 21.57
CA ALA G 191 54.67 61.41 22.58
C ALA G 191 54.98 59.92 22.57
N GLY G 192 54.06 59.07 22.17
CA GLY G 192 54.32 57.64 22.16
C GLY G 192 53.05 56.84 22.00
N THR G 193 53.22 55.54 21.82
CA THR G 193 52.11 54.62 21.60
C THR G 193 52.37 53.32 22.35
N ASN G 194 51.28 52.57 22.56
CA ASN G 194 51.37 51.24 23.16
C ASN G 194 50.11 50.47 22.83
N ALA G 195 50.23 49.15 22.84
CA ALA G 195 49.07 48.28 22.67
C ALA G 195 48.31 48.18 23.98
N GLU G 196 46.99 48.03 23.87
CA GLU G 196 46.13 48.04 25.05
C GLU G 196 45.77 46.62 25.49
N VAL G 197 44.88 46.54 26.48
CA VAL G 197 44.61 45.27 27.13
C VAL G 197 43.90 44.30 26.19
N MET G 198 42.88 44.76 25.49
CA MET G 198 42.21 43.83 24.58
C MET G 198 42.77 43.97 23.16
N PRO G 199 42.73 42.90 22.37
CA PRO G 199 43.34 42.96 21.04
C PRO G 199 42.62 43.94 20.13
N ALA G 200 43.37 44.48 19.17
CA ALA G 200 42.93 45.48 18.21
C ALA G 200 42.59 46.82 18.86
N GLN G 201 43.08 47.05 20.08
CA GLN G 201 42.91 48.32 20.78
C GLN G 201 44.28 48.92 21.05
N TRP G 202 44.43 50.20 20.72
CA TRP G 202 45.71 50.89 20.85
C TRP G 202 45.51 52.23 21.54
N GLU G 203 46.62 52.93 21.75
CA GLU G 203 46.60 54.22 22.43
C GLU G 203 47.81 55.03 22.01
N PHE G 204 47.62 56.32 21.81
CA PHE G 204 48.71 57.25 21.56
C PHE G 204 48.56 58.46 22.48
N GLN G 205 49.70 59.07 22.82
CA GLN G 205 49.74 60.18 23.75
C GLN G 205 50.20 61.45 23.05
N ILE G 206 49.48 62.55 23.29
CA ILE G 206 49.78 63.85 22.72
C ILE G 206 50.14 64.80 23.84
N GLY G 207 51.28 65.48 23.70
CA GLY G 207 51.71 66.45 24.67
C GLY G 207 53.19 66.35 24.97
N PRO G 208 53.66 67.16 25.92
CA PRO G 208 52.93 68.20 26.66
C PRO G 208 52.77 69.47 25.84
N CYS G 209 51.54 69.88 25.53
CA CYS G 209 51.27 71.10 24.78
C CYS G 209 50.75 72.17 25.71
N GLU G 210 51.05 73.43 25.40
CA GLU G 210 50.70 74.53 26.29
C GLU G 210 49.50 75.29 25.73
N GLY G 211 48.51 75.52 26.59
CA GLY G 211 47.42 76.42 26.24
C GLY G 211 46.46 75.80 25.24
N ILE G 212 45.99 76.64 24.30
CA ILE G 212 45.01 76.19 23.32
C ILE G 212 45.63 75.22 22.33
N SER G 213 46.96 75.10 22.35
CA SER G 213 47.63 74.19 21.42
C SER G 213 47.21 72.74 21.63
N MET G 214 46.81 72.39 22.86
CA MET G 214 46.40 71.02 23.14
C MET G 214 45.18 70.62 22.32
N GLY G 215 44.18 71.49 22.24
CA GLY G 215 42.97 71.16 21.50
C GLY G 215 43.20 71.03 20.00
N ASP G 216 44.08 71.87 19.44
CA ASP G 216 44.34 71.79 18.01
C ASP G 216 45.07 70.52 17.64
N HIS G 217 46.08 70.15 18.43
CA HIS G 217 46.90 68.98 18.09
C HIS G 217 46.09 67.69 18.18
N LEU G 218 45.25 67.54 19.20
CA LEU G 218 44.48 66.32 19.36
C LEU G 218 43.48 66.15 18.21
N TRP G 219 42.80 67.24 17.84
CA TRP G 219 41.81 67.14 16.77
C TRP G 219 42.46 66.78 15.44
N VAL G 220 43.60 67.38 15.15
CA VAL G 220 44.32 67.07 13.91
C VAL G 220 44.79 65.62 13.93
N ALA G 221 45.28 65.16 15.09
CA ALA G 221 45.74 63.79 15.21
C ALA G 221 44.61 62.80 14.98
N ARG G 222 43.40 63.14 15.45
CA ARG G 222 42.24 62.30 15.18
C ARG G 222 41.94 62.24 13.69
N PHE G 223 42.06 63.37 13.01
CA PHE G 223 41.79 63.40 11.57
C PHE G 223 42.79 62.53 10.81
N ILE G 224 44.06 62.61 11.18
CA ILE G 224 45.09 61.83 10.50
C ILE G 224 44.83 60.34 10.69
N LEU G 225 44.40 59.95 11.90
CA LEU G 225 44.11 58.55 12.16
C LEU G 225 42.98 58.05 11.28
N HIS G 226 41.92 58.85 11.14
CA HIS G 226 40.80 58.46 10.28
C HIS G 226 41.24 58.36 8.83
N ARG G 227 42.04 59.33 8.37
CA ARG G 227 42.50 59.33 6.99
C ARG G 227 43.44 58.16 6.71
N VAL G 228 44.34 57.85 7.65
CA VAL G 228 45.24 56.72 7.47
C VAL G 228 44.46 55.41 7.44
N CYS G 229 43.52 55.24 8.37
CA CYS G 229 42.71 54.02 8.40
C CYS G 229 41.88 53.87 7.13
N GLU G 230 41.54 54.99 6.48
CA GLU G 230 40.80 54.91 5.23
C GLU G 230 41.62 54.26 4.13
N ASP G 231 42.94 54.49 4.12
CA ASP G 231 43.79 53.87 3.11
C ASP G 231 43.81 52.36 3.27
N PHE G 232 43.89 51.86 4.51
CA PHE G 232 43.92 50.44 4.76
C PHE G 232 42.55 49.77 4.70
N GLY G 233 41.48 50.56 4.69
CA GLY G 233 40.14 50.00 4.62
C GLY G 233 39.54 49.59 5.95
N VAL G 234 40.00 50.16 7.06
CA VAL G 234 39.47 49.84 8.38
C VAL G 234 38.88 51.11 8.99
N ILE G 235 38.17 50.93 10.09
CA ILE G 235 37.48 52.02 10.78
C ILE G 235 38.05 52.15 12.19
N ALA G 236 38.40 53.39 12.57
CA ALA G 236 38.84 53.69 13.91
C ALA G 236 37.66 54.22 14.71
N THR G 237 37.44 53.66 15.89
CA THR G 237 36.29 54.00 16.72
C THR G 237 36.76 54.56 18.05
N PHE G 238 36.07 55.59 18.53
CA PHE G 238 36.36 56.20 19.82
C PHE G 238 35.28 55.89 20.85
N ASP G 239 34.48 54.86 20.62
CA ASP G 239 33.43 54.51 21.56
C ASP G 239 34.04 54.06 22.88
N PRO G 240 33.52 54.53 24.02
CA PRO G 240 34.09 54.12 25.32
C PRO G 240 34.02 52.63 25.58
N LYS G 241 32.95 51.96 25.17
CA LYS G 241 32.78 50.52 25.40
C LYS G 241 32.33 49.85 24.11
N PRO G 242 33.25 49.64 23.17
CA PRO G 242 32.86 49.01 21.90
C PRO G 242 32.32 47.60 22.05
N ILE G 243 32.84 46.81 22.99
CA ILE G 243 32.46 45.42 23.17
C ILE G 243 32.00 45.22 24.60
N PRO G 244 30.75 44.85 24.84
CA PRO G 244 30.29 44.58 26.20
C PRO G 244 30.85 43.27 26.74
N GLY G 245 30.94 43.19 28.06
CA GLY G 245 31.40 41.99 28.71
C GLY G 245 32.73 42.14 29.41
N ASN G 246 33.51 41.06 29.49
CA ASN G 246 34.80 41.08 30.15
C ASN G 246 35.89 41.53 29.18
N TRP G 247 35.68 42.71 28.59
CA TRP G 247 36.63 43.31 27.68
C TRP G 247 36.83 44.77 28.08
N ASN G 248 38.08 45.22 27.96
CA ASN G 248 38.45 46.55 28.45
C ASN G 248 37.78 47.64 27.64
N GLY G 249 37.51 48.76 28.30
CA GLY G 249 36.93 49.93 27.65
C GLY G 249 37.98 50.89 27.17
N ALA G 250 37.52 52.03 26.66
CA ALA G 250 38.39 53.05 26.09
C ALA G 250 38.13 54.40 26.75
N GLY G 251 39.19 55.04 27.21
CA GLY G 251 39.09 56.35 27.82
C GLY G 251 40.23 57.25 27.36
N CYS G 252 40.14 58.52 27.75
CA CYS G 252 41.13 59.53 27.37
C CYS G 252 41.63 60.19 28.65
N HIS G 253 42.68 59.61 29.25
CA HIS G 253 43.27 60.17 30.45
C HIS G 253 43.93 61.51 30.14
N THR G 254 43.79 62.46 31.06
CA THR G 254 44.30 63.81 30.87
C THR G 254 45.33 64.12 31.95
N ASN G 255 46.51 64.57 31.54
CA ASN G 255 47.56 64.97 32.46
C ASN G 255 47.66 66.50 32.45
N PHE G 256 47.65 67.09 33.64
CA PHE G 256 47.59 68.53 33.79
C PHE G 256 48.63 69.01 34.80
N SER G 257 49.28 70.13 34.48
CA SER G 257 50.20 70.77 35.41
C SER G 257 50.39 72.23 35.02
N THR G 258 50.78 73.03 35.99
CA THR G 258 51.16 74.43 35.79
C THR G 258 52.62 74.60 36.20
N LYS G 259 53.13 75.82 36.05
CA LYS G 259 54.53 76.08 36.41
C LYS G 259 54.74 75.93 37.90
N ALA G 260 53.73 76.27 38.71
CA ALA G 260 53.88 76.14 40.16
C ALA G 260 54.07 74.68 40.56
N MET G 261 53.30 73.77 39.97
CA MET G 261 53.49 72.35 40.27
C MET G 261 54.79 71.82 39.70
N ARG G 262 55.33 72.48 38.67
CA ARG G 262 56.58 72.05 38.06
C ARG G 262 57.81 72.58 38.78
N GLU G 263 57.64 73.47 39.75
CA GLU G 263 58.76 74.00 40.50
C GLU G 263 59.00 73.13 41.74
N GLU G 264 59.98 73.53 42.57
CA GLU G 264 60.33 72.76 43.75
C GLU G 264 59.16 72.72 44.73
N ASN G 265 59.03 71.59 45.43
CA ASN G 265 58.00 71.38 46.47
C ASN G 265 56.59 71.65 45.95
N GLY G 266 56.41 71.58 44.64
CA GLY G 266 55.13 71.84 44.02
C GLY G 266 54.09 70.76 44.21
N LEU G 267 54.43 69.68 44.92
CA LEU G 267 53.44 68.65 45.23
C LEU G 267 52.27 69.22 46.02
N LYS G 268 52.52 70.24 46.85
CA LYS G 268 51.43 70.86 47.59
C LYS G 268 50.43 71.52 46.65
N TYR G 269 50.92 72.20 45.61
CA TYR G 269 50.01 72.84 44.66
C TYR G 269 49.16 71.81 43.93
N ILE G 270 49.72 70.62 43.69
CA ILE G 270 48.90 69.53 43.16
C ILE G 270 47.78 69.18 44.14
N GLU G 271 48.12 69.10 45.43
CA GLU G 271 47.14 68.71 46.44
C GLU G 271 45.98 69.70 46.52
N GLU G 272 46.27 71.00 46.44
CA GLU G 272 45.21 71.99 46.45
C GLU G 272 44.32 71.84 45.22
N ALA G 273 44.91 71.47 44.07
CA ALA G 273 44.10 71.25 42.87
C ALA G 273 43.20 70.03 43.03
N ILE G 274 43.70 68.98 43.68
CA ILE G 274 42.92 67.75 43.83
C ILE G 274 41.68 68.01 44.67
N GLU G 275 41.82 68.71 45.80
CA GLU G 275 40.68 68.95 46.66
C GLU G 275 39.69 69.90 46.01
N LYS G 276 40.17 70.82 45.16
CA LYS G 276 39.27 71.65 44.39
C LYS G 276 38.48 70.81 43.39
N LEU G 277 39.09 69.76 42.86
CA LEU G 277 38.38 68.88 41.94
C LEU G 277 37.43 67.95 42.67
N SER G 278 37.52 67.89 44.01
CA SER G 278 36.77 66.89 44.76
C SER G 278 35.28 67.22 44.86
N LYS G 279 34.92 68.50 44.95
CA LYS G 279 33.53 68.86 45.18
C LYS G 279 32.79 69.23 43.90
N ARG G 280 33.40 69.03 42.73
CA ARG G 280 32.77 69.28 41.45
C ARG G 280 32.80 68.02 40.59
N HIS G 281 32.60 66.86 41.21
CA HIS G 281 32.65 65.61 40.48
C HIS G 281 31.53 65.51 39.45
N GLN G 282 30.32 65.89 39.83
CA GLN G 282 29.19 65.80 38.92
C GLN G 282 29.33 66.78 37.76
N TYR G 283 29.85 67.99 38.04
CA TYR G 283 30.01 68.98 36.99
C TYR G 283 31.03 68.52 35.95
N HIS G 284 32.16 67.97 36.39
CA HIS G 284 33.20 67.55 35.45
C HIS G 284 32.77 66.32 34.65
N ILE G 285 32.02 65.42 35.28
CA ILE G 285 31.53 64.24 34.56
C ILE G 285 30.63 64.67 33.41
N ARG G 286 29.83 65.72 33.62
CA ARG G 286 28.96 66.21 32.56
C ARG G 286 29.75 66.74 31.37
N ALA G 287 30.84 67.45 31.65
CA ALA G 287 31.64 68.05 30.58
C ALA G 287 32.66 67.10 29.98
N TYR G 288 32.88 65.94 30.57
CA TYR G 288 33.84 64.97 30.07
C TYR G 288 33.26 64.05 29.01
N ASP G 289 31.96 64.19 28.71
CA ASP G 289 31.31 63.35 27.73
C ASP G 289 30.57 64.23 26.73
N PRO G 290 30.64 63.94 25.43
CA PRO G 290 29.88 64.73 24.45
C PRO G 290 28.38 64.60 24.61
N LYS G 291 27.89 63.55 25.27
CA LYS G 291 26.47 63.33 25.45
C LYS G 291 26.02 63.52 26.89
N GLY G 292 26.87 64.11 27.73
CA GLY G 292 26.53 64.39 29.10
C GLY G 292 26.78 63.27 30.09
N GLY G 293 27.23 62.11 29.63
CA GLY G 293 27.54 61.01 30.53
C GLY G 293 26.85 59.71 30.16
N LEU G 294 26.04 59.73 29.11
CA LEU G 294 25.36 58.53 28.66
C LEU G 294 26.30 57.51 28.03
N ASP G 295 27.51 57.91 27.68
CA ASP G 295 28.50 57.01 27.09
C ASP G 295 29.53 56.53 28.10
N ASN G 296 30.04 57.43 28.95
CA ASN G 296 31.05 57.05 29.93
C ASN G 296 30.49 56.16 31.03
N ALA G 297 29.16 56.08 31.15
CA ALA G 297 28.55 55.23 32.17
C ALA G 297 28.75 53.75 31.89
N ARG G 298 28.94 53.37 30.62
CA ARG G 298 29.15 51.97 30.26
C ARG G 298 30.58 51.52 30.49
N ARG G 299 31.51 52.44 30.79
CA ARG G 299 32.91 52.12 31.03
C ARG G 299 33.29 52.20 32.50
N LEU G 300 32.88 53.27 33.18
CA LEU G 300 33.27 53.47 34.57
C LEU G 300 32.35 52.69 35.51
N THR G 301 32.45 51.36 35.46
CA THR G 301 31.65 50.50 36.32
C THR G 301 32.39 50.08 37.59
N GLY G 302 33.61 50.56 37.80
CA GLY G 302 34.38 50.18 38.96
C GLY G 302 35.13 48.86 38.85
N PHE G 303 35.07 48.20 37.70
CA PHE G 303 35.76 46.94 37.47
C PHE G 303 36.81 47.13 36.39
N HIS G 304 37.59 46.08 36.15
CA HIS G 304 38.68 46.10 35.18
C HIS G 304 39.67 47.23 35.50
N GLU G 305 40.00 47.39 36.78
CA GLU G 305 40.95 48.40 37.24
C GLU G 305 40.51 49.81 36.84
N THR G 306 39.24 50.12 37.12
CA THR G 306 38.68 51.44 36.87
C THR G 306 38.06 51.99 38.15
N SER G 307 37.37 53.12 38.01
CA SER G 307 36.70 53.78 39.13
C SER G 307 35.21 53.90 38.84
N ASN G 308 34.41 53.91 39.90
CA ASN G 308 32.97 54.01 39.75
C ASN G 308 32.58 55.40 39.28
N ILE G 309 31.48 55.47 38.52
CA ILE G 309 31.02 56.73 37.96
C ILE G 309 30.50 57.69 39.05
N ASN G 310 29.89 57.16 40.10
CA ASN G 310 29.24 57.99 41.11
C ASN G 310 30.13 58.28 42.31
N ASP G 311 31.41 57.87 42.27
CA ASP G 311 32.31 58.04 43.39
C ASP G 311 33.57 58.77 42.96
N PHE G 312 34.09 59.61 43.85
CA PHE G 312 35.32 60.35 43.62
C PHE G 312 36.41 59.75 44.48
N SER G 313 37.62 59.63 43.92
CA SER G 313 38.74 59.04 44.62
C SER G 313 40.04 59.67 44.14
N ALA G 314 41.07 59.52 44.96
CA ALA G 314 42.40 60.02 44.64
C ALA G 314 43.43 59.24 45.43
N GLY G 315 44.68 59.31 44.98
CA GLY G 315 45.76 58.62 45.65
C GLY G 315 47.01 58.58 44.80
N VAL G 316 48.11 58.21 45.45
CA VAL G 316 49.39 58.12 44.76
C VAL G 316 49.58 56.70 44.22
N ALA G 317 49.84 56.60 42.92
CA ALA G 317 50.02 55.32 42.24
C ALA G 317 48.81 54.40 42.44
N ASN G 318 47.62 54.99 42.43
CA ASN G 318 46.36 54.25 42.55
C ASN G 318 45.64 54.35 41.21
N ARG G 319 45.77 53.30 40.40
CA ARG G 319 45.16 53.29 39.07
C ARG G 319 43.66 53.05 39.09
N SER G 320 43.10 52.65 40.24
CA SER G 320 41.68 52.44 40.37
C SER G 320 40.93 53.68 40.88
N ALA G 321 41.64 54.77 41.15
CA ALA G 321 41.02 55.97 41.67
C ALA G 321 40.65 56.91 40.52
N SER G 322 39.81 57.91 40.84
CA SER G 322 39.43 58.90 39.85
C SER G 322 40.62 59.76 39.43
N ILE G 323 41.49 60.10 40.36
CA ILE G 323 42.68 60.89 40.09
C ILE G 323 43.89 60.12 40.56
N ARG G 324 44.92 60.06 39.71
CA ARG G 324 46.15 59.33 40.01
C ARG G 324 47.31 60.31 40.07
N ILE G 325 48.10 60.21 41.14
CA ILE G 325 49.34 60.97 41.28
C ILE G 325 50.50 59.99 41.10
N PRO G 326 51.39 60.21 40.13
CA PRO G 326 52.48 59.25 39.91
C PRO G 326 53.35 59.10 41.14
N ARG G 327 53.83 57.86 41.35
CA ARG G 327 54.70 57.59 42.49
C ARG G 327 55.98 58.39 42.40
N THR G 328 56.55 58.50 41.19
CA THR G 328 57.77 59.30 41.02
C THR G 328 57.50 60.77 41.32
N VAL G 329 56.32 61.28 40.96
CA VAL G 329 55.98 62.66 41.29
C VAL G 329 55.93 62.84 42.80
N GLY G 330 55.31 61.89 43.51
CA GLY G 330 55.30 61.95 44.96
C GLY G 330 56.68 61.81 45.57
N GLN G 331 57.51 60.94 44.99
CA GLN G 331 58.87 60.78 45.50
C GLN G 331 59.68 62.06 45.36
N GLU G 332 59.54 62.75 44.24
CA GLU G 332 60.26 64.00 44.00
C GLU G 332 59.51 65.22 44.48
N LYS G 333 58.26 65.06 44.95
CA LYS G 333 57.46 66.17 45.46
C LYS G 333 57.30 67.28 44.41
N LYS G 334 57.18 66.88 43.15
CA LYS G 334 57.10 67.83 42.05
C LYS G 334 56.67 67.13 40.76
N GLY G 335 55.76 67.75 40.01
CA GLY G 335 55.32 67.17 38.76
C GLY G 335 53.92 67.54 38.33
N TYR G 336 53.11 66.53 37.99
CA TYR G 336 51.78 66.72 37.47
C TYR G 336 50.83 65.71 38.12
N PHE G 337 49.57 65.76 37.72
CA PHE G 337 48.59 64.78 38.15
C PHE G 337 47.73 64.40 36.96
N GLU G 338 47.16 63.20 37.03
CA GLU G 338 46.45 62.58 35.92
C GLU G 338 44.98 62.42 36.26
N ASP G 339 44.11 62.80 35.34
CA ASP G 339 42.67 62.63 35.47
C ASP G 339 42.23 61.48 34.57
N ARG G 340 41.66 60.43 35.17
CA ARG G 340 41.28 59.22 34.45
C ARG G 340 39.80 59.18 34.11
N ARG G 341 39.08 60.26 34.34
CA ARG G 341 37.62 60.29 34.15
C ARG G 341 37.17 60.43 32.70
N PRO G 342 37.75 61.34 31.89
CA PRO G 342 37.19 61.58 30.55
C PRO G 342 37.20 60.33 29.67
N SER G 343 36.17 60.20 28.86
CA SER G 343 36.02 59.07 27.96
C SER G 343 36.81 59.30 26.67
N ALA G 344 36.87 58.25 25.84
CA ALA G 344 37.67 58.30 24.62
C ALA G 344 37.13 59.31 23.62
N ASN G 345 35.81 59.48 23.54
CA ASN G 345 35.19 60.39 22.58
C ASN G 345 34.98 61.78 23.15
N CYS G 346 35.77 62.19 24.13
CA CYS G 346 35.63 63.50 24.73
C CYS G 346 36.15 64.59 23.79
N ASP G 347 35.64 65.81 24.00
CA ASP G 347 36.10 66.97 23.26
C ASP G 347 37.26 67.62 24.01
N PRO G 348 38.44 67.75 23.41
CA PRO G 348 39.58 68.33 24.14
C PRO G 348 39.34 69.75 24.61
N PHE G 349 38.60 70.55 23.85
CA PHE G 349 38.32 71.93 24.26
C PHE G 349 37.48 71.97 25.52
N SER G 350 36.48 71.09 25.61
CA SER G 350 35.66 71.03 26.82
C SER G 350 36.47 70.55 28.02
N VAL G 351 37.33 69.56 27.82
CA VAL G 351 38.09 68.99 28.93
C VAL G 351 39.09 70.01 29.48
N THR G 352 39.83 70.67 28.59
CA THR G 352 40.83 71.64 29.04
C THR G 352 40.18 72.85 29.72
N GLU G 353 39.05 73.30 29.19
CA GLU G 353 38.38 74.47 29.76
C GLU G 353 37.88 74.20 31.18
N ALA G 354 37.29 73.02 31.40
CA ALA G 354 36.75 72.71 32.71
C ALA G 354 37.84 72.63 33.77
N LEU G 355 38.97 72.01 33.42
CA LEU G 355 40.07 71.89 34.38
C LEU G 355 40.65 73.25 34.74
N ILE G 356 40.75 74.14 33.75
CA ILE G 356 41.36 75.45 34.00
C ILE G 356 40.48 76.29 34.92
N ARG G 357 39.17 76.32 34.66
CA ARG G 357 38.30 77.20 35.42
C ARG G 357 37.96 76.70 36.80
N THR G 358 38.26 75.43 37.12
CA THR G 358 38.00 74.91 38.45
C THR G 358 39.25 74.92 39.32
N CYS G 359 40.39 74.52 38.77
CA CYS G 359 41.63 74.44 39.56
C CYS G 359 42.38 75.76 39.61
N LEU G 360 42.26 76.60 38.58
CA LEU G 360 43.00 77.84 38.51
C LEU G 360 42.15 79.08 38.66
N LEU G 361 40.82 78.96 38.58
CA LEU G 361 39.93 80.11 38.70
C LEU G 361 38.92 79.97 39.83
N ASN G 362 38.92 78.83 40.53
CA ASN G 362 38.10 78.63 41.73
C ASN G 362 36.62 78.88 41.46
N GLU G 363 36.10 78.25 40.42
CA GLU G 363 34.67 78.34 40.11
C GLU G 363 33.89 77.32 40.91
N THR G 364 32.63 77.67 41.21
CA THR G 364 31.72 76.79 41.92
C THR G 364 30.38 76.76 41.20
N GLY G 365 29.51 75.86 41.62
CA GLY G 365 28.20 75.71 41.02
C GLY G 365 28.19 74.74 39.85
N ASP G 366 27.00 74.52 39.33
CA ASP G 366 26.78 73.59 38.23
C ASP G 366 26.76 74.27 36.87
N GLU G 367 27.01 75.58 36.81
CA GLU G 367 26.97 76.33 35.57
C GLU G 367 28.27 77.10 35.42
N PRO G 368 28.83 77.18 34.20
CA PRO G 368 30.09 77.90 34.04
C PRO G 368 29.90 79.40 34.18
N PHE G 369 30.90 80.06 34.74
CA PHE G 369 30.82 81.48 35.01
C PHE G 369 30.81 82.28 33.71
N GLN G 370 30.13 83.42 33.75
CA GLN G 370 30.03 84.34 32.62
C GLN G 370 31.29 85.19 32.51
N TYR G 371 31.22 86.28 31.76
CA TYR G 371 32.33 87.21 31.59
C TYR G 371 33.01 87.57 32.90
N LYS G 372 32.32 87.42 34.04
CA LYS G 372 32.95 87.63 35.34
C LYS G 372 34.17 86.72 35.51
N ASN G 373 34.20 85.59 34.81
CA ASN G 373 35.36 84.72 34.79
C ASN G 373 35.48 84.11 33.40
N THR H 2 32.85 43.38 -10.20
CA THR H 2 32.45 44.78 -10.10
C THR H 2 33.51 45.69 -10.72
N THR H 3 34.72 45.16 -10.89
CA THR H 3 35.80 45.87 -11.56
C THR H 3 36.17 45.14 -12.85
N SER H 4 36.72 45.90 -13.79
CA SER H 4 37.00 45.36 -15.12
C SER H 4 38.13 44.33 -15.04
N ALA H 5 38.11 43.41 -16.02
CA ALA H 5 39.14 42.38 -16.07
C ALA H 5 40.51 42.98 -16.39
N SER H 6 40.53 44.09 -17.13
CA SER H 6 41.80 44.73 -17.43
C SER H 6 42.49 45.26 -16.17
N SER H 7 41.71 45.70 -15.20
CA SER H 7 42.27 46.20 -13.95
C SER H 7 42.92 45.11 -13.11
N HIS H 8 42.63 43.84 -13.38
CA HIS H 8 43.21 42.74 -12.64
C HIS H 8 44.54 42.27 -13.23
N LEU H 9 44.99 42.87 -14.33
CA LEU H 9 46.30 42.56 -14.86
C LEU H 9 47.38 43.13 -13.94
N ASN H 10 48.57 42.53 -14.02
CA ASN H 10 49.69 42.95 -13.18
C ASN H 10 50.17 44.32 -13.63
N LYS H 11 49.84 45.36 -12.86
CA LYS H 11 50.24 46.72 -13.21
C LYS H 11 51.72 46.96 -12.99
N GLY H 12 52.40 46.10 -12.23
CA GLY H 12 53.84 46.24 -12.07
C GLY H 12 54.59 45.99 -13.36
N ILE H 13 54.10 45.06 -14.17
CA ILE H 13 54.74 44.77 -15.45
C ILE H 13 54.69 45.99 -16.36
N LYS H 14 53.54 46.67 -16.41
CA LYS H 14 53.40 47.85 -17.24
C LYS H 14 54.37 48.94 -16.80
N GLN H 15 54.54 49.12 -15.50
CA GLN H 15 55.43 50.16 -15.00
C GLN H 15 56.87 49.91 -15.40
N VAL H 16 57.27 48.64 -15.54
CA VAL H 16 58.62 48.33 -15.98
C VAL H 16 58.84 48.85 -17.40
N TYR H 17 57.88 48.57 -18.29
CA TYR H 17 58.00 49.04 -19.67
C TYR H 17 57.93 50.55 -19.77
N MET H 18 57.07 51.18 -18.98
CA MET H 18 56.91 52.62 -19.04
C MET H 18 58.15 53.37 -18.57
N SER H 19 59.03 52.72 -17.82
CA SER H 19 60.25 53.35 -17.34
C SER H 19 61.37 53.33 -18.38
N LEU H 20 61.17 52.67 -19.51
CA LEU H 20 62.19 52.66 -20.55
C LEU H 20 62.35 54.06 -21.13
N PRO H 21 63.58 54.48 -21.44
CA PRO H 21 63.78 55.80 -22.05
C PRO H 21 63.09 55.87 -23.41
N GLN H 22 62.32 56.94 -23.60
CA GLN H 22 61.54 57.09 -24.83
C GLN H 22 62.45 57.23 -26.05
N GLY H 23 63.53 58.01 -25.92
CA GLY H 23 64.40 58.28 -27.04
C GLY H 23 64.26 59.70 -27.56
N GLU H 24 63.81 59.84 -28.80
CA GLU H 24 63.64 61.16 -29.40
C GLU H 24 62.23 61.41 -29.93
N LYS H 25 61.51 60.37 -30.32
CA LYS H 25 60.16 60.53 -30.83
C LYS H 25 59.21 61.00 -29.73
N VAL H 26 58.14 61.67 -30.14
CA VAL H 26 57.15 62.21 -29.23
C VAL H 26 55.78 61.69 -29.63
N GLN H 27 55.01 61.22 -28.65
CA GLN H 27 53.66 60.74 -28.88
C GLN H 27 52.65 61.85 -28.63
N ALA H 28 51.62 61.90 -29.46
CA ALA H 28 50.56 62.90 -29.34
C ALA H 28 49.22 62.18 -29.39
N MET H 29 48.32 62.56 -28.49
CA MET H 29 46.99 61.98 -28.41
C MET H 29 45.97 63.01 -28.90
N TYR H 30 45.10 62.59 -29.81
CA TYR H 30 44.08 63.45 -30.38
C TYR H 30 42.73 63.11 -29.76
N ILE H 31 42.02 64.12 -29.27
CA ILE H 31 40.76 63.95 -28.57
C ILE H 31 39.68 64.77 -29.26
N TRP H 32 38.51 64.16 -29.48
CA TRP H 32 37.39 64.84 -30.11
C TRP H 32 36.10 64.25 -29.59
N ILE H 33 35.00 64.97 -29.84
CA ILE H 33 33.68 64.59 -29.37
C ILE H 33 32.96 63.82 -30.45
N ASP H 34 32.29 62.73 -30.07
CA ASP H 34 31.59 61.87 -31.02
C ASP H 34 30.23 62.46 -31.37
N GLY H 35 29.40 61.67 -32.06
CA GLY H 35 28.10 62.14 -32.51
C GLY H 35 27.04 62.21 -31.43
N THR H 36 27.26 61.53 -30.30
CA THR H 36 26.30 61.59 -29.21
C THR H 36 26.29 62.95 -28.52
N GLY H 37 27.33 63.75 -28.71
CA GLY H 37 27.43 65.05 -28.08
C GLY H 37 27.95 65.05 -26.67
N GLU H 38 28.18 63.88 -26.08
CA GLU H 38 28.71 63.79 -24.73
C GLU H 38 29.82 62.75 -24.58
N GLY H 39 30.14 61.98 -25.61
CA GLY H 39 31.21 61.02 -25.56
C GLY H 39 32.49 61.55 -26.17
N LEU H 40 33.59 60.86 -25.90
CA LEU H 40 34.90 61.26 -26.36
C LEU H 40 35.61 60.09 -27.03
N ARG H 41 36.45 60.42 -28.01
CA ARG H 41 37.25 59.43 -28.72
C ARG H 41 38.70 59.91 -28.77
N CYS H 42 39.63 58.96 -28.79
CA CYS H 42 41.05 59.28 -28.71
C CYS H 42 41.83 58.44 -29.70
N LYS H 43 42.97 58.98 -30.13
CA LYS H 43 43.85 58.32 -31.07
C LYS H 43 45.27 58.86 -30.88
N THR H 44 46.25 58.03 -31.18
CA THR H 44 47.66 58.35 -30.91
C THR H 44 48.48 58.28 -32.19
N ARG H 45 49.36 59.26 -32.36
CA ARG H 45 50.29 59.29 -33.48
C ARG H 45 51.67 59.67 -32.98
N THR H 46 52.68 59.44 -33.82
CA THR H 46 54.07 59.68 -33.47
C THR H 46 54.58 60.91 -34.21
N LEU H 47 55.22 61.81 -33.48
CA LEU H 47 55.79 63.02 -34.05
C LEU H 47 57.31 62.96 -33.99
N ASP H 48 57.95 63.70 -34.91
CA ASP H 48 59.40 63.66 -35.00
C ASP H 48 60.05 64.49 -33.89
N SER H 49 59.41 65.56 -33.46
CA SER H 49 59.96 66.44 -32.44
C SER H 49 58.82 66.98 -31.58
N GLU H 50 59.18 67.45 -30.40
CA GLU H 50 58.19 67.98 -29.47
C GLU H 50 57.70 69.33 -29.96
N PRO H 51 56.40 69.50 -30.19
CA PRO H 51 55.88 70.81 -30.60
C PRO H 51 55.97 71.82 -29.47
N LYS H 52 56.14 73.09 -29.84
CA LYS H 52 56.17 74.16 -28.86
C LYS H 52 54.83 74.88 -28.72
N CYS H 53 53.93 74.74 -29.70
CA CYS H 53 52.63 75.38 -29.62
C CYS H 53 51.65 74.56 -30.45
N VAL H 54 50.35 74.74 -30.15
CA VAL H 54 49.31 73.99 -30.83
C VAL H 54 49.20 74.38 -32.31
N GLU H 55 49.75 75.53 -32.69
CA GLU H 55 49.58 76.02 -34.06
C GLU H 55 50.38 75.20 -35.06
N GLU H 56 51.36 74.41 -34.62
CA GLU H 56 52.20 73.65 -35.52
C GLU H 56 51.91 72.16 -35.49
N LEU H 57 50.76 71.76 -34.97
CA LEU H 57 50.39 70.35 -34.99
C LEU H 57 49.67 70.02 -36.29
N PRO H 58 50.09 68.99 -37.01
CA PRO H 58 49.44 68.66 -38.29
C PRO H 58 48.01 68.19 -38.09
N GLU H 59 47.20 68.41 -39.12
CA GLU H 59 45.83 67.94 -39.12
C GLU H 59 45.78 66.42 -39.32
N TRP H 60 44.62 65.83 -39.03
CA TRP H 60 44.44 64.40 -39.12
C TRP H 60 43.02 64.11 -39.59
N ASN H 61 42.64 62.85 -39.56
CA ASN H 61 41.33 62.43 -40.04
C ASN H 61 40.94 61.13 -39.36
N PHE H 62 39.66 60.79 -39.46
CA PHE H 62 39.15 59.55 -38.89
C PHE H 62 37.90 59.13 -39.66
N ASP H 63 37.39 57.95 -39.34
CA ASP H 63 36.22 57.39 -40.00
C ASP H 63 34.97 57.79 -39.22
N GLY H 64 34.12 58.61 -39.84
CA GLY H 64 32.90 59.04 -39.19
C GLY H 64 31.80 58.01 -39.16
N SER H 65 31.85 57.02 -40.04
CA SER H 65 30.84 55.96 -40.03
C SER H 65 30.90 55.15 -38.74
N SER H 66 32.11 54.82 -38.29
CA SER H 66 32.26 54.10 -37.03
C SER H 66 31.88 54.95 -35.83
N THR H 67 31.86 56.27 -35.98
CA THR H 67 31.53 57.18 -34.90
C THR H 67 30.11 57.73 -35.05
N LEU H 68 29.36 57.24 -36.05
CA LEU H 68 27.97 57.63 -36.30
C LEU H 68 27.83 59.13 -36.53
N GLN H 69 28.93 59.79 -36.90
CA GLN H 69 28.90 61.18 -37.32
C GLN H 69 28.75 61.33 -38.83
N SER H 70 28.64 60.24 -39.56
CA SER H 70 28.54 60.29 -41.01
C SER H 70 27.97 58.98 -41.52
N GLU H 71 27.54 58.99 -42.77
CA GLU H 71 27.03 57.82 -43.46
C GLU H 71 28.16 57.17 -44.26
N GLY H 72 27.82 56.16 -45.05
CA GLY H 72 28.82 55.37 -45.76
C GLY H 72 29.38 55.94 -47.03
N SER H 73 28.92 57.12 -47.47
CA SER H 73 29.43 57.71 -48.70
C SER H 73 30.62 58.64 -48.43
N ASN H 74 30.45 59.60 -47.52
CA ASN H 74 31.50 60.56 -47.20
C ASN H 74 31.89 60.45 -45.73
N SER H 75 32.11 59.21 -45.27
CA SER H 75 32.35 58.96 -43.86
C SER H 75 33.59 59.68 -43.33
N ASP H 76 34.55 60.01 -44.18
CA ASP H 76 35.79 60.62 -43.72
C ASP H 76 35.52 62.00 -43.11
N MET H 77 36.12 62.24 -41.95
CA MET H 77 36.04 63.53 -41.27
C MET H 77 37.45 64.06 -41.07
N TYR H 78 37.54 65.24 -40.47
CA TYR H 78 38.82 65.91 -40.27
C TYR H 78 38.94 66.43 -38.84
N LEU H 79 40.18 66.43 -38.34
CA LEU H 79 40.50 66.92 -37.01
C LEU H 79 41.45 68.09 -37.12
N VAL H 80 41.10 69.21 -36.49
CA VAL H 80 41.92 70.41 -36.48
C VAL H 80 42.29 70.71 -35.03
N PRO H 81 43.57 70.70 -34.67
CA PRO H 81 43.96 70.94 -33.28
C PRO H 81 43.49 72.29 -32.78
N ALA H 82 43.06 72.33 -31.52
CA ALA H 82 42.59 73.56 -30.89
C ALA H 82 43.35 73.91 -29.62
N ALA H 83 43.67 72.93 -28.79
CA ALA H 83 44.39 73.16 -27.55
C ALA H 83 45.41 72.06 -27.33
N MET H 84 46.45 72.38 -26.58
CA MET H 84 47.55 71.46 -26.31
C MET H 84 47.84 71.43 -24.81
N PHE H 85 48.08 70.23 -24.28
CA PHE H 85 48.36 70.04 -22.87
C PHE H 85 49.41 68.96 -22.71
N ARG H 86 50.12 69.00 -21.58
CA ARG H 86 51.09 67.97 -21.28
C ARG H 86 50.38 66.67 -20.90
N ASP H 87 50.93 65.55 -21.35
CA ASP H 87 50.32 64.26 -21.08
C ASP H 87 50.68 63.81 -19.69
N PRO H 88 49.69 63.57 -18.81
CA PRO H 88 50.00 63.06 -17.46
C PRO H 88 50.17 61.55 -17.42
N PHE H 89 49.67 60.83 -18.43
CA PHE H 89 49.75 59.37 -18.44
C PHE H 89 51.03 58.85 -19.08
N ARG H 90 51.66 59.63 -19.95
CA ARG H 90 52.93 59.27 -20.55
C ARG H 90 54.06 60.22 -20.18
N LYS H 91 53.78 61.29 -19.44
CA LYS H 91 54.76 62.26 -18.99
C LYS H 91 55.38 63.02 -20.16
N ASP H 92 56.23 63.99 -19.84
CA ASP H 92 56.86 64.80 -20.87
C ASP H 92 57.81 63.95 -21.71
N PRO H 93 58.01 64.30 -22.99
CA PRO H 93 57.45 65.45 -23.72
C PRO H 93 56.16 65.11 -24.47
N ASN H 94 55.51 64.00 -24.16
CA ASN H 94 54.28 63.64 -24.83
C ASN H 94 53.16 64.61 -24.43
N LYS H 95 52.21 64.79 -25.35
CA LYS H 95 51.21 65.84 -25.21
C LYS H 95 49.82 65.31 -25.55
N LEU H 96 48.81 66.02 -25.05
CA LEU H 96 47.41 65.78 -25.39
C LEU H 96 46.90 66.93 -26.25
N VAL H 97 46.14 66.60 -27.28
CA VAL H 97 45.63 67.57 -28.24
C VAL H 97 44.11 67.45 -28.31
N LEU H 98 43.42 68.55 -28.07
CA LEU H 98 41.98 68.62 -28.25
C LEU H 98 41.68 69.25 -29.61
N CYS H 99 40.84 68.60 -30.39
CA CYS H 99 40.63 68.98 -31.79
C CYS H 99 39.15 69.19 -32.08
N GLU H 100 38.89 70.03 -33.08
CA GLU H 100 37.56 70.23 -33.63
C GLU H 100 37.32 69.27 -34.78
N VAL H 101 36.04 68.97 -35.02
CA VAL H 101 35.63 68.03 -36.06
C VAL H 101 34.98 68.81 -37.19
N PHE H 102 35.45 68.57 -38.41
CA PHE H 102 34.90 69.20 -39.60
C PHE H 102 34.48 68.13 -40.59
N LYS H 103 33.39 68.39 -41.31
CA LYS H 103 32.88 67.47 -42.30
C LYS H 103 33.82 67.40 -43.50
N TYR H 104 33.48 66.54 -44.46
CA TYR H 104 34.29 66.41 -45.67
C TYR H 104 34.29 67.69 -46.49
N ASN H 105 33.22 68.48 -46.40
CA ASN H 105 33.12 69.76 -47.10
C ASN H 105 33.60 70.93 -46.25
N ARG H 106 34.41 70.66 -45.23
CA ARG H 106 34.97 71.68 -44.34
C ARG H 106 33.91 72.47 -43.59
N ARG H 107 32.76 71.86 -43.33
CA ARG H 107 31.80 72.52 -42.48
C ARG H 107 31.81 71.89 -41.10
N PRO H 108 31.54 72.66 -40.04
CA PRO H 108 31.51 72.10 -38.70
C PRO H 108 30.45 71.01 -38.57
N ALA H 109 30.77 69.99 -37.77
CA ALA H 109 29.85 68.89 -37.55
C ALA H 109 28.69 69.34 -36.67
N GLU H 110 27.69 68.46 -36.54
CA GLU H 110 26.52 68.78 -35.75
C GLU H 110 26.87 69.00 -34.28
N THR H 111 27.80 68.19 -33.76
CA THR H 111 28.21 68.30 -32.37
C THR H 111 29.36 69.27 -32.15
N ASN H 112 29.83 69.93 -33.21
CA ASN H 112 30.92 70.90 -33.10
C ASN H 112 30.33 72.24 -32.72
N LEU H 113 30.16 72.46 -31.42
CA LEU H 113 29.63 73.71 -30.90
C LEU H 113 30.71 74.72 -30.54
N ARG H 114 31.99 74.36 -30.68
CA ARG H 114 33.06 75.29 -30.35
C ARG H 114 33.20 76.37 -31.42
N HIS H 115 32.86 76.06 -32.67
CA HIS H 115 33.03 77.03 -33.75
C HIS H 115 32.17 78.27 -33.52
N THR H 116 30.87 78.07 -33.28
CA THR H 116 29.99 79.21 -33.06
C THR H 116 30.28 79.90 -31.73
N CYS H 117 30.63 79.13 -30.70
CA CYS H 117 30.87 79.74 -29.39
C CYS H 117 32.11 80.63 -29.42
N LYS H 118 33.14 80.22 -30.15
CA LYS H 118 34.36 81.02 -30.21
C LYS H 118 34.10 82.37 -30.87
N ARG H 119 33.29 82.39 -31.93
CA ARG H 119 32.96 83.66 -32.59
C ARG H 119 32.21 84.59 -31.66
N ILE H 120 31.26 84.04 -30.89
CA ILE H 120 30.43 84.87 -30.03
C ILE H 120 31.26 85.53 -28.93
N MET H 121 32.13 84.77 -28.28
CA MET H 121 32.84 85.32 -27.13
C MET H 121 34.01 86.21 -27.57
N ASP H 122 34.34 86.18 -28.86
CA ASP H 122 35.31 87.15 -29.37
C ASP H 122 34.71 88.53 -29.47
N MET H 123 33.39 88.62 -29.67
CA MET H 123 32.73 89.91 -29.79
C MET H 123 32.76 90.67 -28.46
N VAL H 124 32.56 89.98 -27.36
CA VAL H 124 32.50 90.59 -26.04
C VAL H 124 33.83 90.42 -25.30
N SER H 125 34.92 90.17 -26.03
CA SER H 125 36.21 89.91 -25.39
C SER H 125 36.70 91.11 -24.60
N ASN H 126 36.22 92.32 -24.92
CA ASN H 126 36.62 93.51 -24.20
C ASN H 126 36.15 93.53 -22.76
N GLN H 127 35.11 92.76 -22.42
CA GLN H 127 34.57 92.74 -21.07
C GLN H 127 35.19 91.64 -20.20
N HIS H 128 35.98 90.74 -20.79
CA HIS H 128 36.67 89.66 -20.09
C HIS H 128 35.71 88.84 -19.23
N PRO H 129 34.83 88.04 -19.83
CA PRO H 129 33.96 87.18 -19.02
C PRO H 129 34.75 86.05 -18.39
N TRP H 130 34.39 85.72 -17.15
CA TRP H 130 35.02 84.63 -16.41
C TRP H 130 33.98 83.57 -16.09
N PHE H 131 34.40 82.31 -16.12
CA PHE H 131 33.51 81.19 -15.91
C PHE H 131 34.11 80.21 -14.91
N GLY H 132 33.24 79.59 -14.11
CA GLY H 132 33.62 78.52 -13.23
C GLY H 132 32.50 77.52 -13.05
N MET H 133 32.74 76.25 -13.38
CA MET H 133 31.72 75.22 -13.27
C MET H 133 32.14 74.16 -12.27
N GLU H 134 31.18 73.73 -11.45
CA GLU H 134 31.38 72.67 -10.48
C GLU H 134 30.79 71.39 -11.07
N GLN H 135 31.64 70.49 -11.52
CA GLN H 135 31.22 69.28 -12.22
C GLN H 135 31.08 68.14 -11.23
N GLU H 136 29.92 67.49 -11.24
CA GLU H 136 29.62 66.38 -10.35
C GLU H 136 29.52 65.09 -11.13
N TYR H 137 29.90 63.99 -10.49
CA TYR H 137 29.91 62.69 -11.14
C TYR H 137 29.79 61.60 -10.09
N THR H 138 29.45 60.39 -10.55
CA THR H 138 29.29 59.24 -9.69
C THR H 138 30.17 58.09 -10.20
N LEU H 139 30.87 57.45 -9.27
CA LEU H 139 31.71 56.30 -9.60
C LEU H 139 30.87 55.03 -9.55
N MET H 140 30.90 54.25 -10.63
CA MET H 140 30.12 53.04 -10.74
C MET H 140 31.00 51.87 -11.12
N GLY H 141 30.62 50.69 -10.67
CA GLY H 141 31.30 49.48 -11.07
C GLY H 141 30.85 49.02 -12.45
N THR H 142 31.49 47.94 -12.91
CA THR H 142 31.16 47.41 -14.22
C THR H 142 29.80 46.73 -14.27
N ASP H 143 29.15 46.51 -13.13
CA ASP H 143 27.84 45.88 -13.08
C ASP H 143 26.70 46.89 -13.10
N GLY H 144 26.99 48.18 -13.26
CA GLY H 144 25.94 49.19 -13.28
C GLY H 144 25.47 49.65 -11.93
N HIS H 145 26.18 49.30 -10.86
CA HIS H 145 25.82 49.68 -9.51
C HIS H 145 26.87 50.65 -8.99
N PRO H 146 26.49 51.59 -8.11
CA PRO H 146 27.48 52.54 -7.58
C PRO H 146 28.63 51.83 -6.87
N PHE H 147 29.82 52.36 -7.05
CA PHE H 147 31.02 51.73 -6.52
C PHE H 147 31.01 51.76 -4.99
N GLY H 148 31.30 50.60 -4.39
CA GLY H 148 31.35 50.48 -2.94
C GLY H 148 30.02 50.24 -2.28
N TRP H 149 28.92 50.25 -3.02
CA TRP H 149 27.61 50.00 -2.43
C TRP H 149 27.44 48.50 -2.15
N PRO H 150 26.60 48.16 -1.17
CA PRO H 150 26.33 46.75 -0.89
C PRO H 150 25.68 46.08 -2.09
N SER H 151 25.99 44.79 -2.27
CA SER H 151 25.45 44.04 -3.38
C SER H 151 23.93 43.90 -3.25
N ASN H 152 23.21 44.43 -4.23
CA ASN H 152 21.75 44.39 -4.25
C ASN H 152 21.17 45.04 -2.99
N GLY H 153 21.82 46.10 -2.53
CA GLY H 153 21.37 46.78 -1.33
C GLY H 153 21.75 48.24 -1.35
N PHE H 154 21.49 48.90 -0.23
CA PHE H 154 21.72 50.33 -0.11
C PHE H 154 22.54 50.63 1.13
N PRO H 155 23.33 51.69 1.12
CA PRO H 155 24.01 52.13 2.36
C PRO H 155 23.06 52.85 3.29
N GLY H 156 23.58 53.42 4.38
CA GLY H 156 22.77 54.13 5.33
C GLY H 156 22.20 55.40 4.74
N PRO H 157 21.27 56.02 5.46
CA PRO H 157 20.65 57.26 4.97
C PRO H 157 21.66 58.39 4.89
N GLN H 158 21.34 59.37 4.04
CA GLN H 158 22.25 60.46 3.76
C GLN H 158 22.48 61.32 5.00
N GLY H 159 23.56 62.09 4.97
CA GLY H 159 23.90 62.97 6.06
C GLY H 159 25.34 62.90 6.55
N PRO H 160 25.92 61.70 6.65
CA PRO H 160 27.34 61.60 7.01
C PRO H 160 28.30 61.57 5.84
N TYR H 161 27.83 61.46 4.60
CA TYR H 161 28.72 61.30 3.46
C TYR H 161 29.21 62.61 2.87
N TYR H 162 28.54 63.73 3.16
CA TYR H 162 28.93 65.00 2.57
C TYR H 162 30.25 65.47 3.17
N CYS H 163 31.27 65.59 2.32
CA CYS H 163 32.61 65.99 2.75
C CYS H 163 33.14 65.08 3.86
N GLY H 164 32.79 63.79 3.78
CA GLY H 164 33.15 62.87 4.84
C GLY H 164 34.56 62.34 4.74
N VAL H 165 35.03 61.77 5.84
CA VAL H 165 36.32 61.13 5.91
C VAL H 165 36.18 59.82 6.68
N GLY H 166 36.80 58.76 6.17
CA GLY H 166 36.70 57.45 6.79
C GLY H 166 36.32 56.37 5.81
N ALA H 167 36.60 55.12 6.17
CA ALA H 167 36.34 54.01 5.26
C ALA H 167 34.86 53.81 5.02
N ASP H 168 34.01 54.23 5.95
CA ASP H 168 32.56 54.06 5.85
C ASP H 168 31.86 55.31 5.37
N ARG H 169 32.60 56.34 4.99
CA ARG H 169 31.97 57.60 4.60
C ARG H 169 32.38 58.08 3.22
N ALA H 170 33.61 57.82 2.81
CA ALA H 170 34.11 58.23 1.50
C ALA H 170 34.47 56.99 0.69
N TYR H 171 33.90 56.88 -0.51
CA TYR H 171 34.10 55.73 -1.39
C TYR H 171 34.94 56.16 -2.57
N GLY H 172 36.09 55.50 -2.75
CA GLY H 172 36.91 55.72 -3.92
C GLY H 172 37.67 57.03 -3.95
N ARG H 173 38.27 57.42 -2.81
CA ARG H 173 39.09 58.63 -2.80
C ARG H 173 40.39 58.45 -3.57
N ASP H 174 40.77 57.22 -3.90
CA ASP H 174 41.99 57.01 -4.67
C ASP H 174 41.87 57.61 -6.07
N ILE H 175 40.70 57.50 -6.68
CA ILE H 175 40.51 58.02 -8.03
C ILE H 175 40.58 59.54 -8.03
N VAL H 176 39.88 60.19 -7.09
CA VAL H 176 39.81 61.65 -7.12
C VAL H 176 41.17 62.26 -6.81
N GLU H 177 41.95 61.64 -5.92
CA GLU H 177 43.29 62.14 -5.64
C GLU H 177 44.18 62.02 -6.87
N ALA H 178 44.11 60.90 -7.57
CA ALA H 178 44.91 60.73 -8.77
C ALA H 178 44.48 61.69 -9.86
N HIS H 179 43.17 61.89 -10.03
CA HIS H 179 42.68 62.80 -11.05
C HIS H 179 43.08 64.24 -10.75
N TYR H 180 43.03 64.63 -9.48
CA TYR H 180 43.42 65.98 -9.10
C TYR H 180 44.89 66.25 -9.42
N ARG H 181 45.76 65.29 -9.12
CA ARG H 181 47.19 65.46 -9.38
C ARG H 181 47.48 65.46 -10.88
N ALA H 182 46.77 64.62 -11.63
CA ALA H 182 46.99 64.56 -13.08
C ALA H 182 46.57 65.86 -13.76
N CYS H 183 45.45 66.44 -13.33
CA CYS H 183 44.99 67.69 -13.94
C CYS H 183 45.98 68.81 -13.70
N LEU H 184 46.54 68.88 -12.49
CA LEU H 184 47.53 69.93 -12.20
C LEU H 184 48.77 69.77 -13.07
N TYR H 185 49.23 68.53 -13.26
CA TYR H 185 50.40 68.30 -14.11
C TYR H 185 50.13 68.69 -15.55
N ALA H 186 48.93 68.34 -16.07
CA ALA H 186 48.61 68.63 -17.46
C ALA H 186 48.44 70.12 -17.73
N GLY H 187 48.09 70.90 -16.72
CA GLY H 187 47.86 72.32 -16.88
C GLY H 187 46.42 72.75 -16.83
N VAL H 188 45.50 71.85 -16.49
CA VAL H 188 44.09 72.21 -16.35
C VAL H 188 43.91 73.05 -15.10
N LYS H 189 43.14 74.13 -15.22
CA LYS H 189 42.90 75.04 -14.11
C LYS H 189 41.83 74.47 -13.20
N ILE H 190 42.24 73.52 -12.36
CA ILE H 190 41.36 72.87 -11.39
C ILE H 190 41.44 73.64 -10.07
N ALA H 191 40.29 73.87 -9.45
CA ALA H 191 40.21 74.71 -8.27
C ALA H 191 40.06 73.94 -6.96
N GLY H 192 39.44 72.77 -6.97
CA GLY H 192 39.28 72.01 -5.76
C GLY H 192 38.26 70.90 -5.93
N THR H 193 38.15 70.07 -4.89
CA THR H 193 37.26 68.92 -4.89
C THR H 193 36.60 68.79 -3.53
N ASN H 194 35.50 68.05 -3.50
CA ASN H 194 34.82 67.71 -2.25
C ASN H 194 33.94 66.49 -2.49
N ALA H 195 33.62 65.81 -1.40
CA ALA H 195 32.69 64.70 -1.46
C ALA H 195 31.25 65.20 -1.38
N GLU H 196 30.36 64.50 -2.09
CA GLU H 196 28.98 64.94 -2.23
C GLU H 196 28.08 64.26 -1.21
N VAL H 197 26.77 64.51 -1.34
CA VAL H 197 25.81 64.09 -0.33
C VAL H 197 25.67 62.57 -0.31
N MET H 198 25.54 61.96 -1.48
CA MET H 198 25.39 60.51 -1.46
C MET H 198 26.75 59.84 -1.68
N PRO H 199 26.95 58.63 -1.14
CA PRO H 199 28.26 57.99 -1.25
C PRO H 199 28.61 57.67 -2.69
N ALA H 200 29.92 57.62 -2.96
CA ALA H 200 30.51 57.39 -4.28
C ALA H 200 30.22 58.51 -5.26
N GLN H 201 29.80 59.67 -4.79
CA GLN H 201 29.57 60.85 -5.63
C GLN H 201 30.54 61.94 -5.24
N TRP H 202 31.20 62.53 -6.23
CA TRP H 202 32.24 63.52 -6.00
C TRP H 202 32.01 64.72 -6.90
N GLU H 203 32.82 65.76 -6.70
CA GLU H 203 32.70 66.99 -7.47
C GLU H 203 34.06 67.68 -7.53
N PHE H 204 34.38 68.25 -8.69
CA PHE H 204 35.57 69.07 -8.85
C PHE H 204 35.18 70.37 -9.55
N GLN H 205 35.97 71.41 -9.30
CA GLN H 205 35.68 72.75 -9.80
C GLN H 205 36.79 73.21 -10.74
N ILE H 206 36.38 73.73 -11.89
CA ILE H 206 37.30 74.25 -12.90
C ILE H 206 37.07 75.75 -13.04
N GLY H 207 38.15 76.53 -12.95
CA GLY H 207 38.07 77.95 -13.10
C GLY H 207 38.89 78.69 -12.07
N PRO H 208 38.83 80.03 -12.09
CA PRO H 208 38.10 80.88 -13.03
C PRO H 208 38.81 80.99 -14.38
N CYS H 209 38.22 80.48 -15.44
CA CYS H 209 38.81 80.48 -16.77
C CYS H 209 38.15 81.56 -17.61
N GLU H 210 38.97 82.30 -18.37
CA GLU H 210 38.49 83.43 -19.15
C GLU H 210 38.42 83.03 -20.62
N GLY H 211 37.35 83.43 -21.29
CA GLY H 211 37.27 83.25 -22.73
C GLY H 211 36.86 81.84 -23.12
N ILE H 212 37.31 81.43 -24.31
CA ILE H 212 36.96 80.12 -24.84
C ILE H 212 37.75 79.02 -24.15
N SER H 213 38.78 79.39 -23.38
CA SER H 213 39.61 78.37 -22.75
C SER H 213 38.82 77.53 -21.76
N MET H 214 37.76 78.08 -21.18
CA MET H 214 36.99 77.35 -20.18
C MET H 214 36.36 76.09 -20.75
N GLY H 215 35.77 76.19 -21.94
CA GLY H 215 35.21 75.02 -22.58
C GLY H 215 36.27 73.98 -22.90
N ASP H 216 37.47 74.42 -23.27
CA ASP H 216 38.56 73.49 -23.54
C ASP H 216 39.00 72.78 -22.27
N HIS H 217 39.12 73.50 -21.16
CA HIS H 217 39.63 72.92 -19.93
C HIS H 217 38.68 71.87 -19.37
N LEU H 218 37.38 72.13 -19.38
CA LEU H 218 36.43 71.18 -18.83
C LEU H 218 36.40 69.89 -19.64
N TRP H 219 36.44 70.01 -20.97
CA TRP H 219 36.42 68.81 -21.81
C TRP H 219 37.65 67.96 -21.60
N VAL H 220 38.81 68.58 -21.47
CA VAL H 220 40.04 67.83 -21.21
C VAL H 220 39.99 67.20 -19.82
N ALA H 221 39.44 67.92 -18.84
CA ALA H 221 39.32 67.38 -17.49
C ALA H 221 38.41 66.16 -17.47
N ARG H 222 37.34 66.18 -18.26
CA ARG H 222 36.47 65.01 -18.36
C ARG H 222 37.21 63.83 -18.97
N PHE H 223 38.03 64.08 -19.98
CA PHE H 223 38.80 63.00 -20.61
C PHE H 223 39.78 62.37 -19.63
N ILE H 224 40.46 63.21 -18.84
CA ILE H 224 41.43 62.70 -17.87
C ILE H 224 40.73 61.84 -16.82
N LEU H 225 39.55 62.27 -16.38
CA LEU H 225 38.79 61.49 -15.40
C LEU H 225 38.44 60.11 -15.95
N HIS H 226 37.98 60.06 -17.20
CA HIS H 226 37.66 58.77 -17.80
C HIS H 226 38.88 57.89 -17.95
N ARG H 227 40.00 58.48 -18.37
CA ARG H 227 41.23 57.70 -18.56
C ARG H 227 41.77 57.20 -17.22
N VAL H 228 41.69 58.03 -16.17
CA VAL H 228 42.16 57.61 -14.86
C VAL H 228 41.30 56.48 -14.32
N CYS H 229 39.97 56.61 -14.44
CA CYS H 229 39.07 55.57 -13.98
C CYS H 229 39.27 54.27 -14.73
N GLU H 230 39.74 54.35 -15.98
CA GLU H 230 40.04 53.14 -16.73
C GLU H 230 41.17 52.34 -16.09
N ASP H 231 42.17 53.03 -15.53
CA ASP H 231 43.27 52.34 -14.87
C ASP H 231 42.78 51.56 -13.66
N PHE H 232 41.88 52.13 -12.87
CA PHE H 232 41.35 51.47 -11.70
C PHE H 232 40.24 50.48 -12.01
N GLY H 233 39.70 50.49 -13.24
CA GLY H 233 38.67 49.56 -13.61
C GLY H 233 37.27 49.96 -13.23
N VAL H 234 37.01 51.24 -12.98
CA VAL H 234 35.70 51.73 -12.63
C VAL H 234 35.20 52.66 -13.75
N ILE H 235 33.93 53.01 -13.67
CA ILE H 235 33.27 53.83 -14.68
C ILE H 235 32.80 55.11 -14.02
N ALA H 236 33.11 56.25 -14.64
CA ALA H 236 32.63 57.55 -14.19
C ALA H 236 31.48 57.97 -15.08
N THR H 237 30.33 58.28 -14.47
CA THR H 237 29.14 58.64 -15.21
C THR H 237 28.73 60.07 -14.89
N PHE H 238 28.08 60.72 -15.86
CA PHE H 238 27.61 62.10 -15.70
C PHE H 238 26.09 62.18 -15.75
N ASP H 239 25.39 61.09 -15.46
CA ASP H 239 23.94 61.10 -15.48
C ASP H 239 23.41 62.02 -14.38
N PRO H 240 22.43 62.88 -14.69
CA PRO H 240 21.88 63.76 -13.65
C PRO H 240 21.24 63.02 -12.48
N LYS H 241 20.59 61.89 -12.72
CA LYS H 241 19.93 61.12 -11.66
C LYS H 241 20.31 59.64 -11.81
N PRO H 242 21.52 59.28 -11.40
CA PRO H 242 21.94 57.86 -11.53
C PRO H 242 21.08 56.90 -10.73
N ILE H 243 20.61 57.31 -9.55
CA ILE H 243 19.85 56.43 -8.66
C ILE H 243 18.53 57.10 -8.31
N PRO H 244 17.40 56.51 -8.69
CA PRO H 244 16.11 57.10 -8.31
C PRO H 244 15.82 56.93 -6.83
N GLY H 245 14.99 57.83 -6.30
CA GLY H 245 14.58 57.75 -4.92
C GLY H 245 15.10 58.88 -4.06
N ASN H 246 15.31 58.60 -2.78
CA ASN H 246 15.82 59.61 -1.84
C ASN H 246 17.34 59.69 -1.88
N TRP H 247 17.88 59.90 -3.07
CA TRP H 247 19.32 60.03 -3.27
C TRP H 247 19.61 61.26 -4.12
N ASN H 248 20.68 61.96 -3.79
CA ASN H 248 20.97 63.24 -4.43
C ASN H 248 21.31 63.06 -5.90
N GLY H 249 20.96 64.06 -6.70
CA GLY H 249 21.28 64.08 -8.11
C GLY H 249 22.61 64.76 -8.39
N ALA H 250 22.92 64.89 -9.68
CA ALA H 250 24.18 65.46 -10.13
C ALA H 250 23.92 66.59 -11.11
N GLY H 251 24.57 67.74 -10.87
CA GLY H 251 24.43 68.88 -11.75
C GLY H 251 25.76 69.60 -11.92
N CYS H 252 25.77 70.57 -12.82
CA CYS H 252 26.96 71.35 -13.15
C CYS H 252 26.65 72.83 -12.93
N HIS H 253 26.84 73.30 -11.70
CA HIS H 253 26.64 74.71 -11.40
C HIS H 253 27.69 75.56 -12.12
N THR H 254 27.25 76.68 -12.68
CA THR H 254 28.12 77.56 -13.46
C THR H 254 28.18 78.92 -12.79
N ASN H 255 29.40 79.41 -12.57
CA ASN H 255 29.62 80.73 -11.97
C ASN H 255 30.08 81.69 -13.06
N PHE H 256 29.40 82.83 -13.17
CA PHE H 256 29.64 83.77 -14.24
C PHE H 256 29.88 85.17 -13.68
N SER H 257 30.89 85.85 -14.23
CA SER H 257 31.12 87.26 -13.96
C SER H 257 31.95 87.85 -15.08
N THR H 258 31.88 89.16 -15.22
CA THR H 258 32.73 89.90 -16.13
C THR H 258 33.37 91.05 -15.37
N LYS H 259 34.12 91.89 -16.08
CA LYS H 259 34.87 92.97 -15.44
C LYS H 259 33.94 93.94 -14.72
N ALA H 260 32.69 94.06 -15.17
CA ALA H 260 31.78 95.01 -14.57
C ALA H 260 31.46 94.65 -13.12
N MET H 261 31.08 93.39 -12.87
CA MET H 261 30.72 93.00 -11.51
C MET H 261 31.95 92.87 -10.61
N ARG H 262 33.11 92.58 -11.20
CA ARG H 262 34.32 92.45 -10.41
C ARG H 262 34.86 93.77 -9.89
N GLU H 263 34.37 94.89 -10.40
CA GLU H 263 34.80 96.19 -9.93
C GLU H 263 33.94 96.63 -8.75
N GLU H 264 34.16 97.84 -8.26
CA GLU H 264 33.41 98.33 -7.11
C GLU H 264 31.95 98.51 -7.46
N ASN H 265 31.10 98.31 -6.46
CA ASN H 265 29.64 98.47 -6.59
C ASN H 265 29.06 97.72 -7.80
N GLY H 266 29.69 96.60 -8.14
CA GLY H 266 29.24 95.79 -9.24
C GLY H 266 28.05 94.90 -8.94
N LEU H 267 27.54 94.96 -7.70
CA LEU H 267 26.36 94.17 -7.34
C LEU H 267 25.17 94.54 -8.21
N LYS H 268 25.06 95.81 -8.59
CA LYS H 268 23.95 96.21 -9.46
C LYS H 268 24.09 95.59 -10.84
N TYR H 269 25.33 95.39 -11.31
CA TYR H 269 25.53 94.69 -12.58
C TYR H 269 25.09 93.24 -12.48
N ILE H 270 25.28 92.61 -11.33
CA ILE H 270 24.77 91.26 -11.13
C ILE H 270 23.24 91.26 -11.21
N GLU H 271 22.61 92.26 -10.58
CA GLU H 271 21.15 92.28 -10.51
C GLU H 271 20.52 92.43 -11.89
N GLU H 272 21.06 93.31 -12.72
CA GLU H 272 20.48 93.53 -14.04
C GLU H 272 20.67 92.33 -14.95
N ALA H 273 21.81 91.63 -14.81
CA ALA H 273 22.03 90.42 -15.59
C ALA H 273 21.03 89.33 -15.20
N ILE H 274 20.77 89.20 -13.90
CA ILE H 274 19.83 88.18 -13.44
C ILE H 274 18.42 88.48 -13.93
N GLU H 275 18.00 89.73 -13.86
CA GLU H 275 16.64 90.07 -14.28
C GLU H 275 16.45 89.85 -15.77
N LYS H 276 17.52 90.00 -16.57
CA LYS H 276 17.47 89.61 -17.97
C LYS H 276 17.34 88.10 -18.11
N LEU H 277 18.01 87.34 -17.25
CA LEU H 277 17.94 85.89 -17.31
C LEU H 277 16.56 85.38 -16.92
N SER H 278 15.83 86.15 -16.10
CA SER H 278 14.52 85.71 -15.63
C SER H 278 13.53 85.54 -16.78
N LYS H 279 13.68 86.32 -17.85
CA LYS H 279 12.74 86.24 -18.96
C LYS H 279 12.91 84.95 -19.75
N ARG H 280 14.14 84.58 -20.07
CA ARG H 280 14.42 83.42 -20.91
C ARG H 280 14.76 82.20 -20.05
N HIS H 281 13.78 81.81 -19.24
CA HIS H 281 13.96 80.61 -18.41
C HIS H 281 13.89 79.34 -19.26
N GLN H 282 12.90 79.25 -20.14
CA GLN H 282 12.72 78.03 -20.93
C GLN H 282 13.83 77.87 -21.96
N TYR H 283 14.28 78.98 -22.55
CA TYR H 283 15.31 78.92 -23.57
C TYR H 283 16.62 78.35 -23.01
N HIS H 284 17.02 78.80 -21.82
CA HIS H 284 18.25 78.30 -21.24
C HIS H 284 18.12 76.85 -20.78
N ILE H 285 16.91 76.47 -20.34
CA ILE H 285 16.69 75.07 -19.95
C ILE H 285 16.92 74.14 -21.11
N ARG H 286 16.49 74.53 -22.31
CA ARG H 286 16.72 73.72 -23.50
C ARG H 286 18.20 73.57 -23.80
N ALA H 287 18.96 74.66 -23.66
CA ALA H 287 20.39 74.65 -24.00
C ALA H 287 21.26 74.09 -22.88
N TYR H 288 20.73 73.90 -21.68
CA TYR H 288 21.50 73.38 -20.56
C TYR H 288 21.53 71.86 -20.52
N ASP H 289 20.86 71.20 -21.46
CA ASP H 289 20.80 69.74 -21.49
C ASP H 289 21.11 69.28 -22.90
N PRO H 290 21.95 68.25 -23.06
CA PRO H 290 22.23 67.72 -24.41
C PRO H 290 21.01 67.13 -25.09
N LYS H 291 20.00 66.73 -24.33
CA LYS H 291 18.78 66.15 -24.90
C LYS H 291 17.61 67.12 -24.90
N GLY H 292 17.85 68.40 -24.59
CA GLY H 292 16.80 69.40 -24.60
C GLY H 292 16.06 69.58 -23.29
N GLY H 293 16.34 68.77 -22.27
CA GLY H 293 15.70 68.93 -20.99
C GLY H 293 15.04 67.67 -20.47
N LEU H 294 15.12 66.60 -21.24
CA LEU H 294 14.53 65.33 -20.84
C LEU H 294 15.36 64.60 -19.78
N ASP H 295 16.60 65.02 -19.56
CA ASP H 295 17.46 64.43 -18.54
C ASP H 295 17.42 65.22 -17.24
N ASN H 296 17.47 66.55 -17.33
CA ASN H 296 17.44 67.40 -16.13
C ASN H 296 16.08 67.40 -15.45
N ALA H 297 15.03 66.86 -16.10
CA ALA H 297 13.72 66.83 -15.48
C ALA H 297 13.68 65.87 -14.30
N ARG H 298 14.50 64.82 -14.31
CA ARG H 298 14.53 63.86 -13.23
C ARG H 298 15.30 64.35 -12.01
N ARG H 299 16.03 65.47 -12.14
CA ARG H 299 16.79 66.04 -11.04
C ARG H 299 16.12 67.25 -10.42
N LEU H 300 15.62 68.17 -11.24
CA LEU H 300 14.99 69.41 -10.75
C LEU H 300 13.54 69.11 -10.41
N THR H 301 13.35 68.49 -9.24
CA THR H 301 12.02 68.15 -8.75
C THR H 301 11.55 69.03 -7.60
N GLY H 302 12.36 69.99 -7.18
CA GLY H 302 11.99 70.85 -6.08
C GLY H 302 12.25 70.29 -4.70
N PHE H 303 12.96 69.16 -4.60
CA PHE H 303 13.26 68.53 -3.32
C PHE H 303 14.76 68.29 -3.24
N HIS H 304 15.21 67.93 -2.04
CA HIS H 304 16.64 67.72 -1.76
C HIS H 304 17.44 68.97 -2.10
N GLU H 305 16.94 70.13 -1.65
CA GLU H 305 17.59 71.42 -1.86
C GLU H 305 17.82 71.69 -3.35
N THR H 306 16.75 71.56 -4.12
CA THR H 306 16.79 71.82 -5.56
C THR H 306 15.59 72.67 -5.94
N SER H 307 15.73 73.40 -7.05
CA SER H 307 14.69 74.25 -7.58
C SER H 307 13.87 73.51 -8.63
N ASN H 308 12.59 73.84 -8.71
CA ASN H 308 11.71 73.21 -9.68
C ASN H 308 12.10 73.64 -11.10
N ILE H 309 11.94 72.72 -12.04
CA ILE H 309 12.35 72.98 -13.42
C ILE H 309 11.45 74.03 -14.07
N ASN H 310 10.18 74.08 -13.68
CA ASN H 310 9.21 74.99 -14.31
C ASN H 310 9.11 76.33 -13.61
N ASP H 311 9.88 76.57 -12.55
CA ASP H 311 9.81 77.80 -11.79
C ASP H 311 11.17 78.47 -11.75
N PHE H 312 11.19 79.78 -11.98
CA PHE H 312 12.40 80.57 -11.91
C PHE H 312 12.41 81.36 -10.61
N SER H 313 13.56 81.39 -9.95
CA SER H 313 13.71 82.11 -8.69
C SER H 313 15.16 82.53 -8.51
N ALA H 314 15.36 83.52 -7.64
CA ALA H 314 16.69 84.01 -7.35
C ALA H 314 16.70 84.56 -5.93
N GLY H 315 17.91 84.65 -5.35
CA GLY H 315 18.06 85.17 -4.01
C GLY H 315 19.48 85.13 -3.50
N VAL H 316 19.74 85.88 -2.42
CA VAL H 316 21.07 85.90 -1.83
C VAL H 316 21.20 84.74 -0.84
N ALA H 317 22.22 83.91 -1.04
CA ALA H 317 22.49 82.75 -0.18
C ALA H 317 21.29 81.81 -0.09
N ASN H 318 20.55 81.69 -1.19
CA ASN H 318 19.41 80.78 -1.28
C ASN H 318 19.79 79.64 -2.20
N ARG H 319 20.11 78.48 -1.61
CA ARG H 319 20.55 77.33 -2.39
C ARG H 319 19.40 76.59 -3.06
N SER H 320 18.16 76.93 -2.74
CA SER H 320 16.99 76.30 -3.35
C SER H 320 16.48 77.07 -4.56
N ALA H 321 17.13 78.16 -4.94
CA ALA H 321 16.67 78.96 -6.07
C ALA H 321 17.43 78.60 -7.34
N SER H 322 16.93 79.12 -8.47
CA SER H 322 17.59 78.87 -9.74
C SER H 322 18.90 79.63 -9.86
N ILE H 323 18.97 80.85 -9.32
CA ILE H 323 20.18 81.65 -9.32
C ILE H 323 20.52 82.02 -7.88
N ARG H 324 21.77 81.83 -7.50
CA ARG H 324 22.23 82.09 -6.14
C ARG H 324 23.28 83.18 -6.16
N ILE H 325 23.13 84.16 -5.28
CA ILE H 325 24.13 85.20 -5.04
C ILE H 325 24.80 84.90 -3.71
N PRO H 326 26.12 84.73 -3.67
CA PRO H 326 26.79 84.44 -2.39
C PRO H 326 26.56 85.56 -1.38
N ARG H 327 26.42 85.17 -0.11
CA ARG H 327 26.24 86.15 0.94
C ARG H 327 27.44 87.08 1.04
N THR H 328 28.64 86.54 0.82
CA THR H 328 29.83 87.38 0.82
C THR H 328 29.78 88.40 -0.32
N VAL H 329 29.30 87.98 -1.49
CA VAL H 329 29.17 88.89 -2.62
C VAL H 329 28.19 90.02 -2.29
N GLY H 330 27.06 89.66 -1.68
CA GLY H 330 26.09 90.68 -1.31
C GLY H 330 26.62 91.68 -0.30
N GLN H 331 27.34 91.19 0.71
CA GLN H 331 27.93 92.08 1.71
C GLN H 331 29.05 92.93 1.14
N GLU H 332 29.81 92.40 0.17
CA GLU H 332 30.89 93.15 -0.45
C GLU H 332 30.45 93.93 -1.68
N LYS H 333 29.19 93.75 -2.12
CA LYS H 333 28.61 94.49 -3.23
C LYS H 333 29.36 94.31 -4.54
N LYS H 334 30.06 93.18 -4.70
CA LYS H 334 30.76 92.89 -5.94
C LYS H 334 31.08 91.40 -5.97
N GLY H 335 31.35 90.89 -7.17
CA GLY H 335 31.70 89.49 -7.32
C GLY H 335 31.09 88.81 -8.52
N TYR H 336 30.38 87.71 -8.28
CA TYR H 336 29.82 86.89 -9.34
C TYR H 336 28.47 86.35 -8.89
N PHE H 337 27.81 85.62 -9.78
CA PHE H 337 26.57 84.92 -9.46
C PHE H 337 26.64 83.51 -10.03
N GLU H 338 25.89 82.61 -9.41
CA GLU H 338 25.95 81.18 -9.71
C GLU H 338 24.64 80.72 -10.32
N ASP H 339 24.73 79.94 -11.38
CA ASP H 339 23.57 79.34 -12.04
C ASP H 339 23.53 77.86 -11.68
N ARG H 340 22.43 77.43 -11.06
CA ARG H 340 22.29 76.06 -10.56
C ARG H 340 21.48 75.17 -11.51
N ARG H 341 21.11 75.67 -12.68
CA ARG H 341 20.25 74.93 -13.59
C ARG H 341 20.94 73.83 -14.41
N PRO H 342 22.11 74.07 -15.00
CA PRO H 342 22.67 73.06 -15.92
C PRO H 342 22.92 71.72 -15.23
N SER H 343 22.69 70.65 -15.99
CA SER H 343 22.88 69.29 -15.50
C SER H 343 24.34 68.87 -15.62
N ALA H 344 24.65 67.71 -15.05
CA ALA H 344 26.02 67.22 -15.02
C ALA H 344 26.55 66.92 -16.42
N ASN H 345 25.70 66.41 -17.31
CA ASN H 345 26.11 66.05 -18.66
C ASN H 345 25.95 67.20 -19.66
N CYS H 346 25.99 68.44 -19.19
CA CYS H 346 25.85 69.59 -20.07
C CYS H 346 27.11 69.79 -20.92
N ASP H 347 26.92 70.47 -22.05
CA ASP H 347 28.04 70.81 -22.92
C ASP H 347 28.58 72.18 -22.51
N PRO H 348 29.87 72.30 -22.16
CA PRO H 348 30.38 73.60 -21.71
C PRO H 348 30.26 74.70 -22.75
N PHE H 349 30.43 74.36 -24.03
CA PHE H 349 30.32 75.38 -25.07
C PHE H 349 28.90 75.92 -25.18
N SER H 350 27.90 75.05 -25.07
CA SER H 350 26.51 75.50 -25.12
C SER H 350 26.17 76.37 -23.92
N VAL H 351 26.66 75.99 -22.74
CA VAL H 351 26.31 76.73 -21.52
C VAL H 351 26.90 78.13 -21.55
N THR H 352 28.18 78.24 -21.90
CA THR H 352 28.84 79.54 -21.92
C THR H 352 28.25 80.44 -23.00
N GLU H 353 27.93 79.87 -24.17
CA GLU H 353 27.40 80.68 -25.26
C GLU H 353 26.05 81.26 -24.91
N ALA H 354 25.18 80.47 -24.28
CA ALA H 354 23.84 80.97 -23.94
C ALA H 354 23.92 82.10 -22.91
N LEU H 355 24.80 81.98 -21.92
CA LEU H 355 24.92 83.02 -20.91
C LEU H 355 25.41 84.32 -21.52
N ILE H 356 26.35 84.25 -22.46
CA ILE H 356 26.88 85.45 -23.10
C ILE H 356 25.79 86.16 -23.91
N ARG H 357 24.99 85.38 -24.64
CA ARG H 357 23.99 85.98 -25.52
C ARG H 357 22.95 86.77 -24.73
N THR H 358 22.37 86.16 -23.70
CA THR H 358 21.29 86.81 -22.96
C THR H 358 21.80 87.96 -22.10
N CYS H 359 22.89 87.75 -21.38
CA CYS H 359 23.36 88.72 -20.39
C CYS H 359 24.19 89.84 -20.99
N LEU H 360 24.92 89.59 -22.07
CA LEU H 360 25.83 90.58 -22.63
C LEU H 360 25.39 91.13 -23.98
N LEU H 361 24.80 90.31 -24.84
CA LEU H 361 24.33 90.77 -26.14
C LEU H 361 22.89 91.23 -26.12
N ASN H 362 22.19 91.09 -24.99
CA ASN H 362 20.80 91.52 -24.84
C ASN H 362 19.90 90.89 -25.91
N GLU H 363 20.14 89.62 -26.20
CA GLU H 363 19.33 88.90 -27.15
C GLU H 363 18.02 88.46 -26.51
N THR H 364 17.03 88.16 -27.35
CA THR H 364 15.72 87.72 -26.88
C THR H 364 15.07 86.87 -27.95
N GLY H 365 14.03 86.14 -27.55
CA GLY H 365 13.31 85.26 -28.43
C GLY H 365 13.46 83.81 -28.05
N ASP H 366 13.24 82.94 -29.04
CA ASP H 366 13.34 81.50 -28.85
C ASP H 366 14.47 80.85 -29.62
N GLU H 367 14.86 81.42 -30.77
CA GLU H 367 15.99 80.91 -31.53
C GLU H 367 17.20 81.83 -31.38
N PRO H 368 18.41 81.29 -31.43
CA PRO H 368 19.59 82.15 -31.31
C PRO H 368 19.76 83.02 -32.54
N PHE H 369 20.37 84.19 -32.35
CA PHE H 369 20.51 85.15 -33.43
C PHE H 369 21.58 84.64 -34.38
N GLN H 370 21.17 84.31 -35.61
CA GLN H 370 21.94 83.50 -36.53
C GLN H 370 23.17 84.20 -37.08
N TYR H 371 23.14 85.52 -37.25
CA TYR H 371 24.21 86.24 -37.92
C TYR H 371 25.15 86.84 -36.87
N LYS H 372 26.25 87.42 -37.35
CA LYS H 372 27.22 88.02 -36.44
C LYS H 372 26.66 89.27 -35.77
N ASN H 373 26.11 90.19 -36.55
CA ASN H 373 25.61 91.45 -36.01
C ASN H 373 24.35 91.91 -36.75
N THR I 2 41.47 32.08 -17.60
CA THR I 2 41.45 33.18 -18.56
C THR I 2 42.88 33.65 -18.86
N THR I 3 43.65 33.90 -17.80
CA THR I 3 45.05 34.27 -17.93
C THR I 3 45.92 33.05 -17.60
N SER I 4 47.13 33.05 -18.15
CA SER I 4 48.02 31.91 -17.99
C SER I 4 48.53 31.80 -16.57
N ALA I 5 48.93 30.58 -16.20
CA ALA I 5 49.44 30.34 -14.85
C ALA I 5 50.77 31.06 -14.64
N SER I 6 51.57 31.20 -15.69
CA SER I 6 52.85 31.90 -15.57
C SER I 6 52.66 33.36 -15.19
N SER I 7 51.53 33.96 -15.60
CA SER I 7 51.27 35.35 -15.27
C SER I 7 50.88 35.56 -13.81
N HIS I 8 50.56 34.50 -13.08
CA HIS I 8 50.22 34.61 -11.67
C HIS I 8 51.43 34.47 -10.76
N LEU I 9 52.61 34.26 -11.31
CA LEU I 9 53.82 34.27 -10.50
C LEU I 9 54.14 35.68 -10.03
N ASN I 10 54.86 35.75 -8.91
CA ASN I 10 55.20 37.05 -8.32
C ASN I 10 56.21 37.76 -9.23
N LYS I 11 55.75 38.77 -9.95
CA LYS I 11 56.61 39.50 -10.87
C LYS I 11 57.59 40.41 -10.13
N GLY I 12 57.33 40.73 -8.86
CA GLY I 12 58.28 41.51 -8.10
C GLY I 12 59.59 40.77 -7.87
N ILE I 13 59.51 39.45 -7.71
CA ILE I 13 60.72 38.65 -7.54
C ILE I 13 61.60 38.73 -8.78
N LYS I 14 60.99 38.65 -9.97
CA LYS I 14 61.76 38.73 -11.20
C LYS I 14 62.45 40.07 -11.34
N GLN I 15 61.77 41.16 -10.95
CA GLN I 15 62.35 42.49 -11.08
C GLN I 15 63.59 42.64 -10.20
N VAL I 16 63.62 41.93 -9.07
CA VAL I 16 64.80 41.98 -8.19
C VAL I 16 66.02 41.41 -8.90
N TYR I 17 65.85 40.25 -9.54
CA TYR I 17 66.97 39.64 -10.25
C TYR I 17 67.39 40.45 -11.47
N MET I 18 66.42 41.02 -12.20
CA MET I 18 66.75 41.80 -13.38
C MET I 18 67.51 43.07 -13.05
N SER I 19 67.51 43.51 -11.79
CA SER I 19 68.24 44.70 -11.38
C SER I 19 69.72 44.43 -11.12
N LEU I 20 70.13 43.17 -11.09
CA LEU I 20 71.52 42.85 -10.87
C LEU I 20 72.37 43.36 -12.04
N PRO I 21 73.54 43.95 -11.77
CA PRO I 21 74.42 44.38 -12.86
C PRO I 21 74.82 43.20 -13.74
N GLN I 22 74.82 43.43 -15.05
CA GLN I 22 75.09 42.35 -16.00
C GLN I 22 76.56 41.98 -15.99
N GLY I 23 77.45 42.97 -15.98
CA GLY I 23 78.87 42.70 -16.09
C GLY I 23 79.42 43.08 -17.44
N GLU I 24 80.06 42.13 -18.12
CA GLU I 24 80.63 42.37 -19.44
C GLU I 24 79.93 41.59 -20.55
N LYS I 25 79.47 40.38 -20.28
CA LYS I 25 78.84 39.55 -21.30
C LYS I 25 77.54 40.19 -21.79
N VAL I 26 77.21 39.92 -23.05
CA VAL I 26 76.04 40.50 -23.71
C VAL I 26 75.18 39.36 -24.23
N GLN I 27 73.88 39.43 -23.94
CA GLN I 27 72.92 38.44 -24.44
C GLN I 27 72.37 38.88 -25.78
N ALA I 28 72.15 37.91 -26.67
CA ALA I 28 71.58 38.16 -27.98
C ALA I 28 70.50 37.13 -28.25
N MET I 29 69.34 37.58 -28.71
CA MET I 29 68.23 36.71 -29.03
C MET I 29 68.08 36.61 -30.55
N TYR I 30 67.97 35.38 -31.06
CA TYR I 30 67.86 35.12 -32.48
C TYR I 30 66.41 34.76 -32.81
N ILE I 31 65.84 35.42 -33.82
CA ILE I 31 64.45 35.24 -34.18
C ILE I 31 64.37 34.81 -35.64
N TRP I 32 63.51 33.81 -35.91
CA TRP I 32 63.32 33.33 -37.27
C TRP I 32 61.91 32.78 -37.42
N ILE I 33 61.49 32.62 -38.67
CA ILE I 33 60.14 32.15 -38.99
C ILE I 33 60.16 30.64 -39.15
N ASP I 34 59.15 29.98 -38.58
CA ASP I 34 59.06 28.52 -38.64
C ASP I 34 58.45 28.09 -39.98
N GLY I 35 58.09 26.81 -40.08
CA GLY I 35 57.56 26.24 -41.32
C GLY I 35 56.12 26.60 -41.63
N THR I 36 55.35 27.05 -40.64
CA THR I 36 53.98 27.45 -40.89
C THR I 36 53.87 28.72 -41.71
N GLY I 37 54.95 29.50 -41.79
CA GLY I 37 54.94 30.76 -42.52
C GLY I 37 54.40 31.94 -41.75
N GLU I 38 53.88 31.72 -40.54
CA GLU I 38 53.36 32.82 -39.73
C GLU I 38 53.80 32.77 -38.27
N GLY I 39 54.46 31.70 -37.83
CA GLY I 39 54.93 31.60 -36.46
C GLY I 39 56.37 32.05 -36.33
N LEU I 40 56.79 32.27 -35.09
CA LEU I 40 58.14 32.74 -34.79
C LEU I 40 58.77 31.86 -33.72
N ARG I 41 60.10 31.75 -33.78
CA ARG I 41 60.88 30.99 -32.82
C ARG I 41 62.06 31.84 -32.37
N CYS I 42 62.56 31.55 -31.17
CA CYS I 42 63.65 32.35 -30.61
C CYS I 42 64.46 31.52 -29.63
N LYS I 43 65.72 31.91 -29.48
CA LYS I 43 66.62 31.35 -28.47
C LYS I 43 67.77 32.31 -28.26
N THR I 44 68.44 32.17 -27.12
CA THR I 44 69.39 33.17 -26.64
C THR I 44 70.80 32.58 -26.57
N ARG I 45 71.78 33.40 -26.93
CA ARG I 45 73.19 33.05 -26.84
C ARG I 45 73.97 34.20 -26.22
N THR I 46 75.11 33.87 -25.62
CA THR I 46 75.93 34.83 -24.90
C THR I 46 77.09 35.28 -25.77
N LEU I 47 77.35 36.59 -25.79
CA LEU I 47 78.45 37.17 -26.54
C LEU I 47 79.45 37.82 -25.59
N ASP I 48 80.71 37.86 -26.03
CA ASP I 48 81.78 38.40 -25.20
C ASP I 48 81.75 39.93 -25.15
N SER I 49 81.28 40.58 -26.20
CA SER I 49 81.24 42.03 -26.25
C SER I 49 80.02 42.48 -27.06
N GLU I 50 79.64 43.73 -26.87
CA GLU I 50 78.48 44.26 -27.55
C GLU I 50 78.80 44.53 -29.01
N PRO I 51 78.09 43.92 -29.96
CA PRO I 51 78.36 44.19 -31.38
C PRO I 51 77.91 45.59 -31.76
N LYS I 52 78.60 46.17 -32.74
CA LYS I 52 78.26 47.49 -33.23
C LYS I 52 77.39 47.45 -34.48
N CYS I 53 77.38 46.34 -35.21
CA CYS I 53 76.57 46.22 -36.41
C CYS I 53 76.20 44.76 -36.60
N VAL I 54 75.13 44.54 -37.38
CA VAL I 54 74.65 43.18 -37.61
C VAL I 54 75.63 42.36 -38.44
N GLU I 55 76.56 43.02 -39.14
CA GLU I 55 77.47 42.31 -40.02
C GLU I 55 78.50 41.47 -39.26
N GLU I 56 78.70 41.74 -37.98
CA GLU I 56 79.70 41.02 -37.19
C GLU I 56 79.09 40.03 -36.21
N LEU I 57 77.81 39.72 -36.34
CA LEU I 57 77.20 38.72 -35.47
C LEU I 57 77.50 37.32 -36.00
N PRO I 58 77.92 36.39 -35.15
CA PRO I 58 78.24 35.04 -35.62
C PRO I 58 77.02 34.30 -36.12
N GLU I 59 77.26 33.37 -37.04
CA GLU I 59 76.21 32.54 -37.59
C GLU I 59 75.93 31.36 -36.64
N TRP I 60 74.70 30.89 -36.66
CA TRP I 60 74.25 29.86 -35.73
C TRP I 60 73.43 28.84 -36.50
N ASN I 61 72.78 27.92 -35.77
CA ASN I 61 72.01 26.85 -36.38
C ASN I 61 70.94 26.40 -35.40
N PHE I 62 70.04 25.55 -35.87
CA PHE I 62 68.98 25.00 -35.04
C PHE I 62 68.50 23.69 -35.66
N ASP I 63 67.64 22.98 -34.94
CA ASP I 63 67.10 21.70 -35.37
C ASP I 63 65.81 21.96 -36.15
N GLY I 64 65.82 21.63 -37.44
CA GLY I 64 64.64 21.84 -38.27
C GLY I 64 63.58 20.77 -38.12
N SER I 65 63.95 19.58 -37.61
CA SER I 65 62.97 18.52 -37.46
C SER I 65 61.88 18.89 -36.46
N SER I 66 62.26 19.51 -35.33
CA SER I 66 61.28 19.93 -34.33
C SER I 66 60.56 21.22 -34.72
N THR I 67 61.00 21.89 -35.78
CA THR I 67 60.34 23.09 -36.27
C THR I 67 59.52 22.84 -37.52
N LEU I 68 59.36 21.58 -37.93
CA LEU I 68 58.61 21.20 -39.12
C LEU I 68 59.16 21.92 -40.36
N GLN I 69 60.48 21.88 -40.51
CA GLN I 69 61.14 22.57 -41.62
C GLN I 69 62.19 21.72 -42.31
N SER I 70 62.32 20.43 -41.98
CA SER I 70 63.37 19.61 -42.56
C SER I 70 62.96 18.15 -42.51
N GLU I 71 63.67 17.34 -43.28
CA GLU I 71 63.46 15.91 -43.32
C GLU I 71 64.17 15.26 -42.12
N GLY I 72 64.25 13.92 -42.12
CA GLY I 72 64.80 13.20 -41.00
C GLY I 72 66.32 13.27 -40.88
N SER I 73 67.03 12.78 -41.89
CA SER I 73 68.49 12.69 -41.81
C SER I 73 69.13 14.08 -41.78
N ASN I 74 68.75 14.94 -42.73
CA ASN I 74 69.30 16.30 -42.82
C ASN I 74 68.35 17.24 -42.09
N SER I 75 68.38 17.16 -40.76
CA SER I 75 67.49 17.96 -39.93
C SER I 75 68.06 19.33 -39.60
N ASP I 76 69.38 19.47 -39.56
CA ASP I 76 69.99 20.73 -39.16
C ASP I 76 69.74 21.82 -40.20
N MET I 77 69.47 23.03 -39.72
CA MET I 77 69.27 24.19 -40.58
C MET I 77 70.15 25.32 -40.08
N TYR I 78 70.39 26.30 -40.95
CA TYR I 78 71.26 27.42 -40.64
C TYR I 78 70.48 28.72 -40.70
N LEU I 79 70.89 29.68 -39.88
CA LEU I 79 70.28 31.00 -39.86
C LEU I 79 71.37 32.06 -39.86
N VAL I 80 71.16 33.11 -40.64
CA VAL I 80 72.15 34.16 -40.86
C VAL I 80 71.54 35.47 -40.39
N PRO I 81 72.21 36.25 -39.56
CA PRO I 81 71.64 37.52 -39.09
C PRO I 81 71.35 38.46 -40.24
N ALA I 82 70.25 39.19 -40.13
CA ALA I 82 69.83 40.16 -41.13
C ALA I 82 69.65 41.56 -40.58
N ALA I 83 69.10 41.71 -39.39
CA ALA I 83 68.89 43.01 -38.77
C ALA I 83 69.14 42.91 -37.28
N MET I 84 69.53 44.03 -36.68
CA MET I 84 69.81 44.10 -35.26
C MET I 84 68.99 45.21 -34.63
N PHE I 85 68.54 44.98 -33.40
CA PHE I 85 67.72 45.94 -32.68
C PHE I 85 68.08 45.87 -31.20
N ARG I 86 67.82 46.98 -30.49
CA ARG I 86 68.03 47.00 -29.06
C ARG I 86 66.95 46.18 -28.36
N ASP I 87 67.35 45.45 -27.33
CA ASP I 87 66.43 44.58 -26.62
C ASP I 87 65.65 45.39 -25.59
N PRO I 88 64.32 45.49 -25.71
CA PRO I 88 63.54 46.20 -24.70
C PRO I 88 63.22 45.37 -23.47
N PHE I 89 63.34 44.05 -23.55
CA PHE I 89 63.01 43.18 -22.43
C PHE I 89 64.18 42.97 -21.49
N ARG I 90 65.40 43.16 -21.97
CA ARG I 90 66.59 43.03 -21.15
C ARG I 90 67.42 44.31 -21.10
N LYS I 91 67.02 45.35 -21.83
CA LYS I 91 67.68 46.66 -21.85
C LYS I 91 69.08 46.56 -22.47
N ASP I 92 69.71 47.71 -22.68
CA ASP I 92 71.03 47.75 -23.29
C ASP I 92 72.03 47.08 -22.37
N PRO I 93 73.12 46.49 -22.89
CA PRO I 93 73.53 46.44 -24.30
C PRO I 93 73.04 45.19 -25.03
N ASN I 94 72.02 44.52 -24.53
CA ASN I 94 71.52 43.31 -25.17
C ASN I 94 70.78 43.64 -26.46
N LYS I 95 70.76 42.68 -27.38
CA LYS I 95 70.28 42.90 -28.73
C LYS I 95 69.25 41.86 -29.14
N LEU I 96 68.44 42.24 -30.13
CA LEU I 96 67.55 41.32 -30.83
C LEU I 96 68.02 41.17 -32.27
N VAL I 97 68.07 39.93 -32.75
CA VAL I 97 68.60 39.63 -34.07
C VAL I 97 67.53 38.90 -34.87
N LEU I 98 67.22 39.42 -36.07
CA LEU I 98 66.33 38.73 -36.99
C LEU I 98 67.17 38.04 -38.06
N CYS I 99 66.87 36.79 -38.33
CA CYS I 99 67.72 35.94 -39.15
C CYS I 99 66.94 35.33 -40.31
N GLU I 100 67.68 35.01 -41.38
CA GLU I 100 67.16 34.28 -42.51
C GLU I 100 67.52 32.81 -42.39
N VAL I 101 66.56 31.93 -42.69
CA VAL I 101 66.71 30.49 -42.54
C VAL I 101 67.22 29.92 -43.86
N PHE I 102 68.27 29.10 -43.78
CA PHE I 102 68.83 28.41 -44.94
C PHE I 102 68.88 26.92 -44.69
N LYS I 103 68.71 26.14 -45.75
CA LYS I 103 68.74 24.70 -45.66
C LYS I 103 70.16 24.20 -45.45
N TYR I 104 70.32 22.88 -45.31
CA TYR I 104 71.64 22.31 -45.12
C TYR I 104 72.53 22.50 -46.33
N ASN I 105 71.94 22.59 -47.54
CA ASN I 105 72.68 22.84 -48.76
C ASN I 105 72.78 24.32 -49.09
N ARG I 106 72.65 25.19 -48.08
CA ARG I 106 72.74 26.64 -48.23
C ARG I 106 71.70 27.19 -49.20
N ARG I 107 70.56 26.53 -49.31
CA ARG I 107 69.48 27.11 -50.10
C ARG I 107 68.42 27.69 -49.17
N PRO I 108 67.76 28.77 -49.58
CA PRO I 108 66.69 29.34 -48.74
C PRO I 108 65.57 28.35 -48.53
N ALA I 109 64.98 28.40 -47.34
CA ALA I 109 63.88 27.51 -47.00
C ALA I 109 62.61 27.93 -47.74
N GLU I 110 61.58 27.09 -47.63
CA GLU I 110 60.31 27.37 -48.29
C GLU I 110 59.68 28.65 -47.76
N THR I 111 59.77 28.88 -46.45
CA THR I 111 59.20 30.06 -45.82
C THR I 111 60.15 31.25 -45.85
N ASN I 112 61.35 31.10 -46.40
CA ASN I 112 62.31 32.20 -46.48
C ASN I 112 61.99 33.03 -47.71
N LEU I 113 61.06 33.97 -47.56
CA LEU I 113 60.65 34.85 -48.64
C LEU I 113 61.46 36.13 -48.71
N ARG I 114 62.34 36.38 -47.73
CA ARG I 114 63.13 37.60 -47.74
C ARG I 114 64.24 37.57 -48.79
N HIS I 115 64.76 36.38 -49.09
CA HIS I 115 65.87 36.28 -50.03
C HIS I 115 65.47 36.78 -51.41
N THR I 116 64.33 36.29 -51.92
CA THR I 116 63.89 36.73 -53.25
C THR I 116 63.38 38.16 -53.23
N CYS I 117 62.74 38.58 -52.12
CA CYS I 117 62.20 39.93 -52.06
C CYS I 117 63.31 40.98 -52.05
N LYS I 118 64.43 40.66 -51.40
CA LYS I 118 65.56 41.61 -51.36
C LYS I 118 66.15 41.82 -52.75
N ARG I 119 66.27 40.75 -53.54
CA ARG I 119 66.79 40.88 -54.88
C ARG I 119 65.88 41.73 -55.75
N ILE I 120 64.56 41.53 -55.64
CA ILE I 120 63.62 42.22 -56.49
C ILE I 120 63.66 43.72 -56.24
N MET I 121 63.64 44.12 -54.96
CA MET I 121 63.50 45.54 -54.63
C MET I 121 64.82 46.29 -54.76
N ASP I 122 65.94 45.57 -54.97
CA ASP I 122 67.17 46.27 -55.32
C ASP I 122 67.14 46.80 -56.75
N MET I 123 66.24 46.26 -57.59
CA MET I 123 66.12 46.68 -58.97
C MET I 123 65.43 48.03 -59.13
N VAL I 124 64.71 48.48 -58.10
CA VAL I 124 63.96 49.73 -58.16
C VAL I 124 64.45 50.67 -57.06
N SER I 125 65.74 50.56 -56.72
CA SER I 125 66.29 51.34 -55.62
C SER I 125 66.18 52.83 -55.88
N ASN I 126 66.39 53.26 -57.12
CA ASN I 126 66.33 54.68 -57.45
C ASN I 126 64.96 55.28 -57.20
N GLN I 127 63.89 54.55 -57.52
CA GLN I 127 62.54 55.07 -57.33
C GLN I 127 62.17 55.26 -55.86
N HIS I 128 62.89 54.63 -54.94
CA HIS I 128 62.68 54.79 -53.50
C HIS I 128 61.25 54.45 -53.09
N PRO I 129 60.85 53.19 -53.15
CA PRO I 129 59.49 52.83 -52.72
C PRO I 129 59.35 52.93 -51.21
N TRP I 130 58.24 53.50 -50.77
CA TRP I 130 57.91 53.60 -49.35
C TRP I 130 56.69 52.76 -49.05
N PHE I 131 56.69 52.14 -47.87
CA PHE I 131 55.61 51.24 -47.47
C PHE I 131 55.13 51.60 -46.08
N GLY I 132 53.83 51.46 -45.87
CA GLY I 132 53.23 51.61 -44.55
C GLY I 132 52.09 50.64 -44.36
N MET I 133 52.17 49.82 -43.32
CA MET I 133 51.22 48.74 -43.09
C MET I 133 50.52 48.95 -41.76
N GLU I 134 49.19 48.87 -41.76
CA GLU I 134 48.38 48.98 -40.56
C GLU I 134 47.99 47.57 -40.13
N GLN I 135 48.59 47.09 -39.04
CA GLN I 135 48.41 45.73 -38.58
C GLN I 135 47.36 45.67 -37.49
N GLU I 136 46.35 44.82 -37.66
CA GLU I 136 45.27 44.66 -36.71
C GLU I 136 45.37 43.30 -36.03
N TYR I 137 44.93 43.25 -34.77
CA TYR I 137 45.02 42.03 -33.99
C TYR I 137 43.96 42.07 -32.90
N THR I 138 43.71 40.90 -32.31
CA THR I 138 42.73 40.75 -31.25
C THR I 138 43.37 40.07 -30.06
N LEU I 139 43.08 40.58 -28.86
CA LEU I 139 43.60 40.01 -27.62
C LEU I 139 42.63 38.94 -27.12
N MET I 140 43.17 37.76 -26.83
CA MET I 140 42.37 36.63 -26.39
C MET I 140 42.92 36.08 -25.09
N GLY I 141 42.04 35.51 -24.27
CA GLY I 141 42.47 34.79 -23.10
C GLY I 141 42.92 33.39 -23.44
N THR I 142 43.41 32.69 -22.41
CA THR I 142 43.89 31.32 -22.62
C THR I 142 42.76 30.34 -22.88
N ASP I 143 41.51 30.74 -22.68
CA ASP I 143 40.36 29.88 -22.94
C ASP I 143 39.85 29.99 -24.38
N GLY I 144 40.52 30.77 -25.23
CA GLY I 144 40.11 30.90 -26.61
C GLY I 144 39.04 31.93 -26.88
N HIS I 145 38.71 32.76 -25.90
CA HIS I 145 37.70 33.80 -26.08
C HIS I 145 38.35 35.17 -26.01
N PRO I 146 37.76 36.19 -26.64
CA PRO I 146 38.36 37.53 -26.60
C PRO I 146 38.52 38.03 -25.17
N PHE I 147 39.63 38.72 -24.92
CA PHE I 147 39.94 39.18 -23.58
C PHE I 147 38.94 40.22 -23.12
N GLY I 148 38.43 40.05 -21.89
CA GLY I 148 37.49 40.99 -21.32
C GLY I 148 36.04 40.75 -21.70
N TRP I 149 35.75 39.80 -22.57
CA TRP I 149 34.37 39.52 -22.94
C TRP I 149 33.67 38.75 -21.83
N PRO I 150 32.35 38.88 -21.74
CA PRO I 150 31.61 38.12 -20.72
C PRO I 150 31.74 36.62 -20.95
N SER I 151 31.72 35.87 -19.84
CA SER I 151 31.85 34.42 -19.92
C SER I 151 30.66 33.82 -20.65
N ASN I 152 30.93 33.15 -21.76
CA ASN I 152 29.89 32.51 -22.58
C ASN I 152 28.84 33.54 -23.03
N GLY I 153 29.28 34.75 -23.33
CA GLY I 153 28.37 35.79 -23.72
C GLY I 153 29.03 36.80 -24.62
N PHE I 154 28.30 37.87 -24.90
CA PHE I 154 28.76 38.90 -25.81
C PHE I 154 28.60 40.28 -25.17
N PRO I 155 29.45 41.23 -25.54
CA PRO I 155 29.25 42.61 -25.09
C PRO I 155 28.15 43.30 -25.89
N GLY I 156 27.97 44.60 -25.68
CA GLY I 156 26.95 45.35 -26.38
C GLY I 156 27.23 45.48 -27.86
N PRO I 157 26.27 46.00 -28.62
CA PRO I 157 26.45 46.14 -30.06
C PRO I 157 27.57 47.13 -30.38
N GLN I 158 28.15 46.97 -31.57
CA GLN I 158 29.27 47.80 -31.99
C GLN I 158 28.85 49.25 -32.13
N GLY I 159 29.84 50.13 -32.12
CA GLY I 159 29.62 51.55 -32.25
C GLY I 159 30.29 52.44 -31.24
N PRO I 160 30.33 52.04 -29.96
CA PRO I 160 31.06 52.83 -28.97
C PRO I 160 32.50 52.40 -28.73
N TYR I 161 32.94 51.29 -29.31
CA TYR I 161 34.28 50.77 -29.02
C TYR I 161 35.37 51.35 -29.91
N TYR I 162 35.00 51.92 -31.05
CA TYR I 162 36.00 52.43 -31.99
C TYR I 162 36.67 53.68 -31.41
N CYS I 163 37.97 53.58 -31.15
CA CYS I 163 38.75 54.68 -30.56
C CYS I 163 38.13 55.13 -29.24
N GLY I 164 37.59 54.19 -28.48
CA GLY I 164 36.90 54.54 -27.26
C GLY I 164 37.82 54.70 -26.07
N VAL I 165 37.29 55.32 -25.03
CA VAL I 165 38.01 55.51 -23.76
C VAL I 165 37.05 55.20 -22.62
N GLY I 166 37.55 54.46 -21.63
CA GLY I 166 36.72 54.06 -20.51
C GLY I 166 36.83 52.58 -20.19
N ALA I 167 36.44 52.21 -18.97
CA ALA I 167 36.58 50.81 -18.55
C ALA I 167 35.66 49.89 -19.33
N ASP I 168 34.57 50.42 -19.89
CA ASP I 168 33.60 49.62 -20.61
C ASP I 168 33.73 49.75 -22.12
N ARG I 169 34.78 50.43 -22.61
CA ARG I 169 34.88 50.70 -24.04
C ARG I 169 36.22 50.22 -24.60
N ALA I 170 37.26 50.23 -23.78
CA ALA I 170 38.60 49.81 -24.19
C ALA I 170 39.07 48.66 -23.31
N TYR I 171 39.43 47.55 -23.93
CA TYR I 171 39.86 46.34 -23.22
C TYR I 171 41.35 46.14 -23.43
N GLY I 172 42.10 46.07 -22.34
CA GLY I 172 43.50 45.74 -22.39
C GLY I 172 44.40 46.81 -22.98
N ARG I 173 44.20 48.07 -22.59
CA ARG I 173 45.08 49.13 -23.07
C ARG I 173 46.48 49.05 -22.47
N ASP I 174 46.65 48.31 -21.36
CA ASP I 174 47.97 48.17 -20.77
C ASP I 174 48.95 47.48 -21.73
N ILE I 175 48.46 46.46 -22.43
CA ILE I 175 49.31 45.77 -23.41
C ILE I 175 49.70 46.73 -24.53
N VAL I 176 48.74 47.52 -25.00
CA VAL I 176 49.01 48.42 -26.13
C VAL I 176 50.05 49.45 -25.75
N GLU I 177 49.92 50.05 -24.56
CA GLU I 177 50.88 51.07 -24.13
C GLU I 177 52.28 50.48 -23.96
N ALA I 178 52.38 49.29 -23.38
CA ALA I 178 53.68 48.66 -23.19
C ALA I 178 54.33 48.32 -24.52
N HIS I 179 53.54 47.82 -25.47
CA HIS I 179 54.08 47.47 -26.78
C HIS I 179 54.57 48.71 -27.52
N TYR I 180 53.83 49.81 -27.42
CA TYR I 180 54.23 51.05 -28.06
C TYR I 180 55.57 51.54 -27.53
N ARG I 181 55.74 51.51 -26.19
CA ARG I 181 57.00 51.97 -25.60
C ARG I 181 58.15 51.05 -25.98
N ALA I 182 57.91 49.74 -26.01
CA ALA I 182 58.98 48.79 -26.33
C ALA I 182 59.45 48.97 -27.76
N CYS I 183 58.52 49.19 -28.70
CA CYS I 183 58.92 49.36 -30.10
C CYS I 183 59.77 50.60 -30.30
N LEU I 184 59.42 51.71 -29.62
CA LEU I 184 60.20 52.92 -29.73
C LEU I 184 61.60 52.72 -29.18
N TYR I 185 61.72 52.02 -28.04
CA TYR I 185 63.02 51.75 -27.45
C TYR I 185 63.86 50.86 -28.36
N ALA I 186 63.25 49.84 -28.95
CA ALA I 186 63.99 48.90 -29.78
C ALA I 186 64.46 49.55 -31.09
N GLY I 187 63.75 50.56 -31.56
CA GLY I 187 64.07 51.21 -32.81
C GLY I 187 63.12 50.90 -33.95
N VAL I 188 62.00 50.22 -33.69
CA VAL I 188 61.02 49.95 -34.72
C VAL I 188 60.28 51.23 -35.05
N LYS I 189 60.13 51.50 -36.36
CA LYS I 189 59.48 52.73 -36.81
C LYS I 189 57.97 52.56 -36.73
N ILE I 190 57.44 52.76 -35.53
CA ILE I 190 56.01 52.66 -35.26
C ILE I 190 55.40 54.05 -35.37
N ALA I 191 54.24 54.14 -36.01
CA ALA I 191 53.63 55.43 -36.32
C ALA I 191 52.47 55.80 -35.40
N GLY I 192 51.72 54.85 -34.89
CA GLY I 192 50.61 55.16 -34.02
C GLY I 192 49.73 53.96 -33.79
N THR I 193 48.75 54.14 -32.91
CA THR I 193 47.84 53.08 -32.52
C THR I 193 46.43 53.65 -32.38
N ASN I 194 45.44 52.77 -32.43
CA ASN I 194 44.06 53.14 -32.17
C ASN I 194 43.26 51.89 -31.83
N ALA I 195 42.15 52.09 -31.14
CA ALA I 195 41.22 51.01 -30.86
C ALA I 195 40.30 50.78 -32.05
N GLU I 196 39.92 49.52 -32.24
CA GLU I 196 39.16 49.13 -33.41
C GLU I 196 37.67 49.03 -33.08
N VAL I 197 36.89 48.56 -34.07
CA VAL I 197 35.44 48.61 -33.98
C VAL I 197 34.92 47.66 -32.91
N MET I 198 35.44 46.44 -32.86
CA MET I 198 34.96 45.52 -31.84
C MET I 198 35.88 45.54 -30.62
N PRO I 199 35.35 45.27 -29.43
CA PRO I 199 36.18 45.36 -28.23
C PRO I 199 37.29 44.32 -28.22
N ALA I 200 38.38 44.65 -27.53
CA ALA I 200 39.58 43.84 -27.41
C ALA I 200 40.34 43.71 -28.73
N GLN I 201 40.04 44.55 -29.71
CA GLN I 201 40.73 44.55 -30.99
C GLN I 201 41.44 45.88 -31.18
N TRP I 202 42.71 45.83 -31.55
CA TRP I 202 43.53 47.03 -31.65
C TRP I 202 44.29 47.01 -32.97
N GLU I 203 45.01 48.10 -33.23
CA GLU I 203 45.76 48.24 -34.47
C GLU I 203 46.93 49.18 -34.24
N PHE I 204 48.07 48.87 -34.86
CA PHE I 204 49.23 49.74 -34.86
C PHE I 204 49.77 49.88 -36.27
N GLN I 205 50.44 51.00 -36.54
CA GLN I 205 50.92 51.33 -37.87
C GLN I 205 52.44 51.41 -37.87
N ILE I 206 53.05 50.77 -38.86
CA ILE I 206 54.50 50.77 -39.03
C ILE I 206 54.83 51.45 -40.35
N GLY I 207 55.73 52.43 -40.30
CA GLY I 207 56.13 53.15 -41.49
C GLY I 207 56.24 54.63 -41.26
N PRO I 208 56.56 55.38 -42.33
CA PRO I 208 56.87 54.92 -43.69
C PRO I 208 58.27 54.33 -43.78
N CYS I 209 58.39 53.05 -44.07
CA CYS I 209 59.67 52.36 -44.13
C CYS I 209 60.12 52.23 -45.58
N GLU I 210 61.39 52.51 -45.85
CA GLU I 210 61.93 52.42 -47.19
C GLU I 210 62.75 51.15 -47.34
N GLY I 211 62.60 50.51 -48.50
CA GLY I 211 63.44 49.36 -48.84
C GLY I 211 62.97 48.09 -48.16
N ILE I 212 63.93 47.18 -47.94
CA ILE I 212 63.60 45.90 -47.34
C ILE I 212 63.30 46.07 -45.86
N SER I 213 63.50 47.27 -45.33
CA SER I 213 63.33 47.51 -43.89
C SER I 213 61.90 47.29 -43.43
N MET I 214 60.91 47.46 -44.33
CA MET I 214 59.52 47.31 -43.91
C MET I 214 59.22 45.88 -43.50
N GLY I 215 59.73 44.90 -44.24
CA GLY I 215 59.52 43.51 -43.85
C GLY I 215 60.22 43.18 -42.55
N ASP I 216 61.41 43.74 -42.34
CA ASP I 216 62.13 43.50 -41.09
C ASP I 216 61.42 44.14 -39.90
N HIS I 217 60.97 45.40 -40.06
CA HIS I 217 60.37 46.11 -38.94
C HIS I 217 59.04 45.47 -38.52
N LEU I 218 58.22 45.05 -39.48
CA LEU I 218 56.93 44.47 -39.14
C LEU I 218 57.09 43.15 -38.40
N TRP I 219 58.03 42.31 -38.86
CA TRP I 219 58.22 41.01 -38.23
C TRP I 219 58.73 41.17 -36.79
N VAL I 220 59.64 42.11 -36.57
CA VAL I 220 60.14 42.36 -35.22
C VAL I 220 59.04 42.91 -34.35
N ALA I 221 58.19 43.78 -34.91
CA ALA I 221 57.08 44.33 -34.14
C ALA I 221 56.10 43.24 -33.72
N ARG I 222 55.87 42.26 -34.60
CA ARG I 222 55.02 41.14 -34.23
C ARG I 222 55.63 40.34 -33.10
N PHE I 223 56.94 40.13 -33.13
CA PHE I 223 57.61 39.36 -32.08
C PHE I 223 57.50 40.08 -30.74
N ILE I 224 57.69 41.40 -30.73
CA ILE I 224 57.61 42.17 -29.50
C ILE I 224 56.20 42.08 -28.91
N LEU I 225 55.19 42.17 -29.77
CA LEU I 225 53.81 42.07 -29.29
C LEU I 225 53.54 40.72 -28.64
N HIS I 226 54.03 39.64 -29.26
CA HIS I 226 53.85 38.32 -28.66
C HIS I 226 54.59 38.20 -27.33
N ARG I 227 55.81 38.72 -27.27
CA ARG I 227 56.59 38.64 -26.03
C ARG I 227 55.97 39.48 -24.93
N VAL I 228 55.44 40.66 -25.27
CA VAL I 228 54.80 41.52 -24.28
C VAL I 228 53.54 40.86 -23.75
N CYS I 229 52.72 40.30 -24.65
CA CYS I 229 51.50 39.63 -24.22
C CYS I 229 51.80 38.41 -23.36
N GLU I 230 52.97 37.80 -23.55
CA GLU I 230 53.35 36.67 -22.71
C GLU I 230 53.53 37.09 -21.26
N ASP I 231 54.07 38.28 -21.02
CA ASP I 231 54.22 38.78 -19.66
C ASP I 231 52.88 38.96 -18.96
N PHE I 232 51.90 39.49 -19.69
CA PHE I 232 50.57 39.69 -19.10
C PHE I 232 49.73 38.43 -19.06
N GLY I 233 50.14 37.37 -19.76
CA GLY I 233 49.40 36.13 -19.75
C GLY I 233 48.27 36.03 -20.76
N VAL I 234 48.28 36.86 -21.80
CA VAL I 234 47.24 36.85 -22.81
C VAL I 234 47.86 36.45 -24.15
N ILE I 235 46.99 36.18 -25.12
CA ILE I 235 47.40 35.71 -26.44
C ILE I 235 46.97 36.74 -27.47
N ALA I 236 47.91 37.11 -28.35
CA ALA I 236 47.61 37.98 -29.47
C ALA I 236 47.49 37.13 -30.74
N THR I 237 46.38 37.28 -31.44
CA THR I 237 46.11 36.49 -32.63
C THR I 237 45.97 37.40 -33.85
N PHE I 238 46.31 36.85 -35.02
CA PHE I 238 46.23 37.58 -36.28
C PHE I 238 45.20 36.97 -37.23
N ASP I 239 44.24 36.21 -36.70
CA ASP I 239 43.22 35.60 -37.54
C ASP I 239 42.36 36.69 -38.19
N PRO I 240 42.09 36.58 -39.49
CA PRO I 240 41.26 37.60 -40.15
C PRO I 240 39.86 37.72 -39.59
N LYS I 241 39.24 36.62 -39.18
CA LYS I 241 37.88 36.65 -38.63
C LYS I 241 37.83 35.80 -37.37
N PRO I 242 38.35 36.33 -36.26
CA PRO I 242 38.34 35.55 -35.01
C PRO I 242 36.95 35.19 -34.51
N ILE I 243 35.97 36.08 -34.70
CA ILE I 243 34.62 35.87 -34.18
C ILE I 243 33.63 35.95 -35.34
N PRO I 244 32.93 34.87 -35.67
CA PRO I 244 31.92 34.94 -36.73
C PRO I 244 30.70 35.74 -36.30
N GLY I 245 30.03 36.32 -37.29
CA GLY I 245 28.80 37.04 -37.03
C GLY I 245 28.90 38.52 -37.29
N ASN I 246 28.13 39.31 -36.53
CA ASN I 246 28.12 40.76 -36.68
C ASN I 246 29.26 41.42 -35.91
N TRP I 247 30.47 40.96 -36.16
CA TRP I 247 31.66 41.50 -35.51
C TRP I 247 32.74 41.75 -36.56
N ASN I 248 33.48 42.83 -36.38
CA ASN I 248 34.44 43.27 -37.38
C ASN I 248 35.59 42.28 -37.51
N GLY I 249 36.16 42.21 -38.72
CA GLY I 249 37.31 41.37 -39.00
C GLY I 249 38.61 42.12 -38.82
N ALA I 250 39.69 41.45 -39.18
CA ALA I 250 41.04 42.00 -39.04
C ALA I 250 41.79 41.89 -40.35
N GLY I 251 42.35 43.02 -40.80
CA GLY I 251 43.14 43.04 -42.01
C GLY I 251 44.39 43.91 -41.84
N CYS I 252 45.27 43.83 -42.83
CA CYS I 252 46.53 44.55 -42.81
C CYS I 252 46.60 45.44 -44.04
N HIS I 253 46.08 46.66 -43.92
CA HIS I 253 46.12 47.62 -45.01
C HIS I 253 47.54 48.06 -45.30
N THR I 254 47.87 48.20 -46.57
CA THR I 254 49.22 48.54 -47.02
C THR I 254 49.17 49.86 -47.79
N ASN I 255 50.02 50.80 -47.38
CA ASN I 255 50.15 52.07 -48.07
C ASN I 255 51.46 52.08 -48.86
N PHE I 256 51.38 52.42 -50.14
CA PHE I 256 52.51 52.34 -51.05
C PHE I 256 52.68 53.63 -51.82
N SER I 257 53.93 54.06 -51.99
CA SER I 257 54.24 55.22 -52.79
C SER I 257 55.72 55.18 -53.17
N THR I 258 56.03 55.81 -54.30
CA THR I 258 57.39 56.04 -54.75
C THR I 258 57.63 57.55 -54.84
N LYS I 259 58.83 57.93 -55.26
CA LYS I 259 59.16 59.35 -55.35
C LYS I 259 58.32 60.04 -56.41
N ALA I 260 57.90 59.31 -57.44
CA ALA I 260 57.11 59.91 -58.51
C ALA I 260 55.78 60.44 -58.00
N MET I 261 55.08 59.65 -57.18
CA MET I 261 53.82 60.12 -56.61
C MET I 261 54.05 61.16 -55.52
N ARG I 262 55.20 61.11 -54.85
CA ARG I 262 55.51 62.07 -53.79
C ARG I 262 55.88 63.44 -54.34
N GLU I 263 56.21 63.55 -55.61
CA GLU I 263 56.53 64.84 -56.21
C GLU I 263 55.24 65.53 -56.67
N GLU I 264 55.38 66.71 -57.26
CA GLU I 264 54.21 67.47 -57.68
C GLU I 264 53.49 66.74 -58.81
N ASN I 265 52.16 66.94 -58.86
CA ASN I 265 51.29 66.38 -59.90
C ASN I 265 51.42 64.87 -60.02
N GLY I 266 51.89 64.22 -58.96
CA GLY I 266 52.09 62.78 -58.94
C GLY I 266 50.81 61.97 -58.83
N LEU I 267 49.66 62.63 -58.77
CA LEU I 267 48.39 61.91 -58.73
C LEU I 267 48.20 61.05 -59.97
N LYS I 268 48.73 61.48 -61.12
CA LYS I 268 48.64 60.67 -62.33
C LYS I 268 49.41 59.37 -62.18
N TYR I 269 50.56 59.41 -61.50
CA TYR I 269 51.32 58.19 -61.25
C TYR I 269 50.54 57.24 -60.35
N ILE I 270 49.78 57.77 -59.40
CA ILE I 270 48.93 56.94 -58.57
C ILE I 270 47.86 56.28 -59.42
N GLU I 271 47.26 57.04 -60.35
CA GLU I 271 46.17 56.50 -61.16
C GLU I 271 46.65 55.36 -62.07
N GLU I 272 47.82 55.54 -62.69
CA GLU I 272 48.30 54.49 -63.60
C GLU I 272 48.71 53.24 -62.84
N ALA I 273 49.24 53.40 -61.63
CA ALA I 273 49.58 52.25 -60.81
C ALA I 273 48.34 51.46 -60.42
N ILE I 274 47.26 52.16 -60.07
CA ILE I 274 46.01 51.49 -59.75
C ILE I 274 45.47 50.77 -60.97
N GLU I 275 45.67 51.35 -62.16
CA GLU I 275 45.18 50.72 -63.39
C GLU I 275 45.87 49.39 -63.62
N LYS I 276 47.17 49.30 -63.35
CA LYS I 276 47.86 48.03 -63.47
C LYS I 276 47.46 47.06 -62.38
N LEU I 277 47.14 47.57 -61.19
CA LEU I 277 46.66 46.72 -60.11
C LEU I 277 45.26 46.18 -60.42
N SER I 278 44.60 46.75 -61.43
CA SER I 278 43.23 46.35 -61.74
C SER I 278 43.14 45.01 -62.47
N LYS I 279 44.14 44.66 -63.30
CA LYS I 279 44.03 43.44 -64.08
C LYS I 279 44.80 42.26 -63.49
N ARG I 280 45.24 42.36 -62.24
CA ARG I 280 45.88 41.25 -61.53
C ARG I 280 45.25 41.08 -60.15
N HIS I 281 43.92 41.17 -60.09
CA HIS I 281 43.22 41.02 -58.82
C HIS I 281 43.38 39.62 -58.25
N GLN I 282 43.25 38.60 -59.10
CA GLN I 282 43.35 37.22 -58.62
C GLN I 282 44.78 36.88 -58.19
N TYR I 283 45.77 37.41 -58.90
CA TYR I 283 47.16 37.13 -58.55
C TYR I 283 47.52 37.70 -57.19
N HIS I 284 47.09 38.94 -56.91
CA HIS I 284 47.46 39.57 -55.65
C HIS I 284 46.70 38.97 -54.48
N ILE I 285 45.45 38.56 -54.69
CA ILE I 285 44.69 37.91 -53.64
C ILE I 285 45.39 36.62 -53.19
N ARG I 286 45.98 35.90 -54.14
CA ARG I 286 46.71 34.69 -53.81
C ARG I 286 47.92 34.97 -52.93
N ALA I 287 48.64 36.06 -53.23
CA ALA I 287 49.86 36.39 -52.49
C ALA I 287 49.60 37.17 -51.21
N TYR I 288 48.37 37.63 -50.97
CA TYR I 288 48.04 38.40 -49.79
C TYR I 288 47.64 37.51 -48.61
N ASP I 289 47.65 36.18 -48.80
CA ASP I 289 47.22 35.25 -47.77
C ASP I 289 48.22 34.10 -47.73
N PRO I 290 48.75 33.76 -46.56
CA PRO I 290 49.64 32.59 -46.49
C PRO I 290 48.98 31.29 -46.84
N LYS I 291 47.65 31.21 -46.79
CA LYS I 291 46.91 30.01 -47.14
C LYS I 291 46.33 30.07 -48.55
N GLY I 292 46.66 31.11 -49.32
CA GLY I 292 46.21 31.23 -50.69
C GLY I 292 44.94 32.02 -50.89
N GLY I 293 44.23 32.38 -49.82
CA GLY I 293 43.03 33.18 -49.96
C GLY I 293 41.86 32.65 -49.15
N LEU I 294 42.00 31.43 -48.61
CA LEU I 294 40.91 30.85 -47.83
C LEU I 294 40.65 31.64 -46.56
N ASP I 295 41.71 32.09 -45.88
CA ASP I 295 41.54 32.84 -44.65
C ASP I 295 40.85 34.18 -44.91
N ASN I 296 41.27 34.88 -45.97
CA ASN I 296 40.70 36.18 -46.28
C ASN I 296 39.29 36.09 -46.85
N ALA I 297 38.83 34.89 -47.21
CA ALA I 297 37.47 34.74 -47.72
C ALA I 297 36.43 34.98 -46.63
N ARG I 298 36.78 34.67 -45.38
CA ARG I 298 35.86 34.86 -44.26
C ARG I 298 35.74 36.31 -43.82
N ARG I 299 36.63 37.18 -44.30
CA ARG I 299 36.59 38.60 -43.95
C ARG I 299 35.98 39.46 -45.05
N LEU I 300 36.44 39.29 -46.30
CA LEU I 300 35.93 40.08 -47.41
C LEU I 300 34.59 39.54 -47.89
N THR I 301 33.50 40.06 -47.34
CA THR I 301 32.16 39.63 -47.72
C THR I 301 31.29 40.76 -48.26
N GLY I 302 31.81 41.98 -48.36
CA GLY I 302 31.02 43.10 -48.84
C GLY I 302 30.15 43.76 -47.78
N PHE I 303 30.28 43.37 -46.52
CA PHE I 303 29.51 43.95 -45.43
C PHE I 303 30.46 44.54 -44.39
N HIS I 304 29.89 45.34 -43.51
CA HIS I 304 30.65 46.04 -42.47
C HIS I 304 31.75 46.91 -43.08
N GLU I 305 31.38 47.66 -44.12
CA GLU I 305 32.29 48.57 -44.81
C GLU I 305 33.53 47.85 -45.33
N THR I 306 33.30 46.78 -46.09
CA THR I 306 34.35 46.01 -46.72
C THR I 306 34.05 45.83 -48.21
N SER I 307 35.01 45.25 -48.92
CA SER I 307 34.90 45.00 -50.35
C SER I 307 34.83 43.49 -50.60
N ASN I 308 34.04 43.10 -51.60
CA ASN I 308 33.92 41.69 -51.93
C ASN I 308 35.23 41.15 -52.48
N ILE I 309 35.53 39.90 -52.14
CA ILE I 309 36.80 39.30 -52.54
C ILE I 309 36.85 39.07 -54.05
N ASN I 310 35.70 38.82 -54.68
CA ASN I 310 35.65 38.50 -56.09
C ASN I 310 35.51 39.71 -57.00
N ASP I 311 35.42 40.91 -56.44
CA ASP I 311 35.22 42.12 -57.22
C ASP I 311 36.33 43.12 -56.91
N PHE I 312 36.83 43.79 -57.95
CA PHE I 312 37.84 44.82 -57.81
C PHE I 312 37.20 46.19 -57.97
N SER I 313 37.61 47.14 -57.13
CA SER I 313 37.08 48.49 -57.18
C SER I 313 38.10 49.46 -56.63
N ALA I 314 37.93 50.73 -56.97
CA ALA I 314 38.80 51.79 -56.50
C ALA I 314 38.03 53.10 -56.44
N GLY I 315 38.56 54.04 -55.68
CA GLY I 315 37.92 55.35 -55.56
C GLY I 315 38.59 56.26 -54.54
N VAL I 316 38.26 57.54 -54.59
CA VAL I 316 38.82 58.51 -53.66
C VAL I 316 37.96 58.58 -52.42
N ALA I 317 38.58 58.38 -51.25
CA ALA I 317 37.90 58.41 -49.95
C ALA I 317 36.75 57.40 -49.90
N ASN I 318 36.90 56.27 -50.58
CA ASN I 318 35.91 55.20 -50.57
C ASN I 318 36.51 54.03 -49.78
N ARG I 319 36.03 53.85 -48.55
CA ARG I 319 36.56 52.80 -47.68
C ARG I 319 35.98 51.43 -47.98
N SER I 320 34.97 51.34 -48.85
CA SER I 320 34.40 50.07 -49.24
C SER I 320 35.01 49.50 -50.51
N ALA I 321 36.03 50.16 -51.07
CA ALA I 321 36.66 49.70 -52.29
C ALA I 321 37.93 48.91 -51.99
N SER I 322 38.45 48.24 -53.01
CA SER I 322 39.69 47.49 -52.86
C SER I 322 40.88 48.41 -52.70
N ILE I 323 40.88 49.54 -53.41
CA ILE I 323 41.96 50.53 -53.34
C ILE I 323 41.33 51.87 -52.97
N ARG I 324 41.92 52.55 -51.99
CA ARG I 324 41.43 53.83 -51.51
C ARG I 324 42.48 54.90 -51.75
N ILE I 325 42.08 56.00 -52.35
CA ILE I 325 42.93 57.18 -52.51
C ILE I 325 42.48 58.21 -51.48
N PRO I 326 43.36 58.68 -50.60
CA PRO I 326 42.93 59.66 -49.59
C PRO I 326 42.41 60.93 -50.23
N ARG I 327 41.39 61.51 -49.60
CA ARG I 327 40.79 62.73 -50.13
C ARG I 327 41.80 63.88 -50.15
N THR I 328 42.64 63.97 -49.10
CA THR I 328 43.69 64.97 -49.08
C THR I 328 44.69 64.74 -50.20
N VAL I 329 45.02 63.48 -50.49
CA VAL I 329 45.93 63.19 -51.59
C VAL I 329 45.34 63.65 -52.92
N GLY I 330 44.04 63.39 -53.13
CA GLY I 330 43.39 63.85 -54.34
C GLY I 330 43.33 65.37 -54.43
N GLN I 331 43.04 66.03 -53.32
CA GLN I 331 42.99 67.49 -53.33
C GLN I 331 44.37 68.11 -53.53
N GLU I 332 45.41 67.46 -53.03
CA GLU I 332 46.78 67.95 -53.19
C GLU I 332 47.46 67.38 -54.44
N LYS I 333 46.82 66.46 -55.14
CA LYS I 333 47.31 65.89 -56.40
C LYS I 333 48.65 65.18 -56.24
N LYS I 334 48.95 64.71 -55.03
CA LYS I 334 50.18 63.96 -54.80
C LYS I 334 50.05 63.20 -53.48
N GLY I 335 50.87 62.17 -53.33
CA GLY I 335 50.87 61.39 -52.10
C GLY I 335 51.05 59.90 -52.31
N TYR I 336 50.12 59.12 -51.77
CA TYR I 336 50.19 57.66 -51.80
C TYR I 336 48.80 57.09 -52.02
N PHE I 337 48.71 55.76 -52.05
CA PHE I 337 47.44 55.08 -52.15
C PHE I 337 47.47 53.85 -51.25
N GLU I 338 46.28 53.41 -50.84
CA GLU I 338 46.13 52.36 -49.85
C GLU I 338 45.54 51.11 -50.48
N ASP I 339 46.11 49.95 -50.14
CA ASP I 339 45.58 48.65 -50.54
C ASP I 339 44.92 48.01 -49.33
N ARG I 340 43.62 47.80 -49.39
CA ARG I 340 42.84 47.28 -48.28
C ARG I 340 42.61 45.78 -48.36
N ARG I 341 43.22 45.11 -49.32
CA ARG I 341 43.01 43.68 -49.55
C ARG I 341 43.77 42.75 -48.61
N PRO I 342 45.06 42.99 -48.30
CA PRO I 342 45.82 41.98 -47.55
C PRO I 342 45.21 41.68 -46.18
N SER I 343 45.32 40.41 -45.79
CA SER I 343 44.78 39.93 -44.53
C SER I 343 45.72 40.27 -43.38
N ALA I 344 45.20 40.11 -42.16
CA ALA I 344 45.98 40.45 -40.97
C ALA I 344 47.20 39.54 -40.81
N ASN I 345 47.07 38.26 -41.17
CA ASN I 345 48.16 37.30 -41.04
C ASN I 345 49.02 37.21 -42.30
N CYS I 346 49.06 38.26 -43.11
CA CYS I 346 49.84 38.26 -44.33
C CYS I 346 51.34 38.34 -44.04
N ASP I 347 52.13 37.86 -44.99
CA ASP I 347 53.58 37.97 -44.90
C ASP I 347 54.03 39.27 -45.55
N PRO I 348 54.68 40.18 -44.82
CA PRO I 348 55.07 41.46 -45.41
C PRO I 348 56.01 41.33 -46.60
N PHE I 349 56.87 40.31 -46.62
CA PHE I 349 57.80 40.16 -47.73
C PHE I 349 57.06 39.86 -49.04
N SER I 350 56.05 39.00 -48.98
CA SER I 350 55.28 38.69 -50.19
C SER I 350 54.42 39.87 -50.61
N VAL I 351 53.87 40.60 -49.64
CA VAL I 351 52.99 41.73 -49.97
C VAL I 351 53.79 42.82 -50.68
N THR I 352 54.97 43.16 -50.17
CA THR I 352 55.77 44.20 -50.78
C THR I 352 56.31 43.75 -52.13
N GLU I 353 56.68 42.48 -52.26
CA GLU I 353 57.22 41.99 -53.51
C GLU I 353 56.19 42.03 -54.63
N ALA I 354 54.94 41.65 -54.32
CA ALA I 354 53.90 41.64 -55.35
C ALA I 354 53.59 43.04 -55.84
N LEU I 355 53.55 44.01 -54.93
CA LEU I 355 53.26 45.39 -55.34
C LEU I 355 54.36 45.94 -56.24
N ILE I 356 55.61 45.64 -55.93
CA ILE I 356 56.72 46.13 -56.75
C ILE I 356 56.67 45.51 -58.14
N ARG I 357 56.38 44.21 -58.22
CA ARG I 357 56.38 43.52 -59.51
C ARG I 357 55.30 44.07 -60.44
N THR I 358 54.07 44.19 -59.96
CA THR I 358 52.97 44.63 -60.82
C THR I 358 53.06 46.11 -61.17
N CYS I 359 53.37 46.96 -60.20
CA CYS I 359 53.32 48.41 -60.40
C CYS I 359 54.60 48.99 -60.98
N LEU I 360 55.76 48.38 -60.71
CA LEU I 360 57.03 48.94 -61.13
C LEU I 360 57.75 48.13 -62.19
N LEU I 361 57.56 46.81 -62.22
CA LEU I 361 58.20 45.96 -63.22
C LEU I 361 57.26 45.58 -64.36
N ASN I 362 55.99 45.99 -64.29
CA ASN I 362 55.03 45.75 -65.37
C ASN I 362 54.92 44.27 -65.72
N GLU I 363 54.77 43.42 -64.71
CA GLU I 363 54.62 42.00 -64.95
C GLU I 363 53.19 41.66 -65.34
N THR I 364 53.04 40.50 -65.99
CA THR I 364 51.72 39.99 -66.37
C THR I 364 51.73 38.49 -66.15
N GLY I 365 50.53 37.91 -66.17
CA GLY I 365 50.38 36.49 -65.97
C GLY I 365 50.22 36.10 -64.52
N ASP I 366 50.03 34.80 -64.31
CA ASP I 366 49.82 34.25 -62.98
C ASP I 366 51.11 33.82 -62.29
N GLU I 367 52.25 33.97 -62.93
CA GLU I 367 53.55 33.70 -62.31
C GLU I 367 54.51 34.82 -62.68
N PRO I 368 55.46 35.12 -61.80
CA PRO I 368 56.40 36.22 -62.05
C PRO I 368 57.62 35.78 -62.84
N PHE I 369 58.35 36.78 -63.33
CA PHE I 369 59.66 36.56 -63.93
C PHE I 369 60.62 35.96 -62.91
N GLN I 370 61.62 35.25 -63.41
CA GLN I 370 62.58 34.55 -62.54
C GLN I 370 63.95 35.21 -62.49
N TYR I 371 64.60 35.42 -63.64
CA TYR I 371 66.02 35.79 -63.65
C TYR I 371 66.22 37.30 -63.71
N LYS I 372 65.79 37.94 -64.80
CA LYS I 372 66.02 39.36 -64.97
C LYS I 372 64.98 39.92 -65.93
N ASN I 373 63.98 40.61 -65.37
CA ASN I 373 62.93 41.27 -66.15
C ASN I 373 62.24 40.33 -67.13
N THR J 2 49.46 23.95 -6.19
CA THR J 2 50.24 24.19 -7.40
C THR J 2 51.56 24.86 -7.06
N THR J 3 51.51 25.95 -6.31
CA THR J 3 52.68 26.65 -5.83
C THR J 3 52.79 26.54 -4.32
N SER J 4 54.01 26.67 -3.81
CA SER J 4 54.27 26.48 -2.40
C SER J 4 53.64 27.60 -1.58
N ALA J 5 53.35 27.29 -0.32
CA ALA J 5 52.78 28.28 0.59
C ALA J 5 53.75 29.42 0.86
N SER J 6 55.05 29.11 0.89
CA SER J 6 56.05 30.15 1.12
C SER J 6 56.04 31.19 0.02
N SER J 7 55.72 30.78 -1.22
CA SER J 7 55.68 31.72 -2.33
C SER J 7 54.51 32.69 -2.24
N HIS J 8 53.51 32.42 -1.41
CA HIS J 8 52.37 33.31 -1.24
C HIS J 8 52.60 34.37 -0.17
N LEU J 9 53.74 34.35 0.50
CA LEU J 9 54.06 35.41 1.44
C LEU J 9 54.36 36.71 0.70
N ASN J 10 54.20 37.82 1.40
CA ASN J 10 54.42 39.14 0.79
C ASN J 10 55.90 39.34 0.55
N LYS J 11 56.31 39.25 -0.73
CA LYS J 11 57.70 39.42 -1.08
C LYS J 11 58.17 40.87 -0.98
N GLY J 12 57.23 41.82 -0.98
CA GLY J 12 57.61 43.21 -0.78
C GLY J 12 58.19 43.47 0.59
N ILE J 13 57.69 42.76 1.60
CA ILE J 13 58.21 42.91 2.96
C ILE J 13 59.67 42.47 3.01
N LYS J 14 59.99 41.36 2.36
CA LYS J 14 61.36 40.87 2.36
C LYS J 14 62.31 41.87 1.69
N GLN J 15 61.84 42.52 0.62
CA GLN J 15 62.68 43.47 -0.09
C GLN J 15 63.04 44.66 0.79
N VAL J 16 62.13 45.05 1.69
CA VAL J 16 62.41 46.16 2.61
C VAL J 16 63.56 45.80 3.54
N TYR J 17 63.49 44.62 4.14
CA TYR J 17 64.57 44.18 5.02
C TYR J 17 65.87 43.96 4.25
N MET J 18 65.77 43.40 3.04
CA MET J 18 66.95 43.12 2.23
C MET J 18 67.68 44.40 1.82
N SER J 19 67.03 45.55 1.90
CA SER J 19 67.64 46.82 1.49
C SER J 19 68.45 47.48 2.59
N LEU J 20 68.40 46.96 3.82
CA LEU J 20 69.16 47.55 4.90
C LEU J 20 70.66 47.36 4.66
N PRO J 21 71.49 48.37 4.94
CA PRO J 21 72.94 48.18 4.86
C PRO J 21 73.41 47.18 5.91
N GLN J 22 74.18 46.19 5.47
CA GLN J 22 74.59 45.10 6.34
C GLN J 22 75.83 45.40 7.15
N GLY J 23 76.47 46.55 6.94
CA GLY J 23 77.65 46.89 7.70
C GLY J 23 78.93 46.33 7.11
N GLU J 24 79.84 45.87 7.97
CA GLU J 24 81.14 45.39 7.53
C GLU J 24 81.26 43.88 7.54
N LYS J 25 80.30 43.16 8.11
CA LYS J 25 80.35 41.70 8.15
C LYS J 25 79.91 41.11 6.81
N VAL J 26 80.42 39.92 6.52
CA VAL J 26 80.17 39.25 5.25
C VAL J 26 79.59 37.87 5.51
N GLN J 27 78.59 37.50 4.71
CA GLN J 27 77.94 36.20 4.79
C GLN J 27 78.50 35.28 3.71
N ALA J 28 78.72 34.02 4.08
CA ALA J 28 79.21 33.02 3.14
C ALA J 28 78.33 31.78 3.22
N MET J 29 77.91 31.28 2.06
CA MET J 29 77.07 30.09 1.98
C MET J 29 77.91 28.91 1.53
N TYR J 30 77.83 27.80 2.27
CA TYR J 30 78.58 26.60 1.96
C TYR J 30 77.67 25.58 1.29
N ILE J 31 78.13 25.02 0.18
CA ILE J 31 77.35 24.09 -0.62
C ILE J 31 78.12 22.79 -0.80
N TRP J 32 77.44 21.67 -0.61
CA TRP J 32 78.04 20.36 -0.80
C TRP J 32 76.99 19.36 -1.23
N ILE J 33 77.45 18.20 -1.71
CA ILE J 33 76.57 17.17 -2.24
C ILE J 33 76.29 16.14 -1.15
N ASP J 34 75.03 15.76 -1.02
CA ASP J 34 74.60 14.82 0.01
C ASP J 34 74.92 13.38 -0.42
N GLY J 35 74.43 12.41 0.34
CA GLY J 35 74.73 11.01 0.11
C GLY J 35 74.03 10.39 -1.07
N THR J 36 72.99 11.02 -1.60
CA THR J 36 72.30 10.48 -2.78
C THR J 36 73.13 10.64 -4.06
N GLY J 37 74.14 11.50 -4.04
CA GLY J 37 74.95 11.75 -5.21
C GLY J 37 74.36 12.73 -6.20
N GLU J 38 73.15 13.23 -5.95
CA GLU J 38 72.51 14.18 -6.85
C GLU J 38 71.83 15.34 -6.15
N GLY J 39 71.76 15.36 -4.82
CA GLY J 39 71.18 16.46 -4.09
C GLY J 39 72.24 17.42 -3.56
N LEU J 40 71.77 18.55 -3.03
CA LEU J 40 72.65 19.59 -2.52
C LEU J 40 72.16 20.06 -1.16
N ARG J 41 73.09 20.56 -0.36
CA ARG J 41 72.79 21.11 0.96
C ARG J 41 73.53 22.43 1.13
N CYS J 42 73.00 23.30 1.98
CA CYS J 42 73.53 24.65 2.11
C CYS J 42 73.54 25.08 3.58
N LYS J 43 74.39 26.07 3.86
CA LYS J 43 74.59 26.58 5.20
C LYS J 43 75.20 27.97 5.10
N THR J 44 74.79 28.88 5.98
CA THR J 44 75.30 30.24 6.01
C THR J 44 76.07 30.49 7.30
N ARG J 45 77.25 31.10 7.16
CA ARG J 45 78.02 31.56 8.31
C ARG J 45 78.44 33.01 8.08
N THR J 46 78.93 33.63 9.15
CA THR J 46 79.31 35.04 9.13
C THR J 46 80.83 35.16 9.18
N LEU J 47 81.38 36.02 8.33
CA LEU J 47 82.80 36.29 8.28
C LEU J 47 83.07 37.74 8.65
N ASP J 48 84.25 37.97 9.23
CA ASP J 48 84.59 39.32 9.69
C ASP J 48 84.95 40.24 8.54
N SER J 49 85.56 39.71 7.47
CA SER J 49 85.97 40.51 6.34
C SER J 49 85.70 39.74 5.06
N GLU J 50 85.63 40.46 3.96
CA GLU J 50 85.38 39.83 2.67
C GLU J 50 86.63 39.13 2.17
N PRO J 51 86.58 37.81 1.94
CA PRO J 51 87.76 37.12 1.41
C PRO J 51 87.99 37.47 -0.05
N LYS J 52 89.26 37.52 -0.44
CA LYS J 52 89.64 37.80 -1.81
C LYS J 52 89.90 36.55 -2.64
N CYS J 53 90.04 35.39 -2.00
CA CYS J 53 90.30 34.16 -2.72
C CYS J 53 89.77 33.00 -1.90
N VAL J 54 89.54 31.87 -2.58
CA VAL J 54 88.98 30.69 -1.92
C VAL J 54 89.99 30.05 -0.97
N GLU J 55 91.28 30.38 -1.11
CA GLU J 55 92.30 29.72 -0.32
C GLU J 55 92.31 30.16 1.14
N GLU J 56 91.63 31.26 1.47
CA GLU J 56 91.63 31.80 2.83
C GLU J 56 90.28 31.61 3.53
N LEU J 57 89.46 30.69 3.05
CA LEU J 57 88.19 30.41 3.71
C LEU J 57 88.34 29.28 4.71
N PRO J 58 87.91 29.46 5.95
CA PRO J 58 88.05 28.40 6.95
C PRO J 58 87.18 27.19 6.64
N GLU J 59 87.63 26.04 7.11
CA GLU J 59 86.86 24.82 6.98
C GLU J 59 85.73 24.79 7.99
N TRP J 60 84.76 23.91 7.68
CA TRP J 60 83.58 23.75 8.54
C TRP J 60 83.33 22.26 8.73
N ASN J 61 82.33 21.91 9.52
CA ASN J 61 81.96 20.53 9.78
C ASN J 61 80.44 20.44 9.94
N PHE J 62 79.86 19.38 9.42
CA PHE J 62 78.42 19.18 9.49
C PHE J 62 78.14 17.77 9.99
N ASP J 63 76.87 17.48 10.24
CA ASP J 63 76.43 16.19 10.74
C ASP J 63 76.12 15.27 9.56
N GLY J 64 76.92 14.22 9.40
CA GLY J 64 76.70 13.28 8.32
C GLY J 64 75.54 12.34 8.52
N SER J 65 75.12 12.15 9.78
CA SER J 65 73.98 11.28 10.05
C SER J 65 72.69 11.86 9.49
N SER J 66 72.53 13.18 9.54
CA SER J 66 71.32 13.80 9.03
C SER J 66 71.28 13.78 7.51
N THR J 67 72.44 13.68 6.86
CA THR J 67 72.51 13.60 5.40
C THR J 67 72.75 12.19 4.90
N LEU J 68 72.55 11.18 5.75
CA LEU J 68 72.70 9.75 5.40
C LEU J 68 74.09 9.46 4.82
N GLN J 69 75.04 10.34 5.09
CA GLN J 69 76.43 10.14 4.68
C GLN J 69 77.26 9.46 5.75
N SER J 70 76.70 9.21 6.94
CA SER J 70 77.45 8.59 8.03
C SER J 70 76.47 7.90 8.97
N GLU J 71 77.01 6.95 9.73
CA GLU J 71 76.21 6.22 10.71
C GLU J 71 77.08 5.98 11.93
N GLY J 72 76.42 5.75 13.07
CA GLY J 72 77.14 5.49 14.29
C GLY J 72 77.67 6.76 14.94
N SER J 73 78.66 6.57 15.82
CA SER J 73 79.23 7.71 16.55
C SER J 73 79.99 8.65 15.63
N ASN J 74 80.75 8.10 14.69
CA ASN J 74 81.56 8.92 13.77
C ASN J 74 80.65 9.51 12.70
N SER J 75 79.78 10.42 13.14
CA SER J 75 78.84 11.07 12.24
C SER J 75 79.36 12.38 11.66
N ASP J 76 80.32 13.02 12.32
CA ASP J 76 80.82 14.30 11.85
C ASP J 76 81.57 14.15 10.53
N MET J 77 81.37 15.12 9.64
CA MET J 77 82.10 15.21 8.38
C MET J 77 82.77 16.57 8.31
N TYR J 78 83.54 16.78 7.25
CA TYR J 78 84.31 18.02 7.09
C TYR J 78 84.08 18.62 5.71
N LEU J 79 84.12 19.94 5.65
CA LEU J 79 83.92 20.69 4.42
C LEU J 79 85.19 21.48 4.12
N VAL J 80 85.73 21.30 2.92
CA VAL J 80 86.92 22.00 2.47
C VAL J 80 86.54 22.84 1.26
N PRO J 81 86.63 24.16 1.33
CA PRO J 81 86.23 24.99 0.18
C PRO J 81 87.06 24.69 -1.05
N ALA J 82 86.41 24.73 -2.21
CA ALA J 82 87.06 24.45 -3.49
C ALA J 82 86.93 25.60 -4.48
N ALA J 83 85.78 26.26 -4.54
CA ALA J 83 85.57 27.37 -5.46
C ALA J 83 84.75 28.45 -4.77
N MET J 84 84.91 29.68 -5.22
CA MET J 84 84.22 30.82 -4.67
C MET J 84 83.51 31.58 -5.78
N PHE J 85 82.32 32.09 -5.47
CA PHE J 85 81.52 32.84 -6.43
C PHE J 85 80.78 33.96 -5.71
N ARG J 86 80.42 34.98 -6.46
CA ARG J 86 79.61 36.06 -5.91
C ARG J 86 78.20 35.58 -5.64
N ASP J 87 77.61 36.08 -4.55
CA ASP J 87 76.26 35.69 -4.18
C ASP J 87 75.25 36.54 -4.94
N PRO J 88 74.40 35.94 -5.79
CA PRO J 88 73.38 36.75 -6.49
C PRO J 88 72.14 37.01 -5.65
N PHE J 89 71.88 36.18 -4.64
CA PHE J 89 70.69 36.34 -3.82
C PHE J 89 70.88 37.32 -2.68
N ARG J 90 72.12 37.61 -2.31
CA ARG J 90 72.42 38.59 -1.27
C ARG J 90 73.32 39.71 -1.76
N LYS J 91 73.79 39.66 -3.00
CA LYS J 91 74.63 40.69 -3.62
C LYS J 91 75.98 40.81 -2.92
N ASP J 92 76.84 41.67 -3.45
CA ASP J 92 78.18 41.83 -2.90
C ASP J 92 78.10 42.45 -1.51
N PRO J 93 79.07 42.16 -0.64
CA PRO J 93 80.26 41.32 -0.84
C PRO J 93 80.07 39.88 -0.40
N ASN J 94 78.83 39.40 -0.27
CA ASN J 94 78.59 38.04 0.15
C ASN J 94 79.00 37.05 -0.95
N LYS J 95 79.33 35.83 -0.53
CA LYS J 95 79.92 34.85 -1.41
C LYS J 95 79.21 33.51 -1.31
N LEU J 96 79.31 32.73 -2.38
CA LEU J 96 78.94 31.32 -2.38
C LEU J 96 80.20 30.48 -2.58
N VAL J 97 80.33 29.42 -1.77
CA VAL J 97 81.50 28.56 -1.83
C VAL J 97 81.03 27.12 -2.05
N LEU J 98 81.73 26.40 -2.91
CA LEU J 98 81.49 24.99 -3.15
C LEU J 98 82.58 24.18 -2.47
N CYS J 99 82.20 23.21 -1.65
CA CYS J 99 83.13 22.51 -0.79
C CYS J 99 83.13 21.02 -1.08
N GLU J 100 84.26 20.39 -0.77
CA GLU J 100 84.42 18.95 -0.83
C GLU J 100 84.14 18.33 0.54
N VAL J 101 83.68 17.09 0.53
CA VAL J 101 83.27 16.38 1.74
C VAL J 101 84.31 15.33 2.06
N PHE J 102 84.79 15.32 3.30
CA PHE J 102 85.75 14.34 3.78
C PHE J 102 85.21 13.68 5.04
N LYS J 103 85.55 12.40 5.22
CA LYS J 103 85.12 11.65 6.39
C LYS J 103 85.90 12.12 7.62
N TYR J 104 85.59 11.50 8.76
CA TYR J 104 86.29 11.86 9.99
C TYR J 104 87.77 11.51 9.93
N ASN J 105 88.13 10.49 9.16
CA ASN J 105 89.52 10.10 8.97
C ASN J 105 90.16 10.79 7.77
N ARG J 106 89.60 11.91 7.32
CA ARG J 106 90.13 12.71 6.22
C ARG J 106 90.19 11.93 4.90
N ARG J 107 89.31 10.96 4.72
CA ARG J 107 89.22 10.34 3.42
C ARG J 107 88.01 10.86 2.66
N PRO J 108 88.09 10.93 1.32
CA PRO J 108 86.95 11.40 0.54
C PRO J 108 85.73 10.51 0.75
N ALA J 109 84.56 11.15 0.75
CA ALA J 109 83.32 10.41 0.90
C ALA J 109 83.00 9.63 -0.36
N GLU J 110 81.97 8.78 -0.27
CA GLU J 110 81.57 7.96 -1.40
C GLU J 110 81.10 8.83 -2.57
N THR J 111 80.38 9.91 -2.28
CA THR J 111 79.86 10.80 -3.31
C THR J 111 80.86 11.88 -3.72
N ASN J 112 82.05 11.91 -3.11
CA ASN J 112 83.06 12.91 -3.42
C ASN J 112 83.84 12.43 -4.63
N LEU J 113 83.31 12.71 -5.82
CA LEU J 113 83.98 12.33 -7.06
C LEU J 113 84.92 13.41 -7.58
N ARG J 114 84.89 14.61 -7.01
CA ARG J 114 85.82 15.65 -7.44
C ARG J 114 87.25 15.33 -7.06
N HIS J 115 87.46 14.63 -5.95
CA HIS J 115 88.81 14.38 -5.47
C HIS J 115 89.62 13.57 -6.47
N THR J 116 89.05 12.48 -6.97
CA THR J 116 89.76 11.68 -7.97
C THR J 116 89.74 12.34 -9.35
N CYS J 117 88.65 13.04 -9.68
CA CYS J 117 88.55 13.72 -10.98
C CYS J 117 89.63 14.78 -11.15
N LYS J 118 90.03 15.43 -10.06
CA LYS J 118 91.03 16.49 -10.16
C LYS J 118 92.38 15.93 -10.55
N ARG J 119 92.75 14.76 -10.00
CA ARG J 119 94.04 14.15 -10.35
C ARG J 119 94.12 13.84 -11.84
N ILE J 120 93.06 13.26 -12.40
CA ILE J 120 93.11 12.80 -13.79
C ILE J 120 93.26 13.99 -14.74
N MET J 121 92.58 15.10 -14.45
CA MET J 121 92.66 16.26 -15.32
C MET J 121 94.00 16.98 -15.16
N ASP J 122 94.72 16.73 -14.07
CA ASP J 122 96.00 17.38 -13.86
C ASP J 122 97.11 16.76 -14.70
N MET J 123 96.91 15.54 -15.22
CA MET J 123 97.93 14.86 -16.00
C MET J 123 97.75 15.09 -17.50
N VAL J 124 96.73 15.83 -17.91
CA VAL J 124 96.50 16.14 -19.32
C VAL J 124 96.39 17.65 -19.48
N SER J 125 97.08 18.39 -18.60
CA SER J 125 96.96 19.84 -18.57
C SER J 125 97.46 20.47 -19.87
N ASN J 126 98.55 19.95 -20.43
CA ASN J 126 99.09 20.49 -21.67
C ASN J 126 98.11 20.33 -22.83
N GLN J 127 97.23 19.33 -22.78
CA GLN J 127 96.30 19.08 -23.88
C GLN J 127 95.09 20.01 -23.83
N HIS J 128 94.87 20.67 -22.71
CA HIS J 128 93.80 21.65 -22.49
C HIS J 128 92.43 21.15 -22.93
N PRO J 129 91.85 20.18 -22.22
CA PRO J 129 90.52 19.69 -22.59
C PRO J 129 89.45 20.74 -22.28
N TRP J 130 88.53 20.92 -23.22
CA TRP J 130 87.41 21.85 -23.06
C TRP J 130 86.11 21.06 -23.03
N PHE J 131 85.20 21.48 -22.16
CA PHE J 131 83.93 20.79 -21.96
C PHE J 131 82.77 21.77 -22.07
N GLY J 132 81.71 21.33 -22.73
CA GLY J 132 80.46 22.08 -22.77
C GLY J 132 79.27 21.16 -22.62
N MET J 133 78.47 21.38 -21.58
CA MET J 133 77.35 20.51 -21.25
C MET J 133 76.04 21.26 -21.39
N GLU J 134 75.08 20.66 -22.09
CA GLU J 134 73.75 21.21 -22.25
C GLU J 134 72.82 20.52 -21.26
N GLN J 135 72.42 21.23 -20.21
CA GLN J 135 71.65 20.66 -19.12
C GLN J 135 70.17 20.97 -19.33
N GLU J 136 69.34 19.93 -19.32
CA GLU J 136 67.90 20.07 -19.51
C GLU J 136 67.17 19.76 -18.22
N TYR J 137 66.02 20.39 -18.04
CA TYR J 137 65.24 20.25 -16.82
C TYR J 137 63.78 20.57 -17.11
N THR J 138 62.91 20.17 -16.19
CA THR J 138 61.48 20.41 -16.30
C THR J 138 60.98 21.09 -15.04
N LEU J 139 60.21 22.17 -15.23
CA LEU J 139 59.61 22.88 -14.11
C LEU J 139 58.32 22.18 -13.68
N MET J 140 58.21 21.92 -12.39
CA MET J 140 57.11 21.13 -11.85
C MET J 140 56.45 21.90 -10.72
N GLY J 141 55.14 21.71 -10.59
CA GLY J 141 54.42 22.27 -9.47
C GLY J 141 54.59 21.43 -8.22
N THR J 142 54.08 21.97 -7.10
CA THR J 142 54.19 21.24 -5.84
C THR J 142 53.28 20.01 -5.79
N ASP J 143 52.37 19.86 -6.74
CA ASP J 143 51.49 18.71 -6.80
C ASP J 143 52.07 17.55 -7.59
N GLY J 144 53.29 17.68 -8.10
CA GLY J 144 53.91 16.60 -8.84
C GLY J 144 53.60 16.56 -10.31
N HIS J 145 53.04 17.64 -10.87
CA HIS J 145 52.72 17.73 -12.28
C HIS J 145 53.48 18.88 -12.92
N PRO J 146 53.72 18.83 -14.23
CA PRO J 146 54.45 19.91 -14.89
C PRO J 146 53.77 21.25 -14.71
N PHE J 147 54.57 22.30 -14.57
CA PHE J 147 54.03 23.63 -14.31
C PHE J 147 53.30 24.16 -15.53
N GLY J 148 52.10 24.69 -15.31
CA GLY J 148 51.28 25.25 -16.36
C GLY J 148 50.44 24.26 -17.13
N TRP J 149 50.58 22.96 -16.86
CA TRP J 149 49.77 21.96 -17.53
C TRP J 149 48.34 22.00 -17.00
N PRO J 150 47.36 21.60 -17.82
CA PRO J 150 45.98 21.52 -17.34
C PRO J 150 45.84 20.51 -16.21
N SER J 151 44.93 20.81 -15.30
CA SER J 151 44.71 19.93 -14.15
C SER J 151 44.17 18.59 -14.60
N ASN J 152 44.91 17.52 -14.29
CA ASN J 152 44.54 16.16 -14.66
C ASN J 152 44.34 16.02 -16.17
N GLY J 153 45.17 16.71 -16.93
CA GLY J 153 45.06 16.69 -18.36
C GLY J 153 46.40 16.94 -19.03
N PHE J 154 46.34 17.09 -20.35
CA PHE J 154 47.54 17.29 -21.15
C PHE J 154 47.36 18.48 -22.08
N PRO J 155 48.46 19.15 -22.43
CA PRO J 155 48.38 20.19 -23.46
C PRO J 155 48.31 19.58 -24.86
N GLY J 156 48.37 20.42 -25.88
CA GLY J 156 48.30 19.95 -27.24
C GLY J 156 49.54 19.15 -27.62
N PRO J 157 49.49 18.49 -28.77
CA PRO J 157 50.62 17.67 -29.21
C PRO J 157 51.86 18.51 -29.48
N GLN J 158 53.01 17.86 -29.42
CA GLN J 158 54.28 18.54 -29.54
C GLN J 158 54.46 19.14 -30.94
N GLY J 159 55.38 20.09 -31.04
CA GLY J 159 55.67 20.74 -32.28
C GLY J 159 55.73 22.26 -32.25
N PRO J 160 54.81 22.91 -31.53
CA PRO J 160 54.89 24.37 -31.39
C PRO J 160 55.64 24.87 -30.17
N TYR J 161 56.08 23.98 -29.27
CA TYR J 161 56.69 24.44 -28.03
C TYR J 161 58.19 24.63 -28.15
N TYR J 162 58.84 23.97 -29.10
CA TYR J 162 60.29 24.06 -29.22
C TYR J 162 60.70 25.47 -29.62
N CYS J 163 61.45 26.14 -28.73
CA CYS J 163 61.89 27.52 -28.94
C CYS J 163 60.71 28.44 -29.22
N GLY J 164 59.58 28.20 -28.57
CA GLY J 164 58.38 28.97 -28.84
C GLY J 164 58.31 30.26 -28.07
N VAL J 165 57.40 31.12 -28.50
CA VAL J 165 57.14 32.40 -27.84
C VAL J 165 55.63 32.61 -27.79
N GLY J 166 55.14 33.06 -26.64
CA GLY J 166 53.72 33.27 -26.46
C GLY J 166 53.21 32.66 -25.18
N ALA J 167 52.03 33.10 -24.73
CA ALA J 167 51.48 32.61 -23.47
C ALA J 167 51.08 31.14 -23.56
N ASP J 168 50.81 30.64 -24.76
CA ASP J 168 50.38 29.27 -24.96
C ASP J 168 51.49 28.35 -25.45
N ARG J 169 52.73 28.83 -25.50
CA ARG J 169 53.81 28.03 -26.05
C ARG J 169 54.99 27.90 -25.09
N ALA J 170 55.24 28.93 -24.29
CA ALA J 170 56.33 28.92 -23.33
C ALA J 170 55.77 29.06 -21.92
N TYR J 171 56.16 28.13 -21.04
CA TYR J 171 55.67 28.10 -19.67
C TYR J 171 56.81 28.45 -18.73
N GLY J 172 56.61 29.46 -17.89
CA GLY J 172 57.58 29.80 -16.87
C GLY J 172 58.87 30.39 -17.37
N ARG J 173 58.80 31.32 -18.32
CA ARG J 173 60.01 32.00 -18.77
C ARG J 173 60.59 32.92 -17.70
N ASP J 174 59.79 33.30 -16.70
CA ASP J 174 60.29 34.18 -15.64
C ASP J 174 61.43 33.54 -14.88
N ILE J 175 61.30 32.23 -14.59
CA ILE J 175 62.37 31.51 -13.90
C ILE J 175 63.62 31.48 -14.77
N VAL J 176 63.47 31.23 -16.07
CA VAL J 176 64.62 31.11 -16.95
C VAL J 176 65.38 32.42 -17.02
N GLU J 177 64.68 33.54 -17.18
CA GLU J 177 65.35 34.84 -17.27
C GLU J 177 66.05 35.19 -15.97
N ALA J 178 65.42 34.91 -14.83
CA ALA J 178 66.05 35.21 -13.55
C ALA J 178 67.29 34.36 -13.33
N HIS J 179 67.21 33.07 -13.69
CA HIS J 179 68.37 32.19 -13.52
C HIS J 179 69.52 32.62 -14.42
N TYR J 180 69.20 33.02 -15.66
CA TYR J 180 70.24 33.47 -16.58
C TYR J 180 70.99 34.68 -16.04
N ARG J 181 70.24 35.66 -15.52
CA ARG J 181 70.87 36.87 -14.99
C ARG J 181 71.65 36.58 -13.72
N ALA J 182 71.13 35.70 -12.87
CA ALA J 182 71.83 35.37 -11.63
C ALA J 182 73.14 34.66 -11.90
N CYS J 183 73.17 33.74 -12.87
CA CYS J 183 74.39 33.03 -13.20
C CYS J 183 75.46 33.97 -13.75
N LEU J 184 75.04 34.93 -14.58
CA LEU J 184 76.00 35.90 -15.12
C LEU J 184 76.61 36.74 -14.00
N TYR J 185 75.78 37.17 -13.04
CA TYR J 185 76.29 37.97 -11.93
C TYR J 185 77.25 37.18 -11.07
N ALA J 186 76.92 35.91 -10.78
CA ALA J 186 77.75 35.10 -9.90
C ALA J 186 79.10 34.74 -10.53
N GLY J 187 79.19 34.74 -11.85
CA GLY J 187 80.41 34.37 -12.53
C GLY J 187 80.40 33.02 -13.20
N VAL J 188 79.24 32.35 -13.24
CA VAL J 188 79.14 31.06 -13.92
C VAL J 188 79.19 31.28 -15.42
N LYS J 189 79.98 30.47 -16.12
CA LYS J 189 80.15 30.60 -17.57
C LYS J 189 78.96 29.95 -18.27
N ILE J 190 77.87 30.69 -18.34
CA ILE J 190 76.65 30.25 -19.01
C ILE J 190 76.67 30.74 -20.44
N ALA J 191 76.31 29.86 -21.38
CA ALA J 191 76.43 30.16 -22.80
C ALA J 191 75.11 30.53 -23.47
N GLY J 192 73.98 29.98 -23.03
CA GLY J 192 72.72 30.30 -23.64
C GLY J 192 71.62 29.40 -23.14
N THR J 193 70.40 29.71 -23.57
CA THR J 193 69.21 28.98 -23.15
C THR J 193 68.27 28.84 -24.34
N ASN J 194 67.38 27.86 -24.24
CA ASN J 194 66.33 27.67 -25.25
C ASN J 194 65.21 26.85 -24.64
N ALA J 195 64.03 26.96 -25.23
CA ALA J 195 62.90 26.14 -24.83
C ALA J 195 62.95 24.80 -25.54
N GLU J 196 62.46 23.76 -24.86
CA GLU J 196 62.56 22.40 -25.36
C GLU J 196 61.27 21.96 -26.04
N VAL J 197 61.24 20.68 -26.43
CA VAL J 197 60.15 20.18 -27.26
C VAL J 197 58.85 20.14 -26.47
N MET J 198 58.87 19.62 -25.26
CA MET J 198 57.61 19.58 -24.52
C MET J 198 57.49 20.85 -23.66
N PRO J 199 56.25 21.28 -23.38
CA PRO J 199 56.08 22.51 -22.60
C PRO J 199 56.60 22.36 -21.18
N ALA J 200 57.02 23.50 -20.61
CA ALA J 200 57.60 23.58 -19.27
C ALA J 200 58.95 22.90 -19.16
N GLN J 201 59.60 22.62 -20.28
CA GLN J 201 60.93 22.03 -20.31
C GLN J 201 61.89 23.02 -20.96
N TRP J 202 63.04 23.23 -20.31
CA TRP J 202 64.01 24.21 -20.77
C TRP J 202 65.40 23.59 -20.73
N GLU J 203 66.39 24.36 -21.20
CA GLU J 203 67.77 23.90 -21.26
C GLU J 203 68.70 25.10 -21.23
N PHE J 204 69.80 24.97 -20.50
CA PHE J 204 70.86 25.98 -20.50
C PHE J 204 72.19 25.29 -20.74
N GLN J 205 73.12 26.02 -21.33
CA GLN J 205 74.42 25.50 -21.73
C GLN J 205 75.52 26.18 -20.93
N ILE J 206 76.44 25.38 -20.40
CA ILE J 206 77.58 25.86 -19.63
C ILE J 206 78.85 25.48 -20.36
N GLY J 207 79.72 26.47 -20.57
CA GLY J 207 80.98 26.23 -21.24
C GLY J 207 81.34 27.32 -22.22
N PRO J 208 82.47 27.17 -22.92
CA PRO J 208 83.45 26.08 -22.81
C PRO J 208 84.34 26.24 -21.59
N CYS J 209 84.31 25.29 -20.66
CA CYS J 209 85.11 25.34 -19.45
C CYS J 209 86.27 24.36 -19.59
N GLU J 210 87.42 24.73 -19.04
CA GLU J 210 88.64 23.94 -19.18
C GLU J 210 88.91 23.18 -17.90
N GLY J 211 89.02 21.85 -18.02
CA GLY J 211 89.49 21.05 -16.90
C GLY J 211 88.46 20.89 -15.81
N ILE J 212 88.93 20.93 -14.56
CA ILE J 212 88.08 20.67 -13.41
C ILE J 212 87.05 21.79 -13.22
N SER J 213 87.28 22.94 -13.86
CA SER J 213 86.38 24.08 -13.67
C SER J 213 84.98 23.78 -14.17
N MET J 214 84.85 22.88 -15.15
CA MET J 214 83.53 22.57 -15.69
C MET J 214 82.63 21.91 -14.65
N GLY J 215 83.19 20.98 -13.88
CA GLY J 215 82.41 20.34 -12.83
C GLY J 215 81.96 21.31 -11.75
N ASP J 216 82.81 22.29 -11.43
CA ASP J 216 82.44 23.28 -10.43
C ASP J 216 81.32 24.18 -10.93
N HIS J 217 81.41 24.66 -12.16
CA HIS J 217 80.42 25.57 -12.71
C HIS J 217 79.05 24.93 -12.85
N LEU J 218 78.98 23.68 -13.31
CA LEU J 218 77.69 23.02 -13.49
C LEU J 218 76.98 22.83 -12.15
N TRP J 219 77.73 22.40 -11.13
CA TRP J 219 77.11 22.15 -9.82
C TRP J 219 76.58 23.44 -9.22
N VAL J 220 77.34 24.53 -9.34
CA VAL J 220 76.88 25.82 -8.82
C VAL J 220 75.66 26.29 -9.59
N ALA J 221 75.66 26.09 -10.91
CA ALA J 221 74.50 26.48 -11.72
C ALA J 221 73.25 25.71 -11.32
N ARG J 222 73.39 24.43 -10.98
CA ARG J 222 72.25 23.66 -10.50
C ARG J 222 71.72 24.22 -9.18
N PHE J 223 72.63 24.60 -8.28
CA PHE J 223 72.22 25.15 -7.00
C PHE J 223 71.45 26.46 -7.17
N ILE J 224 71.93 27.32 -8.07
CA ILE J 224 71.27 28.60 -8.31
C ILE J 224 69.88 28.37 -8.87
N LEU J 225 69.74 27.39 -9.76
CA LEU J 225 68.44 27.08 -10.33
C LEU J 225 67.46 26.62 -9.26
N HIS J 226 67.91 25.77 -8.35
CA HIS J 226 67.06 25.31 -7.26
C HIS J 226 66.67 26.47 -6.36
N ARG J 227 67.62 27.34 -6.03
CA ARG J 227 67.35 28.47 -5.16
C ARG J 227 66.41 29.48 -5.81
N VAL J 228 66.59 29.74 -7.11
CA VAL J 228 65.71 30.66 -7.82
C VAL J 228 64.30 30.10 -7.88
N CYS J 229 64.16 28.81 -8.21
CA CYS J 229 62.84 28.20 -8.29
C CYS J 229 62.15 28.20 -6.93
N GLU J 230 62.93 28.16 -5.85
CA GLU J 230 62.34 28.22 -4.51
C GLU J 230 61.65 29.55 -4.26
N ASP J 231 62.20 30.64 -4.80
CA ASP J 231 61.57 31.95 -4.64
C ASP J 231 60.21 31.99 -5.31
N PHE J 232 60.09 31.41 -6.51
CA PHE J 232 58.84 31.40 -7.23
C PHE J 232 57.88 30.32 -6.73
N GLY J 233 58.36 29.37 -5.93
CA GLY J 233 57.49 28.33 -5.42
C GLY J 233 57.30 27.13 -6.32
N VAL J 234 58.21 26.90 -7.26
CA VAL J 234 58.13 25.77 -8.16
C VAL J 234 59.33 24.87 -7.92
N ILE J 235 59.29 23.67 -8.49
CA ILE J 235 60.31 22.64 -8.31
C ILE J 235 60.97 22.36 -9.65
N ALA J 236 62.29 22.37 -9.67
CA ALA J 236 63.07 22.01 -10.85
C ALA J 236 63.58 20.59 -10.67
N THR J 237 63.28 19.72 -11.65
CA THR J 237 63.65 18.31 -11.58
C THR J 237 64.57 17.97 -12.73
N PHE J 238 65.45 16.99 -12.49
CA PHE J 238 66.41 16.52 -13.48
C PHE J 238 66.15 15.08 -13.90
N ASP J 239 64.92 14.60 -13.71
CA ASP J 239 64.59 13.23 -14.09
C ASP J 239 64.69 13.07 -15.60
N PRO J 240 65.32 12.00 -16.09
CA PRO J 240 65.44 11.82 -17.55
C PRO J 240 64.11 11.70 -18.26
N LYS J 241 63.11 11.05 -17.65
CA LYS J 241 61.79 10.88 -18.27
C LYS J 241 60.72 11.23 -17.24
N PRO J 242 60.50 12.53 -17.01
CA PRO J 242 59.48 12.92 -16.02
C PRO J 242 58.07 12.47 -16.38
N ILE J 243 57.70 12.45 -17.66
CA ILE J 243 56.36 12.14 -18.10
C ILE J 243 56.43 10.96 -19.08
N PRO J 244 55.78 9.84 -18.80
CA PRO J 244 55.78 8.72 -19.75
C PRO J 244 54.89 9.02 -20.94
N GLY J 245 55.18 8.35 -22.05
CA GLY J 245 54.36 8.47 -23.24
C GLY J 245 55.05 9.18 -24.39
N ASN J 246 54.27 9.86 -25.22
CA ASN J 246 54.81 10.58 -26.38
C ASN J 246 55.24 11.99 -25.99
N TRP J 247 56.09 12.06 -24.97
CA TRP J 247 56.63 13.31 -24.49
C TRP J 247 58.14 13.20 -24.38
N ASN J 248 58.83 14.28 -24.74
CA ASN J 248 60.29 14.26 -24.85
C ASN J 248 60.93 14.06 -23.48
N GLY J 249 62.10 13.41 -23.48
CA GLY J 249 62.87 13.21 -22.28
C GLY J 249 63.90 14.30 -22.07
N ALA J 250 64.70 14.11 -21.02
CA ALA J 250 65.72 15.09 -20.63
C ALA J 250 67.08 14.42 -20.56
N GLY J 251 68.09 15.05 -21.18
CA GLY J 251 69.44 14.55 -21.16
C GLY J 251 70.43 15.68 -21.03
N CYS J 252 71.69 15.30 -20.80
CA CYS J 252 72.79 16.26 -20.62
C CYS J 252 73.85 15.97 -21.68
N HIS J 253 73.71 16.59 -22.85
CA HIS J 253 74.70 16.43 -23.90
C HIS J 253 76.01 17.08 -23.50
N THR J 254 77.12 16.42 -23.82
CA THR J 254 78.45 16.89 -23.45
C THR J 254 79.27 17.12 -24.71
N ASN J 255 79.85 18.31 -24.82
CA ASN J 255 80.72 18.66 -25.93
C ASN J 255 82.16 18.67 -25.45
N PHE J 256 83.03 17.98 -26.19
CA PHE J 256 84.40 17.76 -25.76
C PHE J 256 85.36 18.10 -26.90
N SER J 257 86.46 18.75 -26.54
CA SER J 257 87.53 19.01 -27.50
C SER J 257 88.83 19.25 -26.74
N THR J 258 89.94 19.02 -27.43
CA THR J 258 91.28 19.29 -26.93
C THR J 258 91.97 20.29 -27.85
N LYS J 259 93.26 20.52 -27.58
CA LYS J 259 93.99 21.53 -28.34
C LYS J 259 94.14 21.15 -29.81
N ALA J 260 94.41 19.87 -30.09
CA ALA J 260 94.69 19.45 -31.46
C ALA J 260 93.44 19.43 -32.32
N MET J 261 92.31 18.99 -31.75
CA MET J 261 91.06 19.04 -32.49
C MET J 261 90.67 20.47 -32.82
N ARG J 262 91.12 21.43 -31.99
CA ARG J 262 90.87 22.83 -32.22
C ARG J 262 91.84 23.45 -33.22
N GLU J 263 92.96 22.79 -33.51
CA GLU J 263 93.93 23.30 -34.47
C GLU J 263 93.49 22.89 -35.87
N GLU J 264 94.33 23.21 -36.86
CA GLU J 264 93.99 22.91 -38.25
C GLU J 264 93.96 21.40 -38.47
N ASN J 265 93.15 20.99 -39.44
CA ASN J 265 92.96 19.59 -39.84
C ASN J 265 92.76 18.65 -38.65
N GLY J 266 92.22 19.19 -37.56
CA GLY J 266 91.97 18.42 -36.36
C GLY J 266 90.82 17.46 -36.44
N LEU J 267 90.10 17.44 -37.57
CA LEU J 267 89.00 16.49 -37.75
C LEU J 267 89.51 15.06 -37.66
N LYS J 268 90.75 14.81 -38.08
CA LYS J 268 91.33 13.48 -37.94
C LYS J 268 91.47 13.10 -36.47
N TYR J 269 91.87 14.05 -35.61
CA TYR J 269 92.00 13.78 -34.19
C TYR J 269 90.65 13.56 -33.51
N ILE J 270 89.57 14.08 -34.09
CA ILE J 270 88.24 13.82 -33.55
C ILE J 270 87.84 12.37 -33.80
N GLU J 271 88.17 11.86 -34.99
CA GLU J 271 87.74 10.52 -35.37
C GLU J 271 88.40 9.44 -34.52
N GLU J 272 89.69 9.63 -34.19
CA GLU J 272 90.40 8.62 -33.42
C GLU J 272 89.82 8.49 -32.01
N ALA J 273 89.30 9.59 -31.46
CA ALA J 273 88.64 9.53 -30.16
C ALA J 273 87.30 8.81 -30.26
N ILE J 274 86.57 9.04 -31.36
CA ILE J 274 85.25 8.45 -31.53
C ILE J 274 85.35 6.94 -31.63
N GLU J 275 86.31 6.45 -32.42
CA GLU J 275 86.44 5.01 -32.60
C GLU J 275 86.91 4.34 -31.31
N LYS J 276 87.71 5.05 -30.51
CA LYS J 276 88.05 4.53 -29.19
C LYS J 276 86.83 4.43 -28.30
N LEU J 277 85.93 5.42 -28.38
CA LEU J 277 84.70 5.38 -27.60
C LEU J 277 83.78 4.24 -28.03
N SER J 278 83.94 3.74 -29.26
CA SER J 278 83.12 2.63 -29.71
C SER J 278 83.39 1.36 -28.92
N LYS J 279 84.61 1.21 -28.40
CA LYS J 279 84.99 -0.02 -27.70
C LYS J 279 84.39 -0.09 -26.30
N ARG J 280 84.10 1.06 -25.68
CA ARG J 280 83.68 1.08 -24.29
C ARG J 280 82.29 1.69 -24.15
N HIS J 281 81.34 1.28 -25.01
CA HIS J 281 80.00 1.83 -24.94
C HIS J 281 79.32 1.51 -23.61
N GLN J 282 79.44 0.26 -23.15
CA GLN J 282 78.77 -0.13 -21.92
C GLN J 282 79.44 0.48 -20.70
N TYR J 283 80.76 0.70 -20.77
CA TYR J 283 81.46 1.32 -19.65
C TYR J 283 81.01 2.75 -19.42
N HIS J 284 80.84 3.51 -20.50
CA HIS J 284 80.43 4.91 -20.36
C HIS J 284 78.97 5.02 -19.97
N ILE J 285 78.14 4.09 -20.43
CA ILE J 285 76.71 4.11 -20.06
C ILE J 285 76.56 3.98 -18.55
N ARG J 286 77.37 3.12 -17.94
CA ARG J 286 77.31 2.95 -16.49
C ARG J 286 77.75 4.20 -15.74
N ALA J 287 78.73 4.93 -16.26
CA ALA J 287 79.23 6.12 -15.58
C ALA J 287 78.47 7.38 -15.94
N TYR J 288 77.53 7.32 -16.88
CA TYR J 288 76.73 8.47 -17.28
C TYR J 288 75.45 8.58 -16.47
N ASP J 289 75.23 7.68 -15.51
CA ASP J 289 74.00 7.64 -14.73
C ASP J 289 74.37 7.36 -13.28
N PRO J 290 73.90 8.16 -12.33
CA PRO J 290 74.17 7.86 -10.91
C PRO J 290 73.60 6.54 -10.46
N LYS J 291 72.58 6.01 -11.15
CA LYS J 291 71.98 4.72 -10.81
C LYS J 291 72.56 3.59 -11.66
N GLY J 292 73.56 3.86 -12.49
CA GLY J 292 74.19 2.84 -13.29
C GLY J 292 73.60 2.63 -14.67
N GLY J 293 72.49 3.30 -14.98
CA GLY J 293 71.90 3.17 -16.31
C GLY J 293 70.41 2.90 -16.27
N LEU J 294 69.87 2.62 -15.09
CA LEU J 294 68.43 2.35 -14.98
C LEU J 294 67.62 3.59 -15.33
N ASP J 295 68.03 4.77 -14.86
CA ASP J 295 67.30 5.99 -15.16
C ASP J 295 67.34 6.30 -16.65
N ASN J 296 68.51 6.15 -17.27
CA ASN J 296 68.65 6.45 -18.70
C ASN J 296 67.98 5.42 -19.60
N ALA J 297 67.56 4.28 -19.05
CA ALA J 297 66.88 3.27 -19.86
C ALA J 297 65.50 3.75 -20.32
N ARG J 298 64.84 4.58 -19.52
CA ARG J 298 63.52 5.08 -19.87
C ARG J 298 63.56 6.22 -20.88
N ARG J 299 64.75 6.78 -21.14
CA ARG J 299 64.90 7.90 -22.07
C ARG J 299 65.37 7.44 -23.44
N LEU J 300 66.44 6.64 -23.48
CA LEU J 300 66.99 6.17 -24.74
C LEU J 300 66.23 4.93 -25.24
N THR J 301 65.22 5.16 -26.08
CA THR J 301 64.41 4.07 -26.62
C THR J 301 64.43 4.00 -28.14
N GLY J 302 65.19 4.87 -28.81
CA GLY J 302 65.25 4.88 -30.25
C GLY J 302 64.18 5.70 -30.93
N PHE J 303 63.26 6.30 -30.17
CA PHE J 303 62.20 7.13 -30.72
C PHE J 303 62.39 8.58 -30.27
N HIS J 304 61.64 9.47 -30.92
CA HIS J 304 61.72 10.91 -30.64
C HIS J 304 63.14 11.44 -30.83
N GLU J 305 63.76 11.05 -31.95
CA GLU J 305 65.10 11.51 -32.32
C GLU J 305 66.12 11.17 -31.24
N THR J 306 66.08 9.93 -30.77
CA THR J 306 67.01 9.44 -29.76
C THR J 306 67.64 8.14 -30.22
N SER J 307 68.83 7.85 -29.69
CA SER J 307 69.54 6.63 -30.01
C SER J 307 69.17 5.52 -29.03
N ASN J 308 69.34 4.28 -29.47
CA ASN J 308 69.04 3.12 -28.64
C ASN J 308 70.06 2.98 -27.52
N ILE J 309 69.61 2.44 -26.40
CA ILE J 309 70.48 2.30 -25.23
C ILE J 309 71.58 1.26 -25.49
N ASN J 310 71.28 0.19 -26.19
CA ASN J 310 72.22 -0.90 -26.41
C ASN J 310 72.97 -0.80 -27.74
N ASP J 311 72.77 0.27 -28.50
CA ASP J 311 73.37 0.43 -29.82
C ASP J 311 74.26 1.65 -29.83
N PHE J 312 75.46 1.49 -30.38
CA PHE J 312 76.41 2.58 -30.52
C PHE J 312 76.46 3.01 -31.98
N SER J 313 76.47 4.31 -32.22
CA SER J 313 76.51 4.84 -33.57
C SER J 313 77.10 6.24 -33.54
N ALA J 314 77.56 6.69 -34.72
CA ALA J 314 78.12 8.03 -34.87
C ALA J 314 77.91 8.50 -36.29
N GLY J 315 77.99 9.81 -36.48
CA GLY J 315 77.82 10.37 -37.81
C GLY J 315 77.88 11.89 -37.75
N VAL J 316 78.02 12.48 -38.93
CA VAL J 316 78.08 13.93 -39.06
C VAL J 316 76.67 14.47 -39.21
N ALA J 317 76.30 15.42 -38.34
CA ALA J 317 74.98 16.05 -38.36
C ALA J 317 73.86 15.01 -38.23
N ASN J 318 74.13 13.97 -37.45
CA ASN J 318 73.15 12.92 -37.18
C ASN J 318 72.73 13.03 -35.72
N ARG J 319 71.52 13.55 -35.50
CA ARG J 319 71.02 13.76 -34.15
C ARG J 319 70.42 12.51 -33.53
N SER J 320 70.29 11.42 -34.30
CA SER J 320 69.79 10.15 -33.79
C SER J 320 70.90 9.20 -33.38
N ALA J 321 72.16 9.62 -33.47
CA ALA J 321 73.29 8.76 -33.15
C ALA J 321 73.80 9.04 -31.75
N SER J 322 74.62 8.11 -31.24
CA SER J 322 75.21 8.29 -29.92
C SER J 322 76.20 9.43 -29.89
N ILE J 323 76.98 9.60 -30.96
CA ILE J 323 77.95 10.68 -31.08
C ILE J 323 77.63 11.48 -32.33
N ARG J 324 77.59 12.80 -32.20
CA ARG J 324 77.28 13.69 -33.31
C ARG J 324 78.47 14.59 -33.58
N ILE J 325 78.86 14.68 -34.85
CA ILE J 325 79.88 15.62 -35.30
C ILE J 325 79.16 16.74 -36.04
N PRO J 326 79.31 17.99 -35.62
CA PRO J 326 78.60 19.09 -36.30
C PRO J 326 78.98 19.17 -37.77
N ARG J 327 77.99 19.51 -38.60
CA ARG J 327 78.24 19.65 -40.03
C ARG J 327 79.24 20.76 -40.30
N THR J 328 79.16 21.86 -39.55
CA THR J 328 80.13 22.93 -39.69
C THR J 328 81.53 22.45 -39.33
N VAL J 329 81.64 21.62 -38.29
CA VAL J 329 82.94 21.06 -37.92
C VAL J 329 83.50 20.20 -39.04
N GLY J 330 82.64 19.37 -39.65
CA GLY J 330 83.09 18.55 -40.76
C GLY J 330 83.53 19.37 -41.96
N GLN J 331 82.76 20.41 -42.31
CA GLN J 331 83.12 21.26 -43.43
C GLN J 331 84.34 22.13 -43.13
N GLU J 332 84.69 22.32 -41.86
CA GLU J 332 85.82 23.13 -41.49
C GLU J 332 87.03 22.31 -41.04
N LYS J 333 86.87 20.98 -40.95
CA LYS J 333 87.95 20.05 -40.65
C LYS J 333 88.56 20.25 -39.26
N LYS J 334 87.84 20.92 -38.37
CA LYS J 334 88.31 21.13 -37.01
C LYS J 334 87.13 21.49 -36.12
N GLY J 335 87.32 21.32 -34.81
CA GLY J 335 86.29 21.69 -33.86
C GLY J 335 86.16 20.73 -32.68
N TYR J 336 84.95 20.22 -32.46
CA TYR J 336 84.64 19.38 -31.31
C TYR J 336 83.64 18.32 -31.75
N PHE J 337 83.30 17.43 -30.81
CA PHE J 337 82.26 16.43 -31.03
C PHE J 337 81.38 16.36 -29.79
N GLU J 338 80.13 15.97 -30.01
CA GLU J 338 79.10 15.98 -28.97
C GLU J 338 78.72 14.56 -28.59
N ASP J 339 78.66 14.29 -27.29
CA ASP J 339 78.20 13.01 -26.76
C ASP J 339 76.78 13.19 -26.24
N ARG J 340 75.83 12.46 -26.83
CA ARG J 340 74.42 12.61 -26.53
C ARG J 340 73.91 11.56 -25.54
N ARG J 341 74.80 10.76 -24.96
CA ARG J 341 74.41 9.66 -24.09
C ARG J 341 74.05 10.08 -22.65
N PRO J 342 74.81 10.95 -21.98
CA PRO J 342 74.55 11.18 -20.55
C PRO J 342 73.16 11.73 -20.29
N SER J 343 72.58 11.31 -19.17
CA SER J 343 71.25 11.73 -18.77
C SER J 343 71.30 13.08 -18.05
N ALA J 344 70.11 13.64 -17.81
CA ALA J 344 70.02 14.96 -17.20
C ALA J 344 70.57 14.98 -15.77
N ASN J 345 70.35 13.91 -15.01
CA ASN J 345 70.79 13.83 -13.63
C ASN J 345 72.21 13.27 -13.48
N CYS J 346 73.03 13.38 -14.52
CA CYS J 346 74.40 12.87 -14.47
C CYS J 346 75.27 13.76 -13.59
N ASP J 347 76.34 13.17 -13.07
CA ASP J 347 77.33 13.89 -12.29
C ASP J 347 78.41 14.41 -13.21
N PRO J 348 78.65 15.73 -13.27
CA PRO J 348 79.67 16.24 -14.20
C PRO J 348 81.06 15.69 -13.96
N PHE J 349 81.42 15.45 -12.69
CA PHE J 349 82.76 14.92 -12.41
C PHE J 349 82.93 13.53 -12.98
N SER J 350 81.90 12.68 -12.86
CA SER J 350 81.98 11.34 -13.41
C SER J 350 82.07 11.37 -14.94
N VAL J 351 81.31 12.26 -15.57
CA VAL J 351 81.31 12.34 -17.04
C VAL J 351 82.68 12.76 -17.55
N THR J 352 83.31 13.74 -16.90
CA THR J 352 84.59 14.23 -17.36
C THR J 352 85.69 13.17 -17.21
N GLU J 353 85.59 12.34 -16.16
CA GLU J 353 86.60 11.30 -15.94
C GLU J 353 86.60 10.30 -17.09
N ALA J 354 85.43 9.80 -17.47
CA ALA J 354 85.36 8.75 -18.47
C ALA J 354 85.87 9.23 -19.82
N LEU J 355 85.52 10.47 -20.20
CA LEU J 355 85.97 11.00 -21.49
C LEU J 355 87.48 11.14 -21.52
N ILE J 356 88.08 11.61 -20.43
CA ILE J 356 89.53 11.80 -20.39
C ILE J 356 90.25 10.45 -20.41
N ARG J 357 89.74 9.48 -19.64
CA ARG J 357 90.41 8.19 -19.54
C ARG J 357 90.42 7.46 -20.87
N THR J 358 89.25 7.35 -21.51
CA THR J 358 89.14 6.56 -22.73
C THR J 358 89.78 7.24 -23.93
N CYS J 359 89.55 8.55 -24.09
CA CYS J 359 89.99 9.23 -25.30
C CYS J 359 91.41 9.78 -25.19
N LEU J 360 91.88 10.08 -23.99
CA LEU J 360 93.16 10.73 -23.80
C LEU J 360 94.22 9.85 -23.14
N LEU J 361 93.81 8.95 -22.26
CA LEU J 361 94.74 8.05 -21.58
C LEU J 361 94.74 6.65 -22.18
N ASN J 362 93.91 6.40 -23.20
CA ASN J 362 93.85 5.10 -23.87
C ASN J 362 93.62 3.95 -22.89
N GLU J 363 92.71 4.17 -21.95
CA GLU J 363 92.39 3.16 -20.96
C GLU J 363 91.44 2.12 -21.52
N THR J 364 91.64 0.87 -21.12
CA THR J 364 90.79 -0.24 -21.53
C THR J 364 90.36 -1.03 -20.31
N GLY J 365 89.25 -1.73 -20.45
CA GLY J 365 88.71 -2.57 -19.39
C GLY J 365 87.38 -2.03 -18.86
N ASP J 366 86.79 -2.82 -17.98
CA ASP J 366 85.52 -2.48 -17.36
C ASP J 366 85.66 -1.71 -16.05
N GLU J 367 86.88 -1.55 -15.54
CA GLU J 367 87.13 -0.83 -14.32
C GLU J 367 88.20 0.22 -14.53
N PRO J 368 88.15 1.33 -13.79
CA PRO J 368 89.16 2.38 -13.98
C PRO J 368 90.51 1.95 -13.47
N PHE J 369 91.55 2.59 -14.00
CA PHE J 369 92.92 2.27 -13.60
C PHE J 369 93.22 2.96 -12.28
N GLN J 370 93.54 2.16 -11.28
CA GLN J 370 93.47 2.63 -9.90
C GLN J 370 94.47 3.73 -9.58
N TYR J 371 95.61 3.77 -10.28
CA TYR J 371 96.69 4.69 -9.98
C TYR J 371 96.77 5.67 -11.13
N LYS J 372 97.84 6.48 -11.15
CA LYS J 372 98.04 7.42 -12.24
C LYS J 372 98.26 6.68 -13.55
N ASN J 373 97.86 7.30 -14.65
CA ASN J 373 98.03 6.71 -15.98
C ASN J 373 99.28 7.24 -16.67
N THR K 2 -31.98 -44.53 7.21
CA THR K 2 -32.15 -45.36 8.39
C THR K 2 -33.02 -46.56 8.08
N THR K 3 -34.15 -46.32 7.42
CA THR K 3 -35.03 -47.38 6.96
C THR K 3 -34.86 -47.59 5.47
N SER K 4 -35.17 -48.80 5.02
CA SER K 4 -34.94 -49.18 3.63
C SER K 4 -35.87 -48.41 2.70
N ALA K 5 -35.41 -48.23 1.46
CA ALA K 5 -36.21 -47.51 0.47
C ALA K 5 -37.48 -48.27 0.13
N SER K 6 -37.40 -49.60 0.03
CA SER K 6 -38.58 -50.40 -0.29
C SER K 6 -39.63 -50.33 0.80
N SER K 7 -39.26 -49.96 2.03
CA SER K 7 -40.23 -49.79 3.10
C SER K 7 -41.02 -48.50 2.98
N HIS K 8 -40.59 -47.56 2.15
CA HIS K 8 -41.31 -46.32 1.93
C HIS K 8 -42.36 -46.43 0.82
N LEU K 9 -42.47 -47.58 0.19
CA LEU K 9 -43.52 -47.79 -0.80
C LEU K 9 -44.89 -47.84 -0.12
N ASN K 10 -45.93 -47.54 -0.89
CA ASN K 10 -47.29 -47.52 -0.35
C ASN K 10 -47.73 -48.94 -0.03
N LYS K 11 -47.76 -49.28 1.25
CA LYS K 11 -48.17 -50.61 1.68
C LYS K 11 -49.66 -50.83 1.51
N GLY K 12 -50.46 -49.77 1.41
CA GLY K 12 -51.88 -49.93 1.15
C GLY K 12 -52.16 -50.54 -0.21
N ILE K 13 -51.33 -50.21 -1.21
CA ILE K 13 -51.50 -50.78 -2.54
C ILE K 13 -51.29 -52.28 -2.50
N LYS K 14 -50.28 -52.75 -1.77
CA LYS K 14 -50.02 -54.18 -1.66
C LYS K 14 -51.19 -54.91 -1.01
N GLN K 15 -51.81 -54.28 -0.01
CA GLN K 15 -52.91 -54.92 0.68
C GLN K 15 -54.11 -55.13 -0.24
N VAL K 16 -54.30 -54.23 -1.20
CA VAL K 16 -55.39 -54.37 -2.15
C VAL K 16 -55.19 -55.61 -3.00
N TYR K 17 -53.97 -55.80 -3.52
CA TYR K 17 -53.67 -56.99 -4.32
C TYR K 17 -53.71 -58.26 -3.47
N MET K 18 -53.20 -58.20 -2.24
CA MET K 18 -53.16 -59.36 -1.38
C MET K 18 -54.54 -59.86 -0.98
N SER K 19 -55.58 -59.04 -1.11
CA SER K 19 -56.93 -59.43 -0.73
C SER K 19 -57.70 -60.11 -1.86
N LEU K 20 -57.11 -60.21 -3.05
CA LEU K 20 -57.78 -60.91 -4.14
C LEU K 20 -57.91 -62.40 -3.81
N PRO K 21 -59.04 -63.02 -4.12
CA PRO K 21 -59.17 -64.46 -3.88
C PRO K 21 -58.11 -65.24 -4.65
N GLN K 22 -57.46 -66.17 -3.95
CA GLN K 22 -56.35 -66.90 -4.53
C GLN K 22 -56.81 -67.82 -5.66
N GLY K 23 -57.95 -68.47 -5.49
CA GLY K 23 -58.41 -69.43 -6.47
C GLY K 23 -58.26 -70.86 -5.99
N GLU K 24 -57.45 -71.66 -6.68
CA GLU K 24 -57.23 -73.05 -6.30
C GLU K 24 -55.76 -73.39 -6.08
N LYS K 25 -54.85 -72.72 -6.78
CA LYS K 25 -53.43 -73.03 -6.64
C LYS K 25 -52.93 -72.66 -5.25
N VAL K 26 -51.86 -73.34 -4.82
CA VAL K 26 -51.29 -73.15 -3.50
C VAL K 26 -49.81 -72.80 -3.66
N GLN K 27 -49.37 -71.77 -2.94
CA GLN K 27 -47.98 -71.35 -2.95
C GLN K 27 -47.22 -72.03 -1.82
N ALA K 28 -45.97 -72.39 -2.10
CA ALA K 28 -45.11 -73.02 -1.10
C ALA K 28 -43.74 -72.36 -1.16
N MET K 29 -43.21 -71.98 -0.01
CA MET K 29 -41.89 -71.36 0.08
C MET K 29 -40.90 -72.36 0.66
N TYR K 30 -39.76 -72.51 0.01
CA TYR K 30 -38.73 -73.44 0.45
C TYR K 30 -37.60 -72.67 1.13
N ILE K 31 -37.21 -73.11 2.31
CA ILE K 31 -36.20 -72.43 3.13
C ILE K 31 -35.05 -73.38 3.41
N TRP K 32 -33.83 -72.88 3.26
CA TRP K 32 -32.65 -73.67 3.56
C TRP K 32 -31.52 -72.76 3.99
N ILE K 33 -30.49 -73.36 4.60
CA ILE K 33 -29.36 -72.62 5.16
C ILE K 33 -28.26 -72.54 4.11
N ASP K 34 -27.65 -71.36 3.99
CA ASP K 34 -26.62 -71.13 3.00
C ASP K 34 -25.28 -71.67 3.50
N GLY K 35 -24.21 -71.42 2.75
CA GLY K 35 -22.90 -71.96 3.07
C GLY K 35 -22.19 -71.29 4.22
N THR K 36 -22.68 -70.13 4.66
CA THR K 36 -22.09 -69.46 5.82
C THR K 36 -22.44 -70.16 7.12
N GLY K 37 -23.45 -71.03 7.12
CA GLY K 37 -23.88 -71.71 8.32
C GLY K 37 -24.79 -70.91 9.22
N GLU K 38 -25.09 -69.66 8.88
CA GLU K 38 -25.96 -68.84 9.71
C GLU K 38 -26.97 -68.01 8.91
N GLY K 39 -26.91 -68.00 7.58
CA GLY K 39 -27.88 -67.30 6.78
C GLY K 39 -28.94 -68.23 6.22
N LEU K 40 -29.96 -67.61 5.61
CA LEU K 40 -31.09 -68.34 5.07
C LEU K 40 -31.40 -67.87 3.65
N ARG K 41 -31.94 -68.79 2.84
CA ARG K 41 -32.35 -68.50 1.48
C ARG K 41 -33.74 -69.07 1.25
N CYS K 42 -34.47 -68.49 0.30
CA CYS K 42 -35.85 -68.90 0.07
C CYS K 42 -36.25 -68.66 -1.38
N LYS K 43 -37.22 -69.44 -1.84
CA LYS K 43 -37.84 -69.28 -3.15
C LYS K 43 -39.20 -69.95 -3.12
N THR K 44 -40.04 -69.57 -4.08
CA THR K 44 -41.45 -69.95 -4.09
C THR K 44 -41.78 -70.76 -5.34
N ARG K 45 -42.68 -71.73 -5.17
CA ARG K 45 -43.21 -72.52 -6.27
C ARG K 45 -44.71 -72.71 -6.08
N THR K 46 -45.38 -73.08 -7.17
CA THR K 46 -46.83 -73.23 -7.19
C THR K 46 -47.19 -74.71 -7.18
N LEU K 47 -48.15 -75.08 -6.32
CA LEU K 47 -48.63 -76.44 -6.21
C LEU K 47 -50.08 -76.50 -6.68
N ASP K 48 -50.47 -77.67 -7.20
CA ASP K 48 -51.81 -77.82 -7.75
C ASP K 48 -52.86 -78.04 -6.67
N SER K 49 -52.43 -78.37 -5.45
CA SER K 49 -53.37 -78.61 -4.36
C SER K 49 -52.62 -78.42 -3.03
N GLU K 50 -53.40 -78.25 -1.98
CA GLU K 50 -52.83 -78.06 -0.66
C GLU K 50 -52.32 -79.39 -0.12
N PRO K 51 -51.03 -79.52 0.18
CA PRO K 51 -50.54 -80.77 0.77
C PRO K 51 -51.05 -80.96 2.19
N LYS K 52 -51.23 -82.22 2.58
CA LYS K 52 -51.69 -82.55 3.91
C LYS K 52 -50.54 -82.76 4.89
N CYS K 53 -49.41 -83.29 4.43
CA CYS K 53 -48.27 -83.53 5.29
C CYS K 53 -47.00 -83.25 4.50
N VAL K 54 -45.90 -83.07 5.24
CA VAL K 54 -44.63 -82.73 4.63
C VAL K 54 -44.13 -83.83 3.69
N GLU K 55 -44.61 -85.07 3.87
CA GLU K 55 -44.17 -86.17 3.02
C GLU K 55 -44.69 -86.05 1.59
N GLU K 56 -45.69 -85.22 1.35
CA GLU K 56 -46.26 -85.07 0.02
C GLU K 56 -45.57 -84.00 -0.81
N LEU K 57 -44.65 -83.25 -0.23
CA LEU K 57 -44.00 -82.16 -0.97
C LEU K 57 -42.90 -82.71 -1.86
N PRO K 58 -42.89 -82.37 -3.15
CA PRO K 58 -41.84 -82.87 -4.04
C PRO K 58 -40.50 -82.23 -3.74
N GLU K 59 -39.44 -82.94 -4.14
CA GLU K 59 -38.09 -82.42 -4.00
C GLU K 59 -37.84 -81.31 -5.02
N TRP K 60 -36.75 -80.57 -4.81
CA TRP K 60 -36.42 -79.44 -5.65
C TRP K 60 -34.91 -79.29 -5.71
N ASN K 61 -34.45 -78.22 -6.34
CA ASN K 61 -33.03 -78.00 -6.55
C ASN K 61 -32.75 -76.51 -6.67
N PHE K 62 -31.49 -76.15 -6.50
CA PHE K 62 -31.06 -74.76 -6.65
C PHE K 62 -29.59 -74.75 -7.10
N ASP K 63 -29.10 -73.55 -7.38
CA ASP K 63 -27.73 -73.36 -7.84
C ASP K 63 -26.83 -73.15 -6.64
N GLY K 64 -25.93 -74.10 -6.39
CA GLY K 64 -25.00 -73.96 -5.29
C GLY K 64 -23.86 -73.00 -5.55
N SER K 65 -23.60 -72.68 -6.82
CA SER K 65 -22.54 -71.72 -7.13
C SER K 65 -22.87 -70.34 -6.58
N SER K 66 -24.12 -69.90 -6.72
CA SER K 66 -24.52 -68.61 -6.18
C SER K 66 -24.58 -68.59 -4.67
N THR K 67 -24.68 -69.76 -4.04
CA THR K 67 -24.73 -69.87 -2.59
C THR K 67 -23.38 -70.25 -1.98
N LEU K 68 -22.32 -70.30 -2.79
CA LEU K 68 -20.97 -70.63 -2.35
C LEU K 68 -20.94 -71.97 -1.61
N GLN K 69 -21.83 -72.87 -2.04
CA GLN K 69 -21.90 -74.22 -1.48
C GLN K 69 -21.42 -75.30 -2.43
N SER K 70 -20.92 -74.95 -3.62
CA SER K 70 -20.61 -75.95 -4.62
C SER K 70 -19.40 -75.50 -5.43
N GLU K 71 -18.83 -76.46 -6.16
CA GLU K 71 -17.70 -76.21 -7.05
C GLU K 71 -18.22 -75.64 -8.37
N GLY K 72 -17.34 -75.56 -9.36
CA GLY K 72 -17.71 -75.01 -10.65
C GLY K 72 -18.62 -75.91 -11.48
N SER K 73 -18.12 -77.08 -11.86
CA SER K 73 -18.88 -77.96 -12.75
C SER K 73 -20.12 -78.52 -12.05
N ASN K 74 -19.96 -79.06 -10.85
CA ASN K 74 -21.07 -79.66 -10.11
C ASN K 74 -21.67 -78.59 -9.19
N SER K 75 -22.48 -77.73 -9.79
CA SER K 75 -23.07 -76.61 -9.06
C SER K 75 -24.43 -76.93 -8.48
N ASP K 76 -25.17 -77.86 -9.09
CA ASP K 76 -26.52 -78.15 -8.65
C ASP K 76 -26.54 -78.78 -7.27
N MET K 77 -27.54 -78.41 -6.47
CA MET K 77 -27.78 -79.00 -5.17
C MET K 77 -29.23 -79.47 -5.12
N TYR K 78 -29.60 -80.11 -4.02
CA TYR K 78 -30.94 -80.66 -3.88
C TYR K 78 -31.55 -80.27 -2.54
N LEU K 79 -32.87 -80.09 -2.55
CA LEU K 79 -33.64 -79.72 -1.37
C LEU K 79 -34.63 -80.82 -1.06
N VAL K 80 -34.59 -81.33 0.17
CA VAL K 80 -35.50 -82.37 0.63
C VAL K 80 -36.34 -81.78 1.76
N PRO K 81 -37.67 -81.70 1.62
CA PRO K 81 -38.49 -81.11 2.67
C PRO K 81 -38.36 -81.88 3.99
N ALA K 82 -38.36 -81.14 5.08
CA ALA K 82 -38.24 -81.71 6.42
C ALA K 82 -39.40 -81.35 7.33
N ALA K 83 -39.87 -80.10 7.29
CA ALA K 83 -40.97 -79.66 8.12
C ALA K 83 -41.88 -78.73 7.34
N MET K 84 -43.14 -78.68 7.73
CA MET K 84 -44.15 -77.86 7.07
C MET K 84 -44.85 -76.98 8.10
N PHE K 85 -45.14 -75.74 7.71
CA PHE K 85 -45.80 -74.78 8.58
C PHE K 85 -46.75 -73.92 7.76
N ARG K 86 -47.75 -73.36 8.42
CA ARG K 86 -48.65 -72.44 7.77
C ARG K 86 -47.96 -71.11 7.51
N ASP K 87 -48.17 -70.55 6.32
CA ASP K 87 -47.53 -69.30 5.95
C ASP K 87 -48.31 -68.14 6.57
N PRO K 88 -47.67 -67.30 7.39
CA PRO K 88 -48.38 -66.16 7.97
C PRO K 88 -48.38 -64.94 7.08
N PHE K 89 -47.35 -64.79 6.24
CA PHE K 89 -47.21 -63.61 5.39
C PHE K 89 -48.23 -63.63 4.25
N ARG K 90 -48.38 -64.77 3.59
CA ARG K 90 -49.54 -65.03 2.73
C ARG K 90 -50.35 -66.13 3.38
N LYS K 91 -51.64 -65.89 3.58
CA LYS K 91 -52.43 -66.67 4.51
C LYS K 91 -52.71 -68.07 3.95
N ASP K 92 -53.58 -68.81 4.64
CA ASP K 92 -53.89 -70.17 4.25
C ASP K 92 -54.52 -70.19 2.86
N PRO K 93 -54.33 -71.27 2.10
CA PRO K 93 -53.65 -72.53 2.45
C PRO K 93 -52.17 -72.58 2.07
N ASN K 94 -51.49 -71.44 1.95
CA ASN K 94 -50.08 -71.45 1.60
C ASN K 94 -49.24 -71.98 2.76
N LYS K 95 -48.07 -72.51 2.42
CA LYS K 95 -47.24 -73.23 3.39
C LYS K 95 -45.81 -72.73 3.35
N LEU K 96 -45.12 -72.93 4.47
CA LEU K 96 -43.68 -72.75 4.58
C LEU K 96 -43.01 -74.10 4.76
N VAL K 97 -41.95 -74.36 4.01
CA VAL K 97 -41.27 -75.65 4.01
C VAL K 97 -39.81 -75.44 4.36
N LEU K 98 -39.35 -76.10 5.40
CA LEU K 98 -37.93 -76.13 5.74
C LEU K 98 -37.30 -77.39 5.17
N CYS K 99 -36.20 -77.23 4.46
CA CYS K 99 -35.61 -78.31 3.68
C CYS K 99 -34.16 -78.54 4.07
N GLU K 100 -33.71 -79.77 3.81
CA GLU K 100 -32.32 -80.16 3.99
C GLU K 100 -31.58 -80.06 2.65
N VAL K 101 -30.29 -79.78 2.71
CA VAL K 101 -29.47 -79.57 1.53
C VAL K 101 -28.59 -80.79 1.33
N PHE K 102 -28.59 -81.34 0.12
CA PHE K 102 -27.76 -82.47 -0.24
C PHE K 102 -26.95 -82.13 -1.48
N LYS K 103 -25.74 -82.69 -1.56
CA LYS K 103 -24.86 -82.46 -2.68
C LYS K 103 -25.37 -83.22 -3.91
N TYR K 104 -24.66 -83.06 -5.03
CA TYR K 104 -25.05 -83.74 -6.25
C TYR K 104 -24.94 -85.26 -6.11
N ASN K 105 -24.03 -85.74 -5.26
CA ASN K 105 -23.88 -87.16 -5.00
C ASN K 105 -24.73 -87.63 -3.82
N ARG K 106 -25.78 -86.88 -3.48
CA ARG K 106 -26.70 -87.24 -2.41
C ARG K 106 -26.00 -87.36 -1.06
N ARG K 107 -24.98 -86.55 -0.84
CA ARG K 107 -24.38 -86.50 0.48
C ARG K 107 -24.72 -85.18 1.16
N PRO K 108 -24.85 -85.18 2.49
CA PRO K 108 -25.17 -83.93 3.18
C PRO K 108 -24.08 -82.88 2.98
N ALA K 109 -24.50 -81.63 2.89
CA ALA K 109 -23.57 -80.53 2.71
C ALA K 109 -22.82 -80.25 4.01
N GLU K 110 -21.82 -79.38 3.91
CA GLU K 110 -21.01 -79.04 5.08
C GLU K 110 -21.86 -78.38 6.16
N THR K 111 -22.79 -77.52 5.76
CA THR K 111 -23.66 -76.82 6.69
C THR K 111 -24.90 -77.61 7.06
N ASN K 112 -25.09 -78.80 6.49
CA ASN K 112 -26.25 -79.64 6.79
C ASN K 112 -25.94 -80.45 8.04
N LEU K 113 -26.21 -79.84 9.19
CA LEU K 113 -25.98 -80.49 10.48
C LEU K 113 -27.23 -81.19 11.02
N ARG K 114 -28.35 -81.12 10.31
CA ARG K 114 -29.56 -81.80 10.77
C ARG K 114 -29.49 -83.31 10.57
N HIS K 115 -28.79 -83.76 9.53
CA HIS K 115 -28.74 -85.19 9.23
C HIS K 115 -28.12 -85.98 10.38
N THR K 116 -26.93 -85.56 10.82
CA THR K 116 -26.29 -86.26 11.93
C THR K 116 -27.03 -86.02 13.24
N CYS K 117 -27.59 -84.82 13.43
CA CYS K 117 -28.30 -84.52 14.66
C CYS K 117 -29.56 -85.36 14.81
N LYS K 118 -30.29 -85.58 13.71
CA LYS K 118 -31.52 -86.36 13.78
C LYS K 118 -31.23 -87.80 14.20
N ARG K 119 -30.15 -88.37 13.69
CA ARG K 119 -29.79 -89.74 14.04
C ARG K 119 -29.49 -89.88 15.53
N ILE K 120 -28.85 -88.86 16.12
CA ILE K 120 -28.46 -88.91 17.52
C ILE K 120 -29.69 -88.95 18.42
N MET K 121 -30.69 -88.11 18.14
CA MET K 121 -31.86 -88.03 19.02
C MET K 121 -32.69 -89.30 18.96
N ASP K 122 -32.68 -90.00 17.82
CA ASP K 122 -33.46 -91.22 17.70
C ASP K 122 -32.94 -92.31 18.61
N MET K 123 -31.67 -92.24 19.00
CA MET K 123 -31.08 -93.27 19.85
C MET K 123 -31.49 -93.08 21.31
N VAL K 124 -31.65 -91.84 21.75
CA VAL K 124 -32.05 -91.54 23.12
C VAL K 124 -33.51 -91.08 23.19
N SER K 125 -34.33 -91.49 22.22
CA SER K 125 -35.71 -91.03 22.12
C SER K 125 -36.54 -91.42 23.34
N ASN K 126 -36.23 -92.57 23.94
CA ASN K 126 -37.01 -93.05 25.08
C ASN K 126 -36.86 -92.16 26.31
N GLN K 127 -35.77 -91.40 26.42
CA GLN K 127 -35.60 -90.48 27.53
C GLN K 127 -36.39 -89.19 27.36
N HIS K 128 -36.87 -88.90 26.16
CA HIS K 128 -37.66 -87.71 25.88
C HIS K 128 -36.95 -86.43 26.31
N PRO K 129 -35.86 -86.05 25.64
CA PRO K 129 -35.18 -84.80 26.00
C PRO K 129 -35.99 -83.59 25.54
N TRP K 130 -36.06 -82.58 26.40
CA TRP K 130 -36.76 -81.34 26.10
C TRP K 130 -35.76 -80.19 26.06
N PHE K 131 -36.00 -79.26 25.14
CA PHE K 131 -35.08 -78.14 24.93
C PHE K 131 -35.85 -76.83 24.93
N GLY K 132 -35.27 -75.83 25.57
CA GLY K 132 -35.79 -74.47 25.53
C GLY K 132 -34.69 -73.45 25.32
N MET K 133 -34.75 -72.71 24.23
CA MET K 133 -33.71 -71.75 23.87
C MET K 133 -34.27 -70.33 23.92
N GLU K 134 -33.53 -69.44 24.58
CA GLU K 134 -33.88 -68.03 24.65
C GLU K 134 -32.99 -67.28 23.67
N GLN K 135 -33.57 -66.86 22.55
CA GLN K 135 -32.83 -66.24 21.46
C GLN K 135 -32.91 -64.72 21.59
N GLU K 136 -31.75 -64.06 21.59
CA GLU K 136 -31.67 -62.62 21.70
C GLU K 136 -31.18 -62.02 20.39
N TYR K 137 -31.62 -60.79 20.12
CA TYR K 137 -31.28 -60.12 18.87
C TYR K 137 -31.38 -58.62 19.08
N THR K 138 -30.81 -57.87 18.13
CA THR K 138 -30.81 -56.42 18.17
C THR K 138 -31.35 -55.89 16.84
N LEU K 139 -32.29 -54.95 16.92
CA LEU K 139 -32.83 -54.30 15.74
C LEU K 139 -31.92 -53.17 15.30
N MET K 140 -31.59 -53.15 14.01
CA MET K 140 -30.62 -52.21 13.47
C MET K 140 -31.20 -51.52 12.25
N GLY K 141 -30.80 -50.28 12.04
CA GLY K 141 -31.17 -49.58 10.83
C GLY K 141 -30.30 -49.97 9.66
N THR K 142 -30.63 -49.44 8.49
CA THR K 142 -29.87 -49.75 7.28
C THR K 142 -28.50 -49.07 7.27
N ASP K 143 -28.25 -48.15 8.20
CA ASP K 143 -26.97 -47.44 8.27
C ASP K 143 -25.97 -48.13 9.18
N GLY K 144 -26.30 -49.30 9.72
CA GLY K 144 -25.39 -49.99 10.61
C GLY K 144 -25.42 -49.53 12.05
N HIS K 145 -26.42 -48.75 12.43
CA HIS K 145 -26.56 -48.25 13.78
C HIS K 145 -27.82 -48.83 14.42
N PRO K 146 -27.85 -49.02 15.74
CA PRO K 146 -29.04 -49.58 16.38
C PRO K 146 -30.27 -48.72 16.12
N PHE K 147 -31.41 -49.38 15.96
CA PHE K 147 -32.64 -48.68 15.61
C PHE K 147 -33.11 -47.80 16.77
N GLY K 148 -33.46 -46.56 16.45
CA GLY K 148 -33.94 -45.62 17.43
C GLY K 148 -32.87 -44.88 18.21
N TRP K 149 -31.61 -45.22 18.00
CA TRP K 149 -30.53 -44.54 18.70
C TRP K 149 -30.31 -43.15 18.10
N PRO K 150 -29.78 -42.22 18.90
CA PRO K 150 -29.46 -40.89 18.36
C PRO K 150 -28.39 -40.98 17.27
N SER K 151 -28.49 -40.09 16.30
CA SER K 151 -27.54 -40.09 15.19
C SER K 151 -26.16 -39.74 15.71
N ASN K 152 -25.20 -40.66 15.49
CA ASN K 152 -23.82 -40.48 15.93
C ASN K 152 -23.73 -40.22 17.43
N GLY K 153 -24.59 -40.89 18.19
CA GLY K 153 -24.62 -40.70 19.62
C GLY K 153 -25.11 -41.93 20.33
N PHE K 154 -25.33 -41.78 21.63
CA PHE K 154 -25.75 -42.88 22.49
C PHE K 154 -26.94 -42.47 23.33
N PRO K 155 -27.79 -43.43 23.69
CA PRO K 155 -28.86 -43.12 24.65
C PRO K 155 -28.33 -43.06 26.07
N GLY K 156 -29.22 -42.95 27.05
CA GLY K 156 -28.83 -42.86 28.43
C GLY K 156 -28.22 -44.15 28.95
N PRO K 157 -27.70 -44.13 30.16
CA PRO K 157 -27.09 -45.33 30.74
C PRO K 157 -28.11 -46.43 30.96
N GLN K 158 -27.62 -47.66 30.98
CA GLN K 158 -28.48 -48.83 31.12
C GLN K 158 -29.18 -48.84 32.47
N GLY K 159 -30.27 -49.59 32.55
CA GLY K 159 -31.03 -49.72 33.77
C GLY K 159 -32.52 -49.52 33.65
N PRO K 160 -32.98 -48.56 32.85
CA PRO K 160 -34.42 -48.40 32.64
C PRO K 160 -34.98 -49.13 31.42
N TYR K 161 -34.13 -49.76 30.61
CA TYR K 161 -34.60 -50.35 29.37
C TYR K 161 -35.04 -51.80 29.54
N TYR K 162 -34.54 -52.49 30.56
CA TYR K 162 -34.86 -53.90 30.75
C TYR K 162 -36.34 -54.06 31.08
N CYS K 163 -37.08 -54.73 30.20
CA CYS K 163 -38.52 -54.94 30.35
C CYS K 163 -39.26 -53.62 30.51
N GLY K 164 -38.80 -52.58 29.84
CA GLY K 164 -39.38 -51.26 30.00
C GLY K 164 -40.61 -51.04 29.15
N VAL K 165 -41.33 -49.98 29.48
CA VAL K 165 -42.51 -49.56 28.73
C VAL K 165 -42.48 -48.05 28.60
N GLY K 166 -42.79 -47.56 27.39
CA GLY K 166 -42.75 -46.13 27.13
C GLY K 166 -42.00 -45.79 25.87
N ALA K 167 -42.24 -44.60 25.33
CA ALA K 167 -41.60 -44.20 24.08
C ALA K 167 -40.10 -44.04 24.22
N ASP K 168 -39.62 -43.80 25.44
CA ASP K 168 -38.20 -43.57 25.69
C ASP K 168 -37.51 -44.78 26.30
N ARG K 169 -38.18 -45.92 26.39
CA ARG K 169 -37.60 -47.08 27.04
C ARG K 169 -37.60 -48.32 26.15
N ALA K 170 -38.62 -48.45 25.30
CA ALA K 170 -38.74 -49.58 24.40
C ALA K 170 -38.70 -49.10 22.96
N TYR K 171 -37.81 -49.67 22.16
CA TYR K 171 -37.63 -49.27 20.77
C TYR K 171 -38.12 -50.40 19.87
N GLY K 172 -39.04 -50.09 18.96
CA GLY K 172 -39.47 -51.05 17.97
C GLY K 172 -40.29 -52.21 18.50
N ARG K 173 -41.25 -51.94 19.39
CA ARG K 173 -42.13 -52.99 19.86
C ARG K 173 -43.07 -53.49 18.77
N ASP K 174 -43.27 -52.70 17.71
CA ASP K 174 -44.17 -53.11 16.64
C ASP K 174 -43.67 -54.38 15.96
N ILE K 175 -42.36 -54.48 15.75
CA ILE K 175 -41.80 -55.68 15.16
C ILE K 175 -42.00 -56.88 16.08
N VAL K 176 -41.80 -56.68 17.39
CA VAL K 176 -41.90 -57.78 18.33
C VAL K 176 -43.32 -58.33 18.37
N GLU K 177 -44.32 -57.44 18.42
CA GLU K 177 -45.70 -57.89 18.46
C GLU K 177 -46.09 -58.61 17.18
N ALA K 178 -45.68 -58.09 16.03
CA ALA K 178 -45.99 -58.73 14.76
C ALA K 178 -45.33 -60.10 14.66
N HIS K 179 -44.08 -60.22 15.09
CA HIS K 179 -43.38 -61.50 15.04
C HIS K 179 -44.03 -62.51 15.97
N TYR K 180 -44.46 -62.08 17.15
CA TYR K 180 -45.11 -62.98 18.09
C TYR K 180 -46.39 -63.55 17.50
N ARG K 181 -47.21 -62.70 16.88
CA ARG K 181 -48.47 -63.17 16.32
C ARG K 181 -48.25 -64.07 15.12
N ALA K 182 -47.26 -63.75 14.28
CA ALA K 182 -46.97 -64.57 13.11
C ALA K 182 -46.51 -65.96 13.51
N CYS K 183 -45.66 -66.06 14.53
CA CYS K 183 -45.17 -67.36 14.97
C CYS K 183 -46.29 -68.22 15.51
N LEU K 184 -47.21 -67.61 16.26
CA LEU K 184 -48.35 -68.36 16.78
C LEU K 184 -49.23 -68.89 15.65
N TYR K 185 -49.47 -68.07 14.64
CA TYR K 185 -50.27 -68.50 13.50
C TYR K 185 -49.60 -69.63 12.73
N ALA K 186 -48.28 -69.52 12.52
CA ALA K 186 -47.57 -70.52 11.74
C ALA K 186 -47.47 -71.86 12.45
N GLY K 187 -47.56 -71.88 13.77
CA GLY K 187 -47.42 -73.10 14.52
C GLY K 187 -46.12 -73.26 15.27
N VAL K 188 -45.28 -72.23 15.30
CA VAL K 188 -44.04 -72.29 16.05
C VAL K 188 -44.34 -72.22 17.54
N LYS K 189 -43.69 -73.08 18.33
CA LYS K 189 -43.92 -73.15 19.77
C LYS K 189 -43.13 -72.03 20.45
N ILE K 190 -43.69 -70.83 20.38
CA ILE K 190 -43.08 -69.66 21.02
C ILE K 190 -43.65 -69.53 22.44
N ALA K 191 -42.77 -69.24 23.40
CA ALA K 191 -43.15 -69.23 24.80
C ALA K 191 -43.34 -67.83 25.38
N GLY K 192 -42.61 -66.84 24.91
CA GLY K 192 -42.75 -65.49 25.43
C GLY K 192 -41.64 -64.59 24.96
N THR K 193 -41.77 -63.32 25.30
CA THR K 193 -40.83 -62.29 24.89
C THR K 193 -40.61 -61.30 26.03
N ASN K 194 -39.49 -60.58 25.96
CA ASN K 194 -39.21 -59.52 26.90
C ASN K 194 -38.18 -58.58 26.29
N ALA K 195 -38.12 -57.36 26.82
CA ALA K 195 -37.12 -56.39 26.40
C ALA K 195 -35.84 -56.61 27.20
N GLU K 196 -34.70 -56.35 26.56
CA GLU K 196 -33.40 -56.64 27.15
C GLU K 196 -32.79 -55.38 27.76
N VAL K 197 -31.56 -55.52 28.24
CA VAL K 197 -30.92 -54.45 29.00
C VAL K 197 -30.61 -53.25 28.12
N MET K 198 -30.02 -53.48 26.96
CA MET K 198 -29.74 -52.34 26.10
C MET K 198 -30.95 -52.02 25.22
N PRO K 199 -31.16 -50.75 24.88
CA PRO K 199 -32.30 -50.39 24.04
C PRO K 199 -32.21 -51.02 22.66
N ALA K 200 -33.38 -51.28 22.08
CA ALA K 200 -33.53 -51.90 20.76
C ALA K 200 -33.05 -53.34 20.73
N GLN K 201 -32.90 -53.97 21.89
CA GLN K 201 -32.56 -55.38 21.98
C GLN K 201 -33.70 -56.15 22.63
N TRP K 202 -34.06 -57.28 22.03
CA TRP K 202 -35.20 -58.05 22.50
C TRP K 202 -34.81 -59.52 22.56
N GLU K 203 -35.75 -60.34 23.04
CA GLU K 203 -35.52 -61.77 23.20
C GLU K 203 -36.86 -62.50 23.16
N PHE K 204 -36.87 -63.65 22.49
CA PHE K 204 -38.02 -64.54 22.48
C PHE K 204 -37.58 -65.95 22.84
N GLN K 205 -38.49 -66.70 23.44
CA GLN K 205 -38.19 -68.05 23.93
C GLN K 205 -39.00 -69.06 23.15
N ILE K 206 -38.33 -70.13 22.72
CA ILE K 206 -38.95 -71.22 21.98
C ILE K 206 -38.81 -72.49 22.79
N GLY K 207 -39.93 -73.19 22.98
CA GLY K 207 -39.93 -74.42 23.73
C GLY K 207 -41.12 -74.55 24.65
N PRO K 208 -41.19 -75.65 25.42
CA PRO K 208 -40.25 -76.78 25.44
C PRO K 208 -40.50 -77.73 24.28
N CYS K 209 -39.54 -77.85 23.36
CA CYS K 209 -39.66 -78.72 22.20
C CYS K 209 -38.89 -80.00 22.46
N GLU K 210 -39.40 -81.11 21.93
CA GLU K 210 -38.82 -82.43 22.20
C GLU K 210 -38.07 -82.92 20.97
N GLY K 211 -36.81 -83.28 21.14
CA GLY K 211 -36.07 -83.96 20.08
C GLY K 211 -35.64 -83.02 18.97
N ILE K 212 -35.68 -83.52 17.74
CA ILE K 212 -35.21 -82.77 16.59
C ILE K 212 -36.13 -81.60 16.27
N SER K 213 -37.35 -81.61 16.83
CA SER K 213 -38.30 -80.55 16.53
C SER K 213 -37.82 -79.19 16.98
N MET K 214 -36.96 -79.14 18.01
CA MET K 214 -36.48 -77.86 18.52
C MET K 214 -35.64 -77.13 17.49
N GLY K 215 -34.77 -77.88 16.79
CA GLY K 215 -33.96 -77.25 15.76
C GLY K 215 -34.77 -76.70 14.61
N ASP K 216 -35.85 -77.38 14.26
CA ASP K 216 -36.71 -76.90 13.17
C ASP K 216 -37.45 -75.64 13.58
N HIS K 217 -37.99 -75.61 14.80
CA HIS K 217 -38.79 -74.46 15.24
C HIS K 217 -37.93 -73.21 15.34
N LEU K 218 -36.72 -73.33 15.87
CA LEU K 218 -35.86 -72.14 16.02
C LEU K 218 -35.48 -71.56 14.67
N TRP K 219 -35.14 -72.42 13.71
CA TRP K 219 -34.72 -71.94 12.40
C TRP K 219 -35.87 -71.25 11.68
N VAL K 220 -37.08 -71.81 11.78
CA VAL K 220 -38.24 -71.18 11.16
C VAL K 220 -38.56 -69.86 11.83
N ALA K 221 -38.43 -69.81 13.16
CA ALA K 221 -38.67 -68.57 13.88
C ALA K 221 -37.68 -67.49 13.48
N ARG K 222 -36.43 -67.85 13.22
CA ARG K 222 -35.45 -66.88 12.74
C ARG K 222 -35.85 -66.35 11.37
N PHE K 223 -36.33 -67.24 10.49
CA PHE K 223 -36.73 -66.82 9.16
C PHE K 223 -37.90 -65.84 9.21
N ILE K 224 -38.88 -66.13 10.07
CA ILE K 224 -40.05 -65.25 10.19
C ILE K 224 -39.63 -63.89 10.70
N LEU K 225 -38.68 -63.86 11.64
CA LEU K 225 -38.21 -62.59 12.18
C LEU K 225 -37.55 -61.74 11.09
N HIS K 226 -36.72 -62.37 10.25
CA HIS K 226 -36.09 -61.66 9.15
C HIS K 226 -37.13 -61.14 8.16
N ARG K 227 -38.11 -61.97 7.84
CA ARG K 227 -39.13 -61.58 6.87
C ARG K 227 -40.02 -60.47 7.41
N VAL K 228 -40.37 -60.53 8.69
CA VAL K 228 -41.17 -59.46 9.30
C VAL K 228 -40.39 -58.17 9.33
N CYS K 229 -39.12 -58.22 9.73
CA CYS K 229 -38.30 -57.01 9.76
C CYS K 229 -38.11 -56.41 8.37
N GLU K 230 -38.16 -57.25 7.34
CA GLU K 230 -38.06 -56.73 5.98
C GLU K 230 -39.25 -55.85 5.61
N ASP K 231 -40.44 -56.19 6.11
CA ASP K 231 -41.62 -55.37 5.85
C ASP K 231 -41.47 -53.98 6.45
N PHE K 232 -40.94 -53.90 7.67
CA PHE K 232 -40.75 -52.61 8.34
C PHE K 232 -39.51 -51.87 7.86
N GLY K 233 -38.61 -52.54 7.15
CA GLY K 233 -37.43 -51.87 6.64
C GLY K 233 -36.25 -51.84 7.59
N VAL K 234 -36.24 -52.69 8.62
CA VAL K 234 -35.14 -52.75 9.58
C VAL K 234 -34.44 -54.09 9.43
N ILE K 235 -33.28 -54.20 10.08
CA ILE K 235 -32.44 -55.38 10.00
C ILE K 235 -32.32 -56.00 11.39
N ALA K 236 -32.54 -57.30 11.47
CA ALA K 236 -32.37 -58.05 12.71
C ALA K 236 -31.04 -58.79 12.64
N THR K 237 -30.19 -58.58 13.65
CA THR K 237 -28.87 -59.16 13.69
C THR K 237 -28.72 -60.06 14.90
N PHE K 238 -27.89 -61.09 14.77
CA PHE K 238 -27.63 -62.05 15.83
C PHE K 238 -26.18 -61.99 16.32
N ASP K 239 -25.51 -60.88 16.09
CA ASP K 239 -24.13 -60.74 16.55
C ASP K 239 -24.07 -60.75 18.07
N PRO K 240 -23.15 -61.53 18.65
CA PRO K 240 -23.06 -61.58 20.13
C PRO K 240 -22.76 -60.23 20.77
N LYS K 241 -21.93 -59.40 20.15
CA LYS K 241 -21.55 -58.09 20.69
C LYS K 241 -21.69 -57.04 19.61
N PRO K 242 -22.92 -56.63 19.28
CA PRO K 242 -23.10 -55.62 18.23
C PRO K 242 -22.45 -54.28 18.54
N ILE K 243 -22.43 -53.87 19.81
CA ILE K 243 -21.92 -52.56 20.20
C ILE K 243 -20.84 -52.76 21.26
N PRO K 244 -19.60 -52.39 20.99
CA PRO K 244 -18.55 -52.51 22.02
C PRO K 244 -18.74 -51.48 23.12
N GLY K 245 -18.21 -51.81 24.30
CA GLY K 245 -18.25 -50.89 25.42
C GLY K 245 -19.11 -51.37 26.57
N ASN K 246 -19.68 -50.44 27.32
CA ASN K 246 -20.54 -50.77 28.46
C ASN K 246 -21.98 -50.99 28.01
N TRP K 247 -22.12 -51.89 27.04
CA TRP K 247 -23.43 -52.26 26.51
C TRP K 247 -23.56 -53.77 26.49
N ASN K 248 -24.75 -54.26 26.82
CA ASN K 248 -24.97 -55.68 27.00
C ASN K 248 -24.82 -56.43 25.69
N GLY K 249 -24.39 -57.69 25.79
CA GLY K 249 -24.24 -58.56 24.64
C GLY K 249 -25.48 -59.41 24.41
N ALA K 250 -25.37 -60.32 23.43
CA ALA K 250 -26.47 -61.17 23.03
C ALA K 250 -26.02 -62.63 23.06
N GLY K 251 -26.84 -63.48 23.69
CA GLY K 251 -26.57 -64.90 23.76
C GLY K 251 -27.84 -65.71 23.65
N CYS K 252 -27.67 -67.01 23.43
CA CYS K 252 -28.78 -67.95 23.28
C CYS K 252 -28.70 -68.98 24.39
N HIS K 253 -29.34 -68.68 25.51
CA HIS K 253 -29.38 -69.60 26.63
C HIS K 253 -30.20 -70.84 26.26
N THR K 254 -29.75 -72.00 26.71
CA THR K 254 -30.39 -73.28 26.37
C THR K 254 -30.84 -73.95 27.66
N ASN K 255 -32.11 -74.34 27.71
CA ASN K 255 -32.67 -75.06 28.84
C ASN K 255 -32.87 -76.52 28.44
N PHE K 256 -32.36 -77.44 29.26
CA PHE K 256 -32.35 -78.85 28.92
C PHE K 256 -32.90 -79.68 30.08
N SER K 257 -33.69 -80.69 29.75
CA SER K 257 -34.17 -81.65 30.73
C SER K 257 -34.57 -82.92 30.00
N THR K 258 -34.59 -84.03 30.74
CA THR K 258 -35.06 -85.31 30.27
C THR K 258 -36.19 -85.79 31.19
N LYS K 259 -36.74 -86.97 30.87
CA LYS K 259 -37.82 -87.51 31.68
C LYS K 259 -37.36 -87.80 33.10
N ALA K 260 -36.13 -88.30 33.26
CA ALA K 260 -35.63 -88.64 34.59
C ALA K 260 -35.54 -87.41 35.48
N MET K 261 -35.05 -86.29 34.95
CA MET K 261 -34.96 -85.07 35.74
C MET K 261 -36.34 -84.49 36.02
N ARG K 262 -37.32 -84.72 35.14
CA ARG K 262 -38.64 -84.16 35.32
C ARG K 262 -39.46 -84.92 36.35
N GLU K 263 -39.03 -86.10 36.77
CA GLU K 263 -39.75 -86.89 37.75
C GLU K 263 -39.37 -86.44 39.16
N GLU K 264 -39.90 -87.13 40.16
CA GLU K 264 -39.62 -86.77 41.55
C GLU K 264 -38.15 -86.99 41.88
N ASN K 265 -37.66 -86.21 42.84
CA ASN K 265 -36.27 -86.23 43.31
C ASN K 265 -35.26 -86.18 42.16
N GLY K 266 -35.67 -85.60 41.04
CA GLY K 266 -34.84 -85.50 39.87
C GLY K 266 -33.75 -84.47 39.93
N LEU K 267 -33.65 -83.73 41.05
CA LEU K 267 -32.56 -82.78 41.22
C LEU K 267 -31.21 -83.49 41.19
N LYS K 268 -31.14 -84.71 41.74
CA LYS K 268 -29.89 -85.46 41.70
C LYS K 268 -29.56 -85.88 40.26
N TYR K 269 -30.58 -86.08 39.43
CA TYR K 269 -30.35 -86.38 38.02
C TYR K 269 -29.78 -85.17 37.28
N ILE K 270 -30.13 -83.97 37.75
CA ILE K 270 -29.52 -82.77 37.18
C ILE K 270 -28.04 -82.70 37.54
N GLU K 271 -27.68 -83.19 38.73
CA GLU K 271 -26.37 -82.92 39.30
C GLU K 271 -25.25 -83.59 38.50
N GLU K 272 -25.38 -84.88 38.20
CA GLU K 272 -24.24 -85.55 37.56
C GLU K 272 -24.08 -85.10 36.12
N ALA K 273 -25.16 -84.60 35.51
CA ALA K 273 -25.04 -84.03 34.16
C ALA K 273 -24.20 -82.76 34.19
N ILE K 274 -24.29 -81.99 35.28
CA ILE K 274 -23.49 -80.78 35.41
C ILE K 274 -22.00 -81.11 35.45
N GLU K 275 -21.63 -82.13 36.23
CA GLU K 275 -20.21 -82.49 36.33
C GLU K 275 -19.73 -83.19 35.08
N LYS K 276 -20.63 -83.89 34.38
CA LYS K 276 -20.29 -84.41 33.07
C LYS K 276 -20.03 -83.27 32.09
N LEU K 277 -20.84 -82.21 32.15
CA LEU K 277 -20.57 -81.04 31.33
C LEU K 277 -19.30 -80.32 31.76
N SER K 278 -18.79 -80.62 32.96
CA SER K 278 -17.64 -79.88 33.46
C SER K 278 -16.33 -80.30 32.78
N LYS K 279 -16.19 -81.57 32.42
CA LYS K 279 -14.90 -82.01 31.90
C LYS K 279 -14.68 -81.54 30.47
N ARG K 280 -15.75 -81.26 29.74
CA ARG K 280 -15.69 -80.90 28.34
C ARG K 280 -16.10 -79.45 28.10
N HIS K 281 -15.64 -78.54 28.97
CA HIS K 281 -15.95 -77.13 28.78
C HIS K 281 -15.39 -76.60 27.46
N GLN K 282 -14.14 -76.96 27.14
CA GLN K 282 -13.53 -76.48 25.90
C GLN K 282 -14.21 -77.07 24.67
N TYR K 283 -14.65 -78.33 24.77
CA TYR K 283 -15.32 -78.96 23.64
C TYR K 283 -16.64 -78.28 23.32
N HIS K 284 -17.44 -77.98 24.34
CA HIS K 284 -18.74 -77.37 24.11
C HIS K 284 -18.60 -75.92 23.65
N ILE K 285 -17.57 -75.22 24.12
CA ILE K 285 -17.36 -73.83 23.70
C ILE K 285 -17.13 -73.78 22.20
N ARG K 286 -16.35 -74.72 21.65
CA ARG K 286 -16.10 -74.75 20.22
C ARG K 286 -17.38 -75.00 19.42
N ALA K 287 -18.26 -75.87 19.92
CA ALA K 287 -19.47 -76.22 19.19
C ALA K 287 -20.61 -75.22 19.40
N TYR K 288 -20.47 -74.29 20.35
CA TYR K 288 -21.50 -73.29 20.61
C TYR K 288 -21.38 -72.06 19.72
N ASP K 289 -20.38 -72.02 18.84
CA ASP K 289 -20.16 -70.87 17.97
C ASP K 289 -19.94 -71.40 16.55
N PRO K 290 -20.52 -70.75 15.53
CA PRO K 290 -20.30 -71.21 14.16
C PRO K 290 -18.84 -71.12 13.72
N LYS K 291 -18.05 -70.25 14.32
CA LYS K 291 -16.66 -70.01 13.90
C LYS K 291 -15.67 -70.40 15.00
N GLY K 292 -16.05 -71.37 15.83
CA GLY K 292 -15.13 -71.95 16.80
C GLY K 292 -15.09 -71.27 18.15
N GLY K 293 -15.62 -70.05 18.28
CA GLY K 293 -15.64 -69.38 19.56
C GLY K 293 -15.09 -67.96 19.53
N LEU K 294 -14.68 -67.51 18.34
CA LEU K 294 -14.16 -66.15 18.21
C LEU K 294 -15.24 -65.12 18.51
N ASP K 295 -16.47 -65.35 18.01
CA ASP K 295 -17.55 -64.41 18.24
C ASP K 295 -17.91 -64.33 19.72
N ASN K 296 -17.97 -65.49 20.39
CA ASN K 296 -18.33 -65.53 21.80
C ASN K 296 -17.23 -64.97 22.70
N ALA K 297 -16.02 -64.78 22.18
CA ALA K 297 -14.95 -64.22 23.00
C ALA K 297 -15.21 -62.76 23.37
N ARG K 298 -15.91 -62.02 22.50
CA ARG K 298 -16.20 -60.62 22.77
C ARG K 298 -17.38 -60.43 23.71
N ARG K 299 -18.11 -61.49 24.04
CA ARG K 299 -19.28 -61.42 24.91
C ARG K 299 -19.00 -61.93 26.31
N LEU K 300 -18.36 -63.10 26.43
CA LEU K 300 -18.10 -63.72 27.73
C LEU K 300 -16.80 -63.17 28.30
N THR K 301 -16.85 -61.90 28.71
CA THR K 301 -15.71 -61.23 29.30
C THR K 301 -15.70 -61.27 30.82
N GLY K 302 -16.68 -61.92 31.44
CA GLY K 302 -16.74 -61.96 32.89
C GLY K 302 -17.29 -60.72 33.54
N PHE K 303 -17.92 -59.83 32.77
CA PHE K 303 -18.47 -58.59 33.30
C PHE K 303 -19.91 -58.45 32.83
N HIS K 304 -20.65 -57.57 33.51
CA HIS K 304 -22.07 -57.33 33.23
C HIS K 304 -22.88 -58.62 33.40
N GLU K 305 -22.72 -59.25 34.56
CA GLU K 305 -23.44 -60.48 34.91
C GLU K 305 -23.22 -61.58 33.87
N THR K 306 -21.97 -61.76 33.48
CA THR K 306 -21.59 -62.80 32.53
C THR K 306 -20.42 -63.60 33.09
N SER K 307 -20.32 -64.85 32.65
CA SER K 307 -19.26 -65.74 33.08
C SER K 307 -18.05 -65.60 32.16
N ASN K 308 -16.88 -65.94 32.71
CA ASN K 308 -15.65 -65.87 31.94
C ASN K 308 -15.62 -66.96 30.88
N ILE K 309 -14.97 -66.66 29.76
CA ILE K 309 -14.90 -67.61 28.65
C ILE K 309 -14.08 -68.84 29.01
N ASN K 310 -13.02 -68.67 29.79
CA ASN K 310 -12.09 -69.75 30.11
C ASN K 310 -12.36 -70.40 31.46
N ASP K 311 -13.45 -70.03 32.13
CA ASP K 311 -13.77 -70.53 33.45
C ASP K 311 -15.12 -71.22 33.43
N PHE K 312 -15.19 -72.40 34.03
CA PHE K 312 -16.43 -73.15 34.16
C PHE K 312 -16.98 -72.95 35.57
N SER K 313 -18.28 -72.72 35.67
CA SER K 313 -18.92 -72.47 36.96
C SER K 313 -20.34 -73.01 36.93
N ALA K 314 -20.88 -73.25 38.13
CA ALA K 314 -22.25 -73.72 38.28
C ALA K 314 -22.77 -73.28 39.64
N GLY K 315 -24.09 -73.27 39.78
CA GLY K 315 -24.71 -72.88 41.02
C GLY K 315 -26.20 -72.68 40.94
N VAL K 316 -26.88 -72.63 42.09
CA VAL K 316 -28.32 -72.44 42.11
C VAL K 316 -28.62 -70.94 42.14
N ALA K 317 -29.43 -70.49 41.19
CA ALA K 317 -29.83 -69.08 41.08
C ALA K 317 -28.62 -68.16 40.99
N ASN K 318 -27.58 -68.62 40.28
CA ASN K 318 -26.37 -67.84 40.05
C ASN K 318 -26.32 -67.49 38.56
N ARG K 319 -26.63 -66.23 38.24
CA ARG K 319 -26.68 -65.81 36.85
C ARG K 319 -25.31 -65.47 36.29
N SER K 320 -24.27 -65.45 37.11
CA SER K 320 -22.91 -65.19 36.66
C SER K 320 -22.13 -66.45 36.36
N ALA K 321 -22.74 -67.62 36.50
CA ALA K 321 -22.05 -68.89 36.28
C ALA K 321 -22.33 -69.41 34.87
N SER K 322 -21.55 -70.42 34.48
CA SER K 322 -21.75 -71.04 33.17
C SER K 322 -23.05 -71.84 33.12
N ILE K 323 -23.40 -72.50 34.22
CA ILE K 323 -24.63 -73.27 34.31
C ILE K 323 -25.43 -72.76 35.49
N ARG K 324 -26.73 -72.53 35.28
CA ARG K 324 -27.61 -72.01 36.31
C ARG K 324 -28.71 -73.02 36.58
N ILE K 325 -28.90 -73.35 37.85
CA ILE K 325 -30.02 -74.18 38.31
C ILE K 325 -31.05 -73.24 38.95
N PRO K 326 -32.29 -73.20 38.48
CA PRO K 326 -33.27 -72.28 39.06
C PRO K 326 -33.50 -72.57 40.53
N ARG K 327 -33.72 -71.49 41.29
CA ARG K 327 -33.97 -71.64 42.73
C ARG K 327 -35.25 -72.43 42.97
N THR K 328 -36.27 -72.23 42.13
CA THR K 328 -37.49 -73.01 42.24
C THR K 328 -37.21 -74.50 41.99
N VAL K 329 -36.34 -74.79 41.02
CA VAL K 329 -35.99 -76.19 40.75
C VAL K 329 -35.31 -76.81 41.96
N GLY K 330 -34.39 -76.07 42.58
CA GLY K 330 -33.72 -76.60 43.76
C GLY K 330 -34.68 -76.84 44.92
N GLN K 331 -35.59 -75.91 45.16
CA GLN K 331 -36.55 -76.07 46.25
C GLN K 331 -37.57 -77.16 45.95
N GLU K 332 -37.80 -77.49 44.68
CA GLU K 332 -38.75 -78.54 44.32
C GLU K 332 -38.08 -79.86 44.00
N LYS K 333 -36.75 -79.91 44.01
CA LYS K 333 -35.96 -81.13 43.82
C LYS K 333 -36.18 -81.77 42.44
N LYS K 334 -36.67 -81.00 41.47
CA LYS K 334 -36.87 -81.52 40.13
C LYS K 334 -36.98 -80.35 39.16
N GLY K 335 -36.79 -80.63 37.88
CA GLY K 335 -36.92 -79.61 36.86
C GLY K 335 -35.91 -79.71 35.73
N TYR K 336 -35.21 -78.61 35.48
CA TYR K 336 -34.27 -78.51 34.37
C TYR K 336 -33.09 -77.66 34.80
N PHE K 337 -32.12 -77.50 33.89
CA PHE K 337 -30.98 -76.63 34.11
C PHE K 337 -30.72 -75.84 32.85
N GLU K 338 -30.12 -74.66 33.02
CA GLU K 338 -29.92 -73.71 31.93
C GLU K 338 -28.44 -73.59 31.62
N ASP K 339 -28.10 -73.65 30.33
CA ASP K 339 -26.74 -73.43 29.85
C ASP K 339 -26.65 -72.03 29.25
N ARG K 340 -25.84 -71.18 29.88
CA ARG K 340 -25.73 -69.78 29.48
C ARG K 340 -24.58 -69.52 28.54
N ARG K 341 -23.89 -70.55 28.07
CA ARG K 341 -22.70 -70.41 27.24
C ARG K 341 -22.99 -70.11 25.76
N PRO K 342 -23.94 -70.77 25.10
CA PRO K 342 -24.06 -70.60 23.64
C PRO K 342 -24.32 -69.17 23.22
N SER K 343 -23.74 -68.80 22.08
CA SER K 343 -23.86 -67.45 21.55
C SER K 343 -25.20 -67.26 20.85
N ALA K 344 -25.52 -66.00 20.55
CA ALA K 344 -26.79 -65.68 19.91
C ALA K 344 -26.89 -66.28 18.51
N ASN K 345 -25.78 -66.26 17.75
CA ASN K 345 -25.76 -66.76 16.39
C ASN K 345 -25.45 -68.26 16.32
N CYS K 346 -25.67 -68.99 17.40
CA CYS K 346 -25.36 -70.42 17.42
C CYS K 346 -26.34 -71.20 16.56
N ASP K 347 -25.89 -72.36 16.09
CA ASP K 347 -26.73 -73.28 15.34
C ASP K 347 -27.44 -74.20 16.31
N PRO K 348 -28.78 -74.23 16.32
CA PRO K 348 -29.49 -75.09 17.28
C PRO K 348 -29.16 -76.57 17.15
N PHE K 349 -28.88 -77.05 15.93
CA PHE K 349 -28.58 -78.47 15.76
C PHE K 349 -27.29 -78.86 16.47
N SER K 350 -26.25 -78.02 16.37
CA SER K 350 -24.99 -78.32 17.06
C SER K 350 -25.17 -78.26 18.56
N VAL K 351 -25.90 -77.27 19.06
CA VAL K 351 -26.05 -77.10 20.51
C VAL K 351 -26.79 -78.28 21.11
N THR K 352 -27.88 -78.70 20.48
CA THR K 352 -28.66 -79.81 21.01
C THR K 352 -27.91 -81.13 20.89
N GLU K 353 -27.17 -81.30 19.79
CA GLU K 353 -26.42 -82.54 19.59
C GLU K 353 -25.32 -82.71 20.63
N ALA K 354 -24.60 -81.64 20.94
CA ALA K 354 -23.51 -81.72 21.90
C ALA K 354 -24.02 -82.07 23.29
N LEU K 355 -25.15 -81.49 23.68
CA LEU K 355 -25.70 -81.76 25.01
C LEU K 355 -26.09 -83.23 25.15
N ILE K 356 -26.68 -83.81 24.10
CA ILE K 356 -27.08 -85.21 24.15
C ILE K 356 -25.85 -86.12 24.28
N ARG K 357 -24.79 -85.80 23.55
CA ARG K 357 -23.60 -86.66 23.56
C ARG K 357 -22.95 -86.70 24.93
N THR K 358 -22.68 -85.54 25.52
CA THR K 358 -21.94 -85.49 26.78
C THR K 358 -22.80 -85.97 27.95
N CYS K 359 -24.05 -85.52 28.03
CA CYS K 359 -24.86 -85.77 29.21
C CYS K 359 -25.60 -87.10 29.17
N LEU K 360 -26.05 -87.54 27.99
CA LEU K 360 -26.84 -88.76 27.88
C LEU K 360 -26.10 -89.93 27.26
N LEU K 361 -25.00 -89.68 26.56
CA LEU K 361 -24.25 -90.73 25.90
C LEU K 361 -22.86 -90.94 26.50
N ASN K 362 -22.47 -90.10 27.46
CA ASN K 362 -21.21 -90.24 28.18
C ASN K 362 -20.00 -90.29 27.23
N GLU K 363 -20.00 -89.39 26.25
CA GLU K 363 -18.88 -89.30 25.33
C GLU K 363 -17.73 -88.50 25.94
N THR K 364 -16.51 -88.86 25.54
CA THR K 364 -15.32 -88.17 26.01
C THR K 364 -14.39 -87.93 24.83
N GLY K 365 -13.54 -86.93 24.96
CA GLY K 365 -12.58 -86.57 23.95
C GLY K 365 -12.93 -85.25 23.28
N ASP K 366 -12.01 -84.80 22.43
CA ASP K 366 -12.17 -83.54 21.72
C ASP K 366 -12.94 -83.68 20.41
N GLU K 367 -13.18 -84.91 19.96
CA GLU K 367 -13.92 -85.16 18.73
C GLU K 367 -15.07 -86.11 19.02
N PRO K 368 -16.17 -85.99 18.28
CA PRO K 368 -17.30 -86.91 18.50
C PRO K 368 -16.93 -88.34 18.16
N PHE K 369 -17.52 -89.26 18.90
CA PHE K 369 -17.32 -90.69 18.64
C PHE K 369 -18.13 -91.02 17.39
N GLN K 370 -17.55 -90.79 16.22
CA GLN K 370 -18.33 -90.95 14.96
C GLN K 370 -18.33 -92.41 14.48
N TYR K 371 -19.20 -93.22 15.06
CA TYR K 371 -19.37 -94.62 14.60
C TYR K 371 -20.79 -95.01 14.91
N LYS K 372 -21.15 -94.93 16.19
CA LYS K 372 -22.54 -95.29 16.59
C LYS K 372 -22.93 -94.50 17.85
N ASN K 373 -22.29 -93.34 18.08
CA ASN K 373 -22.63 -92.51 19.27
C ASN K 373 -22.70 -91.04 18.85
N THR L 2 -35.69 -42.65 -7.04
CA THR L 2 -36.90 -41.87 -6.83
C THR L 2 -38.10 -42.54 -7.50
N THR L 3 -39.29 -42.23 -7.00
CA THR L 3 -40.53 -42.77 -7.53
C THR L 3 -41.29 -41.69 -8.28
N SER L 4 -42.29 -42.11 -9.04
CA SER L 4 -43.04 -41.19 -9.88
C SER L 4 -43.96 -40.32 -9.03
N ALA L 5 -44.32 -39.17 -9.59
CA ALA L 5 -45.21 -38.25 -8.89
C ALA L 5 -46.62 -38.83 -8.74
N SER L 6 -47.04 -39.68 -9.69
CA SER L 6 -48.36 -40.30 -9.57
C SER L 6 -48.43 -41.23 -8.38
N SER L 7 -47.32 -41.86 -8.01
CA SER L 7 -47.31 -42.76 -6.86
C SER L 7 -47.43 -42.02 -5.54
N HIS L 8 -47.24 -40.71 -5.52
CA HIS L 8 -47.35 -39.91 -4.31
C HIS L 8 -48.77 -39.41 -4.06
N LEU L 9 -49.70 -39.68 -4.97
CA LEU L 9 -51.09 -39.33 -4.72
C LEU L 9 -51.68 -40.23 -3.64
N ASN L 10 -52.74 -39.74 -2.99
CA ASN L 10 -53.39 -40.47 -1.91
C ASN L 10 -54.11 -41.68 -2.49
N LYS L 11 -53.53 -42.86 -2.31
CA LYS L 11 -54.13 -44.08 -2.84
C LYS L 11 -55.38 -44.50 -2.06
N GLY L 12 -55.56 -43.99 -0.84
CA GLY L 12 -56.78 -44.28 -0.10
C GLY L 12 -58.02 -43.70 -0.77
N ILE L 13 -57.86 -42.53 -1.40
CA ILE L 13 -58.98 -41.90 -2.11
C ILE L 13 -59.44 -42.79 -3.25
N LYS L 14 -58.50 -43.35 -4.01
CA LYS L 14 -58.87 -44.20 -5.14
C LYS L 14 -59.60 -45.45 -4.67
N GLN L 15 -59.21 -46.00 -3.52
CA GLN L 15 -59.86 -47.20 -3.01
C GLN L 15 -61.32 -46.92 -2.66
N VAL L 16 -61.62 -45.71 -2.21
CA VAL L 16 -63.00 -45.35 -1.90
C VAL L 16 -63.86 -45.39 -3.15
N TYR L 17 -63.37 -44.79 -4.24
CA TYR L 17 -64.11 -44.82 -5.50
C TYR L 17 -64.19 -46.23 -6.06
N MET L 18 -63.10 -46.99 -5.94
CA MET L 18 -63.08 -48.36 -6.45
C MET L 18 -64.07 -49.28 -5.74
N SER L 19 -64.54 -48.89 -4.55
CA SER L 19 -65.46 -49.72 -3.80
C SER L 19 -66.92 -49.51 -4.20
N LEU L 20 -67.20 -48.53 -5.05
CA LEU L 20 -68.58 -48.32 -5.49
C LEU L 20 -69.05 -49.50 -6.33
N PRO L 21 -70.28 -49.97 -6.12
CA PRO L 21 -70.80 -51.06 -6.96
C PRO L 21 -70.81 -50.66 -8.42
N GLN L 22 -70.41 -51.60 -9.28
CA GLN L 22 -70.24 -51.29 -10.70
C GLN L 22 -71.58 -51.14 -11.40
N GLY L 23 -72.53 -52.01 -11.09
CA GLY L 23 -73.80 -52.01 -11.79
C GLY L 23 -73.94 -53.20 -12.73
N GLU L 24 -74.33 -52.94 -13.98
CA GLU L 24 -74.47 -54.00 -14.96
C GLU L 24 -73.50 -53.89 -16.14
N LYS L 25 -72.86 -52.74 -16.32
CA LYS L 25 -71.88 -52.60 -17.38
C LYS L 25 -70.60 -53.34 -17.05
N VAL L 26 -69.85 -53.70 -18.08
CA VAL L 26 -68.60 -54.44 -17.94
C VAL L 26 -67.51 -53.70 -18.71
N GLN L 27 -66.36 -53.53 -18.07
CA GLN L 27 -65.20 -52.91 -18.70
C GLN L 27 -64.30 -53.97 -19.30
N ALA L 28 -63.78 -53.69 -20.50
CA ALA L 28 -62.87 -54.58 -21.19
C ALA L 28 -61.64 -53.81 -21.62
N MET L 29 -60.47 -54.37 -21.36
CA MET L 29 -59.20 -53.74 -21.69
C MET L 29 -58.57 -54.47 -22.87
N TYR L 30 -58.19 -53.72 -23.90
CA TYR L 30 -57.59 -54.28 -25.10
C TYR L 30 -56.09 -54.04 -25.09
N ILE L 31 -55.31 -55.09 -25.32
CA ILE L 31 -53.86 -55.03 -25.24
C ILE L 31 -53.27 -55.52 -26.56
N TRP L 32 -52.29 -54.78 -27.08
CA TRP L 32 -51.61 -55.18 -28.30
C TRP L 32 -50.17 -54.68 -28.27
N ILE L 33 -49.36 -55.22 -29.17
CA ILE L 33 -47.94 -54.90 -29.26
C ILE L 33 -47.73 -53.78 -30.26
N ASP L 34 -46.90 -52.81 -29.90
CA ASP L 34 -46.64 -51.65 -30.75
C ASP L 34 -45.64 -52.01 -31.85
N GLY L 35 -45.15 -50.99 -32.56
CA GLY L 35 -44.24 -51.19 -33.67
C GLY L 35 -42.81 -51.53 -33.28
N THR L 36 -42.42 -51.25 -32.03
CA THR L 36 -41.07 -51.59 -31.59
C THR L 36 -40.88 -53.09 -31.41
N GLY L 37 -41.96 -53.86 -31.34
CA GLY L 37 -41.87 -55.29 -31.16
C GLY L 37 -41.67 -55.74 -29.74
N GLU L 38 -41.54 -54.82 -28.79
CA GLU L 38 -41.36 -55.17 -27.39
C GLU L 38 -42.19 -54.33 -26.43
N GLY L 39 -42.89 -53.30 -26.89
CA GLY L 39 -43.74 -52.49 -26.04
C GLY L 39 -45.20 -52.89 -26.16
N LEU L 40 -46.00 -52.42 -25.22
CA LEU L 40 -47.41 -52.74 -25.15
C LEU L 40 -48.25 -51.48 -25.06
N ARG L 41 -49.44 -51.54 -25.64
CA ARG L 41 -50.39 -50.44 -25.61
C ARG L 41 -51.75 -50.99 -25.16
N CYS L 42 -52.57 -50.10 -24.58
CA CYS L 42 -53.85 -50.53 -24.04
C CYS L 42 -54.85 -49.38 -24.03
N LYS L 43 -56.13 -49.74 -24.05
CA LYS L 43 -57.23 -48.80 -23.86
C LYS L 43 -58.48 -49.60 -23.54
N THR L 44 -59.48 -48.89 -23.01
CA THR L 44 -60.65 -49.52 -22.39
C THR L 44 -61.93 -49.13 -23.12
N ARG L 45 -62.86 -50.09 -23.19
CA ARG L 45 -64.19 -49.86 -23.73
C ARG L 45 -65.22 -50.49 -22.80
N THR L 46 -66.47 -50.06 -22.97
CA THR L 46 -67.57 -50.51 -22.11
C THR L 46 -68.44 -51.51 -22.86
N LEU L 47 -68.80 -52.61 -22.19
CA LEU L 47 -69.66 -53.63 -22.75
C LEU L 47 -70.96 -53.71 -21.96
N ASP L 48 -72.03 -54.11 -22.66
CA ASP L 48 -73.34 -54.16 -22.03
C ASP L 48 -73.46 -55.35 -21.08
N SER L 49 -72.84 -56.48 -21.41
CA SER L 49 -72.93 -57.67 -20.60
C SER L 49 -71.57 -58.36 -20.57
N GLU L 50 -71.39 -59.22 -19.59
CA GLU L 50 -70.13 -59.92 -19.43
C GLU L 50 -70.02 -61.03 -20.47
N PRO L 51 -69.00 -61.02 -21.33
CA PRO L 51 -68.85 -62.11 -22.30
C PRO L 51 -68.45 -63.40 -21.61
N LYS L 52 -68.85 -64.52 -22.22
CA LYS L 52 -68.50 -65.83 -21.66
C LYS L 52 -67.23 -66.42 -22.24
N CYS L 53 -66.81 -65.96 -23.42
CA CYS L 53 -65.57 -66.43 -24.02
C CYS L 53 -65.09 -65.37 -25.00
N VAL L 54 -63.86 -65.56 -25.49
CA VAL L 54 -63.22 -64.57 -26.35
C VAL L 54 -63.88 -64.45 -27.72
N GLU L 55 -64.78 -65.38 -28.06
CA GLU L 55 -65.30 -65.42 -29.43
C GLU L 55 -66.30 -64.30 -29.70
N GLU L 56 -67.03 -63.83 -28.69
CA GLU L 56 -68.06 -62.81 -28.90
C GLU L 56 -67.57 -61.41 -28.59
N LEU L 57 -66.28 -61.22 -28.38
CA LEU L 57 -65.76 -59.86 -28.17
C LEU L 57 -65.68 -59.15 -29.51
N PRO L 58 -66.28 -57.96 -29.63
CA PRO L 58 -66.26 -57.26 -30.93
C PRO L 58 -64.87 -56.78 -31.30
N GLU L 59 -64.65 -56.64 -32.61
CA GLU L 59 -63.41 -56.09 -33.11
C GLU L 59 -63.35 -54.59 -32.84
N TRP L 60 -62.13 -54.05 -32.93
CA TRP L 60 -61.90 -52.64 -32.63
C TRP L 60 -60.79 -52.12 -33.53
N ASN L 61 -60.39 -50.87 -33.30
CA ASN L 61 -59.42 -50.22 -34.16
C ASN L 61 -58.70 -49.14 -33.37
N PHE L 62 -57.55 -48.71 -33.91
CA PHE L 62 -56.76 -47.66 -33.28
C PHE L 62 -55.97 -46.94 -34.36
N ASP L 63 -55.25 -45.90 -33.96
CA ASP L 63 -54.45 -45.07 -34.85
C ASP L 63 -53.03 -45.62 -34.90
N GLY L 64 -52.63 -46.13 -36.07
CA GLY L 64 -51.29 -46.66 -36.22
C GLY L 64 -50.20 -45.62 -36.36
N SER L 65 -50.56 -44.40 -36.76
CA SER L 65 -49.56 -43.35 -36.89
C SER L 65 -48.97 -42.96 -35.54
N SER L 66 -49.80 -42.90 -34.50
CA SER L 66 -49.33 -42.57 -33.16
C SER L 66 -48.59 -43.73 -32.50
N THR L 67 -48.66 -44.93 -33.06
CA THR L 67 -48.04 -46.11 -32.46
C THR L 67 -46.80 -46.52 -33.25
N LEU L 68 -46.49 -45.82 -34.34
CA LEU L 68 -45.33 -46.09 -35.19
C LEU L 68 -45.49 -47.42 -35.93
N GLN L 69 -46.73 -47.73 -36.32
CA GLN L 69 -47.00 -48.86 -37.20
C GLN L 69 -47.60 -48.45 -38.52
N SER L 70 -47.77 -47.15 -38.77
CA SER L 70 -48.32 -46.67 -40.03
C SER L 70 -47.78 -45.28 -40.29
N GLU L 71 -47.80 -44.88 -41.57
CA GLU L 71 -47.32 -43.58 -41.99
C GLU L 71 -48.27 -43.00 -43.02
N GLY L 72 -48.49 -41.68 -42.92
CA GLY L 72 -49.35 -41.00 -43.86
C GLY L 72 -50.78 -41.51 -43.79
N SER L 73 -51.38 -41.68 -44.97
CA SER L 73 -52.75 -42.17 -45.06
C SER L 73 -52.81 -43.66 -44.73
N ASN L 74 -54.04 -44.17 -44.61
CA ASN L 74 -54.30 -45.56 -44.22
C ASN L 74 -53.62 -45.88 -42.88
N SER L 75 -53.67 -44.90 -41.96
CA SER L 75 -53.05 -45.05 -40.66
C SER L 75 -53.83 -45.94 -39.71
N ASP L 76 -55.11 -46.19 -40.00
CA ASP L 76 -55.93 -47.01 -39.11
C ASP L 76 -55.49 -48.47 -39.15
N MET L 77 -55.56 -49.11 -37.99
CA MET L 77 -55.28 -50.54 -37.87
C MET L 77 -56.45 -51.20 -37.17
N TYR L 78 -56.43 -52.54 -37.12
CA TYR L 78 -57.53 -53.31 -36.57
C TYR L 78 -57.03 -54.24 -35.48
N LEU L 79 -57.87 -54.46 -34.48
CA LEU L 79 -57.57 -55.36 -33.37
C LEU L 79 -58.57 -56.50 -33.36
N VAL L 80 -58.07 -57.73 -33.36
CA VAL L 80 -58.89 -58.94 -33.32
C VAL L 80 -58.59 -59.66 -32.01
N PRO L 81 -59.57 -59.85 -31.14
CA PRO L 81 -59.31 -60.52 -29.86
C PRO L 81 -58.77 -61.93 -30.06
N ALA L 82 -57.84 -62.32 -29.19
CA ALA L 82 -57.23 -63.64 -29.25
C ALA L 82 -57.38 -64.43 -27.96
N ALA L 83 -57.27 -63.78 -26.81
CA ALA L 83 -57.40 -64.45 -25.52
C ALA L 83 -58.08 -63.53 -24.53
N MET L 84 -58.75 -64.12 -23.55
CA MET L 84 -59.46 -63.38 -22.53
C MET L 84 -59.00 -63.83 -21.14
N PHE L 85 -58.92 -62.87 -20.23
CA PHE L 85 -58.49 -63.14 -18.86
C PHE L 85 -59.28 -62.25 -17.92
N ARG L 86 -59.37 -62.70 -16.66
CA ARG L 86 -60.00 -61.88 -15.63
C ARG L 86 -59.12 -60.68 -15.30
N ASP L 87 -59.76 -59.54 -15.04
CA ASP L 87 -59.03 -58.33 -14.72
C ASP L 87 -58.68 -58.31 -13.24
N PRO L 88 -57.40 -58.31 -12.87
CA PRO L 88 -57.05 -58.24 -11.44
C PRO L 88 -57.05 -56.83 -10.88
N PHE L 89 -57.02 -55.81 -11.74
CA PHE L 89 -56.99 -54.43 -11.28
C PHE L 89 -58.37 -53.83 -11.09
N ARG L 90 -59.38 -54.39 -11.75
CA ARG L 90 -60.75 -53.96 -11.58
C ARG L 90 -61.67 -55.05 -11.06
N LYS L 91 -61.15 -56.27 -10.88
CA LYS L 91 -61.90 -57.41 -10.35
C LYS L 91 -63.03 -57.83 -11.29
N ASP L 92 -63.72 -58.91 -10.93
CA ASP L 92 -64.79 -59.41 -11.77
C ASP L 92 -65.94 -58.43 -11.80
N PRO L 93 -66.72 -58.40 -12.90
CA PRO L 93 -66.64 -59.23 -14.10
C PRO L 93 -65.84 -58.59 -15.23
N ASN L 94 -64.97 -57.64 -14.93
CA ASN L 94 -64.18 -57.00 -15.97
C ASN L 94 -63.13 -57.95 -16.51
N LYS L 95 -62.70 -57.69 -17.74
CA LYS L 95 -61.87 -58.62 -18.49
C LYS L 95 -60.65 -57.93 -19.09
N LEU L 96 -59.61 -58.72 -19.34
CA LEU L 96 -58.45 -58.31 -20.12
C LEU L 96 -58.45 -59.08 -21.43
N VAL L 97 -58.21 -58.38 -22.53
CA VAL L 97 -58.26 -58.97 -23.87
C VAL L 97 -56.94 -58.73 -24.56
N LEU L 98 -56.30 -59.80 -25.01
CA LEU L 98 -55.09 -59.71 -25.84
C LEU L 98 -55.49 -59.85 -27.30
N CYS L 99 -55.06 -58.92 -28.13
CA CYS L 99 -55.53 -58.80 -29.50
C CYS L 99 -54.38 -58.86 -30.49
N GLU L 100 -54.71 -59.29 -31.70
CA GLU L 100 -53.79 -59.29 -32.83
C GLU L 100 -53.99 -58.02 -33.65
N VAL L 101 -52.90 -57.57 -34.29
CA VAL L 101 -52.90 -56.34 -35.06
C VAL L 101 -52.90 -56.69 -36.54
N PHE L 102 -53.81 -56.07 -37.29
CA PHE L 102 -53.91 -56.25 -38.73
C PHE L 102 -53.91 -54.90 -39.42
N LYS L 103 -53.30 -54.87 -40.61
CA LYS L 103 -53.23 -53.64 -41.39
C LYS L 103 -54.61 -53.32 -41.97
N TYR L 104 -54.71 -52.18 -42.65
CA TYR L 104 -55.97 -51.78 -43.25
C TYR L 104 -56.38 -52.74 -44.37
N ASN L 105 -55.42 -53.41 -45.00
CA ASN L 105 -55.70 -54.40 -46.03
C ASN L 105 -55.80 -55.81 -45.46
N ARG L 106 -56.03 -55.94 -44.16
CA ARG L 106 -56.23 -57.22 -43.48
C ARG L 106 -55.01 -58.14 -43.56
N ARG L 107 -53.83 -57.58 -43.70
CA ARG L 107 -52.67 -58.45 -43.56
C ARG L 107 -51.98 -58.21 -42.22
N PRO L 108 -51.36 -59.22 -41.65
CA PRO L 108 -50.70 -59.06 -40.35
C PRO L 108 -49.61 -58.00 -40.40
N ALA L 109 -49.47 -57.27 -39.30
CA ALA L 109 -48.46 -56.24 -39.21
C ALA L 109 -47.07 -56.85 -39.09
N GLU L 110 -46.05 -55.98 -39.14
CA GLU L 110 -44.68 -56.45 -39.06
C GLU L 110 -44.39 -57.12 -37.72
N THR L 111 -44.91 -56.56 -36.63
CA THR L 111 -44.70 -57.10 -35.30
C THR L 111 -45.71 -58.17 -34.93
N ASN L 112 -46.67 -58.48 -35.82
CA ASN L 112 -47.67 -59.50 -35.55
C ASN L 112 -47.08 -60.86 -35.93
N LEU L 113 -46.31 -61.42 -35.00
CA LEU L 113 -45.68 -62.71 -35.19
C LEU L 113 -46.54 -63.87 -34.69
N ARG L 114 -47.68 -63.58 -34.06
CA ARG L 114 -48.55 -64.66 -33.58
C ARG L 114 -49.25 -65.36 -34.74
N HIS L 115 -49.55 -64.63 -35.82
CA HIS L 115 -50.31 -65.20 -36.92
C HIS L 115 -49.57 -66.38 -37.55
N THR L 116 -48.30 -66.20 -37.88
CA THR L 116 -47.54 -67.30 -38.48
C THR L 116 -47.18 -68.36 -37.46
N CYS L 117 -47.03 -67.97 -36.19
CA CYS L 117 -46.67 -68.94 -35.16
C CYS L 117 -47.82 -69.91 -34.89
N LYS L 118 -49.06 -69.44 -34.96
CA LYS L 118 -50.21 -70.29 -34.68
C LYS L 118 -50.30 -71.44 -35.66
N ARG L 119 -50.06 -71.17 -36.95
CA ARG L 119 -50.14 -72.21 -37.96
C ARG L 119 -49.05 -73.25 -37.77
N ILE L 120 -47.86 -72.82 -37.34
CA ILE L 120 -46.74 -73.75 -37.17
C ILE L 120 -47.06 -74.79 -36.10
N MET L 121 -47.61 -74.35 -34.96
CA MET L 121 -47.84 -75.28 -33.85
C MET L 121 -49.08 -76.11 -34.07
N ASP L 122 -49.94 -75.71 -35.01
CA ASP L 122 -51.13 -76.52 -35.31
C ASP L 122 -50.76 -77.77 -36.11
N MET L 123 -49.58 -77.78 -36.73
CA MET L 123 -49.19 -78.91 -37.57
C MET L 123 -48.52 -80.00 -36.74
N VAL L 124 -47.98 -79.65 -35.58
CA VAL L 124 -47.35 -80.64 -34.70
C VAL L 124 -48.19 -80.76 -33.43
N SER L 125 -49.49 -80.49 -33.54
CA SER L 125 -50.36 -80.52 -32.37
C SER L 125 -50.46 -81.91 -31.76
N ASN L 126 -50.30 -82.95 -32.57
CA ASN L 126 -50.40 -84.32 -32.07
C ASN L 126 -49.24 -84.67 -31.15
N GLN L 127 -48.10 -83.98 -31.26
CA GLN L 127 -46.96 -84.23 -30.40
C GLN L 127 -47.06 -83.52 -29.06
N HIS L 128 -47.99 -82.57 -28.92
CA HIS L 128 -48.21 -81.82 -27.69
C HIS L 128 -46.93 -81.18 -27.15
N PRO L 129 -46.39 -80.17 -27.83
CA PRO L 129 -45.19 -79.51 -27.31
C PRO L 129 -45.52 -78.65 -26.09
N TRP L 130 -44.68 -78.76 -25.06
CA TRP L 130 -44.83 -77.99 -23.84
C TRP L 130 -43.68 -76.99 -23.72
N PHE L 131 -43.99 -75.82 -23.17
CA PHE L 131 -43.01 -74.75 -23.04
C PHE L 131 -43.04 -74.17 -21.63
N GLY L 132 -41.88 -73.75 -21.16
CA GLY L 132 -41.76 -73.03 -19.91
C GLY L 132 -40.61 -72.06 -19.97
N MET L 133 -40.88 -70.79 -19.67
CA MET L 133 -39.90 -69.72 -19.79
C MET L 133 -39.68 -69.06 -18.45
N GLU L 134 -38.42 -68.86 -18.09
CA GLU L 134 -38.04 -68.14 -16.87
C GLU L 134 -37.67 -66.71 -17.26
N GLN L 135 -38.54 -65.76 -16.97
CA GLN L 135 -38.38 -64.38 -17.37
C GLN L 135 -37.73 -63.60 -16.24
N GLU L 136 -36.66 -62.86 -16.56
CA GLU L 136 -35.93 -62.07 -15.59
C GLU L 136 -36.07 -60.59 -15.91
N TYR L 137 -36.05 -59.77 -14.86
CA TYR L 137 -36.27 -58.34 -15.02
C TYR L 137 -35.60 -57.62 -13.85
N THR L 138 -35.41 -56.31 -14.04
CA THR L 138 -34.80 -55.46 -13.02
C THR L 138 -35.72 -54.28 -12.73
N LEU L 139 -35.91 -54.01 -11.44
CA LEU L 139 -36.73 -52.88 -11.01
C LEU L 139 -35.86 -51.63 -10.94
N MET L 140 -36.30 -50.57 -11.60
CA MET L 140 -35.56 -49.32 -11.68
C MET L 140 -36.43 -48.16 -11.23
N GLY L 141 -35.81 -47.15 -10.65
CA GLY L 141 -36.51 -45.93 -10.32
C GLY L 141 -36.69 -45.04 -11.54
N THR L 142 -37.38 -43.92 -11.33
CA THR L 142 -37.64 -42.99 -12.41
C THR L 142 -36.38 -42.22 -12.85
N ASP L 143 -35.29 -42.33 -12.10
CA ASP L 143 -34.05 -41.64 -12.45
C ASP L 143 -33.12 -42.50 -13.30
N GLY L 144 -33.54 -43.70 -13.71
CA GLY L 144 -32.71 -44.57 -14.51
C GLY L 144 -31.73 -45.41 -13.73
N HIS L 145 -31.80 -45.39 -12.40
CA HIS L 145 -30.93 -46.18 -11.54
C HIS L 145 -31.72 -47.34 -10.94
N PRO L 146 -31.06 -48.46 -10.65
CA PRO L 146 -31.79 -49.59 -10.06
C PRO L 146 -32.44 -49.21 -8.74
N PHE L 147 -33.62 -49.78 -8.49
CA PHE L 147 -34.40 -49.42 -7.32
C PHE L 147 -33.71 -49.91 -6.05
N GLY L 148 -33.60 -49.02 -5.07
CA GLY L 148 -32.99 -49.34 -3.80
C GLY L 148 -31.48 -49.22 -3.76
N TRP L 149 -30.83 -48.94 -4.89
CA TRP L 149 -29.39 -48.78 -4.90
C TRP L 149 -29.00 -47.44 -4.29
N PRO L 150 -27.79 -47.35 -3.73
CA PRO L 150 -27.34 -46.06 -3.18
C PRO L 150 -27.23 -45.00 -4.27
N SER L 151 -27.47 -43.75 -3.88
CA SER L 151 -27.44 -42.65 -4.82
C SER L 151 -26.01 -42.46 -5.35
N ASN L 152 -25.86 -42.60 -6.67
CA ASN L 152 -24.57 -42.46 -7.34
C ASN L 152 -23.54 -43.41 -6.74
N GLY L 153 -23.98 -44.62 -6.41
CA GLY L 153 -23.10 -45.58 -5.80
C GLY L 153 -23.54 -47.00 -6.11
N PHE L 154 -22.89 -47.95 -5.45
CA PHE L 154 -23.14 -49.36 -5.67
C PHE L 154 -23.35 -50.07 -4.34
N PRO L 155 -24.12 -51.15 -4.34
CA PRO L 155 -24.22 -51.98 -3.13
C PRO L 155 -23.01 -52.88 -2.99
N GLY L 156 -23.04 -53.79 -2.01
CA GLY L 156 -21.95 -54.69 -1.77
C GLY L 156 -21.76 -55.69 -2.89
N PRO L 157 -20.67 -56.46 -2.83
CA PRO L 157 -20.41 -57.44 -3.88
C PRO L 157 -21.46 -58.55 -3.89
N GLN L 158 -21.59 -59.19 -5.05
CA GLN L 158 -22.61 -60.20 -5.24
C GLN L 158 -22.33 -61.43 -4.38
N GLY L 159 -23.38 -62.23 -4.17
CA GLY L 159 -23.28 -63.44 -3.39
C GLY L 159 -24.34 -63.62 -2.32
N PRO L 160 -24.70 -62.54 -1.59
CA PRO L 160 -25.80 -62.67 -0.63
C PRO L 160 -27.18 -62.36 -1.17
N TYR L 161 -27.29 -61.82 -2.38
CA TYR L 161 -28.59 -61.37 -2.88
C TYR L 161 -29.39 -62.48 -3.56
N TYR L 162 -28.74 -63.58 -3.93
CA TYR L 162 -29.45 -64.64 -4.66
C TYR L 162 -30.38 -65.38 -3.71
N CYS L 163 -31.68 -65.31 -3.98
CA CYS L 163 -32.71 -65.94 -3.14
C CYS L 163 -32.59 -65.47 -1.70
N GLY L 164 -32.25 -64.19 -1.52
CA GLY L 164 -32.01 -63.68 -0.20
C GLY L 164 -33.28 -63.22 0.51
N VAL L 165 -33.14 -63.04 1.82
CA VAL L 165 -34.23 -62.54 2.66
C VAL L 165 -33.65 -61.53 3.63
N GLY L 166 -34.37 -60.42 3.82
CA GLY L 166 -33.89 -59.36 4.69
C GLY L 166 -33.93 -58.00 4.04
N ALA L 167 -33.93 -56.94 4.84
CA ALA L 167 -34.04 -55.59 4.31
C ALA L 167 -32.81 -55.19 3.49
N ASP L 168 -31.67 -55.83 3.75
CA ASP L 168 -30.43 -55.51 3.06
C ASP L 168 -30.09 -56.52 1.96
N ARG L 169 -30.99 -57.43 1.66
CA ARG L 169 -30.69 -58.46 0.67
C ARG L 169 -31.72 -58.54 -0.45
N ALA L 170 -32.99 -58.26 -0.17
CA ALA L 170 -34.04 -58.28 -1.17
C ALA L 170 -34.63 -56.88 -1.32
N TYR L 171 -34.62 -56.37 -2.55
CA TYR L 171 -35.09 -55.02 -2.84
C TYR L 171 -36.41 -55.11 -3.60
N GLY L 172 -37.48 -54.62 -2.98
CA GLY L 172 -38.75 -54.50 -3.66
C GLY L 172 -39.54 -55.79 -3.79
N ARG L 173 -39.64 -56.55 -2.70
CA ARG L 173 -40.45 -57.76 -2.72
C ARG L 173 -41.94 -57.45 -2.77
N ASP L 174 -42.34 -56.23 -2.44
CA ASP L 174 -43.76 -55.87 -2.47
C ASP L 174 -44.32 -55.99 -3.88
N ILE L 175 -43.57 -55.54 -4.88
CA ILE L 175 -44.01 -55.65 -6.26
C ILE L 175 -44.14 -57.12 -6.65
N VAL L 176 -43.17 -57.94 -6.27
CA VAL L 176 -43.16 -59.35 -6.67
C VAL L 176 -44.37 -60.07 -6.10
N GLU L 177 -44.68 -59.84 -4.83
CA GLU L 177 -45.83 -60.49 -4.21
C GLU L 177 -47.13 -60.07 -4.87
N ALA L 178 -47.27 -58.78 -5.16
CA ALA L 178 -48.49 -58.29 -5.81
C ALA L 178 -48.64 -58.87 -7.22
N HIS L 179 -47.55 -58.93 -7.97
CA HIS L 179 -47.62 -59.47 -9.33
C HIS L 179 -47.96 -60.95 -9.31
N TYR L 180 -47.40 -61.70 -8.36
CA TYR L 180 -47.70 -63.12 -8.25
C TYR L 180 -49.18 -63.36 -7.98
N ARG L 181 -49.75 -62.59 -7.05
CA ARG L 181 -51.15 -62.78 -6.69
C ARG L 181 -52.07 -62.34 -7.83
N ALA L 182 -51.72 -61.25 -8.51
CA ALA L 182 -52.55 -60.79 -9.62
C ALA L 182 -52.54 -61.79 -10.77
N CYS L 183 -51.39 -62.38 -11.06
CA CYS L 183 -51.31 -63.37 -12.14
C CYS L 183 -52.17 -64.59 -11.84
N LEU L 184 -52.15 -65.04 -10.59
CA LEU L 184 -52.98 -66.19 -10.21
C LEU L 184 -54.45 -65.88 -10.37
N TYR L 185 -54.87 -64.67 -9.97
CA TYR L 185 -56.27 -64.29 -10.11
C TYR L 185 -56.69 -64.22 -11.57
N ALA L 186 -55.85 -63.65 -12.43
CA ALA L 186 -56.20 -63.48 -13.84
C ALA L 186 -56.27 -64.81 -14.58
N GLY L 187 -55.56 -65.83 -14.12
CA GLY L 187 -55.54 -67.11 -14.79
C GLY L 187 -54.25 -67.43 -15.51
N VAL L 188 -53.21 -66.61 -15.36
CA VAL L 188 -51.93 -66.90 -15.98
C VAL L 188 -51.25 -68.04 -15.24
N LYS L 189 -50.69 -68.98 -15.99
CA LYS L 189 -50.02 -70.15 -15.41
C LYS L 189 -48.62 -69.75 -14.96
N ILE L 190 -48.56 -69.19 -13.75
CA ILE L 190 -47.30 -68.79 -13.15
C ILE L 190 -46.83 -69.91 -12.23
N ALA L 191 -45.55 -70.29 -12.34
CA ALA L 191 -45.02 -71.44 -11.64
C ALA L 191 -44.25 -71.10 -10.37
N GLY L 192 -43.62 -69.93 -10.31
CA GLY L 192 -42.87 -69.56 -9.13
C GLY L 192 -41.98 -68.38 -9.39
N THR L 193 -41.37 -67.89 -8.31
CA THR L 193 -40.50 -66.72 -8.36
C THR L 193 -39.30 -66.94 -7.46
N ASN L 194 -38.25 -66.17 -7.71
CA ASN L 194 -37.06 -66.16 -6.87
C ASN L 194 -36.29 -64.88 -7.10
N ALA L 195 -35.44 -64.54 -6.13
CA ALA L 195 -34.55 -63.39 -6.28
C ALA L 195 -33.30 -63.80 -7.04
N GLU L 196 -32.74 -62.85 -7.79
CA GLU L 196 -31.61 -63.13 -8.67
C GLU L 196 -30.30 -62.70 -8.01
N VAL L 197 -29.22 -62.82 -8.78
CA VAL L 197 -27.88 -62.62 -8.23
C VAL L 197 -27.64 -61.17 -7.84
N MET L 198 -27.98 -60.24 -8.73
CA MET L 198 -27.75 -58.85 -8.37
C MET L 198 -29.01 -58.25 -7.74
N PRO L 199 -28.87 -57.37 -6.75
CA PRO L 199 -30.05 -56.85 -6.05
C PRO L 199 -30.97 -56.08 -6.97
N ALA L 200 -32.25 -56.06 -6.63
CA ALA L 200 -33.33 -55.46 -7.40
C ALA L 200 -33.60 -56.19 -8.71
N GLN L 201 -33.12 -57.43 -8.85
CA GLN L 201 -33.41 -58.26 -10.00
C GLN L 201 -34.18 -59.49 -9.55
N TRP L 202 -35.25 -59.82 -10.29
CA TRP L 202 -36.13 -60.91 -9.92
C TRP L 202 -36.42 -61.76 -11.14
N GLU L 203 -37.10 -62.88 -10.92
CA GLU L 203 -37.43 -63.81 -11.98
C GLU L 203 -38.73 -64.53 -11.65
N PHE L 204 -39.56 -64.74 -12.67
CA PHE L 204 -40.76 -65.56 -12.53
C PHE L 204 -40.84 -66.54 -13.69
N GLN L 205 -41.41 -67.71 -13.42
CA GLN L 205 -41.51 -68.78 -14.39
C GLN L 205 -42.95 -68.99 -14.81
N ILE L 206 -43.18 -69.09 -16.12
CA ILE L 206 -44.49 -69.33 -16.69
C ILE L 206 -44.48 -70.68 -17.38
N GLY L 207 -45.46 -71.52 -17.05
CA GLY L 207 -45.58 -72.82 -17.67
C GLY L 207 -45.91 -73.91 -16.67
N PRO L 208 -45.95 -75.16 -17.14
CA PRO L 208 -45.76 -75.61 -18.53
C PRO L 208 -47.01 -75.36 -19.38
N CYS L 209 -46.91 -74.51 -20.40
CA CYS L 209 -48.03 -74.17 -21.26
C CYS L 209 -47.91 -74.92 -22.57
N GLU L 210 -49.03 -75.39 -23.08
CA GLU L 210 -49.04 -76.20 -24.29
C GLU L 210 -49.48 -75.38 -25.49
N GLY L 211 -48.72 -75.44 -26.57
CA GLY L 211 -49.16 -74.84 -27.82
C GLY L 211 -49.00 -73.33 -27.82
N ILE L 212 -49.93 -72.66 -28.50
CA ILE L 212 -49.85 -71.22 -28.67
C ILE L 212 -50.15 -70.49 -27.36
N SER L 213 -50.70 -71.20 -26.37
CA SER L 213 -51.05 -70.56 -25.11
C SER L 213 -49.82 -70.03 -24.39
N MET L 214 -48.64 -70.59 -24.66
CA MET L 214 -47.43 -70.11 -24.00
C MET L 214 -47.12 -68.68 -24.36
N GLY L 215 -47.24 -68.33 -25.65
CA GLY L 215 -46.97 -66.96 -26.06
C GLY L 215 -48.00 -65.98 -25.57
N ASP L 216 -49.24 -66.43 -25.36
CA ASP L 216 -50.28 -65.55 -24.86
C ASP L 216 -50.08 -65.27 -23.37
N HIS L 217 -49.74 -66.30 -22.60
CA HIS L 217 -49.60 -66.14 -21.15
C HIS L 217 -48.42 -65.23 -20.80
N LEU L 218 -47.30 -65.38 -21.50
CA LEU L 218 -46.12 -64.56 -21.21
C LEU L 218 -46.40 -63.09 -21.48
N TRP L 219 -47.04 -62.78 -22.62
CA TRP L 219 -47.29 -61.39 -22.96
C TRP L 219 -48.24 -60.74 -21.97
N VAL L 220 -49.28 -61.47 -21.54
CA VAL L 220 -50.19 -60.95 -20.54
C VAL L 220 -49.47 -60.75 -19.21
N ALA L 221 -48.60 -61.70 -18.84
CA ALA L 221 -47.85 -61.57 -17.61
C ALA L 221 -46.93 -60.36 -17.64
N ARG L 222 -46.34 -60.06 -18.78
CA ARG L 222 -45.52 -58.86 -18.90
C ARG L 222 -46.37 -57.60 -18.71
N PHE L 223 -47.58 -57.59 -19.27
CA PHE L 223 -48.45 -56.43 -19.12
C PHE L 223 -48.83 -56.21 -17.66
N ILE L 224 -49.14 -57.29 -16.95
CA ILE L 224 -49.54 -57.18 -15.55
C ILE L 224 -48.39 -56.63 -14.72
N LEU L 225 -47.16 -57.07 -15.02
CA LEU L 225 -46.00 -56.58 -14.29
C LEU L 225 -45.82 -55.08 -14.50
N HIS L 226 -45.98 -54.60 -15.73
CA HIS L 226 -45.86 -53.18 -16.01
C HIS L 226 -46.96 -52.39 -15.28
N ARG L 227 -48.19 -52.92 -15.31
CA ARG L 227 -49.30 -52.23 -14.68
C ARG L 227 -49.14 -52.18 -13.16
N VAL L 228 -48.69 -53.29 -12.57
CA VAL L 228 -48.46 -53.31 -11.12
C VAL L 228 -47.36 -52.34 -10.73
N CYS L 229 -46.26 -52.32 -11.48
CA CYS L 229 -45.16 -51.42 -11.18
C CYS L 229 -45.59 -49.97 -11.31
N GLU L 230 -46.57 -49.69 -12.17
CA GLU L 230 -47.08 -48.33 -12.31
C GLU L 230 -47.75 -47.86 -11.03
N ASP L 231 -48.43 -48.75 -10.32
CA ASP L 231 -49.08 -48.38 -9.06
C ASP L 231 -48.04 -47.97 -8.02
N PHE L 232 -46.93 -48.69 -7.94
CA PHE L 232 -45.88 -48.38 -6.98
C PHE L 232 -44.96 -47.26 -7.44
N GLY L 233 -45.03 -46.86 -8.71
CA GLY L 233 -44.19 -45.78 -9.20
C GLY L 233 -42.81 -46.18 -9.65
N VAL L 234 -42.56 -47.46 -9.90
CA VAL L 234 -41.27 -47.95 -10.34
C VAL L 234 -41.41 -48.45 -11.77
N ILE L 235 -40.26 -48.71 -12.40
CA ILE L 235 -40.19 -49.13 -13.79
C ILE L 235 -39.56 -50.52 -13.84
N ALA L 236 -40.21 -51.43 -14.57
CA ALA L 236 -39.68 -52.76 -14.81
C ALA L 236 -39.09 -52.81 -16.21
N THR L 237 -37.83 -53.20 -16.32
CA THR L 237 -37.12 -53.22 -17.59
C THR L 237 -36.71 -54.65 -17.93
N PHE L 238 -36.61 -54.94 -19.23
CA PHE L 238 -36.21 -56.24 -19.72
C PHE L 238 -34.88 -56.21 -20.46
N ASP L 239 -34.07 -55.19 -20.22
CA ASP L 239 -32.79 -55.08 -20.89
C ASP L 239 -31.88 -56.24 -20.48
N PRO L 240 -31.21 -56.89 -21.44
CA PRO L 240 -30.32 -58.01 -21.07
C PRO L 240 -29.19 -57.63 -20.13
N LYS L 241 -28.62 -56.44 -20.29
CA LYS L 241 -27.50 -55.98 -19.44
C LYS L 241 -27.78 -54.56 -18.96
N PRO L 242 -28.67 -54.41 -17.98
CA PRO L 242 -28.98 -53.06 -17.49
C PRO L 242 -27.79 -52.33 -16.88
N ILE L 243 -26.89 -53.03 -16.21
CA ILE L 243 -25.75 -52.42 -15.53
C ILE L 243 -24.48 -53.08 -16.05
N PRO L 244 -23.57 -52.34 -16.68
CA PRO L 244 -22.31 -52.93 -17.12
C PRO L 244 -21.35 -53.18 -15.96
N GLY L 245 -20.47 -54.14 -16.15
CA GLY L 245 -19.45 -54.44 -15.15
C GLY L 245 -19.61 -55.81 -14.52
N ASN L 246 -19.21 -55.93 -13.26
CA ASN L 246 -19.29 -57.20 -12.53
C ASN L 246 -20.66 -57.38 -11.90
N TRP L 247 -21.69 -57.25 -12.75
CA TRP L 247 -23.08 -57.42 -12.34
C TRP L 247 -23.79 -58.35 -13.31
N ASN L 248 -24.68 -59.17 -12.77
CA ASN L 248 -25.31 -60.22 -13.57
C ASN L 248 -26.27 -59.63 -14.61
N GLY L 249 -26.42 -60.36 -15.71
CA GLY L 249 -27.33 -59.97 -16.76
C GLY L 249 -28.69 -60.63 -16.61
N ALA L 250 -29.55 -60.38 -17.60
CA ALA L 250 -30.92 -60.87 -17.59
C ALA L 250 -31.21 -61.64 -18.87
N GLY L 251 -31.75 -62.86 -18.72
CA GLY L 251 -32.11 -63.67 -19.87
C GLY L 251 -33.44 -64.37 -19.64
N CYS L 252 -33.92 -65.02 -20.68
CA CYS L 252 -35.20 -65.74 -20.66
C CYS L 252 -34.94 -67.19 -21.08
N HIS L 253 -34.61 -68.03 -20.10
CA HIS L 253 -34.40 -69.45 -20.38
C HIS L 253 -35.71 -70.11 -20.79
N THR L 254 -35.64 -70.99 -21.79
CA THR L 254 -36.81 -71.65 -22.33
C THR L 254 -36.68 -73.16 -22.13
N ASN L 255 -37.70 -73.76 -21.52
CA ASN L 255 -37.75 -75.20 -21.30
C ASN L 255 -38.75 -75.80 -22.29
N PHE L 256 -38.29 -76.82 -23.03
CA PHE L 256 -39.07 -77.41 -24.11
C PHE L 256 -39.12 -78.93 -23.96
N SER L 257 -40.29 -79.50 -24.22
CA SER L 257 -40.45 -80.94 -24.24
C SER L 257 -41.65 -81.30 -25.09
N THR L 258 -41.65 -82.52 -25.60
CA THR L 258 -42.77 -83.08 -26.35
C THR L 258 -43.25 -84.35 -25.65
N LYS L 259 -44.27 -84.97 -26.24
CA LYS L 259 -44.83 -86.18 -25.64
C LYS L 259 -43.82 -87.31 -25.64
N ALA L 260 -43.04 -87.45 -26.72
CA ALA L 260 -42.06 -88.53 -26.80
C ALA L 260 -41.00 -88.39 -25.71
N MET L 261 -40.51 -87.17 -25.49
CA MET L 261 -39.49 -86.97 -24.45
C MET L 261 -40.05 -87.20 -23.06
N ARG L 262 -41.35 -86.95 -22.86
CA ARG L 262 -41.97 -87.16 -21.56
C ARG L 262 -42.29 -88.62 -21.28
N GLU L 263 -42.17 -89.49 -22.28
CA GLU L 263 -42.45 -90.91 -22.09
C GLU L 263 -41.21 -91.61 -21.58
N GLU L 264 -41.30 -92.93 -21.39
CA GLU L 264 -40.16 -93.70 -20.90
C GLU L 264 -39.03 -93.70 -21.93
N ASN L 265 -37.80 -93.73 -21.42
CA ASN L 265 -36.57 -93.79 -22.24
C ASN L 265 -36.49 -92.64 -23.26
N GLY L 266 -37.25 -91.57 -22.99
CA GLY L 266 -37.28 -90.42 -23.88
C GLY L 266 -36.03 -89.56 -23.85
N LEU L 267 -35.03 -89.93 -23.05
CA LEU L 267 -33.78 -89.19 -23.04
C LEU L 267 -33.13 -89.16 -24.42
N LYS L 268 -33.27 -90.22 -25.20
CA LYS L 268 -32.74 -90.22 -26.55
C LYS L 268 -33.45 -89.21 -27.44
N TYR L 269 -34.76 -89.01 -27.23
CA TYR L 269 -35.46 -87.97 -27.96
C TYR L 269 -34.96 -86.59 -27.55
N ILE L 270 -34.65 -86.39 -26.27
CA ILE L 270 -34.01 -85.16 -25.84
C ILE L 270 -32.64 -85.02 -26.50
N GLU L 271 -31.88 -86.12 -26.53
CA GLU L 271 -30.56 -86.08 -27.16
C GLU L 271 -30.66 -85.84 -28.66
N GLU L 272 -31.66 -86.45 -29.32
CA GLU L 272 -31.80 -86.29 -30.76
C GLU L 272 -32.27 -84.89 -31.12
N ALA L 273 -32.84 -84.16 -30.15
CA ALA L 273 -33.25 -82.79 -30.41
C ALA L 273 -32.07 -81.83 -30.31
N ILE L 274 -31.02 -82.23 -29.60
CA ILE L 274 -29.94 -81.28 -29.27
C ILE L 274 -29.01 -81.09 -30.46
N GLU L 275 -28.56 -82.17 -31.10
CA GLU L 275 -27.59 -82.01 -32.19
C GLU L 275 -28.24 -81.41 -33.43
N LYS L 276 -29.57 -81.43 -33.50
CA LYS L 276 -30.24 -80.65 -34.54
C LYS L 276 -30.20 -79.17 -34.22
N LEU L 277 -30.30 -78.82 -32.94
CA LEU L 277 -30.10 -77.44 -32.52
C LEU L 277 -28.62 -77.06 -32.61
N SER L 278 -27.73 -78.03 -32.79
CA SER L 278 -26.30 -77.77 -32.81
C SER L 278 -25.83 -77.15 -34.13
N LYS L 279 -26.48 -77.44 -35.25
CA LYS L 279 -26.01 -76.89 -36.51
C LYS L 279 -26.82 -75.68 -36.99
N ARG L 280 -27.63 -75.07 -36.12
CA ARG L 280 -28.36 -73.85 -36.42
C ARG L 280 -28.17 -72.83 -35.30
N HIS L 281 -26.93 -72.72 -34.81
CA HIS L 281 -26.65 -71.79 -33.72
C HIS L 281 -26.85 -70.35 -34.15
N GLN L 282 -26.33 -69.97 -35.32
CA GLN L 282 -26.45 -68.60 -35.78
C GLN L 282 -27.90 -68.25 -36.11
N TYR L 283 -28.65 -69.19 -36.67
CA TYR L 283 -30.04 -68.92 -37.00
C TYR L 283 -30.88 -68.65 -35.76
N HIS L 284 -30.68 -69.44 -34.70
CA HIS L 284 -31.49 -69.27 -33.50
C HIS L 284 -31.10 -68.02 -32.73
N ILE L 285 -29.81 -67.66 -32.76
CA ILE L 285 -29.38 -66.43 -32.11
C ILE L 285 -30.06 -65.22 -32.74
N ARG L 286 -30.25 -65.26 -34.06
CA ARG L 286 -30.93 -64.16 -34.74
C ARG L 286 -32.37 -64.01 -34.29
N ALA L 287 -33.07 -65.14 -34.10
CA ALA L 287 -34.48 -65.10 -33.73
C ALA L 287 -34.71 -64.96 -32.23
N TYR L 288 -33.66 -65.05 -31.42
CA TYR L 288 -33.78 -64.94 -29.97
C TYR L 288 -33.68 -63.50 -29.49
N ASP L 289 -33.49 -62.54 -30.40
CA ASP L 289 -33.31 -61.15 -30.04
C ASP L 289 -34.10 -60.31 -31.04
N PRO L 290 -34.94 -59.38 -30.57
CA PRO L 290 -35.68 -58.52 -31.50
C PRO L 290 -34.77 -57.62 -32.32
N LYS L 291 -33.53 -57.40 -31.90
CA LYS L 291 -32.59 -56.57 -32.64
C LYS L 291 -31.56 -57.40 -33.41
N GLY L 292 -31.76 -58.71 -33.51
CA GLY L 292 -30.89 -59.57 -34.28
C GLY L 292 -29.75 -60.20 -33.51
N GLY L 293 -29.50 -59.78 -32.27
CA GLY L 293 -28.44 -60.38 -31.48
C GLY L 293 -27.51 -59.36 -30.83
N LEU L 294 -27.67 -58.09 -31.20
CA LEU L 294 -26.81 -57.05 -30.63
C LEU L 294 -27.04 -56.90 -29.13
N ASP L 295 -28.30 -56.96 -28.70
CA ASP L 295 -28.60 -56.83 -27.27
C ASP L 295 -28.02 -57.99 -26.48
N ASN L 296 -28.16 -59.21 -27.01
CA ASN L 296 -27.64 -60.39 -26.32
C ASN L 296 -26.13 -60.48 -26.35
N ALA L 297 -25.46 -59.67 -27.17
CA ALA L 297 -24.00 -59.68 -27.21
C ALA L 297 -23.38 -59.12 -25.94
N ARG L 298 -24.10 -58.24 -25.24
CA ARG L 298 -23.58 -57.66 -24.01
C ARG L 298 -23.77 -58.57 -22.79
N ARG L 299 -24.50 -59.67 -22.94
CA ARG L 299 -24.75 -60.59 -21.84
C ARG L 299 -23.94 -61.88 -21.96
N LEU L 300 -23.94 -62.52 -23.13
CA LEU L 300 -23.24 -63.79 -23.33
C LEU L 300 -21.78 -63.49 -23.62
N THR L 301 -21.04 -63.16 -22.56
CA THR L 301 -19.61 -62.88 -22.65
C THR L 301 -18.74 -64.04 -22.16
N GLY L 302 -19.35 -65.18 -21.84
CA GLY L 302 -18.60 -66.31 -21.34
C GLY L 302 -18.31 -66.28 -19.86
N PHE L 303 -18.75 -65.26 -19.14
CA PHE L 303 -18.55 -65.13 -17.72
C PHE L 303 -19.90 -65.07 -17.01
N HIS L 304 -19.85 -64.99 -15.68
CA HIS L 304 -21.06 -64.96 -14.85
C HIS L 304 -21.93 -66.19 -15.11
N GLU L 305 -21.28 -67.35 -15.26
CA GLU L 305 -21.96 -68.62 -15.53
C GLU L 305 -22.84 -68.54 -16.77
N THR L 306 -22.28 -67.97 -17.84
CA THR L 306 -22.97 -67.85 -19.12
C THR L 306 -22.07 -68.38 -20.23
N SER L 307 -22.70 -68.86 -21.29
CA SER L 307 -21.99 -69.39 -22.44
C SER L 307 -21.58 -68.27 -23.39
N ASN L 308 -20.60 -68.57 -24.23
CA ASN L 308 -20.13 -67.60 -25.21
C ASN L 308 -21.16 -67.40 -26.30
N ILE L 309 -21.16 -66.20 -26.89
CA ILE L 309 -22.15 -65.85 -27.90
C ILE L 309 -21.96 -66.67 -29.18
N ASN L 310 -20.71 -66.94 -29.57
CA ASN L 310 -20.42 -67.64 -30.82
C ASN L 310 -20.00 -69.08 -30.59
N ASP L 311 -20.30 -69.65 -29.42
CA ASP L 311 -19.91 -71.01 -29.09
C ASP L 311 -21.14 -71.80 -28.66
N PHE L 312 -21.30 -73.00 -29.23
CA PHE L 312 -22.40 -73.89 -28.88
C PHE L 312 -21.89 -74.97 -27.95
N SER L 313 -22.63 -75.24 -26.87
CA SER L 313 -22.24 -76.23 -25.89
C SER L 313 -23.48 -76.92 -25.34
N ALA L 314 -23.28 -78.11 -24.79
CA ALA L 314 -24.35 -78.87 -24.17
C ALA L 314 -23.75 -79.79 -23.11
N GLY L 315 -24.60 -80.21 -22.19
CA GLY L 315 -24.17 -81.10 -21.14
C GLY L 315 -25.22 -81.25 -20.06
N VAL L 316 -25.04 -82.29 -19.24
CA VAL L 316 -25.97 -82.56 -18.15
C VAL L 316 -25.54 -81.78 -16.92
N ALA L 317 -26.45 -80.99 -16.37
CA ALA L 317 -26.20 -80.18 -15.18
C ALA L 317 -25.02 -79.23 -15.37
N ASN L 318 -24.89 -78.71 -16.60
CA ASN L 318 -23.86 -77.74 -16.93
C ASN L 318 -24.55 -76.40 -17.20
N ARG L 319 -24.44 -75.47 -16.24
CA ARG L 319 -25.12 -74.20 -16.34
C ARG L 319 -24.35 -73.18 -17.18
N SER L 320 -23.13 -73.50 -17.60
CA SER L 320 -22.33 -72.63 -18.45
C SER L 320 -22.46 -72.99 -19.92
N ALA L 321 -23.28 -73.97 -20.28
CA ALA L 321 -23.44 -74.40 -21.65
C ALA L 321 -24.65 -73.72 -22.30
N SER L 322 -24.71 -73.81 -23.63
CA SER L 322 -25.85 -73.25 -24.35
C SER L 322 -27.13 -74.02 -24.07
N ILE L 323 -27.04 -75.34 -23.94
CA ILE L 323 -28.17 -76.20 -23.63
C ILE L 323 -27.84 -77.00 -22.39
N ARG L 324 -28.77 -77.03 -21.43
CA ARG L 324 -28.58 -77.74 -20.18
C ARG L 324 -29.63 -78.84 -20.06
N ILE L 325 -29.18 -80.04 -19.72
CA ILE L 325 -30.06 -81.17 -19.42
C ILE L 325 -30.03 -81.37 -17.91
N PRO L 326 -31.18 -81.31 -17.22
CA PRO L 326 -31.17 -81.48 -15.76
C PRO L 326 -30.62 -82.83 -15.35
N ARG L 327 -29.89 -82.83 -14.23
CA ARG L 327 -29.32 -84.07 -13.72
C ARG L 327 -30.42 -85.07 -13.36
N THR L 328 -31.53 -84.57 -12.82
CA THR L 328 -32.68 -85.43 -12.54
C THR L 328 -33.23 -86.04 -13.82
N VAL L 329 -33.30 -85.25 -14.89
CA VAL L 329 -33.78 -85.76 -16.18
C VAL L 329 -32.85 -86.85 -16.68
N GLY L 330 -31.54 -86.63 -16.58
CA GLY L 330 -30.59 -87.65 -17.02
C GLY L 330 -30.68 -88.92 -16.21
N GLN L 331 -30.81 -88.80 -14.88
CA GLN L 331 -30.92 -89.98 -14.03
C GLN L 331 -32.24 -90.70 -14.20
N GLU L 332 -33.27 -90.02 -14.73
CA GLU L 332 -34.56 -90.63 -14.97
C GLU L 332 -34.79 -90.99 -16.43
N LYS L 333 -33.88 -90.59 -17.33
CA LYS L 333 -33.93 -90.94 -18.74
C LYS L 333 -35.20 -90.41 -19.43
N LYS L 334 -35.78 -89.33 -18.89
CA LYS L 334 -36.95 -88.72 -19.48
C LYS L 334 -37.11 -87.31 -18.91
N GLY L 335 -37.85 -86.47 -19.63
CA GLY L 335 -38.11 -85.13 -19.16
C GLY L 335 -38.07 -84.06 -20.23
N TYR L 336 -37.25 -83.05 -20.02
CA TYR L 336 -37.16 -81.90 -20.91
C TYR L 336 -35.72 -81.43 -20.97
N PHE L 337 -35.49 -80.36 -21.74
CA PHE L 337 -34.19 -79.72 -21.81
C PHE L 337 -34.39 -78.21 -21.86
N GLU L 338 -33.37 -77.48 -21.41
CA GLU L 338 -33.46 -76.03 -21.22
C GLU L 338 -32.54 -75.32 -22.21
N ASP L 339 -33.06 -74.29 -22.85
CA ASP L 339 -32.27 -73.44 -23.73
C ASP L 339 -31.97 -72.13 -23.00
N ARG L 340 -30.69 -71.85 -22.79
CA ARG L 340 -30.26 -70.68 -22.02
C ARG L 340 -29.88 -69.49 -22.89
N ARG L 341 -30.09 -69.59 -24.20
CA ARG L 341 -29.68 -68.54 -25.14
C ARG L 341 -30.61 -67.33 -25.22
N PRO L 342 -31.94 -67.49 -25.23
CA PRO L 342 -32.81 -66.33 -25.48
C PRO L 342 -32.61 -65.21 -24.47
N SER L 343 -32.69 -63.98 -24.96
CA SER L 343 -32.54 -62.79 -24.13
C SER L 343 -33.81 -62.51 -23.33
N ALA L 344 -33.67 -61.64 -22.34
CA ALA L 344 -34.80 -61.30 -21.49
C ALA L 344 -35.92 -60.59 -22.26
N ASN L 345 -35.55 -59.75 -23.23
CA ASN L 345 -36.53 -59.01 -24.02
C ASN L 345 -36.94 -59.74 -25.28
N CYS L 346 -36.81 -61.07 -25.31
CA CYS L 346 -37.17 -61.85 -26.49
C CYS L 346 -38.68 -61.91 -26.66
N ASP L 347 -39.10 -62.13 -27.90
CA ASP L 347 -40.51 -62.32 -28.22
C ASP L 347 -40.85 -63.79 -28.07
N PRO L 348 -41.81 -64.15 -27.21
CA PRO L 348 -42.11 -65.59 -27.02
C PRO L 348 -42.57 -66.29 -28.28
N PHE L 349 -43.26 -65.58 -29.19
CA PHE L 349 -43.75 -66.23 -30.40
C PHE L 349 -42.61 -66.67 -31.30
N SER L 350 -41.58 -65.84 -31.42
CA SER L 350 -40.42 -66.22 -32.23
C SER L 350 -39.66 -67.38 -31.60
N VAL L 351 -39.51 -67.37 -30.29
CA VAL L 351 -38.73 -68.41 -29.62
C VAL L 351 -39.40 -69.77 -29.77
N THR L 352 -40.71 -69.82 -29.55
CA THR L 352 -41.43 -71.08 -29.69
C THR L 352 -41.45 -71.56 -31.14
N GLU L 353 -41.62 -70.63 -32.09
CA GLU L 353 -41.69 -71.00 -33.49
C GLU L 353 -40.36 -71.58 -33.98
N ALA L 354 -39.25 -70.96 -33.59
CA ALA L 354 -37.94 -71.44 -34.04
C ALA L 354 -37.64 -72.84 -33.51
N LEU L 355 -37.99 -73.10 -32.25
CA LEU L 355 -37.72 -74.42 -31.67
C LEU L 355 -38.52 -75.51 -32.38
N ILE L 356 -39.77 -75.22 -32.73
CA ILE L 356 -40.60 -76.22 -33.42
C ILE L 356 -40.02 -76.53 -34.79
N ARG L 357 -39.54 -75.52 -35.51
CA ARG L 357 -39.04 -75.73 -36.86
C ARG L 357 -37.82 -76.63 -36.88
N THR L 358 -36.81 -76.31 -36.07
CA THR L 358 -35.55 -77.05 -36.09
C THR L 358 -35.70 -78.45 -35.50
N CYS L 359 -36.43 -78.58 -34.39
CA CYS L 359 -36.48 -79.85 -33.68
C CYS L 359 -37.59 -80.78 -34.16
N LEU L 360 -38.68 -80.24 -34.70
CA LEU L 360 -39.81 -81.06 -35.13
C LEU L 360 -40.05 -81.06 -36.63
N LEU L 361 -39.80 -79.95 -37.32
CA LEU L 361 -39.99 -79.89 -38.76
C LEU L 361 -38.72 -80.21 -39.54
N ASN L 362 -37.59 -80.39 -38.87
CA ASN L 362 -36.32 -80.74 -39.50
C ASN L 362 -35.95 -79.76 -40.61
N GLU L 363 -36.14 -78.47 -40.34
CA GLU L 363 -35.82 -77.43 -41.30
C GLU L 363 -34.34 -77.06 -41.24
N THR L 364 -33.80 -76.66 -42.38
CA THR L 364 -32.41 -76.23 -42.48
C THR L 364 -32.35 -74.95 -43.28
N GLY L 365 -31.19 -74.30 -43.25
CA GLY L 365 -30.98 -73.05 -43.94
C GLY L 365 -31.02 -71.85 -43.01
N ASP L 366 -30.59 -70.71 -43.54
CA ASP L 366 -30.56 -69.47 -42.79
C ASP L 366 -31.89 -68.73 -42.80
N GLU L 367 -32.87 -69.21 -43.55
CA GLU L 367 -34.17 -68.57 -43.66
C GLU L 367 -35.27 -69.59 -43.39
N PRO L 368 -36.42 -69.14 -42.87
CA PRO L 368 -37.50 -70.09 -42.60
C PRO L 368 -38.20 -70.50 -43.88
N PHE L 369 -38.80 -71.68 -43.85
CA PHE L 369 -39.43 -72.23 -45.03
C PHE L 369 -40.74 -71.49 -45.28
N GLN L 370 -40.97 -71.09 -46.53
CA GLN L 370 -42.00 -70.11 -46.83
C GLN L 370 -43.41 -70.67 -46.89
N TYR L 371 -43.63 -71.77 -47.61
CA TYR L 371 -44.97 -72.25 -47.94
C TYR L 371 -45.45 -73.19 -46.85
N LYS L 372 -46.71 -73.01 -46.42
CA LYS L 372 -47.29 -73.82 -45.35
C LYS L 372 -46.42 -73.78 -44.10
N ASN L 373 -45.68 -72.69 -43.93
CA ASN L 373 -44.73 -72.57 -42.84
C ASN L 373 -44.43 -71.09 -42.58
N THR M 2 -46.97 -29.44 -8.24
CA THR M 2 -47.39 -29.48 -6.85
C THR M 2 -48.89 -29.70 -6.73
N THR M 3 -49.33 -30.20 -5.58
CA THR M 3 -50.73 -30.45 -5.30
C THR M 3 -51.25 -29.43 -4.29
N SER M 4 -52.57 -29.35 -4.19
CA SER M 4 -53.20 -28.37 -3.32
C SER M 4 -53.01 -28.74 -1.85
N ALA M 5 -53.11 -27.71 -1.00
CA ALA M 5 -52.97 -27.93 0.44
C ALA M 5 -54.11 -28.78 0.99
N SER M 6 -55.30 -28.67 0.40
CA SER M 6 -56.43 -29.47 0.86
C SER M 6 -56.20 -30.95 0.64
N SER M 7 -55.42 -31.31 -0.38
CA SER M 7 -55.14 -32.71 -0.66
C SER M 7 -54.17 -33.32 0.35
N HIS M 8 -53.45 -32.51 1.13
CA HIS M 8 -52.53 -33.01 2.13
C HIS M 8 -53.19 -33.26 3.48
N LEU M 9 -54.49 -32.98 3.60
CA LEU M 9 -55.20 -33.31 4.83
C LEU M 9 -55.37 -34.82 4.95
N ASN M 10 -55.55 -35.28 6.17
CA ASN M 10 -55.69 -36.72 6.43
C ASN M 10 -57.03 -37.20 5.90
N LYS M 11 -57.00 -37.90 4.77
CA LYS M 11 -58.22 -38.40 4.16
C LYS M 11 -58.85 -39.55 4.94
N GLY M 12 -58.07 -40.22 5.80
CA GLY M 12 -58.65 -41.24 6.64
C GLY M 12 -59.66 -40.68 7.64
N ILE M 13 -59.42 -39.45 8.10
CA ILE M 13 -60.35 -38.81 9.03
C ILE M 13 -61.71 -38.60 8.36
N LYS M 14 -61.70 -38.13 7.12
CA LYS M 14 -62.95 -37.90 6.41
C LYS M 14 -63.72 -39.19 6.20
N GLN M 15 -63.01 -40.29 5.91
CA GLN M 15 -63.67 -41.56 5.66
C GLN M 15 -64.39 -42.06 6.90
N VAL M 16 -63.84 -41.79 8.08
CA VAL M 16 -64.49 -42.20 9.32
C VAL M 16 -65.83 -41.50 9.47
N TYR M 17 -65.86 -40.19 9.22
CA TYR M 17 -67.12 -39.46 9.32
C TYR M 17 -68.11 -39.87 8.25
N MET M 18 -67.64 -40.13 7.03
CA MET M 18 -68.51 -40.52 5.93
C MET M 18 -69.14 -41.89 6.15
N SER M 19 -68.63 -42.70 7.08
CA SER M 19 -69.17 -44.01 7.37
C SER M 19 -70.34 -43.97 8.35
N LEU M 20 -70.63 -42.82 8.94
CA LEU M 20 -71.76 -42.72 9.85
C LEU M 20 -73.06 -42.93 9.09
N PRO M 21 -74.02 -43.69 9.64
CA PRO M 21 -75.31 -43.82 8.96
C PRO M 21 -75.99 -42.47 8.77
N GLN M 22 -76.57 -42.28 7.58
CA GLN M 22 -77.13 -40.98 7.25
C GLN M 22 -78.40 -40.71 8.02
N GLY M 23 -79.26 -41.71 8.17
CA GLY M 23 -80.56 -41.51 8.79
C GLY M 23 -81.68 -41.57 7.78
N GLU M 24 -82.54 -40.55 7.77
CA GLU M 24 -83.64 -40.49 6.81
C GLU M 24 -83.60 -39.27 5.91
N LYS M 25 -82.77 -38.27 6.23
CA LYS M 25 -82.63 -37.11 5.37
C LYS M 25 -81.83 -37.46 4.11
N VAL M 26 -82.06 -36.68 3.05
CA VAL M 26 -81.39 -36.89 1.77
C VAL M 26 -80.79 -35.57 1.32
N GLN M 27 -79.52 -35.62 0.89
CA GLN M 27 -78.85 -34.45 0.35
C GLN M 27 -78.98 -34.41 -1.16
N ALA M 28 -79.16 -33.21 -1.69
CA ALA M 28 -79.28 -33.01 -3.14
C ALA M 28 -78.32 -31.90 -3.55
N MET M 29 -77.58 -32.12 -4.62
CA MET M 29 -76.59 -31.16 -5.09
C MET M 29 -77.08 -30.53 -6.40
N TYR M 30 -77.10 -29.20 -6.45
CA TYR M 30 -77.60 -28.47 -7.60
C TYR M 30 -76.43 -27.95 -8.42
N ILE M 31 -76.42 -28.24 -9.72
CA ILE M 31 -75.34 -27.86 -10.60
C ILE M 31 -75.89 -27.00 -11.74
N TRP M 32 -75.18 -25.93 -12.06
CA TRP M 32 -75.58 -25.04 -13.14
C TRP M 32 -74.35 -24.36 -13.72
N ILE M 33 -74.50 -23.83 -14.93
CA ILE M 33 -73.40 -23.20 -15.66
C ILE M 33 -73.36 -21.72 -15.30
N ASP M 34 -72.16 -21.20 -15.08
CA ASP M 34 -71.98 -19.81 -14.69
C ASP M 34 -72.09 -18.90 -15.91
N GLY M 35 -71.73 -17.62 -15.73
CA GLY M 35 -71.84 -16.66 -16.81
C GLY M 35 -70.73 -16.75 -17.85
N THR M 36 -69.64 -17.43 -17.53
CA THR M 36 -68.55 -17.57 -18.49
C THR M 36 -68.89 -18.54 -19.61
N GLY M 37 -69.92 -19.36 -19.43
CA GLY M 37 -70.32 -20.32 -20.44
C GLY M 37 -69.56 -21.63 -20.42
N GLU M 38 -68.54 -21.76 -19.59
CA GLU M 38 -67.79 -23.01 -19.48
C GLU M 38 -67.50 -23.44 -18.05
N GLY M 39 -67.83 -22.63 -17.05
CA GLY M 39 -67.63 -23.01 -15.67
C GLY M 39 -68.89 -23.57 -15.05
N LEU M 40 -68.73 -24.19 -13.89
CA LEU M 40 -69.83 -24.83 -13.18
C LEU M 40 -69.85 -24.36 -11.73
N ARG M 41 -71.05 -24.30 -11.16
CA ARG M 41 -71.26 -23.90 -9.78
C ARG M 41 -72.19 -24.91 -9.12
N CYS M 42 -72.04 -25.06 -7.80
CA CYS M 42 -72.80 -26.09 -7.09
C CYS M 42 -73.04 -25.67 -5.65
N LYS M 43 -74.12 -26.20 -5.08
CA LYS M 43 -74.42 -26.06 -3.66
C LYS M 43 -75.45 -27.11 -3.28
N THR M 44 -75.58 -27.36 -1.98
CA THR M 44 -76.32 -28.49 -1.46
C THR M 44 -77.46 -28.05 -0.57
N ARG M 45 -78.57 -28.80 -0.64
CA ARG M 45 -79.70 -28.59 0.26
C ARG M 45 -80.16 -29.95 0.79
N THR M 46 -80.95 -29.90 1.85
CA THR M 46 -81.44 -31.11 2.52
C THR M 46 -82.90 -31.36 2.15
N LEU M 47 -83.22 -32.61 1.81
CA LEU M 47 -84.57 -33.02 1.49
C LEU M 47 -85.10 -33.98 2.55
N ASP M 48 -86.41 -34.00 2.71
CA ASP M 48 -87.02 -34.83 3.74
C ASP M 48 -87.12 -36.29 3.30
N SER M 49 -87.14 -36.55 2.00
CA SER M 49 -87.26 -37.92 1.50
C SER M 49 -86.56 -38.00 0.15
N GLU M 50 -86.24 -39.22 -0.24
CA GLU M 50 -85.56 -39.44 -1.51
C GLU M 50 -86.54 -39.27 -2.66
N PRO M 51 -86.30 -38.35 -3.59
CA PRO M 51 -87.21 -38.19 -4.73
C PRO M 51 -87.09 -39.34 -5.71
N LYS M 52 -88.21 -39.70 -6.32
CA LYS M 52 -88.24 -40.78 -7.30
C LYS M 52 -87.91 -40.30 -8.71
N CYS M 53 -88.31 -39.08 -9.06
CA CYS M 53 -88.06 -38.56 -10.40
C CYS M 53 -87.69 -37.09 -10.28
N VAL M 54 -87.07 -36.58 -11.35
CA VAL M 54 -86.59 -35.20 -11.34
C VAL M 54 -87.75 -34.21 -11.23
N GLU M 55 -88.97 -34.62 -11.58
CA GLU M 55 -90.11 -33.72 -11.51
C GLU M 55 -90.52 -33.38 -10.09
N GLU M 56 -90.05 -34.12 -9.09
CA GLU M 56 -90.40 -33.88 -7.70
C GLU M 56 -89.46 -32.92 -7.00
N LEU M 57 -88.37 -32.52 -7.64
CA LEU M 57 -87.39 -31.65 -7.00
C LEU M 57 -87.89 -30.20 -7.02
N PRO M 58 -87.91 -29.52 -5.88
CA PRO M 58 -88.37 -28.14 -5.85
C PRO M 58 -87.37 -27.20 -6.51
N GLU M 59 -87.87 -26.05 -6.92
CA GLU M 59 -87.04 -25.01 -7.52
C GLU M 59 -86.20 -24.32 -6.45
N TRP M 60 -85.20 -23.57 -6.89
CA TRP M 60 -84.28 -22.89 -5.99
C TRP M 60 -83.84 -21.58 -6.63
N ASN M 61 -82.88 -20.92 -6.00
CA ASN M 61 -82.42 -19.60 -6.45
C ASN M 61 -81.00 -19.39 -5.95
N PHE M 62 -80.33 -18.39 -6.53
CA PHE M 62 -78.97 -18.05 -6.13
C PHE M 62 -78.73 -16.57 -6.48
N ASP M 63 -77.58 -16.07 -6.06
CA ASP M 63 -77.19 -14.68 -6.30
C ASP M 63 -76.42 -14.61 -7.61
N GLY M 64 -77.00 -13.93 -8.60
CA GLY M 64 -76.34 -13.79 -9.89
C GLY M 64 -75.21 -12.79 -9.92
N SER M 65 -75.20 -11.84 -8.99
CA SER M 65 -74.12 -10.85 -8.95
C SER M 65 -72.77 -11.50 -8.63
N SER M 66 -72.76 -12.47 -7.71
CA SER M 66 -71.51 -13.17 -7.40
C SER M 66 -71.03 -14.04 -8.56
N THR M 67 -71.90 -14.34 -9.51
CA THR M 67 -71.55 -15.17 -10.66
C THR M 67 -71.34 -14.34 -11.92
N LEU M 68 -71.26 -13.01 -11.79
CA LEU M 68 -71.12 -12.08 -12.92
C LEU M 68 -72.17 -12.36 -14.01
N GLN M 69 -73.31 -12.92 -13.58
CA GLN M 69 -74.33 -13.36 -14.51
C GLN M 69 -75.63 -12.58 -14.33
N SER M 70 -75.60 -11.43 -13.65
CA SER M 70 -76.80 -10.64 -13.39
C SER M 70 -76.41 -9.19 -13.18
N GLU M 71 -77.42 -8.32 -13.21
CA GLU M 71 -77.22 -6.89 -13.03
C GLU M 71 -77.17 -6.56 -11.54
N GLY M 72 -77.21 -5.27 -11.21
CA GLY M 72 -77.09 -4.83 -9.84
C GLY M 72 -78.32 -5.05 -8.99
N SER M 73 -79.45 -4.48 -9.40
CA SER M 73 -80.66 -4.55 -8.59
C SER M 73 -81.28 -5.95 -8.63
N ASN M 74 -81.70 -6.40 -9.81
CA ASN M 74 -82.32 -7.71 -9.95
C ASN M 74 -81.23 -8.78 -10.08
N SER M 75 -80.54 -9.00 -8.97
CA SER M 75 -79.44 -9.95 -8.92
C SER M 75 -79.89 -11.39 -8.74
N ASP M 76 -81.12 -11.61 -8.27
CA ASP M 76 -81.59 -12.97 -8.03
C ASP M 76 -81.82 -13.71 -9.35
N MET M 77 -81.51 -15.01 -9.33
CA MET M 77 -81.74 -15.88 -10.48
C MET M 77 -82.45 -17.13 -9.97
N TYR M 78 -82.82 -18.01 -10.90
CA TYR M 78 -83.61 -19.19 -10.58
C TYR M 78 -83.01 -20.43 -11.22
N LEU M 79 -83.18 -21.57 -10.53
CA LEU M 79 -82.76 -22.86 -11.02
C LEU M 79 -83.97 -23.79 -11.12
N VAL M 80 -84.15 -24.39 -12.29
CA VAL M 80 -85.20 -25.37 -12.54
C VAL M 80 -84.54 -26.72 -12.82
N PRO M 81 -84.81 -27.74 -12.01
CA PRO M 81 -84.15 -29.04 -12.24
C PRO M 81 -84.48 -29.60 -13.62
N ALA M 82 -83.48 -30.24 -14.22
CA ALA M 82 -83.61 -30.83 -15.55
C ALA M 82 -83.30 -32.31 -15.58
N ALA M 83 -82.28 -32.76 -14.86
CA ALA M 83 -81.90 -34.16 -14.83
C ALA M 83 -81.43 -34.53 -13.44
N MET M 84 -81.61 -35.80 -13.09
CA MET M 84 -81.23 -36.31 -11.77
C MET M 84 -80.31 -37.52 -11.94
N PHE M 85 -79.29 -37.59 -11.10
CA PHE M 85 -78.33 -38.68 -11.15
C PHE M 85 -77.96 -39.07 -9.72
N ARG M 86 -77.55 -40.33 -9.57
CA ARG M 86 -77.06 -40.79 -8.27
C ARG M 86 -75.74 -40.11 -7.91
N ASP M 87 -75.59 -39.80 -6.64
CA ASP M 87 -74.38 -39.13 -6.16
C ASP M 87 -73.29 -40.16 -5.91
N PRO M 88 -72.16 -40.10 -6.63
CA PRO M 88 -71.08 -41.04 -6.36
C PRO M 88 -70.19 -40.63 -5.20
N PHE M 89 -70.18 -39.36 -4.82
CA PHE M 89 -69.33 -38.88 -3.74
C PHE M 89 -69.97 -39.03 -2.37
N ARG M 90 -71.30 -39.13 -2.31
CA ARG M 90 -72.01 -39.37 -1.06
C ARG M 90 -72.81 -40.66 -1.06
N LYS M 91 -72.85 -41.39 -2.18
CA LYS M 91 -73.55 -42.66 -2.30
C LYS M 91 -75.06 -42.50 -2.16
N ASP M 92 -75.80 -43.59 -2.32
CA ASP M 92 -77.24 -43.54 -2.23
C ASP M 92 -77.67 -43.21 -0.80
N PRO M 93 -78.84 -42.57 -0.63
CA PRO M 93 -79.79 -42.14 -1.63
C PRO M 93 -79.62 -40.68 -2.07
N ASN M 94 -78.43 -40.11 -1.89
CA ASN M 94 -78.21 -38.73 -2.30
C ASN M 94 -78.18 -38.61 -3.81
N LYS M 95 -78.46 -37.40 -4.30
CA LYS M 95 -78.69 -37.19 -5.73
C LYS M 95 -77.89 -36.00 -6.22
N LEU M 96 -77.61 -36.01 -7.53
CA LEU M 96 -77.06 -34.86 -8.24
C LEU M 96 -78.12 -34.33 -9.20
N VAL M 97 -78.29 -33.02 -9.21
CA VAL M 97 -79.33 -32.37 -10.00
C VAL M 97 -78.69 -31.35 -10.93
N LEU M 98 -78.94 -31.49 -12.22
CA LEU M 98 -78.52 -30.49 -13.20
C LEU M 98 -79.70 -29.58 -13.50
N CYS M 99 -79.49 -28.27 -13.40
CA CYS M 99 -80.57 -27.30 -13.45
C CYS M 99 -80.35 -26.29 -14.56
N GLU M 100 -81.45 -25.73 -15.03
CA GLU M 100 -81.45 -24.63 -15.99
C GLU M 100 -81.55 -23.31 -15.25
N VAL M 101 -80.93 -22.28 -15.83
CA VAL M 101 -80.85 -20.96 -15.21
C VAL M 101 -81.80 -20.01 -15.91
N PHE M 102 -82.64 -19.33 -15.13
CA PHE M 102 -83.58 -18.36 -15.65
C PHE M 102 -83.40 -17.03 -14.93
N LYS M 103 -83.64 -15.95 -15.67
CA LYS M 103 -83.52 -14.61 -15.12
C LYS M 103 -84.67 -14.33 -14.15
N TYR M 104 -84.67 -13.13 -13.57
CA TYR M 104 -85.74 -12.75 -12.65
C TYR M 104 -87.08 -12.65 -13.35
N ASN M 105 -87.09 -12.29 -14.64
CA ASN M 105 -88.30 -12.22 -15.43
C ASN M 105 -88.65 -13.55 -16.10
N ARG M 106 -88.11 -14.66 -15.56
CA ARG M 106 -88.38 -16.00 -16.08
C ARG M 106 -87.97 -16.16 -17.54
N ARG M 107 -86.93 -15.44 -17.95
CA ARG M 107 -86.38 -15.70 -19.27
C ARG M 107 -85.05 -16.43 -19.15
N PRO M 108 -84.73 -17.28 -20.13
CA PRO M 108 -83.43 -17.97 -20.07
C PRO M 108 -82.27 -17.01 -20.10
N ALA M 109 -81.21 -17.36 -19.37
CA ALA M 109 -80.03 -16.52 -19.31
C ALA M 109 -79.23 -16.62 -20.61
N GLU M 110 -78.20 -15.79 -20.72
CA GLU M 110 -77.38 -15.78 -21.92
C GLU M 110 -76.68 -17.12 -22.13
N THR M 111 -76.19 -17.71 -21.05
CA THR M 111 -75.50 -19.00 -21.12
C THR M 111 -76.46 -20.19 -21.08
N ASN M 112 -77.75 -19.95 -20.92
CA ASN M 112 -78.75 -21.02 -20.90
C ASN M 112 -79.09 -21.38 -22.33
N LEU M 113 -78.27 -22.25 -22.92
CA LEU M 113 -78.46 -22.70 -24.28
C LEU M 113 -79.28 -23.99 -24.37
N ARG M 114 -79.64 -24.58 -23.24
CA ARG M 114 -80.43 -25.82 -23.26
C ARG M 114 -81.87 -25.55 -23.66
N HIS M 115 -82.40 -24.37 -23.39
CA HIS M 115 -83.80 -24.08 -23.67
C HIS M 115 -84.10 -24.19 -25.16
N THR M 116 -83.42 -23.39 -25.98
CA THR M 116 -83.63 -23.46 -27.42
C THR M 116 -83.14 -24.78 -28.00
N CYS M 117 -82.12 -25.39 -27.38
CA CYS M 117 -81.59 -26.65 -27.88
C CYS M 117 -82.60 -27.78 -27.71
N LYS M 118 -83.36 -27.76 -26.62
CA LYS M 118 -84.35 -28.81 -26.38
C LYS M 118 -85.46 -28.74 -27.43
N ARG M 119 -85.89 -27.53 -27.79
CA ARG M 119 -86.96 -27.39 -28.77
C ARG M 119 -86.54 -27.94 -30.13
N ILE M 120 -85.28 -27.74 -30.51
CA ILE M 120 -84.81 -28.17 -31.82
C ILE M 120 -84.87 -29.69 -31.95
N MET M 121 -84.42 -30.41 -30.91
CA MET M 121 -84.45 -31.87 -30.98
C MET M 121 -85.87 -32.40 -30.97
N ASP M 122 -86.80 -31.68 -30.34
CA ASP M 122 -88.20 -32.10 -30.36
C ASP M 122 -88.78 -32.03 -31.76
N MET M 123 -88.14 -31.29 -32.67
CA MET M 123 -88.63 -31.18 -34.04
C MET M 123 -88.42 -32.48 -34.80
N VAL M 124 -87.23 -33.06 -34.70
CA VAL M 124 -86.83 -34.22 -35.48
C VAL M 124 -86.74 -35.47 -34.61
N SER M 125 -87.51 -35.51 -33.52
CA SER M 125 -87.47 -36.61 -32.57
C SER M 125 -87.79 -37.95 -33.24
N ASN M 126 -88.58 -37.91 -34.30
CA ASN M 126 -88.92 -39.14 -35.03
C ASN M 126 -87.72 -39.75 -35.73
N GLN M 127 -86.74 -38.93 -36.14
CA GLN M 127 -85.54 -39.44 -36.79
C GLN M 127 -84.56 -40.06 -35.81
N HIS M 128 -84.72 -39.82 -34.51
CA HIS M 128 -83.86 -40.37 -33.47
C HIS M 128 -82.39 -40.09 -33.72
N PRO M 129 -81.96 -38.84 -33.60
CA PRO M 129 -80.53 -38.53 -33.77
C PRO M 129 -79.72 -39.06 -32.60
N TRP M 130 -78.60 -39.70 -32.91
CA TRP M 130 -77.67 -40.20 -31.91
C TRP M 130 -76.38 -39.41 -31.97
N PHE M 131 -75.78 -39.20 -30.80
CA PHE M 131 -74.58 -38.38 -30.68
C PHE M 131 -73.54 -39.11 -29.83
N GLY M 132 -72.28 -38.90 -30.18
CA GLY M 132 -71.17 -39.38 -29.37
C GLY M 132 -69.98 -38.44 -29.45
N MET M 133 -69.49 -37.97 -28.30
CA MET M 133 -68.40 -37.00 -28.27
C MET M 133 -67.24 -37.53 -27.45
N GLU M 134 -66.04 -37.39 -28.01
CA GLU M 134 -64.80 -37.80 -27.34
C GLU M 134 -64.18 -36.55 -26.72
N GLN M 135 -64.25 -36.44 -25.40
CA GLN M 135 -63.80 -35.27 -24.67
C GLN M 135 -62.37 -35.49 -24.22
N GLU M 136 -61.49 -34.54 -24.54
CA GLU M 136 -60.08 -34.61 -24.17
C GLU M 136 -59.76 -33.53 -23.16
N TYR M 137 -58.81 -33.83 -22.27
CA TYR M 137 -58.44 -32.92 -21.20
C TYR M 137 -57.01 -33.20 -20.78
N THR M 138 -56.43 -32.24 -20.05
CA THR M 138 -55.08 -32.35 -19.55
C THR M 138 -55.06 -32.12 -18.05
N LEU M 139 -54.39 -33.00 -17.32
CA LEU M 139 -54.23 -32.87 -15.88
C LEU M 139 -53.10 -31.91 -15.57
N MET M 140 -53.37 -30.93 -14.72
CA MET M 140 -52.42 -29.86 -14.42
C MET M 140 -52.23 -29.75 -12.92
N GLY M 141 -51.01 -29.41 -12.51
CA GLY M 141 -50.75 -29.12 -11.12
C GLY M 141 -51.20 -27.73 -10.74
N THR M 142 -51.11 -27.45 -9.44
CA THR M 142 -51.53 -26.13 -8.94
C THR M 142 -50.58 -25.02 -9.36
N ASP M 143 -49.42 -25.34 -9.90
CA ASP M 143 -48.45 -24.34 -10.32
C ASP M 143 -48.60 -23.94 -11.78
N GLY M 144 -49.60 -24.46 -12.49
CA GLY M 144 -49.81 -24.14 -13.88
C GLY M 144 -49.02 -24.99 -14.85
N HIS M 145 -48.35 -26.03 -14.38
CA HIS M 145 -47.59 -26.95 -15.22
C HIS M 145 -48.32 -28.28 -15.33
N PRO M 146 -48.15 -29.02 -16.44
CA PRO M 146 -48.80 -30.32 -16.55
C PRO M 146 -48.35 -31.27 -15.43
N PHE M 147 -49.29 -32.08 -14.95
CA PHE M 147 -49.02 -32.95 -13.83
C PHE M 147 -48.01 -34.03 -14.22
N GLY M 148 -46.99 -34.21 -13.37
CA GLY M 148 -45.97 -35.21 -13.60
C GLY M 148 -44.83 -34.76 -14.48
N TRP M 149 -44.89 -33.57 -15.06
CA TRP M 149 -43.81 -33.10 -15.91
C TRP M 149 -42.62 -32.66 -15.05
N PRO M 150 -41.41 -32.72 -15.60
CA PRO M 150 -40.24 -32.24 -14.84
C PRO M 150 -40.36 -30.75 -14.54
N SER M 151 -39.81 -30.37 -13.40
CA SER M 151 -39.87 -28.97 -12.97
C SER M 151 -39.07 -28.09 -13.93
N ASN M 152 -39.76 -27.12 -14.53
CA ASN M 152 -39.14 -26.20 -15.49
C ASN M 152 -38.48 -26.95 -16.64
N GLY M 153 -39.10 -28.04 -17.07
CA GLY M 153 -38.53 -28.85 -18.12
C GLY M 153 -39.61 -29.57 -18.90
N PHE M 154 -39.18 -30.47 -19.77
CA PHE M 154 -40.07 -31.21 -20.64
C PHE M 154 -39.75 -32.70 -20.58
N PRO M 155 -40.74 -33.55 -20.82
CA PRO M 155 -40.46 -34.98 -20.96
C PRO M 155 -39.88 -35.30 -22.33
N GLY M 156 -39.73 -36.59 -22.62
CA GLY M 156 -39.17 -37.01 -23.88
C GLY M 156 -40.10 -36.71 -25.05
N PRO M 157 -39.62 -36.93 -26.26
CA PRO M 157 -40.45 -36.65 -27.45
C PRO M 157 -41.65 -37.59 -27.51
N GLN M 158 -42.68 -37.12 -28.21
CA GLN M 158 -43.93 -37.85 -28.31
C GLN M 158 -43.74 -39.17 -29.06
N GLY M 159 -44.68 -40.08 -28.87
CA GLY M 159 -44.65 -41.36 -29.52
C GLY M 159 -44.86 -42.56 -28.62
N PRO M 160 -44.28 -42.57 -27.42
CA PRO M 160 -44.56 -43.67 -26.49
C PRO M 160 -45.74 -43.44 -25.55
N TYR M 161 -46.25 -42.21 -25.45
CA TYR M 161 -47.28 -41.90 -24.48
C TYR M 161 -48.69 -42.25 -24.93
N TYR M 162 -48.90 -42.46 -26.22
CA TYR M 162 -50.25 -42.74 -26.73
C TYR M 162 -50.67 -44.14 -26.34
N CYS M 163 -51.74 -44.23 -25.54
CA CYS M 163 -52.24 -45.52 -25.03
C CYS M 163 -51.16 -46.31 -24.32
N GLY M 164 -50.26 -45.61 -23.62
CA GLY M 164 -49.12 -46.27 -23.02
C GLY M 164 -49.44 -46.84 -21.64
N VAL M 165 -48.53 -47.68 -21.17
CA VAL M 165 -48.61 -48.29 -19.85
C VAL M 165 -47.23 -48.26 -19.21
N GLY M 166 -47.18 -47.90 -17.93
CA GLY M 166 -45.92 -47.82 -17.23
C GLY M 166 -45.76 -46.52 -16.46
N ALA M 167 -44.84 -46.50 -15.50
CA ALA M 167 -44.66 -45.32 -14.67
C ALA M 167 -44.11 -44.15 -15.46
N ASP M 168 -43.40 -44.42 -16.56
CA ASP M 168 -42.80 -43.37 -17.38
C ASP M 168 -43.61 -43.03 -18.61
N ARG M 169 -44.79 -43.61 -18.76
CA ARG M 169 -45.57 -43.40 -19.98
C ARG M 169 -46.97 -42.87 -19.72
N ALA M 170 -47.58 -43.23 -18.60
CA ALA M 170 -48.92 -42.76 -18.25
C ALA M 170 -48.85 -41.98 -16.94
N TYR M 171 -49.35 -40.75 -16.96
CA TYR M 171 -49.31 -39.86 -15.81
C TYR M 171 -50.72 -39.69 -15.27
N GLY M 172 -50.94 -40.10 -14.03
CA GLY M 172 -52.20 -39.85 -13.35
C GLY M 172 -53.34 -40.76 -13.75
N ARG M 173 -53.09 -42.07 -13.80
CA ARG M 173 -54.16 -43.00 -14.13
C ARG M 173 -55.13 -43.19 -12.98
N ASP M 174 -54.74 -42.82 -11.76
CA ASP M 174 -55.64 -42.95 -10.61
C ASP M 174 -56.88 -42.09 -10.79
N ILE M 175 -56.70 -40.87 -11.29
CA ILE M 175 -57.83 -39.99 -11.55
C ILE M 175 -58.74 -40.60 -12.61
N VAL M 176 -58.16 -41.14 -13.68
CA VAL M 176 -58.95 -41.68 -14.78
C VAL M 176 -59.78 -42.86 -14.31
N GLU M 177 -59.17 -43.77 -13.55
CA GLU M 177 -59.91 -44.94 -13.07
C GLU M 177 -61.02 -44.53 -12.10
N ALA M 178 -60.73 -43.58 -11.22
CA ALA M 178 -61.76 -43.12 -10.28
C ALA M 178 -62.91 -42.45 -11.01
N HIS M 179 -62.60 -41.62 -12.00
CA HIS M 179 -63.66 -40.93 -12.73
C HIS M 179 -64.51 -41.91 -13.53
N TYR M 180 -63.88 -42.93 -14.12
CA TYR M 180 -64.64 -43.93 -14.87
C TYR M 180 -65.62 -44.66 -13.97
N ARG M 181 -65.17 -45.08 -12.79
CA ARG M 181 -66.04 -45.82 -11.87
C ARG M 181 -67.17 -44.93 -11.34
N ALA M 182 -66.86 -43.67 -11.04
CA ALA M 182 -67.87 -42.76 -10.54
C ALA M 182 -68.95 -42.50 -11.58
N CYS M 183 -68.56 -42.33 -12.84
CA CYS M 183 -69.54 -42.07 -13.90
C CYS M 183 -70.48 -43.27 -14.08
N LEU M 184 -69.94 -44.49 -14.01
CA LEU M 184 -70.78 -45.67 -14.15
C LEU M 184 -71.78 -45.75 -13.00
N TYR M 185 -71.35 -45.44 -11.78
CA TYR M 185 -72.25 -45.48 -10.63
C TYR M 185 -73.36 -44.44 -10.77
N ALA M 186 -73.01 -43.23 -11.22
CA ALA M 186 -73.99 -42.16 -11.30
C ALA M 186 -75.02 -42.38 -12.40
N GLY M 187 -74.69 -43.16 -13.42
CA GLY M 187 -75.58 -43.40 -14.54
C GLY M 187 -75.21 -42.69 -15.82
N VAL M 188 -74.05 -42.03 -15.88
CA VAL M 188 -73.59 -41.40 -17.10
C VAL M 188 -73.19 -42.47 -18.10
N LYS M 189 -73.60 -42.30 -19.35
CA LYS M 189 -73.28 -43.26 -20.41
C LYS M 189 -71.86 -42.99 -20.91
N ILE M 190 -70.89 -43.55 -20.19
CA ILE M 190 -69.49 -43.45 -20.56
C ILE M 190 -69.11 -44.70 -21.34
N ALA M 191 -68.42 -44.49 -22.47
CA ALA M 191 -68.12 -45.58 -23.39
C ALA M 191 -66.71 -46.13 -23.27
N GLY M 192 -65.74 -45.31 -22.88
CA GLY M 192 -64.38 -45.79 -22.75
C GLY M 192 -63.40 -44.64 -22.61
N THR M 193 -62.15 -45.01 -22.34
CA THR M 193 -61.08 -44.05 -22.12
C THR M 193 -59.80 -44.54 -22.78
N ASN M 194 -58.88 -43.60 -23.00
CA ASN M 194 -57.57 -43.93 -23.53
C ASN M 194 -56.62 -42.78 -23.23
N ALA M 195 -55.33 -43.11 -23.12
CA ALA M 195 -54.30 -42.10 -22.96
C ALA M 195 -54.01 -41.44 -24.31
N GLU M 196 -53.68 -40.16 -24.29
CA GLU M 196 -53.49 -39.38 -25.49
C GLU M 196 -52.02 -39.28 -25.86
N VAL M 197 -51.73 -38.49 -26.90
CA VAL M 197 -50.40 -38.45 -27.47
C VAL M 197 -49.40 -37.81 -26.50
N MET M 198 -49.77 -36.70 -25.90
CA MET M 198 -48.82 -36.07 -24.98
C MET M 198 -49.07 -36.58 -23.55
N PRO M 199 -48.03 -36.62 -22.72
CA PRO M 199 -48.21 -37.15 -21.36
C PRO M 199 -49.13 -36.27 -20.53
N ALA M 200 -49.81 -36.88 -19.57
CA ALA M 200 -50.78 -36.25 -18.68
C ALA M 200 -52.02 -35.76 -19.43
N GLN M 201 -52.27 -36.28 -20.62
CA GLN M 201 -53.45 -35.95 -21.40
C GLN M 201 -54.26 -37.21 -21.64
N TRP M 202 -55.57 -37.12 -21.40
CA TRP M 202 -56.45 -38.28 -21.49
C TRP M 202 -57.71 -37.91 -22.26
N GLU M 203 -58.57 -38.91 -22.46
CA GLU M 203 -59.80 -38.72 -23.21
C GLU M 203 -60.81 -39.77 -22.77
N PHE M 204 -62.07 -39.36 -22.66
CA PHE M 204 -63.17 -40.28 -22.40
C PHE M 204 -64.29 -40.01 -23.40
N GLN M 205 -65.06 -41.06 -23.70
CA GLN M 205 -66.10 -41.01 -24.70
C GLN M 205 -67.47 -41.18 -24.05
N ILE M 206 -68.41 -40.33 -24.44
CA ILE M 206 -69.78 -40.36 -23.95
C ILE M 206 -70.69 -40.67 -25.13
N GLY M 207 -71.60 -41.61 -24.93
CA GLY M 207 -72.57 -41.95 -25.95
C GLY M 207 -72.71 -43.44 -26.15
N PRO M 208 -73.55 -43.85 -27.11
CA PRO M 208 -74.40 -43.02 -27.97
C PRO M 208 -75.65 -42.55 -27.23
N CYS M 209 -75.84 -41.24 -27.11
CA CYS M 209 -76.98 -40.67 -26.41
C CYS M 209 -77.93 -40.06 -27.44
N GLU M 210 -79.22 -40.13 -27.16
CA GLU M 210 -80.23 -39.70 -28.12
C GLU M 210 -80.76 -38.32 -27.76
N GLY M 211 -80.65 -37.38 -28.69
CA GLY M 211 -81.31 -36.09 -28.53
C GLY M 211 -80.70 -35.24 -27.44
N ILE M 212 -81.58 -34.61 -26.66
CA ILE M 212 -81.14 -33.67 -25.62
C ILE M 212 -80.43 -34.41 -24.49
N SER M 213 -80.51 -35.74 -24.47
CA SER M 213 -79.92 -36.51 -23.39
C SER M 213 -78.40 -36.35 -23.31
N MET M 214 -77.72 -36.19 -24.44
CA MET M 214 -76.27 -36.11 -24.43
C MET M 214 -75.79 -34.84 -23.74
N GLY M 215 -76.47 -33.71 -23.99
CA GLY M 215 -76.03 -32.45 -23.41
C GLY M 215 -76.01 -32.50 -21.89
N ASP M 216 -76.98 -33.20 -21.31
CA ASP M 216 -76.99 -33.39 -19.86
C ASP M 216 -75.85 -34.30 -19.42
N HIS M 217 -75.64 -35.41 -20.14
CA HIS M 217 -74.65 -36.39 -19.73
C HIS M 217 -73.24 -35.82 -19.79
N LEU M 218 -72.91 -35.09 -20.84
CA LEU M 218 -71.57 -34.53 -20.97
C LEU M 218 -71.29 -33.51 -19.86
N TRP M 219 -72.26 -32.64 -19.58
CA TRP M 219 -72.06 -31.62 -18.57
C TRP M 219 -71.89 -32.23 -17.19
N VAL M 220 -72.67 -33.26 -16.88
CA VAL M 220 -72.52 -33.94 -15.59
C VAL M 220 -71.17 -34.64 -15.52
N ALA M 221 -70.74 -35.26 -16.62
CA ALA M 221 -69.45 -35.94 -16.63
C ALA M 221 -68.31 -34.95 -16.41
N ARG M 222 -68.42 -33.73 -16.94
CA ARG M 222 -67.41 -32.72 -16.68
C ARG M 222 -67.38 -32.36 -15.20
N PHE M 223 -68.56 -32.24 -14.58
CA PHE M 223 -68.61 -31.89 -13.16
C PHE M 223 -67.96 -32.96 -12.30
N ILE M 224 -68.23 -34.23 -12.62
CA ILE M 224 -67.66 -35.33 -11.84
C ILE M 224 -66.14 -35.32 -11.96
N LEU M 225 -65.63 -35.05 -13.17
CA LEU M 225 -64.19 -34.99 -13.37
C LEU M 225 -63.57 -33.88 -12.51
N HIS M 226 -64.19 -32.71 -12.50
CA HIS M 226 -63.68 -31.61 -11.67
C HIS M 226 -63.72 -31.97 -10.19
N ARG M 227 -64.81 -32.60 -9.75
CA ARG M 227 -64.95 -32.95 -8.34
C ARG M 227 -63.98 -34.05 -7.94
N VAL M 228 -63.74 -35.03 -8.82
CA VAL M 228 -62.79 -36.10 -8.53
C VAL M 228 -61.37 -35.54 -8.44
N CYS M 229 -61.01 -34.69 -9.41
CA CYS M 229 -59.67 -34.10 -9.40
C CYS M 229 -59.46 -33.22 -8.17
N GLU M 230 -60.54 -32.67 -7.62
CA GLU M 230 -60.42 -31.87 -6.40
C GLU M 230 -59.96 -32.72 -5.22
N ASP M 231 -60.41 -33.97 -5.15
CA ASP M 231 -59.97 -34.86 -4.07
C ASP M 231 -58.49 -35.13 -4.14
N PHE M 232 -57.95 -35.36 -5.34
CA PHE M 232 -56.54 -35.63 -5.51
C PHE M 232 -55.67 -34.38 -5.47
N GLY M 233 -56.26 -33.20 -5.56
CA GLY M 233 -55.50 -31.97 -5.51
C GLY M 233 -54.93 -31.52 -6.83
N VAL M 234 -55.49 -31.95 -7.96
CA VAL M 234 -55.02 -31.55 -9.28
C VAL M 234 -56.15 -30.82 -10.00
N ILE M 235 -55.79 -30.18 -11.11
CA ILE M 235 -56.72 -29.36 -11.89
C ILE M 235 -56.87 -29.99 -13.26
N ALA M 236 -58.11 -30.18 -13.70
CA ALA M 236 -58.41 -30.65 -15.04
C ALA M 236 -58.82 -29.47 -15.90
N THR M 237 -58.14 -29.30 -17.03
CA THR M 237 -58.37 -28.16 -17.92
C THR M 237 -58.86 -28.65 -19.27
N PHE M 238 -59.66 -27.81 -19.94
CA PHE M 238 -60.20 -28.10 -21.25
C PHE M 238 -59.66 -27.16 -22.32
N ASP M 239 -58.53 -26.52 -22.07
CA ASP M 239 -57.96 -25.61 -23.05
C ASP M 239 -57.55 -26.37 -24.30
N PRO M 240 -57.88 -25.86 -25.49
CA PRO M 240 -57.52 -26.57 -26.73
C PRO M 240 -56.03 -26.75 -26.91
N LYS M 241 -55.21 -25.78 -26.52
CA LYS M 241 -53.75 -25.86 -26.67
C LYS M 241 -53.09 -25.44 -25.36
N PRO M 242 -53.09 -26.32 -24.35
CA PRO M 242 -52.47 -25.96 -23.07
C PRO M 242 -50.98 -25.67 -23.16
N ILE M 243 -50.25 -26.35 -24.03
CA ILE M 243 -48.80 -26.22 -24.14
C ILE M 243 -48.45 -25.87 -25.57
N PRO M 244 -47.88 -24.70 -25.85
CA PRO M 244 -47.48 -24.38 -27.23
C PRO M 244 -46.25 -25.17 -27.65
N GLY M 245 -46.11 -25.35 -28.95
CA GLY M 245 -44.96 -26.05 -29.50
C GLY M 245 -45.31 -27.36 -30.15
N ASN M 246 -44.36 -28.31 -30.13
CA ASN M 246 -44.56 -29.62 -30.74
C ASN M 246 -45.23 -30.57 -29.74
N TRP M 247 -46.38 -30.13 -29.23
CA TRP M 247 -47.18 -30.92 -28.30
C TRP M 247 -48.62 -30.93 -28.76
N ASN M 248 -49.27 -32.08 -28.62
CA ASN M 248 -50.61 -32.26 -29.17
C ASN M 248 -51.63 -31.38 -28.45
N GLY M 249 -52.65 -30.96 -29.20
CA GLY M 249 -53.72 -30.17 -28.65
C GLY M 249 -54.88 -31.03 -28.18
N ALA M 250 -55.95 -30.35 -27.75
CA ALA M 250 -57.12 -31.00 -27.20
C ALA M 250 -58.37 -30.59 -27.96
N GLY M 251 -59.15 -31.57 -28.42
CA GLY M 251 -60.39 -31.31 -29.11
C GLY M 251 -61.47 -32.27 -28.67
N CYS M 252 -62.70 -31.98 -29.10
CA CYS M 252 -63.87 -32.78 -28.76
C CYS M 252 -64.54 -33.24 -30.05
N HIS M 253 -64.11 -34.38 -30.56
CA HIS M 253 -64.72 -34.93 -31.76
C HIS M 253 -66.15 -35.37 -31.48
N THR M 254 -67.04 -35.13 -32.43
CA THR M 254 -68.46 -35.44 -32.28
C THR M 254 -68.88 -36.43 -33.35
N ASN M 255 -69.50 -37.53 -32.93
CA ASN M 255 -70.02 -38.54 -33.84
C ASN M 255 -71.53 -38.40 -33.92
N PHE M 256 -72.06 -38.36 -35.14
CA PHE M 256 -73.47 -38.09 -35.37
C PHE M 256 -74.05 -39.12 -36.32
N SER M 257 -75.27 -39.57 -36.03
CA SER M 257 -76.01 -40.47 -36.91
C SER M 257 -77.49 -40.38 -36.60
N THR M 258 -78.30 -40.74 -37.59
CA THR M 258 -79.74 -40.87 -37.45
C THR M 258 -80.15 -42.29 -37.84
N LYS M 259 -81.45 -42.58 -37.70
CA LYS M 259 -81.93 -43.92 -38.03
C LYS M 259 -81.80 -44.22 -39.51
N ALA M 260 -81.89 -43.20 -40.36
CA ALA M 260 -81.70 -43.41 -41.80
C ALA M 260 -80.27 -43.87 -42.10
N MET M 261 -79.28 -43.26 -41.46
CA MET M 261 -77.89 -43.65 -41.68
C MET M 261 -77.56 -44.96 -40.99
N ARG M 262 -78.37 -45.40 -40.04
CA ARG M 262 -78.06 -46.60 -39.27
C ARG M 262 -78.60 -47.88 -39.90
N GLU M 263 -79.57 -47.79 -40.81
CA GLU M 263 -80.11 -48.98 -41.44
C GLU M 263 -79.37 -49.22 -42.76
N GLU M 264 -79.90 -50.13 -43.59
CA GLU M 264 -79.17 -50.60 -44.76
C GLU M 264 -78.92 -49.47 -45.75
N ASN M 265 -77.80 -49.58 -46.49
CA ASN M 265 -77.39 -48.63 -47.52
C ASN M 265 -77.49 -47.17 -47.06
N GLY M 266 -77.35 -46.95 -45.76
CA GLY M 266 -77.41 -45.61 -45.20
C GLY M 266 -76.23 -44.73 -45.54
N LEU M 267 -75.20 -45.29 -46.20
CA LEU M 267 -74.04 -44.48 -46.58
C LEU M 267 -74.44 -43.33 -47.50
N LYS M 268 -75.49 -43.53 -48.31
CA LYS M 268 -75.95 -42.47 -49.19
C LYS M 268 -76.49 -41.29 -48.41
N TYR M 269 -77.07 -41.54 -47.23
CA TYR M 269 -77.56 -40.46 -46.39
C TYR M 269 -76.42 -39.75 -45.67
N ILE M 270 -75.32 -40.44 -45.40
CA ILE M 270 -74.18 -39.81 -44.74
C ILE M 270 -73.51 -38.80 -45.65
N GLU M 271 -73.32 -39.15 -46.92
CA GLU M 271 -72.57 -38.30 -47.84
C GLU M 271 -73.30 -36.99 -48.09
N GLU M 272 -74.62 -37.05 -48.26
CA GLU M 272 -75.37 -35.82 -48.53
C GLU M 272 -75.35 -34.88 -47.32
N ALA M 273 -75.39 -35.44 -46.11
CA ALA M 273 -75.28 -34.61 -44.91
C ALA M 273 -73.91 -33.95 -44.83
N ILE M 274 -72.86 -34.69 -45.18
CA ILE M 274 -71.52 -34.11 -45.24
C ILE M 274 -71.46 -33.01 -46.28
N GLU M 275 -72.07 -33.26 -47.44
CA GLU M 275 -72.09 -32.24 -48.50
C GLU M 275 -72.83 -31.00 -48.02
N LYS M 276 -73.89 -31.18 -47.23
CA LYS M 276 -74.55 -30.03 -46.62
C LYS M 276 -73.66 -29.35 -45.60
N LEU M 277 -72.84 -30.12 -44.89
CA LEU M 277 -71.90 -29.53 -43.95
C LEU M 277 -70.79 -28.75 -44.65
N SER M 278 -70.64 -28.94 -45.97
CA SER M 278 -69.54 -28.31 -46.69
C SER M 278 -69.77 -26.83 -46.94
N LYS M 279 -71.02 -26.39 -47.07
CA LYS M 279 -71.28 -25.00 -47.42
C LYS M 279 -71.57 -24.12 -46.20
N ARG M 280 -71.40 -24.65 -44.99
CA ARG M 280 -71.55 -23.86 -43.77
C ARG M 280 -70.36 -24.11 -42.84
N HIS M 281 -69.16 -24.17 -43.43
CA HIS M 281 -67.97 -24.43 -42.64
C HIS M 281 -67.70 -23.29 -41.67
N GLN M 282 -67.80 -22.04 -42.14
CA GLN M 282 -67.54 -20.90 -41.27
C GLN M 282 -68.57 -20.79 -40.15
N TYR M 283 -69.83 -21.07 -40.47
CA TYR M 283 -70.89 -20.96 -39.47
C TYR M 283 -70.68 -21.96 -38.34
N HIS M 284 -70.31 -23.20 -38.66
CA HIS M 284 -70.12 -24.20 -37.63
C HIS M 284 -68.88 -23.92 -36.80
N ILE M 285 -67.84 -23.37 -37.41
CA ILE M 285 -66.63 -23.01 -36.67
C ILE M 285 -66.95 -21.99 -35.57
N ARG M 286 -67.84 -21.05 -35.89
CA ARG M 286 -68.24 -20.04 -34.90
C ARG M 286 -68.94 -20.68 -33.71
N ALA M 287 -69.81 -21.66 -33.97
CA ALA M 287 -70.59 -22.28 -32.91
C ALA M 287 -69.87 -23.41 -32.21
N TYR M 288 -68.69 -23.81 -32.68
CA TYR M 288 -67.92 -24.88 -32.05
C TYR M 288 -66.97 -24.38 -30.98
N ASP M 289 -66.96 -23.06 -30.73
CA ASP M 289 -66.06 -22.48 -29.75
C ASP M 289 -66.82 -21.49 -28.89
N PRO M 290 -66.67 -21.54 -27.57
CA PRO M 290 -67.34 -20.54 -26.71
C PRO M 290 -66.85 -19.12 -26.95
N LYS M 291 -65.65 -18.95 -27.49
CA LYS M 291 -65.09 -17.63 -27.76
C LYS M 291 -65.24 -17.21 -29.23
N GLY M 292 -65.93 -18.01 -30.04
CA GLY M 292 -66.16 -17.69 -31.43
C GLY M 292 -65.20 -18.35 -32.41
N GLY M 293 -64.08 -18.89 -31.93
CA GLY M 293 -63.15 -19.56 -32.80
C GLY M 293 -61.71 -19.21 -32.55
N LEU M 294 -61.47 -18.24 -31.66
CA LEU M 294 -60.10 -17.84 -31.35
C LEU M 294 -59.33 -18.97 -30.66
N ASP M 295 -59.99 -19.70 -29.76
CA ASP M 295 -59.33 -20.80 -29.07
C ASP M 295 -58.96 -21.92 -30.04
N ASN M 296 -59.87 -22.24 -30.96
CA ASN M 296 -59.60 -23.30 -31.93
C ASN M 296 -58.53 -22.90 -32.95
N ALA M 297 -58.22 -21.60 -33.06
CA ALA M 297 -57.19 -21.17 -33.99
C ALA M 297 -55.80 -21.62 -33.56
N ARG M 298 -55.59 -21.90 -32.28
CA ARG M 298 -54.30 -22.34 -31.79
C ARG M 298 -54.10 -23.85 -31.91
N ARG M 299 -55.14 -24.60 -32.25
CA ARG M 299 -55.06 -26.04 -32.37
C ARG M 299 -55.10 -26.53 -33.81
N LEU M 300 -56.03 -26.03 -34.61
CA LEU M 300 -56.18 -26.49 -35.99
C LEU M 300 -55.16 -25.81 -36.91
N THR M 301 -53.92 -26.27 -36.86
CA THR M 301 -52.86 -25.71 -37.70
C THR M 301 -52.55 -26.60 -38.90
N GLY M 302 -52.77 -27.91 -38.78
CA GLY M 302 -52.51 -28.83 -39.87
C GLY M 302 -51.16 -29.51 -39.85
N PHE M 303 -50.42 -29.42 -38.74
CA PHE M 303 -49.10 -30.03 -38.65
C PHE M 303 -49.06 -31.24 -37.71
N HIS M 304 -50.03 -31.37 -36.81
CA HIS M 304 -50.11 -32.50 -35.87
C HIS M 304 -51.11 -33.54 -36.34
N GLU M 305 -51.16 -33.80 -37.65
CA GLU M 305 -52.13 -34.71 -38.24
C GLU M 305 -53.57 -34.26 -37.96
N THR M 306 -53.79 -32.95 -38.07
CA THR M 306 -55.09 -32.33 -37.85
C THR M 306 -55.45 -31.49 -39.07
N SER M 307 -56.67 -30.97 -39.07
CA SER M 307 -57.16 -30.15 -40.17
C SER M 307 -56.79 -28.69 -39.98
N ASN M 308 -57.06 -27.90 -41.00
CA ASN M 308 -56.79 -26.46 -40.98
C ASN M 308 -58.06 -25.70 -40.65
N ILE M 309 -57.90 -24.55 -39.98
CA ILE M 309 -59.04 -23.77 -39.54
C ILE M 309 -59.81 -23.16 -40.72
N ASN M 310 -59.14 -22.83 -41.82
CA ASN M 310 -59.78 -22.19 -42.96
C ASN M 310 -60.06 -23.14 -44.11
N ASP M 311 -59.85 -24.44 -43.94
CA ASP M 311 -60.01 -25.41 -45.02
C ASP M 311 -61.01 -26.48 -44.59
N PHE M 312 -61.89 -26.85 -45.52
CA PHE M 312 -62.86 -27.91 -45.30
C PHE M 312 -62.50 -29.11 -46.16
N SER M 313 -62.59 -30.30 -45.58
CA SER M 313 -62.28 -31.52 -46.30
C SER M 313 -62.99 -32.70 -45.66
N ALA M 314 -63.05 -33.80 -46.39
CA ALA M 314 -63.68 -35.03 -45.91
C ALA M 314 -62.99 -36.22 -46.56
N GLY M 315 -63.35 -37.41 -46.10
CA GLY M 315 -62.77 -38.63 -46.64
C GLY M 315 -62.93 -39.83 -45.74
N VAL M 316 -62.83 -41.02 -46.32
CA VAL M 316 -62.95 -42.26 -45.56
C VAL M 316 -61.62 -42.60 -44.93
N ALA M 317 -61.61 -42.79 -43.61
CA ALA M 317 -60.40 -43.13 -42.86
C ALA M 317 -59.31 -42.09 -43.05
N ASN M 318 -59.71 -40.82 -43.15
CA ASN M 318 -58.79 -39.70 -43.27
C ASN M 318 -58.85 -38.90 -41.98
N ARG M 319 -57.84 -39.08 -41.12
CA ARG M 319 -57.81 -38.41 -39.82
C ARG M 319 -57.33 -36.97 -39.92
N SER M 320 -56.82 -36.55 -41.06
CA SER M 320 -56.38 -35.17 -41.25
C SER M 320 -57.47 -34.28 -41.85
N ALA M 321 -58.64 -34.83 -42.14
CA ALA M 321 -59.73 -34.07 -42.75
C ALA M 321 -60.67 -33.52 -41.68
N SER M 322 -61.51 -32.57 -42.08
CA SER M 322 -62.50 -32.00 -41.18
C SER M 322 -63.57 -33.01 -40.78
N ILE M 323 -63.99 -33.85 -41.71
CA ILE M 323 -65.00 -34.89 -41.45
C ILE M 323 -64.39 -36.23 -41.83
N ARG M 324 -64.53 -37.21 -40.94
CA ARG M 324 -63.95 -38.53 -41.13
C ARG M 324 -65.08 -39.56 -41.21
N ILE M 325 -65.01 -40.43 -42.21
CA ILE M 325 -65.91 -41.57 -42.34
C ILE M 325 -65.10 -42.83 -41.98
N PRO M 326 -65.53 -43.61 -40.99
CA PRO M 326 -64.77 -44.82 -40.64
C PRO M 326 -64.69 -45.78 -41.81
N ARG M 327 -63.55 -46.44 -41.93
CA ARG M 327 -63.36 -47.42 -43.00
C ARG M 327 -64.34 -48.57 -42.86
N THR M 328 -64.63 -48.98 -41.62
CA THR M 328 -65.63 -50.00 -41.39
C THR M 328 -67.00 -49.56 -41.87
N VAL M 329 -67.35 -48.29 -41.62
CA VAL M 329 -68.63 -47.76 -42.09
C VAL M 329 -68.69 -47.78 -43.62
N GLY M 330 -67.60 -47.37 -44.27
CA GLY M 330 -67.57 -47.40 -45.72
C GLY M 330 -67.71 -48.81 -46.29
N GLN M 331 -67.02 -49.77 -45.69
CA GLN M 331 -67.12 -51.15 -46.16
C GLN M 331 -68.47 -51.78 -45.81
N GLU M 332 -69.22 -51.17 -44.90
CA GLU M 332 -70.53 -51.67 -44.50
C GLU M 332 -71.67 -50.86 -45.11
N LYS M 333 -71.37 -49.69 -45.69
CA LYS M 333 -72.34 -48.82 -46.34
C LYS M 333 -73.42 -48.31 -45.39
N LYS M 334 -73.11 -48.26 -44.08
CA LYS M 334 -74.03 -47.70 -43.10
C LYS M 334 -73.25 -47.40 -41.83
N GLY M 335 -73.83 -46.54 -41.00
CA GLY M 335 -73.20 -46.19 -39.74
C GLY M 335 -73.33 -44.74 -39.35
N TYR M 336 -72.20 -44.09 -39.10
CA TYR M 336 -72.16 -42.71 -38.63
C TYR M 336 -70.97 -42.01 -39.27
N PHE M 337 -70.84 -40.71 -38.97
CA PHE M 337 -69.69 -39.93 -39.40
C PHE M 337 -69.23 -39.06 -38.24
N GLU M 338 -67.95 -38.71 -38.25
CA GLU M 338 -67.31 -38.02 -37.15
C GLU M 338 -66.91 -36.61 -37.56
N ASP M 339 -67.19 -35.63 -36.71
CA ASP M 339 -66.78 -34.26 -36.91
C ASP M 339 -65.63 -33.95 -35.96
N ARG M 340 -64.47 -33.60 -36.52
CA ARG M 340 -63.25 -33.38 -35.76
C ARG M 340 -62.98 -31.91 -35.47
N ARG M 341 -63.92 -31.03 -35.80
CA ARG M 341 -63.73 -29.59 -35.67
C ARG M 341 -63.89 -29.04 -34.25
N PRO M 342 -64.91 -29.43 -33.49
CA PRO M 342 -65.15 -28.78 -32.20
C PRO M 342 -63.97 -28.91 -31.24
N SER M 343 -63.75 -27.85 -30.46
CA SER M 343 -62.67 -27.80 -29.49
C SER M 343 -63.05 -28.52 -28.20
N ALA M 344 -62.06 -28.68 -27.33
CA ALA M 344 -62.29 -29.40 -26.07
C ALA M 344 -63.24 -28.65 -25.16
N ASN M 345 -63.18 -27.32 -25.15
CA ASN M 345 -64.02 -26.50 -24.28
C ASN M 345 -65.33 -26.09 -24.94
N CYS M 346 -65.82 -26.88 -25.90
CA CYS M 346 -67.05 -26.56 -26.60
C CYS M 346 -68.27 -26.85 -25.71
N ASP M 347 -69.37 -26.16 -26.02
CA ASP M 347 -70.63 -26.40 -25.32
C ASP M 347 -71.41 -27.48 -26.07
N PRO M 348 -71.75 -28.59 -25.42
CA PRO M 348 -72.46 -29.67 -26.14
C PRO M 348 -73.80 -29.24 -26.71
N PHE M 349 -74.50 -28.31 -26.05
CA PHE M 349 -75.80 -27.88 -26.55
C PHE M 349 -75.66 -27.15 -27.89
N SER M 350 -74.64 -26.30 -28.02
CA SER M 350 -74.43 -25.61 -29.29
C SER M 350 -74.01 -26.58 -30.39
N VAL M 351 -73.16 -27.55 -30.06
CA VAL M 351 -72.65 -28.47 -31.07
C VAL M 351 -73.79 -29.33 -31.61
N THR M 352 -74.62 -29.88 -30.71
CA THR M 352 -75.72 -30.72 -31.16
C THR M 352 -76.76 -29.92 -31.93
N GLU M 353 -77.05 -28.70 -31.49
CA GLU M 353 -78.05 -27.88 -32.16
C GLU M 353 -77.63 -27.52 -33.58
N ALA M 354 -76.35 -27.16 -33.76
CA ALA M 354 -75.88 -26.76 -35.09
C ALA M 354 -75.96 -27.91 -36.08
N LEU M 355 -75.59 -29.11 -35.64
CA LEU M 355 -75.64 -30.27 -36.54
C LEU M 355 -77.06 -30.58 -36.98
N ILE M 356 -78.02 -30.47 -36.05
CA ILE M 356 -79.41 -30.78 -36.39
C ILE M 356 -79.95 -29.77 -37.40
N ARG M 357 -79.63 -28.49 -37.22
CA ARG M 357 -80.16 -27.46 -38.10
C ARG M 357 -79.66 -27.63 -39.52
N THR M 358 -78.36 -27.79 -39.71
CA THR M 358 -77.79 -27.84 -41.05
C THR M 358 -78.10 -29.16 -41.74
N CYS M 359 -78.00 -30.27 -41.02
CA CYS M 359 -78.11 -31.58 -41.66
C CYS M 359 -79.54 -32.11 -41.75
N LEU M 360 -80.40 -31.74 -40.80
CA LEU M 360 -81.77 -32.27 -40.79
C LEU M 360 -82.83 -31.23 -41.12
N LEU M 361 -82.62 -29.97 -40.77
CA LEU M 361 -83.58 -28.92 -41.07
C LEU M 361 -83.28 -28.19 -42.36
N ASN M 362 -82.18 -28.53 -43.04
CA ASN M 362 -81.79 -27.91 -44.31
C ASN M 362 -81.69 -26.40 -44.16
N GLU M 363 -81.16 -25.94 -43.03
CA GLU M 363 -81.02 -24.51 -42.79
C GLU M 363 -79.81 -23.96 -43.52
N THR M 364 -79.90 -22.68 -43.92
CA THR M 364 -78.82 -22.00 -44.61
C THR M 364 -78.74 -20.57 -44.08
N GLY M 365 -77.59 -19.95 -44.31
CA GLY M 365 -77.35 -18.58 -43.91
C GLY M 365 -76.32 -18.50 -42.80
N ASP M 366 -76.01 -17.26 -42.43
CA ASP M 366 -75.03 -16.98 -41.38
C ASP M 366 -75.65 -16.87 -39.99
N GLU M 367 -76.97 -16.90 -39.88
CA GLU M 367 -77.65 -16.82 -38.60
C GLU M 367 -78.68 -17.94 -38.50
N PRO M 368 -78.92 -18.43 -37.28
CA PRO M 368 -79.93 -19.49 -37.12
C PRO M 368 -81.33 -18.98 -37.40
N PHE M 369 -82.20 -19.89 -37.80
CA PHE M 369 -83.59 -19.52 -38.06
C PHE M 369 -84.25 -19.20 -36.71
N GLN M 370 -84.78 -17.98 -36.59
CA GLN M 370 -85.26 -17.45 -35.33
C GLN M 370 -86.37 -18.28 -34.70
N TYR M 371 -87.24 -18.90 -35.50
CA TYR M 371 -88.38 -19.61 -34.93
C TYR M 371 -88.58 -20.91 -35.68
N LYS M 372 -88.22 -22.02 -35.04
CA LYS M 372 -88.37 -23.37 -35.67
C LYS M 372 -87.78 -23.35 -37.09
N ASN M 373 -88.54 -23.84 -38.07
CA ASN M 373 -88.04 -23.92 -39.46
C ASN M 373 -89.19 -23.62 -40.42
N THR N 2 -48.55 -24.92 9.27
CA THR N 2 -49.87 -24.33 9.06
C THR N 2 -50.96 -25.19 9.68
N THR N 3 -50.64 -26.46 9.95
CA THR N 3 -51.54 -27.37 10.62
C THR N 3 -50.95 -27.77 11.97
N SER N 4 -51.84 -28.13 12.89
CA SER N 4 -51.43 -28.43 14.25
C SER N 4 -50.58 -29.70 14.30
N ALA N 5 -49.72 -29.78 15.32
CA ALA N 5 -48.87 -30.95 15.50
C ALA N 5 -49.69 -32.18 15.84
N SER N 6 -50.84 -31.99 16.52
CA SER N 6 -51.69 -33.12 16.85
C SER N 6 -52.25 -33.78 15.59
N SER N 7 -52.51 -33.00 14.55
CA SER N 7 -53.03 -33.55 13.30
C SER N 7 -52.02 -34.42 12.57
N HIS N 8 -50.73 -34.31 12.90
CA HIS N 8 -49.70 -35.11 12.26
C HIS N 8 -49.49 -36.46 12.94
N LEU N 9 -50.21 -36.74 14.03
CA LEU N 9 -50.14 -38.05 14.63
C LEU N 9 -50.83 -39.08 13.74
N ASN N 10 -50.43 -40.34 13.92
CA ASN N 10 -50.98 -41.43 13.12
C ASN N 10 -52.44 -41.66 13.51
N LYS N 11 -53.36 -41.22 12.65
CA LYS N 11 -54.78 -41.39 12.92
C LYS N 11 -55.24 -42.82 12.78
N GLY N 12 -54.47 -43.67 12.11
CA GLY N 12 -54.83 -45.07 12.01
C GLY N 12 -54.77 -45.78 13.35
N ILE N 13 -53.80 -45.39 14.20
CA ILE N 13 -53.68 -45.99 15.53
C ILE N 13 -54.92 -45.69 16.35
N LYS N 14 -55.40 -44.45 16.30
CA LYS N 14 -56.60 -44.08 17.06
C LYS N 14 -57.81 -44.88 16.61
N GLN N 15 -57.95 -45.10 15.29
CA GLN N 15 -59.10 -45.84 14.79
C GLN N 15 -59.11 -47.28 15.28
N VAL N 16 -57.92 -47.86 15.51
CA VAL N 16 -57.85 -49.21 16.03
C VAL N 16 -58.44 -49.26 17.43
N TYR N 17 -58.08 -48.29 18.29
CA TYR N 17 -58.62 -48.27 19.64
C TYR N 17 -60.11 -47.97 19.66
N MET N 18 -60.57 -47.06 18.80
CA MET N 18 -61.99 -46.72 18.75
C MET N 18 -62.87 -47.89 18.30
N SER N 19 -62.29 -48.90 17.67
CA SER N 19 -63.06 -50.05 17.22
C SER N 19 -63.31 -51.07 18.33
N LEU N 20 -62.69 -50.90 19.49
CA LEU N 20 -62.92 -51.82 20.59
C LEU N 20 -64.36 -51.72 21.08
N PRO N 21 -65.00 -52.84 21.40
CA PRO N 21 -66.36 -52.79 21.95
C PRO N 21 -66.40 -51.99 23.24
N GLN N 22 -67.43 -51.16 23.38
CA GLN N 22 -67.51 -50.26 24.53
C GLN N 22 -67.90 -51.01 25.80
N GLY N 23 -68.84 -51.94 25.70
CA GLY N 23 -69.34 -52.63 26.87
C GLY N 23 -70.74 -52.17 27.24
N GLU N 24 -70.93 -51.79 28.50
CA GLU N 24 -72.23 -51.30 28.96
C GLU N 24 -72.19 -49.87 29.48
N LYS N 25 -71.02 -49.30 29.73
CA LYS N 25 -70.93 -47.92 30.17
C LYS N 25 -71.21 -46.97 29.00
N VAL N 26 -71.66 -45.77 29.34
CA VAL N 26 -72.00 -44.74 28.35
C VAL N 26 -71.26 -43.46 28.71
N GLN N 27 -70.63 -42.86 27.71
CA GLN N 27 -69.94 -41.59 27.87
C GLN N 27 -70.87 -40.44 27.54
N ALA N 28 -70.76 -39.35 28.30
CA ALA N 28 -71.57 -38.17 28.09
C ALA N 28 -70.67 -36.94 28.12
N MET N 29 -70.84 -36.05 27.15
CA MET N 29 -70.06 -34.82 27.05
C MET N 29 -70.95 -33.64 27.42
N TYR N 30 -70.45 -32.78 28.30
CA TYR N 30 -71.17 -31.61 28.77
C TYR N 30 -70.59 -30.38 28.10
N ILE N 31 -71.44 -29.55 27.51
CA ILE N 31 -71.02 -28.37 26.76
C ILE N 31 -71.70 -27.14 27.34
N TRP N 32 -70.92 -26.08 27.53
CA TRP N 32 -71.45 -24.82 28.05
C TRP N 32 -70.63 -23.66 27.51
N ILE N 33 -71.20 -22.46 27.60
CA ILE N 33 -70.57 -21.25 27.10
C ILE N 33 -69.72 -20.63 28.21
N ASP N 34 -68.52 -20.18 27.85
CA ASP N 34 -67.59 -19.60 28.81
C ASP N 34 -67.95 -18.13 29.08
N GLY N 35 -67.08 -17.42 29.78
CA GLY N 35 -67.36 -16.05 30.16
C GLY N 35 -67.20 -15.04 29.05
N THR N 36 -66.55 -15.42 27.96
CA THR N 36 -66.40 -14.50 26.83
C THR N 36 -67.70 -14.30 26.07
N GLY N 37 -68.66 -15.21 26.24
CA GLY N 37 -69.92 -15.10 25.54
C GLY N 37 -69.94 -15.70 24.15
N GLU N 38 -68.80 -16.17 23.66
CA GLU N 38 -68.72 -16.79 22.34
C GLU N 38 -67.86 -18.05 22.30
N GLY N 39 -67.24 -18.45 23.41
CA GLY N 39 -66.45 -19.65 23.46
C GLY N 39 -67.20 -20.80 24.11
N LEU N 40 -66.68 -22.01 23.93
CA LEU N 40 -67.31 -23.21 24.44
C LEU N 40 -66.30 -24.05 25.21
N ARG N 41 -66.80 -24.76 26.21
CA ARG N 41 -65.99 -25.65 27.03
C ARG N 41 -66.69 -27.00 27.14
N CYS N 42 -65.90 -28.06 27.34
CA CYS N 42 -66.46 -29.40 27.37
C CYS N 42 -65.66 -30.29 28.31
N LYS N 43 -66.34 -31.31 28.82
CA LYS N 43 -65.73 -32.32 29.67
C LYS N 43 -66.63 -33.56 29.65
N THR N 44 -66.04 -34.71 30.00
CA THR N 44 -66.70 -35.99 29.81
C THR N 44 -66.84 -36.73 31.14
N ARG N 45 -67.98 -37.42 31.30
CA ARG N 45 -68.22 -38.26 32.46
C ARG N 45 -68.80 -39.59 31.99
N THR N 46 -68.78 -40.56 32.89
CA THR N 46 -69.22 -41.93 32.60
C THR N 46 -70.56 -42.18 33.27
N LEU N 47 -71.50 -42.77 32.51
CA LEU N 47 -72.82 -43.12 33.02
C LEU N 47 -72.99 -44.63 33.01
N ASP N 48 -73.82 -45.11 33.93
CA ASP N 48 -74.02 -46.56 34.06
C ASP N 48 -74.88 -47.11 32.93
N SER N 49 -75.85 -46.34 32.46
CA SER N 49 -76.76 -46.78 31.41
C SER N 49 -77.07 -45.62 30.49
N GLU N 50 -77.57 -45.95 29.31
CA GLU N 50 -77.88 -44.93 28.32
C GLU N 50 -79.17 -44.20 28.72
N PRO N 51 -79.13 -42.88 28.90
CA PRO N 51 -80.36 -42.15 29.22
C PRO N 51 -81.29 -42.13 28.02
N LYS N 52 -82.60 -42.04 28.30
CA LYS N 52 -83.60 -42.00 27.25
C LYS N 52 -84.00 -40.58 26.87
N CYS N 53 -83.79 -39.61 27.76
CA CYS N 53 -84.09 -38.21 27.45
C CYS N 53 -83.25 -37.34 28.37
N VAL N 54 -83.28 -36.03 28.09
CA VAL N 54 -82.44 -35.07 28.81
C VAL N 54 -82.84 -34.92 30.26
N GLU N 55 -84.01 -35.42 30.66
CA GLU N 55 -84.53 -35.15 32.00
C GLU N 55 -83.82 -35.92 33.10
N GLU N 56 -83.28 -37.10 32.81
CA GLU N 56 -82.63 -37.92 33.83
C GLU N 56 -81.12 -37.75 33.87
N LEU N 57 -80.57 -36.80 33.13
CA LEU N 57 -79.13 -36.57 33.20
C LEU N 57 -78.81 -35.80 34.47
N PRO N 58 -77.89 -36.29 35.29
CA PRO N 58 -77.58 -35.62 36.56
C PRO N 58 -76.87 -34.29 36.33
N GLU N 59 -77.02 -33.40 37.31
CA GLU N 59 -76.34 -32.12 37.28
C GLU N 59 -74.85 -32.31 37.57
N TRP N 60 -74.07 -31.29 37.27
CA TRP N 60 -72.63 -31.35 37.44
C TRP N 60 -72.14 -29.96 37.85
N ASN N 61 -70.82 -29.80 37.88
CA ASN N 61 -70.21 -28.55 38.32
C ASN N 61 -68.83 -28.40 37.69
N PHE N 62 -68.31 -27.19 37.74
CA PHE N 62 -66.97 -26.92 37.23
C PHE N 62 -66.41 -25.71 37.98
N ASP N 63 -65.13 -25.43 37.74
CA ASP N 63 -64.42 -24.32 38.38
C ASP N 63 -64.59 -23.09 37.52
N GLY N 64 -65.28 -22.08 38.06
CA GLY N 64 -65.47 -20.84 37.33
C GLY N 64 -64.25 -19.93 37.33
N SER N 65 -63.30 -20.17 38.23
CA SER N 65 -62.08 -19.37 38.25
C SER N 65 -61.28 -19.54 36.96
N SER N 66 -61.17 -20.79 36.48
CA SER N 66 -60.44 -21.04 35.25
C SER N 66 -61.20 -20.57 34.01
N THR N 67 -62.52 -20.43 34.11
CA THR N 67 -63.36 -19.98 33.01
C THR N 67 -63.58 -18.47 33.07
N LEU N 68 -62.99 -17.78 34.06
CA LEU N 68 -63.13 -16.34 34.28
C LEU N 68 -64.60 -15.92 34.39
N GLN N 69 -65.44 -16.85 34.83
CA GLN N 69 -66.84 -16.58 35.09
C GLN N 69 -67.13 -16.23 36.55
N SER N 70 -66.12 -16.27 37.42
CA SER N 70 -66.32 -16.00 38.83
C SER N 70 -64.97 -15.73 39.47
N GLU N 71 -65.02 -15.23 40.70
CA GLU N 71 -63.82 -14.97 41.49
C GLU N 71 -63.38 -16.24 42.20
N GLY N 72 -62.23 -16.14 42.89
CA GLY N 72 -61.65 -17.32 43.52
C GLY N 72 -62.39 -17.83 44.73
N SER N 73 -63.11 -16.97 45.44
CA SER N 73 -63.77 -17.37 46.68
C SER N 73 -64.93 -18.32 46.40
N ASN N 74 -65.89 -17.88 45.60
CA ASN N 74 -67.02 -18.73 45.21
C ASN N 74 -66.83 -19.17 43.75
N SER N 75 -65.76 -19.93 43.53
CA SER N 75 -65.38 -20.32 42.18
C SER N 75 -66.28 -21.41 41.60
N ASP N 76 -67.03 -22.12 42.44
CA ASP N 76 -67.86 -23.21 41.96
C ASP N 76 -69.02 -22.68 41.10
N MET N 77 -69.31 -23.41 40.03
CA MET N 77 -70.46 -23.14 39.18
C MET N 77 -71.26 -24.43 39.03
N TYR N 78 -72.40 -24.33 38.35
CA TYR N 78 -73.28 -25.48 38.20
C TYR N 78 -73.74 -25.61 36.75
N LEU N 79 -73.88 -26.86 36.31
CA LEU N 79 -74.34 -27.17 34.96
C LEU N 79 -75.66 -27.93 35.05
N VAL N 80 -76.67 -27.43 34.35
CA VAL N 80 -77.99 -28.04 34.31
C VAL N 80 -78.26 -28.46 32.86
N PRO N 81 -78.45 -29.75 32.57
CA PRO N 81 -78.67 -30.17 31.19
C PRO N 81 -79.92 -29.53 30.60
N ALA N 82 -79.82 -29.18 29.32
CA ALA N 82 -80.93 -28.56 28.59
C ALA N 82 -81.34 -29.35 27.36
N ALA N 83 -80.39 -29.88 26.60
CA ALA N 83 -80.69 -30.64 25.39
C ALA N 83 -79.70 -31.80 25.28
N MET N 84 -80.15 -32.87 24.64
CA MET N 84 -79.35 -34.07 24.45
C MET N 84 -79.32 -34.45 22.98
N PHE N 85 -78.15 -34.90 22.52
CA PHE N 85 -77.95 -35.26 21.13
C PHE N 85 -77.06 -36.49 21.05
N ARG N 86 -77.17 -37.20 19.93
CA ARG N 86 -76.29 -38.35 19.69
C ARG N 86 -74.86 -37.86 19.43
N ASP N 87 -73.90 -38.61 19.92
CA ASP N 87 -72.50 -38.24 19.75
C ASP N 87 -72.00 -38.74 18.40
N PRO N 88 -71.59 -37.86 17.48
CA PRO N 88 -71.05 -38.32 16.19
C PRO N 88 -69.59 -38.72 16.26
N PHE N 89 -68.85 -38.30 17.28
CA PHE N 89 -67.43 -38.60 17.40
C PHE N 89 -67.15 -39.90 18.13
N ARG N 90 -68.07 -40.33 18.98
CA ARG N 90 -67.94 -41.61 19.68
C ARG N 90 -69.04 -42.60 19.31
N LYS N 91 -69.99 -42.20 18.46
CA LYS N 91 -71.08 -43.06 17.99
C LYS N 91 -72.02 -43.45 19.13
N ASP N 92 -73.08 -44.17 18.81
CA ASP N 92 -74.04 -44.59 19.81
C ASP N 92 -73.41 -45.59 20.76
N PRO N 93 -73.87 -45.66 22.02
CA PRO N 93 -74.96 -44.90 22.63
C PRO N 93 -74.49 -43.64 23.36
N ASN N 94 -73.31 -43.13 23.06
CA ASN N 94 -72.81 -41.95 23.74
C ASN N 94 -73.58 -40.70 23.30
N LYS N 95 -73.60 -39.70 24.18
CA LYS N 95 -74.46 -38.54 24.00
C LYS N 95 -73.67 -37.25 24.16
N LEU N 96 -74.21 -36.19 23.57
CA LEU N 96 -73.76 -34.82 23.80
C LEU N 96 -74.84 -34.06 24.55
N VAL N 97 -74.43 -33.33 25.59
CA VAL N 97 -75.36 -32.62 26.45
C VAL N 97 -75.01 -31.15 26.45
N LEU N 98 -75.96 -30.30 26.10
CA LEU N 98 -75.81 -28.86 26.22
C LEU N 98 -76.44 -28.40 27.53
N CYS N 99 -75.70 -27.63 28.31
CA CYS N 99 -76.11 -27.30 29.66
C CYS N 99 -76.13 -25.79 29.88
N GLU N 100 -76.97 -25.37 30.82
CA GLU N 100 -77.03 -24.00 31.29
C GLU N 100 -76.12 -23.83 32.49
N VAL N 101 -75.63 -22.60 32.68
CA VAL N 101 -74.68 -22.28 33.73
C VAL N 101 -75.37 -21.46 34.81
N PHE N 102 -75.27 -21.93 36.06
CA PHE N 102 -75.77 -21.20 37.21
C PHE N 102 -74.65 -21.05 38.22
N LYS N 103 -74.58 -19.89 38.85
CA LYS N 103 -73.54 -19.60 39.82
C LYS N 103 -73.91 -20.23 41.17
N TYR N 104 -73.15 -19.89 42.22
CA TYR N 104 -73.30 -20.59 43.50
C TYR N 104 -74.67 -20.35 44.13
N ASN N 105 -75.21 -19.14 44.00
CA ASN N 105 -76.51 -18.82 44.57
C ASN N 105 -77.66 -19.14 43.63
N ARG N 106 -77.46 -20.06 42.68
CA ARG N 106 -78.48 -20.55 41.76
C ARG N 106 -79.07 -19.44 40.90
N ARG N 107 -78.29 -18.41 40.60
CA ARG N 107 -78.79 -17.45 39.63
C ARG N 107 -78.11 -17.67 38.29
N PRO N 108 -78.77 -17.35 37.18
CA PRO N 108 -78.14 -17.48 35.87
C PRO N 108 -76.89 -16.60 35.76
N ALA N 109 -75.89 -17.11 35.05
CA ALA N 109 -74.66 -16.37 34.88
C ALA N 109 -74.86 -15.19 33.92
N GLU N 110 -73.82 -14.37 33.81
CA GLU N 110 -73.90 -13.20 32.93
C GLU N 110 -74.09 -13.60 31.49
N THR N 111 -73.40 -14.66 31.04
CA THR N 111 -73.50 -15.13 29.67
C THR N 111 -74.64 -16.12 29.47
N ASN N 112 -75.38 -16.45 30.52
CA ASN N 112 -76.51 -17.38 30.41
C ASN N 112 -77.73 -16.61 29.93
N LEU N 113 -77.85 -16.47 28.61
CA LEU N 113 -78.95 -15.77 28.00
C LEU N 113 -80.10 -16.70 27.62
N ARG N 114 -79.97 -18.00 27.84
CA ARG N 114 -81.04 -18.93 27.51
C ARG N 114 -82.20 -18.83 28.50
N HIS N 115 -81.91 -18.48 29.75
CA HIS N 115 -82.95 -18.44 30.78
C HIS N 115 -84.02 -17.40 30.42
N THR N 116 -83.60 -16.17 30.14
CA THR N 116 -84.56 -15.13 29.81
C THR N 116 -85.23 -15.38 28.45
N CYS N 117 -84.47 -15.91 27.49
CA CYS N 117 -85.03 -16.14 26.16
C CYS N 117 -86.12 -17.21 26.19
N LYS N 118 -85.92 -18.26 27.00
CA LYS N 118 -86.91 -19.32 27.07
C LYS N 118 -88.23 -18.82 27.61
N ARG N 119 -88.20 -17.97 28.64
CA ARG N 119 -89.43 -17.41 29.18
C ARG N 119 -90.16 -16.56 28.14
N ILE N 120 -89.42 -15.76 27.39
CA ILE N 120 -90.04 -14.83 26.43
C ILE N 120 -90.75 -15.60 25.32
N MET N 121 -90.11 -16.64 24.79
CA MET N 121 -90.70 -17.34 23.64
C MET N 121 -91.81 -18.28 24.08
N ASP N 122 -91.91 -18.55 25.39
CA ASP N 122 -93.06 -19.31 25.88
C ASP N 122 -94.33 -18.45 25.91
N MET N 123 -94.17 -17.13 25.98
CA MET N 123 -95.33 -16.25 26.02
C MET N 123 -96.06 -16.19 24.69
N VAL N 124 -95.32 -16.31 23.59
CA VAL N 124 -95.91 -16.21 22.26
C VAL N 124 -95.86 -17.57 21.57
N SER N 125 -95.90 -18.64 22.37
CA SER N 125 -95.78 -19.99 21.82
C SER N 125 -96.97 -20.34 20.93
N ASN N 126 -98.09 -19.63 21.08
CA ASN N 126 -99.28 -19.93 20.29
C ASN N 126 -99.12 -19.52 18.83
N GLN N 127 -98.18 -18.61 18.53
CA GLN N 127 -97.98 -18.15 17.17
C GLN N 127 -96.94 -18.97 16.40
N HIS N 128 -96.23 -19.87 17.08
CA HIS N 128 -95.26 -20.77 16.46
C HIS N 128 -94.21 -20.01 15.63
N PRO N 129 -93.32 -19.26 16.27
CA PRO N 129 -92.27 -18.57 15.52
C PRO N 129 -91.24 -19.56 14.99
N TRP N 130 -90.83 -19.36 13.74
CA TRP N 130 -89.83 -20.19 13.10
C TRP N 130 -88.58 -19.35 12.82
N PHE N 131 -87.42 -19.96 13.02
CA PHE N 131 -86.16 -19.26 12.85
C PHE N 131 -85.23 -20.08 11.97
N GLY N 132 -84.42 -19.37 11.16
CA GLY N 132 -83.29 -19.95 10.48
C GLY N 132 -82.16 -18.95 10.28
N MET N 133 -80.95 -19.29 10.74
CA MET N 133 -79.77 -18.48 10.47
C MET N 133 -78.78 -19.20 9.57
N GLU N 134 -78.23 -18.44 8.62
CA GLU N 134 -77.17 -18.91 7.73
C GLU N 134 -75.84 -18.50 8.34
N GLN N 135 -75.14 -19.45 8.95
CA GLN N 135 -73.91 -19.17 9.68
C GLN N 135 -72.71 -19.26 8.75
N GLU N 136 -71.91 -18.20 8.72
CA GLU N 136 -70.72 -18.12 7.88
C GLU N 136 -69.46 -18.17 8.74
N TYR N 137 -68.41 -18.77 8.18
CA TYR N 137 -67.17 -18.95 8.91
C TYR N 137 -66.03 -19.05 7.91
N THR N 138 -64.81 -18.88 8.43
CA THR N 138 -63.59 -18.95 7.62
C THR N 138 -62.64 -19.96 8.24
N LEU N 139 -62.06 -20.81 7.41
CA LEU N 139 -61.08 -21.79 7.84
C LEU N 139 -59.69 -21.18 7.83
N MET N 140 -58.98 -21.28 8.94
CA MET N 140 -57.66 -20.69 9.09
C MET N 140 -56.67 -21.72 9.57
N GLY N 141 -55.42 -21.56 9.17
CA GLY N 141 -54.36 -22.39 9.69
C GLY N 141 -53.91 -21.95 11.07
N THR N 142 -52.96 -22.71 11.63
CA THR N 142 -52.46 -22.39 12.96
C THR N 142 -51.57 -21.15 12.97
N ASP N 143 -51.19 -20.63 11.81
CA ASP N 143 -50.35 -19.44 11.73
C ASP N 143 -51.17 -18.16 11.64
N GLY N 144 -52.49 -18.24 11.72
CA GLY N 144 -53.31 -17.05 11.65
C GLY N 144 -53.63 -16.57 10.25
N HIS N 145 -53.35 -17.39 9.24
CA HIS N 145 -53.60 -17.05 7.85
C HIS N 145 -54.70 -17.96 7.32
N PRO N 146 -55.52 -17.50 6.37
CA PRO N 146 -56.58 -18.36 5.84
C PRO N 146 -56.03 -19.64 5.23
N PHE N 147 -56.76 -20.73 5.44
CA PHE N 147 -56.30 -22.04 5.01
C PHE N 147 -56.23 -22.11 3.48
N GLY N 148 -55.12 -22.62 2.96
CA GLY N 148 -54.94 -22.76 1.54
C GLY N 148 -54.44 -21.53 0.81
N TRP N 149 -54.32 -20.40 1.50
CA TRP N 149 -53.84 -19.19 0.87
C TRP N 149 -52.32 -19.27 0.66
N PRO N 150 -51.80 -18.56 -0.34
CA PRO N 150 -50.35 -18.53 -0.53
C PRO N 150 -49.65 -17.93 0.66
N SER N 151 -48.44 -18.42 0.93
CA SER N 151 -47.66 -17.95 2.06
C SER N 151 -47.28 -16.48 1.85
N ASN N 152 -47.74 -15.63 2.76
CA ASN N 152 -47.48 -14.18 2.71
C ASN N 152 -47.96 -13.59 1.39
N GLY N 153 -49.08 -14.09 0.90
CA GLY N 153 -49.62 -13.63 -0.36
C GLY N 153 -51.12 -13.75 -0.40
N PHE N 154 -51.68 -13.47 -1.57
CA PHE N 154 -53.12 -13.47 -1.77
C PHE N 154 -53.47 -14.31 -2.99
N PRO N 155 -54.66 -14.91 -3.00
CA PRO N 155 -55.13 -15.59 -4.21
C PRO N 155 -55.64 -14.59 -5.25
N GLY N 156 -56.23 -15.10 -6.33
CA GLY N 156 -56.75 -14.25 -7.36
C GLY N 156 -57.94 -13.44 -6.92
N PRO N 157 -58.39 -12.51 -7.75
CA PRO N 157 -59.53 -11.67 -7.38
C PRO N 157 -60.81 -12.48 -7.26
N GLN N 158 -61.75 -11.93 -6.49
CA GLN N 158 -63.00 -12.64 -6.21
C GLN N 158 -63.82 -12.80 -7.50
N GLY N 159 -64.76 -13.75 -7.45
CA GLY N 159 -65.63 -14.01 -8.57
C GLY N 159 -65.75 -15.48 -8.97
N PRO N 160 -64.66 -16.24 -8.97
CA PRO N 160 -64.77 -17.67 -9.26
C PRO N 160 -64.95 -18.57 -8.04
N TYR N 161 -64.83 -18.04 -6.83
CA TYR N 161 -64.86 -18.87 -5.63
C TYR N 161 -66.27 -19.13 -5.11
N TYR N 162 -67.23 -18.28 -5.46
CA TYR N 162 -68.58 -18.43 -4.93
C TYR N 162 -69.23 -19.68 -5.50
N CYS N 163 -69.56 -20.63 -4.60
CA CYS N 163 -70.15 -21.90 -4.99
C CYS N 163 -69.28 -22.62 -6.03
N GLY N 164 -67.97 -22.49 -5.87
CA GLY N 164 -67.06 -23.04 -6.86
C GLY N 164 -66.77 -24.52 -6.66
N VAL N 165 -66.21 -25.12 -7.69
CA VAL N 165 -65.79 -26.51 -7.66
C VAL N 165 -64.44 -26.62 -8.36
N GLY N 166 -63.52 -27.37 -7.77
CA GLY N 166 -62.20 -27.52 -8.32
C GLY N 166 -61.11 -27.28 -7.29
N ALA N 167 -59.90 -27.75 -7.58
CA ALA N 167 -58.81 -27.63 -6.61
C ALA N 167 -58.38 -26.18 -6.41
N ASP N 168 -58.64 -25.32 -7.40
CA ASP N 168 -58.24 -23.93 -7.33
C ASP N 168 -59.39 -22.99 -6.99
N ARG N 169 -60.55 -23.52 -6.62
CA ARG N 169 -61.70 -22.68 -6.37
C ARG N 169 -62.31 -22.94 -4.99
N ALA N 170 -62.25 -24.18 -4.52
CA ALA N 170 -62.79 -24.56 -3.23
C ALA N 170 -61.66 -25.05 -2.32
N TYR N 171 -61.54 -24.44 -1.15
CA TYR N 171 -60.48 -24.76 -0.20
C TYR N 171 -61.11 -25.46 1.00
N GLY N 172 -60.66 -26.68 1.27
CA GLY N 172 -61.07 -27.40 2.47
C GLY N 172 -62.49 -27.92 2.48
N ARG N 173 -62.91 -28.55 1.38
CA ARG N 173 -64.24 -29.14 1.34
C ARG N 173 -64.35 -30.39 2.20
N ASP N 174 -63.22 -31.00 2.58
CA ASP N 174 -63.27 -32.18 3.44
C ASP N 174 -63.88 -31.85 4.79
N ILE N 175 -63.54 -30.69 5.35
CA ILE N 175 -64.12 -30.27 6.62
C ILE N 175 -65.64 -30.11 6.49
N VAL N 176 -66.07 -29.47 5.40
CA VAL N 176 -67.48 -29.17 5.21
C VAL N 176 -68.30 -30.45 5.10
N GLU N 177 -67.81 -31.41 4.32
CA GLU N 177 -68.53 -32.67 4.15
C GLU N 177 -68.61 -33.44 5.46
N ALA N 178 -67.52 -33.48 6.21
CA ALA N 178 -67.53 -34.18 7.49
C ALA N 178 -68.49 -33.53 8.47
N HIS N 179 -68.51 -32.20 8.51
CA HIS N 179 -69.40 -31.48 9.43
C HIS N 179 -70.86 -31.72 9.06
N TYR N 180 -71.16 -31.71 7.76
CA TYR N 180 -72.54 -31.95 7.32
C TYR N 180 -73.02 -33.33 7.74
N ARG N 181 -72.19 -34.36 7.52
CA ARG N 181 -72.59 -35.71 7.87
C ARG N 181 -72.70 -35.90 9.38
N ALA N 182 -71.79 -35.26 10.13
CA ALA N 182 -71.83 -35.38 11.59
C ALA N 182 -73.09 -34.74 12.16
N CYS N 183 -73.49 -33.57 11.63
CA CYS N 183 -74.67 -32.89 12.14
C CYS N 183 -75.93 -33.71 11.91
N LEU N 184 -76.05 -34.34 10.74
CA LEU N 184 -77.22 -35.17 10.45
C LEU N 184 -77.29 -36.35 11.40
N TYR N 185 -76.15 -36.97 11.69
CA TYR N 185 -76.13 -38.10 12.62
C TYR N 185 -76.54 -37.67 14.02
N ALA N 186 -76.05 -36.52 14.48
CA ALA N 186 -76.35 -36.05 15.82
C ALA N 186 -77.80 -35.60 15.99
N GLY N 187 -78.47 -35.25 14.90
CA GLY N 187 -79.83 -34.78 14.96
C GLY N 187 -80.01 -33.29 14.80
N VAL N 188 -78.95 -32.54 14.50
CA VAL N 188 -79.07 -31.12 14.26
C VAL N 188 -79.80 -30.88 12.95
N LYS N 189 -80.74 -29.94 12.95
CA LYS N 189 -81.55 -29.64 11.77
C LYS N 189 -80.76 -28.73 10.84
N ILE N 190 -79.86 -29.34 10.08
CA ILE N 190 -79.04 -28.62 9.12
C ILE N 190 -79.72 -28.65 7.76
N ALA N 191 -79.80 -27.49 7.10
CA ALA N 191 -80.55 -27.36 5.87
C ALA N 191 -79.70 -27.42 4.61
N GLY N 192 -78.45 -26.99 4.66
CA GLY N 192 -77.60 -27.03 3.49
C GLY N 192 -76.36 -26.20 3.68
N THR N 193 -75.47 -26.28 2.68
CA THR N 193 -74.18 -25.61 2.72
C THR N 193 -73.88 -25.05 1.34
N ASN N 194 -72.96 -24.09 1.30
CA ASN N 194 -72.47 -23.54 0.04
C ASN N 194 -71.14 -22.84 0.29
N ALA N 195 -70.36 -22.69 -0.78
CA ALA N 195 -69.11 -21.94 -0.70
C ALA N 195 -69.38 -20.45 -0.89
N GLU N 196 -68.58 -19.63 -0.21
CA GLU N 196 -68.80 -18.20 -0.17
C GLU N 196 -67.91 -17.48 -1.18
N VAL N 197 -67.95 -16.15 -1.14
CA VAL N 197 -67.32 -15.33 -2.17
C VAL N 197 -65.80 -15.45 -2.10
N MET N 198 -65.23 -15.36 -0.92
CA MET N 198 -63.78 -15.45 -0.85
C MET N 198 -63.34 -16.87 -0.52
N PRO N 199 -62.16 -17.30 -0.97
CA PRO N 199 -61.75 -18.68 -0.75
C PRO N 199 -61.55 -18.99 0.73
N ALA N 200 -61.76 -20.26 1.08
CA ALA N 200 -61.67 -20.80 2.43
C ALA N 200 -62.78 -20.29 3.34
N GLN N 201 -63.83 -19.69 2.78
CA GLN N 201 -64.98 -19.24 3.54
C GLN N 201 -66.21 -20.03 3.12
N TRP N 202 -66.95 -20.52 4.10
CA TRP N 202 -68.09 -21.40 3.85
C TRP N 202 -69.28 -20.94 4.68
N GLU N 203 -70.42 -21.58 4.44
CA GLU N 203 -71.66 -21.23 5.12
C GLU N 203 -72.55 -22.47 5.21
N PHE N 204 -73.23 -22.63 6.35
CA PHE N 204 -74.23 -23.66 6.52
C PHE N 204 -75.49 -23.05 7.11
N GLN N 205 -76.63 -23.66 6.83
CA GLN N 205 -77.93 -23.15 7.22
C GLN N 205 -78.60 -24.12 8.19
N ILE N 206 -79.10 -23.57 9.30
CA ILE N 206 -79.81 -24.34 10.32
C ILE N 206 -81.26 -23.88 10.36
N GLY N 207 -82.18 -24.82 10.33
CA GLY N 207 -83.59 -24.51 10.41
C GLY N 207 -84.41 -25.23 9.36
N PRO N 208 -85.71 -24.94 9.31
CA PRO N 208 -86.47 -24.04 10.19
C PRO N 208 -86.82 -24.70 11.52
N CYS N 209 -86.29 -24.18 12.63
CA CYS N 209 -86.54 -24.72 13.95
C CYS N 209 -87.53 -23.83 14.69
N GLU N 210 -88.37 -24.45 15.50
CA GLU N 210 -89.45 -23.77 16.20
C GLU N 210 -89.08 -23.59 17.67
N GLY N 211 -89.30 -22.39 18.20
CA GLY N 211 -89.18 -22.18 19.64
C GLY N 211 -87.74 -22.05 20.09
N ILE N 212 -87.50 -22.41 21.34
CA ILE N 212 -86.18 -22.27 21.95
C ILE N 212 -85.20 -23.27 21.35
N SER N 213 -85.70 -24.27 20.62
CA SER N 213 -84.83 -25.32 20.10
C SER N 213 -83.85 -24.77 19.07
N MET N 214 -84.20 -23.68 18.38
CA MET N 214 -83.30 -23.14 17.36
C MET N 214 -81.98 -22.69 17.96
N GLY N 215 -82.01 -22.00 19.10
CA GLY N 215 -80.77 -21.59 19.73
C GLY N 215 -79.91 -22.77 20.17
N ASP N 216 -80.54 -23.84 20.62
CA ASP N 216 -79.80 -25.03 21.02
C ASP N 216 -79.10 -25.67 19.83
N HIS N 217 -79.81 -25.75 18.69
CA HIS N 217 -79.24 -26.41 17.52
C HIS N 217 -78.04 -25.65 16.98
N LEU N 218 -78.11 -24.32 16.93
CA LEU N 218 -77.01 -23.54 16.40
C LEU N 218 -75.77 -23.67 17.27
N TRP N 219 -75.95 -23.64 18.60
CA TRP N 219 -74.80 -23.73 19.50
C TRP N 219 -74.14 -25.10 19.39
N VAL N 220 -74.93 -26.17 19.29
CA VAL N 220 -74.37 -27.50 19.14
C VAL N 220 -73.67 -27.64 17.80
N ALA N 221 -74.24 -27.04 16.75
CA ALA N 221 -73.62 -27.09 15.43
C ALA N 221 -72.26 -26.39 15.44
N ARG N 222 -72.15 -25.29 16.17
CA ARG N 222 -70.86 -24.60 16.30
C ARG N 222 -69.85 -25.49 17.01
N PHE N 223 -70.28 -26.20 18.05
CA PHE N 223 -69.37 -27.08 18.78
C PHE N 223 -68.86 -28.20 17.89
N ILE N 224 -69.74 -28.79 17.08
CA ILE N 224 -69.35 -29.88 16.20
C ILE N 224 -68.33 -29.39 15.18
N LEU N 225 -68.53 -28.17 14.67
CA LEU N 225 -67.60 -27.61 13.70
C LEU N 225 -66.21 -27.45 14.30
N HIS N 226 -66.14 -26.95 15.54
CA HIS N 226 -64.86 -26.79 16.21
C HIS N 226 -64.19 -28.15 16.45
N ARG N 227 -64.99 -29.13 16.89
CA ARG N 227 -64.44 -30.45 17.16
C ARG N 227 -63.97 -31.14 15.89
N VAL N 228 -64.72 -31.00 14.80
CA VAL N 228 -64.31 -31.59 13.53
C VAL N 228 -63.04 -30.94 13.02
N CYS N 229 -62.97 -29.60 13.08
CA CYS N 229 -61.78 -28.90 12.62
C CYS N 229 -60.56 -29.27 13.46
N GLU N 230 -60.77 -29.65 14.72
CA GLU N 230 -59.66 -30.09 15.55
C GLU N 230 -59.03 -31.36 15.02
N ASP N 231 -59.83 -32.28 14.48
CA ASP N 231 -59.30 -33.51 13.92
C ASP N 231 -58.38 -33.23 12.73
N PHE N 232 -58.77 -32.29 11.87
CA PHE N 232 -57.97 -31.95 10.71
C PHE N 232 -56.83 -30.99 11.03
N GLY N 233 -56.82 -30.40 12.22
CA GLY N 233 -55.75 -29.50 12.60
C GLY N 233 -55.89 -28.08 12.12
N VAL N 234 -57.11 -27.65 11.78
CA VAL N 234 -57.36 -26.28 11.34
C VAL N 234 -58.25 -25.59 12.37
N ILE N 235 -58.39 -24.28 12.21
CA ILE N 235 -59.15 -23.44 13.13
C ILE N 235 -60.30 -22.81 12.37
N ALA N 236 -61.50 -22.91 12.93
CA ALA N 236 -62.69 -22.25 12.38
C ALA N 236 -62.96 -20.99 13.19
N THR N 237 -63.05 -19.85 12.51
CA THR N 237 -63.24 -18.57 13.16
C THR N 237 -64.58 -17.97 12.74
N PHE N 238 -65.16 -17.17 13.62
CA PHE N 238 -66.43 -16.50 13.37
C PHE N 238 -66.28 -14.98 13.34
N ASP N 239 -65.08 -14.48 13.09
CA ASP N 239 -64.85 -13.04 13.04
C ASP N 239 -65.60 -12.44 11.84
N PRO N 240 -66.31 -11.33 12.04
CA PRO N 240 -67.04 -10.73 10.91
C PRO N 240 -66.14 -10.29 9.76
N LYS N 241 -64.94 -9.80 10.05
CA LYS N 241 -64.01 -9.33 9.01
C LYS N 241 -62.63 -9.91 9.27
N PRO N 242 -62.44 -11.19 8.97
CA PRO N 242 -61.12 -11.81 9.20
C PRO N 242 -59.99 -11.17 8.41
N ILE N 243 -60.27 -10.73 7.18
CA ILE N 243 -59.25 -10.17 6.31
C ILE N 243 -59.70 -8.79 5.84
N PRO N 244 -58.95 -7.73 6.12
CA PRO N 244 -59.34 -6.40 5.63
C PRO N 244 -58.99 -6.21 4.17
N GLY N 245 -59.73 -5.29 3.53
CA GLY N 245 -59.50 -4.94 2.14
C GLY N 245 -60.67 -5.35 1.27
N ASN N 246 -60.36 -5.68 0.01
CA ASN N 246 -61.38 -6.10 -0.96
C ASN N 246 -61.70 -7.59 -0.82
N TRP N 247 -62.06 -8.00 0.39
CA TRP N 247 -62.42 -9.39 0.66
C TRP N 247 -63.73 -9.41 1.46
N ASN N 248 -64.58 -10.38 1.15
CA ASN N 248 -65.91 -10.43 1.72
C ASN N 248 -65.86 -10.70 3.22
N GLY N 249 -66.84 -10.17 3.94
CA GLY N 249 -66.98 -10.40 5.36
C GLY N 249 -67.87 -11.59 5.68
N ALA N 250 -68.11 -11.78 6.97
CA ALA N 250 -68.90 -12.92 7.46
C ALA N 250 -70.04 -12.41 8.32
N GLY N 251 -71.26 -12.88 8.03
CA GLY N 251 -72.43 -12.51 8.79
C GLY N 251 -73.35 -13.70 9.01
N CYS N 252 -74.35 -13.50 9.85
CA CYS N 252 -75.31 -14.54 10.21
C CYS N 252 -76.71 -14.02 9.92
N HIS N 253 -77.16 -14.19 8.67
CA HIS N 253 -78.49 -13.77 8.28
C HIS N 253 -79.54 -14.61 8.99
N THR N 254 -80.60 -13.96 9.47
CA THR N 254 -81.64 -14.62 10.25
C THR N 254 -82.96 -14.55 9.49
N ASN N 255 -83.60 -15.70 9.33
CA ASN N 255 -84.91 -15.78 8.68
C ASN N 255 -85.98 -16.03 9.73
N PHE N 256 -87.03 -15.21 9.70
CA PHE N 256 -88.07 -15.23 10.72
C PHE N 256 -89.44 -15.28 10.08
N SER N 257 -90.32 -16.11 10.65
CA SER N 257 -91.72 -16.16 10.23
C SER N 257 -92.55 -16.73 11.37
N THR N 258 -93.83 -16.38 11.37
CA THR N 258 -94.81 -16.91 12.30
C THR N 258 -95.91 -17.62 11.52
N LYS N 259 -96.90 -18.13 12.25
CA LYS N 259 -98.00 -18.83 11.60
C LYS N 259 -98.81 -17.89 10.72
N ALA N 260 -99.02 -16.66 11.17
CA ALA N 260 -99.82 -15.71 10.40
C ALA N 260 -99.18 -15.40 9.04
N MET N 261 -97.86 -15.20 9.03
CA MET N 261 -97.18 -14.93 7.76
C MET N 261 -97.13 -16.16 6.88
N ARG N 262 -97.20 -17.36 7.47
CA ARG N 262 -97.18 -18.59 6.68
C ARG N 262 -98.53 -18.94 6.10
N GLU N 263 -99.60 -18.28 6.54
CA GLU N 263 -100.93 -18.54 6.01
C GLU N 263 -101.17 -17.66 4.78
N GLU N 264 -102.35 -17.79 4.17
CA GLU N 264 -102.65 -17.03 2.96
C GLU N 264 -102.69 -15.54 3.25
N ASN N 265 -102.28 -14.75 2.25
CA ASN N 265 -102.28 -13.28 2.30
C ASN N 265 -101.45 -12.73 3.48
N GLY N 266 -100.56 -13.57 4.00
CA GLY N 266 -99.73 -13.19 5.12
C GLY N 266 -98.63 -12.22 4.80
N LEU N 267 -98.50 -11.79 3.54
CA LEU N 267 -97.51 -10.78 3.17
C LEU N 267 -97.73 -9.49 3.94
N LYS N 268 -98.98 -9.17 4.27
CA LYS N 268 -99.25 -7.97 5.05
C LYS N 268 -98.66 -8.07 6.46
N TYR N 269 -98.69 -9.27 7.05
CA TYR N 269 -98.11 -9.46 8.37
C TYR N 269 -96.59 -9.28 8.32
N ILE N 270 -95.96 -9.69 7.22
CA ILE N 270 -94.54 -9.45 7.04
C ILE N 270 -94.26 -7.95 6.97
N GLU N 271 -95.09 -7.21 6.25
CA GLU N 271 -94.86 -5.78 6.09
C GLU N 271 -95.00 -5.04 7.41
N GLU N 272 -95.98 -5.40 8.22
CA GLU N 272 -96.18 -4.70 9.49
C GLU N 272 -95.06 -5.00 10.47
N ALA N 273 -94.51 -6.21 10.43
CA ALA N 273 -93.36 -6.52 11.29
C ALA N 273 -92.13 -5.75 10.87
N ILE N 274 -91.92 -5.58 9.56
CA ILE N 274 -90.75 -4.86 9.07
C ILE N 274 -90.83 -3.39 9.47
N GLU N 275 -91.99 -2.76 9.30
CA GLU N 275 -92.12 -1.36 9.65
C GLU N 275 -91.96 -1.14 11.14
N LYS N 276 -92.34 -2.12 11.96
CA LYS N 276 -92.05 -2.05 13.39
C LYS N 276 -90.57 -2.22 13.66
N LEU N 277 -89.88 -3.01 12.85
CA LEU N 277 -88.44 -3.16 13.01
C LEU N 277 -87.71 -1.89 12.59
N SER N 278 -88.36 -1.01 11.83
CA SER N 278 -87.70 0.15 11.28
C SER N 278 -87.38 1.21 12.33
N LYS N 279 -88.09 1.22 13.46
CA LYS N 279 -87.89 2.26 14.46
C LYS N 279 -87.01 1.81 15.62
N ARG N 280 -86.38 0.64 15.53
CA ARG N 280 -85.48 0.19 16.58
C ARG N 280 -84.17 -0.32 15.98
N HIS N 281 -83.63 0.41 15.00
CA HIS N 281 -82.41 -0.01 14.34
C HIS N 281 -81.24 -0.04 15.31
N GLN N 282 -81.10 1.00 16.12
CA GLN N 282 -79.97 1.07 17.05
C GLN N 282 -80.06 0.00 18.13
N TYR N 283 -81.28 -0.28 18.60
CA TYR N 283 -81.45 -1.29 19.64
C TYR N 283 -81.05 -2.67 19.16
N HIS N 284 -81.47 -3.04 17.95
CA HIS N 284 -81.18 -4.38 17.44
C HIS N 284 -79.71 -4.52 17.07
N ILE N 285 -79.09 -3.46 16.56
CA ILE N 285 -77.66 -3.49 16.25
C ILE N 285 -76.86 -3.79 17.51
N ARG N 286 -77.26 -3.21 18.64
CA ARG N 286 -76.57 -3.45 19.90
C ARG N 286 -76.68 -4.92 20.31
N ALA N 287 -77.86 -5.52 20.12
CA ALA N 287 -78.09 -6.89 20.55
C ALA N 287 -77.62 -7.93 19.53
N TYR N 288 -77.20 -7.51 18.34
CA TYR N 288 -76.72 -8.42 17.31
C TYR N 288 -75.22 -8.66 17.40
N ASP N 289 -74.55 -8.06 18.39
CA ASP N 289 -73.11 -8.15 18.51
C ASP N 289 -72.76 -8.37 19.98
N PRO N 290 -71.98 -9.41 20.30
CA PRO N 290 -71.55 -9.57 21.69
C PRO N 290 -70.71 -8.42 22.21
N LYS N 291 -70.06 -7.67 21.33
CA LYS N 291 -69.28 -6.51 21.71
C LYS N 291 -70.07 -5.21 21.66
N GLY N 292 -71.36 -5.28 21.34
CA GLY N 292 -72.20 -4.10 21.30
C GLY N 292 -72.28 -3.37 19.98
N GLY N 293 -71.47 -3.75 19.00
CA GLY N 293 -71.51 -3.11 17.71
C GLY N 293 -70.15 -2.78 17.14
N LEU N 294 -69.10 -3.11 17.89
CA LEU N 294 -67.74 -2.82 17.46
C LEU N 294 -67.22 -3.82 16.43
N ASP N 295 -67.94 -4.91 16.20
CA ASP N 295 -67.55 -5.91 15.22
C ASP N 295 -68.24 -5.71 13.87
N ASN N 296 -69.52 -5.34 13.87
CA ASN N 296 -70.22 -5.07 12.63
C ASN N 296 -69.73 -3.81 11.94
N ALA N 297 -68.98 -2.96 12.66
CA ALA N 297 -68.46 -1.74 12.05
C ALA N 297 -67.51 -2.05 10.91
N ARG N 298 -66.65 -3.05 11.09
CA ARG N 298 -65.70 -3.44 10.05
C ARG N 298 -66.35 -4.24 8.92
N ARG N 299 -67.56 -4.77 9.13
CA ARG N 299 -68.25 -5.54 8.11
C ARG N 299 -69.30 -4.72 7.38
N LEU N 300 -70.20 -4.08 8.12
CA LEU N 300 -71.27 -3.29 7.51
C LEU N 300 -70.77 -1.92 7.10
N THR N 301 -70.29 -1.78 5.87
CA THR N 301 -69.78 -0.52 5.35
C THR N 301 -70.49 -0.04 4.09
N GLY N 302 -71.40 -0.83 3.54
CA GLY N 302 -72.09 -0.46 2.32
C GLY N 302 -71.42 -0.90 1.04
N PHE N 303 -70.21 -1.46 1.12
CA PHE N 303 -69.49 -1.96 -0.04
C PHE N 303 -69.63 -3.48 -0.13
N HIS N 304 -69.24 -4.02 -1.28
CA HIS N 304 -69.35 -5.45 -1.56
C HIS N 304 -70.77 -5.94 -1.37
N GLU N 305 -71.74 -5.14 -1.84
CA GLU N 305 -73.17 -5.48 -1.77
C GLU N 305 -73.60 -5.75 -0.33
N THR N 306 -73.37 -4.77 0.54
CA THR N 306 -73.75 -4.85 1.94
C THR N 306 -74.63 -3.65 2.29
N SER N 307 -74.96 -3.52 3.57
CA SER N 307 -75.80 -2.45 4.07
C SER N 307 -75.01 -1.57 5.03
N ASN N 308 -75.33 -0.28 5.03
CA ASN N 308 -74.66 0.66 5.92
C ASN N 308 -75.04 0.38 7.37
N ILE N 309 -74.07 0.62 8.27
CA ILE N 309 -74.28 0.30 9.68
C ILE N 309 -75.29 1.24 10.31
N ASN N 310 -75.30 2.52 9.92
CA ASN N 310 -76.19 3.51 10.54
C ASN N 310 -77.43 3.79 9.70
N ASP N 311 -77.68 3.02 8.65
CA ASP N 311 -78.81 3.26 7.77
C ASP N 311 -79.70 2.02 7.73
N PHE N 312 -81.01 2.24 7.85
CA PHE N 312 -82.00 1.17 7.79
C PHE N 312 -82.70 1.21 6.42
N SER N 313 -82.88 0.03 5.83
CA SER N 313 -83.54 -0.06 4.54
C SER N 313 -84.18 -1.43 4.40
N ALA N 314 -85.13 -1.53 3.47
CA ALA N 314 -85.81 -2.78 3.20
C ALA N 314 -86.30 -2.77 1.75
N GLY N 315 -86.59 -3.97 1.25
CA GLY N 315 -87.07 -4.09 -0.11
C GLY N 315 -87.21 -5.54 -0.50
N VAL N 316 -87.92 -5.76 -1.62
CA VAL N 316 -88.13 -7.10 -2.13
C VAL N 316 -86.96 -7.47 -3.05
N ALA N 317 -86.31 -8.60 -2.75
CA ALA N 317 -85.18 -9.11 -3.53
C ALA N 317 -84.05 -8.07 -3.62
N ASN N 318 -83.87 -7.27 -2.58
CA ASN N 318 -82.80 -6.29 -2.49
C ASN N 318 -81.77 -6.80 -1.49
N ARG N 319 -80.67 -7.33 -2.01
CA ARG N 319 -79.63 -7.90 -1.15
C ARG N 319 -78.75 -6.85 -0.50
N SER N 320 -78.84 -5.60 -0.93
CA SER N 320 -78.08 -4.51 -0.32
C SER N 320 -78.81 -3.84 0.83
N ALA N 321 -80.05 -4.24 1.10
CA ALA N 321 -80.83 -3.64 2.17
C ALA N 321 -80.62 -4.40 3.48
N SER N 322 -81.01 -3.75 4.59
CA SER N 322 -80.91 -4.38 5.89
C SER N 322 -81.91 -5.52 6.07
N ILE N 323 -83.09 -5.40 5.46
CA ILE N 323 -84.12 -6.44 5.49
C ILE N 323 -84.47 -6.80 4.06
N ARG N 324 -84.49 -8.09 3.76
CA ARG N 324 -84.76 -8.59 2.42
C ARG N 324 -86.01 -9.43 2.43
N ILE N 325 -86.92 -9.16 1.50
CA ILE N 325 -88.09 -9.99 1.26
C ILE N 325 -87.83 -10.80 0.00
N PRO N 326 -87.89 -12.14 0.07
CA PRO N 326 -87.62 -12.95 -1.11
C PRO N 326 -88.57 -12.63 -2.25
N ARG N 327 -88.05 -12.67 -3.47
CA ARG N 327 -88.88 -12.39 -4.65
C ARG N 327 -89.99 -13.42 -4.78
N THR N 328 -89.69 -14.68 -4.49
CA THR N 328 -90.73 -15.71 -4.50
C THR N 328 -91.82 -15.40 -3.49
N VAL N 329 -91.44 -14.95 -2.29
CA VAL N 329 -92.42 -14.48 -1.32
C VAL N 329 -93.18 -13.29 -1.88
N GLY N 330 -92.50 -12.41 -2.62
CA GLY N 330 -93.18 -11.32 -3.28
C GLY N 330 -94.15 -11.78 -4.34
N GLN N 331 -93.76 -12.78 -5.13
CA GLN N 331 -94.67 -13.32 -6.15
C GLN N 331 -95.91 -13.93 -5.50
N GLU N 332 -95.73 -14.67 -4.43
CA GLU N 332 -96.85 -15.19 -3.65
C GLU N 332 -97.28 -14.12 -2.64
N LYS N 333 -98.12 -14.51 -1.68
CA LYS N 333 -98.59 -13.59 -0.64
C LYS N 333 -98.33 -14.17 0.74
N LYS N 334 -97.27 -14.96 0.89
CA LYS N 334 -96.96 -15.59 2.17
C LYS N 334 -95.49 -15.98 2.18
N GLY N 335 -94.98 -16.25 3.38
CA GLY N 335 -93.61 -16.69 3.52
C GLY N 335 -92.91 -16.15 4.76
N TYR N 336 -91.72 -15.58 4.56
CA TYR N 336 -90.89 -15.10 5.65
C TYR N 336 -90.10 -13.89 5.18
N PHE N 337 -89.32 -13.31 6.08
CA PHE N 337 -88.42 -12.22 5.75
C PHE N 337 -87.07 -12.48 6.41
N GLU N 338 -86.03 -11.94 5.79
CA GLU N 338 -84.64 -12.20 6.18
C GLU N 338 -84.01 -10.94 6.74
N ASP N 339 -83.33 -11.08 7.88
CA ASP N 339 -82.60 -9.99 8.50
C ASP N 339 -81.11 -10.20 8.24
N ARG N 340 -80.47 -9.25 7.57
CA ARG N 340 -79.09 -9.36 7.17
C ARG N 340 -78.12 -8.66 8.12
N ARG N 341 -78.61 -8.13 9.24
CA ARG N 341 -77.81 -7.34 10.16
C ARG N 341 -76.92 -8.16 11.10
N PRO N 342 -77.38 -9.26 11.70
CA PRO N 342 -76.56 -9.92 12.73
C PRO N 342 -75.21 -10.38 12.20
N SER N 343 -74.20 -10.29 13.06
CA SER N 343 -72.84 -10.67 12.73
C SER N 343 -72.66 -12.18 12.83
N ALA N 344 -71.54 -12.66 12.29
CA ALA N 344 -71.26 -14.10 12.28
C ALA N 344 -71.08 -14.64 13.70
N ASN N 345 -70.50 -13.85 14.60
CA ASN N 345 -70.26 -14.28 15.97
C ASN N 345 -71.39 -13.90 16.91
N CYS N 346 -72.59 -13.69 16.39
CA CYS N 346 -73.74 -13.31 17.21
C CYS N 346 -74.21 -14.48 18.08
N ASP N 347 -74.84 -14.14 19.19
CA ASP N 347 -75.44 -15.14 20.06
C ASP N 347 -76.86 -15.43 19.59
N PRO N 348 -77.19 -16.68 19.26
CA PRO N 348 -78.55 -16.97 18.75
C PRO N 348 -79.64 -16.63 19.74
N PHE N 349 -79.40 -16.77 21.04
CA PHE N 349 -80.44 -16.47 22.02
C PHE N 349 -80.80 -14.99 22.01
N SER N 350 -79.79 -14.12 21.90
CA SER N 350 -80.06 -12.69 21.84
C SER N 350 -80.80 -12.32 20.56
N VAL N 351 -80.41 -12.91 19.43
CA VAL N 351 -81.02 -12.55 18.16
C VAL N 351 -82.50 -12.94 18.14
N THR N 352 -82.81 -14.17 18.58
CA THR N 352 -84.20 -14.62 18.58
C THR N 352 -85.04 -13.83 19.58
N GLU N 353 -84.47 -13.53 20.75
CA GLU N 353 -85.22 -12.81 21.77
C GLU N 353 -85.56 -11.39 21.32
N ALA N 354 -84.62 -10.70 20.68
CA ALA N 354 -84.87 -9.33 20.24
C ALA N 354 -85.94 -9.29 19.16
N LEU N 355 -85.92 -10.25 18.23
CA LEU N 355 -86.91 -10.26 17.17
C LEU N 355 -88.32 -10.48 17.71
N ILE N 356 -88.45 -11.35 18.71
CA ILE N 356 -89.76 -11.62 19.30
C ILE N 356 -90.30 -10.37 19.99
N ARG N 357 -89.44 -9.65 20.71
CA ARG N 357 -89.89 -8.48 21.47
C ARG N 357 -90.40 -7.37 20.57
N THR N 358 -89.65 -7.04 19.52
CA THR N 358 -90.03 -5.92 18.68
C THR N 358 -91.20 -6.27 17.77
N CYS N 359 -91.19 -7.46 17.18
CA CYS N 359 -92.17 -7.81 16.16
C CYS N 359 -93.46 -8.39 16.74
N LEU N 360 -93.36 -9.33 17.67
CA LEU N 360 -94.54 -10.01 18.19
C LEU N 360 -94.99 -9.49 19.55
N LEU N 361 -94.24 -8.59 20.17
CA LEU N 361 -94.58 -8.07 21.48
C LEU N 361 -94.77 -6.56 21.52
N ASN N 362 -94.47 -5.85 20.41
CA ASN N 362 -94.68 -4.41 20.32
C ASN N 362 -93.96 -3.64 21.41
N GLU N 363 -92.78 -4.12 21.80
CA GLU N 363 -91.99 -3.41 22.79
C GLU N 363 -91.31 -2.18 22.16
N THR N 364 -90.91 -1.25 23.01
CA THR N 364 -90.25 -0.04 22.55
C THR N 364 -89.31 0.46 23.65
N GLY N 365 -88.44 1.39 23.27
CA GLY N 365 -87.44 1.94 24.16
C GLY N 365 -86.09 1.28 23.95
N ASP N 366 -85.11 1.79 24.70
CA ASP N 366 -83.74 1.29 24.62
C ASP N 366 -83.42 0.21 25.63
N GLU N 367 -84.39 -0.21 26.44
CA GLU N 367 -84.22 -1.33 27.36
C GLU N 367 -85.41 -2.26 27.26
N PRO N 368 -85.20 -3.57 27.40
CA PRO N 368 -86.32 -4.50 27.34
C PRO N 368 -87.25 -4.32 28.53
N PHE N 369 -88.54 -4.50 28.29
CA PHE N 369 -89.51 -4.46 29.37
C PHE N 369 -89.63 -5.87 29.95
N GLN N 370 -89.26 -6.00 31.22
CA GLN N 370 -89.13 -7.30 31.86
C GLN N 370 -90.48 -7.90 32.24
N TYR N 371 -90.57 -9.22 32.14
CA TYR N 371 -91.74 -10.03 32.48
C TYR N 371 -92.94 -9.86 31.55
N LYS N 372 -92.92 -8.90 30.64
CA LYS N 372 -94.06 -8.71 29.76
C LYS N 372 -93.63 -7.86 28.56
N ASN N 373 -94.60 -7.46 27.75
CA ASN N 373 -94.35 -6.74 26.51
C ASN N 373 -94.78 -5.27 26.58
N THR O 2 -40.88 -33.27 18.94
CA THR O 2 -40.64 -34.39 18.04
C THR O 2 -41.18 -35.69 18.62
N THR O 3 -41.46 -36.65 17.74
CA THR O 3 -41.96 -37.95 18.13
C THR O 3 -40.87 -39.00 17.94
N SER O 4 -41.09 -40.18 18.52
CA SER O 4 -40.09 -41.23 18.49
C SER O 4 -39.98 -41.83 17.09
N ALA O 5 -38.83 -42.44 16.83
CA ALA O 5 -38.60 -43.07 15.54
C ALA O 5 -39.50 -44.27 15.34
N SER O 6 -39.83 -44.98 16.42
CA SER O 6 -40.72 -46.14 16.31
C SER O 6 -42.10 -45.74 15.84
N SER O 7 -42.54 -44.51 16.15
CA SER O 7 -43.85 -44.05 15.73
C SER O 7 -43.92 -43.74 14.24
N HIS O 8 -42.79 -43.62 13.57
CA HIS O 8 -42.77 -43.35 12.13
C HIS O 8 -42.78 -44.62 11.29
N LEU O 9 -42.79 -45.79 11.92
CA LEU O 9 -42.94 -47.02 11.16
C LEU O 9 -44.37 -47.14 10.63
N ASN O 10 -44.50 -47.91 9.55
CA ASN O 10 -45.81 -48.08 8.91
C ASN O 10 -46.71 -48.90 9.81
N LYS O 11 -47.67 -48.24 10.46
CA LYS O 11 -48.58 -48.92 11.36
C LYS O 11 -49.59 -49.79 10.63
N GLY O 12 -49.80 -49.56 9.34
CA GLY O 12 -50.69 -50.43 8.58
C GLY O 12 -50.16 -51.84 8.46
N ILE O 13 -48.83 -51.98 8.38
CA ILE O 13 -48.22 -53.31 8.30
C ILE O 13 -48.52 -54.11 9.57
N LYS O 14 -48.39 -53.46 10.73
CA LYS O 14 -48.66 -54.14 11.99
C LYS O 14 -50.11 -54.59 12.08
N GLN O 15 -51.03 -53.76 11.61
CA GLN O 15 -52.45 -54.11 11.69
C GLN O 15 -52.76 -55.35 10.87
N VAL O 16 -52.04 -55.56 9.77
CA VAL O 16 -52.24 -56.76 8.96
C VAL O 16 -51.88 -58.00 9.76
N TYR O 17 -50.73 -57.96 10.45
CA TYR O 17 -50.30 -59.12 11.22
C TYR O 17 -51.22 -59.38 12.41
N MET O 18 -51.69 -58.33 13.07
CA MET O 18 -52.57 -58.50 14.22
C MET O 18 -53.96 -59.01 13.83
N SER O 19 -54.30 -59.00 12.55
CA SER O 19 -55.57 -59.53 12.09
C SER O 19 -55.56 -61.05 11.93
N LEU O 20 -54.39 -61.67 12.01
CA LEU O 20 -54.32 -63.12 11.90
C LEU O 20 -55.02 -63.78 13.07
N PRO O 21 -55.81 -64.83 12.85
CA PRO O 21 -56.42 -65.55 13.97
C PRO O 21 -55.36 -66.09 14.93
N GLN O 22 -55.65 -65.99 16.22
CA GLN O 22 -54.65 -66.36 17.22
C GLN O 22 -54.51 -67.87 17.33
N GLY O 23 -55.61 -68.60 17.28
CA GLY O 23 -55.56 -70.03 17.49
C GLY O 23 -56.16 -70.42 18.83
N GLU O 24 -55.41 -71.19 19.62
CA GLU O 24 -55.87 -71.61 20.94
C GLU O 24 -54.96 -71.14 22.08
N LYS O 25 -53.76 -70.68 21.78
CA LYS O 25 -52.87 -70.17 22.82
C LYS O 25 -53.35 -68.79 23.28
N VAL O 26 -52.99 -68.44 24.51
CA VAL O 26 -53.38 -67.18 25.12
C VAL O 26 -52.14 -66.47 25.64
N GLN O 27 -52.04 -65.17 25.33
CA GLN O 27 -50.94 -64.34 25.78
C GLN O 27 -51.30 -63.66 27.10
N ALA O 28 -50.32 -63.55 28.00
CA ALA O 28 -50.51 -62.88 29.27
C ALA O 28 -49.34 -61.96 29.54
N MET O 29 -49.62 -60.74 29.94
CA MET O 29 -48.60 -59.74 30.26
C MET O 29 -48.54 -59.54 31.77
N TYR O 30 -47.34 -59.59 32.32
CA TYR O 30 -47.12 -59.42 33.75
C TYR O 30 -46.57 -58.03 34.02
N ILE O 31 -47.17 -57.32 34.98
CA ILE O 31 -46.81 -55.95 35.29
C ILE O 31 -46.43 -55.84 36.75
N TRP O 32 -45.35 -55.13 37.04
CA TRP O 32 -44.91 -54.93 38.41
C TRP O 32 -44.16 -53.61 38.52
N ILE O 33 -44.00 -53.14 39.75
CA ILE O 33 -43.34 -51.86 40.03
C ILE O 33 -41.86 -52.10 40.26
N ASP O 34 -41.02 -51.24 39.68
CA ASP O 34 -39.57 -51.37 39.79
C ASP O 34 -39.10 -50.81 41.13
N GLY O 35 -37.78 -50.65 41.28
CA GLY O 35 -37.20 -50.20 42.52
C GLY O 35 -37.31 -48.71 42.79
N THR O 36 -37.63 -47.92 41.78
CA THR O 36 -37.80 -46.49 41.97
C THR O 36 -39.11 -46.14 42.64
N GLY O 37 -40.07 -47.07 42.68
CA GLY O 37 -41.38 -46.79 43.23
C GLY O 37 -42.30 -46.01 42.33
N GLU O 38 -41.86 -45.70 41.11
CA GLU O 38 -42.66 -44.92 40.16
C GLU O 38 -42.82 -45.60 38.82
N GLY O 39 -41.78 -46.28 38.33
CA GLY O 39 -41.84 -46.90 37.02
C GLY O 39 -42.52 -48.26 37.06
N LEU O 40 -42.72 -48.80 35.85
CA LEU O 40 -43.35 -50.10 35.68
C LEU O 40 -42.56 -50.93 34.68
N ARG O 41 -42.65 -52.25 34.82
CA ARG O 41 -41.98 -53.18 33.94
C ARG O 41 -42.97 -54.26 33.51
N CYS O 42 -42.72 -54.85 32.35
CA CYS O 42 -43.65 -55.82 31.79
C CYS O 42 -42.90 -56.86 30.95
N LYS O 43 -43.52 -58.03 30.84
CA LYS O 43 -43.03 -59.11 30.00
C LYS O 43 -44.18 -60.06 29.73
N THR O 44 -44.06 -60.85 28.66
CA THR O 44 -45.16 -61.64 28.13
C THR O 44 -44.82 -63.13 28.16
N ARG O 45 -45.82 -63.95 28.50
CA ARG O 45 -45.68 -65.40 28.47
C ARG O 45 -46.91 -65.99 27.78
N THR O 46 -46.77 -67.23 27.33
CA THR O 46 -47.82 -67.93 26.61
C THR O 46 -48.49 -68.95 27.51
N LEU O 47 -49.82 -69.00 27.46
CA LEU O 47 -50.62 -69.94 28.23
C LEU O 47 -51.37 -70.87 27.30
N ASP O 48 -51.63 -72.09 27.78
CA ASP O 48 -52.31 -73.08 26.95
C ASP O 48 -53.80 -72.80 26.83
N SER O 49 -54.40 -72.17 27.83
CA SER O 49 -55.83 -71.90 27.82
C SER O 49 -56.09 -70.59 28.54
N GLU O 50 -57.26 -70.02 28.26
CA GLU O 50 -57.63 -68.74 28.85
C GLU O 50 -58.01 -68.93 30.32
N PRO O 51 -57.33 -68.28 31.25
CA PRO O 51 -57.71 -68.42 32.66
C PRO O 51 -59.04 -67.72 32.94
N LYS O 52 -59.80 -68.27 33.88
CA LYS O 52 -61.07 -67.69 34.28
C LYS O 52 -60.95 -66.76 35.48
N CYS O 53 -59.88 -66.88 36.26
CA CYS O 53 -59.69 -66.03 37.43
C CYS O 53 -58.20 -65.88 37.68
N VAL O 54 -57.85 -64.82 38.42
CA VAL O 54 -56.45 -64.54 38.72
C VAL O 54 -55.84 -65.60 39.63
N GLU O 55 -56.67 -66.36 40.35
CA GLU O 55 -56.16 -67.32 41.31
C GLU O 55 -55.44 -68.50 40.65
N GLU O 56 -55.68 -68.73 39.36
CA GLU O 56 -55.09 -69.87 38.67
C GLU O 56 -53.97 -69.47 37.71
N LEU O 57 -53.45 -68.26 37.83
CA LEU O 57 -52.33 -67.87 36.99
C LEU O 57 -51.02 -68.33 37.62
N PRO O 58 -50.12 -68.94 36.86
CA PRO O 58 -48.88 -69.44 37.44
C PRO O 58 -47.97 -68.32 37.93
N GLU O 59 -47.18 -68.63 38.94
CA GLU O 59 -46.22 -67.68 39.48
C GLU O 59 -44.95 -67.66 38.63
N TRP O 60 -44.36 -66.48 38.53
CA TRP O 60 -43.22 -66.27 37.63
C TRP O 60 -42.09 -65.62 38.42
N ASN O 61 -41.04 -65.20 37.70
CA ASN O 61 -39.86 -64.63 38.32
C ASN O 61 -39.18 -63.71 37.31
N PHE O 62 -38.25 -62.90 37.81
CA PHE O 62 -37.47 -62.00 36.97
C PHE O 62 -36.14 -61.72 37.65
N ASP O 63 -35.27 -61.00 36.94
CA ASP O 63 -33.94 -60.66 37.44
C ASP O 63 -34.00 -59.30 38.13
N GLY O 64 -33.75 -59.28 39.44
CA GLY O 64 -33.81 -58.04 40.20
C GLY O 64 -32.61 -57.14 40.01
N SER O 65 -31.47 -57.69 39.59
CA SER O 65 -30.28 -56.86 39.40
C SER O 65 -30.48 -55.86 38.27
N SER O 66 -31.13 -56.27 37.18
CA SER O 66 -31.39 -55.35 36.08
C SER O 66 -32.42 -54.28 36.48
N THR O 67 -33.22 -54.55 37.50
CA THR O 67 -34.23 -53.63 37.99
C THR O 67 -33.77 -52.86 39.22
N LEU O 68 -32.50 -53.00 39.61
CA LEU O 68 -31.92 -52.36 40.79
C LEU O 68 -32.77 -52.64 42.04
N GLN O 69 -33.29 -53.88 42.09
CA GLN O 69 -34.11 -54.31 43.22
C GLN O 69 -33.49 -55.48 43.98
N SER O 70 -32.20 -55.74 43.81
CA SER O 70 -31.58 -56.92 44.40
C SER O 70 -30.08 -56.70 44.54
N GLU O 71 -29.45 -57.57 45.33
CA GLU O 71 -28.01 -57.54 45.50
C GLU O 71 -27.34 -58.40 44.42
N GLY O 72 -26.03 -58.57 44.53
CA GLY O 72 -25.26 -59.29 43.52
C GLY O 72 -25.56 -60.77 43.41
N SER O 73 -25.70 -61.45 44.56
CA SER O 73 -25.82 -62.90 44.56
C SER O 73 -27.25 -63.38 44.32
N ASN O 74 -28.15 -63.05 45.25
CA ASN O 74 -29.55 -63.48 45.17
C ASN O 74 -30.32 -62.45 44.35
N SER O 75 -30.03 -62.43 43.05
CA SER O 75 -30.61 -61.44 42.15
C SER O 75 -32.04 -61.77 41.74
N ASP O 76 -32.47 -63.03 41.87
CA ASP O 76 -33.79 -63.44 41.40
C ASP O 76 -34.87 -62.93 42.36
N MET O 77 -35.99 -62.49 41.78
CA MET O 77 -37.17 -62.09 42.52
C MET O 77 -38.37 -62.84 41.96
N TYR O 78 -39.51 -62.72 42.65
CA TYR O 78 -40.69 -63.49 42.31
C TYR O 78 -41.88 -62.56 42.07
N LEU O 79 -42.76 -62.98 41.17
CA LEU O 79 -43.97 -62.24 40.83
C LEU O 79 -45.18 -63.11 41.17
N VAL O 80 -46.06 -62.59 42.02
CA VAL O 80 -47.28 -63.26 42.44
C VAL O 80 -48.46 -62.50 41.87
N PRO O 81 -49.28 -63.11 41.01
CA PRO O 81 -50.41 -62.38 40.42
C PRO O 81 -51.38 -61.88 41.49
N ALA O 82 -51.92 -60.69 41.26
CA ALA O 82 -52.86 -60.05 42.18
C ALA O 82 -54.19 -59.71 41.53
N ALA O 83 -54.19 -59.23 40.29
CA ALA O 83 -55.41 -58.86 39.60
C ALA O 83 -55.27 -59.19 38.13
N MET O 84 -56.42 -59.41 37.47
CA MET O 84 -56.46 -59.75 36.06
C MET O 84 -57.40 -58.80 35.33
N PHE O 85 -57.04 -58.44 34.10
CA PHE O 85 -57.84 -57.56 33.27
C PHE O 85 -57.75 -58.00 31.83
N ARG O 86 -58.75 -57.62 31.04
CA ARG O 86 -58.72 -57.91 29.62
C ARG O 86 -57.68 -57.03 28.93
N ASP O 87 -56.97 -57.62 27.98
CA ASP O 87 -55.93 -56.88 27.27
C ASP O 87 -56.56 -56.04 26.17
N PRO O 88 -56.41 -54.71 26.20
CA PRO O 88 -56.96 -53.88 25.12
C PRO O 88 -56.05 -53.77 23.91
N PHE O 89 -54.77 -54.11 24.04
CA PHE O 89 -53.82 -53.98 22.96
C PHE O 89 -53.74 -55.23 22.10
N ARG O 90 -54.12 -56.38 22.65
CA ARG O 90 -54.18 -57.63 21.91
C ARG O 90 -55.58 -58.23 21.85
N LYS O 91 -56.56 -57.61 22.50
CA LYS O 91 -57.95 -58.06 22.51
C LYS O 91 -58.11 -59.42 23.16
N ASP O 92 -59.35 -59.89 23.26
CA ASP O 92 -59.63 -61.15 23.90
C ASP O 92 -59.03 -62.30 23.09
N PRO O 93 -58.66 -63.42 23.74
CA PRO O 93 -58.78 -63.71 25.17
C PRO O 93 -57.51 -63.39 25.96
N ASN O 94 -56.63 -62.53 25.45
CA ASN O 94 -55.41 -62.20 26.16
C ASN O 94 -55.71 -61.33 27.37
N LYS O 95 -54.82 -61.39 28.36
CA LYS O 95 -55.05 -60.78 29.66
C LYS O 95 -53.87 -59.93 30.08
N LEU O 96 -54.14 -58.99 30.99
CA LEU O 96 -53.13 -58.24 31.71
C LEU O 96 -53.15 -58.64 33.17
N VAL O 97 -51.97 -58.88 33.74
CA VAL O 97 -51.83 -59.37 35.11
C VAL O 97 -50.98 -58.39 35.89
N LEU O 98 -51.53 -57.86 36.97
CA LEU O 98 -50.76 -57.04 37.91
C LEU O 98 -50.25 -57.93 39.04
N CYS O 99 -48.96 -57.88 39.30
CA CYS O 99 -48.32 -58.82 40.20
C CYS O 99 -47.63 -58.10 41.37
N GLU O 100 -47.43 -58.86 42.44
CA GLU O 100 -46.69 -58.40 43.61
C GLU O 100 -45.27 -58.96 43.55
N VAL O 101 -44.33 -58.17 44.05
CA VAL O 101 -42.91 -58.52 44.00
C VAL O 101 -42.47 -59.01 45.37
N PHE O 102 -41.83 -60.17 45.41
CA PHE O 102 -41.30 -60.75 46.64
C PHE O 102 -39.82 -61.04 46.47
N LYS O 103 -39.08 -60.93 47.56
CA LYS O 103 -37.66 -61.18 47.56
C LYS O 103 -37.39 -62.68 47.45
N TYR O 104 -36.10 -63.05 47.41
CA TYR O 104 -35.73 -64.46 47.32
C TYR O 104 -36.14 -65.22 48.57
N ASN O 105 -36.21 -64.54 49.71
CA ASN O 105 -36.65 -65.14 50.97
C ASN O 105 -38.15 -64.99 51.21
N ARG O 106 -38.92 -64.76 50.15
CA ARG O 106 -40.37 -64.61 50.22
C ARG O 106 -40.80 -63.42 51.08
N ARG O 107 -39.96 -62.42 51.21
CA ARG O 107 -40.41 -61.21 51.89
C ARG O 107 -40.74 -60.13 50.87
N PRO O 108 -41.74 -59.29 51.16
CA PRO O 108 -42.08 -58.22 50.23
C PRO O 108 -40.92 -57.26 50.02
N ALA O 109 -40.80 -56.75 48.80
CA ALA O 109 -39.74 -55.84 48.47
C ALA O 109 -39.98 -54.47 49.11
N GLU O 110 -38.99 -53.60 48.99
CA GLU O 110 -39.10 -52.26 49.58
C GLU O 110 -40.23 -51.47 48.94
N THR O 111 -40.40 -51.60 47.62
CA THR O 111 -41.44 -50.89 46.90
C THR O 111 -42.77 -51.63 46.91
N ASN O 112 -42.85 -52.80 47.53
CA ASN O 112 -44.08 -53.57 47.58
C ASN O 112 -44.91 -53.07 48.75
N LEU O 113 -45.68 -52.01 48.49
CA LEU O 113 -46.55 -51.42 49.50
C LEU O 113 -47.94 -52.02 49.51
N ARG O 114 -48.26 -52.91 48.56
CA ARG O 114 -49.59 -53.50 48.52
C ARG O 114 -49.80 -54.50 49.64
N HIS O 115 -48.74 -55.19 50.05
CA HIS O 115 -48.87 -56.24 51.07
C HIS O 115 -49.39 -55.68 52.38
N THR O 116 -48.74 -54.63 52.89
CA THR O 116 -49.20 -54.02 54.13
C THR O 116 -50.51 -53.27 53.95
N CYS O 117 -50.71 -52.65 52.79
CA CYS O 117 -51.94 -51.89 52.55
C CYS O 117 -53.16 -52.81 52.52
N LYS O 118 -53.01 -54.01 51.96
CA LYS O 118 -54.12 -54.95 51.90
C LYS O 118 -54.56 -55.37 53.30
N ARG O 119 -53.61 -55.59 54.20
CA ARG O 119 -53.95 -55.98 55.56
C ARG O 119 -54.76 -54.90 56.26
N ILE O 120 -54.37 -53.64 56.08
CA ILE O 120 -55.05 -52.53 56.75
C ILE O 120 -56.51 -52.45 56.32
N MET O 121 -56.78 -52.64 55.02
CA MET O 121 -58.14 -52.48 54.53
C MET O 121 -59.03 -53.67 54.88
N ASP O 122 -58.45 -54.79 55.29
CA ASP O 122 -59.23 -55.99 55.56
C ASP O 122 -60.02 -55.89 56.86
N MET O 123 -59.78 -54.87 57.68
CA MET O 123 -60.38 -54.76 59.00
C MET O 123 -61.25 -53.52 59.15
N VAL O 124 -61.43 -52.76 58.08
CA VAL O 124 -62.40 -51.67 58.04
C VAL O 124 -63.41 -52.01 56.96
N SER O 125 -63.57 -53.30 56.68
CA SER O 125 -64.43 -53.74 55.59
C SER O 125 -65.88 -53.39 55.84
N ASN O 126 -66.31 -53.43 57.11
CA ASN O 126 -67.70 -53.13 57.42
C ASN O 126 -68.05 -51.70 57.07
N GLN O 127 -67.15 -50.74 57.33
CA GLN O 127 -67.40 -49.35 57.01
C GLN O 127 -67.33 -49.07 55.51
N HIS O 128 -66.79 -49.99 54.72
CA HIS O 128 -66.74 -49.91 53.26
C HIS O 128 -66.14 -48.59 52.78
N PRO O 129 -64.83 -48.39 52.94
CA PRO O 129 -64.22 -47.14 52.46
C PRO O 129 -64.23 -47.09 50.93
N TRP O 130 -64.61 -45.94 50.40
CA TRP O 130 -64.60 -45.70 48.96
C TRP O 130 -63.56 -44.63 48.64
N PHE O 131 -62.89 -44.80 47.51
CA PHE O 131 -61.82 -43.91 47.10
C PHE O 131 -62.02 -43.46 45.66
N GLY O 132 -61.64 -42.22 45.39
CA GLY O 132 -61.64 -41.69 44.04
C GLY O 132 -60.49 -40.73 43.84
N MET O 133 -59.64 -40.98 42.86
CA MET O 133 -58.44 -40.20 42.64
C MET O 133 -58.44 -39.56 41.26
N GLU O 134 -58.08 -38.29 41.20
CA GLU O 134 -58.03 -37.53 39.96
C GLU O 134 -56.56 -37.42 39.55
N GLN O 135 -56.15 -38.25 38.60
CA GLN O 135 -54.76 -38.31 38.15
C GLN O 135 -54.53 -37.28 37.06
N GLU O 136 -53.51 -36.45 37.24
CA GLU O 136 -53.14 -35.43 36.27
C GLU O 136 -51.78 -35.76 35.67
N TYR O 137 -51.61 -35.42 34.40
CA TYR O 137 -50.38 -35.74 33.68
C TYR O 137 -50.19 -34.75 32.54
N THR O 138 -48.97 -34.70 32.02
CA THR O 138 -48.60 -33.82 30.92
C THR O 138 -47.97 -34.63 29.80
N LEU O 139 -48.43 -34.38 28.57
CA LEU O 139 -47.85 -35.03 27.40
C LEU O 139 -46.62 -34.27 26.92
N MET O 140 -45.53 -35.01 26.72
CA MET O 140 -44.26 -34.42 26.32
C MET O 140 -43.74 -35.12 25.08
N GLY O 141 -43.00 -34.39 24.27
CA GLY O 141 -42.30 -34.98 23.15
C GLY O 141 -41.00 -35.64 23.59
N THR O 142 -40.35 -36.28 22.63
CA THR O 142 -39.10 -36.96 22.92
C THR O 142 -37.94 -36.01 23.21
N ASP O 143 -38.12 -34.71 22.95
CA ASP O 143 -37.09 -33.71 23.21
C ASP O 143 -37.18 -33.10 24.60
N GLY O 144 -38.10 -33.58 25.44
CA GLY O 144 -38.24 -33.04 26.77
C GLY O 144 -39.08 -31.79 26.87
N HIS O 145 -39.73 -31.39 25.79
CA HIS O 145 -40.58 -30.22 25.74
C HIS O 145 -42.04 -30.65 25.68
N PRO O 146 -42.97 -29.88 26.24
CA PRO O 146 -44.38 -30.28 26.20
C PRO O 146 -44.86 -30.44 24.76
N PHE O 147 -45.72 -31.43 24.55
CA PHE O 147 -46.18 -31.77 23.21
C PHE O 147 -47.05 -30.64 22.65
N GLY O 148 -46.76 -30.25 21.41
CA GLY O 148 -47.51 -29.20 20.75
C GLY O 148 -47.05 -27.79 21.04
N TRP O 149 -46.12 -27.60 21.97
CA TRP O 149 -45.65 -26.28 22.28
C TRP O 149 -44.72 -25.77 21.18
N PRO O 150 -44.62 -24.44 21.00
CA PRO O 150 -43.70 -23.90 20.00
C PRO O 150 -42.26 -24.26 20.33
N SER O 151 -41.46 -24.43 19.28
CA SER O 151 -40.06 -24.79 19.45
C SER O 151 -39.31 -23.66 20.15
N ASN O 152 -38.74 -23.97 21.32
CA ASN O 152 -37.99 -23.00 22.11
C ASN O 152 -38.84 -21.76 22.44
N GLY O 153 -40.12 -21.99 22.69
CA GLY O 153 -41.03 -20.90 22.96
C GLY O 153 -42.18 -21.35 23.84
N PHE O 154 -43.13 -20.44 24.01
CA PHE O 154 -44.27 -20.69 24.89
C PHE O 154 -45.56 -20.35 24.16
N PRO O 155 -46.66 -21.02 24.51
CA PRO O 155 -47.96 -20.61 23.98
C PRO O 155 -48.50 -19.38 24.68
N GLY O 156 -49.74 -19.01 24.38
CA GLY O 156 -50.36 -17.85 24.98
C GLY O 156 -50.61 -18.02 26.47
N PRO O 157 -51.00 -16.94 27.14
CA PRO O 157 -51.26 -17.02 28.58
C PRO O 157 -52.42 -17.94 28.89
N GLN O 158 -52.41 -18.47 30.12
CA GLN O 158 -53.43 -19.43 30.53
C GLN O 158 -54.80 -18.77 30.58
N GLY O 159 -55.84 -19.61 30.55
CA GLY O 159 -57.20 -19.15 30.60
C GLY O 159 -58.14 -19.74 29.56
N PRO O 160 -57.69 -19.91 28.31
CA PRO O 160 -58.54 -20.56 27.31
C PRO O 160 -58.33 -22.06 27.16
N TYR O 161 -57.34 -22.65 27.85
CA TYR O 161 -57.02 -24.05 27.66
C TYR O 161 -57.81 -24.98 28.57
N TYR O 162 -58.36 -24.47 29.67
CA TYR O 162 -59.07 -25.33 30.62
C TYR O 162 -60.37 -25.82 30.00
N CYS O 163 -60.48 -27.14 29.82
CA CYS O 163 -61.65 -27.76 29.20
C CYS O 163 -61.94 -27.17 27.82
N GLY O 164 -60.89 -26.84 27.09
CA GLY O 164 -61.07 -26.17 25.82
C GLY O 164 -61.32 -27.13 24.67
N VAL O 165 -61.77 -26.56 23.55
CA VAL O 165 -62.01 -27.32 22.33
C VAL O 165 -61.49 -26.49 21.16
N GLY O 166 -60.81 -27.15 20.23
CA GLY O 166 -60.22 -26.46 19.09
C GLY O 166 -58.78 -26.83 18.87
N ALA O 167 -58.27 -26.56 17.67
CA ALA O 167 -56.89 -26.94 17.34
C ALA O 167 -55.88 -26.13 18.12
N ASP O 168 -56.26 -24.95 18.60
CA ASP O 168 -55.35 -24.07 19.32
C ASP O 168 -55.59 -24.08 20.83
N ARG O 169 -56.43 -24.99 21.32
CA ARG O 169 -56.77 -24.96 22.74
C ARG O 169 -56.57 -26.32 23.40
N ALA O 170 -56.67 -27.40 22.62
CA ALA O 170 -56.50 -28.76 23.14
C ALA O 170 -55.41 -29.45 22.34
N TYR O 171 -54.39 -29.95 23.04
CA TYR O 171 -53.25 -30.60 22.42
C TYR O 171 -53.30 -32.09 22.72
N GLY O 172 -53.29 -32.91 21.67
CA GLY O 172 -53.20 -34.35 21.84
C GLY O 172 -54.43 -35.03 22.40
N ARG O 173 -55.62 -34.66 21.92
CA ARG O 173 -56.83 -35.33 22.36
C ARG O 173 -56.94 -36.76 21.85
N ASP O 174 -56.19 -37.10 20.81
CA ASP O 174 -56.23 -38.47 20.29
C ASP O 174 -55.76 -39.47 21.33
N ILE O 175 -54.70 -39.12 22.06
CA ILE O 175 -54.23 -40.01 23.13
C ILE O 175 -55.29 -40.17 24.21
N VAL O 176 -55.94 -39.08 24.58
CA VAL O 176 -56.92 -39.12 25.67
C VAL O 176 -58.10 -40.01 25.28
N GLU O 177 -58.60 -39.87 24.05
CA GLU O 177 -59.73 -40.67 23.61
C GLU O 177 -59.37 -42.14 23.55
N ALA O 178 -58.18 -42.46 23.03
CA ALA O 178 -57.75 -43.85 22.94
C ALA O 178 -57.59 -44.46 24.32
N HIS O 179 -56.99 -43.72 25.26
CA HIS O 179 -56.79 -44.23 26.61
C HIS O 179 -58.13 -44.46 27.30
N TYR O 180 -59.09 -43.55 27.10
CA TYR O 180 -60.41 -43.71 27.71
C TYR O 180 -61.09 -44.97 27.22
N ARG O 181 -61.05 -45.22 25.91
CA ARG O 181 -61.70 -46.40 25.36
C ARG O 181 -61.01 -47.68 25.80
N ALA O 182 -59.67 -47.67 25.86
CA ALA O 182 -58.93 -48.85 26.27
C ALA O 182 -59.23 -49.21 27.73
N CYS O 183 -59.30 -48.20 28.60
CA CYS O 183 -59.59 -48.47 30.01
C CYS O 183 -60.96 -49.09 30.19
N LEU O 184 -61.96 -48.59 29.44
CA LEU O 184 -63.30 -49.16 29.53
C LEU O 184 -63.31 -50.61 29.07
N TYR O 185 -62.60 -50.91 27.98
CA TYR O 185 -62.55 -52.28 27.49
C TYR O 185 -61.86 -53.21 28.49
N ALA O 186 -60.77 -52.75 29.10
CA ALA O 186 -60.01 -53.58 30.03
C ALA O 186 -60.76 -53.85 31.32
N GLY O 187 -61.71 -53.00 31.68
CA GLY O 187 -62.44 -53.15 32.93
C GLY O 187 -62.04 -52.19 34.02
N VAL O 188 -61.18 -51.21 33.74
CA VAL O 188 -60.80 -50.23 34.74
C VAL O 188 -61.97 -49.26 34.96
N LYS O 189 -62.25 -48.98 36.24
CA LYS O 189 -63.37 -48.11 36.60
C LYS O 189 -62.97 -46.65 36.42
N ILE O 190 -62.99 -46.21 35.18
CA ILE O 190 -62.67 -44.82 34.85
C ILE O 190 -63.95 -44.01 34.86
N ALA O 191 -63.88 -42.80 35.44
CA ALA O 191 -65.07 -41.97 35.64
C ALA O 191 -65.21 -40.83 34.65
N GLY O 192 -64.12 -40.27 34.15
CA GLY O 192 -64.22 -39.18 33.20
C GLY O 192 -62.88 -38.51 33.01
N THR O 193 -62.87 -37.56 32.07
CA THR O 193 -61.67 -36.83 31.71
C THR O 193 -62.01 -35.37 31.45
N ASN O 194 -60.98 -34.53 31.51
CA ASN O 194 -61.11 -33.13 31.15
C ASN O 194 -59.74 -32.55 30.85
N ALA O 195 -59.72 -31.47 30.08
CA ALA O 195 -58.48 -30.75 29.82
C ALA O 195 -58.16 -29.81 30.97
N GLU O 196 -56.86 -29.63 31.22
CA GLU O 196 -56.39 -28.88 32.37
C GLU O 196 -56.01 -27.45 31.97
N VAL O 197 -55.44 -26.72 32.93
CA VAL O 197 -55.23 -25.29 32.76
C VAL O 197 -54.13 -25.00 31.74
N MET O 198 -52.99 -25.66 31.87
CA MET O 198 -51.94 -25.37 30.90
C MET O 198 -51.97 -26.38 29.76
N PRO O 199 -51.71 -25.95 28.52
CA PRO O 199 -51.93 -26.84 27.38
C PRO O 199 -51.05 -28.08 27.42
N ALA O 200 -51.55 -29.15 26.79
CA ALA O 200 -50.97 -30.49 26.77
C ALA O 200 -51.05 -31.18 28.12
N GLN O 201 -51.88 -30.70 29.02
CA GLN O 201 -52.08 -31.32 30.33
C GLN O 201 -53.53 -31.80 30.44
N TRP O 202 -53.70 -33.03 30.89
CA TRP O 202 -55.01 -33.66 30.97
C TRP O 202 -55.18 -34.33 32.32
N GLU O 203 -56.40 -34.81 32.58
CA GLU O 203 -56.71 -35.46 33.84
C GLU O 203 -57.80 -36.49 33.62
N PHE O 204 -57.68 -37.63 34.32
CA PHE O 204 -58.73 -38.65 34.32
C PHE O 204 -59.00 -39.08 35.75
N GLN O 205 -60.24 -39.47 36.01
CA GLN O 205 -60.71 -39.83 37.34
C GLN O 205 -61.03 -41.32 37.40
N ILE O 206 -60.54 -41.98 38.45
CA ILE O 206 -60.78 -43.39 38.67
C ILE O 206 -61.56 -43.55 39.98
N GLY O 207 -62.65 -44.31 39.93
CA GLY O 207 -63.46 -44.54 41.09
C GLY O 207 -64.94 -44.44 40.80
N PRO O 208 -65.77 -44.61 41.84
CA PRO O 208 -65.42 -44.92 43.24
C PRO O 208 -65.05 -46.38 43.41
N CYS O 209 -63.83 -46.66 43.87
CA CYS O 209 -63.36 -48.02 44.09
C CYS O 209 -63.33 -48.30 45.58
N GLU O 210 -63.65 -49.55 45.95
CA GLU O 210 -63.76 -49.93 47.35
C GLU O 210 -62.49 -50.65 47.79
N GLY O 211 -61.85 -50.12 48.82
CA GLY O 211 -60.75 -50.83 49.48
C GLY O 211 -59.52 -50.96 48.59
N ILE O 212 -58.99 -52.18 48.53
CA ILE O 212 -57.71 -52.42 47.85
C ILE O 212 -57.86 -52.31 46.34
N SER O 213 -59.10 -52.31 45.84
CA SER O 213 -59.32 -52.26 44.40
C SER O 213 -58.84 -50.94 43.81
N MET O 214 -58.86 -49.87 44.58
CA MET O 214 -58.44 -48.57 44.05
C MET O 214 -56.96 -48.57 43.66
N GLY O 215 -56.12 -49.17 44.49
CA GLY O 215 -54.70 -49.22 44.17
C GLY O 215 -54.40 -50.04 42.93
N ASP O 216 -55.17 -51.10 42.69
CA ASP O 216 -54.95 -51.92 41.51
C ASP O 216 -55.39 -51.20 40.24
N HIS O 217 -56.56 -50.56 40.29
CA HIS O 217 -57.10 -49.90 39.10
C HIS O 217 -56.23 -48.74 38.66
N LEU O 218 -55.76 -47.93 39.61
CA LEU O 218 -54.95 -46.78 39.26
C LEU O 218 -53.63 -47.18 38.62
N TRP O 219 -52.99 -48.21 39.18
CA TRP O 219 -51.71 -48.66 38.63
C TRP O 219 -51.88 -49.22 37.22
N VAL O 220 -52.94 -49.98 36.99
CA VAL O 220 -53.19 -50.51 35.65
C VAL O 220 -53.51 -49.37 34.69
N ALA O 221 -54.27 -48.38 35.15
CA ALA O 221 -54.60 -47.24 34.30
C ALA O 221 -53.34 -46.48 33.90
N ARG O 222 -52.38 -46.35 34.82
CA ARG O 222 -51.12 -45.71 34.49
C ARG O 222 -50.37 -46.51 33.42
N PHE O 223 -50.37 -47.84 33.54
CA PHE O 223 -49.68 -48.68 32.57
C PHE O 223 -50.29 -48.53 31.18
N ILE O 224 -51.63 -48.50 31.11
CA ILE O 224 -52.30 -48.38 29.82
C ILE O 224 -51.96 -47.04 29.18
N LEU O 225 -51.89 -45.98 29.98
CA LEU O 225 -51.55 -44.67 29.44
C LEU O 225 -50.14 -44.66 28.85
N HIS O 226 -49.19 -45.28 29.55
CA HIS O 226 -47.83 -45.37 29.03
C HIS O 226 -47.79 -46.18 27.74
N ARG O 227 -48.51 -47.30 27.70
CA ARG O 227 -48.51 -48.15 26.53
C ARG O 227 -49.19 -47.47 25.34
N VAL O 228 -50.28 -46.75 25.59
CA VAL O 228 -50.97 -46.03 24.51
C VAL O 228 -50.09 -44.92 23.97
N CYS O 229 -49.45 -44.16 24.87
CA CYS O 229 -48.57 -43.09 24.43
C CYS O 229 -47.38 -43.61 23.65
N GLU O 230 -46.95 -44.85 23.93
CA GLU O 230 -45.86 -45.45 23.17
C GLU O 230 -46.23 -45.65 21.72
N ASP O 231 -47.49 -46.00 21.44
CA ASP O 231 -47.93 -46.17 20.06
C ASP O 231 -47.85 -44.86 19.28
N PHE O 232 -48.24 -43.75 19.92
CA PHE O 232 -48.21 -42.45 19.27
C PHE O 232 -46.81 -41.83 19.26
N GLY O 233 -45.88 -42.36 20.03
CA GLY O 233 -44.53 -41.82 20.06
C GLY O 233 -44.31 -40.66 21.00
N VAL O 234 -45.19 -40.47 21.98
CA VAL O 234 -45.06 -39.39 22.95
C VAL O 234 -44.83 -39.99 24.33
N ILE O 235 -44.49 -39.12 25.28
CA ILE O 235 -44.15 -39.51 26.64
C ILE O 235 -45.14 -38.88 27.60
N ALA O 236 -45.71 -39.68 28.49
CA ALA O 236 -46.58 -39.19 29.56
C ALA O 236 -45.79 -39.14 30.85
N THR O 237 -45.78 -37.97 31.49
CA THR O 237 -45.01 -37.75 32.71
C THR O 237 -45.95 -37.40 33.86
N PHE O 238 -45.53 -37.76 35.08
CA PHE O 238 -46.29 -37.48 36.29
C PHE O 238 -45.57 -36.51 37.22
N ASP O 239 -44.65 -35.72 36.69
CA ASP O 239 -43.93 -34.77 37.51
C ASP O 239 -44.89 -33.71 38.05
N PRO O 240 -44.81 -33.38 39.33
CA PRO O 240 -45.73 -32.37 39.89
C PRO O 240 -45.59 -30.99 39.25
N LYS O 241 -44.38 -30.59 38.88
CA LYS O 241 -44.15 -29.28 38.28
C LYS O 241 -43.25 -29.44 37.05
N PRO O 242 -43.80 -29.93 35.94
CA PRO O 242 -42.97 -30.12 34.74
C PRO O 242 -42.37 -28.83 34.19
N ILE O 243 -43.08 -27.71 34.28
CA ILE O 243 -42.63 -26.45 33.72
C ILE O 243 -42.63 -25.39 34.81
N PRO O 244 -41.47 -24.82 35.16
CA PRO O 244 -41.45 -23.76 36.16
C PRO O 244 -42.00 -22.45 35.59
N GLY O 245 -42.49 -21.60 36.49
CA GLY O 245 -42.98 -20.29 36.13
C GLY O 245 -44.49 -20.18 36.37
N ASN O 246 -45.14 -19.35 35.55
CA ASN O 246 -46.58 -19.13 35.65
C ASN O 246 -47.36 -20.19 34.88
N TRP O 247 -47.09 -21.45 35.18
CA TRP O 247 -47.78 -22.57 34.55
C TRP O 247 -48.25 -23.54 35.63
N ASN O 248 -49.45 -24.09 35.43
CA ASN O 248 -50.08 -24.91 36.45
C ASN O 248 -49.30 -26.19 36.70
N GLY O 249 -49.37 -26.68 37.94
CA GLY O 249 -48.74 -27.93 38.32
C GLY O 249 -49.68 -29.10 38.16
N ALA O 250 -49.19 -30.27 38.61
CA ALA O 250 -49.93 -31.51 38.50
C ALA O 250 -50.04 -32.18 39.87
N GLY O 251 -51.26 -32.58 40.24
CA GLY O 251 -51.49 -33.25 41.49
C GLY O 251 -52.50 -34.38 41.32
N CYS O 252 -52.69 -35.13 42.40
CA CYS O 252 -53.60 -36.28 42.43
C CYS O 252 -54.56 -36.11 43.60
N HIS O 253 -55.67 -35.41 43.37
CA HIS O 253 -56.68 -35.24 44.41
C HIS O 253 -57.33 -36.57 44.73
N THR O 254 -57.56 -36.82 46.01
CA THR O 254 -58.14 -38.08 46.48
C THR O 254 -59.46 -37.79 47.18
N ASN O 255 -60.51 -38.48 46.76
CA ASN O 255 -61.83 -38.37 47.37
C ASN O 255 -62.10 -39.60 48.22
N PHE O 256 -62.47 -39.38 49.48
CA PHE O 256 -62.62 -40.45 50.45
C PHE O 256 -63.97 -40.36 51.13
N SER O 257 -64.60 -41.52 51.32
CA SER O 257 -65.84 -41.61 52.08
C SER O 257 -66.03 -43.04 52.56
N THR O 258 -66.76 -43.17 53.66
CA THR O 258 -67.16 -44.47 54.20
C THR O 258 -68.69 -44.56 54.20
N LYS O 259 -69.19 -45.67 54.75
CA LYS O 259 -70.63 -45.87 54.78
C LYS O 259 -71.32 -44.84 55.65
N ALA O 260 -70.69 -44.45 56.76
CA ALA O 260 -71.31 -43.50 57.68
C ALA O 260 -71.53 -42.14 57.02
N MET O 261 -70.53 -41.66 56.28
CA MET O 261 -70.68 -40.37 55.61
C MET O 261 -71.72 -40.43 54.50
N ARG O 262 -71.88 -41.58 53.85
CA ARG O 262 -72.82 -41.71 52.76
C ARG O 262 -74.26 -41.85 53.22
N GLU O 263 -74.50 -42.07 54.51
CA GLU O 263 -75.85 -42.18 55.04
C GLU O 263 -76.37 -40.79 55.40
N GLU O 264 -77.55 -40.73 56.02
CA GLU O 264 -78.14 -39.46 56.39
C GLU O 264 -77.30 -38.77 57.46
N ASN O 265 -77.37 -37.44 57.47
CA ASN O 265 -76.66 -36.56 58.42
C ASN O 265 -75.21 -36.98 58.62
N GLY O 266 -74.59 -37.51 57.57
CA GLY O 266 -73.21 -37.93 57.62
C GLY O 266 -72.20 -36.80 57.54
N LEU O 267 -72.66 -35.56 57.40
CA LEU O 267 -71.76 -34.42 57.37
C LEU O 267 -70.95 -34.32 58.66
N LYS O 268 -71.52 -34.72 59.79
CA LYS O 268 -70.79 -34.71 61.05
C LYS O 268 -69.64 -35.71 61.02
N TYR O 269 -69.84 -36.87 60.38
CA TYR O 269 -68.76 -37.82 60.22
C TYR O 269 -67.66 -37.29 59.31
N ILE O 270 -68.03 -36.50 58.31
CA ILE O 270 -67.03 -35.84 57.47
C ILE O 270 -66.23 -34.84 58.30
N GLU O 271 -66.91 -34.07 59.14
CA GLU O 271 -66.22 -33.04 59.94
C GLU O 271 -65.26 -33.66 60.94
N GLU O 272 -65.67 -34.75 61.61
CA GLU O 272 -64.81 -35.36 62.61
C GLU O 272 -63.59 -36.01 61.97
N ALA O 273 -63.75 -36.51 60.73
CA ALA O 273 -62.60 -37.05 60.02
C ALA O 273 -61.64 -35.96 59.60
N ILE O 274 -62.17 -34.80 59.20
CA ILE O 274 -61.32 -33.69 58.78
C ILE O 274 -60.48 -33.18 59.94
N GLU O 275 -61.10 -33.01 61.11
CA GLU O 275 -60.35 -32.49 62.26
C GLU O 275 -59.34 -33.50 62.76
N LYS O 276 -59.59 -34.79 62.51
CA LYS O 276 -58.58 -35.80 62.82
C LYS O 276 -57.42 -35.71 61.83
N LEU O 277 -57.70 -35.26 60.61
CA LEU O 277 -56.61 -35.04 59.65
C LEU O 277 -55.83 -33.77 59.96
N SER O 278 -56.34 -32.95 60.88
CA SER O 278 -55.77 -31.63 61.10
C SER O 278 -54.41 -31.67 61.79
N LYS O 279 -54.20 -32.57 62.75
CA LYS O 279 -52.97 -32.53 63.53
C LYS O 279 -51.92 -33.51 63.05
N ARG O 280 -52.11 -34.12 61.89
CA ARG O 280 -51.11 -35.00 61.28
C ARG O 280 -50.79 -34.52 59.87
N HIS O 281 -50.70 -33.20 59.71
CA HIS O 281 -50.40 -32.62 58.41
C HIS O 281 -49.01 -33.03 57.93
N GLN O 282 -48.02 -32.99 58.83
CA GLN O 282 -46.65 -33.31 58.43
C GLN O 282 -46.50 -34.79 58.10
N TYR O 283 -47.21 -35.66 58.83
CA TYR O 283 -47.10 -37.09 58.58
C TYR O 283 -47.65 -37.45 57.20
N HIS O 284 -48.80 -36.87 56.82
CA HIS O 284 -49.40 -37.23 55.55
C HIS O 284 -48.63 -36.64 54.37
N ILE O 285 -48.03 -35.47 54.55
CA ILE O 285 -47.21 -34.89 53.48
C ILE O 285 -46.05 -35.81 53.16
N ARG O 286 -45.48 -36.46 54.17
CA ARG O 286 -44.38 -37.40 53.95
C ARG O 286 -44.83 -38.60 53.13
N ALA O 287 -46.04 -39.09 53.38
CA ALA O 287 -46.53 -40.28 52.69
C ALA O 287 -47.21 -39.98 51.37
N TYR O 288 -47.43 -38.71 51.03
CA TYR O 288 -48.06 -38.33 49.78
C TYR O 288 -47.07 -38.15 48.64
N ASP O 289 -45.77 -38.39 48.90
CA ASP O 289 -44.74 -38.17 47.91
C ASP O 289 -43.76 -39.33 48.00
N PRO O 290 -43.45 -39.99 46.88
CA PRO O 290 -42.44 -41.06 46.92
C PRO O 290 -41.06 -40.59 47.33
N LYS O 291 -40.76 -39.30 47.18
CA LYS O 291 -39.48 -38.73 47.57
C LYS O 291 -39.53 -38.07 48.95
N GLY O 292 -40.64 -38.19 49.67
CA GLY O 292 -40.75 -37.65 51.00
C GLY O 292 -41.32 -36.25 51.09
N GLY O 293 -41.52 -35.56 49.96
CA GLY O 293 -42.10 -34.24 49.98
C GLY O 293 -41.33 -33.23 49.15
N LEU O 294 -40.15 -33.61 48.67
CA LEU O 294 -39.35 -32.70 47.85
C LEU O 294 -40.05 -32.36 46.55
N ASP O 295 -40.66 -33.35 45.89
CA ASP O 295 -41.33 -33.11 44.62
C ASP O 295 -42.54 -32.20 44.80
N ASN O 296 -43.34 -32.43 45.84
CA ASN O 296 -44.53 -31.63 46.07
C ASN O 296 -44.22 -30.23 46.58
N ALA O 297 -42.98 -29.95 46.97
CA ALA O 297 -42.63 -28.62 47.43
C ALA O 297 -42.66 -27.60 46.29
N ARG O 298 -42.35 -28.03 45.07
CA ARG O 298 -42.35 -27.14 43.92
C ARG O 298 -43.74 -26.85 43.39
N ARG O 299 -44.76 -27.56 43.87
CA ARG O 299 -46.13 -27.38 43.42
C ARG O 299 -46.99 -26.60 44.41
N LEU O 300 -46.93 -26.97 45.70
CA LEU O 300 -47.76 -26.33 46.73
C LEU O 300 -47.08 -25.06 47.22
N THR O 301 -47.11 -24.04 46.36
CA THR O 301 -46.53 -22.74 46.68
C THR O 301 -47.58 -21.73 47.14
N GLY O 302 -48.84 -22.14 47.28
CA GLY O 302 -49.88 -21.21 47.68
C GLY O 302 -50.36 -20.29 46.60
N PHE O 303 -49.99 -20.53 45.35
CA PHE O 303 -50.40 -19.70 44.22
C PHE O 303 -51.01 -20.58 43.15
N HIS O 304 -51.70 -19.93 42.20
CA HIS O 304 -52.43 -20.62 41.14
C HIS O 304 -53.46 -21.58 41.71
N GLU O 305 -54.29 -21.05 42.63
CA GLU O 305 -55.37 -21.81 43.26
C GLU O 305 -54.86 -23.09 43.92
N THR O 306 -53.78 -22.96 44.70
CA THR O 306 -53.20 -24.07 45.45
C THR O 306 -53.14 -23.71 46.92
N SER O 307 -52.62 -24.64 47.72
CA SER O 307 -52.50 -24.47 49.16
C SER O 307 -51.03 -24.49 49.56
N ASN O 308 -50.72 -23.78 50.64
CA ASN O 308 -49.35 -23.72 51.12
C ASN O 308 -48.91 -25.08 51.64
N ILE O 309 -47.64 -25.41 51.41
CA ILE O 309 -47.12 -26.71 51.81
C ILE O 309 -47.05 -26.84 53.32
N ASN O 310 -46.69 -25.76 54.01
CA ASN O 310 -46.47 -25.80 55.45
C ASN O 310 -47.71 -25.43 56.26
N ASP O 311 -48.84 -25.15 55.61
CA ASP O 311 -50.05 -24.72 56.29
C ASP O 311 -51.19 -25.67 55.99
N PHE O 312 -51.98 -25.97 57.01
CA PHE O 312 -53.16 -26.82 56.88
C PHE O 312 -54.42 -25.96 56.95
N SER O 313 -55.38 -26.27 56.08
CA SER O 313 -56.62 -25.53 56.04
C SER O 313 -57.73 -26.42 55.47
N ALA O 314 -58.96 -26.02 55.72
CA ALA O 314 -60.12 -26.74 55.22
C ALA O 314 -61.28 -25.76 55.05
N GLY O 315 -62.26 -26.17 54.25
CA GLY O 315 -63.43 -25.34 54.02
C GLY O 315 -64.38 -25.91 52.98
N VAL O 316 -65.61 -25.40 52.96
CA VAL O 316 -66.62 -25.86 52.01
C VAL O 316 -66.49 -25.07 50.72
N ALA O 317 -66.34 -25.77 49.60
CA ALA O 317 -66.20 -25.16 48.28
C ALA O 317 -65.02 -24.20 48.21
N ASN O 318 -63.96 -24.49 48.96
CA ASN O 318 -62.74 -23.69 48.95
C ASN O 318 -61.65 -24.51 48.26
N ARG O 319 -61.33 -24.14 47.02
CA ARG O 319 -60.36 -24.88 46.24
C ARG O 319 -58.91 -24.52 46.59
N SER O 320 -58.70 -23.51 47.43
CA SER O 320 -57.36 -23.12 47.87
C SER O 320 -56.97 -23.76 49.19
N ALA O 321 -57.82 -24.59 49.77
CA ALA O 321 -57.54 -25.21 51.05
C ALA O 321 -56.96 -26.61 50.85
N SER O 322 -56.40 -27.16 51.94
CA SER O 322 -55.86 -28.51 51.89
C SER O 322 -56.96 -29.54 51.74
N ILE O 323 -58.10 -29.33 52.39
CA ILE O 323 -59.25 -30.23 52.31
C ILE O 323 -60.44 -29.42 51.84
N ARG O 324 -61.15 -29.96 50.84
CA ARG O 324 -62.31 -29.29 50.27
C ARG O 324 -63.56 -30.14 50.50
N ILE O 325 -64.61 -29.52 51.00
CA ILE O 325 -65.92 -30.15 51.12
C ILE O 325 -66.81 -29.60 50.01
N PRO O 326 -67.37 -30.45 49.15
CA PRO O 326 -68.21 -29.94 48.06
C PRO O 326 -69.41 -29.18 48.61
N ARG O 327 -69.79 -28.12 47.88
CA ARG O 327 -70.94 -27.31 48.29
C ARG O 327 -72.21 -28.15 48.27
N THR O 328 -72.35 -29.04 47.28
CA THR O 328 -73.50 -29.93 47.24
C THR O 328 -73.52 -30.86 48.44
N VAL O 329 -72.35 -31.37 48.84
CA VAL O 329 -72.27 -32.23 50.03
C VAL O 329 -72.71 -31.47 51.27
N GLY O 330 -72.25 -30.22 51.41
CA GLY O 330 -72.67 -29.42 52.55
C GLY O 330 -74.16 -29.14 52.56
N GLN O 331 -74.72 -28.81 51.39
CA GLN O 331 -76.16 -28.54 51.31
C GLN O 331 -76.99 -29.79 51.51
N GLU O 332 -76.42 -30.98 51.27
CA GLU O 332 -77.14 -32.23 51.47
C GLU O 332 -76.76 -32.95 52.76
N LYS O 333 -75.77 -32.42 53.49
CA LYS O 333 -75.37 -32.94 54.80
C LYS O 333 -74.86 -34.39 54.73
N LYS O 334 -74.41 -34.83 53.55
CA LYS O 334 -73.87 -36.17 53.40
C LYS O 334 -73.02 -36.21 52.14
N GLY O 335 -72.14 -37.20 52.07
CA GLY O 335 -71.31 -37.38 50.89
C GLY O 335 -69.88 -37.78 51.19
N TYR O 336 -68.93 -37.01 50.65
CA TYR O 336 -67.51 -37.30 50.76
C TYR O 336 -66.74 -36.01 50.94
N PHE O 337 -65.41 -36.13 51.05
CA PHE O 337 -64.54 -34.97 51.11
C PHE O 337 -63.29 -35.25 50.28
N GLU O 338 -62.65 -34.18 49.83
CA GLU O 338 -61.55 -34.25 48.88
C GLU O 338 -60.25 -33.82 49.55
N ASP O 339 -59.20 -34.59 49.33
CA ASP O 339 -57.85 -34.25 49.79
C ASP O 339 -57.05 -33.78 48.59
N ARG O 340 -56.63 -32.52 48.62
CA ARG O 340 -55.93 -31.90 47.49
C ARG O 340 -54.41 -31.91 47.66
N ARG O 341 -53.91 -32.57 48.69
CA ARG O 341 -52.48 -32.58 49.00
C ARG O 341 -51.64 -33.53 48.15
N PRO O 342 -52.06 -34.77 47.90
CA PRO O 342 -51.16 -35.73 47.25
C PRO O 342 -50.70 -35.27 45.88
N SER O 343 -49.44 -35.59 45.57
CA SER O 343 -48.81 -35.22 44.31
C SER O 343 -49.24 -36.15 43.19
N ALA O 344 -48.94 -35.74 41.95
CA ALA O 344 -49.33 -36.52 40.79
C ALA O 344 -48.62 -37.88 40.74
N ASN O 345 -47.37 -37.93 41.17
CA ASN O 345 -46.57 -39.16 41.14
C ASN O 345 -46.67 -39.94 42.45
N CYS O 346 -47.77 -39.77 43.19
CA CYS O 346 -47.95 -40.45 44.45
C CYS O 346 -48.26 -41.94 44.22
N ASP O 347 -47.98 -42.74 45.25
CA ASP O 347 -48.30 -44.16 45.23
C ASP O 347 -49.69 -44.36 45.82
N PRO O 348 -50.65 -44.91 45.07
CA PRO O 348 -52.01 -45.05 45.60
C PRO O 348 -52.08 -45.92 46.85
N PHE O 349 -51.23 -46.93 46.97
CA PHE O 349 -51.28 -47.81 48.13
C PHE O 349 -50.93 -47.05 49.41
N SER O 350 -49.91 -46.20 49.36
CA SER O 350 -49.54 -45.43 50.53
C SER O 350 -50.59 -44.36 50.85
N VAL O 351 -51.17 -43.75 49.81
CA VAL O 351 -52.16 -42.70 50.03
C VAL O 351 -53.40 -43.26 50.71
N THR O 352 -53.90 -44.40 50.22
CA THR O 352 -55.09 -45.00 50.82
C THR O 352 -54.80 -45.51 52.23
N GLU O 353 -53.61 -46.08 52.45
CA GLU O 353 -53.27 -46.61 53.75
C GLU O 353 -53.21 -45.52 54.81
N ALA O 354 -52.61 -44.38 54.47
CA ALA O 354 -52.48 -43.29 55.43
C ALA O 354 -53.85 -42.74 55.84
N LEU O 355 -54.76 -42.60 54.87
CA LEU O 355 -56.08 -42.07 55.18
C LEU O 355 -56.85 -43.00 56.11
N ILE O 356 -56.72 -44.31 55.90
CA ILE O 356 -57.42 -45.27 56.75
C ILE O 356 -56.91 -45.21 58.17
N ARG O 357 -55.58 -45.13 58.34
CA ARG O 357 -55.00 -45.14 59.68
C ARG O 357 -55.44 -43.92 60.49
N THR O 358 -55.31 -42.72 59.90
CA THR O 358 -55.60 -41.51 60.66
C THR O 358 -57.09 -41.34 60.93
N CYS O 359 -57.92 -41.59 59.92
CA CYS O 359 -59.34 -41.30 60.04
C CYS O 359 -60.14 -42.44 60.65
N LEU O 360 -59.79 -43.69 60.33
CA LEU O 360 -60.59 -44.83 60.75
C LEU O 360 -59.95 -45.65 61.86
N LEU O 361 -58.68 -45.44 62.18
CA LEU O 361 -58.01 -46.19 63.21
C LEU O 361 -57.50 -45.33 64.36
N ASN O 362 -57.58 -44.00 64.24
CA ASN O 362 -57.19 -43.08 65.30
C ASN O 362 -55.74 -43.29 65.74
N GLU O 363 -54.87 -43.53 64.76
CA GLU O 363 -53.45 -43.68 65.04
C GLU O 363 -52.81 -42.30 65.24
N THR O 364 -51.74 -42.29 66.04
CA THR O 364 -51.03 -41.04 66.33
C THR O 364 -49.53 -41.31 66.27
N GLY O 365 -48.76 -40.23 66.16
CA GLY O 365 -47.32 -40.31 66.07
C GLY O 365 -46.81 -40.11 64.67
N ASP O 366 -45.50 -39.94 64.57
CA ASP O 366 -44.83 -39.71 63.29
C ASP O 366 -44.55 -40.99 62.53
N GLU O 367 -44.78 -42.15 63.14
CA GLU O 367 -44.51 -43.43 62.52
C GLU O 367 -45.75 -44.32 62.57
N PRO O 368 -45.94 -45.19 61.59
CA PRO O 368 -47.09 -46.09 61.66
C PRO O 368 -46.87 -47.18 62.70
N PHE O 369 -47.96 -47.58 63.34
CA PHE O 369 -47.89 -48.52 64.44
C PHE O 369 -47.71 -49.91 63.83
N GLN O 370 -46.63 -50.61 64.23
CA GLN O 370 -46.17 -51.84 63.58
C GLN O 370 -47.25 -52.91 63.54
N TYR O 371 -48.17 -52.94 64.51
CA TYR O 371 -49.23 -53.92 64.53
C TYR O 371 -50.32 -53.48 63.56
N LYS O 372 -51.49 -54.13 63.61
CA LYS O 372 -52.55 -53.86 62.65
C LYS O 372 -53.07 -52.43 62.77
N ASN O 373 -53.35 -51.99 63.99
CA ASN O 373 -53.91 -50.66 64.20
C ASN O 373 -53.73 -50.22 65.64
N THR P 2 -22.77 -35.44 8.08
CA THR P 2 -21.47 -36.02 7.76
C THR P 2 -20.33 -35.13 8.26
N THR P 3 -20.59 -33.83 8.31
CA THR P 3 -19.64 -32.87 8.85
C THR P 3 -20.11 -32.41 10.23
N SER P 4 -19.14 -31.99 11.04
CA SER P 4 -19.43 -31.60 12.42
C SER P 4 -20.26 -30.32 12.46
N ALA P 5 -21.00 -30.17 13.56
CA ALA P 5 -21.82 -28.98 13.75
C ALA P 5 -20.95 -27.73 13.87
N SER P 6 -19.73 -27.89 14.41
CA SER P 6 -18.82 -26.75 14.51
C SER P 6 -18.44 -26.21 13.14
N SER P 7 -18.39 -27.08 12.13
CA SER P 7 -18.02 -26.64 10.79
C SER P 7 -19.11 -25.84 10.10
N HIS P 8 -20.33 -25.85 10.63
CA HIS P 8 -21.43 -25.09 10.04
C HIS P 8 -21.55 -23.68 10.61
N LEU P 9 -20.71 -23.31 11.56
CA LEU P 9 -20.69 -21.93 12.04
C LEU P 9 -20.11 -21.01 10.98
N ASN P 10 -20.47 -19.73 11.07
CA ASN P 10 -20.03 -18.75 10.09
C ASN P 10 -18.54 -18.49 10.28
N LYS P 11 -17.73 -18.99 9.34
CA LYS P 11 -16.29 -18.81 9.41
C LYS P 11 -15.86 -17.40 9.06
N GLY P 12 -16.70 -16.64 8.35
CA GLY P 12 -16.36 -15.25 8.09
C GLY P 12 -16.29 -14.43 9.35
N ILE P 13 -17.12 -14.74 10.34
CA ILE P 13 -17.09 -14.05 11.62
C ILE P 13 -15.75 -14.26 12.31
N LYS P 14 -15.22 -15.49 12.25
CA LYS P 14 -13.96 -15.78 12.89
C LYS P 14 -12.81 -14.97 12.28
N GLN P 15 -12.83 -14.80 10.96
CA GLN P 15 -11.75 -14.08 10.30
C GLN P 15 -11.72 -12.61 10.71
N VAL P 16 -12.89 -12.04 11.03
CA VAL P 16 -12.92 -10.65 11.49
C VAL P 16 -12.17 -10.50 12.79
N TYR P 17 -12.37 -11.45 13.72
CA TYR P 17 -11.67 -11.39 15.00
C TYR P 17 -10.19 -11.69 14.84
N MET P 18 -9.86 -12.66 13.97
CA MET P 18 -8.45 -13.03 13.79
C MET P 18 -7.65 -11.95 13.08
N SER P 19 -8.31 -10.98 12.47
CA SER P 19 -7.62 -9.90 11.78
C SER P 19 -7.27 -8.73 12.70
N LEU P 20 -7.69 -8.77 13.95
CA LEU P 20 -7.33 -7.71 14.89
C LEU P 20 -5.84 -7.74 15.19
N PRO P 21 -5.20 -6.58 15.32
CA PRO P 21 -3.78 -6.58 15.71
C PRO P 21 -3.60 -7.22 17.08
N GLN P 22 -2.51 -7.98 17.21
CA GLN P 22 -2.30 -8.77 18.42
C GLN P 22 -1.82 -7.89 19.57
N GLY P 23 -0.70 -7.19 19.37
CA GLY P 23 -0.10 -6.42 20.44
C GLY P 23 1.26 -6.95 20.83
N GLU P 24 1.56 -6.93 22.13
CA GLU P 24 2.87 -7.36 22.61
C GLU P 24 2.89 -8.81 23.07
N LYS P 25 1.78 -9.35 23.54
CA LYS P 25 1.76 -10.71 24.07
C LYS P 25 1.83 -11.73 22.95
N VAL P 26 2.32 -12.93 23.30
CA VAL P 26 2.53 -14.01 22.35
C VAL P 26 1.86 -15.27 22.89
N GLN P 27 1.16 -15.98 22.01
CA GLN P 27 0.51 -17.24 22.35
C GLN P 27 1.42 -18.41 22.02
N ALA P 28 1.46 -19.39 22.91
CA ALA P 28 2.25 -20.61 22.72
C ALA P 28 1.34 -21.81 23.00
N MET P 29 1.36 -22.77 22.08
CA MET P 29 0.54 -23.97 22.19
C MET P 29 1.42 -25.15 22.53
N TYR P 30 1.14 -25.81 23.65
CA TYR P 30 1.91 -26.96 24.11
C TYR P 30 1.23 -28.24 23.65
N ILE P 31 2.01 -29.15 23.07
CA ILE P 31 1.49 -30.39 22.50
C ILE P 31 2.25 -31.56 23.08
N TRP P 32 1.53 -32.62 23.44
CA TRP P 32 2.14 -33.81 23.99
C TRP P 32 1.30 -35.03 23.63
N ILE P 33 1.85 -36.21 23.92
CA ILE P 33 1.23 -37.49 23.61
C ILE P 33 0.62 -38.07 24.88
N ASP P 34 -0.61 -38.57 24.77
CA ASP P 34 -1.33 -39.06 25.93
C ASP P 34 -0.97 -40.53 26.22
N GLY P 35 -1.72 -41.16 27.11
CA GLY P 35 -1.40 -42.51 27.57
C GLY P 35 -1.77 -43.61 26.60
N THR P 36 -2.53 -43.31 25.56
CA THR P 36 -2.86 -44.32 24.57
C THR P 36 -1.72 -44.55 23.57
N GLY P 37 -0.76 -43.64 23.50
CA GLY P 37 0.34 -43.75 22.57
C GLY P 37 0.02 -43.31 21.16
N GLU P 38 -1.21 -42.87 20.90
CA GLU P 38 -1.60 -42.43 19.56
C GLU P 38 -2.23 -41.05 19.60
N GLY P 39 -2.88 -40.72 20.70
CA GLY P 39 -3.58 -39.45 20.81
C GLY P 39 -2.66 -38.29 21.10
N LEU P 40 -3.15 -37.09 20.77
CA LEU P 40 -2.44 -35.84 21.01
C LEU P 40 -3.32 -34.90 21.82
N ARG P 41 -2.68 -34.12 22.70
CA ARG P 41 -3.37 -33.14 23.53
C ARG P 41 -2.68 -31.80 23.38
N CYS P 42 -3.42 -30.73 23.66
CA CYS P 42 -2.87 -29.39 23.50
C CYS P 42 -3.59 -28.41 24.42
N LYS P 43 -2.86 -27.36 24.79
CA LYS P 43 -3.44 -26.21 25.48
C LYS P 43 -2.50 -25.03 25.28
N THR P 44 -3.02 -23.83 25.54
CA THR P 44 -2.36 -22.59 25.18
C THR P 44 -2.10 -21.73 26.41
N ARG P 45 -0.97 -21.01 26.41
CA ARG P 45 -0.65 -20.04 27.44
C ARG P 45 -0.10 -18.78 26.79
N THR P 46 -0.10 -17.69 27.54
CA THR P 46 0.35 -16.39 27.07
C THR P 46 1.75 -16.11 27.57
N LEU P 47 2.60 -15.58 26.68
CA LEU P 47 3.96 -15.20 27.01
C LEU P 47 4.13 -13.70 26.81
N ASP P 48 5.04 -13.13 27.60
CA ASP P 48 5.23 -11.68 27.55
C ASP P 48 5.98 -11.23 26.31
N SER P 49 6.88 -12.07 25.79
CA SER P 49 7.69 -11.72 24.64
C SER P 49 7.90 -12.94 23.77
N GLU P 50 8.21 -12.69 22.50
CA GLU P 50 8.42 -13.78 21.55
C GLU P 50 9.72 -14.51 21.88
N PRO P 51 9.68 -15.82 22.07
CA PRO P 51 10.92 -16.57 22.32
C PRO P 51 11.69 -16.79 21.04
N LYS P 52 13.02 -16.79 21.15
CA LYS P 52 13.87 -17.01 19.99
C LYS P 52 14.39 -18.43 19.91
N CYS P 53 14.54 -19.11 21.04
CA CYS P 53 15.00 -20.49 21.07
C CYS P 53 14.13 -21.29 22.03
N VAL P 54 14.09 -22.60 21.80
CA VAL P 54 13.22 -23.46 22.61
C VAL P 54 13.69 -23.53 24.05
N GLU P 55 14.96 -23.23 24.31
CA GLU P 55 15.51 -23.41 25.65
C GLU P 55 14.99 -22.37 26.64
N GLU P 56 14.37 -21.29 26.18
CA GLU P 56 13.87 -20.25 27.05
C GLU P 56 12.35 -20.30 27.23
N LEU P 57 11.71 -21.40 26.83
CA LEU P 57 10.30 -21.59 27.11
C LEU P 57 10.13 -22.21 28.50
N PRO P 58 9.24 -21.66 29.33
CA PRO P 58 9.05 -22.21 30.67
C PRO P 58 8.41 -23.59 30.64
N GLU P 59 8.69 -24.36 31.69
CA GLU P 59 8.05 -25.65 31.86
C GLU P 59 6.60 -25.49 32.30
N TRP P 60 5.81 -26.52 32.06
CA TRP P 60 4.40 -26.48 32.42
C TRP P 60 3.96 -27.82 33.01
N ASN P 61 2.66 -27.98 33.26
CA ASN P 61 2.15 -29.20 33.88
C ASN P 61 0.70 -29.38 33.48
N PHE P 62 0.19 -30.58 33.71
CA PHE P 62 -1.19 -30.91 33.41
C PHE P 62 -1.64 -32.03 34.33
N ASP P 63 -2.96 -32.19 34.44
CA ASP P 63 -3.56 -33.22 35.29
C ASP P 63 -3.57 -34.53 34.52
N GLY P 64 -2.72 -35.48 34.96
CA GLY P 64 -2.60 -36.75 34.26
C GLY P 64 -3.74 -37.72 34.50
N SER P 65 -4.57 -37.45 35.51
CA SER P 65 -5.71 -38.32 35.76
C SER P 65 -6.77 -38.23 34.68
N SER P 66 -6.83 -37.11 33.97
CA SER P 66 -7.79 -36.93 32.89
C SER P 66 -7.31 -37.49 31.57
N THR P 67 -6.04 -37.87 31.46
CA THR P 67 -5.49 -38.43 30.23
C THR P 67 -5.03 -39.87 30.39
N LEU P 68 -5.44 -40.55 31.47
CA LEU P 68 -5.08 -41.94 31.73
C LEU P 68 -3.57 -42.13 31.75
N GLN P 69 -2.86 -41.22 32.41
CA GLN P 69 -1.42 -41.29 32.53
C GLN P 69 -0.92 -41.26 33.97
N SER P 70 -1.79 -41.08 34.95
CA SER P 70 -1.36 -41.00 36.33
C SER P 70 -2.47 -41.53 37.24
N GLU P 71 -2.14 -41.66 38.51
CA GLU P 71 -3.09 -42.16 39.51
C GLU P 71 -3.83 -40.97 40.14
N GLY P 72 -4.56 -41.24 41.22
CA GLY P 72 -5.37 -40.23 41.86
C GLY P 72 -4.62 -39.23 42.71
N SER P 73 -3.85 -39.72 43.68
CA SER P 73 -3.17 -38.83 44.62
C SER P 73 -2.13 -37.97 43.92
N ASN P 74 -1.12 -38.60 43.34
CA ASN P 74 -0.07 -37.90 42.61
C ASN P 74 -0.45 -37.90 41.13
N SER P 75 -1.28 -36.94 40.74
CA SER P 75 -1.81 -36.88 39.40
C SER P 75 -1.09 -35.89 38.49
N ASP P 76 -0.34 -34.95 39.06
CA ASP P 76 0.33 -33.94 38.24
C ASP P 76 1.44 -34.56 37.41
N MET P 77 1.53 -34.14 36.16
CA MET P 77 2.63 -34.51 35.26
C MET P 77 3.24 -33.25 34.69
N TYR P 78 4.50 -33.34 34.28
CA TYR P 78 5.26 -32.19 33.84
C TYR P 78 5.48 -32.23 32.33
N LEU P 79 5.44 -31.05 31.71
CA LEU P 79 5.70 -30.89 30.29
C LEU P 79 7.02 -30.16 30.11
N VAL P 80 7.94 -30.77 29.39
CA VAL P 80 9.25 -30.15 29.12
C VAL P 80 9.37 -29.88 27.62
N PRO P 81 9.48 -28.62 27.20
CA PRO P 81 9.56 -28.32 25.77
C PRO P 81 10.77 -29.00 25.11
N ALA P 82 10.55 -29.46 23.88
CA ALA P 82 11.59 -30.15 23.13
C ALA P 82 11.83 -29.55 21.74
N ALA P 83 10.79 -29.07 21.08
CA ALA P 83 10.93 -28.48 19.76
C ALA P 83 9.92 -27.35 19.60
N MET P 84 10.26 -26.37 18.78
CA MET P 84 9.43 -25.19 18.57
C MET P 84 9.25 -24.95 17.08
N PHE P 85 8.04 -24.55 16.69
CA PHE P 85 7.70 -24.29 15.31
C PHE P 85 6.82 -23.06 15.22
N ARG P 86 6.80 -22.46 14.04
CA ARG P 86 5.86 -21.38 13.78
C ARG P 86 4.44 -21.91 13.74
N ASP P 87 3.51 -21.11 14.24
CA ASP P 87 2.11 -21.52 14.31
C ASP P 87 1.40 -21.06 13.05
N PRO P 88 0.84 -21.98 12.25
CA PRO P 88 0.15 -21.57 11.02
C PRO P 88 -1.30 -21.21 11.22
N PHE P 89 -1.96 -21.71 12.26
CA PHE P 89 -3.37 -21.42 12.48
C PHE P 89 -3.56 -20.00 13.02
N ARG P 90 -2.70 -19.58 13.93
CA ARG P 90 -2.56 -18.18 14.29
C ARG P 90 -1.12 -17.79 13.98
N LYS P 91 -0.95 -16.74 13.19
CA LYS P 91 0.32 -16.50 12.49
C LYS P 91 1.38 -15.98 13.47
N ASP P 92 2.49 -15.53 12.91
CA ASP P 92 3.59 -15.02 13.72
C ASP P 92 3.12 -13.85 14.58
N PRO P 93 3.70 -13.67 15.77
CA PRO P 93 4.82 -14.40 16.35
C PRO P 93 4.44 -15.61 17.21
N ASN P 94 3.24 -16.15 17.05
CA ASN P 94 2.82 -17.28 17.86
C ASN P 94 3.54 -18.55 17.46
N LYS P 95 3.66 -19.48 18.41
CA LYS P 95 4.52 -20.65 18.26
C LYS P 95 3.77 -21.93 18.64
N LEU P 96 4.25 -23.04 18.10
CA LEU P 96 3.83 -24.38 18.49
C LEU P 96 4.99 -25.07 19.20
N VAL P 97 4.70 -25.70 20.34
CA VAL P 97 5.72 -26.31 21.18
C VAL P 97 5.39 -27.78 21.36
N LEU P 98 6.32 -28.65 20.98
CA LEU P 98 6.20 -30.08 21.24
C LEU P 98 7.01 -30.41 22.50
N CYS P 99 6.38 -31.13 23.43
CA CYS P 99 6.93 -31.33 24.75
C CYS P 99 7.05 -32.81 25.07
N GLU P 100 7.87 -33.10 26.07
CA GLU P 100 7.98 -34.44 26.64
C GLU P 100 7.25 -34.49 27.97
N VAL P 101 6.79 -35.69 28.33
CA VAL P 101 5.97 -35.91 29.51
C VAL P 101 6.79 -36.65 30.55
N PHE P 102 6.80 -36.12 31.79
CA PHE P 102 7.48 -36.75 32.91
C PHE P 102 6.52 -36.88 34.08
N LYS P 103 6.75 -37.89 34.90
CA LYS P 103 5.92 -38.12 36.06
C LYS P 103 6.29 -37.13 37.18
N TYR P 104 5.55 -37.22 38.29
CA TYR P 104 5.77 -36.29 39.39
C TYR P 104 7.14 -36.45 40.02
N ASN P 105 7.72 -37.64 39.94
CA ASN P 105 9.06 -37.89 40.44
C ASN P 105 10.14 -37.71 39.39
N ARG P 106 9.85 -36.95 38.33
CA ARG P 106 10.77 -36.63 37.24
C ARG P 106 11.20 -37.85 36.42
N ARG P 107 10.53 -38.98 36.59
CA ARG P 107 10.81 -40.10 35.71
C ARG P 107 10.03 -39.97 34.41
N PRO P 108 10.55 -40.51 33.31
CA PRO P 108 9.83 -40.43 32.04
C PRO P 108 8.52 -41.21 32.10
N ALA P 109 7.53 -40.72 31.37
CA ALA P 109 6.23 -41.36 31.32
C ALA P 109 6.32 -42.66 30.52
N GLU P 110 5.27 -43.48 30.64
CA GLU P 110 5.26 -44.76 29.96
C GLU P 110 5.27 -44.60 28.44
N THR P 111 4.52 -43.62 27.94
CA THR P 111 4.45 -43.36 26.50
C THR P 111 5.52 -42.38 26.03
N ASN P 112 6.40 -41.92 26.94
CA ASN P 112 7.50 -41.04 26.58
C ASN P 112 8.63 -41.89 26.03
N LEU P 113 8.71 -42.00 24.70
CA LEU P 113 9.74 -42.78 24.04
C LEU P 113 10.84 -41.92 23.42
N ARG P 114 10.67 -40.61 23.39
CA ARG P 114 11.71 -39.74 22.85
C ARG P 114 12.94 -39.70 23.76
N HIS P 115 12.74 -39.91 25.06
CA HIS P 115 13.86 -39.85 26.00
C HIS P 115 14.92 -40.88 25.67
N THR P 116 14.52 -42.12 25.46
CA THR P 116 15.48 -43.18 25.14
C THR P 116 15.99 -43.05 23.72
N CYS P 117 15.12 -42.67 22.78
CA CYS P 117 15.54 -42.56 21.38
C CYS P 117 16.58 -41.48 21.19
N LYS P 118 16.48 -40.38 21.95
CA LYS P 118 17.44 -39.29 21.79
C LYS P 118 18.84 -39.73 22.18
N ARG P 119 18.97 -40.50 23.26
CA ARG P 119 20.30 -40.94 23.69
C ARG P 119 20.88 -41.94 22.69
N ILE P 120 20.04 -42.78 22.10
CA ILE P 120 20.51 -43.68 21.05
C ILE P 120 21.01 -42.90 19.85
N MET P 121 20.32 -41.80 19.52
CA MET P 121 20.73 -40.96 18.40
C MET P 121 22.13 -40.38 18.63
N ASP P 122 22.44 -39.99 19.86
CA ASP P 122 23.70 -39.30 20.13
C ASP P 122 24.90 -40.22 19.97
N MET P 123 24.74 -41.52 20.18
CA MET P 123 25.89 -42.42 20.10
C MET P 123 26.29 -42.72 18.66
N VAL P 124 25.41 -42.49 17.69
CA VAL P 124 25.71 -42.69 16.29
C VAL P 124 25.68 -41.37 15.51
N SER P 125 25.96 -40.26 16.18
CA SER P 125 25.86 -38.93 15.59
C SER P 125 26.80 -38.76 14.40
N ASN P 126 28.02 -39.27 14.52
CA ASN P 126 29.00 -39.09 13.45
C ASN P 126 28.65 -39.83 12.18
N GLN P 127 27.80 -40.85 12.25
CA GLN P 127 27.37 -41.60 11.07
C GLN P 127 26.24 -40.91 10.33
N HIS P 128 25.59 -39.91 10.93
CA HIS P 128 24.55 -39.10 10.32
C HIS P 128 23.44 -39.95 9.69
N PRO P 129 22.62 -40.62 10.49
CA PRO P 129 21.50 -41.38 9.92
C PRO P 129 20.41 -40.45 9.42
N TRP P 130 19.78 -40.82 8.30
CA TRP P 130 18.70 -40.05 7.71
C TRP P 130 17.46 -40.92 7.63
N PHE P 131 16.29 -40.30 7.80
CA PHE P 131 15.03 -41.01 7.81
C PHE P 131 14.02 -40.34 6.90
N GLY P 132 13.18 -41.15 6.26
CA GLY P 132 12.07 -40.66 5.47
C GLY P 132 10.84 -41.52 5.66
N MET P 133 9.73 -40.91 6.06
CA MET P 133 8.50 -41.63 6.38
C MET P 133 7.39 -41.20 5.45
N GLU P 134 6.58 -42.17 5.01
CA GLU P 134 5.44 -41.93 4.15
C GLU P 134 4.19 -42.25 4.95
N GLN P 135 3.48 -41.20 5.37
CA GLN P 135 2.31 -41.36 6.24
C GLN P 135 1.05 -41.40 5.38
N GLU P 136 0.27 -42.47 5.54
CA GLU P 136 -1.01 -42.61 4.86
C GLU P 136 -2.16 -42.43 5.84
N TYR P 137 -3.29 -41.95 5.32
CA TYR P 137 -4.44 -41.69 6.18
C TYR P 137 -5.70 -41.68 5.32
N THR P 138 -6.85 -41.74 5.98
CA THR P 138 -8.14 -41.71 5.33
C THR P 138 -9.00 -40.61 5.94
N LEU P 139 -9.70 -39.87 5.08
CA LEU P 139 -10.62 -38.84 5.53
C LEU P 139 -11.99 -39.45 5.78
N MET P 140 -12.52 -39.22 6.97
CA MET P 140 -13.77 -39.84 7.40
C MET P 140 -14.76 -38.78 7.84
N GLY P 141 -16.03 -39.01 7.55
CA GLY P 141 -17.07 -38.15 8.06
C GLY P 141 -17.37 -38.42 9.51
N THR P 142 -18.16 -37.52 10.11
CA THR P 142 -18.51 -37.68 11.52
C THR P 142 -19.44 -38.86 11.75
N ASP P 143 -20.00 -39.45 10.69
CA ASP P 143 -20.89 -40.59 10.81
C ASP P 143 -20.14 -41.93 10.81
N GLY P 144 -18.82 -41.90 10.72
CA GLY P 144 -18.05 -43.13 10.73
C GLY P 144 -17.82 -43.77 9.39
N HIS P 145 -18.01 -43.04 8.29
CA HIS P 145 -17.83 -43.57 6.96
C HIS P 145 -16.90 -42.65 6.17
N PRO P 146 -16.20 -43.18 5.16
CA PRO P 146 -15.24 -42.35 4.42
C PRO P 146 -15.90 -41.15 3.77
N PHE P 147 -15.19 -40.03 3.79
CA PHE P 147 -15.74 -38.77 3.29
C PHE P 147 -16.01 -38.87 1.79
N GLY P 148 -17.19 -38.43 1.39
CA GLY P 148 -17.57 -38.43 -0.01
C GLY P 148 -18.09 -39.74 -0.54
N TRP P 149 -18.12 -40.78 0.26
CA TRP P 149 -18.63 -42.07 -0.19
C TRP P 149 -20.16 -42.04 -0.21
N PRO P 150 -20.78 -42.84 -1.07
CA PRO P 150 -22.25 -42.90 -1.08
C PRO P 150 -22.78 -43.37 0.27
N SER P 151 -23.91 -42.80 0.67
CA SER P 151 -24.50 -43.15 1.95
C SER P 151 -24.97 -44.60 1.94
N ASN P 152 -24.43 -45.39 2.87
CA ASN P 152 -24.72 -46.82 2.95
C ASN P 152 -24.41 -47.55 1.65
N GLY P 153 -23.34 -47.13 0.97
CA GLY P 153 -22.96 -47.73 -0.28
C GLY P 153 -21.48 -47.65 -0.56
N PHE P 154 -21.07 -48.04 -1.76
CA PHE P 154 -19.67 -48.06 -2.12
C PHE P 154 -19.46 -47.37 -3.46
N PRO P 155 -18.28 -46.78 -3.68
CA PRO P 155 -17.96 -46.25 -5.01
C PRO P 155 -17.54 -47.36 -5.95
N GLY P 156 -17.12 -47.01 -7.17
CA GLY P 156 -16.71 -47.98 -8.15
C GLY P 156 -15.45 -48.71 -7.74
N PRO P 157 -15.08 -49.74 -8.51
CA PRO P 157 -13.89 -50.52 -8.17
C PRO P 157 -12.62 -49.69 -8.30
N GLN P 158 -11.57 -50.15 -7.62
CA GLN P 158 -10.31 -49.41 -7.59
C GLN P 158 -9.67 -49.39 -8.98
N GLY P 159 -8.75 -48.45 -9.16
CA GLY P 159 -8.02 -48.31 -10.40
C GLY P 159 -7.97 -46.91 -10.97
N PRO P 160 -9.06 -46.16 -10.92
CA PRO P 160 -9.01 -44.76 -11.36
C PRO P 160 -8.73 -43.73 -10.27
N TYR P 161 -8.58 -44.14 -9.02
CA TYR P 161 -8.42 -43.17 -7.94
C TYR P 161 -6.97 -42.86 -7.61
N TYR P 162 -6.05 -43.77 -7.95
CA TYR P 162 -4.64 -43.55 -7.64
C TYR P 162 -4.10 -42.37 -8.43
N CYS P 163 -3.66 -41.33 -7.71
CA CYS P 163 -3.13 -40.11 -8.31
C CYS P 163 -4.14 -39.49 -9.28
N GLY P 164 -5.42 -39.61 -8.97
CA GLY P 164 -6.46 -39.17 -9.86
C GLY P 164 -6.74 -37.68 -9.76
N VAL P 165 -7.42 -37.17 -10.79
CA VAL P 165 -7.83 -35.78 -10.85
C VAL P 165 -9.27 -35.73 -11.36
N GLY P 166 -10.08 -34.86 -10.76
CA GLY P 166 -11.47 -34.75 -11.15
C GLY P 166 -12.42 -34.89 -9.98
N ALA P 167 -13.65 -34.39 -10.14
CA ALA P 167 -14.61 -34.43 -9.03
C ALA P 167 -15.01 -35.85 -8.67
N ASP P 168 -14.94 -36.78 -9.62
CA ASP P 168 -15.34 -38.16 -9.38
C ASP P 168 -14.17 -39.07 -9.06
N ARG P 169 -12.97 -38.52 -8.89
CA ARG P 169 -11.78 -39.34 -8.70
C ARG P 169 -11.00 -38.98 -7.44
N ALA P 170 -11.04 -37.73 -6.99
CA ALA P 170 -10.32 -37.30 -5.81
C ALA P 170 -11.29 -36.64 -4.85
N TYR P 171 -11.29 -37.10 -3.59
CA TYR P 171 -12.21 -36.61 -2.58
C TYR P 171 -11.43 -35.81 -1.54
N GLY P 172 -11.90 -34.59 -1.26
CA GLY P 172 -11.30 -33.78 -0.22
C GLY P 172 -9.91 -33.29 -0.47
N ARG P 173 -9.60 -32.83 -1.69
CA ARG P 173 -8.29 -32.25 -1.96
C ARG P 173 -8.07 -30.94 -1.21
N ASP P 174 -9.15 -30.27 -0.80
CA ASP P 174 -8.99 -29.00 -0.09
C ASP P 174 -8.22 -29.18 1.21
N ILE P 175 -8.48 -30.27 1.93
CA ILE P 175 -7.74 -30.55 3.16
C ILE P 175 -6.27 -30.75 2.85
N VAL P 176 -5.98 -31.51 1.78
CA VAL P 176 -4.59 -31.82 1.44
C VAL P 176 -3.82 -30.55 1.09
N GLU P 177 -4.43 -29.68 0.28
CA GLU P 177 -3.77 -28.45 -0.11
C GLU P 177 -3.50 -27.56 1.10
N ALA P 178 -4.48 -27.44 1.99
CA ALA P 178 -4.31 -26.61 3.18
C ALA P 178 -3.23 -27.19 4.10
N HIS P 179 -3.21 -28.51 4.25
CA HIS P 179 -2.21 -29.14 5.11
C HIS P 179 -0.81 -28.95 4.56
N TYR P 180 -0.65 -29.05 3.23
CA TYR P 180 0.65 -28.87 2.61
C TYR P 180 1.18 -27.46 2.86
N ARG P 181 0.35 -26.45 2.65
CA ARG P 181 0.78 -25.07 2.85
C ARG P 181 1.06 -24.79 4.32
N ALA P 182 0.25 -25.34 5.22
CA ALA P 182 0.45 -25.11 6.64
C ALA P 182 1.77 -25.71 7.13
N CYS P 183 2.12 -26.91 6.63
CA CYS P 183 3.36 -27.53 7.04
C CYS P 183 4.58 -26.73 6.58
N LEU P 184 4.52 -26.19 5.36
CA LEU P 184 5.61 -25.37 4.86
C LEU P 184 5.80 -24.12 5.70
N TYR P 185 4.70 -23.47 6.09
CA TYR P 185 4.79 -22.26 6.90
C TYR P 185 5.37 -22.57 8.27
N ALA P 186 5.00 -23.71 8.86
CA ALA P 186 5.46 -24.04 10.20
C ALA P 186 6.92 -24.44 10.26
N GLY P 187 7.50 -24.85 9.13
CA GLY P 187 8.85 -25.34 9.10
C GLY P 187 9.00 -26.84 9.10
N VAL P 188 7.92 -27.59 8.93
CA VAL P 188 7.99 -29.04 8.86
C VAL P 188 8.52 -29.44 7.48
N LYS P 189 9.47 -30.38 7.47
CA LYS P 189 10.12 -30.80 6.22
C LYS P 189 9.24 -31.80 5.49
N ILE P 190 8.23 -31.25 4.80
CA ILE P 190 7.31 -32.07 4.01
C ILE P 190 7.84 -32.18 2.60
N ALA P 191 7.84 -33.40 2.06
CA ALA P 191 8.46 -33.66 0.76
C ALA P 191 7.49 -33.77 -0.40
N GLY P 192 6.25 -34.19 -0.16
CA GLY P 192 5.30 -34.30 -1.26
C GLY P 192 4.07 -35.06 -0.82
N THR P 193 3.06 -35.03 -1.69
CA THR P 193 1.79 -35.68 -1.43
C THR P 193 1.30 -36.36 -2.71
N ASN P 194 0.38 -37.32 -2.54
CA ASN P 194 -0.28 -37.96 -3.67
C ASN P 194 -1.56 -38.62 -3.18
N ALA P 195 -2.46 -38.86 -4.11
CA ALA P 195 -3.68 -39.59 -3.82
C ALA P 195 -3.42 -41.10 -3.88
N GLU P 196 -4.13 -41.84 -3.04
CA GLU P 196 -3.90 -43.27 -2.89
C GLU P 196 -4.92 -44.08 -3.70
N VAL P 197 -4.77 -45.40 -3.64
CA VAL P 197 -5.63 -46.29 -4.41
C VAL P 197 -7.07 -46.18 -3.95
N MET P 198 -7.28 -46.16 -2.65
CA MET P 198 -8.62 -46.00 -2.09
C MET P 198 -9.10 -44.57 -2.29
N PRO P 199 -10.34 -44.36 -2.75
CA PRO P 199 -10.89 -43.00 -2.77
C PRO P 199 -10.98 -42.44 -1.36
N ALA P 200 -10.73 -41.14 -1.24
CA ALA P 200 -10.62 -40.41 0.02
C ALA P 200 -9.44 -40.84 0.86
N GLN P 201 -8.47 -41.54 0.27
CA GLN P 201 -7.24 -41.93 0.95
C GLN P 201 -6.07 -41.17 0.35
N TRP P 202 -5.21 -40.63 1.22
CA TRP P 202 -4.12 -39.79 0.78
C TRP P 202 -2.84 -40.19 1.49
N GLU P 203 -1.74 -39.54 1.11
CA GLU P 203 -0.43 -39.83 1.67
C GLU P 203 0.46 -38.61 1.52
N PHE P 204 1.27 -38.34 2.54
CA PHE P 204 2.29 -37.29 2.47
C PHE P 204 3.61 -37.84 2.99
N GLN P 205 4.70 -37.25 2.52
CA GLN P 205 6.05 -37.71 2.84
C GLN P 205 6.79 -36.66 3.64
N ILE P 206 7.56 -37.12 4.63
CA ILE P 206 8.38 -36.26 5.47
C ILE P 206 9.82 -36.74 5.37
N GLY P 207 10.73 -35.80 5.12
CA GLY P 207 12.14 -36.13 5.11
C GLY P 207 12.87 -35.52 3.93
N PRO P 208 14.18 -35.84 3.81
CA PRO P 208 14.99 -36.65 4.73
C PRO P 208 15.34 -35.88 5.99
N CYS P 209 15.22 -36.50 7.16
CA CYS P 209 15.49 -35.86 8.43
C CYS P 209 16.59 -36.64 9.16
N GLU P 210 17.38 -35.92 9.96
CA GLU P 210 18.55 -36.50 10.61
C GLU P 210 18.24 -36.78 12.08
N GLY P 211 18.45 -38.04 12.48
CA GLY P 211 18.40 -38.39 13.89
C GLY P 211 17.03 -38.15 14.52
N ILE P 212 17.06 -37.52 15.69
CA ILE P 212 15.84 -37.32 16.47
C ILE P 212 14.89 -36.34 15.80
N SER P 213 15.38 -35.57 14.82
CA SER P 213 14.53 -34.59 14.17
C SER P 213 13.36 -35.24 13.44
N MET P 214 13.54 -36.46 12.96
CA MET P 214 12.49 -37.09 12.15
C MET P 214 11.24 -37.37 13.00
N GLY P 215 11.43 -37.86 14.22
CA GLY P 215 10.29 -38.11 15.08
C GLY P 215 9.54 -36.84 15.45
N ASP P 216 10.28 -35.75 15.70
CA ASP P 216 9.62 -34.49 16.03
C ASP P 216 8.82 -33.96 14.86
N HIS P 217 9.36 -34.06 13.64
CA HIS P 217 8.67 -33.50 12.49
C HIS P 217 7.42 -34.28 12.14
N LEU P 218 7.45 -35.61 12.29
CA LEU P 218 6.28 -36.40 11.96
C LEU P 218 5.13 -36.15 12.93
N TRP P 219 5.44 -36.05 14.23
CA TRP P 219 4.40 -35.84 15.21
C TRP P 219 3.72 -34.48 15.04
N VAL P 220 4.51 -33.45 14.73
CA VAL P 220 3.94 -32.12 14.51
C VAL P 220 3.10 -32.11 13.24
N ALA P 221 3.54 -32.83 12.21
CA ALA P 221 2.76 -32.93 10.98
C ALA P 221 1.43 -33.61 11.23
N ARG P 222 1.42 -34.63 12.10
CA ARG P 222 0.16 -35.29 12.45
C ARG P 222 -0.77 -34.33 13.17
N PHE P 223 -0.23 -33.52 14.08
CA PHE P 223 -1.06 -32.56 14.81
C PHE P 223 -1.69 -31.55 13.86
N ILE P 224 -0.91 -31.05 12.89
CA ILE P 224 -1.42 -30.06 11.96
C ILE P 224 -2.53 -30.66 11.11
N LEU P 225 -2.40 -31.94 10.74
CA LEU P 225 -3.45 -32.59 9.97
C LEU P 225 -4.75 -32.65 10.76
N HIS P 226 -4.68 -33.03 12.04
CA HIS P 226 -5.88 -33.11 12.86
C HIS P 226 -6.52 -31.73 13.03
N ARG P 227 -5.70 -30.71 13.27
CA ARG P 227 -6.24 -29.37 13.49
C ARG P 227 -6.84 -28.79 12.22
N VAL P 228 -6.22 -29.06 11.07
CA VAL P 228 -6.78 -28.60 9.81
C VAL P 228 -8.10 -29.30 9.51
N CYS P 229 -8.14 -30.63 9.72
CA CYS P 229 -9.37 -31.37 9.48
C CYS P 229 -10.48 -30.92 10.41
N GLU P 230 -10.12 -30.43 11.61
CA GLU P 230 -11.11 -29.92 12.53
C GLU P 230 -11.82 -28.70 11.97
N ASP P 231 -11.10 -27.84 11.25
CA ASP P 231 -11.72 -26.67 10.64
C ASP P 231 -12.76 -27.06 9.60
N PHE P 232 -12.46 -28.07 8.79
CA PHE P 232 -13.37 -28.51 7.75
C PHE P 232 -14.48 -29.43 8.27
N GLY P 233 -14.35 -29.94 9.50
CA GLY P 233 -15.39 -30.77 10.07
C GLY P 233 -15.27 -32.25 9.76
N VAL P 234 -14.12 -32.72 9.32
CA VAL P 234 -13.93 -34.12 9.01
C VAL P 234 -12.90 -34.71 9.97
N ILE P 235 -12.76 -36.02 9.93
CA ILE P 235 -11.86 -36.76 10.81
C ILE P 235 -10.82 -37.49 9.98
N ALA P 236 -9.56 -37.34 10.37
CA ALA P 236 -8.46 -38.06 9.76
C ALA P 236 -8.07 -39.24 10.65
N THR P 237 -8.05 -40.44 10.08
CA THR P 237 -7.76 -41.66 10.82
C THR P 237 -6.47 -42.29 10.30
N PHE P 238 -5.65 -42.79 11.22
CA PHE P 238 -4.45 -43.53 10.87
C PHE P 238 -4.60 -45.03 11.07
N ASP P 239 -5.83 -45.51 11.12
CA ASP P 239 -6.06 -46.93 11.34
C ASP P 239 -5.52 -47.74 10.16
N PRO P 240 -4.80 -48.83 10.41
CA PRO P 240 -4.21 -49.59 9.30
C PRO P 240 -5.22 -50.13 8.30
N LYS P 241 -6.41 -50.53 8.75
CA LYS P 241 -7.44 -51.07 7.85
C LYS P 241 -8.77 -50.40 8.17
N PRO P 242 -8.97 -49.16 7.67
CA PRO P 242 -10.23 -48.46 7.97
C PRO P 242 -11.47 -49.16 7.47
N ILE P 243 -11.41 -49.83 6.33
CA ILE P 243 -12.58 -50.49 5.75
C ILE P 243 -12.22 -51.93 5.39
N PRO P 244 -13.01 -52.90 5.84
CA PRO P 244 -12.72 -54.30 5.50
C PRO P 244 -13.02 -54.61 4.05
N GLY P 245 -12.40 -55.67 3.55
CA GLY P 245 -12.67 -56.15 2.21
C GLY P 245 -11.59 -55.83 1.21
N ASN P 246 -11.98 -55.67 -0.06
CA ASN P 246 -11.06 -55.40 -1.15
C ASN P 246 -10.74 -53.91 -1.26
N TRP P 247 -10.16 -53.35 -0.20
CA TRP P 247 -9.77 -51.95 -0.18
C TRP P 247 -8.37 -51.83 0.41
N ASN P 248 -7.64 -50.81 -0.06
CA ASN P 248 -6.24 -50.67 0.30
C ASN P 248 -6.08 -50.34 1.78
N GLY P 249 -5.03 -50.90 2.39
CA GLY P 249 -4.68 -50.60 3.76
C GLY P 249 -3.85 -49.34 3.87
N ALA P 250 -3.47 -49.01 5.11
CA ALA P 250 -2.71 -47.81 5.41
C ALA P 250 -1.44 -48.19 6.17
N GLY P 251 -0.29 -47.83 5.62
CA GLY P 251 0.99 -48.10 6.25
C GLY P 251 1.83 -46.85 6.39
N CYS P 252 3.02 -47.04 6.93
CA CYS P 252 4.00 -45.95 7.09
C CYS P 252 5.37 -46.50 6.70
N HIS P 253 5.72 -46.34 5.42
CA HIS P 253 7.00 -46.81 4.93
C HIS P 253 8.13 -45.94 5.47
N THR P 254 9.26 -46.56 5.75
CA THR P 254 10.41 -45.89 6.34
C THR P 254 11.61 -46.02 5.41
N ASN P 255 12.26 -44.90 5.12
CA ASN P 255 13.48 -44.88 4.34
C ASN P 255 14.66 -44.56 5.23
N PHE P 256 15.71 -45.37 5.15
CA PHE P 256 16.85 -45.25 6.04
C PHE P 256 18.15 -45.24 5.26
N SER P 257 19.09 -44.39 5.67
CA SER P 257 20.41 -44.35 5.07
C SER P 257 21.38 -43.72 6.06
N THR P 258 22.65 -44.07 5.90
CA THR P 258 23.75 -43.50 6.68
C THR P 258 24.70 -42.77 5.73
N LYS P 259 25.68 -42.08 6.31
CA LYS P 259 26.64 -41.36 5.50
C LYS P 259 27.50 -42.31 4.67
N ALA P 260 27.71 -43.53 5.18
CA ALA P 260 28.44 -44.53 4.40
C ALA P 260 27.60 -45.06 3.25
N MET P 261 26.29 -45.22 3.45
CA MET P 261 25.42 -45.71 2.40
C MET P 261 25.28 -44.70 1.28
N ARG P 262 25.32 -43.41 1.59
CA ARG P 262 25.12 -42.35 0.61
C ARG P 262 26.35 -42.06 -0.24
N GLU P 263 27.52 -42.53 0.16
CA GLU P 263 28.73 -42.30 -0.61
C GLU P 263 28.87 -43.34 -1.72
N GLU P 264 29.92 -43.19 -2.51
CA GLU P 264 30.16 -44.09 -3.63
C GLU P 264 30.35 -45.52 -3.15
N ASN P 265 29.80 -46.47 -3.90
CA ASN P 265 29.84 -47.90 -3.55
C ASN P 265 29.22 -48.15 -2.18
N GLY P 266 28.20 -47.38 -1.83
CA GLY P 266 27.50 -47.58 -0.57
C GLY P 266 26.52 -48.72 -0.57
N LEU P 267 26.30 -49.37 -1.72
CA LEU P 267 25.39 -50.50 -1.78
C LEU P 267 25.88 -51.66 -0.91
N LYS P 268 27.18 -51.73 -0.67
CA LYS P 268 27.71 -52.78 0.20
C LYS P 268 27.17 -52.65 1.62
N TYR P 269 27.13 -51.43 2.14
CA TYR P 269 26.59 -51.21 3.48
C TYR P 269 25.08 -51.38 3.51
N ILE P 270 24.39 -51.04 2.42
CA ILE P 270 22.95 -51.24 2.35
C ILE P 270 22.61 -52.72 2.48
N GLU P 271 23.36 -53.58 1.78
CA GLU P 271 23.12 -55.02 1.88
C GLU P 271 23.48 -55.53 3.26
N GLU P 272 24.53 -54.99 3.88
CA GLU P 272 24.92 -55.41 5.21
C GLU P 272 23.81 -55.14 6.22
N ALA P 273 23.20 -53.96 6.15
CA ALA P 273 22.12 -53.62 7.07
C ALA P 273 20.91 -54.52 6.85
N ILE P 274 20.60 -54.86 5.60
CA ILE P 274 19.43 -55.68 5.31
C ILE P 274 19.59 -57.07 5.90
N GLU P 275 20.78 -57.65 5.80
CA GLU P 275 21.01 -58.98 6.36
C GLU P 275 20.84 -58.98 7.87
N LYS P 276 21.30 -57.91 8.53
CA LYS P 276 21.10 -57.80 9.97
C LYS P 276 19.62 -57.75 10.32
N LEU P 277 18.83 -57.02 9.53
CA LEU P 277 17.39 -56.94 9.76
C LEU P 277 16.69 -58.26 9.51
N SER P 278 17.30 -59.17 8.74
CA SER P 278 16.62 -60.38 8.34
C SER P 278 16.44 -61.36 9.50
N LYS P 279 17.23 -61.22 10.57
CA LYS P 279 17.20 -62.13 11.69
C LYS P 279 16.54 -61.53 12.93
N ARG P 280 15.87 -60.39 12.78
CA ARG P 280 15.18 -59.75 13.88
C ARG P 280 13.77 -59.36 13.47
N HIS P 281 13.09 -60.26 12.75
CA HIS P 281 11.76 -59.94 12.22
C HIS P 281 10.75 -59.74 13.34
N GLN P 282 10.75 -60.63 14.34
CA GLN P 282 9.77 -60.54 15.40
C GLN P 282 9.98 -59.31 16.27
N TYR P 283 11.24 -58.95 16.51
CA TYR P 283 11.53 -57.78 17.34
C TYR P 283 11.00 -56.51 16.69
N HIS P 284 11.18 -56.38 15.37
CA HIS P 284 10.74 -55.17 14.68
C HIS P 284 9.24 -55.12 14.51
N ILE P 285 8.59 -56.28 14.35
CA ILE P 285 7.13 -56.30 14.26
C ILE P 285 6.52 -55.78 15.56
N ARG P 286 7.09 -56.17 16.70
CA ARG P 286 6.62 -55.67 17.99
C ARG P 286 6.79 -54.16 18.09
N ALA P 287 7.92 -53.64 17.62
CA ALA P 287 8.23 -52.23 17.76
C ALA P 287 7.49 -51.34 16.76
N TYR P 288 6.95 -51.92 15.69
CA TYR P 288 6.30 -51.15 14.64
C TYR P 288 4.81 -50.92 14.90
N ASP P 289 4.34 -51.19 16.12
CA ASP P 289 2.94 -51.07 16.44
C ASP P 289 2.76 -50.65 17.89
N PRO P 290 1.88 -49.68 18.16
CA PRO P 290 1.63 -49.27 19.55
C PRO P 290 0.98 -50.36 20.39
N LYS P 291 0.35 -51.35 19.77
CA LYS P 291 -0.30 -52.44 20.51
C LYS P 291 0.49 -53.74 20.46
N GLY P 292 1.71 -53.71 19.96
CA GLY P 292 2.53 -54.91 19.90
C GLY P 292 2.43 -55.72 18.63
N GLY P 293 1.68 -55.25 17.63
CA GLY P 293 1.61 -55.94 16.37
C GLY P 293 0.21 -56.33 15.94
N LEU P 294 -0.76 -56.14 16.86
CA LEU P 294 -2.14 -56.54 16.55
C LEU P 294 -2.74 -55.70 15.45
N ASP P 295 -2.49 -54.38 15.48
CA ASP P 295 -3.08 -53.49 14.46
C ASP P 295 -2.56 -53.82 13.07
N ASN P 296 -1.25 -54.05 12.94
CA ASN P 296 -0.67 -54.34 11.63
C ASN P 296 -1.08 -55.69 11.08
N ALA P 297 -1.64 -56.57 11.91
CA ALA P 297 -2.07 -57.88 11.42
C ALA P 297 -3.22 -57.76 10.44
N ARG P 298 -4.10 -56.77 10.62
CA ARG P 298 -5.23 -56.59 9.72
C ARG P 298 -4.82 -56.07 8.35
N ARG P 299 -3.63 -55.48 8.22
CA ARG P 299 -3.17 -54.91 6.96
C ARG P 299 -2.18 -55.79 6.23
N LEU P 300 -1.16 -56.30 6.92
CA LEU P 300 -0.11 -57.11 6.29
C LEU P 300 -0.63 -58.54 6.16
N THR P 301 -1.28 -58.80 5.04
CA THR P 301 -1.84 -60.12 4.75
C THR P 301 -1.33 -60.71 3.44
N GLY P 302 -0.35 -60.08 2.80
CA GLY P 302 0.18 -60.58 1.55
C GLY P 302 -0.52 -60.10 0.30
N PHE P 303 -1.53 -59.25 0.42
CA PHE P 303 -2.26 -58.72 -0.71
C PHE P 303 -2.18 -57.20 -0.70
N HIS P 304 -2.69 -56.59 -1.76
CA HIS P 304 -2.65 -55.13 -1.94
C HIS P 304 -1.21 -54.62 -1.86
N GLU P 305 -0.32 -55.30 -2.60
CA GLU P 305 1.11 -55.01 -2.65
C GLU P 305 1.70 -54.80 -1.25
N THR P 306 1.31 -55.67 -0.33
CA THR P 306 1.86 -55.70 1.02
C THR P 306 2.47 -57.07 1.30
N SER P 307 3.44 -57.08 2.20
CA SER P 307 4.15 -58.30 2.58
C SER P 307 3.42 -59.00 3.71
N ASN P 308 3.70 -60.30 3.86
CA ASN P 308 3.07 -61.08 4.91
C ASN P 308 3.65 -60.72 6.27
N ILE P 309 2.80 -60.82 7.30
CA ILE P 309 3.22 -60.44 8.64
C ILE P 309 4.18 -61.47 9.22
N ASN P 310 4.16 -62.70 8.71
CA ASN P 310 4.95 -63.79 9.29
C ASN P 310 6.27 -64.02 8.57
N ASP P 311 6.42 -63.51 7.34
CA ASP P 311 7.59 -63.80 6.52
C ASP P 311 8.40 -62.54 6.27
N PHE P 312 9.72 -62.73 6.15
CA PHE P 312 10.65 -61.67 5.80
C PHE P 312 11.16 -61.89 4.39
N SER P 313 11.18 -60.83 3.60
CA SER P 313 11.69 -60.91 2.24
C SER P 313 12.29 -59.56 1.85
N ALA P 314 13.23 -59.60 0.91
CA ALA P 314 13.87 -58.39 0.42
C ALA P 314 14.12 -58.54 -1.08
N GLY P 315 14.22 -57.41 -1.75
CA GLY P 315 14.46 -57.42 -3.19
C GLY P 315 14.65 -56.01 -3.71
N VAL P 316 15.06 -55.94 -4.96
CA VAL P 316 15.28 -54.67 -5.65
C VAL P 316 14.04 -54.35 -6.47
N ALA P 317 13.46 -53.17 -6.24
CA ALA P 317 12.25 -52.73 -6.92
C ALA P 317 11.10 -53.72 -6.75
N ASN P 318 10.99 -54.32 -5.58
CA ASN P 318 9.95 -55.29 -5.27
C ASN P 318 8.98 -54.64 -4.27
N ARG P 319 7.75 -54.37 -4.74
CA ARG P 319 6.74 -53.76 -3.88
C ARG P 319 6.05 -54.76 -2.97
N SER P 320 6.27 -56.06 -3.16
CA SER P 320 5.64 -57.09 -2.34
C SER P 320 6.55 -57.61 -1.23
N ALA P 321 7.76 -57.08 -1.10
CA ALA P 321 8.71 -57.54 -0.11
C ALA P 321 8.68 -56.64 1.12
N SER P 322 9.19 -57.18 2.24
CA SER P 322 9.29 -56.39 3.46
C SER P 322 10.25 -55.22 3.28
N ILE P 323 11.37 -55.46 2.61
CA ILE P 323 12.36 -54.42 2.34
C ILE P 323 12.52 -54.32 0.83
N ARG P 324 12.45 -53.09 0.31
CA ARG P 324 12.58 -52.83 -1.12
C ARG P 324 13.75 -51.90 -1.36
N ILE P 325 14.63 -52.27 -2.28
CA ILE P 325 15.72 -51.41 -2.73
C ILE P 325 15.27 -50.72 -4.02
N PRO P 326 15.23 -49.40 -4.06
CA PRO P 326 14.84 -48.72 -5.30
C PRO P 326 15.77 -49.06 -6.46
N ARG P 327 15.18 -49.17 -7.65
CA ARG P 327 15.97 -49.55 -8.82
C ARG P 327 17.04 -48.52 -9.14
N THR P 328 16.74 -47.24 -8.94
CA THR P 328 17.75 -46.21 -9.13
C THR P 328 18.91 -46.38 -8.16
N VAL P 329 18.61 -46.72 -6.91
CA VAL P 329 19.66 -46.94 -5.92
C VAL P 329 20.56 -48.10 -6.34
N GLY P 330 19.95 -49.19 -6.82
CA GLY P 330 20.74 -50.33 -7.24
C GLY P 330 21.64 -50.04 -8.43
N GLN P 331 21.15 -49.24 -9.38
CA GLN P 331 21.95 -48.91 -10.55
C GLN P 331 23.14 -48.03 -10.19
N GLU P 332 22.93 -47.04 -9.32
CA GLU P 332 24.00 -46.16 -8.91
C GLU P 332 24.84 -46.73 -7.77
N LYS P 333 24.43 -47.87 -7.21
CA LYS P 333 25.17 -48.56 -6.14
C LYS P 333 25.32 -47.69 -4.89
N LYS P 334 24.38 -46.77 -4.70
CA LYS P 334 24.37 -45.92 -3.50
C LYS P 334 22.98 -45.38 -3.29
N GLY P 335 22.71 -44.95 -2.06
CA GLY P 335 21.40 -44.39 -1.74
C GLY P 335 20.82 -44.86 -0.42
N TYR P 336 19.63 -45.46 -0.47
CA TYR P 336 18.92 -45.85 0.73
C TYR P 336 18.08 -47.08 0.43
N PHE P 337 17.35 -47.55 1.44
CA PHE P 337 16.42 -48.66 1.29
C PHE P 337 15.16 -48.36 2.08
N GLU P 338 14.08 -49.02 1.70
CA GLU P 338 12.75 -48.73 2.22
C GLU P 338 12.22 -49.93 3.01
N ASP P 339 11.72 -49.66 4.22
CA ASP P 339 11.08 -50.66 5.06
C ASP P 339 9.57 -50.47 4.95
N ARG P 340 8.87 -51.52 4.52
CA ARG P 340 7.44 -51.44 4.22
C ARG P 340 6.58 -52.09 5.29
N ARG P 341 7.16 -52.52 6.41
CA ARG P 341 6.43 -53.20 7.47
C ARG P 341 5.61 -52.28 8.39
N PRO P 342 6.12 -51.13 8.83
CA PRO P 342 5.38 -50.34 9.84
C PRO P 342 4.00 -49.93 9.35
N SER P 343 3.04 -49.95 10.28
CA SER P 343 1.67 -49.56 9.99
C SER P 343 1.50 -48.04 10.11
N ALA P 344 0.31 -47.57 9.72
CA ALA P 344 0.07 -46.13 9.66
C ALA P 344 0.00 -45.48 11.03
N ASN P 345 -0.28 -46.24 12.09
CA ASN P 345 -0.40 -45.68 13.43
C ASN P 345 0.84 -45.94 14.28
N CYS P 346 1.99 -46.15 13.65
CA CYS P 346 3.21 -46.42 14.37
C CYS P 346 3.73 -45.17 15.07
N ASP P 347 4.56 -45.38 16.09
CA ASP P 347 5.26 -44.29 16.76
C ASP P 347 6.60 -44.08 16.08
N PRO P 348 6.87 -42.90 15.52
CA PRO P 348 8.16 -42.70 14.83
C PRO P 348 9.37 -42.88 15.73
N PHE P 349 9.25 -42.56 17.02
CA PHE P 349 10.39 -42.73 17.92
C PHE P 349 10.74 -44.20 18.11
N SER P 350 9.72 -45.06 18.14
CA SER P 350 9.97 -46.50 18.25
C SER P 350 10.60 -47.05 16.98
N VAL P 351 10.12 -46.61 15.82
CA VAL P 351 10.57 -47.16 14.55
C VAL P 351 12.03 -46.77 14.30
N THR P 352 12.36 -45.50 14.47
CA THR P 352 13.72 -45.04 14.22
C THR P 352 14.71 -45.67 15.18
N GLU P 353 14.33 -45.80 16.46
CA GLU P 353 15.23 -46.38 17.44
C GLU P 353 15.53 -47.84 17.12
N ALA P 354 14.51 -48.61 16.73
CA ALA P 354 14.69 -50.03 16.45
C ALA P 354 15.62 -50.24 15.28
N LEU P 355 15.50 -49.41 14.24
CA LEU P 355 16.35 -49.57 13.06
C LEU P 355 17.81 -49.35 13.39
N ILE P 356 18.11 -48.32 14.18
CA ILE P 356 19.50 -48.01 14.51
C ILE P 356 20.08 -49.08 15.44
N ARG P 357 19.27 -49.58 16.37
CA ARG P 357 19.74 -50.60 17.30
C ARG P 357 20.19 -51.86 16.55
N THR P 358 19.39 -52.30 15.58
CA THR P 358 19.72 -53.52 14.85
C THR P 358 20.82 -53.30 13.83
N CYS P 359 20.82 -52.16 13.14
CA CYS P 359 21.73 -51.95 12.02
C CYS P 359 23.05 -51.31 12.42
N LEU P 360 23.01 -50.25 13.23
CA LEU P 360 24.22 -49.52 13.58
C LEU P 360 24.91 -50.06 14.83
N LEU P 361 24.16 -50.31 15.90
CA LEU P 361 24.73 -50.91 17.10
C LEU P 361 24.71 -52.43 17.06
N ASN P 362 24.21 -53.01 15.97
CA ASN P 362 24.24 -54.45 15.68
C ASN P 362 24.05 -55.31 16.92
N GLU P 363 23.00 -54.98 17.67
CA GLU P 363 22.63 -55.73 18.86
C GLU P 363 21.60 -56.79 18.51
N THR P 364 21.56 -57.84 19.32
CA THR P 364 20.68 -58.98 19.11
C THR P 364 19.83 -59.20 20.36
N GLY P 365 19.08 -60.29 20.37
CA GLY P 365 18.21 -60.60 21.49
C GLY P 365 16.81 -60.07 21.29
N ASP P 366 15.97 -60.35 22.29
CA ASP P 366 14.57 -59.95 22.26
C ASP P 366 14.30 -58.68 23.07
N GLU P 367 15.32 -58.10 23.68
CA GLU P 367 15.15 -56.89 24.46
C GLU P 367 16.27 -55.90 24.14
N PRO P 368 15.98 -54.60 24.26
CA PRO P 368 17.04 -53.61 24.07
C PRO P 368 18.08 -53.70 25.18
N PHE P 369 19.33 -53.41 24.81
CA PHE P 369 20.42 -53.43 25.79
C PHE P 369 20.28 -52.24 26.73
N GLN P 370 20.28 -52.52 28.03
CA GLN P 370 20.34 -51.46 29.01
C GLN P 370 21.70 -50.78 28.94
N TYR P 371 21.73 -49.50 29.31
CA TYR P 371 22.87 -48.61 29.10
C TYR P 371 23.21 -48.46 27.62
N LYS P 372 22.26 -48.82 26.73
CA LYS P 372 22.38 -48.61 25.30
C LYS P 372 23.51 -49.43 24.69
N ASN P 373 23.89 -49.09 23.46
CA ASN P 373 24.94 -49.80 22.73
C ASN P 373 24.59 -51.27 22.57
N THR Q 2 -29.12 -26.29 17.79
CA THR Q 2 -29.52 -25.28 16.82
C THR Q 2 -29.06 -23.90 17.26
N THR Q 3 -28.90 -22.99 16.29
CA THR Q 3 -28.40 -21.65 16.52
C THR Q 3 -29.53 -20.64 16.34
N SER Q 4 -29.27 -19.41 16.78
CA SER Q 4 -30.27 -18.37 16.75
C SER Q 4 -30.56 -17.91 15.32
N ALA Q 5 -31.75 -17.34 15.12
CA ALA Q 5 -32.12 -16.83 13.81
C ALA Q 5 -31.24 -15.66 13.41
N SER Q 6 -30.77 -14.88 14.39
CA SER Q 6 -29.90 -13.76 14.09
C SER Q 6 -28.58 -14.22 13.48
N SER Q 7 -28.10 -15.39 13.87
CA SER Q 7 -26.85 -15.92 13.33
C SER Q 7 -26.95 -16.34 11.88
N HIS Q 8 -28.16 -16.52 11.35
CA HIS Q 8 -28.34 -16.92 9.96
C HIS Q 8 -28.43 -15.74 9.02
N LEU Q 9 -28.38 -14.51 9.52
CA LEU Q 9 -28.32 -13.35 8.65
C LEU Q 9 -26.98 -13.28 7.93
N ASN Q 10 -26.98 -12.63 6.77
CA ASN Q 10 -25.77 -12.53 5.95
C ASN Q 10 -24.77 -11.64 6.67
N LYS Q 11 -23.70 -12.25 7.18
CA LYS Q 11 -22.67 -11.50 7.90
C LYS Q 11 -21.78 -10.69 6.96
N GLY Q 12 -21.72 -11.06 5.68
CA GLY Q 12 -20.97 -10.25 4.74
C GLY Q 12 -21.56 -8.85 4.58
N ILE Q 13 -22.88 -8.74 4.69
CA ILE Q 13 -23.53 -7.43 4.61
C ILE Q 13 -23.05 -6.53 5.73
N LYS Q 14 -22.98 -7.08 6.95
CA LYS Q 14 -22.57 -6.27 8.10
C LYS Q 14 -21.14 -5.77 7.95
N GLN Q 15 -20.24 -6.63 7.43
CA GLN Q 15 -18.85 -6.25 7.30
C GLN Q 15 -18.67 -5.08 6.34
N VAL Q 16 -19.52 -4.99 5.32
CA VAL Q 16 -19.44 -3.87 4.38
C VAL Q 16 -19.72 -2.56 5.10
N TYR Q 17 -20.76 -2.54 5.94
CA TYR Q 17 -21.10 -1.32 6.67
C TYR Q 17 -20.01 -0.95 7.67
N MET Q 18 -19.44 -1.94 8.36
CA MET Q 18 -18.41 -1.65 9.34
C MET Q 18 -17.10 -1.20 8.71
N SER Q 19 -16.95 -1.32 7.39
CA SER Q 19 -15.75 -0.86 6.72
C SER Q 19 -15.80 0.63 6.38
N LEU Q 20 -16.93 1.29 6.55
CA LEU Q 20 -17.02 2.71 6.28
C LEU Q 20 -16.17 3.49 7.26
N PRO Q 21 -15.47 4.53 6.82
CA PRO Q 21 -14.71 5.37 7.77
C PRO Q 21 -15.64 6.01 8.79
N GLN Q 22 -15.18 6.09 10.03
CA GLN Q 22 -16.03 6.55 11.12
C GLN Q 22 -16.20 8.06 11.10
N GLY Q 23 -15.09 8.78 11.13
CA GLY Q 23 -15.14 10.23 11.24
C GLY Q 23 -14.57 10.74 12.54
N GLU Q 24 -15.16 11.80 13.09
CA GLU Q 24 -14.67 12.41 14.32
C GLU Q 24 -15.33 11.85 15.57
N LYS Q 25 -16.57 11.36 15.47
CA LYS Q 25 -17.30 10.90 16.64
C LYS Q 25 -16.77 9.56 17.12
N VAL Q 26 -16.97 9.30 18.42
CA VAL Q 26 -16.49 8.10 19.08
C VAL Q 26 -17.66 7.45 19.82
N GLN Q 27 -17.76 6.13 19.70
CA GLN Q 27 -18.79 5.37 20.39
C GLN Q 27 -18.25 4.81 21.71
N ALA Q 28 -19.06 4.87 22.75
CA ALA Q 28 -18.70 4.33 24.06
C ALA Q 28 -19.84 3.44 24.54
N MET Q 29 -19.51 2.22 24.95
CA MET Q 29 -20.49 1.25 25.40
C MET Q 29 -20.38 1.09 26.92
N TYR Q 30 -21.45 1.45 27.62
CA TYR Q 30 -21.49 1.36 29.07
C TYR Q 30 -22.00 -0.01 29.49
N ILE Q 31 -21.35 -0.62 30.48
CA ILE Q 31 -21.67 -1.96 30.95
C ILE Q 31 -21.84 -1.95 32.46
N TRP Q 32 -22.87 -2.63 32.96
CA TRP Q 32 -23.11 -2.70 34.39
C TRP Q 32 -23.79 -4.03 34.72
N ILE Q 33 -23.83 -4.34 36.01
CA ILE Q 33 -24.40 -5.57 36.53
C ILE Q 33 -25.82 -5.28 37.01
N ASP Q 34 -26.76 -6.13 36.64
CA ASP Q 34 -28.17 -5.92 36.95
C ASP Q 34 -28.48 -6.41 38.36
N GLY Q 35 -29.78 -6.47 38.70
CA GLY Q 35 -30.21 -6.79 40.05
C GLY Q 35 -30.15 -8.26 40.39
N THR Q 36 -29.92 -9.14 39.42
CA THR Q 36 -29.81 -10.56 39.72
C THR Q 36 -28.43 -10.96 40.24
N GLY Q 37 -27.44 -10.08 40.13
CA GLY Q 37 -26.10 -10.38 40.58
C GLY Q 37 -25.27 -11.19 39.61
N GLU Q 38 -25.84 -11.61 38.49
CA GLU Q 38 -25.10 -12.39 37.49
C GLU Q 38 -25.25 -11.87 36.07
N GLY Q 39 -26.31 -11.13 35.75
CA GLY Q 39 -26.52 -10.64 34.41
C GLY Q 39 -25.78 -9.36 34.13
N LEU Q 40 -25.57 -9.08 32.84
CA LEU Q 40 -24.90 -7.88 32.38
C LEU Q 40 -25.83 -7.11 31.44
N ARG Q 41 -25.74 -5.79 31.49
CA ARG Q 41 -26.52 -4.92 30.62
C ARG Q 41 -25.58 -3.92 29.95
N CYS Q 42 -26.01 -3.40 28.80
CA CYS Q 42 -25.16 -2.49 28.05
C CYS Q 42 -26.00 -1.58 27.16
N LYS Q 43 -25.45 -0.39 26.89
CA LYS Q 43 -26.00 0.52 25.91
C LYS Q 43 -24.90 1.49 25.48
N THR Q 44 -25.13 2.16 24.36
CA THR Q 44 -24.10 2.94 23.69
C THR Q 44 -24.49 4.40 23.57
N ARG Q 45 -23.50 5.28 23.69
CA ARG Q 45 -23.68 6.71 23.45
C ARG Q 45 -22.52 7.22 22.59
N THR Q 46 -22.73 8.39 21.99
CA THR Q 46 -21.76 9.00 21.11
C THR Q 46 -21.01 10.10 21.84
N LEU Q 47 -19.69 10.15 21.65
CA LEU Q 47 -18.83 11.17 22.24
C LEU Q 47 -18.19 11.99 21.14
N ASP Q 48 -17.91 13.26 21.46
CA ASP Q 48 -17.36 14.17 20.46
C ASP Q 48 -15.90 13.88 20.15
N SER Q 49 -15.15 13.37 21.11
CA SER Q 49 -13.73 13.10 20.91
C SER Q 49 -13.33 11.89 21.73
N GLU Q 50 -12.21 11.28 21.36
CA GLU Q 50 -11.75 10.08 22.05
C GLU Q 50 -11.24 10.44 23.43
N PRO Q 51 -11.82 9.86 24.49
CA PRO Q 51 -11.30 10.11 25.84
C PRO Q 51 -9.95 9.46 26.05
N LYS Q 52 -9.11 10.10 26.85
CA LYS Q 52 -7.78 9.58 27.15
C LYS Q 52 -7.74 8.79 28.45
N CYS Q 53 -8.55 9.17 29.44
CA CYS Q 53 -8.59 8.49 30.72
C CYS Q 53 -10.03 8.30 31.14
N VAL Q 54 -10.24 7.37 32.07
CA VAL Q 54 -11.60 7.04 32.51
C VAL Q 54 -12.25 8.24 33.20
N GLU Q 55 -11.45 9.16 33.73
CA GLU Q 55 -12.01 10.32 34.41
C GLU Q 55 -12.69 11.29 33.45
N GLU Q 56 -12.39 11.21 32.16
CA GLU Q 56 -13.00 12.10 31.18
C GLU Q 56 -14.39 11.68 30.75
N LEU Q 57 -14.82 10.48 31.11
CA LEU Q 57 -16.12 9.99 30.68
C LEU Q 57 -17.23 10.57 31.56
N PRO Q 58 -18.31 11.07 30.97
CA PRO Q 58 -19.41 11.60 31.77
C PRO Q 58 -20.24 10.50 32.41
N GLU Q 59 -20.98 10.88 33.45
CA GLU Q 59 -21.89 9.95 34.09
C GLU Q 59 -23.15 9.77 33.25
N TRP Q 60 -23.87 8.69 33.53
CA TRP Q 60 -25.09 8.39 32.80
C TRP Q 60 -26.16 7.85 33.73
N ASN Q 61 -27.27 7.37 33.18
CA ASN Q 61 -28.38 6.88 33.98
C ASN Q 61 -29.16 5.86 33.16
N PHE Q 62 -29.97 5.07 33.87
CA PHE Q 62 -30.83 4.08 33.22
C PHE Q 62 -32.05 3.85 34.11
N ASP Q 63 -33.08 3.27 33.50
CA ASP Q 63 -34.34 3.00 34.19
C ASP Q 63 -34.21 1.69 34.96
N GLY Q 64 -34.12 1.78 36.29
CA GLY Q 64 -33.93 0.60 37.11
C GLY Q 64 -35.13 -0.29 37.24
N SER Q 65 -36.33 0.22 36.96
CA SER Q 65 -37.54 -0.59 37.03
C SER Q 65 -37.56 -1.70 35.99
N SER Q 66 -36.85 -1.53 34.87
CA SER Q 66 -36.76 -2.55 33.85
C SER Q 66 -35.69 -3.60 34.15
N THR Q 67 -34.73 -3.29 35.00
CA THR Q 67 -33.70 -4.24 35.39
C THR Q 67 -33.96 -4.84 36.77
N LEU Q 68 -35.11 -4.55 37.37
CA LEU Q 68 -35.54 -5.18 38.62
C LEU Q 68 -34.58 -4.88 39.77
N GLN Q 69 -34.19 -3.60 39.89
CA GLN Q 69 -33.41 -3.19 41.04
C GLN Q 69 -33.84 -1.81 41.55
N SER Q 70 -35.11 -1.46 41.38
CA SER Q 70 -35.58 -0.17 41.86
C SER Q 70 -37.10 -0.19 41.98
N GLU Q 71 -37.63 0.83 42.64
CA GLU Q 71 -39.06 1.04 42.76
C GLU Q 71 -39.58 1.86 41.57
N GLY Q 72 -40.90 1.87 41.40
CA GLY Q 72 -41.48 2.55 40.25
C GLY Q 72 -41.30 4.06 40.29
N SER Q 73 -41.53 4.67 41.45
CA SER Q 73 -41.55 6.13 41.53
C SER Q 73 -40.15 6.72 41.33
N ASN Q 74 -39.13 6.06 41.87
CA ASN Q 74 -37.77 6.58 41.80
C ASN Q 74 -36.87 5.60 41.06
N SER Q 75 -37.34 5.11 39.91
CA SER Q 75 -36.66 4.06 39.16
C SER Q 75 -35.30 4.48 38.63
N ASP Q 76 -35.01 5.77 38.54
CA ASP Q 76 -33.77 6.21 37.94
C ASP Q 76 -32.58 5.80 38.80
N MET Q 77 -31.56 5.24 38.15
CA MET Q 77 -30.29 4.91 38.76
C MET Q 77 -29.16 5.58 37.98
N TYR Q 78 -27.99 5.65 38.60
CA TYR Q 78 -26.86 6.35 38.02
C TYR Q 78 -25.73 5.38 37.70
N LEU Q 79 -25.04 5.63 36.59
CA LEU Q 79 -23.91 4.84 36.16
C LEU Q 79 -22.65 5.69 36.30
N VAL Q 80 -21.70 5.22 37.11
CA VAL Q 80 -20.44 5.93 37.30
C VAL Q 80 -19.31 5.10 36.69
N PRO Q 81 -18.67 5.58 35.62
CA PRO Q 81 -17.60 4.80 34.99
C PRO Q 81 -16.47 4.49 35.96
N ALA Q 82 -15.93 3.28 35.84
CA ALA Q 82 -14.86 2.81 36.71
C ALA Q 82 -13.63 2.30 35.96
N ALA Q 83 -13.80 1.67 34.80
CA ALA Q 83 -12.68 1.16 34.03
C ALA Q 83 -12.99 1.33 32.56
N MET Q 84 -11.93 1.47 31.75
CA MET Q 84 -12.07 1.69 30.33
C MET Q 84 -11.19 0.72 29.57
N PHE Q 85 -11.69 0.24 28.43
CA PHE Q 85 -10.97 -0.73 27.61
C PHE Q 85 -11.22 -0.41 26.14
N ARG Q 86 -10.32 -0.91 25.29
CA ARG Q 86 -10.53 -0.80 23.86
C ARG Q 86 -11.66 -1.73 23.42
N ASP Q 87 -12.43 -1.28 22.43
CA ASP Q 87 -13.58 -2.04 21.96
C ASP Q 87 -13.15 -2.97 20.84
N PRO Q 88 -13.19 -4.30 21.03
CA PRO Q 88 -12.77 -5.21 19.96
C PRO Q 88 -13.82 -5.44 18.90
N PHE Q 89 -15.09 -5.09 19.16
CA PHE Q 89 -16.15 -5.30 18.18
C PHE Q 89 -16.32 -4.11 17.25
N ARG Q 90 -15.78 -2.95 17.62
CA ARG Q 90 -15.81 -1.77 16.77
C ARG Q 90 -14.43 -1.18 16.50
N LYS Q 91 -13.38 -1.71 17.13
CA LYS Q 91 -12.01 -1.26 16.95
C LYS Q 91 -11.80 0.18 17.42
N ASP Q 92 -10.57 0.66 17.35
CA ASP Q 92 -10.25 2.01 17.80
C ASP Q 92 -10.95 3.03 16.91
N PRO Q 93 -11.30 4.20 17.46
CA PRO Q 93 -11.07 4.67 18.83
C PRO Q 93 -12.22 4.39 19.78
N ASN Q 94 -13.10 3.44 19.48
CA ASN Q 94 -14.25 3.17 20.32
C ASN Q 94 -13.82 2.43 21.59
N LYS Q 95 -14.60 2.61 22.66
CA LYS Q 95 -14.21 2.17 23.99
C LYS Q 95 -15.31 1.36 24.64
N LEU Q 96 -14.91 0.49 25.57
CA LEU Q 96 -15.81 -0.21 26.47
C LEU Q 96 -15.63 0.34 27.88
N VAL Q 97 -16.76 0.62 28.55
CA VAL Q 97 -16.74 1.27 29.86
C VAL Q 97 -17.48 0.39 30.85
N LEU Q 98 -16.80 0.01 31.92
CA LEU Q 98 -17.42 -0.70 33.02
C LEU Q 98 -17.76 0.28 34.13
N CYS Q 99 -19.00 0.23 34.62
CA CYS Q 99 -19.53 1.24 35.51
C CYS Q 99 -20.07 0.63 36.79
N GLU Q 100 -20.19 1.47 37.81
CA GLU Q 100 -20.83 1.12 39.07
C GLU Q 100 -22.24 1.70 39.10
N VAL Q 101 -23.11 1.05 39.87
CA VAL Q 101 -24.53 1.39 39.93
C VAL Q 101 -24.82 2.01 41.28
N PHE Q 102 -25.49 3.16 41.27
CA PHE Q 102 -25.90 3.85 42.49
C PHE Q 102 -27.38 4.18 42.43
N LYS Q 103 -28.00 4.27 43.60
CA LYS Q 103 -29.42 4.59 43.69
C LYS Q 103 -29.63 6.08 43.43
N TYR Q 104 -30.90 6.48 43.43
CA TYR Q 104 -31.23 7.88 43.17
C TYR Q 104 -30.71 8.79 44.27
N ASN Q 105 -30.53 8.28 45.48
CA ASN Q 105 -29.97 9.05 46.59
C ASN Q 105 -28.46 8.88 46.72
N ARG Q 106 -27.79 8.52 45.63
CA ARG Q 106 -26.33 8.35 45.55
C ARG Q 106 -25.82 7.26 46.47
N ARG Q 107 -26.67 6.35 46.93
CA ARG Q 107 -26.21 5.23 47.71
C ARG Q 107 -25.90 4.04 46.79
N PRO Q 108 -24.96 3.19 47.16
CA PRO Q 108 -24.64 2.04 46.32
C PRO Q 108 -25.81 1.08 46.18
N ALA Q 109 -25.91 0.45 45.02
CA ALA Q 109 -26.96 -0.51 44.78
C ALA Q 109 -26.71 -1.80 45.56
N GLU Q 110 -27.75 -2.62 45.65
CA GLU Q 110 -27.64 -3.87 46.41
C GLU Q 110 -26.62 -4.81 45.78
N THR Q 111 -26.58 -4.87 44.45
CA THR Q 111 -25.63 -5.72 43.76
C THR Q 111 -24.30 -5.03 43.48
N ASN Q 112 -24.14 -3.80 43.94
CA ASN Q 112 -22.88 -3.07 43.78
C ASN Q 112 -21.94 -3.48 44.89
N LEU Q 113 -21.08 -4.46 44.60
CA LEU Q 113 -20.11 -4.95 45.56
C LEU Q 113 -18.71 -4.39 45.35
N ARG Q 114 -18.48 -3.66 44.25
CA ARG Q 114 -17.16 -3.09 44.01
C ARG Q 114 -16.87 -1.93 44.96
N HIS Q 115 -17.91 -1.25 45.45
CA HIS Q 115 -17.70 -0.10 46.33
C HIS Q 115 -16.99 -0.50 47.62
N THR Q 116 -17.49 -1.56 48.27
CA THR Q 116 -16.87 -2.00 49.51
C THR Q 116 -15.54 -2.70 49.25
N CYS Q 117 -15.45 -3.47 48.17
CA CYS Q 117 -14.23 -4.20 47.87
C CYS Q 117 -13.06 -3.26 47.62
N LYS Q 118 -13.31 -2.13 46.95
CA LYS Q 118 -12.24 -1.19 46.64
C LYS Q 118 -11.62 -0.60 47.90
N ARG Q 119 -12.45 -0.26 48.89
CA ARG Q 119 -11.92 0.31 50.12
C ARG Q 119 -11.11 -0.73 50.90
N ILE Q 120 -11.55 -1.99 50.88
CA ILE Q 120 -10.76 -3.05 51.49
C ILE Q 120 -9.42 -3.19 50.77
N MET Q 121 -9.42 -3.04 49.45
CA MET Q 121 -8.19 -3.13 48.67
C MET Q 121 -7.21 -2.04 49.07
N ASP Q 122 -7.71 -0.84 49.36
CA ASP Q 122 -6.83 0.31 49.58
C ASP Q 122 -6.06 0.21 50.89
N MET Q 123 -6.61 -0.48 51.88
CA MET Q 123 -5.99 -0.52 53.20
C MET Q 123 -5.03 -1.68 53.37
N VAL Q 124 -4.80 -2.47 52.32
CA VAL Q 124 -3.77 -3.51 52.31
C VAL Q 124 -2.92 -3.32 51.08
N SER Q 125 -2.87 -2.09 50.58
CA SER Q 125 -2.23 -1.80 49.30
C SER Q 125 -0.73 -2.13 49.31
N ASN Q 126 -0.05 -1.81 50.42
CA ASN Q 126 1.39 -2.00 50.47
C ASN Q 126 1.80 -3.46 50.45
N GLN Q 127 0.89 -4.40 50.74
CA GLN Q 127 1.20 -5.81 50.69
C GLN Q 127 1.09 -6.40 49.28
N HIS Q 128 0.49 -5.67 48.34
CA HIS Q 128 0.41 -6.04 46.93
C HIS Q 128 -0.20 -7.43 46.74
N PRO Q 129 -1.48 -7.61 47.02
CA PRO Q 129 -2.11 -8.92 46.79
C PRO Q 129 -2.31 -9.16 45.30
N TRP Q 130 -2.13 -10.41 44.88
CA TRP Q 130 -2.32 -10.82 43.50
C TRP Q 130 -3.39 -11.91 43.42
N PHE Q 131 -4.17 -11.89 42.34
CA PHE Q 131 -5.25 -12.84 42.15
C PHE Q 131 -5.18 -13.45 40.76
N GLY Q 132 -5.56 -14.72 40.66
CA GLY Q 132 -5.69 -15.40 39.39
C GLY Q 132 -6.86 -16.37 39.43
N MET Q 133 -7.79 -16.24 38.47
CA MET Q 133 -9.02 -17.00 38.50
C MET Q 133 -9.16 -17.80 37.21
N GLU Q 134 -9.72 -19.00 37.33
CA GLU Q 134 -9.93 -19.90 36.21
C GLU Q 134 -11.43 -20.03 36.00
N GLN Q 135 -11.92 -19.44 34.91
CA GLN Q 135 -13.35 -19.41 34.64
C GLN Q 135 -13.72 -20.54 33.68
N GLU Q 136 -14.62 -21.41 34.10
CA GLU Q 136 -15.13 -22.49 33.26
C GLU Q 136 -16.53 -22.17 32.78
N TYR Q 137 -16.88 -22.68 31.61
CA TYR Q 137 -18.17 -22.42 31.01
C TYR Q 137 -18.50 -23.53 30.02
N THR Q 138 -19.78 -23.60 29.64
CA THR Q 138 -20.27 -24.57 28.68
C THR Q 138 -20.98 -23.83 27.54
N LEU Q 139 -20.72 -24.27 26.31
CA LEU Q 139 -21.38 -23.72 25.15
C LEU Q 139 -22.66 -24.50 24.87
N MET Q 140 -23.78 -23.78 24.78
CA MET Q 140 -25.09 -24.40 24.63
C MET Q 140 -25.78 -23.83 23.40
N GLY Q 141 -26.58 -24.68 22.76
CA GLY Q 141 -27.41 -24.23 21.68
C GLY Q 141 -28.65 -23.50 22.18
N THR Q 142 -29.36 -22.88 21.24
CA THR Q 142 -30.58 -22.16 21.61
C THR Q 142 -31.71 -23.08 22.04
N ASP Q 143 -31.56 -24.38 21.85
CA ASP Q 143 -32.57 -25.36 22.25
C ASP Q 143 -32.38 -25.86 23.68
N GLY Q 144 -31.40 -25.34 24.40
CA GLY Q 144 -31.19 -25.74 25.77
C GLY Q 144 -30.32 -26.96 25.98
N HIS Q 145 -29.53 -27.34 25.00
CA HIS Q 145 -28.66 -28.50 25.11
C HIS Q 145 -27.24 -28.13 24.70
N PRO Q 146 -26.24 -28.87 25.18
CA PRO Q 146 -24.85 -28.50 24.86
C PRO Q 146 -24.59 -28.51 23.37
N PHE Q 147 -23.81 -27.53 22.92
CA PHE Q 147 -23.55 -27.35 21.50
C PHE Q 147 -22.78 -28.54 20.94
N GLY Q 148 -23.25 -29.05 19.81
CA GLY Q 148 -22.59 -30.16 19.15
C GLY Q 148 -22.95 -31.53 19.67
N TRP Q 149 -23.75 -31.62 20.71
CA TRP Q 149 -24.15 -32.92 21.24
C TRP Q 149 -25.19 -33.57 20.33
N PRO Q 150 -25.29 -34.90 20.35
CA PRO Q 150 -26.31 -35.56 19.52
C PRO Q 150 -27.71 -35.11 19.93
N SER Q 151 -28.58 -35.00 18.92
CA SER Q 151 -29.95 -34.58 19.18
C SER Q 151 -30.67 -35.60 20.05
N ASN Q 152 -31.09 -35.15 21.23
CA ASN Q 152 -31.75 -36.01 22.22
C ASN Q 152 -30.90 -37.20 22.63
N GLY Q 153 -29.58 -37.03 22.65
CA GLY Q 153 -28.68 -38.11 23.00
C GLY Q 153 -27.42 -37.63 23.69
N PHE Q 154 -26.46 -38.54 23.87
CA PHE Q 154 -25.23 -38.23 24.57
C PHE Q 154 -24.03 -38.67 23.74
N PRO Q 155 -22.89 -38.00 23.90
CA PRO Q 155 -21.67 -38.48 23.25
C PRO Q 155 -21.03 -39.60 24.05
N GLY Q 156 -19.85 -40.05 23.64
CA GLY Q 156 -19.17 -41.13 24.31
C GLY Q 156 -18.75 -40.75 25.72
N PRO Q 157 -18.32 -41.73 26.50
CA PRO Q 157 -17.90 -41.45 27.88
C PRO Q 157 -16.66 -40.57 27.92
N GLN Q 158 -16.49 -39.90 29.07
CA GLN Q 158 -15.42 -38.93 29.22
C GLN Q 158 -14.05 -39.60 29.14
N GLY Q 159 -13.04 -38.78 28.91
CA GLY Q 159 -11.67 -39.25 28.84
C GLY Q 159 -10.88 -38.77 27.64
N PRO Q 160 -11.48 -38.73 26.44
CA PRO Q 160 -10.78 -38.18 25.29
C PRO Q 160 -11.01 -36.71 25.01
N TYR Q 161 -11.84 -36.02 25.79
CA TYR Q 161 -12.18 -34.64 25.49
C TYR Q 161 -11.29 -33.63 26.20
N TYR Q 162 -10.63 -34.02 27.29
CA TYR Q 162 -9.79 -33.10 28.02
C TYR Q 162 -8.57 -32.72 27.19
N CYS Q 163 -8.47 -31.43 26.86
CA CYS Q 163 -7.37 -30.91 26.05
C CYS Q 163 -7.28 -31.63 24.70
N GLY Q 164 -8.44 -32.00 24.16
CA GLY Q 164 -8.47 -32.78 22.94
C GLY Q 164 -8.35 -31.94 21.69
N VAL Q 165 -8.02 -32.63 20.59
CA VAL Q 165 -7.92 -32.01 19.28
C VAL Q 165 -8.58 -32.92 18.26
N GLY Q 166 -9.33 -32.33 17.33
CA GLY Q 166 -10.03 -33.11 16.33
C GLY Q 166 -11.52 -32.80 16.25
N ALA Q 167 -12.14 -33.13 15.13
CA ALA Q 167 -13.55 -32.80 14.94
C ALA Q 167 -14.44 -33.56 15.91
N ASP Q 168 -14.00 -34.73 16.37
CA ASP Q 168 -14.80 -35.56 17.26
C ASP Q 168 -14.40 -35.40 18.72
N ARG Q 169 -13.52 -34.46 19.05
CA ARG Q 169 -13.03 -34.31 20.41
C ARG Q 169 -13.20 -32.91 20.98
N ALA Q 170 -13.22 -31.89 20.13
CA ALA Q 170 -13.36 -30.51 20.58
C ALA Q 170 -14.51 -29.86 19.81
N TYR Q 171 -15.46 -29.27 20.55
CA TYR Q 171 -16.63 -28.64 19.97
C TYR Q 171 -16.55 -27.14 20.18
N GLY Q 172 -16.73 -26.38 19.09
CA GLY Q 172 -16.80 -24.94 19.18
C GLY Q 172 -15.50 -24.23 19.47
N ARG Q 173 -14.40 -24.66 18.87
CA ARG Q 173 -13.13 -23.97 19.08
C ARG Q 173 -13.11 -22.58 18.45
N ASP Q 174 -13.99 -22.31 17.49
CA ASP Q 174 -14.00 -20.99 16.85
C ASP Q 174 -14.34 -19.90 17.86
N ILE Q 175 -15.29 -20.17 18.76
CA ILE Q 175 -15.63 -19.19 19.78
C ILE Q 175 -14.43 -18.93 20.69
N VAL Q 176 -13.73 -19.99 21.09
CA VAL Q 176 -12.60 -19.85 21.99
C VAL Q 176 -11.49 -19.02 21.34
N GLU Q 177 -11.18 -19.31 20.08
CA GLU Q 177 -10.12 -18.57 19.40
C GLU Q 177 -10.49 -17.10 19.24
N ALA Q 178 -11.74 -16.82 18.87
CA ALA Q 178 -12.17 -15.44 18.72
C ALA Q 178 -12.16 -14.70 20.05
N HIS Q 179 -12.58 -15.37 21.12
CA HIS Q 179 -12.58 -14.75 22.44
C HIS Q 179 -11.17 -14.43 22.91
N TYR Q 180 -10.22 -15.32 22.62
CA TYR Q 180 -8.83 -15.08 23.02
C TYR Q 180 -8.28 -13.84 22.35
N ARG Q 181 -8.51 -13.69 21.04
CA ARG Q 181 -8.02 -12.51 20.32
C ARG Q 181 -8.69 -11.24 20.81
N ALA Q 182 -9.99 -11.30 21.07
CA ALA Q 182 -10.72 -10.11 21.50
C ALA Q 182 -10.22 -9.62 22.85
N CYS Q 183 -9.96 -10.54 23.78
CA CYS Q 183 -9.49 -10.14 25.10
C CYS Q 183 -8.11 -9.51 25.03
N LEU Q 184 -7.22 -10.06 24.20
CA LEU Q 184 -5.90 -9.48 24.04
C LEU Q 184 -5.97 -8.07 23.45
N TYR Q 185 -6.83 -7.88 22.46
CA TYR Q 185 -6.98 -6.57 21.83
C TYR Q 185 -7.52 -5.55 22.82
N ALA Q 186 -8.49 -5.95 23.64
CA ALA Q 186 -9.12 -5.01 24.57
C ALA Q 186 -8.21 -4.65 25.74
N GLY Q 187 -7.19 -5.45 26.02
CA GLY Q 187 -6.33 -5.20 27.15
C GLY Q 187 -6.61 -6.04 28.37
N VAL Q 188 -7.49 -7.02 28.28
CA VAL Q 188 -7.78 -7.90 29.41
C VAL Q 188 -6.62 -8.87 29.59
N LYS Q 189 -6.18 -9.04 30.83
CA LYS Q 189 -5.01 -9.87 31.14
C LYS Q 189 -5.42 -11.35 31.16
N ILE Q 190 -5.53 -11.91 29.96
CA ILE Q 190 -5.89 -13.32 29.79
C ILE Q 190 -4.62 -14.14 29.72
N ALA Q 191 -4.57 -15.24 30.48
CA ALA Q 191 -3.36 -16.02 30.62
C ALA Q 191 -3.31 -17.29 29.79
N GLY Q 192 -4.46 -17.87 29.46
CA GLY Q 192 -4.46 -19.09 28.65
C GLY Q 192 -5.81 -19.75 28.67
N THR Q 193 -5.94 -20.78 27.84
CA THR Q 193 -7.18 -21.52 27.67
C THR Q 193 -6.87 -23.00 27.53
N ASN Q 194 -7.90 -23.82 27.78
CA ASN Q 194 -7.81 -25.25 27.53
C ASN Q 194 -9.22 -25.83 27.46
N ALA Q 195 -9.32 -26.98 26.82
CA ALA Q 195 -10.57 -27.71 26.77
C ALA Q 195 -10.76 -28.55 28.03
N GLU Q 196 -12.00 -28.71 28.45
CA GLU Q 196 -12.32 -29.35 29.72
C GLU Q 196 -12.74 -30.80 29.51
N VAL Q 197 -13.11 -31.45 30.62
CA VAL Q 197 -13.40 -32.88 30.58
C VAL Q 197 -14.65 -33.16 29.76
N MET Q 198 -15.72 -32.43 30.02
CA MET Q 198 -16.95 -32.62 29.27
C MET Q 198 -16.82 -31.99 27.89
N PRO Q 199 -17.28 -32.64 26.82
CA PRO Q 199 -17.24 -31.99 25.51
C PRO Q 199 -18.11 -30.73 25.50
N ALA Q 200 -17.68 -29.74 24.71
CA ALA Q 200 -18.25 -28.41 24.63
C ALA Q 200 -18.06 -27.60 25.91
N GLN Q 201 -17.19 -28.04 26.81
CA GLN Q 201 -16.84 -27.28 28.00
C GLN Q 201 -15.40 -26.78 27.88
N TRP Q 202 -15.20 -25.51 28.23
CA TRP Q 202 -13.91 -24.87 28.08
C TRP Q 202 -13.57 -24.09 29.34
N GLU Q 203 -12.38 -23.49 29.35
CA GLU Q 203 -11.91 -22.73 30.49
C GLU Q 203 -10.85 -21.74 30.03
N PHE Q 204 -10.85 -20.55 30.61
CA PHE Q 204 -9.81 -19.56 30.37
C PHE Q 204 -9.36 -18.98 31.70
N GLN Q 205 -8.11 -18.51 31.74
CA GLN Q 205 -7.49 -18.02 32.97
C GLN Q 205 -7.20 -16.53 32.85
N ILE Q 206 -7.46 -15.80 33.92
CA ILE Q 206 -7.21 -14.36 34.00
C ILE Q 206 -6.26 -14.10 35.15
N GLY Q 207 -5.18 -13.36 34.88
CA GLY Q 207 -4.27 -12.96 35.92
C GLY Q 207 -2.81 -13.12 35.53
N PRO Q 208 -1.91 -12.86 36.48
CA PRO Q 208 -2.16 -12.38 37.86
C PRO Q 208 -2.51 -10.89 37.88
N CYS Q 209 -3.54 -10.52 38.63
CA CYS Q 209 -3.99 -9.14 38.70
C CYS Q 209 -3.89 -8.65 40.14
N GLU Q 210 -3.63 -7.36 40.30
CA GLU Q 210 -3.39 -6.77 41.61
C GLU Q 210 -4.64 -6.06 42.11
N GLY Q 211 -5.10 -6.45 43.29
CA GLY Q 211 -6.15 -5.71 43.98
C GLY Q 211 -7.46 -5.69 43.22
N ILE Q 212 -8.02 -4.48 43.10
CA ILE Q 212 -9.34 -4.33 42.51
C ILE Q 212 -9.33 -4.62 41.02
N SER Q 213 -8.14 -4.63 40.41
CA SER Q 213 -8.05 -4.87 38.97
C SER Q 213 -8.55 -6.26 38.60
N MET Q 214 -8.49 -7.21 39.53
CA MET Q 214 -8.90 -8.58 39.20
C MET Q 214 -10.40 -8.66 38.91
N GLY Q 215 -11.22 -8.01 39.73
CA GLY Q 215 -12.65 -8.06 39.51
C GLY Q 215 -13.06 -7.35 38.22
N ASP Q 216 -12.40 -6.24 37.91
CA ASP Q 216 -12.73 -5.52 36.67
C ASP Q 216 -12.39 -6.35 35.45
N HIS Q 217 -11.25 -7.03 35.46
CA HIS Q 217 -10.83 -7.79 34.28
C HIS Q 217 -11.71 -9.01 34.04
N LEU Q 218 -12.16 -9.67 35.11
CA LEU Q 218 -12.98 -10.85 34.95
C LEU Q 218 -14.35 -10.50 34.38
N TRP Q 219 -14.97 -9.43 34.89
CA TRP Q 219 -16.31 -9.07 34.44
C TRP Q 219 -16.29 -8.66 32.97
N VAL Q 220 -15.27 -7.91 32.55
CA VAL Q 220 -15.16 -7.51 31.15
C VAL Q 220 -14.91 -8.73 30.26
N ALA Q 221 -14.12 -9.68 30.76
CA ALA Q 221 -13.89 -10.92 30.01
C ALA Q 221 -15.19 -11.70 29.85
N ARG Q 222 -16.02 -11.72 30.90
CA ARG Q 222 -17.32 -12.37 30.80
C ARG Q 222 -18.20 -11.71 29.77
N PHE Q 223 -18.19 -10.37 29.73
CA PHE Q 223 -19.00 -9.64 28.76
C PHE Q 223 -18.57 -9.95 27.34
N ILE Q 224 -17.26 -10.01 27.10
CA ILE Q 224 -16.76 -10.27 25.75
C ILE Q 224 -17.15 -11.66 25.30
N LEU Q 225 -17.15 -12.62 26.22
CA LEU Q 225 -17.56 -13.98 25.88
C LEU Q 225 -19.01 -14.02 25.44
N HIS Q 226 -19.89 -13.33 26.18
CA HIS Q 226 -21.30 -13.30 25.82
C HIS Q 226 -21.50 -12.64 24.47
N ARG Q 227 -20.82 -11.52 24.24
CA ARG Q 227 -20.97 -10.80 22.98
C ARG Q 227 -20.41 -11.59 21.80
N VAL Q 228 -19.29 -12.28 21.99
CA VAL Q 228 -18.74 -13.11 20.92
C VAL Q 228 -19.66 -14.28 20.61
N CYS Q 229 -20.20 -14.93 21.64
CA CYS Q 229 -21.11 -16.04 21.43
C CYS Q 229 -22.37 -15.59 20.73
N GLU Q 230 -22.79 -14.35 20.95
CA GLU Q 230 -23.97 -13.81 20.30
C GLU Q 230 -23.78 -13.75 18.78
N ASP Q 231 -22.57 -13.44 18.33
CA ASP Q 231 -22.30 -13.39 16.90
C ASP Q 231 -22.44 -14.77 16.27
N PHE Q 232 -21.97 -15.80 16.94
CA PHE Q 232 -22.06 -17.16 16.41
C PHE Q 232 -23.42 -17.80 16.64
N GLY Q 233 -24.27 -17.21 17.47
CA GLY Q 233 -25.60 -17.75 17.68
C GLY Q 233 -25.71 -18.80 18.75
N VAL Q 234 -24.75 -18.89 19.66
CA VAL Q 234 -24.77 -19.87 20.74
C VAL Q 234 -24.81 -19.14 22.08
N ILE Q 235 -25.02 -19.91 23.14
CA ILE Q 235 -25.16 -19.37 24.49
C ILE Q 235 -24.06 -19.95 25.37
N ALA Q 236 -23.40 -19.08 26.12
CA ALA Q 236 -22.40 -19.49 27.10
C ALA Q 236 -23.02 -19.40 28.49
N THR Q 237 -22.94 -20.49 29.24
CA THR Q 237 -23.54 -20.58 30.55
C THR Q 237 -22.47 -20.80 31.61
N PHE Q 238 -22.62 -20.12 32.74
CA PHE Q 238 -21.74 -20.28 33.89
C PHE Q 238 -22.36 -21.12 34.99
N ASP Q 239 -23.41 -21.87 34.69
CA ASP Q 239 -24.09 -22.67 35.70
C ASP Q 239 -23.14 -23.72 36.25
N PRO Q 240 -23.09 -23.91 37.57
CA PRO Q 240 -22.14 -24.88 38.15
C PRO Q 240 -22.34 -26.31 37.67
N LYS Q 241 -23.59 -26.72 37.44
CA LYS Q 241 -23.90 -28.09 37.00
C LYS Q 241 -24.85 -28.02 35.82
N PRO Q 242 -24.33 -27.71 34.62
CA PRO Q 242 -25.22 -27.59 33.46
C PRO Q 242 -25.92 -28.88 33.08
N ILE Q 243 -25.28 -30.03 33.26
CA ILE Q 243 -25.83 -31.32 32.87
C ILE Q 243 -25.78 -32.25 34.07
N PRO Q 244 -26.91 -32.84 34.47
CA PRO Q 244 -26.90 -33.76 35.61
C PRO Q 244 -26.24 -35.09 35.24
N GLY Q 245 -25.79 -35.79 36.28
CA GLY Q 245 -25.24 -37.12 36.11
C GLY Q 245 -23.73 -37.19 36.13
N ASN Q 246 -23.17 -38.14 35.39
CA ASN Q 246 -21.72 -38.34 35.34
C ASN Q 246 -21.05 -37.40 34.35
N TRP Q 247 -21.16 -36.11 34.60
CA TRP Q 247 -20.54 -35.09 33.76
C TRP Q 247 -19.89 -34.03 34.65
N ASN Q 248 -18.81 -33.45 34.15
CA ASN Q 248 -18.01 -32.54 34.95
C ASN Q 248 -18.76 -31.27 35.28
N GLY Q 249 -18.51 -30.73 36.47
CA GLY Q 249 -19.07 -29.45 36.88
C GLY Q 249 -18.22 -28.29 36.40
N ALA Q 250 -18.62 -27.10 36.84
CA ALA Q 250 -17.95 -25.86 36.45
C ALA Q 250 -17.54 -25.08 37.68
N GLY Q 251 -16.25 -24.81 37.82
CA GLY Q 251 -15.72 -24.10 38.97
C GLY Q 251 -15.00 -22.82 38.55
N CYS Q 252 -14.61 -22.06 39.56
CA CYS Q 252 -13.96 -20.76 39.37
C CYS Q 252 -12.76 -20.63 40.30
N HIS Q 253 -11.89 -21.65 40.29
CA HIS Q 253 -10.73 -21.69 41.18
C HIS Q 253 -9.97 -20.36 41.18
N THR Q 254 -9.55 -19.95 42.37
CA THR Q 254 -8.90 -18.66 42.58
C THR Q 254 -7.51 -18.88 43.17
N ASN Q 255 -6.54 -18.15 42.64
CA ASN Q 255 -5.17 -18.21 43.13
C ASN Q 255 -4.82 -16.89 43.84
N PHE Q 256 -4.20 -17.00 45.01
CA PHE Q 256 -3.95 -15.85 45.86
C PHE Q 256 -2.50 -15.85 46.33
N SER Q 257 -1.90 -14.67 46.36
CA SER Q 257 -0.55 -14.50 46.90
C SER Q 257 -0.33 -13.05 47.27
N THR Q 258 0.60 -12.83 48.19
CA THR Q 258 1.02 -11.50 48.61
C THR Q 258 2.52 -11.34 48.34
N LYS Q 259 3.01 -10.12 48.50
CA LYS Q 259 4.43 -9.85 48.25
C LYS Q 259 5.31 -10.62 49.24
N ALA Q 260 4.81 -10.85 50.45
CA ALA Q 260 5.55 -11.66 51.41
C ALA Q 260 5.56 -13.12 50.99
N MET Q 261 4.46 -13.60 50.41
CA MET Q 261 4.38 -14.99 49.98
C MET Q 261 5.30 -15.25 48.79
N ARG Q 262 5.47 -14.27 47.91
CA ARG Q 262 6.25 -14.46 46.70
C ARG Q 262 7.75 -14.32 46.91
N GLU Q 263 8.18 -13.81 48.06
CA GLU Q 263 9.60 -13.67 48.34
C GLU Q 263 10.17 -14.99 48.85
N GLU Q 264 11.48 -14.99 49.11
CA GLU Q 264 12.16 -16.20 49.55
C GLU Q 264 11.60 -16.67 50.88
N ASN Q 265 11.46 -17.99 51.02
CA ASN Q 265 10.89 -18.62 52.21
C ASN Q 265 9.50 -18.08 52.52
N GLY Q 266 8.72 -17.84 51.46
CA GLY Q 266 7.36 -17.37 51.62
C GLY Q 266 6.35 -18.46 51.91
N LEU Q 267 6.79 -19.72 51.94
CA LEU Q 267 5.87 -20.83 52.22
C LEU Q 267 5.30 -20.73 53.63
N LYS Q 268 6.05 -20.15 54.56
CA LYS Q 268 5.55 -20.01 55.93
C LYS Q 268 4.31 -19.11 55.96
N TYR Q 269 4.31 -18.04 55.16
CA TYR Q 269 3.14 -17.17 55.12
C TYR Q 269 1.97 -17.85 54.43
N ILE Q 270 2.24 -18.73 53.46
CA ILE Q 270 1.18 -19.47 52.80
C ILE Q 270 0.48 -20.39 53.81
N GLU Q 271 1.25 -21.05 54.66
CA GLU Q 271 0.66 -21.91 55.69
C GLU Q 271 -0.13 -21.10 56.69
N GLU Q 272 0.32 -19.89 57.01
CA GLU Q 272 -0.40 -19.03 57.94
C GLU Q 272 -1.77 -18.66 57.38
N ALA Q 273 -1.83 -18.29 56.10
CA ALA Q 273 -3.10 -17.91 55.49
C ALA Q 273 -4.04 -19.11 55.40
N ILE Q 274 -3.50 -20.28 55.07
CA ILE Q 274 -4.33 -21.48 54.95
C ILE Q 274 -4.91 -21.85 56.31
N GLU Q 275 -4.13 -21.72 57.37
CA GLU Q 275 -4.62 -22.01 58.71
C GLU Q 275 -5.79 -21.10 59.08
N LYS Q 276 -5.69 -19.81 58.73
CA LYS Q 276 -6.78 -18.88 59.01
C LYS Q 276 -8.05 -19.27 58.25
N LEU Q 277 -7.90 -19.69 57.00
CA LEU Q 277 -9.07 -20.06 56.20
C LEU Q 277 -9.76 -21.30 56.73
N SER Q 278 -9.04 -22.16 57.47
CA SER Q 278 -9.61 -23.41 57.93
C SER Q 278 -10.68 -23.22 58.99
N LYS Q 279 -10.78 -22.03 59.58
CA LYS Q 279 -11.74 -21.76 60.64
C LYS Q 279 -12.90 -20.88 60.19
N ARG Q 280 -12.98 -20.58 58.90
CA ARG Q 280 -14.05 -19.75 58.36
C ARG Q 280 -14.67 -20.39 57.13
N HIS Q 281 -14.90 -21.70 57.20
CA HIS Q 281 -15.41 -22.43 56.05
C HIS Q 281 -16.82 -21.96 55.66
N GLN Q 282 -17.70 -21.81 56.64
CA GLN Q 282 -19.09 -21.45 56.34
C GLN Q 282 -19.18 -20.02 55.81
N TYR Q 283 -18.36 -19.11 56.33
CA TYR Q 283 -18.39 -17.73 55.86
C TYR Q 283 -18.00 -17.64 54.39
N HIS Q 284 -16.99 -18.40 53.98
CA HIS Q 284 -16.53 -18.31 52.59
C HIS Q 284 -17.49 -19.01 51.64
N ILE Q 285 -18.14 -20.08 52.09
CA ILE Q 285 -19.13 -20.77 51.24
C ILE Q 285 -20.28 -19.82 50.91
N ARG Q 286 -20.72 -19.04 51.90
CA ARG Q 286 -21.77 -18.05 51.67
C ARG Q 286 -21.32 -17.00 50.66
N ALA Q 287 -20.07 -16.54 50.78
CA ALA Q 287 -19.58 -15.47 49.92
C ALA Q 287 -19.22 -15.94 48.52
N TYR Q 288 -19.03 -17.25 48.31
CA TYR Q 288 -18.60 -17.79 47.04
C TYR Q 288 -19.76 -18.07 46.10
N ASP Q 289 -20.96 -17.55 46.39
CA ASP Q 289 -22.11 -17.84 45.57
C ASP Q 289 -23.08 -16.68 45.61
N PRO Q 290 -23.62 -16.27 44.46
CA PRO Q 290 -24.59 -15.16 44.45
C PRO Q 290 -25.89 -15.50 45.16
N LYS Q 291 -26.22 -16.78 45.34
CA LYS Q 291 -27.46 -17.20 45.99
C LYS Q 291 -27.23 -17.73 47.40
N GLY Q 292 -26.06 -17.48 47.98
CA GLY Q 292 -25.76 -17.91 49.32
C GLY Q 292 -25.21 -19.31 49.46
N GLY Q 293 -24.95 -20.00 48.36
CA GLY Q 293 -24.34 -21.32 48.43
C GLY Q 293 -25.18 -22.42 47.82
N LEU Q 294 -26.41 -22.09 47.42
CA LEU Q 294 -27.29 -23.10 46.85
C LEU Q 294 -26.78 -23.62 45.52
N ASP Q 295 -26.27 -22.72 44.66
CA ASP Q 295 -25.79 -23.14 43.35
C ASP Q 295 -24.61 -24.09 43.46
N ASN Q 296 -23.65 -23.78 44.34
CA ASN Q 296 -22.45 -24.60 44.47
C ASN Q 296 -22.75 -25.97 45.09
N ALA Q 297 -23.92 -26.16 45.70
CA ALA Q 297 -24.25 -27.45 46.29
C ALA Q 297 -24.37 -28.53 45.25
N ARG Q 298 -24.84 -28.20 44.04
CA ARG Q 298 -25.00 -29.19 42.98
C ARG Q 298 -23.67 -29.65 42.41
N ARG Q 299 -22.60 -28.89 42.59
CA ARG Q 299 -21.29 -29.21 42.02
C ARG Q 299 -20.34 -29.85 43.03
N LEU Q 300 -20.17 -29.23 44.19
CA LEU Q 300 -19.21 -29.72 45.19
C LEU Q 300 -19.86 -30.88 45.95
N THR Q 301 -19.69 -32.09 45.43
CA THR Q 301 -20.22 -33.29 46.06
C THR Q 301 -19.15 -34.31 46.39
N GLY Q 302 -17.87 -33.95 46.27
CA GLY Q 302 -16.79 -34.87 46.56
C GLY Q 302 -16.41 -35.80 45.43
N PHE Q 303 -16.94 -35.59 44.24
CA PHE Q 303 -16.65 -36.44 43.09
C PHE Q 303 -16.20 -35.58 41.91
N HIS Q 304 -15.57 -36.23 40.94
CA HIS Q 304 -15.05 -35.57 39.74
C HIS Q 304 -14.05 -34.48 40.10
N GLU Q 305 -13.05 -34.86 40.90
CA GLU Q 305 -11.97 -33.96 41.32
C GLU Q 305 -12.52 -32.70 41.98
N THR Q 306 -13.47 -32.88 42.89
CA THR Q 306 -14.06 -31.78 43.65
C THR Q 306 -14.09 -32.14 45.12
N SER Q 307 -14.03 -31.10 45.96
CA SER Q 307 -14.10 -31.27 47.40
C SER Q 307 -15.55 -31.17 47.87
N ASN Q 308 -15.82 -31.78 49.02
CA ASN Q 308 -17.17 -31.76 49.58
C ASN Q 308 -17.52 -30.37 50.09
N ILE Q 309 -18.81 -30.03 50.02
CA ILE Q 309 -19.27 -28.71 50.44
C ILE Q 309 -19.30 -28.57 51.95
N ASN Q 310 -19.22 -29.67 52.69
CA ASN Q 310 -19.42 -29.63 54.14
C ASN Q 310 -18.13 -29.43 54.92
N ASP Q 311 -17.04 -30.06 54.50
CA ASP Q 311 -15.80 -30.07 55.27
C ASP Q 311 -14.71 -29.29 54.55
N PHE Q 312 -13.69 -28.93 55.32
CA PHE Q 312 -12.53 -28.20 54.81
C PHE Q 312 -11.32 -29.12 54.80
N SER Q 313 -10.55 -29.08 53.72
CA SER Q 313 -9.34 -29.87 53.61
C SER Q 313 -8.30 -29.11 52.79
N ALA Q 314 -7.04 -29.34 53.09
CA ALA Q 314 -5.93 -28.70 52.39
C ALA Q 314 -4.81 -29.70 52.19
N GLY Q 315 -4.01 -29.47 51.15
CA GLY Q 315 -2.90 -30.35 50.87
C GLY Q 315 -2.08 -29.83 49.72
N VAL Q 316 -0.86 -30.33 49.60
CA VAL Q 316 0.04 -29.96 48.52
C VAL Q 316 -0.14 -30.94 47.37
N ALA Q 317 -0.32 -30.40 46.16
CA ALA Q 317 -0.53 -31.19 44.94
C ALA Q 317 -1.73 -32.12 45.09
N ASN Q 318 -2.76 -31.68 45.80
CA ASN Q 318 -3.98 -32.46 46.01
C ASN Q 318 -5.13 -31.75 45.31
N ARG Q 319 -5.65 -32.35 44.25
CA ARG Q 319 -6.75 -31.76 43.50
C ARG Q 319 -8.12 -32.11 44.05
N SER Q 320 -8.19 -32.94 45.08
CA SER Q 320 -9.45 -33.31 45.71
C SER Q 320 -9.74 -32.50 46.97
N ALA Q 321 -8.83 -31.62 47.38
CA ALA Q 321 -9.02 -30.83 48.58
C ALA Q 321 -9.57 -29.46 48.23
N SER Q 322 -10.09 -28.77 49.26
CA SER Q 322 -10.60 -27.42 49.06
C SER Q 322 -9.49 -26.44 48.75
N ILE Q 323 -8.33 -26.60 49.37
CA ILE Q 323 -7.16 -25.76 49.13
C ILE Q 323 -6.02 -26.65 48.64
N ARG Q 324 -5.38 -26.23 47.54
CA ARG Q 324 -4.30 -26.99 46.93
C ARG Q 324 -3.06 -26.12 46.84
N ILE Q 325 -1.93 -26.66 47.28
CA ILE Q 325 -0.63 -26.03 47.12
C ILE Q 325 0.07 -26.67 45.93
N PRO Q 326 0.43 -25.93 44.90
CA PRO Q 326 1.15 -26.54 43.77
C PRO Q 326 2.46 -27.16 44.20
N ARG Q 327 2.81 -28.28 43.55
CA ARG Q 327 4.03 -28.99 43.90
C ARG Q 327 5.26 -28.13 43.67
N THR Q 328 5.26 -27.35 42.58
CA THR Q 328 6.39 -26.45 42.32
C THR Q 328 6.53 -25.42 43.44
N VAL Q 329 5.40 -24.88 43.92
CA VAL Q 329 5.44 -23.90 45.00
C VAL Q 329 6.04 -24.51 46.25
N GLY Q 330 5.64 -25.74 46.58
CA GLY Q 330 6.18 -26.38 47.77
C GLY Q 330 7.66 -26.66 47.68
N GLN Q 331 8.16 -27.00 46.50
CA GLN Q 331 9.58 -27.29 46.34
C GLN Q 331 10.42 -26.02 46.44
N GLU Q 332 9.96 -24.92 45.86
CA GLU Q 332 10.70 -23.67 45.89
C GLU Q 332 10.43 -22.85 47.14
N LYS Q 333 9.54 -23.31 48.02
CA LYS Q 333 9.23 -22.67 49.29
C LYS Q 333 8.63 -21.27 49.11
N LYS Q 334 8.09 -20.97 47.93
CA LYS Q 334 7.48 -19.68 47.69
C LYS Q 334 6.51 -19.80 46.53
N GLY Q 335 5.58 -18.85 46.45
CA GLY Q 335 4.61 -18.85 45.37
C GLY Q 335 3.22 -18.44 45.80
N TYR Q 336 2.24 -19.31 45.56
CA TYR Q 336 0.83 -19.01 45.81
C TYR Q 336 0.11 -20.30 46.16
N PHE Q 337 -1.18 -20.18 46.45
CA PHE Q 337 -2.03 -21.34 46.70
C PHE Q 337 -3.37 -21.11 46.01
N GLU Q 338 -4.09 -22.21 45.79
CA GLU Q 338 -5.30 -22.22 44.98
C GLU Q 338 -6.50 -22.59 45.84
N ASP Q 339 -7.57 -21.82 45.72
CA ASP Q 339 -8.84 -22.12 46.38
C ASP Q 339 -9.79 -22.70 45.34
N ARG Q 340 -10.26 -23.93 45.59
CA ARG Q 340 -11.04 -24.67 44.62
C ARG Q 340 -12.53 -24.69 44.95
N ARG Q 341 -12.96 -23.92 45.94
CA ARG Q 341 -14.35 -23.89 46.37
C ARG Q 341 -15.30 -23.06 45.49
N PRO Q 342 -14.92 -21.85 45.04
CA PRO Q 342 -15.88 -21.00 44.34
C PRO Q 342 -16.45 -21.66 43.09
N SER Q 343 -17.73 -21.40 42.84
CA SER Q 343 -18.41 -21.94 41.68
C SER Q 343 -18.27 -20.97 40.50
N ALA Q 344 -18.63 -21.47 39.31
CA ALA Q 344 -18.41 -20.74 38.06
C ALA Q 344 -19.21 -19.45 37.96
N ASN Q 345 -20.29 -19.30 38.71
CA ASN Q 345 -21.13 -18.11 38.64
C ASN Q 345 -20.89 -17.18 39.82
N CYS Q 346 -19.70 -17.22 40.40
CA CYS Q 346 -19.38 -16.39 41.55
C CYS Q 346 -19.14 -14.95 41.12
N ASP Q 347 -19.23 -14.04 42.10
CA ASP Q 347 -18.90 -12.64 41.88
C ASP Q 347 -17.44 -12.41 42.29
N PRO Q 348 -16.57 -12.01 41.36
CA PRO Q 348 -15.15 -11.83 41.72
C PRO Q 348 -14.93 -10.79 42.80
N PHE Q 349 -15.74 -9.73 42.85
CA PHE Q 349 -15.58 -8.73 43.90
C PHE Q 349 -15.87 -9.32 45.27
N SER Q 350 -16.88 -10.18 45.36
CA SER Q 350 -17.19 -10.82 46.64
C SER Q 350 -16.12 -11.84 47.02
N VAL Q 351 -15.60 -12.57 46.04
CA VAL Q 351 -14.63 -13.62 46.34
C VAL Q 351 -13.31 -13.01 46.81
N THR Q 352 -12.82 -12.00 46.09
CA THR Q 352 -11.54 -11.39 46.43
C THR Q 352 -11.61 -10.68 47.77
N GLU Q 353 -12.74 -10.02 48.07
CA GLU Q 353 -12.87 -9.31 49.33
C GLU Q 353 -12.82 -10.26 50.52
N ALA Q 354 -13.49 -11.41 50.41
CA ALA Q 354 -13.54 -12.35 51.52
C ALA Q 354 -12.16 -12.91 51.84
N LEU Q 355 -11.35 -13.19 50.81
CA LEU Q 355 -10.04 -13.78 51.03
C LEU Q 355 -9.13 -12.85 51.82
N ILE Q 356 -9.10 -11.57 51.42
CA ILE Q 356 -8.16 -10.63 52.04
C ILE Q 356 -8.58 -10.30 53.46
N ARG Q 357 -9.88 -10.03 53.68
CA ARG Q 357 -10.33 -9.66 55.00
C ARG Q 357 -10.29 -10.80 56.00
N THR Q 358 -10.06 -12.04 55.54
CA THR Q 358 -9.85 -13.15 56.45
C THR Q 358 -8.37 -13.46 56.64
N CYS Q 359 -7.58 -13.40 55.57
CA CYS Q 359 -6.17 -13.75 55.63
C CYS Q 359 -5.27 -12.58 56.02
N LEU Q 360 -5.62 -11.36 55.62
CA LEU Q 360 -4.78 -10.20 55.88
C LEU Q 360 -5.27 -9.31 57.00
N LEU Q 361 -6.59 -9.16 57.16
CA LEU Q 361 -7.15 -8.33 58.22
C LEU Q 361 -7.57 -9.13 59.44
N ASN Q 362 -7.43 -10.45 59.42
CA ASN Q 362 -7.65 -11.31 60.59
C ASN Q 362 -9.04 -11.14 61.17
N GLU Q 363 -10.05 -11.06 60.31
CA GLU Q 363 -11.42 -10.98 60.79
C GLU Q 363 -11.89 -12.32 61.34
N THR Q 364 -12.88 -12.26 62.22
CA THR Q 364 -13.50 -13.44 62.80
C THR Q 364 -15.00 -13.17 62.90
N GLY Q 365 -15.78 -14.23 63.04
CA GLY Q 365 -17.22 -14.11 63.07
C GLY Q 365 -17.84 -14.38 61.72
N ASP Q 366 -19.15 -14.17 61.65
CA ASP Q 366 -19.91 -14.42 60.42
C ASP Q 366 -20.30 -13.15 59.68
N GLU Q 367 -20.05 -11.98 60.26
CA GLU Q 367 -20.33 -10.70 59.60
C GLU Q 367 -19.04 -9.94 59.36
N PRO Q 368 -18.97 -9.21 58.27
CA PRO Q 368 -17.83 -8.31 58.05
C PRO Q 368 -17.86 -7.15 59.03
N PHE Q 369 -16.66 -6.65 59.34
CA PHE Q 369 -16.54 -5.48 60.18
C PHE Q 369 -16.94 -4.23 59.40
N GLN Q 370 -17.79 -3.40 60.01
CA GLN Q 370 -18.39 -2.28 59.28
C GLN Q 370 -17.37 -1.23 58.88
N TYR Q 371 -16.58 -0.75 59.85
CA TYR Q 371 -15.63 0.32 59.59
C TYR Q 371 -14.23 -0.25 59.40
N LYS Q 372 -13.36 0.60 58.82
CA LYS Q 372 -11.98 0.25 58.46
C LYS Q 372 -11.84 -1.18 57.98
N ASN Q 373 -11.14 -2.02 58.73
CA ASN Q 373 -10.94 -3.43 58.41
C ASN Q 373 -12.30 -4.04 58.07
N THR R 2 -39.58 -16.09 6.41
CA THR R 2 -39.13 -15.23 7.49
C THR R 2 -38.37 -14.02 6.94
N THR R 3 -37.43 -14.27 6.04
CA THR R 3 -36.69 -13.22 5.36
C THR R 3 -37.07 -13.22 3.87
N SER R 4 -36.85 -12.09 3.23
CA SER R 4 -37.26 -11.90 1.86
C SER R 4 -36.39 -12.74 0.91
N ALA R 5 -36.95 -13.04 -0.26
CA ALA R 5 -36.21 -13.78 -1.27
C ALA R 5 -35.03 -12.99 -1.79
N SER R 6 -35.14 -11.65 -1.81
CA SER R 6 -34.02 -10.82 -2.25
C SER R 6 -32.82 -10.98 -1.34
N SER R 7 -33.05 -11.25 -0.05
CA SER R 7 -31.95 -11.40 0.90
C SER R 7 -31.20 -12.71 0.74
N HIS R 8 -31.74 -13.66 -0.02
CA HIS R 8 -31.08 -14.94 -0.26
C HIS R 8 -30.21 -14.94 -1.51
N LEU R 9 -30.16 -13.83 -2.24
CA LEU R 9 -29.24 -13.73 -3.37
C LEU R 9 -27.80 -13.63 -2.86
N ASN R 10 -26.86 -14.03 -3.71
CA ASN R 10 -25.46 -14.04 -3.35
C ASN R 10 -24.96 -12.60 -3.21
N LYS R 11 -24.71 -12.18 -1.97
CA LYS R 11 -24.25 -10.81 -1.74
C LYS R 11 -22.80 -10.61 -2.13
N GLY R 12 -22.02 -11.69 -2.23
CA GLY R 12 -20.65 -11.56 -2.70
C GLY R 12 -20.59 -11.08 -4.14
N ILE R 13 -21.58 -11.47 -4.95
CA ILE R 13 -21.63 -11.02 -6.34
C ILE R 13 -21.80 -9.50 -6.39
N LYS R 14 -22.68 -8.96 -5.55
CA LYS R 14 -22.94 -7.53 -5.55
C LYS R 14 -21.70 -6.73 -5.18
N GLN R 15 -20.94 -7.21 -4.19
CA GLN R 15 -19.76 -6.49 -3.75
C GLN R 15 -18.70 -6.39 -4.84
N VAL R 16 -18.64 -7.38 -5.72
CA VAL R 16 -17.67 -7.33 -6.83
C VAL R 16 -18.00 -6.17 -7.75
N TYR R 17 -19.28 -5.98 -8.08
CA TYR R 17 -19.67 -4.90 -8.97
C TYR R 17 -19.46 -3.54 -8.32
N MET R 18 -19.76 -3.44 -7.02
CA MET R 18 -19.60 -2.16 -6.33
C MET R 18 -18.15 -1.80 -6.10
N SER R 19 -17.22 -2.71 -6.35
CA SER R 19 -15.79 -2.41 -6.23
C SER R 19 -15.21 -1.77 -7.47
N LEU R 20 -15.97 -1.71 -8.57
CA LEU R 20 -15.48 -1.09 -9.78
C LEU R 20 -15.30 0.41 -9.56
N PRO R 21 -14.24 1.03 -10.08
CA PRO R 21 -14.11 2.49 -9.98
C PRO R 21 -15.25 3.18 -10.69
N GLN R 22 -15.73 4.27 -10.08
CA GLN R 22 -16.94 4.92 -10.57
C GLN R 22 -16.65 5.73 -11.83
N GLY R 23 -15.67 6.61 -11.78
CA GLY R 23 -15.40 7.52 -12.89
C GLY R 23 -15.70 8.95 -12.54
N GLU R 24 -16.22 9.71 -13.51
CA GLU R 24 -16.49 11.13 -13.29
C GLU R 24 -17.93 11.40 -12.87
N LYS R 25 -18.87 10.54 -13.23
CA LYS R 25 -20.27 10.79 -12.93
C LYS R 25 -20.57 10.55 -11.46
N VAL R 26 -21.63 11.20 -10.98
CA VAL R 26 -22.04 11.15 -9.59
C VAL R 26 -23.51 10.79 -9.53
N GLN R 27 -23.87 9.87 -8.63
CA GLN R 27 -25.25 9.47 -8.41
C GLN R 27 -25.87 10.25 -7.27
N ALA R 28 -27.10 10.71 -7.47
CA ALA R 28 -27.85 11.42 -6.44
C ALA R 28 -29.20 10.74 -6.27
N MET R 29 -29.57 10.48 -5.02
CA MET R 29 -30.81 9.80 -4.70
C MET R 29 -31.77 10.79 -4.06
N TYR R 30 -32.94 10.96 -4.66
CA TYR R 30 -33.94 11.91 -4.18
C TYR R 30 -34.96 11.19 -3.31
N ILE R 31 -35.24 11.75 -2.14
CA ILE R 31 -36.13 11.14 -1.15
C ILE R 31 -37.21 12.14 -0.78
N TRP R 32 -38.45 11.65 -0.69
CA TRP R 32 -39.57 12.50 -0.32
C TRP R 32 -40.62 11.67 0.40
N ILE R 33 -41.62 12.36 0.94
CA ILE R 33 -42.69 11.75 1.72
C ILE R 33 -43.95 11.68 0.84
N ASP R 34 -44.62 10.53 0.86
CA ASP R 34 -45.78 10.31 0.01
C ASP R 34 -47.04 10.83 0.69
N GLY R 35 -48.20 10.49 0.12
CA GLY R 35 -49.47 11.02 0.58
C GLY R 35 -50.02 10.38 1.83
N THR R 36 -49.44 9.28 2.29
CA THR R 36 -49.90 8.67 3.53
C THR R 36 -49.38 9.40 4.77
N GLY R 37 -48.37 10.26 4.61
CA GLY R 37 -47.78 10.95 5.74
C GLY R 37 -46.76 10.15 6.51
N GLU R 38 -46.53 8.89 6.15
CA GLU R 38 -45.56 8.05 6.83
C GLU R 38 -44.61 7.31 5.90
N GLY R 39 -44.96 7.12 4.63
CA GLY R 39 -44.10 6.39 3.71
C GLY R 39 -43.06 7.27 3.06
N LEU R 40 -41.99 6.64 2.61
CA LEU R 40 -40.91 7.32 1.92
C LEU R 40 -40.72 6.73 0.53
N ARG R 41 -40.29 7.58 -0.41
CA ARG R 41 -40.03 7.16 -1.78
C ARG R 41 -38.66 7.67 -2.20
N CYS R 42 -38.02 6.91 -3.10
CA CYS R 42 -36.66 7.24 -3.52
C CYS R 42 -36.54 7.09 -5.03
N LYS R 43 -35.56 7.79 -5.59
CA LYS R 43 -35.32 7.80 -7.03
C LYS R 43 -33.92 8.34 -7.27
N THR R 44 -33.26 7.84 -8.31
CA THR R 44 -31.86 8.12 -8.56
C THR R 44 -31.65 8.75 -9.93
N ARG R 45 -30.76 9.74 -10.00
CA ARG R 45 -30.35 10.34 -11.26
C ARG R 45 -28.84 10.54 -11.26
N THR R 46 -28.29 10.76 -12.45
CA THR R 46 -26.85 10.92 -12.64
C THR R 46 -26.51 12.39 -12.83
N LEU R 47 -25.44 12.83 -12.17
CA LEU R 47 -24.96 14.20 -12.30
C LEU R 47 -23.55 14.19 -12.90
N ASP R 48 -23.21 15.29 -13.57
CA ASP R 48 -21.93 15.37 -14.27
C ASP R 48 -20.77 15.57 -13.29
N SER R 49 -21.01 16.26 -12.17
CA SER R 49 -19.94 16.53 -11.23
C SER R 49 -20.51 16.55 -9.82
N GLU R 50 -19.63 16.38 -8.85
CA GLU R 50 -20.06 16.33 -7.45
C GLU R 50 -20.52 17.71 -6.99
N PRO R 51 -21.75 17.86 -6.52
CA PRO R 51 -22.18 19.15 -5.97
C PRO R 51 -21.52 19.44 -4.63
N LYS R 52 -21.32 20.74 -4.37
CA LYS R 52 -20.73 21.16 -3.12
C LYS R 52 -21.76 21.65 -2.10
N CYS R 53 -22.93 22.09 -2.56
CA CYS R 53 -23.98 22.56 -1.67
C CYS R 53 -25.33 22.19 -2.25
N VAL R 54 -26.34 22.19 -1.40
CA VAL R 54 -27.67 21.77 -1.82
C VAL R 54 -28.28 22.75 -2.81
N GLU R 55 -27.79 23.99 -2.84
CA GLU R 55 -28.39 25.02 -3.68
C GLU R 55 -28.17 24.76 -5.17
N GLU R 56 -27.18 23.96 -5.54
CA GLU R 56 -26.89 23.71 -6.94
C GLU R 56 -27.39 22.36 -7.44
N LEU R 57 -28.26 21.69 -6.69
CA LEU R 57 -28.91 20.49 -7.19
C LEU R 57 -30.15 20.87 -7.99
N PRO R 58 -30.31 20.33 -9.20
CA PRO R 58 -31.47 20.68 -10.02
C PRO R 58 -32.77 20.13 -9.44
N GLU R 59 -33.86 20.80 -9.79
CA GLU R 59 -35.18 20.34 -9.41
C GLU R 59 -35.58 19.13 -10.26
N TRP R 60 -36.51 18.34 -9.74
CA TRP R 60 -36.98 17.15 -10.43
C TRP R 60 -38.49 17.07 -10.29
N ASN R 61 -39.06 15.96 -10.77
CA ASN R 61 -40.50 15.78 -10.75
C ASN R 61 -40.81 14.29 -10.71
N PHE R 62 -42.05 13.97 -10.37
CA PHE R 62 -42.50 12.58 -10.32
C PHE R 62 -44.01 12.55 -10.56
N ASP R 63 -44.50 11.36 -10.91
CA ASP R 63 -45.92 11.17 -11.20
C ASP R 63 -46.67 10.98 -9.89
N GLY R 64 -47.47 11.97 -9.51
CA GLY R 64 -48.18 11.93 -8.26
C GLY R 64 -49.39 11.02 -8.22
N SER R 65 -49.86 10.56 -9.38
CA SER R 65 -50.98 9.63 -9.43
C SER R 65 -50.61 8.26 -8.89
N SER R 66 -49.35 7.86 -8.99
CA SER R 66 -48.90 6.58 -8.48
C SER R 66 -48.66 6.59 -6.97
N THR R 67 -48.57 7.77 -6.36
CA THR R 67 -48.39 7.89 -4.92
C THR R 67 -49.61 8.48 -4.23
N LEU R 68 -50.78 8.45 -4.88
CA LEU R 68 -52.04 9.00 -4.35
C LEU R 68 -51.84 10.40 -3.77
N GLN R 69 -51.12 11.24 -4.50
CA GLN R 69 -50.90 12.61 -4.10
C GLN R 69 -51.48 13.62 -5.09
N SER R 70 -52.05 13.17 -6.19
CA SER R 70 -52.60 14.09 -7.18
C SER R 70 -53.70 13.38 -7.96
N GLU R 71 -54.36 14.14 -8.82
CA GLU R 71 -55.45 13.62 -9.64
C GLU R 71 -54.90 13.14 -10.98
N GLY R 72 -55.79 12.84 -11.92
CA GLY R 72 -55.40 12.27 -13.19
C GLY R 72 -54.79 13.25 -14.18
N SER R 73 -55.55 14.28 -14.55
CA SER R 73 -55.11 15.19 -15.60
C SER R 73 -53.82 15.92 -15.22
N ASN R 74 -53.80 16.55 -14.06
CA ASN R 74 -52.61 17.23 -13.56
C ASN R 74 -52.01 16.37 -12.46
N SER R 75 -51.18 15.41 -12.86
CA SER R 75 -50.59 14.45 -11.94
C SER R 75 -49.15 14.76 -11.58
N ASP R 76 -48.48 15.61 -12.36
CA ASP R 76 -47.08 15.89 -12.10
C ASP R 76 -46.91 16.69 -10.81
N MET R 77 -45.91 16.31 -10.02
CA MET R 77 -45.52 17.05 -8.82
C MET R 77 -44.03 17.34 -8.90
N TYR R 78 -43.60 18.35 -8.15
CA TYR R 78 -42.23 18.84 -8.22
C TYR R 78 -41.49 18.51 -6.93
N LEU R 79 -40.21 18.17 -7.07
CA LEU R 79 -39.33 17.91 -5.95
C LEU R 79 -38.29 19.02 -5.87
N VAL R 80 -38.23 19.70 -4.72
CA VAL R 80 -37.30 20.78 -4.49
C VAL R 80 -36.32 20.33 -3.41
N PRO R 81 -35.03 20.21 -3.71
CA PRO R 81 -34.07 19.75 -2.71
C PRO R 81 -34.04 20.67 -1.49
N ALA R 82 -33.88 20.06 -0.32
CA ALA R 82 -33.85 20.78 0.95
C ALA R 82 -32.61 20.49 1.78
N ALA R 83 -32.13 19.26 1.79
CA ALA R 83 -30.95 18.89 2.57
C ALA R 83 -30.14 17.84 1.80
N MET R 84 -28.84 17.82 2.05
CA MET R 84 -27.92 16.94 1.35
C MET R 84 -27.06 16.18 2.36
N PHE R 85 -26.82 14.90 2.09
CA PHE R 85 -26.01 14.06 2.96
C PHE R 85 -25.16 13.13 2.11
N ARG R 86 -24.10 12.61 2.72
CA ARG R 86 -23.29 11.61 2.06
C ARG R 86 -24.04 10.28 1.98
N ASP R 87 -23.83 9.56 0.89
CA ASP R 87 -24.52 8.30 0.66
C ASP R 87 -23.73 7.16 1.30
N PRO R 88 -24.27 6.49 2.32
CA PRO R 88 -23.52 5.39 2.94
C PRO R 88 -23.62 4.08 2.17
N PHE R 89 -24.59 3.95 1.27
CA PHE R 89 -24.75 2.71 0.51
C PHE R 89 -23.95 2.71 -0.78
N ARG R 90 -23.54 3.88 -1.27
CA ARG R 90 -22.72 3.98 -2.46
C ARG R 90 -21.39 4.70 -2.20
N LYS R 91 -21.19 5.26 -1.01
CA LYS R 91 -19.95 5.93 -0.61
C LYS R 91 -19.72 7.19 -1.43
N ASP R 92 -18.68 7.95 -1.07
CA ASP R 92 -18.38 9.18 -1.77
C ASP R 92 -18.00 8.89 -3.22
N PRO R 93 -18.30 9.81 -4.15
CA PRO R 93 -18.91 11.13 -3.95
C PRO R 93 -20.41 11.15 -4.13
N ASN R 94 -21.11 10.03 -3.96
CA ASN R 94 -22.55 9.99 -4.14
C ASN R 94 -23.26 10.61 -2.94
N LYS R 95 -24.47 11.12 -3.19
CA LYS R 95 -25.18 11.93 -2.21
C LYS R 95 -26.61 11.45 -2.03
N LEU R 96 -27.17 11.74 -0.86
CA LEU R 96 -28.59 11.59 -0.58
C LEU R 96 -29.23 12.97 -0.46
N VAL R 97 -30.38 13.14 -1.11
CA VAL R 97 -31.05 14.43 -1.17
C VAL R 97 -32.46 14.26 -0.61
N LEU R 98 -32.78 15.05 0.41
CA LEU R 98 -34.14 15.12 0.93
C LEU R 98 -34.84 16.33 0.33
N CYS R 99 -36.05 16.11 -0.18
CA CYS R 99 -36.73 17.11 -0.98
C CYS R 99 -38.11 17.42 -0.41
N GLU R 100 -38.65 18.56 -0.83
CA GLU R 100 -40.02 18.96 -0.53
C GLU R 100 -40.89 18.76 -1.76
N VAL R 101 -42.18 18.51 -1.52
CA VAL R 101 -43.13 18.17 -2.57
C VAL R 101 -44.06 19.36 -2.78
N PHE R 102 -44.21 19.78 -4.03
CA PHE R 102 -45.11 20.86 -4.40
C PHE R 102 -46.04 20.40 -5.51
N LYS R 103 -47.24 20.98 -5.54
CA LYS R 103 -48.21 20.64 -6.56
C LYS R 103 -47.84 21.32 -7.88
N TYR R 104 -48.61 21.02 -8.93
CA TYR R 104 -48.30 21.53 -10.26
C TYR R 104 -48.42 23.06 -10.31
N ASN R 105 -49.23 23.65 -9.44
CA ASN R 105 -49.37 25.10 -9.36
C ASN R 105 -48.41 25.72 -8.34
N ARG R 106 -47.30 25.05 -8.05
CA ARG R 106 -46.26 25.49 -7.12
C ARG R 106 -46.77 25.69 -5.70
N ARG R 107 -47.88 25.06 -5.33
CA ARG R 107 -48.34 25.13 -3.96
C ARG R 107 -47.86 23.91 -3.17
N PRO R 108 -47.59 24.07 -1.87
CA PRO R 108 -47.13 22.94 -1.07
C PRO R 108 -48.15 21.82 -1.04
N ALA R 109 -47.65 20.58 -1.00
CA ALA R 109 -48.52 19.42 -0.98
C ALA R 109 -49.20 19.30 0.39
N GLU R 110 -50.20 18.43 0.43
CA GLU R 110 -50.96 18.26 1.67
C GLU R 110 -50.10 17.68 2.78
N THR R 111 -49.21 16.76 2.45
CA THR R 111 -48.32 16.16 3.43
C THR R 111 -47.00 16.92 3.58
N ASN R 112 -46.85 18.03 2.87
CA ASN R 112 -45.65 18.86 2.98
C ASN R 112 -45.81 19.76 4.20
N LEU R 113 -45.24 19.33 5.32
CA LEU R 113 -45.32 20.09 6.56
C LEU R 113 -44.05 20.88 6.86
N ARG R 114 -42.97 20.64 6.11
CA ARG R 114 -41.73 21.37 6.36
C ARG R 114 -41.84 22.83 5.93
N HIS R 115 -42.72 23.12 4.97
CA HIS R 115 -42.84 24.50 4.48
C HIS R 115 -43.30 25.44 5.59
N THR R 116 -44.35 25.08 6.32
CA THR R 116 -44.85 25.92 7.39
C THR R 116 -43.92 25.89 8.60
N CYS R 117 -43.35 24.71 8.91
CA CYS R 117 -42.49 24.61 10.07
C CYS R 117 -41.24 25.46 9.93
N LYS R 118 -40.68 25.54 8.72
CA LYS R 118 -39.46 26.30 8.52
C LYS R 118 -39.68 27.78 8.81
N ARG R 119 -40.81 28.34 8.36
CA ARG R 119 -41.09 29.75 8.61
C ARG R 119 -41.30 30.02 10.10
N ILE R 120 -41.90 29.07 10.81
CA ILE R 120 -42.11 29.22 12.25
C ILE R 120 -40.77 29.27 12.97
N MET R 121 -39.84 28.40 12.59
CA MET R 121 -38.54 28.38 13.24
C MET R 121 -37.76 29.67 12.98
N ASP R 122 -37.97 30.29 11.82
CA ASP R 122 -37.27 31.53 11.51
C ASP R 122 -37.73 32.68 12.41
N MET R 123 -38.95 32.60 12.94
CA MET R 123 -39.47 33.66 13.77
C MET R 123 -38.88 33.64 15.18
N VAL R 124 -38.31 32.52 15.60
CA VAL R 124 -37.75 32.40 16.95
C VAL R 124 -36.29 31.96 16.85
N SER R 125 -35.64 32.33 15.75
CA SER R 125 -34.27 31.87 15.49
C SER R 125 -33.29 32.37 16.55
N ASN R 126 -33.54 33.57 17.10
CA ASN R 126 -32.60 34.13 18.06
C ASN R 126 -32.65 33.42 19.41
N GLN R 127 -33.71 32.68 19.70
CA GLN R 127 -33.82 31.93 20.94
C GLN R 127 -33.13 30.57 20.87
N HIS R 128 -32.75 30.12 19.68
CA HIS R 128 -32.02 28.88 19.46
C HIS R 128 -32.69 27.68 20.13
N PRO R 129 -33.84 27.24 19.63
CA PRO R 129 -34.48 26.04 20.20
C PRO R 129 -33.71 24.79 19.80
N TRP R 130 -33.63 23.84 20.74
CA TRP R 130 -32.96 22.57 20.51
C TRP R 130 -33.95 21.42 20.71
N PHE R 131 -33.79 20.37 19.92
CA PHE R 131 -34.67 19.22 19.99
C PHE R 131 -33.86 17.93 20.05
N GLY R 132 -34.39 16.97 20.80
CA GLY R 132 -33.83 15.64 20.88
C GLY R 132 -34.93 14.60 20.88
N MET R 133 -34.88 13.66 19.95
CA MET R 133 -35.97 12.71 19.73
C MET R 133 -35.46 11.29 19.88
N GLU R 134 -36.25 10.45 20.54
CA GLU R 134 -35.92 9.04 20.75
C GLU R 134 -36.89 8.20 19.93
N GLN R 135 -36.38 7.55 18.89
CA GLN R 135 -37.21 6.78 17.98
C GLN R 135 -37.15 5.30 18.34
N GLU R 136 -38.31 4.70 18.57
CA GLU R 136 -38.42 3.28 18.86
C GLU R 136 -39.03 2.54 17.67
N TYR R 137 -38.62 1.29 17.49
CA TYR R 137 -39.08 0.50 16.36
C TYR R 137 -38.96 -0.98 16.70
N THR R 138 -39.61 -1.80 15.90
CA THR R 138 -39.59 -3.26 16.05
C THR R 138 -39.18 -3.89 14.73
N LEU R 139 -38.31 -4.89 14.80
CA LEU R 139 -37.90 -5.64 13.62
C LEU R 139 -38.85 -6.80 13.39
N MET R 140 -39.36 -6.92 12.17
CA MET R 140 -40.34 -7.94 11.83
C MET R 140 -39.85 -8.75 10.65
N GLY R 141 -40.22 -10.03 10.64
CA GLY R 141 -39.99 -10.86 9.49
C GLY R 141 -40.99 -10.59 8.39
N THR R 142 -40.74 -11.18 7.22
CA THR R 142 -41.65 -11.00 6.09
C THR R 142 -42.99 -11.69 6.29
N ASP R 143 -43.11 -12.54 7.31
CA ASP R 143 -44.35 -13.24 7.59
C ASP R 143 -45.28 -12.47 8.52
N GLY R 144 -44.90 -11.27 8.95
CA GLY R 144 -45.75 -10.46 9.79
C GLY R 144 -45.59 -10.66 11.28
N HIS R 145 -44.50 -11.28 11.72
CA HIS R 145 -44.25 -11.53 13.13
C HIS R 145 -42.87 -11.01 13.52
N PRO R 146 -42.66 -10.70 14.81
CA PRO R 146 -41.37 -10.13 15.21
C PRO R 146 -40.22 -11.06 14.87
N PHE R 147 -39.11 -10.47 14.44
CA PHE R 147 -37.96 -11.23 14.00
C PHE R 147 -37.36 -12.01 15.17
N GLY R 148 -37.09 -13.29 14.93
CA GLY R 148 -36.48 -14.15 15.94
C GLY R 148 -37.45 -14.76 16.93
N TRP R 149 -38.73 -14.44 16.85
CA TRP R 149 -39.71 -15.01 17.76
C TRP R 149 -40.04 -16.45 17.36
N PRO R 150 -40.46 -17.28 18.31
CA PRO R 150 -40.85 -18.64 17.97
C PRO R 150 -42.03 -18.66 17.00
N SER R 151 -42.02 -19.64 16.11
CA SER R 151 -43.08 -19.76 15.11
C SER R 151 -44.42 -20.04 15.80
N ASN R 152 -45.37 -19.12 15.62
CA ASN R 152 -46.69 -19.22 16.23
C ASN R 152 -46.61 -19.34 17.75
N GLY R 153 -45.65 -18.64 18.35
CA GLY R 153 -45.46 -18.69 19.79
C GLY R 153 -44.89 -17.42 20.36
N PHE R 154 -44.53 -17.44 21.63
CA PHE R 154 -44.02 -16.27 22.31
C PHE R 154 -42.75 -16.60 23.07
N PRO R 155 -41.86 -15.63 23.24
CA PRO R 155 -40.69 -15.84 24.10
C PRO R 155 -41.06 -15.71 25.57
N GLY R 156 -40.07 -15.75 26.45
CA GLY R 156 -40.31 -15.67 27.87
C GLY R 156 -40.84 -14.31 28.29
N PRO R 157 -41.24 -14.18 29.54
CA PRO R 157 -41.78 -12.90 30.02
C PRO R 157 -40.73 -11.81 30.02
N GLN R 158 -41.20 -10.57 30.00
CA GLN R 158 -40.31 -9.41 29.92
C GLN R 158 -39.46 -9.30 31.18
N GLY R 159 -38.36 -8.55 31.05
CA GLY R 159 -37.47 -8.32 32.16
C GLY R 159 -35.99 -8.55 31.87
N PRO R 160 -35.65 -9.60 31.13
CA PRO R 160 -34.25 -9.80 30.74
C PRO R 160 -33.84 -9.21 29.40
N TYR R 161 -34.76 -8.58 28.66
CA TYR R 161 -34.44 -8.10 27.32
C TYR R 161 -34.00 -6.65 27.30
N TYR R 162 -34.35 -5.86 28.31
CA TYR R 162 -33.99 -4.45 28.32
C TYR R 162 -32.48 -4.30 28.45
N CYS R 163 -31.86 -3.71 27.42
CA CYS R 163 -30.41 -3.51 27.37
C CYS R 163 -29.67 -4.83 27.56
N GLY R 164 -30.22 -5.91 27.02
CA GLY R 164 -29.67 -7.22 27.21
C GLY R 164 -28.53 -7.54 26.27
N VAL R 165 -27.76 -8.56 26.63
CA VAL R 165 -26.66 -9.06 25.81
C VAL R 165 -26.70 -10.58 25.83
N GLY R 166 -26.46 -11.18 24.66
CA GLY R 166 -26.51 -12.63 24.55
C GLY R 166 -27.41 -13.10 23.42
N ALA R 167 -27.22 -14.34 22.98
CA ALA R 167 -28.00 -14.85 21.85
C ALA R 167 -29.47 -15.01 22.20
N ASP R 168 -29.78 -15.22 23.48
CA ASP R 168 -31.16 -15.39 23.92
C ASP R 168 -31.79 -14.12 24.47
N ARG R 169 -31.11 -12.99 24.34
CA ARG R 169 -31.63 -11.77 24.94
C ARG R 169 -31.74 -10.60 23.96
N ALA R 170 -30.93 -10.59 22.90
CA ALA R 170 -30.96 -9.52 21.91
C ALA R 170 -31.12 -10.12 20.53
N TYR R 171 -32.14 -9.65 19.80
CA TYR R 171 -32.42 -10.15 18.45
C TYR R 171 -32.10 -9.07 17.43
N GLY R 172 -31.32 -9.43 16.42
CA GLY R 172 -31.05 -8.53 15.31
C GLY R 172 -30.13 -7.37 15.62
N ARG R 173 -29.08 -7.59 16.40
CA ARG R 173 -28.12 -6.53 16.68
C ARG R 173 -27.32 -6.14 15.45
N ASP R 174 -27.23 -7.02 14.45
CA ASP R 174 -26.47 -6.70 13.25
C ASP R 174 -27.07 -5.50 12.52
N ILE R 175 -28.39 -5.44 12.45
CA ILE R 175 -29.05 -4.30 11.82
C ILE R 175 -28.74 -3.01 12.58
N VAL R 176 -28.78 -3.08 13.92
CA VAL R 176 -28.54 -1.90 14.73
C VAL R 176 -27.12 -1.38 14.53
N GLU R 177 -26.14 -2.28 14.54
CA GLU R 177 -24.75 -1.88 14.38
C GLU R 177 -24.52 -1.25 13.01
N ALA R 178 -25.07 -1.86 11.96
CA ALA R 178 -24.92 -1.32 10.62
C ALA R 178 -25.59 0.05 10.50
N HIS R 179 -26.79 0.20 11.09
CA HIS R 179 -27.49 1.47 11.02
C HIS R 179 -26.73 2.57 11.75
N TYR R 180 -26.14 2.25 12.90
CA TYR R 180 -25.37 3.23 13.66
C TYR R 180 -24.18 3.73 12.84
N ARG R 181 -23.45 2.81 12.22
CA ARG R 181 -22.28 3.20 11.44
C ARG R 181 -22.69 3.96 10.18
N ALA R 182 -23.81 3.58 9.56
CA ALA R 182 -24.25 4.26 8.36
C ALA R 182 -24.67 5.70 8.66
N CYS R 183 -25.34 5.92 9.79
CA CYS R 183 -25.77 7.27 10.13
C CYS R 183 -24.58 8.18 10.41
N LEU R 184 -23.55 7.66 11.07
CA LEU R 184 -22.35 8.45 11.33
C LEU R 184 -21.68 8.86 10.03
N TYR R 185 -21.57 7.93 9.09
CA TYR R 185 -20.93 8.24 7.81
C TYR R 185 -21.70 9.30 7.04
N ALA R 186 -23.04 9.22 7.05
CA ALA R 186 -23.84 10.14 6.27
C ALA R 186 -23.85 11.54 6.86
N GLY R 187 -23.56 11.67 8.15
CA GLY R 187 -23.62 12.95 8.81
C GLY R 187 -24.84 13.19 9.66
N VAL R 188 -25.66 12.17 9.90
CA VAL R 188 -26.82 12.31 10.77
C VAL R 188 -26.37 12.34 12.22
N LYS R 189 -26.90 13.27 12.99
CA LYS R 189 -26.50 13.48 14.37
C LYS R 189 -27.19 12.44 15.26
N ILE R 190 -26.65 11.23 15.24
CA ILE R 190 -27.15 10.13 16.05
C ILE R 190 -26.42 10.14 17.39
N ALA R 191 -27.17 10.02 18.48
CA ALA R 191 -26.62 10.17 19.83
C ALA R 191 -26.40 8.86 20.57
N GLY R 192 -27.13 7.81 20.25
CA GLY R 192 -26.96 6.55 20.92
C GLY R 192 -28.10 5.60 20.65
N THR R 193 -27.91 4.36 21.07
CA THR R 193 -28.88 3.29 20.87
C THR R 193 -28.96 2.44 22.13
N ASN R 194 -30.07 1.70 22.25
CA ASN R 194 -30.21 0.71 23.31
C ASN R 194 -31.31 -0.26 22.93
N ALA R 195 -31.27 -1.45 23.53
CA ALA R 195 -32.32 -2.44 23.35
C ALA R 195 -33.48 -2.14 24.29
N GLU R 196 -34.68 -2.46 23.84
CA GLU R 196 -35.90 -2.10 24.54
C GLU R 196 -36.46 -3.30 25.30
N VAL R 197 -37.60 -3.08 25.96
CA VAL R 197 -38.17 -4.07 26.86
C VAL R 197 -38.60 -5.32 26.10
N MET R 198 -39.33 -5.14 25.02
CA MET R 198 -39.77 -6.28 24.23
C MET R 198 -38.60 -6.79 23.38
N PRO R 199 -38.40 -8.11 23.28
CA PRO R 199 -37.35 -8.62 22.40
C PRO R 199 -37.61 -8.24 20.96
N ALA R 200 -36.52 -8.00 20.22
CA ALA R 200 -36.51 -7.50 18.84
C ALA R 200 -37.01 -6.07 18.74
N GLN R 201 -37.12 -5.35 19.85
CA GLN R 201 -37.46 -3.93 19.85
C GLN R 201 -36.24 -3.12 20.25
N TRP R 202 -36.00 -2.03 19.53
CA TRP R 202 -34.81 -1.22 19.75
C TRP R 202 -35.19 0.26 19.75
N GLU R 203 -34.18 1.11 19.96
CA GLU R 203 -34.39 2.54 20.02
C GLU R 203 -33.08 3.25 19.73
N PHE R 204 -33.14 4.36 19.00
CA PHE R 204 -31.98 5.21 18.78
C PHE R 204 -32.38 6.66 19.02
N GLN R 205 -31.39 7.48 19.37
CA GLN R 205 -31.61 8.88 19.73
C GLN R 205 -30.94 9.79 18.72
N ILE R 206 -31.63 10.87 18.36
CA ILE R 206 -31.13 11.87 17.44
C ILE R 206 -31.13 13.21 18.16
N GLY R 207 -30.00 13.92 18.09
CA GLY R 207 -29.91 15.25 18.65
C GLY R 207 -28.68 15.48 19.48
N PRO R 208 -28.57 16.66 20.10
CA PRO R 208 -29.52 17.78 20.04
C PRO R 208 -29.40 18.54 18.72
N CYS R 209 -30.52 18.84 18.08
CA CYS R 209 -30.54 19.52 16.80
C CYS R 209 -31.28 20.85 16.93
N GLU R 210 -30.88 21.83 16.14
CA GLU R 210 -31.40 23.18 16.25
C GLU R 210 -32.42 23.45 15.14
N GLY R 211 -33.61 23.87 15.54
CA GLY R 211 -34.59 24.38 14.58
C GLY R 211 -35.05 23.33 13.59
N ILE R 212 -35.07 23.71 12.32
CA ILE R 212 -35.62 22.85 11.27
C ILE R 212 -34.73 21.64 11.03
N SER R 213 -33.47 21.70 11.46
CA SER R 213 -32.54 20.60 11.20
C SER R 213 -32.96 19.32 11.91
N MET R 214 -33.75 19.43 12.98
CA MET R 214 -34.19 18.24 13.69
C MET R 214 -35.09 17.38 12.82
N GLY R 215 -36.03 18.01 12.11
CA GLY R 215 -36.93 17.25 11.26
C GLY R 215 -36.20 16.58 10.10
N ASP R 216 -35.24 17.28 9.50
CA ASP R 216 -34.49 16.70 8.40
C ASP R 216 -33.66 15.51 8.84
N HIS R 217 -33.02 15.59 10.00
CA HIS R 217 -32.15 14.52 10.45
C HIS R 217 -32.93 13.25 10.80
N LEU R 218 -34.10 13.40 11.41
CA LEU R 218 -34.89 12.24 11.79
C LEU R 218 -35.40 11.49 10.56
N TRP R 219 -35.90 12.22 9.56
CA TRP R 219 -36.45 11.58 8.38
C TRP R 219 -35.38 10.81 7.61
N VAL R 220 -34.19 11.39 7.50
CA VAL R 220 -33.10 10.71 6.81
C VAL R 220 -32.66 9.48 7.59
N ALA R 221 -32.66 9.57 8.93
CA ALA R 221 -32.34 8.41 9.76
C ALA R 221 -33.37 7.31 9.56
N ARG R 222 -34.64 7.67 9.41
CA ARG R 222 -35.68 6.68 9.13
C ARG R 222 -35.45 5.99 7.79
N PHE R 223 -35.05 6.77 6.78
CA PHE R 223 -34.79 6.20 5.46
C PHE R 223 -33.64 5.21 5.51
N ILE R 224 -32.57 5.57 6.23
CA ILE R 224 -31.40 4.69 6.31
C ILE R 224 -31.76 3.38 6.99
N LEU R 225 -32.62 3.45 8.01
CA LEU R 225 -33.04 2.23 8.70
C LEU R 225 -33.79 1.30 7.74
N HIS R 226 -34.71 1.86 6.95
CA HIS R 226 -35.46 1.04 6.01
C HIS R 226 -34.56 0.43 4.96
N ARG R 227 -33.62 1.23 4.43
CA ARG R 227 -32.72 0.73 3.40
C ARG R 227 -31.77 -0.33 3.94
N VAL R 228 -31.27 -0.13 5.17
CA VAL R 228 -30.41 -1.14 5.79
C VAL R 228 -31.19 -2.42 6.04
N CYS R 229 -32.41 -2.31 6.56
CA CYS R 229 -33.22 -3.50 6.83
C CYS R 229 -33.54 -4.24 5.54
N GLU R 230 -33.65 -3.52 4.42
CA GLU R 230 -33.90 -4.15 3.14
C GLU R 230 -32.75 -5.07 2.74
N ASP R 231 -31.52 -4.70 3.08
CA ASP R 231 -30.38 -5.55 2.75
C ASP R 231 -30.44 -6.88 3.49
N PHE R 232 -30.84 -6.85 4.77
CA PHE R 232 -30.92 -8.06 5.57
C PHE R 232 -32.20 -8.84 5.36
N GLY R 233 -33.18 -8.27 4.66
CA GLY R 233 -34.42 -8.97 4.39
C GLY R 233 -35.45 -8.93 5.49
N VAL R 234 -35.39 -7.94 6.38
CA VAL R 234 -36.36 -7.79 7.44
C VAL R 234 -37.06 -6.45 7.29
N ILE R 235 -38.13 -6.27 8.06
CA ILE R 235 -38.97 -5.07 8.00
C ILE R 235 -38.92 -4.36 9.33
N ALA R 236 -38.70 -3.05 9.29
CA ALA R 236 -38.74 -2.21 10.48
C ALA R 236 -40.06 -1.45 10.51
N THR R 237 -40.78 -1.57 11.61
CA THR R 237 -42.10 -0.96 11.75
C THR R 237 -42.09 0.08 12.86
N PHE R 238 -42.75 1.21 12.61
CA PHE R 238 -42.93 2.26 13.60
C PHE R 238 -44.31 2.27 14.20
N ASP R 239 -45.04 1.16 14.09
CA ASP R 239 -46.39 1.10 14.61
C ASP R 239 -46.39 1.27 16.12
N PRO R 240 -47.27 2.10 16.69
CA PRO R 240 -47.24 2.32 18.15
C PRO R 240 -47.46 1.07 18.98
N LYS R 241 -48.29 0.13 18.51
CA LYS R 241 -48.56 -1.10 19.24
C LYS R 241 -48.44 -2.28 18.29
N PRO R 242 -47.20 -2.69 17.97
CA PRO R 242 -47.04 -3.80 17.02
C PRO R 242 -47.62 -5.12 17.49
N ILE R 243 -47.58 -5.40 18.78
CA ILE R 243 -48.03 -6.67 19.34
C ILE R 243 -49.05 -6.40 20.42
N PRO R 244 -50.27 -6.93 20.33
CA PRO R 244 -51.26 -6.72 21.38
C PRO R 244 -50.91 -7.50 22.64
N GLY R 245 -51.44 -7.03 23.76
CA GLY R 245 -51.28 -7.73 25.03
C GLY R 245 -50.25 -7.12 25.95
N ASN R 246 -49.59 -7.97 26.73
CA ASN R 246 -48.60 -7.52 27.72
C ASN R 246 -47.23 -7.31 27.10
N TRP R 247 -47.16 -6.43 26.11
CA TRP R 247 -45.90 -6.08 25.47
C TRP R 247 -45.84 -4.57 25.27
N ASN R 248 -44.64 -4.00 25.42
CA ASN R 248 -44.48 -2.57 25.40
C ASN R 248 -44.79 -1.97 24.03
N GLY R 249 -45.30 -0.74 24.04
CA GLY R 249 -45.52 0.01 22.82
C GLY R 249 -44.28 0.74 22.37
N ALA R 250 -44.46 1.57 21.35
CA ALA R 250 -43.35 2.32 20.75
C ALA R 250 -43.69 3.81 20.74
N GLY R 251 -42.80 4.62 21.30
CA GLY R 251 -42.98 6.05 21.38
C GLY R 251 -41.87 6.82 20.70
N CYS R 252 -42.04 8.14 20.69
CA CYS R 252 -41.10 9.05 20.04
C CYS R 252 -40.81 10.24 20.96
N HIS R 253 -40.44 9.95 22.20
CA HIS R 253 -40.18 10.97 23.21
C HIS R 253 -39.33 12.10 22.66
N THR R 254 -39.74 13.33 22.96
CA THR R 254 -39.12 14.54 22.42
C THR R 254 -38.56 15.37 23.57
N ASN R 255 -37.33 15.84 23.40
CA ASN R 255 -36.69 16.72 24.37
C ASN R 255 -36.57 18.12 23.77
N PHE R 256 -36.95 19.12 24.56
CA PHE R 256 -37.01 20.50 24.10
C PHE R 256 -36.25 21.41 25.05
N SER R 257 -35.54 22.38 24.50
CA SER R 257 -34.79 23.35 25.29
C SER R 257 -34.54 24.59 24.45
N THR R 258 -34.40 25.72 25.14
CA THR R 258 -34.06 27.00 24.53
C THR R 258 -32.78 27.55 25.17
N LYS R 259 -32.28 28.64 24.59
CA LYS R 259 -31.06 29.25 25.11
C LYS R 259 -31.26 29.74 26.53
N ALA R 260 -32.40 30.36 26.81
CA ALA R 260 -32.68 30.81 28.17
C ALA R 260 -32.81 29.63 29.13
N MET R 261 -33.36 28.51 28.63
CA MET R 261 -33.50 27.32 29.47
C MET R 261 -32.15 26.73 29.84
N ARG R 262 -31.18 26.78 28.92
CA ARG R 262 -29.88 26.16 29.14
C ARG R 262 -28.97 26.98 30.02
N GLU R 263 -29.24 28.27 30.22
CA GLU R 263 -28.39 29.11 31.04
C GLU R 263 -28.69 28.88 32.52
N GLU R 264 -27.91 29.56 33.36
CA GLU R 264 -28.06 29.42 34.80
C GLU R 264 -29.45 29.87 35.25
N ASN R 265 -30.00 29.14 36.23
CA ASN R 265 -31.35 29.38 36.74
C ASN R 265 -32.40 29.32 35.62
N GLY R 266 -32.16 28.45 34.63
CA GLY R 266 -33.11 28.26 33.55
C GLY R 266 -34.30 27.39 33.90
N LEU R 267 -34.30 26.78 35.08
CA LEU R 267 -35.42 25.93 35.49
C LEU R 267 -36.71 26.73 35.57
N LYS R 268 -36.63 28.04 35.84
CA LYS R 268 -37.82 28.87 35.88
C LYS R 268 -38.51 28.89 34.53
N TYR R 269 -37.74 29.04 33.45
CA TYR R 269 -38.32 29.04 32.11
C TYR R 269 -38.90 27.67 31.76
N ILE R 270 -38.30 26.60 32.26
CA ILE R 270 -38.83 25.26 32.00
C ILE R 270 -40.23 25.12 32.58
N GLU R 271 -40.44 25.62 33.79
CA GLU R 271 -41.73 25.50 34.44
C GLU R 271 -42.79 26.34 33.74
N GLU R 272 -42.42 27.51 33.23
CA GLU R 272 -43.37 28.32 32.47
C GLU R 272 -43.82 27.61 31.20
N ALA R 273 -42.87 26.98 30.49
CA ALA R 273 -43.22 26.25 29.28
C ALA R 273 -44.14 25.07 29.59
N ILE R 274 -43.84 24.34 30.66
CA ILE R 274 -44.69 23.22 31.05
C ILE R 274 -46.08 23.73 31.45
N GLU R 275 -46.13 24.88 32.12
CA GLU R 275 -47.41 25.47 32.49
C GLU R 275 -48.25 25.78 31.26
N LYS R 276 -47.63 26.33 30.22
CA LYS R 276 -48.35 26.63 28.99
C LYS R 276 -48.85 25.36 28.31
N LEU R 277 -48.03 24.30 28.33
CA LEU R 277 -48.40 23.06 27.66
C LEU R 277 -49.62 22.40 28.31
N SER R 278 -49.84 22.66 29.60
CA SER R 278 -50.94 22.02 30.30
C SER R 278 -52.31 22.49 29.81
N LYS R 279 -52.36 23.61 29.10
CA LYS R 279 -53.63 24.17 28.64
C LYS R 279 -54.04 23.66 27.26
N ARG R 280 -53.14 23.01 26.53
CA ARG R 280 -53.39 22.62 25.14
C ARG R 280 -53.14 21.12 24.95
N HIS R 281 -53.71 20.32 25.85
CA HIS R 281 -53.50 18.87 25.78
C HIS R 281 -54.12 18.28 24.51
N GLN R 282 -55.35 18.69 24.19
CA GLN R 282 -56.03 18.12 23.03
C GLN R 282 -55.37 18.57 21.72
N TYR R 283 -54.90 19.81 21.68
CA TYR R 283 -54.26 20.30 20.46
C TYR R 283 -53.00 19.51 20.14
N HIS R 284 -52.20 19.21 21.16
CA HIS R 284 -50.95 18.49 20.92
C HIS R 284 -51.18 17.02 20.62
N ILE R 285 -52.21 16.41 21.21
CA ILE R 285 -52.53 15.02 20.90
C ILE R 285 -52.88 14.87 19.43
N ARG R 286 -53.64 15.82 18.88
CA ARG R 286 -53.97 15.81 17.46
C ARG R 286 -52.72 15.95 16.60
N ALA R 287 -51.80 16.83 17.01
CA ALA R 287 -50.62 17.11 16.22
C ALA R 287 -49.55 16.02 16.33
N TYR R 288 -49.63 15.15 17.32
CA TYR R 288 -48.62 14.15 17.57
C TYR R 288 -48.86 12.85 16.81
N ASP R 289 -49.89 12.80 15.96
CA ASP R 289 -50.22 11.58 15.25
C ASP R 289 -50.60 11.91 13.81
N PRO R 290 -50.10 11.15 12.83
CA PRO R 290 -50.47 11.41 11.43
C PRO R 290 -51.94 11.16 11.14
N LYS R 291 -52.64 10.39 11.97
CA LYS R 291 -54.05 10.09 11.75
C LYS R 291 -54.97 10.84 12.71
N GLY R 292 -54.45 11.84 13.42
CA GLY R 292 -55.26 12.63 14.33
C GLY R 292 -55.29 12.16 15.76
N GLY R 293 -54.64 11.03 16.07
CA GLY R 293 -54.59 10.56 17.45
C GLY R 293 -55.05 9.13 17.64
N LEU R 294 -55.57 8.51 16.56
CA LEU R 294 -56.08 7.16 16.67
C LEU R 294 -54.97 6.16 16.94
N ASP R 295 -53.82 6.31 16.29
CA ASP R 295 -52.72 5.37 16.47
C ASP R 295 -52.19 5.39 17.90
N ASN R 296 -52.01 6.58 18.46
CA ASN R 296 -51.46 6.70 19.81
C ASN R 296 -52.43 6.20 20.89
N ALA R 297 -53.71 6.01 20.55
CA ALA R 297 -54.66 5.51 21.54
C ALA R 297 -54.35 4.08 21.96
N ARG R 298 -53.81 3.27 21.04
CA ARG R 298 -53.49 1.89 21.36
C ARG R 298 -52.29 1.77 22.29
N ARG R 299 -51.46 2.81 22.39
CA ARG R 299 -50.26 2.77 23.22
C ARG R 299 -50.45 3.48 24.55
N LEU R 300 -50.97 4.70 24.54
CA LEU R 300 -51.12 5.49 25.76
C LEU R 300 -52.37 5.03 26.50
N THR R 301 -52.19 3.98 27.30
CA THR R 301 -53.26 3.41 28.10
C THR R 301 -53.00 3.50 29.60
N GLY R 302 -51.93 4.16 30.01
CA GLY R 302 -51.59 4.28 31.41
C GLY R 302 -50.78 3.15 31.99
N PHE R 303 -50.44 2.14 31.18
CA PHE R 303 -49.67 1.00 31.63
C PHE R 303 -48.33 0.95 30.90
N HIS R 304 -47.40 0.17 31.46
CA HIS R 304 -46.08 -0.06 30.87
C HIS R 304 -45.30 1.25 30.74
N GLU R 305 -45.22 1.98 31.84
CA GLU R 305 -44.49 3.25 31.90
C GLU R 305 -44.98 4.24 30.84
N THR R 306 -46.30 4.33 30.71
CA THR R 306 -46.92 5.27 29.77
C THR R 306 -48.01 6.05 30.50
N SER R 307 -48.26 7.25 30.00
CA SER R 307 -49.30 8.11 30.55
C SER R 307 -50.61 7.91 29.81
N ASN R 308 -51.70 8.38 30.42
CA ASN R 308 -53.02 8.24 29.82
C ASN R 308 -53.15 9.16 28.60
N ILE R 309 -53.91 8.71 27.61
CA ILE R 309 -54.03 9.45 26.36
C ILE R 309 -54.80 10.75 26.57
N ASN R 310 -55.83 10.73 27.42
CA ASN R 310 -56.71 11.87 27.62
C ASN R 310 -56.52 12.50 29.01
N ASP R 311 -55.28 12.57 29.47
CA ASP R 311 -54.98 13.18 30.76
C ASP R 311 -53.59 13.79 30.70
N PHE R 312 -53.40 14.88 31.43
CA PHE R 312 -52.14 15.59 31.47
C PHE R 312 -51.55 15.51 32.87
N SER R 313 -50.24 15.26 32.96
CA SER R 313 -49.54 15.24 34.23
C SER R 313 -48.07 15.56 33.98
N ALA R 314 -47.44 16.17 34.98
CA ALA R 314 -46.04 16.54 34.88
C ALA R 314 -45.37 16.29 36.23
N GLY R 315 -44.07 16.05 36.19
CA GLY R 315 -43.32 15.82 37.42
C GLY R 315 -41.85 15.64 37.11
N VAL R 316 -41.05 15.76 38.16
CA VAL R 316 -39.60 15.56 38.03
C VAL R 316 -39.29 14.10 38.28
N ALA R 317 -38.42 13.53 37.44
CA ALA R 317 -37.99 12.14 37.54
C ALA R 317 -39.17 11.17 37.54
N ASN R 318 -40.27 11.55 36.87
CA ASN R 318 -41.47 10.73 36.81
C ASN R 318 -41.62 10.21 35.38
N ARG R 319 -41.49 8.89 35.21
CA ARG R 319 -41.59 8.28 33.91
C ARG R 319 -43.02 7.87 33.55
N SER R 320 -43.99 8.11 34.44
CA SER R 320 -45.39 7.81 34.17
C SER R 320 -46.20 9.05 33.81
N ALA R 321 -45.58 10.22 33.78
CA ALA R 321 -46.27 11.47 33.49
C ALA R 321 -46.12 11.82 32.01
N SER R 322 -46.96 12.75 31.56
CA SER R 322 -46.88 13.22 30.18
C SER R 322 -45.57 13.95 29.93
N ILE R 323 -45.14 14.78 30.86
CA ILE R 323 -43.89 15.52 30.75
C ILE R 323 -43.02 15.18 31.95
N ARG R 324 -41.77 14.81 31.69
CA ARG R 324 -40.83 14.42 32.73
C ARG R 324 -39.65 15.39 32.75
N ILE R 325 -39.31 15.88 33.93
CA ILE R 325 -38.12 16.68 34.13
C ILE R 325 -37.03 15.77 34.67
N PRO R 326 -35.88 15.66 34.00
CA PRO R 326 -34.80 14.81 34.51
C PRO R 326 -34.32 15.28 35.88
N ARG R 327 -33.94 14.32 36.72
CA ARG R 327 -33.50 14.65 38.07
C ARG R 327 -32.23 15.50 38.04
N THR R 328 -31.32 15.21 37.12
CA THR R 328 -30.12 16.01 36.98
C THR R 328 -30.45 17.45 36.62
N VAL R 329 -31.43 17.63 35.71
CA VAL R 329 -31.84 18.98 35.33
C VAL R 329 -32.40 19.72 36.53
N GLY R 330 -33.22 19.05 37.34
CA GLY R 330 -33.80 19.72 38.50
C GLY R 330 -32.77 20.13 39.52
N GLN R 331 -31.74 19.31 39.72
CA GLN R 331 -30.72 19.64 40.71
C GLN R 331 -29.86 20.81 40.25
N GLU R 332 -29.52 20.86 38.96
CA GLU R 332 -28.68 21.93 38.44
C GLU R 332 -29.47 23.17 38.06
N LYS R 333 -30.80 23.14 38.18
CA LYS R 333 -31.66 24.29 37.92
C LYS R 333 -31.58 24.76 36.47
N LYS R 334 -31.14 23.88 35.57
CA LYS R 334 -31.05 24.21 34.16
C LYS R 334 -31.05 22.92 33.35
N GLY R 335 -31.37 23.06 32.07
CA GLY R 335 -31.37 21.91 31.18
C GLY R 335 -32.52 21.87 30.20
N TYR R 336 -33.29 20.79 30.23
CA TYR R 336 -34.37 20.57 29.26
C TYR R 336 -35.46 19.75 29.94
N PHE R 337 -36.51 19.46 29.18
CA PHE R 337 -37.59 18.60 29.64
C PHE R 337 -38.03 17.70 28.50
N GLU R 338 -38.66 16.58 28.85
CA GLU R 338 -38.98 15.52 27.90
C GLU R 338 -40.50 15.39 27.79
N ASP R 339 -40.98 15.34 26.55
CA ASP R 339 -42.39 15.09 26.27
C ASP R 339 -42.54 13.63 25.85
N ARG R 340 -43.39 12.89 26.57
CA ARG R 340 -43.52 11.46 26.39
C ARG R 340 -44.79 11.05 25.65
N ARG R 341 -45.54 12.01 25.13
CA ARG R 341 -46.80 11.74 24.45
C ARG R 341 -46.67 11.25 23.01
N PRO R 342 -45.78 11.83 22.17
CA PRO R 342 -45.80 11.45 20.75
C PRO R 342 -45.55 9.97 20.52
N SER R 343 -46.23 9.42 19.53
CA SER R 343 -46.09 8.02 19.16
C SER R 343 -44.96 7.82 18.16
N ALA R 344 -44.61 6.55 17.93
CA ALA R 344 -43.43 6.22 17.14
C ALA R 344 -43.57 6.62 15.67
N ASN R 345 -44.80 6.76 15.16
CA ASN R 345 -45.02 7.10 13.76
C ASN R 345 -45.36 8.57 13.57
N CYS R 346 -44.95 9.42 14.50
CA CYS R 346 -45.24 10.85 14.40
C CYS R 346 -44.38 11.51 13.33
N ASP R 347 -44.85 12.66 12.86
CA ASP R 347 -44.08 13.47 11.92
C ASP R 347 -43.26 14.49 12.71
N PRO R 348 -41.93 14.46 12.62
CA PRO R 348 -41.13 15.41 13.41
C PRO R 348 -41.41 16.87 13.08
N PHE R 349 -41.74 17.18 11.83
CA PHE R 349 -42.05 18.57 11.49
C PHE R 349 -43.32 19.04 12.21
N SER R 350 -44.32 18.16 12.31
CA SER R 350 -45.54 18.53 13.02
C SER R 350 -45.29 18.66 14.52
N VAL R 351 -44.48 17.78 15.08
CA VAL R 351 -44.26 17.77 16.53
C VAL R 351 -43.47 19.00 16.96
N THR R 352 -42.39 19.30 16.23
CA THR R 352 -41.55 20.43 16.61
C THR R 352 -42.28 21.76 16.45
N GLU R 353 -43.11 21.88 15.42
CA GLU R 353 -43.85 23.12 15.20
C GLU R 353 -44.84 23.37 16.33
N ALA R 354 -45.52 22.32 16.79
CA ALA R 354 -46.52 22.51 17.84
C ALA R 354 -45.87 22.99 19.14
N LEU R 355 -44.70 22.47 19.47
CA LEU R 355 -44.01 22.89 20.69
C LEU R 355 -43.64 24.37 20.62
N ILE R 356 -43.14 24.81 19.47
CA ILE R 356 -42.73 26.21 19.32
C ILE R 356 -43.94 27.13 19.43
N ARG R 357 -45.06 26.74 18.80
CA ARG R 357 -46.25 27.59 18.80
C ARG R 357 -46.78 27.82 20.20
N THR R 358 -46.89 26.74 21.00
CA THR R 358 -47.47 26.85 22.33
C THR R 358 -46.53 27.52 23.32
N CYS R 359 -45.25 27.15 23.30
CA CYS R 359 -44.32 27.57 24.34
C CYS R 359 -43.65 28.92 24.05
N LEU R 360 -43.35 29.20 22.78
CA LEU R 360 -42.63 30.42 22.44
C LEU R 360 -43.50 31.51 21.83
N LEU R 361 -44.48 31.16 21.01
CA LEU R 361 -45.35 32.14 20.39
C LEU R 361 -46.63 32.38 21.18
N ASN R 362 -46.83 31.65 22.27
CA ASN R 362 -47.97 31.86 23.19
C ASN R 362 -49.30 31.78 22.45
N GLU R 363 -49.38 30.85 21.50
CA GLU R 363 -50.61 30.66 20.76
C GLU R 363 -51.66 29.98 21.62
N THR R 364 -52.93 30.29 21.36
CA THR R 364 -54.05 29.74 22.09
C THR R 364 -55.17 29.40 21.11
N GLY R 365 -55.90 28.33 21.42
CA GLY R 365 -57.00 27.90 20.58
C GLY R 365 -56.78 26.52 19.99
N ASP R 366 -57.74 26.11 19.19
CA ASP R 366 -57.71 24.80 18.53
C ASP R 366 -57.16 24.87 17.11
N GLU R 367 -56.78 26.04 16.63
CA GLU R 367 -56.26 26.18 15.29
C GLU R 367 -54.99 27.02 15.29
N PRO R 368 -54.04 26.71 14.40
CA PRO R 368 -52.84 27.53 14.31
C PRO R 368 -53.15 28.92 13.78
N PHE R 369 -52.36 29.89 14.23
CA PHE R 369 -52.50 31.25 13.74
C PHE R 369 -51.98 31.35 12.32
N GLN R 370 -52.77 31.96 11.43
CA GLN R 370 -52.44 31.94 10.02
C GLN R 370 -51.51 33.08 9.61
N TYR R 371 -51.70 34.26 10.19
CA TYR R 371 -50.98 35.46 9.72
C TYR R 371 -49.53 35.41 10.21
N LYS R 372 -48.77 34.48 9.61
CA LYS R 372 -47.32 34.34 9.79
C LYS R 372 -46.87 34.62 11.21
N ASN R 373 -47.59 34.03 12.17
CA ASN R 373 -47.26 34.18 13.58
C ASN R 373 -47.86 33.08 14.44
N THR S 2 -36.32 -21.37 -7.96
CA THR S 2 -36.63 -20.06 -8.51
C THR S 2 -35.41 -19.43 -9.16
N THR S 3 -34.23 -19.76 -8.65
CA THR S 3 -32.97 -19.33 -9.23
C THR S 3 -32.29 -20.51 -9.91
N SER S 4 -31.42 -20.19 -10.86
CA SER S 4 -30.78 -21.22 -11.66
C SER S 4 -29.76 -22.01 -10.82
N ALA S 5 -29.49 -23.23 -11.28
CA ALA S 5 -28.49 -24.05 -10.61
C ALA S 5 -27.09 -23.46 -10.70
N SER S 6 -26.82 -22.71 -11.77
CA SER S 6 -25.52 -22.05 -11.91
C SER S 6 -25.31 -21.01 -10.80
N SER S 7 -26.38 -20.36 -10.36
CA SER S 7 -26.26 -19.36 -9.31
C SER S 7 -25.95 -19.96 -7.94
N HIS S 8 -26.10 -21.27 -7.78
CA HIS S 8 -25.82 -21.93 -6.51
C HIS S 8 -24.38 -22.40 -6.40
N LEU S 9 -23.57 -22.24 -7.43
CA LEU S 9 -22.17 -22.57 -7.33
C LEU S 9 -21.45 -21.57 -6.43
N ASN S 10 -20.32 -22.02 -5.87
CA ASN S 10 -19.55 -21.18 -4.96
C ASN S 10 -18.91 -20.05 -5.73
N LYS S 11 -19.43 -18.83 -5.54
CA LYS S 11 -18.90 -17.67 -6.24
C LYS S 11 -17.57 -17.21 -5.68
N GLY S 12 -17.24 -17.59 -4.44
CA GLY S 12 -15.92 -17.27 -3.90
C GLY S 12 -14.81 -17.94 -4.68
N ILE S 13 -15.08 -19.14 -5.20
CA ILE S 13 -14.09 -19.85 -6.01
C ILE S 13 -13.77 -19.05 -7.26
N LYS S 14 -14.79 -18.50 -7.90
CA LYS S 14 -14.58 -17.75 -9.14
C LYS S 14 -13.73 -16.51 -8.91
N GLN S 15 -13.93 -15.82 -7.78
CA GLN S 15 -13.17 -14.61 -7.52
C GLN S 15 -11.68 -14.89 -7.35
N VAL S 16 -11.33 -16.06 -6.80
CA VAL S 16 -9.92 -16.41 -6.65
C VAL S 16 -9.24 -16.50 -8.02
N TYR S 17 -9.91 -17.13 -8.98
CA TYR S 17 -9.36 -17.24 -10.32
C TYR S 17 -9.31 -15.88 -11.02
N MET S 18 -10.35 -15.06 -10.82
CA MET S 18 -10.38 -13.75 -11.45
C MET S 18 -9.34 -12.78 -10.87
N SER S 19 -8.74 -13.13 -9.73
CA SER S 19 -7.73 -12.26 -9.13
C SER S 19 -6.34 -12.52 -9.69
N LEU S 20 -6.15 -13.53 -10.51
CA LEU S 20 -4.84 -13.81 -11.08
C LEU S 20 -4.46 -12.69 -12.06
N PRO S 21 -3.20 -12.25 -12.06
CA PRO S 21 -2.78 -11.26 -13.05
C PRO S 21 -2.96 -11.79 -14.47
N GLN S 22 -3.42 -10.92 -15.35
CA GLN S 22 -3.79 -11.36 -16.69
C GLN S 22 -2.57 -11.56 -17.57
N GLY S 23 -1.66 -10.59 -17.61
CA GLY S 23 -0.52 -10.66 -18.50
C GLY S 23 -0.62 -9.71 -19.67
N GLU S 24 -0.16 -10.14 -20.84
CA GLU S 24 -0.13 -9.29 -22.02
C GLU S 24 -1.36 -9.44 -22.91
N LYS S 25 -1.96 -10.61 -22.97
CA LYS S 25 -3.08 -10.84 -23.86
C LYS S 25 -4.32 -10.12 -23.36
N VAL S 26 -5.22 -9.81 -24.30
CA VAL S 26 -6.45 -9.07 -24.01
C VAL S 26 -7.62 -9.85 -24.58
N GLN S 27 -8.70 -9.94 -23.80
CA GLN S 27 -9.91 -10.61 -24.24
C GLN S 27 -10.90 -9.59 -24.81
N ALA S 28 -11.54 -9.96 -25.91
CA ALA S 28 -12.56 -9.13 -26.54
C ALA S 28 -13.81 -9.96 -26.76
N MET S 29 -14.95 -9.43 -26.38
CA MET S 29 -16.23 -10.12 -26.52
C MET S 29 -17.04 -9.47 -27.63
N TYR S 30 -17.39 -10.26 -28.63
CA TYR S 30 -18.17 -9.77 -29.77
C TYR S 30 -19.66 -10.04 -29.53
N ILE S 31 -20.48 -9.01 -29.72
CA ILE S 31 -21.90 -9.08 -29.45
C ILE S 31 -22.67 -8.68 -30.70
N TRP S 32 -23.71 -9.45 -31.03
CA TRP S 32 -24.53 -9.15 -32.19
C TRP S 32 -25.97 -9.59 -31.93
N ILE S 33 -26.86 -9.19 -32.84
CA ILE S 33 -28.29 -9.47 -32.74
C ILE S 33 -28.63 -10.62 -33.67
N ASP S 34 -29.41 -11.58 -33.17
CA ASP S 34 -29.75 -12.78 -33.92
C ASP S 34 -30.94 -12.54 -34.84
N GLY S 35 -31.48 -13.61 -35.41
CA GLY S 35 -32.52 -13.51 -36.42
C GLY S 35 -33.91 -13.23 -35.89
N THR S 36 -34.12 -13.30 -34.58
CA THR S 36 -35.40 -12.96 -34.01
C THR S 36 -35.60 -11.46 -33.86
N GLY S 37 -34.53 -10.68 -33.97
CA GLY S 37 -34.63 -9.24 -33.77
C GLY S 37 -34.69 -8.81 -32.32
N GLU S 38 -34.62 -9.73 -31.39
CA GLU S 38 -34.70 -9.45 -29.96
C GLU S 38 -33.55 -10.05 -29.17
N GLY S 39 -33.06 -11.21 -29.56
CA GLY S 39 -32.02 -11.88 -28.81
C GLY S 39 -30.63 -11.34 -29.10
N LEU S 40 -29.72 -11.65 -28.19
CA LEU S 40 -28.33 -11.26 -28.31
C LEU S 40 -27.43 -12.49 -28.19
N ARG S 41 -26.32 -12.47 -28.93
CA ARG S 41 -25.35 -13.55 -28.91
C ARG S 41 -23.96 -12.98 -28.68
N CYS S 42 -23.07 -13.81 -28.14
CA CYS S 42 -21.73 -13.33 -27.82
C CYS S 42 -20.74 -14.49 -27.83
N LYS S 43 -19.48 -14.15 -28.10
CA LYS S 43 -18.36 -15.07 -27.96
C LYS S 43 -17.08 -14.25 -27.85
N THR S 44 -16.02 -14.91 -27.39
CA THR S 44 -14.79 -14.24 -26.98
C THR S 44 -13.61 -14.74 -27.80
N ARG S 45 -12.65 -13.83 -28.05
CA ARG S 45 -11.39 -14.17 -28.69
C ARG S 45 -10.26 -13.43 -27.97
N THR S 46 -9.04 -13.90 -28.20
CA THR S 46 -7.85 -13.36 -27.56
C THR S 46 -7.12 -12.45 -28.53
N LEU S 47 -6.68 -11.29 -28.05
CA LEU S 47 -5.91 -10.34 -28.84
C LEU S 47 -4.52 -10.17 -28.24
N ASP S 48 -3.55 -9.84 -29.09
CA ASP S 48 -2.17 -9.74 -28.63
C ASP S 48 -1.92 -8.47 -27.82
N SER S 49 -2.66 -7.40 -28.09
CA SER S 49 -2.44 -6.14 -27.40
C SER S 49 -3.76 -5.39 -27.29
N GLU S 50 -3.80 -4.44 -26.38
CA GLU S 50 -5.03 -3.69 -26.14
C GLU S 50 -5.29 -2.75 -27.31
N PRO S 51 -6.45 -2.85 -27.96
CA PRO S 51 -6.78 -1.90 -29.03
C PRO S 51 -7.18 -0.55 -28.45
N LYS S 52 -6.85 0.51 -29.19
CA LYS S 52 -7.18 1.87 -28.75
C LYS S 52 -8.39 2.44 -29.46
N CYS S 53 -8.71 1.96 -30.66
CA CYS S 53 -9.87 2.43 -31.39
C CYS S 53 -10.57 1.23 -32.01
N VAL S 54 -11.86 1.41 -32.30
CA VAL S 54 -12.67 0.31 -32.83
C VAL S 54 -12.22 -0.07 -34.24
N GLU S 55 -11.57 0.86 -34.95
CA GLU S 55 -11.21 0.60 -36.34
C GLU S 55 -10.13 -0.44 -36.50
N GLU S 56 -9.39 -0.77 -35.44
CA GLU S 56 -8.30 -1.73 -35.53
C GLU S 56 -8.66 -3.09 -34.95
N LEU S 57 -9.93 -3.37 -34.72
CA LEU S 57 -10.35 -4.73 -34.38
C LEU S 57 -10.52 -5.55 -35.65
N PRO S 58 -10.06 -6.80 -35.65
CA PRO S 58 -10.25 -7.66 -36.82
C PRO S 58 -11.70 -8.08 -36.97
N GLU S 59 -12.07 -8.38 -38.21
CA GLU S 59 -13.40 -8.91 -38.48
C GLU S 59 -13.46 -10.38 -38.06
N TRP S 60 -14.69 -10.86 -37.83
CA TRP S 60 -14.89 -12.24 -37.42
C TRP S 60 -16.08 -12.84 -38.15
N ASN S 61 -16.47 -14.05 -37.77
CA ASN S 61 -17.54 -14.75 -38.44
C ASN S 61 -18.19 -15.73 -37.47
N PHE S 62 -19.38 -16.21 -37.84
CA PHE S 62 -20.10 -17.18 -37.04
C PHE S 62 -21.00 -17.99 -37.95
N ASP S 63 -21.47 -19.12 -37.44
CA ASP S 63 -22.34 -20.02 -38.19
C ASP S 63 -23.78 -19.54 -38.05
N GLY S 64 -24.33 -19.01 -39.13
CA GLY S 64 -25.69 -18.49 -39.10
C GLY S 64 -26.78 -19.54 -39.14
N SER S 65 -26.43 -20.79 -39.44
CA SER S 65 -27.42 -21.85 -39.47
C SER S 65 -27.96 -22.19 -38.09
N SER S 66 -27.17 -21.97 -37.04
CA SER S 66 -27.58 -22.24 -35.68
C SER S 66 -28.20 -21.02 -34.99
N THR S 67 -28.31 -19.90 -35.69
CA THR S 67 -28.96 -18.71 -35.17
C THR S 67 -30.16 -18.29 -35.99
N LEU S 68 -30.63 -19.14 -36.89
CA LEU S 68 -31.80 -18.85 -37.75
C LEU S 68 -31.59 -17.58 -38.55
N GLN S 69 -30.42 -17.47 -39.17
CA GLN S 69 -30.09 -16.30 -39.98
C GLN S 69 -29.54 -16.65 -41.36
N SER S 70 -29.32 -17.92 -41.66
CA SER S 70 -28.70 -18.30 -42.92
C SER S 70 -29.29 -19.61 -43.41
N GLU S 71 -28.91 -19.98 -44.63
CA GLU S 71 -29.35 -21.22 -45.26
C GLU S 71 -28.37 -22.33 -44.90
N GLY S 72 -28.50 -23.47 -45.58
CA GLY S 72 -27.65 -24.62 -45.29
C GLY S 72 -26.27 -24.55 -45.90
N SER S 73 -26.20 -24.44 -47.23
CA SER S 73 -24.90 -24.49 -47.90
C SER S 73 -24.04 -23.28 -47.55
N ASN S 74 -24.59 -22.08 -47.67
CA ASN S 74 -23.87 -20.85 -47.36
C ASN S 74 -24.38 -20.36 -46.00
N SER S 75 -23.76 -20.88 -44.94
CA SER S 75 -24.19 -20.59 -43.58
C SER S 75 -23.34 -19.54 -42.88
N ASP S 76 -22.15 -19.25 -43.39
CA ASP S 76 -21.26 -18.31 -42.71
C ASP S 76 -21.79 -16.89 -42.82
N MET S 77 -21.71 -16.16 -41.72
CA MET S 77 -22.02 -14.74 -41.68
C MET S 77 -20.84 -13.99 -41.07
N TYR S 78 -20.74 -12.70 -41.36
CA TYR S 78 -19.61 -11.89 -40.96
C TYR S 78 -19.99 -10.90 -39.87
N LEU S 79 -19.07 -10.69 -38.94
CA LEU S 79 -19.24 -9.71 -37.87
C LEU S 79 -18.28 -8.57 -38.11
N VAL S 80 -18.81 -7.36 -38.23
CA VAL S 80 -18.02 -6.16 -38.46
C VAL S 80 -18.14 -5.28 -37.22
N PRO S 81 -17.05 -5.03 -36.49
CA PRO S 81 -17.15 -4.21 -35.28
C PRO S 81 -17.67 -2.82 -35.57
N ALA S 82 -18.49 -2.32 -34.66
CA ALA S 82 -19.11 -1.00 -34.80
C ALA S 82 -18.84 -0.09 -33.61
N ALA S 83 -18.79 -0.61 -32.40
CA ALA S 83 -18.57 0.20 -31.21
C ALA S 83 -17.75 -0.59 -30.21
N MET S 84 -17.04 0.14 -29.34
CA MET S 84 -16.17 -0.45 -28.34
C MET S 84 -16.54 0.10 -26.96
N PHE S 85 -16.46 -0.75 -25.95
CA PHE S 85 -16.69 -0.36 -24.57
C PHE S 85 -15.76 -1.14 -23.66
N ARG S 86 -15.52 -0.59 -22.47
CA ARG S 86 -14.78 -1.32 -21.46
C ARG S 86 -15.63 -2.46 -20.90
N ASP S 87 -14.96 -3.55 -20.55
CA ASP S 87 -15.65 -4.75 -20.07
C ASP S 87 -15.79 -4.66 -18.55
N PRO S 88 -17.01 -4.55 -18.02
CA PRO S 88 -17.16 -4.49 -16.55
C PRO S 88 -17.09 -5.85 -15.87
N PHE S 89 -17.22 -6.94 -16.61
CA PHE S 89 -17.18 -8.27 -16.02
C PHE S 89 -15.77 -8.83 -15.97
N ARG S 90 -14.84 -8.29 -16.75
CA ARG S 90 -13.46 -8.70 -16.72
C ARG S 90 -12.50 -7.56 -16.42
N LYS S 91 -12.99 -6.32 -16.35
CA LYS S 91 -12.18 -5.14 -16.04
C LYS S 91 -11.16 -4.85 -17.12
N ASP S 92 -10.44 -3.74 -16.99
CA ASP S 92 -9.46 -3.35 -17.98
C ASP S 92 -8.32 -4.37 -18.02
N PRO S 93 -7.70 -4.57 -19.19
CA PRO S 93 -7.92 -3.88 -20.47
C PRO S 93 -8.90 -4.60 -21.41
N ASN S 94 -9.73 -5.49 -20.90
CA ASN S 94 -10.64 -6.23 -21.76
C ASN S 94 -11.77 -5.34 -22.26
N LYS S 95 -12.32 -5.70 -23.41
CA LYS S 95 -13.26 -4.84 -24.13
C LYS S 95 -14.52 -5.60 -24.52
N LEU S 96 -15.60 -4.85 -24.70
CA LEU S 96 -16.83 -5.34 -25.30
C LEU S 96 -17.00 -4.70 -26.67
N VAL S 97 -17.37 -5.51 -27.65
CA VAL S 97 -17.46 -5.05 -29.04
C VAL S 97 -18.86 -5.35 -29.55
N LEU S 98 -19.56 -4.32 -29.99
CA LEU S 98 -20.85 -4.47 -30.66
C LEU S 98 -20.63 -4.45 -32.16
N CYS S 99 -21.20 -5.44 -32.86
CA CYS S 99 -20.89 -5.66 -34.26
C CYS S 99 -22.15 -5.67 -35.09
N GLU S 100 -21.98 -5.43 -36.39
CA GLU S 100 -23.04 -5.58 -37.37
C GLU S 100 -22.91 -6.92 -38.07
N VAL S 101 -24.03 -7.41 -38.61
CA VAL S 101 -24.11 -8.72 -39.23
C VAL S 101 -24.30 -8.57 -40.73
N PHE S 102 -23.45 -9.24 -41.50
CA PHE S 102 -23.56 -9.29 -42.95
C PHE S 102 -23.53 -10.74 -43.40
N LYS S 103 -24.32 -11.05 -44.42
CA LYS S 103 -24.37 -12.40 -44.95
C LYS S 103 -23.18 -12.62 -45.88
N TYR S 104 -23.11 -13.81 -46.50
CA TYR S 104 -21.89 -14.25 -47.15
C TYR S 104 -21.53 -13.38 -48.35
N ASN S 105 -22.51 -12.80 -49.03
CA ASN S 105 -22.25 -11.94 -50.17
C ASN S 105 -22.09 -10.48 -49.78
N ARG S 106 -21.68 -10.21 -48.54
CA ARG S 106 -21.41 -8.89 -47.99
C ARG S 106 -22.64 -7.99 -47.97
N ARG S 107 -23.84 -8.55 -48.02
CA ARG S 107 -25.04 -7.75 -47.90
C ARG S 107 -25.52 -7.73 -46.44
N PRO S 108 -26.17 -6.65 -46.02
CA PRO S 108 -26.67 -6.59 -44.64
C PRO S 108 -27.71 -7.67 -44.38
N ALA S 109 -27.73 -8.16 -43.14
CA ALA S 109 -28.68 -9.19 -42.75
C ALA S 109 -30.08 -8.58 -42.62
N GLU S 110 -31.07 -9.47 -42.49
CA GLU S 110 -32.45 -9.03 -42.39
C GLU S 110 -32.69 -8.22 -41.13
N THR S 111 -32.08 -8.62 -40.02
CA THR S 111 -32.23 -7.93 -38.75
C THR S 111 -31.19 -6.84 -38.54
N ASN S 112 -30.32 -6.61 -39.53
CA ASN S 112 -29.30 -5.56 -39.44
C ASN S 112 -29.96 -4.25 -39.84
N LEU S 113 -30.50 -3.54 -38.84
CA LEU S 113 -31.15 -2.26 -39.06
C LEU S 113 -30.22 -1.08 -38.84
N ARG S 114 -29.02 -1.31 -38.32
CA ARG S 114 -28.10 -0.20 -38.08
C ARG S 114 -27.53 0.35 -39.38
N HIS S 115 -27.46 -0.47 -40.43
CA HIS S 115 -26.88 -0.02 -41.69
C HIS S 115 -27.68 1.12 -42.30
N THR S 116 -29.00 0.98 -42.34
CA THR S 116 -29.83 2.04 -42.91
C THR S 116 -29.96 3.23 -41.98
N CYS S 117 -30.06 2.97 -40.67
CA CYS S 117 -30.23 4.06 -39.71
C CYS S 117 -29.02 4.98 -39.69
N LYS S 118 -27.82 4.42 -39.83
CA LYS S 118 -26.61 5.24 -39.83
C LYS S 118 -26.59 6.20 -41.01
N ARG S 119 -27.00 5.72 -42.19
CA ARG S 119 -27.03 6.60 -43.36
C ARG S 119 -28.04 7.72 -43.19
N ILE S 120 -29.19 7.42 -42.59
CA ILE S 120 -30.20 8.45 -42.34
C ILE S 120 -29.67 9.47 -41.34
N MET S 121 -28.93 9.00 -40.33
CA MET S 121 -28.37 9.91 -39.33
C MET S 121 -27.40 10.91 -39.96
N ASP S 122 -26.59 10.45 -40.91
CA ASP S 122 -25.58 11.32 -41.50
C ASP S 122 -26.20 12.42 -42.34
N MET S 123 -27.43 12.21 -42.82
CA MET S 123 -28.06 13.21 -43.67
C MET S 123 -28.57 14.41 -42.89
N VAL S 124 -28.78 14.28 -41.59
CA VAL S 124 -29.29 15.37 -40.76
C VAL S 124 -28.32 15.64 -39.64
N SER S 125 -27.04 15.35 -39.87
CA SER S 125 -26.01 15.49 -38.84
C SER S 125 -25.87 16.92 -38.37
N ASN S 126 -26.10 17.89 -39.26
CA ASN S 126 -25.94 19.29 -38.91
C ASN S 126 -27.02 19.77 -37.94
N GLN S 127 -28.17 19.08 -37.88
CA GLN S 127 -29.24 19.46 -36.97
C GLN S 127 -29.07 18.89 -35.58
N HIS S 128 -28.14 17.95 -35.39
CA HIS S 128 -27.80 17.37 -34.09
C HIS S 128 -29.03 16.84 -33.36
N PRO S 129 -29.65 15.76 -33.85
CA PRO S 129 -30.80 15.19 -33.12
C PRO S 129 -30.34 14.48 -31.85
N TRP S 130 -31.11 14.62 -30.79
CA TRP S 130 -30.85 13.98 -29.52
C TRP S 130 -32.00 13.06 -29.17
N PHE S 131 -31.69 11.95 -28.49
CA PHE S 131 -32.68 10.95 -28.14
C PHE S 131 -32.59 10.59 -26.66
N GLY S 132 -33.73 10.21 -26.09
CA GLY S 132 -33.79 9.68 -24.74
C GLY S 132 -34.78 8.54 -24.63
N MET S 133 -34.33 7.36 -24.20
CA MET S 133 -35.17 6.18 -24.09
C MET S 133 -35.27 5.76 -22.63
N GLU S 134 -36.46 5.34 -22.22
CA GLU S 134 -36.71 4.82 -20.88
C GLU S 134 -37.07 3.34 -21.02
N GLN S 135 -36.15 2.47 -20.64
CA GLN S 135 -36.34 1.04 -20.81
C GLN S 135 -36.91 0.43 -19.53
N GLU S 136 -38.03 -0.27 -19.67
CA GLU S 136 -38.67 -0.96 -18.56
C GLU S 136 -38.51 -2.47 -18.71
N TYR S 137 -38.47 -3.16 -17.57
CA TYR S 137 -38.27 -4.61 -17.57
C TYR S 137 -38.80 -5.18 -16.27
N THR S 138 -38.96 -6.51 -16.26
CA THR S 138 -39.43 -7.24 -15.10
C THR S 138 -38.44 -8.35 -14.77
N LEU S 139 -38.15 -8.52 -13.49
CA LEU S 139 -37.27 -9.58 -13.03
C LEU S 139 -38.09 -10.85 -12.79
N MET S 140 -37.65 -11.95 -13.38
CA MET S 140 -38.41 -13.19 -13.37
C MET S 140 -37.55 -14.32 -12.84
N GLY S 141 -38.19 -15.23 -12.10
CA GLY S 141 -37.51 -16.43 -11.67
C GLY S 141 -37.43 -17.46 -12.79
N THR S 142 -36.61 -18.49 -12.55
CA THR S 142 -36.45 -19.54 -13.56
C THR S 142 -37.71 -20.39 -13.71
N ASP S 143 -38.67 -20.26 -12.81
CA ASP S 143 -39.92 -21.01 -12.87
C ASP S 143 -40.99 -20.31 -13.70
N GLY S 144 -40.70 -19.16 -14.27
CA GLY S 144 -41.67 -18.44 -15.09
C GLY S 144 -42.57 -17.49 -14.34
N HIS S 145 -42.23 -17.11 -13.12
CA HIS S 145 -43.04 -16.19 -12.33
C HIS S 145 -42.19 -15.04 -11.82
N PRO S 146 -42.78 -13.87 -11.58
CA PRO S 146 -41.98 -12.71 -11.18
C PRO S 146 -41.18 -12.98 -9.91
N PHE S 147 -39.95 -12.47 -9.88
CA PHE S 147 -39.06 -12.73 -8.77
C PHE S 147 -39.61 -12.13 -7.48
N GLY S 148 -39.60 -12.94 -6.41
CA GLY S 148 -40.05 -12.48 -5.12
C GLY S 148 -41.55 -12.58 -4.89
N TRP S 149 -42.32 -12.98 -5.88
CA TRP S 149 -43.76 -13.10 -5.71
C TRP S 149 -44.10 -14.38 -4.94
N PRO S 150 -45.24 -14.41 -4.25
CA PRO S 150 -45.62 -15.63 -3.54
C PRO S 150 -45.81 -16.79 -4.52
N SER S 151 -45.47 -17.99 -4.05
CA SER S 151 -45.61 -19.18 -4.88
C SER S 151 -47.08 -19.43 -5.19
N ASN S 152 -47.41 -19.41 -6.49
CA ASN S 152 -48.79 -19.59 -6.96
C ASN S 152 -49.74 -18.58 -6.35
N GLY S 153 -49.25 -17.36 -6.13
CA GLY S 153 -50.07 -16.32 -5.52
C GLY S 153 -49.72 -14.93 -6.02
N PHE S 154 -50.30 -13.92 -5.39
CA PHE S 154 -50.09 -12.54 -5.79
C PHE S 154 -49.75 -11.69 -4.57
N PRO S 155 -49.00 -10.62 -4.77
CA PRO S 155 -48.79 -9.66 -3.68
C PRO S 155 -49.98 -8.73 -3.52
N GLY S 156 -49.87 -7.74 -2.64
CA GLY S 156 -50.95 -6.82 -2.41
C GLY S 156 -51.24 -5.95 -3.61
N PRO S 157 -52.31 -5.16 -3.54
CA PRO S 157 -52.67 -4.30 -4.67
C PRO S 157 -51.62 -3.23 -4.90
N GLN S 158 -51.62 -2.68 -6.12
CA GLN S 158 -50.63 -1.69 -6.52
C GLN S 158 -50.82 -0.40 -5.72
N GLY S 159 -49.76 0.41 -5.70
CA GLY S 159 -49.79 1.68 -5.03
C GLY S 159 -48.62 1.97 -4.10
N PRO S 160 -48.16 0.98 -3.33
CA PRO S 160 -46.97 1.18 -2.51
C PRO S 160 -45.65 0.77 -3.14
N TYR S 161 -45.65 0.25 -4.37
CA TYR S 161 -44.42 -0.25 -4.96
C TYR S 161 -43.72 0.78 -5.84
N TYR S 162 -44.41 1.81 -6.30
CA TYR S 162 -43.79 2.80 -7.17
C TYR S 162 -42.77 3.61 -6.39
N CYS S 163 -41.51 3.52 -6.79
CA CYS S 163 -40.40 4.21 -6.13
C CYS S 163 -40.34 3.85 -4.64
N GLY S 164 -40.66 2.59 -4.33
CA GLY S 164 -40.74 2.17 -2.96
C GLY S 164 -39.40 1.81 -2.35
N VAL S 165 -39.37 1.76 -1.02
CA VAL S 165 -38.20 1.36 -0.26
C VAL S 165 -38.64 0.42 0.86
N GLY S 166 -37.84 -0.61 1.10
CA GLY S 166 -38.18 -1.58 2.13
C GLY S 166 -38.21 -3.00 1.60
N ALA S 167 -38.10 -3.97 2.51
CA ALA S 167 -38.05 -5.37 2.09
C ALA S 167 -39.37 -5.84 1.49
N ASP S 168 -40.48 -5.20 1.86
CA ASP S 168 -41.79 -5.59 1.37
C ASP S 168 -42.29 -4.72 0.22
N ARG S 169 -41.44 -3.82 -0.29
CA ARG S 169 -41.87 -2.91 -1.34
C ARG S 169 -41.00 -2.94 -2.58
N ALA S 170 -39.72 -3.31 -2.47
CA ALA S 170 -38.82 -3.37 -3.61
C ALA S 170 -38.17 -4.75 -3.66
N TYR S 171 -38.27 -5.41 -4.81
CA TYR S 171 -37.72 -6.74 -5.00
C TYR S 171 -36.53 -6.67 -5.95
N GLY S 172 -35.42 -7.30 -5.56
CA GLY S 172 -34.27 -7.40 -6.42
C GLY S 172 -33.52 -6.11 -6.68
N ARG S 173 -33.35 -5.25 -5.67
CA ARG S 173 -32.58 -4.04 -5.87
C ARG S 173 -31.10 -4.32 -6.10
N ASP S 174 -30.61 -5.48 -5.70
CA ASP S 174 -29.20 -5.81 -5.90
C ASP S 174 -28.84 -5.85 -7.37
N ILE S 175 -29.71 -6.40 -8.20
CA ILE S 175 -29.47 -6.41 -9.64
C ILE S 175 -29.42 -4.99 -10.18
N VAL S 176 -30.33 -4.14 -9.73
CA VAL S 176 -30.39 -2.76 -10.23
C VAL S 176 -29.12 -2.01 -9.85
N GLU S 177 -28.67 -2.15 -8.60
CA GLU S 177 -27.46 -1.46 -8.16
C GLU S 177 -26.24 -1.93 -8.93
N ALA S 178 -26.12 -3.24 -9.14
CA ALA S 178 -24.99 -3.78 -9.88
C ALA S 178 -25.03 -3.33 -11.34
N HIS S 179 -26.21 -3.32 -11.94
CA HIS S 179 -26.34 -2.89 -13.34
C HIS S 179 -25.95 -1.44 -13.51
N TYR S 180 -26.33 -0.59 -12.55
CA TYR S 180 -25.99 0.83 -12.64
C TYR S 180 -24.48 1.04 -12.62
N ARG S 181 -23.78 0.34 -11.72
CA ARG S 181 -22.33 0.48 -11.64
C ARG S 181 -21.65 -0.04 -12.91
N ALA S 182 -22.13 -1.17 -13.43
CA ALA S 182 -21.51 -1.75 -14.61
C ALA S 182 -21.65 -0.85 -15.83
N CYS S 183 -22.80 -0.21 -15.99
CA CYS S 183 -23.00 0.70 -17.12
C CYS S 183 -22.09 1.92 -17.01
N LEU S 184 -21.94 2.46 -15.80
CA LEU S 184 -21.05 3.61 -15.61
C LEU S 184 -19.61 3.24 -15.93
N TYR S 185 -19.16 2.07 -15.49
CA TYR S 185 -17.80 1.64 -15.74
C TYR S 185 -17.55 1.42 -17.23
N ALA S 186 -18.53 0.85 -17.93
CA ALA S 186 -18.36 0.53 -19.33
C ALA S 186 -18.39 1.76 -20.24
N GLY S 187 -18.94 2.87 -19.76
CA GLY S 187 -19.08 4.06 -20.57
C GLY S 187 -20.45 4.27 -21.18
N VAL S 188 -21.44 3.46 -20.80
CA VAL S 188 -22.80 3.65 -21.28
C VAL S 188 -23.41 4.85 -20.58
N LYS S 189 -24.07 5.72 -21.35
CA LYS S 189 -24.62 6.96 -20.83
C LYS S 189 -25.98 6.68 -20.16
N ILE S 190 -25.89 6.16 -18.94
CA ILE S 190 -27.07 5.86 -18.14
C ILE S 190 -27.43 7.09 -17.31
N ALA S 191 -28.71 7.46 -17.32
CA ALA S 191 -29.16 8.69 -16.70
C ALA S 191 -29.81 8.52 -15.34
N GLY S 192 -30.42 7.37 -15.05
CA GLY S 192 -31.06 7.17 -13.77
C GLY S 192 -31.95 5.95 -13.80
N THR S 193 -32.43 5.59 -12.61
CA THR S 193 -33.27 4.41 -12.42
C THR S 193 -34.36 4.71 -11.41
N ASN S 194 -35.43 3.92 -11.46
CA ASN S 194 -36.48 3.99 -10.45
C ASN S 194 -37.26 2.70 -10.46
N ALA S 195 -37.95 2.43 -9.36
CA ALA S 195 -38.84 1.29 -9.27
C ALA S 195 -40.20 1.63 -9.85
N GLU S 196 -40.85 0.63 -10.45
CA GLU S 196 -42.08 0.85 -11.19
C GLU S 196 -43.30 0.44 -10.35
N VAL S 197 -44.48 0.62 -10.94
CA VAL S 197 -45.73 0.35 -10.24
C VAL S 197 -45.83 -1.13 -9.87
N MET S 198 -45.51 -2.01 -10.80
CA MET S 198 -45.48 -3.44 -10.54
C MET S 198 -44.34 -3.77 -9.59
N PRO S 199 -44.58 -4.59 -8.57
CA PRO S 199 -43.45 -5.12 -7.78
C PRO S 199 -42.55 -5.97 -8.66
N ALA S 200 -41.26 -5.92 -8.38
CA ALA S 200 -40.19 -6.56 -9.16
C ALA S 200 -40.07 -6.00 -10.56
N GLN S 201 -40.64 -4.82 -10.82
CA GLN S 201 -40.52 -4.16 -12.11
C GLN S 201 -39.73 -2.87 -11.95
N TRP S 202 -38.80 -2.63 -12.87
CA TRP S 202 -37.88 -1.52 -12.76
C TRP S 202 -37.76 -0.81 -14.10
N GLU S 203 -36.97 0.26 -14.12
CA GLU S 203 -36.78 1.08 -15.30
C GLU S 203 -35.47 1.85 -15.18
N PHE S 204 -34.75 1.96 -16.29
CA PHE S 204 -33.56 2.80 -16.36
C PHE S 204 -33.62 3.67 -17.61
N GLN S 205 -32.93 4.80 -17.57
CA GLN S 205 -32.96 5.79 -18.63
C GLN S 205 -31.59 5.94 -19.26
N ILE S 206 -31.56 6.06 -20.59
CA ILE S 206 -30.34 6.24 -21.36
C ILE S 206 -30.46 7.53 -22.15
N GLY S 207 -29.45 8.39 -22.05
CA GLY S 207 -29.41 9.59 -22.84
C GLY S 207 -29.02 10.82 -22.03
N PRO S 208 -29.04 11.99 -22.68
CA PRO S 208 -29.35 12.22 -24.09
C PRO S 208 -28.18 11.82 -24.98
N CYS S 209 -28.43 11.14 -26.10
CA CYS S 209 -27.38 10.65 -26.97
C CYS S 209 -27.56 11.23 -28.36
N GLU S 210 -26.46 11.32 -29.10
CA GLU S 210 -26.45 12.00 -30.39
C GLU S 210 -26.51 10.99 -31.52
N GLY S 211 -27.58 11.07 -32.32
CA GLY S 211 -27.66 10.32 -33.57
C GLY S 211 -27.60 8.82 -33.37
N ILE S 212 -26.73 8.18 -34.16
CA ILE S 212 -26.65 6.72 -34.17
C ILE S 212 -26.11 6.18 -32.85
N SER S 213 -25.48 7.04 -32.05
CA SER S 213 -24.83 6.55 -30.84
C SER S 213 -25.81 5.97 -29.83
N MET S 214 -27.07 6.37 -29.87
CA MET S 214 -28.01 5.90 -28.86
C MET S 214 -28.43 4.45 -29.11
N GLY S 215 -28.61 4.08 -30.37
CA GLY S 215 -28.91 2.69 -30.67
C GLY S 215 -27.82 1.76 -30.17
N ASP S 216 -26.56 2.20 -30.28
CA ASP S 216 -25.46 1.40 -29.75
C ASP S 216 -25.50 1.35 -28.23
N HIS S 217 -25.80 2.47 -27.58
CA HIS S 217 -25.78 2.52 -26.12
C HIS S 217 -26.90 1.71 -25.50
N LEU S 218 -28.10 1.72 -26.10
CA LEU S 218 -29.21 0.96 -25.55
C LEU S 218 -28.97 -0.54 -25.65
N TRP S 219 -28.46 -1.00 -26.80
CA TRP S 219 -28.25 -2.44 -26.98
C TRP S 219 -27.20 -2.96 -26.02
N VAL S 220 -26.12 -2.21 -25.81
CA VAL S 220 -25.08 -2.64 -24.88
C VAL S 220 -25.61 -2.64 -23.45
N ALA S 221 -26.46 -1.66 -23.12
CA ALA S 221 -27.08 -1.65 -21.80
C ALA S 221 -27.97 -2.87 -21.61
N ARG S 222 -28.68 -3.28 -22.65
CA ARG S 222 -29.50 -4.47 -22.58
C ARG S 222 -28.65 -5.72 -22.35
N PHE S 223 -27.50 -5.79 -23.03
CA PHE S 223 -26.61 -6.93 -22.87
C PHE S 223 -26.09 -7.02 -21.45
N ILE S 224 -25.71 -5.88 -20.88
CA ILE S 224 -25.15 -5.86 -19.52
C ILE S 224 -26.20 -6.32 -18.52
N LEU S 225 -27.45 -5.92 -18.73
CA LEU S 225 -28.52 -6.35 -17.83
C LEU S 225 -28.69 -7.86 -17.85
N HIS S 226 -28.67 -8.46 -19.05
CA HIS S 226 -28.81 -9.91 -19.15
C HIS S 226 -27.63 -10.62 -18.50
N ARG S 227 -26.42 -10.12 -18.73
CA ARG S 227 -25.23 -10.74 -18.18
C ARG S 227 -25.19 -10.60 -16.66
N VAL S 228 -25.60 -9.45 -16.14
CA VAL S 228 -25.63 -9.27 -14.69
C VAL S 228 -26.69 -10.17 -14.07
N CYS S 229 -27.87 -10.24 -14.68
CA CYS S 229 -28.93 -11.10 -14.15
C CYS S 229 -28.53 -12.56 -14.19
N GLU S 230 -27.69 -12.95 -15.15
CA GLU S 230 -27.22 -14.32 -15.22
C GLU S 230 -26.38 -14.69 -14.01
N ASP S 231 -25.61 -13.74 -13.47
CA ASP S 231 -24.80 -14.02 -12.29
C ASP S 231 -25.68 -14.33 -11.08
N PHE S 232 -26.78 -13.58 -10.91
CA PHE S 232 -27.67 -13.79 -9.79
C PHE S 232 -28.65 -14.94 -9.99
N GLY S 233 -28.80 -15.43 -11.22
CA GLY S 233 -29.68 -16.54 -11.48
C GLY S 233 -31.10 -16.19 -11.80
N VAL S 234 -31.39 -14.95 -12.16
CA VAL S 234 -32.74 -14.52 -12.51
C VAL S 234 -32.78 -14.14 -13.98
N ILE S 235 -33.98 -13.91 -14.49
CA ILE S 235 -34.21 -13.61 -15.89
C ILE S 235 -34.87 -12.24 -16.01
N ALA S 236 -34.34 -11.40 -16.90
CA ALA S 236 -34.92 -10.11 -17.19
C ALA S 236 -35.66 -10.19 -18.52
N THR S 237 -36.93 -9.80 -18.51
CA THR S 237 -37.78 -9.87 -19.69
C THR S 237 -38.21 -8.48 -20.11
N PHE S 238 -38.23 -8.24 -21.42
CA PHE S 238 -38.73 -7.00 -21.99
C PHE S 238 -40.12 -7.15 -22.58
N ASP S 239 -40.84 -8.19 -22.19
CA ASP S 239 -42.17 -8.43 -22.75
C ASP S 239 -43.11 -7.29 -22.39
N PRO S 240 -43.89 -6.77 -23.33
CA PRO S 240 -44.77 -5.64 -23.02
C PRO S 240 -45.78 -5.92 -21.93
N LYS S 241 -46.31 -7.15 -21.85
CA LYS S 241 -47.32 -7.50 -20.84
C LYS S 241 -46.90 -8.81 -20.18
N PRO S 242 -45.95 -8.78 -19.26
CA PRO S 242 -45.49 -10.02 -18.63
C PRO S 242 -46.57 -10.79 -17.87
N ILE S 243 -47.50 -10.10 -17.22
CA ILE S 243 -48.53 -10.73 -16.41
C ILE S 243 -49.88 -10.13 -16.81
N PRO S 244 -50.88 -10.94 -17.14
CA PRO S 244 -52.19 -10.39 -17.50
C PRO S 244 -52.94 -9.87 -16.28
N GLY S 245 -53.93 -9.02 -16.56
CA GLY S 245 -54.80 -8.53 -15.51
C GLY S 245 -54.53 -7.09 -15.11
N ASN S 246 -54.82 -6.77 -13.85
CA ASN S 246 -54.65 -5.42 -13.32
C ASN S 246 -53.21 -5.16 -12.90
N TRP S 247 -52.28 -5.31 -13.85
CA TRP S 247 -50.87 -5.06 -13.60
C TRP S 247 -50.31 -4.26 -14.77
N ASN S 248 -49.40 -3.33 -14.48
CA ASN S 248 -48.90 -2.41 -15.49
C ASN S 248 -48.06 -3.14 -16.54
N GLY S 249 -48.07 -2.60 -17.76
CA GLY S 249 -47.24 -3.10 -18.83
C GLY S 249 -45.86 -2.47 -18.81
N ALA S 250 -45.11 -2.73 -19.88
CA ALA S 250 -43.74 -2.25 -20.01
C ALA S 250 -43.58 -1.51 -21.32
N GLY S 251 -43.06 -0.28 -21.25
CA GLY S 251 -42.88 0.56 -22.42
C GLY S 251 -41.44 0.99 -22.58
N CYS S 252 -41.19 1.70 -23.68
CA CYS S 252 -39.86 2.20 -24.04
C CYS S 252 -39.95 3.65 -24.50
N HIS S 253 -40.60 4.48 -23.69
CA HIS S 253 -40.83 5.89 -24.02
C HIS S 253 -39.58 6.56 -24.58
N THR S 254 -39.78 7.36 -25.63
CA THR S 254 -38.69 7.97 -26.38
C THR S 254 -38.79 9.48 -26.28
N ASN S 255 -37.67 10.13 -25.99
CA ASN S 255 -37.58 11.58 -25.97
C ASN S 255 -36.74 12.06 -27.15
N PHE S 256 -37.25 13.02 -27.90
CA PHE S 256 -36.61 13.50 -29.11
C PHE S 256 -36.45 15.01 -29.08
N SER S 257 -35.32 15.49 -29.58
CA SER S 257 -35.05 16.91 -29.65
C SER S 257 -34.01 17.19 -30.72
N THR S 258 -34.06 18.39 -31.28
CA THR S 258 -33.10 18.89 -32.24
C THR S 258 -32.48 20.18 -31.73
N LYS S 259 -31.43 20.63 -32.41
CA LYS S 259 -30.74 21.85 -31.98
C LYS S 259 -31.65 23.06 -32.11
N ALA S 260 -32.58 23.04 -33.06
CA ALA S 260 -33.55 24.12 -33.17
C ALA S 260 -34.55 24.09 -32.03
N MET S 261 -34.95 22.89 -31.60
CA MET S 261 -35.89 22.77 -30.49
C MET S 261 -35.26 23.23 -29.18
N ARG S 262 -33.98 22.98 -28.98
CA ARG S 262 -33.32 23.30 -27.72
C ARG S 262 -33.01 24.79 -27.56
N GLU S 263 -33.03 25.56 -28.64
CA GLU S 263 -32.75 26.99 -28.55
C GLU S 263 -33.99 27.76 -28.11
N GLU S 264 -33.82 29.06 -27.94
CA GLU S 264 -34.91 29.91 -27.47
C GLU S 264 -36.08 29.89 -28.46
N ASN S 265 -37.29 29.87 -27.93
CA ASN S 265 -38.52 29.79 -28.72
C ASN S 265 -38.54 28.57 -29.62
N GLY S 266 -37.95 27.47 -29.16
CA GLY S 266 -37.95 26.23 -29.90
C GLY S 266 -39.24 25.45 -29.81
N LEU S 267 -40.19 25.90 -28.99
CA LEU S 267 -41.47 25.20 -28.88
C LEU S 267 -42.23 25.21 -30.20
N LYS S 268 -41.99 26.22 -31.04
CA LYS S 268 -42.64 26.25 -32.35
C LYS S 268 -42.23 25.06 -33.20
N TYR S 269 -40.95 24.70 -33.17
CA TYR S 269 -40.50 23.52 -33.91
C TYR S 269 -41.04 22.23 -33.28
N ILE S 270 -41.21 22.21 -31.96
CA ILE S 270 -41.76 21.02 -31.30
C ILE S 270 -43.18 20.76 -31.79
N GLU S 271 -44.00 21.81 -31.88
CA GLU S 271 -45.37 21.65 -32.36
C GLU S 271 -45.38 21.27 -33.84
N GLU S 272 -44.42 21.76 -34.61
CA GLU S 272 -44.32 21.38 -36.02
C GLU S 272 -44.07 19.88 -36.17
N ALA S 273 -43.13 19.35 -35.38
CA ALA S 273 -42.82 17.92 -35.46
C ALA S 273 -44.01 17.08 -35.00
N ILE S 274 -44.69 17.50 -33.94
CA ILE S 274 -45.83 16.75 -33.43
C ILE S 274 -46.95 16.73 -34.47
N GLU S 275 -47.14 17.84 -35.18
CA GLU S 275 -48.14 17.89 -36.25
C GLU S 275 -47.84 16.87 -37.34
N LYS S 276 -46.57 16.75 -37.72
CA LYS S 276 -46.20 15.78 -38.73
C LYS S 276 -46.43 14.35 -38.25
N LEU S 277 -46.14 14.08 -36.97
CA LEU S 277 -46.32 12.74 -36.44
C LEU S 277 -47.77 12.30 -36.42
N SER S 278 -48.71 13.26 -36.34
CA SER S 278 -50.13 12.91 -36.26
C SER S 278 -50.65 12.29 -37.54
N LYS S 279 -49.93 12.43 -38.65
CA LYS S 279 -50.40 11.92 -39.94
C LYS S 279 -49.88 10.52 -40.26
N ARG S 280 -48.95 9.99 -39.47
CA ARG S 280 -48.32 8.71 -39.76
C ARG S 280 -48.41 7.78 -38.56
N HIS S 281 -49.61 7.69 -37.98
CA HIS S 281 -49.80 6.85 -36.79
C HIS S 281 -49.55 5.38 -37.09
N GLN S 282 -50.11 4.89 -38.21
CA GLN S 282 -49.98 3.46 -38.51
C GLN S 282 -48.56 3.10 -38.91
N TYR S 283 -47.86 4.01 -39.59
CA TYR S 283 -46.48 3.74 -39.98
C TYR S 283 -45.59 3.58 -38.75
N HIS S 284 -45.79 4.42 -37.75
CA HIS S 284 -44.94 4.36 -36.56
C HIS S 284 -45.29 3.18 -35.67
N ILE S 285 -46.57 2.77 -35.64
CA ILE S 285 -46.97 1.62 -34.84
C ILE S 285 -46.28 0.36 -35.34
N ARG S 286 -46.22 0.19 -36.67
CA ARG S 286 -45.54 -0.95 -37.24
C ARG S 286 -44.04 -0.91 -36.94
N ALA S 287 -43.44 0.27 -36.99
CA ALA S 287 -42.01 0.40 -36.75
C ALA S 287 -41.62 0.26 -35.29
N TYR S 288 -42.56 0.47 -34.37
CA TYR S 288 -42.28 0.45 -32.94
C TYR S 288 -42.36 -0.95 -32.34
N ASP S 289 -42.28 -2.01 -33.17
CA ASP S 289 -42.41 -3.35 -32.67
C ASP S 289 -41.69 -4.32 -33.60
N PRO S 290 -40.93 -5.28 -33.05
CA PRO S 290 -40.26 -6.27 -33.90
C PRO S 290 -41.21 -7.20 -34.63
N LYS S 291 -42.46 -7.32 -34.17
CA LYS S 291 -43.44 -8.21 -34.79
C LYS S 291 -44.48 -7.46 -35.60
N GLY S 292 -44.27 -6.18 -35.88
CA GLY S 292 -45.22 -5.41 -36.65
C GLY S 292 -46.33 -4.76 -35.85
N GLY S 293 -46.28 -4.81 -34.52
CA GLY S 293 -47.27 -4.16 -33.68
C GLY S 293 -48.12 -5.10 -32.86
N LEU S 294 -47.97 -6.42 -33.02
CA LEU S 294 -48.80 -7.35 -32.26
C LEU S 294 -48.44 -7.34 -30.78
N ASP S 295 -47.15 -7.24 -30.45
CA ASP S 295 -46.74 -7.25 -29.06
C ASP S 295 -47.29 -6.04 -28.31
N ASN S 296 -47.21 -4.85 -28.91
CA ASN S 296 -47.68 -3.64 -28.25
C ASN S 296 -49.20 -3.60 -28.09
N ALA S 297 -49.94 -4.47 -28.77
CA ALA S 297 -51.38 -4.49 -28.64
C ALA S 297 -51.83 -4.94 -27.25
N ARG S 298 -51.04 -5.82 -26.61
CA ARG S 298 -51.40 -6.29 -25.28
C ARG S 298 -51.18 -5.23 -24.20
N ARG S 299 -50.38 -4.21 -24.48
CA ARG S 299 -50.08 -3.18 -23.49
C ARG S 299 -50.88 -1.90 -23.71
N LEU S 300 -50.96 -1.41 -24.94
CA LEU S 300 -51.63 -0.15 -25.24
C LEU S 300 -53.13 -0.41 -25.37
N THR S 301 -53.77 -0.55 -24.21
CA THR S 301 -55.21 -0.75 -24.14
C THR S 301 -55.96 0.50 -23.67
N GLY S 302 -55.27 1.63 -23.53
CA GLY S 302 -55.91 2.84 -23.07
C GLY S 302 -56.05 2.97 -21.57
N PHE S 303 -55.51 2.02 -20.80
CA PHE S 303 -55.61 2.02 -19.35
C PHE S 303 -54.23 1.95 -18.73
N HIS S 304 -54.18 2.17 -17.42
CA HIS S 304 -52.94 2.15 -16.65
C HIS S 304 -51.94 3.17 -17.19
N GLU S 305 -52.41 4.41 -17.36
CA GLU S 305 -51.59 5.52 -17.84
C GLU S 305 -50.94 5.20 -19.19
N THR S 306 -51.75 4.63 -20.09
CA THR S 306 -51.31 4.33 -21.45
C THR S 306 -52.36 4.82 -22.44
N SER S 307 -51.90 5.13 -23.65
CA SER S 307 -52.77 5.57 -24.72
C SER S 307 -53.26 4.37 -25.54
N ASN S 308 -54.38 4.56 -26.23
CA ASN S 308 -54.93 3.49 -27.04
C ASN S 308 -54.06 3.23 -28.27
N ILE S 309 -54.09 1.98 -28.73
CA ILE S 309 -53.20 1.56 -29.81
C ILE S 309 -53.57 2.20 -31.13
N ASN S 310 -54.85 2.38 -31.41
CA ASN S 310 -55.33 2.75 -32.74
C ASN S 310 -55.88 4.18 -32.80
N ASP S 311 -55.26 5.10 -32.07
CA ASP S 311 -55.61 6.50 -32.19
C ASP S 311 -54.44 7.35 -31.73
N PHE S 312 -54.41 8.60 -32.19
CA PHE S 312 -53.34 9.53 -31.90
C PHE S 312 -53.87 10.69 -31.06
N SER S 313 -53.12 11.03 -30.02
CA SER S 313 -53.46 12.19 -29.18
C SER S 313 -52.17 12.80 -28.65
N ALA S 314 -52.23 14.09 -28.37
CA ALA S 314 -51.07 14.82 -27.86
C ALA S 314 -51.53 15.86 -26.87
N GLY S 315 -50.65 16.22 -25.95
CA GLY S 315 -50.96 17.22 -24.96
C GLY S 315 -49.75 17.53 -24.09
N VAL S 316 -49.83 18.68 -23.42
CA VAL S 316 -48.76 19.09 -22.52
C VAL S 316 -49.06 18.56 -21.12
N ALA S 317 -48.06 17.91 -20.52
CA ALA S 317 -48.19 17.32 -19.19
C ALA S 317 -49.35 16.33 -19.12
N ASN S 318 -49.55 15.59 -20.21
CA ASN S 318 -50.60 14.59 -20.30
C ASN S 318 -49.94 13.21 -20.46
N ARG S 319 -50.07 12.37 -19.42
CA ARG S 319 -49.47 11.06 -19.42
C ARG S 319 -50.37 9.99 -20.03
N SER S 320 -51.58 10.36 -20.48
CA SER S 320 -52.48 9.42 -21.11
C SER S 320 -52.49 9.55 -22.63
N ALA S 321 -51.70 10.45 -23.19
CA ALA S 321 -51.68 10.69 -24.64
C ALA S 321 -50.49 9.98 -25.27
N SER S 322 -50.55 9.85 -26.60
CA SER S 322 -49.45 9.25 -27.34
C SER S 322 -48.19 10.09 -27.23
N ILE S 323 -48.33 11.41 -27.33
CA ILE S 323 -47.21 12.35 -27.24
C ILE S 323 -47.45 13.27 -26.05
N ARG S 324 -46.44 13.41 -25.20
CA ARG S 324 -46.53 14.25 -24.01
C ARG S 324 -45.47 15.32 -24.07
N ILE S 325 -45.87 16.57 -23.88
CA ILE S 325 -44.95 17.69 -23.74
C ILE S 325 -44.77 17.97 -22.26
N PRO S 326 -43.55 17.91 -21.72
CA PRO S 326 -43.35 18.20 -20.31
C PRO S 326 -43.78 19.62 -19.97
N ARG S 327 -44.33 19.78 -18.76
CA ARG S 327 -44.83 21.09 -18.34
C ARG S 327 -43.70 22.11 -18.27
N THR S 328 -42.51 21.68 -17.82
CA THR S 328 -41.36 22.58 -17.78
C THR S 328 -40.98 23.03 -19.18
N VAL S 329 -41.02 22.12 -20.15
CA VAL S 329 -40.70 22.47 -21.53
C VAL S 329 -41.67 23.52 -22.05
N GLY S 330 -42.96 23.34 -21.77
CA GLY S 330 -43.95 24.30 -22.23
C GLY S 330 -43.79 25.67 -21.59
N GLN S 331 -43.36 25.72 -20.32
CA GLN S 331 -43.20 26.99 -19.65
C GLN S 331 -42.00 27.76 -20.17
N GLU S 332 -40.91 27.05 -20.48
CA GLU S 332 -39.70 27.70 -20.98
C GLU S 332 -39.68 27.84 -22.50
N LYS S 333 -40.70 27.34 -23.19
CA LYS S 333 -40.84 27.47 -24.64
C LYS S 333 -39.70 26.79 -25.40
N LYS S 334 -39.04 25.83 -24.75
CA LYS S 334 -37.96 25.09 -25.39
C LYS S 334 -37.76 23.77 -24.66
N GLY S 335 -37.11 22.83 -25.35
CA GLY S 335 -36.84 21.54 -24.75
C GLY S 335 -37.02 20.37 -25.69
N TYR S 336 -37.88 19.42 -25.30
CA TYR S 336 -38.08 18.20 -26.06
C TYR S 336 -39.51 17.73 -25.86
N PHE S 337 -39.85 16.62 -26.51
CA PHE S 337 -41.15 15.99 -26.34
C PHE S 337 -40.96 14.48 -26.27
N GLU S 338 -41.93 13.81 -25.66
CA GLU S 338 -41.83 12.38 -25.34
C GLU S 338 -42.85 11.59 -26.15
N ASP S 339 -42.40 10.50 -26.75
CA ASP S 339 -43.27 9.57 -27.46
C ASP S 339 -43.49 8.35 -26.56
N ARG S 340 -44.74 8.07 -26.23
CA ARG S 340 -45.09 7.03 -25.27
C ARG S 340 -45.61 5.76 -25.94
N ARG S 341 -45.56 5.68 -27.26
CA ARG S 341 -46.07 4.53 -28.00
C ARG S 341 -45.14 3.30 -28.03
N PRO S 342 -43.83 3.45 -28.20
CA PRO S 342 -42.98 2.26 -28.39
C PRO S 342 -43.06 1.27 -27.25
N SER S 343 -43.03 0.00 -27.60
CA SER S 343 -43.09 -1.08 -26.61
C SER S 343 -41.70 -1.39 -26.07
N ALA S 344 -41.68 -2.13 -24.95
CA ALA S 344 -40.44 -2.38 -24.23
C ALA S 344 -39.45 -3.24 -25.03
N ASN S 345 -39.93 -4.03 -25.97
CA ASN S 345 -39.06 -4.89 -26.78
C ASN S 345 -38.78 -4.30 -28.15
N CYS S 346 -38.86 -2.98 -28.29
CA CYS S 346 -38.62 -2.34 -29.57
C CYS S 346 -37.14 -2.35 -29.92
N ASP S 347 -36.85 -2.19 -31.21
CA ASP S 347 -35.49 -2.02 -31.68
C ASP S 347 -35.15 -0.54 -31.71
N PRO S 348 -34.16 -0.07 -30.95
CA PRO S 348 -33.86 1.37 -30.96
C PRO S 348 -33.46 1.91 -32.32
N PHE S 349 -32.79 1.11 -33.15
CA PHE S 349 -32.43 1.58 -34.49
C PHE S 349 -33.66 1.83 -35.34
N SER S 350 -34.67 0.97 -35.22
CA SER S 350 -35.90 1.16 -35.96
C SER S 350 -36.67 2.38 -35.46
N VAL S 351 -36.72 2.58 -34.14
CA VAL S 351 -37.51 3.67 -33.58
C VAL S 351 -36.89 5.01 -33.94
N THR S 352 -35.58 5.14 -33.76
CA THR S 352 -34.92 6.43 -34.02
C THR S 352 -35.00 6.80 -35.49
N GLU S 353 -34.86 5.82 -36.39
CA GLU S 353 -34.92 6.10 -37.82
C GLU S 353 -36.29 6.62 -38.24
N ALA S 354 -37.36 6.03 -37.69
CA ALA S 354 -38.70 6.44 -38.06
C ALA S 354 -38.98 7.89 -37.65
N LEU S 355 -38.50 8.29 -36.48
CA LEU S 355 -38.70 9.66 -36.02
C LEU S 355 -38.02 10.67 -36.95
N ILE S 356 -36.79 10.36 -37.37
CA ILE S 356 -36.06 11.26 -38.24
C ILE S 356 -36.74 11.38 -39.60
N ARG S 357 -37.21 10.25 -40.13
CA ARG S 357 -37.82 10.25 -41.46
C ARG S 357 -39.07 11.12 -41.50
N THR S 358 -39.95 10.98 -40.49
CA THR S 358 -41.21 11.72 -40.51
C THR S 358 -41.01 13.18 -40.15
N CYS S 359 -40.18 13.46 -39.14
CA CYS S 359 -40.09 14.82 -38.60
C CYS S 359 -39.05 15.68 -39.30
N LEU S 360 -37.94 15.09 -39.76
CA LEU S 360 -36.86 15.87 -40.33
C LEU S 360 -36.74 15.77 -41.84
N LEU S 361 -37.07 14.62 -42.43
CA LEU S 361 -37.01 14.46 -43.88
C LEU S 361 -38.36 14.60 -44.55
N ASN S 362 -39.42 14.86 -43.79
CA ASN S 362 -40.76 15.12 -44.33
C ASN S 362 -41.24 13.98 -45.24
N GLU S 363 -40.93 12.75 -44.85
CA GLU S 363 -41.36 11.59 -45.61
C GLU S 363 -42.86 11.40 -45.49
N THR S 364 -43.46 10.87 -46.55
CA THR S 364 -44.89 10.65 -46.62
C THR S 364 -45.16 9.30 -47.27
N GLY S 365 -46.09 8.55 -46.68
CA GLY S 365 -46.42 7.23 -47.19
C GLY S 365 -46.17 6.14 -46.16
N ASP S 366 -46.36 4.90 -46.61
CA ASP S 366 -46.19 3.73 -45.76
C ASP S 366 -44.86 3.03 -46.00
N GLU S 367 -44.13 3.40 -47.05
CA GLU S 367 -42.83 2.81 -47.32
C GLU S 367 -41.75 3.87 -47.17
N PRO S 368 -40.59 3.51 -46.65
CA PRO S 368 -39.47 4.45 -46.60
C PRO S 368 -38.95 4.74 -48.01
N PHE S 369 -38.40 5.94 -48.17
CA PHE S 369 -37.81 6.33 -49.45
C PHE S 369 -36.54 5.52 -49.69
N GLN S 370 -36.47 4.85 -50.85
CA GLN S 370 -35.40 3.89 -51.09
C GLN S 370 -34.04 4.57 -51.15
N TYR S 371 -33.95 5.72 -51.80
CA TYR S 371 -32.69 6.44 -51.89
C TYR S 371 -32.45 7.17 -50.57
N LYS S 372 -31.45 8.06 -50.55
CA LYS S 372 -31.16 8.83 -49.35
C LYS S 372 -32.39 9.57 -48.85
N ASN S 373 -33.12 10.20 -49.77
CA ASN S 373 -34.34 10.98 -49.53
C ASN S 373 -35.03 10.78 -48.17
N THR T 2 -26.09 -33.62 -7.22
CA THR T 2 -25.75 -32.86 -8.41
C THR T 2 -24.28 -32.44 -8.38
N THR T 3 -23.86 -31.82 -7.28
CA THR T 3 -22.47 -31.45 -7.07
C THR T 3 -21.86 -32.33 -5.99
N SER T 4 -20.54 -32.46 -6.05
CA SER T 4 -19.83 -33.36 -5.16
C SER T 4 -19.86 -32.84 -3.72
N ALA T 5 -19.69 -33.77 -2.78
CA ALA T 5 -19.64 -33.41 -1.36
C ALA T 5 -18.44 -32.54 -1.04
N SER T 6 -17.34 -32.73 -1.77
CA SER T 6 -16.15 -31.91 -1.55
C SER T 6 -16.42 -30.45 -1.88
N SER T 7 -17.32 -30.18 -2.82
CA SER T 7 -17.65 -28.81 -3.20
C SER T 7 -18.48 -28.08 -2.15
N HIS T 8 -19.07 -28.81 -1.19
CA HIS T 8 -19.86 -28.19 -0.14
C HIS T 8 -19.03 -27.83 1.09
N LEU T 9 -17.73 -28.12 1.08
CA LEU T 9 -16.87 -27.67 2.16
C LEU T 9 -16.70 -26.16 2.10
N ASN T 10 -16.37 -25.57 3.25
CA ASN T 10 -16.22 -24.13 3.37
C ASN T 10 -14.97 -23.70 2.62
N LYS T 11 -15.15 -23.07 1.46
CA LYS T 11 -14.02 -22.63 0.66
C LYS T 11 -13.31 -21.42 1.25
N GLY T 12 -13.99 -20.66 2.12
CA GLY T 12 -13.33 -19.56 2.79
C GLY T 12 -12.20 -20.01 3.69
N ILE T 13 -12.34 -21.17 4.31
CA ILE T 13 -11.30 -21.71 5.17
C ILE T 13 -10.04 -22.00 4.35
N LYS T 14 -10.21 -22.57 3.16
CA LYS T 14 -9.07 -22.91 2.32
C LYS T 14 -8.30 -21.66 1.91
N GLN T 15 -9.01 -20.59 1.57
CA GLN T 15 -8.34 -19.37 1.14
C GLN T 15 -7.48 -18.77 2.25
N VAL T 16 -7.87 -18.95 3.50
CA VAL T 16 -7.08 -18.45 4.62
C VAL T 16 -5.73 -19.15 4.65
N TYR T 17 -5.72 -20.47 4.46
CA TYR T 17 -4.48 -21.22 4.48
C TYR T 17 -3.60 -20.87 3.29
N MET T 18 -4.20 -20.69 2.11
CA MET T 18 -3.44 -20.37 0.91
C MET T 18 -2.85 -18.97 0.95
N SER T 19 -3.25 -18.13 1.90
CA SER T 19 -2.69 -16.79 2.02
C SER T 19 -1.38 -16.77 2.80
N LEU T 20 -0.98 -17.88 3.41
CA LEU T 20 0.26 -17.92 4.16
C LEU T 20 1.45 -17.84 3.21
N PRO T 21 2.48 -17.07 3.53
CA PRO T 21 3.69 -17.08 2.70
C PRO T 21 4.45 -18.38 2.86
N GLN T 22 4.72 -19.05 1.74
CA GLN T 22 5.28 -20.39 1.77
C GLN T 22 6.80 -20.40 1.98
N GLY T 23 7.47 -19.27 1.80
CA GLY T 23 8.89 -19.22 2.04
C GLY T 23 9.76 -19.52 0.84
N GLU T 24 10.80 -20.32 1.03
CA GLU T 24 11.79 -20.62 0.00
C GLU T 24 11.36 -21.81 -0.85
N LYS T 25 10.81 -22.86 -0.23
CA LYS T 25 10.52 -24.11 -0.92
C LYS T 25 9.48 -23.90 -2.02
N VAL T 26 9.58 -24.72 -3.06
CA VAL T 26 8.75 -24.61 -4.25
C VAL T 26 8.08 -25.95 -4.52
N GLN T 27 6.79 -25.89 -4.85
CA GLN T 27 6.01 -27.08 -5.18
C GLN T 27 5.97 -27.29 -6.69
N ALA T 28 6.13 -28.54 -7.10
CA ALA T 28 6.06 -28.93 -8.50
C ALA T 28 5.10 -30.09 -8.66
N MET T 29 4.18 -29.99 -9.61
CA MET T 29 3.17 -31.02 -9.85
C MET T 29 3.49 -31.72 -11.16
N TYR T 30 3.65 -33.04 -11.10
CA TYR T 30 3.98 -33.85 -12.26
C TYR T 30 2.70 -34.44 -12.85
N ILE T 31 2.52 -34.30 -14.16
CA ILE T 31 1.31 -34.74 -14.84
C ILE T 31 1.70 -35.69 -15.98
N TRP T 32 0.96 -36.78 -16.11
CA TRP T 32 1.23 -37.74 -17.17
C TRP T 32 -0.07 -38.42 -17.57
N ILE T 33 0.00 -39.18 -18.67
CA ILE T 33 -1.15 -39.87 -19.24
C ILE T 33 -1.10 -41.35 -18.84
N ASP T 34 -2.22 -41.89 -18.39
CA ASP T 34 -2.28 -43.25 -17.90
C ASP T 34 -2.46 -44.23 -19.05
N GLY T 35 -2.76 -45.49 -18.72
CA GLY T 35 -2.82 -46.55 -19.71
C GLY T 35 -4.09 -46.61 -20.52
N THR T 36 -5.11 -45.84 -20.16
CA THR T 36 -6.32 -45.80 -20.95
C THR T 36 -6.20 -44.90 -22.17
N GLY T 37 -5.17 -44.06 -22.24
CA GLY T 37 -4.99 -43.15 -23.34
C GLY T 37 -5.85 -41.91 -23.26
N GLU T 38 -6.66 -41.76 -22.23
CA GLU T 38 -7.53 -40.61 -22.06
C GLU T 38 -7.40 -39.95 -20.71
N GLY T 39 -7.08 -40.70 -19.65
CA GLY T 39 -7.02 -40.14 -18.32
C GLY T 39 -5.70 -39.47 -18.01
N LEU T 40 -5.72 -38.61 -17.01
CA LEU T 40 -4.56 -37.89 -16.54
C LEU T 40 -4.33 -38.18 -15.06
N ARG T 41 -3.06 -38.19 -14.66
CA ARG T 41 -2.68 -38.40 -13.29
C ARG T 41 -1.73 -37.29 -12.85
N CYS T 42 -1.72 -37.00 -11.55
CA CYS T 42 -0.92 -35.91 -11.02
C CYS T 42 -0.30 -36.32 -9.68
N LYS T 43 0.75 -35.61 -9.30
CA LYS T 43 1.52 -35.91 -8.10
C LYS T 43 2.45 -34.74 -7.84
N THR T 44 2.66 -34.42 -6.56
CA THR T 44 3.38 -33.22 -6.16
C THR T 44 4.62 -33.56 -5.36
N ARG T 45 5.68 -32.80 -5.57
CA ARG T 45 6.91 -32.91 -4.79
C ARG T 45 7.44 -31.51 -4.49
N THR T 46 8.33 -31.44 -3.50
CA THR T 46 8.91 -30.19 -3.05
C THR T 46 10.31 -30.03 -3.61
N LEU T 47 10.61 -28.82 -4.09
CA LEU T 47 11.94 -28.49 -4.61
C LEU T 47 12.56 -27.40 -3.75
N ASP T 48 13.89 -27.42 -3.68
CA ASP T 48 14.60 -26.48 -2.83
C ASP T 48 14.61 -25.07 -3.41
N SER T 49 14.61 -24.96 -4.74
CA SER T 49 14.68 -23.65 -5.39
C SER T 49 13.83 -23.67 -6.65
N GLU T 50 13.44 -22.49 -7.08
CA GLU T 50 12.61 -22.37 -8.28
C GLU T 50 13.42 -22.72 -9.52
N PRO T 51 12.99 -23.67 -10.34
CA PRO T 51 13.72 -23.99 -11.56
C PRO T 51 13.47 -22.97 -12.66
N LYS T 52 14.54 -22.61 -13.37
CA LYS T 52 14.43 -21.64 -14.44
C LYS T 52 13.98 -22.26 -15.75
N CYS T 53 14.39 -23.51 -16.03
CA CYS T 53 14.01 -24.18 -17.27
C CYS T 53 13.69 -25.63 -16.95
N VAL T 54 13.01 -26.29 -17.90
CA VAL T 54 12.58 -27.66 -17.70
C VAL T 54 13.75 -28.63 -17.63
N GLU T 55 14.92 -28.25 -18.13
CA GLU T 55 16.04 -29.17 -18.17
C GLU T 55 16.59 -29.49 -16.79
N GLU T 56 16.33 -28.63 -15.80
CA GLU T 56 16.88 -28.84 -14.47
C GLU T 56 15.88 -29.47 -13.50
N LEU T 57 14.75 -29.94 -13.98
CA LEU T 57 13.82 -30.69 -13.13
C LEU T 57 14.26 -32.15 -13.06
N PRO T 58 14.33 -32.71 -11.85
CA PRO T 58 14.74 -34.12 -11.72
C PRO T 58 13.69 -35.08 -12.23
N GLU T 59 14.15 -36.27 -12.60
CA GLU T 59 13.24 -37.34 -12.98
C GLU T 59 12.56 -37.92 -11.75
N TRP T 60 11.45 -38.61 -11.98
CA TRP T 60 10.67 -39.21 -10.90
C TRP T 60 10.17 -40.57 -11.38
N ASN T 61 9.33 -41.19 -10.57
CA ASN T 61 8.81 -42.52 -10.87
C ASN T 61 7.47 -42.70 -10.18
N PHE T 62 6.73 -43.72 -10.62
CA PHE T 62 5.44 -44.03 -10.03
C PHE T 62 5.16 -45.51 -10.23
N ASP T 63 4.18 -46.02 -9.47
CA ASP T 63 3.79 -47.42 -9.52
C ASP T 63 2.85 -47.62 -10.69
N GLY T 64 3.32 -48.32 -11.73
CA GLY T 64 2.51 -48.56 -12.90
C GLY T 64 1.44 -49.60 -12.74
N SER T 65 1.52 -50.45 -11.71
CA SER T 65 0.49 -51.46 -11.48
C SER T 65 -0.83 -50.85 -11.05
N SER T 66 -0.81 -49.68 -10.42
CA SER T 66 -2.02 -49.00 -10.01
C SER T 66 -2.66 -48.21 -11.14
N THR T 67 -1.95 -47.99 -12.24
CA THR T 67 -2.49 -47.29 -13.40
C THR T 67 -2.64 -48.20 -14.61
N LEU T 68 -2.63 -49.52 -14.41
CA LEU T 68 -2.84 -50.51 -15.48
C LEU T 68 -1.83 -50.33 -16.61
N GLN T 69 -0.63 -49.86 -16.27
CA GLN T 69 0.41 -49.63 -17.26
C GLN T 69 1.59 -50.58 -17.16
N SER T 70 1.59 -51.50 -16.20
CA SER T 70 2.73 -52.39 -16.04
C SER T 70 2.27 -53.69 -15.40
N GLU T 71 3.20 -54.65 -15.33
CA GLU T 71 2.92 -55.96 -14.77
C GLU T 71 3.24 -55.96 -13.27
N GLY T 72 3.27 -57.15 -12.67
CA GLY T 72 3.44 -57.27 -11.24
C GLY T 72 4.87 -57.08 -10.75
N SER T 73 5.80 -57.86 -11.29
CA SER T 73 7.17 -57.84 -10.79
C SER T 73 7.85 -56.50 -11.05
N ASN T 74 8.00 -56.14 -12.32
CA ASN T 74 8.61 -54.88 -12.71
C ASN T 74 7.48 -53.88 -12.97
N SER T 75 7.02 -53.23 -11.90
CA SER T 75 5.90 -52.31 -11.97
C SER T 75 6.31 -50.85 -12.02
N ASP T 76 7.54 -50.51 -11.67
CA ASP T 76 7.97 -49.12 -11.63
C ASP T 76 8.06 -48.55 -13.05
N MET T 77 7.57 -47.32 -13.21
CA MET T 77 7.70 -46.58 -14.45
C MET T 77 8.41 -45.26 -14.15
N TYR T 78 8.96 -44.65 -15.18
CA TYR T 78 9.75 -43.43 -15.03
C TYR T 78 9.03 -42.24 -15.66
N LEU T 79 9.13 -41.09 -15.00
CA LEU T 79 8.58 -39.85 -15.50
C LEU T 79 9.72 -38.94 -15.89
N VAL T 80 9.72 -38.50 -17.14
CA VAL T 80 10.75 -37.61 -17.67
C VAL T 80 10.08 -36.28 -18.03
N PRO T 81 10.44 -35.18 -17.37
CA PRO T 81 9.79 -33.90 -17.67
C PRO T 81 9.98 -33.49 -19.12
N ALA T 82 8.94 -32.89 -19.69
CA ALA T 82 8.95 -32.45 -21.08
C ALA T 82 8.59 -30.99 -21.25
N ALA T 83 7.66 -30.46 -20.45
CA ALA T 83 7.26 -29.07 -20.56
C ALA T 83 6.95 -28.53 -19.17
N MET T 84 7.09 -27.22 -19.01
CA MET T 84 6.88 -26.57 -17.72
C MET T 84 5.97 -25.37 -17.90
N PHE T 85 5.09 -25.15 -16.93
CA PHE T 85 4.15 -24.03 -16.96
C PHE T 85 3.99 -23.48 -15.56
N ARG T 86 3.54 -22.23 -15.48
CA ARG T 86 3.19 -21.65 -14.19
C ARG T 86 1.91 -22.28 -13.65
N ASP T 87 1.89 -22.46 -12.33
CA ASP T 87 0.76 -23.11 -11.68
C ASP T 87 -0.29 -22.07 -11.32
N PRO T 88 -1.51 -22.15 -11.84
CA PRO T 88 -2.53 -21.16 -11.47
C PRO T 88 -3.30 -21.49 -10.22
N PHE T 89 -3.37 -22.76 -9.82
CA PHE T 89 -4.12 -23.12 -8.62
C PHE T 89 -3.36 -22.75 -7.35
N ARG T 90 -2.04 -22.92 -7.36
CA ARG T 90 -1.16 -22.33 -6.37
C ARG T 90 -0.16 -21.49 -7.13
N LYS T 91 -0.08 -20.21 -6.79
CA LYS T 91 0.55 -19.22 -7.66
C LYS T 91 2.07 -19.37 -7.66
N ASP T 92 2.76 -18.41 -8.28
CA ASP T 92 4.21 -18.40 -8.40
C ASP T 92 4.86 -18.48 -7.03
N PRO T 93 6.01 -19.13 -6.90
CA PRO T 93 6.83 -19.74 -7.95
C PRO T 93 6.53 -21.20 -8.24
N ASN T 94 5.34 -21.70 -7.91
CA ASN T 94 5.03 -23.10 -8.15
C ASN T 94 4.79 -23.36 -9.63
N LYS T 95 5.05 -24.60 -10.05
CA LYS T 95 5.08 -24.95 -11.46
C LYS T 95 4.25 -26.20 -11.73
N LEU T 96 3.83 -26.34 -12.98
CA LEU T 96 3.21 -27.56 -13.50
C LEU T 96 4.15 -28.19 -14.51
N VAL T 97 4.33 -29.51 -14.40
CA VAL T 97 5.28 -30.24 -15.24
C VAL T 97 4.53 -31.34 -15.97
N LEU T 98 4.61 -31.32 -17.29
CA LEU T 98 4.09 -32.41 -18.12
C LEU T 98 5.24 -33.34 -18.48
N CYS T 99 5.02 -34.64 -18.30
CA CYS T 99 6.09 -35.62 -18.38
C CYS T 99 5.75 -36.73 -19.36
N GLU T 100 6.78 -37.41 -19.83
CA GLU T 100 6.62 -38.62 -20.63
C GLU T 100 6.82 -39.85 -19.75
N VAL T 101 6.25 -40.97 -20.18
CA VAL T 101 6.25 -42.21 -19.41
C VAL T 101 7.13 -43.23 -20.13
N PHE T 102 8.04 -43.84 -19.38
CA PHE T 102 8.91 -44.89 -19.90
C PHE T 102 8.85 -46.11 -19.00
N LYS T 103 9.06 -47.27 -19.59
CA LYS T 103 9.05 -48.52 -18.84
C LYS T 103 10.36 -48.69 -18.08
N TYR T 104 10.43 -49.76 -17.27
CA TYR T 104 11.60 -49.98 -16.43
C TYR T 104 12.87 -50.22 -17.25
N ASN T 105 12.74 -50.65 -18.50
CA ASN T 105 13.88 -50.83 -19.38
C ASN T 105 14.13 -49.63 -20.28
N ARG T 106 13.65 -48.45 -19.88
CA ARG T 106 13.79 -47.18 -20.59
C ARG T 106 13.12 -47.19 -21.96
N ARG T 107 12.24 -48.14 -22.23
CA ARG T 107 11.48 -48.11 -23.46
C ARG T 107 10.23 -47.24 -23.30
N PRO T 108 9.76 -46.61 -24.37
CA PRO T 108 8.55 -45.79 -24.26
C PRO T 108 7.34 -46.65 -23.91
N ALA T 109 6.42 -46.05 -23.15
CA ALA T 109 5.22 -46.74 -22.75
C ALA T 109 4.27 -46.91 -23.94
N GLU T 110 3.26 -47.76 -23.75
CA GLU T 110 2.31 -48.03 -24.83
C GLU T 110 1.52 -46.79 -25.21
N THR T 111 1.13 -45.98 -24.22
CA THR T 111 0.36 -44.77 -24.46
C THR T 111 1.26 -43.55 -24.66
N ASN T 112 2.58 -43.73 -24.65
CA ASN T 112 3.52 -42.63 -24.87
C ASN T 112 3.62 -42.41 -26.38
N LEU T 113 2.88 -41.44 -26.90
CA LEU T 113 2.90 -41.11 -28.31
C LEU T 113 3.73 -39.87 -28.63
N ARG T 114 4.12 -39.10 -27.62
CA ARG T 114 4.92 -37.91 -27.86
C ARG T 114 6.32 -38.25 -28.35
N HIS T 115 6.83 -39.43 -27.99
CA HIS T 115 8.18 -39.81 -28.38
C HIS T 115 8.32 -39.90 -29.89
N THR T 116 7.40 -40.59 -30.54
CA THR T 116 7.46 -40.72 -31.99
C THR T 116 7.06 -39.43 -32.69
N CYS T 117 6.08 -38.72 -32.15
CA CYS T 117 5.62 -37.48 -32.77
C CYS T 117 6.73 -36.43 -32.79
N LYS T 118 7.52 -36.35 -31.72
CA LYS T 118 8.58 -35.35 -31.65
C LYS T 118 9.63 -35.58 -32.74
N ARG T 119 10.00 -36.84 -32.99
CA ARG T 119 10.98 -37.13 -34.03
C ARG T 119 10.42 -36.76 -35.41
N ILE T 120 9.14 -37.03 -35.64
CA ILE T 120 8.51 -36.64 -36.90
C ILE T 120 8.48 -35.12 -37.03
N MET T 121 8.30 -34.42 -35.90
CA MET T 121 8.22 -32.97 -35.96
C MET T 121 9.54 -32.35 -36.38
N ASP T 122 10.66 -32.88 -35.86
CA ASP T 122 11.97 -32.36 -36.22
C ASP T 122 12.29 -32.61 -37.68
N MET T 123 11.59 -33.54 -38.31
CA MET T 123 11.83 -33.88 -39.71
C MET T 123 11.55 -32.69 -40.62
N VAL T 124 10.44 -31.98 -40.38
CA VAL T 124 9.98 -30.93 -41.27
C VAL T 124 10.00 -29.59 -40.53
N SER T 125 10.95 -29.44 -39.60
CA SER T 125 11.02 -28.23 -38.80
C SER T 125 11.24 -26.98 -39.65
N ASN T 126 11.89 -27.13 -40.81
CA ASN T 126 12.11 -25.99 -41.68
C ASN T 126 10.84 -25.50 -42.36
N GLN T 127 9.80 -26.33 -42.44
CA GLN T 127 8.55 -25.93 -43.06
C GLN T 127 7.60 -25.25 -42.08
N HIS T 128 7.90 -25.29 -40.79
CA HIS T 128 7.13 -24.58 -39.77
C HIS T 128 5.64 -24.91 -39.82
N PRO T 129 5.24 -26.14 -39.48
CA PRO T 129 3.81 -26.46 -39.45
C PRO T 129 3.13 -25.84 -38.25
N TRP T 130 1.91 -25.36 -38.44
CA TRP T 130 1.11 -24.75 -37.39
C TRP T 130 -0.18 -25.54 -37.20
N PHE T 131 -0.66 -25.59 -35.96
CA PHE T 131 -1.86 -26.34 -35.61
C PHE T 131 -2.80 -25.50 -34.76
N GLY T 132 -4.10 -25.73 -34.95
CA GLY T 132 -5.12 -25.13 -34.13
C GLY T 132 -6.27 -26.10 -33.92
N MET T 133 -6.62 -26.35 -32.67
CA MET T 133 -7.61 -27.36 -32.32
C MET T 133 -8.74 -26.74 -31.52
N GLU T 134 -9.96 -27.17 -31.81
CA GLU T 134 -11.17 -26.68 -31.15
C GLU T 134 -11.70 -27.82 -30.28
N GLN T 135 -11.52 -27.69 -28.96
CA GLN T 135 -11.91 -28.73 -28.03
C GLN T 135 -13.31 -28.45 -27.49
N GLU T 136 -14.22 -29.38 -27.70
CA GLU T 136 -15.58 -29.30 -27.18
C GLU T 136 -15.76 -30.25 -26.01
N TYR T 137 -16.62 -29.86 -25.08
CA TYR T 137 -16.85 -30.66 -23.89
C TYR T 137 -18.23 -30.34 -23.33
N THR T 138 -18.71 -31.21 -22.44
CA THR T 138 -19.99 -31.06 -21.79
C THR T 138 -19.79 -31.09 -20.28
N LEU T 139 -20.43 -30.16 -19.58
CA LEU T 139 -20.40 -30.14 -18.13
C LEU T 139 -21.51 -31.03 -17.58
N MET T 140 -21.14 -31.97 -16.73
CA MET T 140 -22.07 -32.95 -16.18
C MET T 140 -22.10 -32.85 -14.66
N GLY T 141 -23.29 -33.03 -14.10
CA GLY T 141 -23.40 -33.14 -12.67
C GLY T 141 -22.85 -34.46 -12.17
N THR T 142 -22.69 -34.54 -10.84
CA THR T 142 -22.12 -35.74 -10.24
C THR T 142 -23.06 -36.94 -10.33
N ASP T 143 -24.32 -36.74 -10.73
CA ASP T 143 -25.29 -37.81 -10.85
C ASP T 143 -25.32 -38.44 -12.24
N GLY T 144 -24.47 -37.99 -13.15
CA GLY T 144 -24.41 -38.55 -14.48
C GLY T 144 -25.29 -37.89 -15.51
N HIS T 145 -25.76 -36.68 -15.25
CA HIS T 145 -26.62 -35.94 -16.17
C HIS T 145 -26.04 -34.56 -16.43
N PRO T 146 -26.35 -33.94 -17.56
CA PRO T 146 -25.78 -32.62 -17.86
C PRO T 146 -26.12 -31.59 -16.78
N PHE T 147 -25.14 -30.75 -16.48
CA PHE T 147 -25.31 -29.77 -15.41
C PHE T 147 -26.39 -28.76 -15.77
N GLY T 148 -27.27 -28.49 -14.83
CA GLY T 148 -28.34 -27.53 -15.01
C GLY T 148 -29.57 -28.03 -15.73
N TRP T 149 -29.56 -29.28 -16.18
CA TRP T 149 -30.74 -29.81 -16.85
C TRP T 149 -31.82 -30.17 -15.84
N PRO T 150 -33.09 -30.17 -16.25
CA PRO T 150 -34.16 -30.58 -15.33
C PRO T 150 -33.96 -32.02 -14.87
N SER T 151 -34.28 -32.27 -13.61
CA SER T 151 -34.11 -33.61 -13.05
C SER T 151 -35.05 -34.58 -13.75
N ASN T 152 -34.47 -35.62 -14.35
CA ASN T 152 -35.21 -36.62 -15.12
C ASN T 152 -36.03 -35.99 -16.24
N GLY T 153 -35.48 -34.94 -16.86
CA GLY T 153 -36.19 -34.26 -17.91
C GLY T 153 -35.27 -33.60 -18.91
N PHE T 154 -35.82 -32.81 -19.83
CA PHE T 154 -35.06 -32.17 -20.88
C PHE T 154 -35.39 -30.70 -20.96
N PRO T 155 -34.45 -29.87 -21.41
CA PRO T 155 -34.78 -28.46 -21.68
C PRO T 155 -35.45 -28.30 -23.02
N GLY T 156 -35.71 -27.06 -23.42
CA GLY T 156 -36.37 -26.79 -24.69
C GLY T 156 -35.53 -27.22 -25.88
N PRO T 157 -36.13 -27.21 -27.06
CA PRO T 157 -35.39 -27.63 -28.26
C PRO T 157 -34.25 -26.66 -28.58
N GLN T 158 -33.29 -27.17 -29.34
CA GLN T 158 -32.08 -26.41 -29.64
C GLN T 158 -32.40 -25.18 -30.49
N GLY T 159 -31.47 -24.24 -30.49
CA GLY T 159 -31.61 -23.03 -31.26
C GLY T 159 -31.31 -21.74 -30.51
N PRO T 160 -31.75 -21.62 -29.25
CA PRO T 160 -31.38 -20.43 -28.47
C PRO T 160 -30.15 -20.57 -27.60
N TYR T 161 -29.46 -21.71 -27.62
CA TYR T 161 -28.33 -21.91 -26.72
C TYR T 161 -26.99 -21.60 -27.37
N TYR T 162 -26.90 -21.63 -28.70
CA TYR T 162 -25.64 -21.38 -29.36
C TYR T 162 -25.21 -19.93 -29.16
N CYS T 163 -24.07 -19.74 -28.50
CA CYS T 163 -23.55 -18.41 -28.18
C CYS T 163 -24.57 -17.58 -27.41
N GLY T 164 -25.32 -18.23 -26.54
CA GLY T 164 -26.39 -17.56 -25.83
C GLY T 164 -25.92 -16.81 -24.59
N VAL T 165 -26.78 -15.91 -24.12
CA VAL T 165 -26.54 -15.16 -22.91
C VAL T 165 -27.84 -15.11 -22.10
N GLY T 166 -27.72 -15.26 -20.79
CA GLY T 166 -28.89 -15.27 -19.94
C GLY T 166 -28.96 -16.47 -19.03
N ALA T 167 -29.73 -16.38 -17.95
CA ALA T 167 -29.80 -17.46 -16.98
C ALA T 167 -30.46 -18.70 -17.57
N ASP T 168 -31.30 -18.54 -18.57
CA ASP T 168 -32.01 -19.64 -19.20
C ASP T 168 -31.38 -20.08 -20.51
N ARG T 169 -30.19 -19.61 -20.82
CA ARG T 169 -29.58 -19.93 -22.12
C ARG T 169 -28.17 -20.47 -21.99
N ALA T 170 -27.43 -20.08 -20.95
CA ALA T 170 -26.06 -20.54 -20.75
C ALA T 170 -25.92 -21.12 -19.36
N TYR T 171 -25.41 -22.35 -19.27
CA TYR T 171 -25.26 -23.06 -18.01
C TYR T 171 -23.79 -23.17 -17.65
N GLY T 172 -23.45 -22.81 -16.42
CA GLY T 172 -22.09 -22.97 -15.93
C GLY T 172 -21.04 -22.10 -16.58
N ARG T 173 -21.34 -20.82 -16.84
CA ARG T 173 -20.33 -19.93 -17.39
C ARG T 173 -19.22 -19.63 -16.39
N ASP T 174 -19.46 -19.84 -15.10
CA ASP T 174 -18.42 -19.59 -14.10
C ASP T 174 -17.20 -20.46 -14.33
N ILE T 175 -17.42 -21.74 -14.68
CA ILE T 175 -16.31 -22.63 -14.97
C ILE T 175 -15.53 -22.14 -16.18
N VAL T 176 -16.25 -21.70 -17.23
CA VAL T 176 -15.60 -21.26 -18.46
C VAL T 176 -14.73 -20.03 -18.19
N GLU T 177 -15.25 -19.07 -17.44
CA GLU T 177 -14.49 -17.86 -17.15
C GLU T 177 -13.24 -18.17 -16.33
N ALA T 178 -13.38 -19.04 -15.32
CA ALA T 178 -12.23 -19.41 -14.51
C ALA T 178 -11.19 -20.16 -15.32
N HIS T 179 -11.63 -21.06 -16.19
CA HIS T 179 -10.69 -21.83 -17.02
C HIS T 179 -9.93 -20.92 -17.97
N TYR T 180 -10.62 -19.95 -18.58
CA TYR T 180 -9.97 -19.03 -19.50
C TYR T 180 -8.88 -18.23 -18.80
N ARG T 181 -9.19 -17.68 -17.62
CA ARG T 181 -8.21 -16.88 -16.90
C ARG T 181 -7.05 -17.74 -16.40
N ALA T 182 -7.33 -18.97 -15.98
CA ALA T 182 -6.28 -19.85 -15.50
C ALA T 182 -5.31 -20.24 -16.61
N CYS T 183 -5.83 -20.48 -17.82
CA CYS T 183 -4.97 -20.85 -18.93
C CYS T 183 -4.04 -19.71 -19.32
N LEU T 184 -4.54 -18.48 -19.29
CA LEU T 184 -3.70 -17.32 -19.61
C LEU T 184 -2.57 -17.17 -18.60
N TYR T 185 -2.88 -17.35 -17.32
CA TYR T 185 -1.85 -17.24 -16.29
C TYR T 185 -0.77 -18.30 -16.45
N ALA T 186 -1.18 -19.52 -16.81
CA ALA T 186 -0.23 -20.62 -16.93
C ALA T 186 0.66 -20.51 -18.16
N GLY T 187 0.23 -19.75 -19.17
CA GLY T 187 0.97 -19.65 -20.41
C GLY T 187 0.47 -20.50 -21.55
N VAL T 188 -0.69 -21.13 -21.40
CA VAL T 188 -1.27 -21.92 -22.48
C VAL T 188 -1.85 -20.98 -23.52
N LYS T 189 -1.57 -21.26 -24.79
CA LYS T 189 -1.99 -20.39 -25.89
C LYS T 189 -3.46 -20.67 -26.21
N ILE T 190 -4.34 -20.09 -25.40
CA ILE T 190 -5.77 -20.21 -25.59
C ILE T 190 -6.26 -19.05 -26.46
N ALA T 191 -7.08 -19.37 -27.47
CA ALA T 191 -7.48 -18.40 -28.47
C ALA T 191 -8.87 -17.83 -28.27
N GLY T 192 -9.79 -18.58 -27.67
CA GLY T 192 -11.14 -18.07 -27.48
C GLY T 192 -12.08 -19.18 -27.09
N THR T 193 -13.28 -18.78 -26.68
CA THR T 193 -14.31 -19.69 -26.22
C THR T 193 -15.65 -19.28 -26.78
N ASN T 194 -16.61 -20.21 -26.75
CA ASN T 194 -17.98 -19.92 -27.12
C ASN T 194 -18.88 -21.03 -26.59
N ALA T 195 -20.16 -20.71 -26.43
CA ALA T 195 -21.15 -21.70 -26.04
C ALA T 195 -21.62 -22.47 -27.27
N GLU T 196 -21.97 -23.74 -27.06
CA GLU T 196 -22.29 -24.66 -28.14
C GLU T 196 -23.80 -24.82 -28.27
N VAL T 197 -24.20 -25.67 -29.22
CA VAL T 197 -25.61 -25.82 -29.56
C VAL T 197 -26.39 -26.41 -28.40
N MET T 198 -25.90 -27.49 -27.82
CA MET T 198 -26.57 -28.10 -26.68
C MET T 198 -26.30 -27.29 -25.42
N PRO T 199 -27.32 -27.06 -24.59
CA PRO T 199 -27.07 -26.35 -23.32
C PRO T 199 -26.11 -27.13 -22.44
N ALA T 200 -25.29 -26.40 -21.69
CA ALA T 200 -24.20 -26.91 -20.85
C ALA T 200 -23.05 -27.50 -21.67
N GLN T 201 -23.01 -27.23 -22.97
CA GLN T 201 -21.89 -27.64 -23.82
C GLN T 201 -21.11 -26.41 -24.26
N TRP T 202 -19.79 -26.49 -24.18
CA TRP T 202 -18.92 -25.36 -24.47
C TRP T 202 -17.79 -25.80 -25.36
N GLU T 203 -16.94 -24.84 -25.74
CA GLU T 203 -15.80 -25.10 -26.61
C GLU T 203 -14.76 -24.01 -26.40
N PHE T 204 -13.49 -24.41 -26.43
CA PHE T 204 -12.38 -23.46 -26.39
C PHE T 204 -11.37 -23.84 -27.47
N GLN T 205 -10.64 -22.84 -27.95
CA GLN T 205 -9.69 -22.99 -29.05
C GLN T 205 -8.27 -22.78 -28.54
N ILE T 206 -7.35 -23.61 -29.04
CA ILE T 206 -5.94 -23.54 -28.70
C ILE T 206 -5.15 -23.37 -30.00
N GLY T 207 -4.25 -22.38 -30.02
CA GLY T 207 -3.40 -22.18 -31.16
C GLY T 207 -3.32 -20.74 -31.61
N PRO T 208 -2.62 -20.48 -32.72
CA PRO T 208 -1.87 -21.44 -33.54
C PRO T 208 -0.55 -21.82 -32.87
N CYS T 209 -0.25 -23.11 -32.78
CA CYS T 209 0.95 -23.60 -32.12
C CYS T 209 1.84 -24.31 -33.15
N GLU T 210 3.15 -24.23 -32.93
CA GLU T 210 4.11 -24.76 -33.87
C GLU T 210 4.65 -26.11 -33.39
N GLY T 211 4.59 -27.11 -34.25
CA GLY T 211 5.30 -28.36 -34.00
C GLY T 211 4.75 -29.12 -32.83
N ILE T 212 5.66 -29.72 -32.06
CA ILE T 212 5.29 -30.57 -30.93
C ILE T 212 4.62 -29.76 -29.83
N SER T 213 4.80 -28.44 -29.84
CA SER T 213 4.25 -27.62 -28.78
C SER T 213 2.73 -27.64 -28.76
N MET T 214 2.09 -28.01 -29.87
CA MET T 214 0.64 -28.00 -29.91
C MET T 214 0.05 -29.09 -29.01
N GLY T 215 0.61 -30.30 -29.08
CA GLY T 215 0.14 -31.38 -28.23
C GLY T 215 0.35 -31.11 -26.76
N ASP T 216 1.47 -30.48 -26.41
CA ASP T 216 1.72 -30.14 -25.01
C ASP T 216 0.71 -29.15 -24.48
N HIS T 217 0.36 -28.13 -25.27
CA HIS T 217 -0.57 -27.12 -24.80
C HIS T 217 -1.98 -27.66 -24.62
N LEU T 218 -2.42 -28.56 -25.51
CA LEU T 218 -3.77 -29.09 -25.40
C LEU T 218 -3.93 -29.98 -24.17
N TRP T 219 -2.94 -30.84 -23.92
CA TRP T 219 -3.03 -31.74 -22.77
C TRP T 219 -3.04 -30.96 -21.45
N VAL T 220 -2.22 -29.93 -21.36
CA VAL T 220 -2.19 -29.11 -20.15
C VAL T 220 -3.51 -28.36 -19.99
N ALA T 221 -4.07 -27.89 -21.10
CA ALA T 221 -5.38 -27.23 -21.05
C ALA T 221 -6.45 -28.18 -20.57
N ARG T 222 -6.39 -29.44 -20.98
CA ARG T 222 -7.34 -30.44 -20.50
C ARG T 222 -7.20 -30.66 -19.00
N PHE T 223 -5.97 -30.70 -18.51
CA PHE T 223 -5.75 -30.90 -17.08
C PHE T 223 -6.32 -29.74 -16.27
N ILE T 224 -6.11 -28.51 -16.75
CA ILE T 224 -6.61 -27.35 -16.03
C ILE T 224 -8.13 -27.36 -15.98
N LEU T 225 -8.77 -27.81 -17.05
CA LEU T 225 -10.22 -27.90 -17.06
C LEU T 225 -10.72 -28.88 -16.01
N HIS T 226 -10.09 -30.05 -15.92
CA HIS T 226 -10.49 -31.04 -14.93
C HIS T 226 -10.30 -30.52 -13.52
N ARG T 227 -9.16 -29.86 -13.27
CA ARG T 227 -8.88 -29.35 -11.93
C ARG T 227 -9.80 -28.20 -11.55
N VAL T 228 -10.13 -27.33 -12.52
CA VAL T 228 -11.07 -26.24 -12.24
C VAL T 228 -12.45 -26.79 -11.95
N CYS T 229 -12.91 -27.76 -12.74
CA CYS T 229 -14.22 -28.34 -12.51
C CYS T 229 -14.29 -29.05 -11.17
N GLU T 230 -13.17 -29.61 -10.72
CA GLU T 230 -13.13 -30.28 -9.42
C GLU T 230 -13.41 -29.30 -8.29
N ASP T 231 -12.96 -28.06 -8.42
CA ASP T 231 -13.24 -27.04 -7.40
C ASP T 231 -14.72 -26.75 -7.29
N PHE T 232 -15.42 -26.68 -8.43
CA PHE T 232 -16.84 -26.38 -8.44
C PHE T 232 -17.71 -27.60 -8.18
N GLY T 233 -17.14 -28.81 -8.24
CA GLY T 233 -17.90 -30.00 -7.95
C GLY T 233 -18.63 -30.61 -9.13
N VAL T 234 -18.23 -30.26 -10.36
CA VAL T 234 -18.86 -30.81 -11.56
C VAL T 234 -17.82 -31.59 -12.34
N ILE T 235 -18.29 -32.31 -13.37
CA ILE T 235 -17.46 -33.18 -14.18
C ILE T 235 -17.50 -32.71 -15.62
N ALA T 236 -16.33 -32.60 -16.23
CA ALA T 236 -16.20 -32.27 -17.64
C ALA T 236 -15.89 -33.53 -18.42
N THR T 237 -16.71 -33.82 -19.43
CA THR T 237 -16.56 -35.04 -20.22
C THR T 237 -16.22 -34.69 -21.66
N PHE T 238 -15.31 -35.47 -22.25
CA PHE T 238 -14.94 -35.34 -23.65
C PHE T 238 -15.56 -36.42 -24.51
N ASP T 239 -16.61 -37.06 -24.03
CA ASP T 239 -17.24 -38.14 -24.79
C ASP T 239 -17.83 -37.59 -26.08
N PRO T 240 -17.63 -38.27 -27.22
CA PRO T 240 -18.15 -37.73 -28.49
C PRO T 240 -19.65 -37.57 -28.52
N LYS T 241 -20.40 -38.45 -27.87
CA LYS T 241 -21.87 -38.38 -27.86
C LYS T 241 -22.36 -38.55 -26.43
N PRO T 242 -22.25 -37.49 -25.62
CA PRO T 242 -22.69 -37.61 -24.21
C PRO T 242 -24.17 -37.92 -24.05
N ILE T 243 -25.02 -37.39 -24.92
CA ILE T 243 -26.46 -37.55 -24.81
C ILE T 243 -26.98 -38.10 -26.15
N PRO T 244 -27.69 -39.23 -26.15
CA PRO T 244 -28.23 -39.75 -27.40
C PRO T 244 -29.47 -38.98 -27.83
N GLY T 245 -29.75 -39.07 -29.13
CA GLY T 245 -30.94 -38.43 -29.69
C GLY T 245 -30.65 -37.19 -30.49
N ASN T 246 -31.57 -36.23 -30.45
CA ASN T 246 -31.42 -34.98 -31.21
C ASN T 246 -30.61 -33.95 -30.45
N TRP T 247 -29.38 -34.31 -30.08
CA TRP T 247 -28.47 -33.41 -29.40
C TRP T 247 -27.10 -33.51 -30.05
N ASN T 248 -26.41 -32.38 -30.16
CA ASN T 248 -25.15 -32.32 -30.89
C ASN T 248 -24.07 -33.12 -30.19
N GLY T 249 -23.15 -33.66 -31.01
CA GLY T 249 -21.98 -34.35 -30.50
C GLY T 249 -20.85 -33.38 -30.20
N ALA T 250 -19.70 -33.96 -29.88
CA ALA T 250 -18.52 -33.18 -29.52
C ALA T 250 -17.35 -33.58 -30.41
N GLY T 251 -16.75 -32.60 -31.08
CA GLY T 251 -15.63 -32.84 -31.97
C GLY T 251 -14.39 -32.09 -31.51
N CYS T 252 -13.30 -32.33 -32.24
CA CYS T 252 -12.00 -31.73 -31.94
C CYS T 252 -11.36 -31.22 -33.22
N HIS T 253 -12.12 -30.44 -33.99
CA HIS T 253 -11.67 -29.91 -35.28
C HIS T 253 -10.25 -29.38 -35.21
N THR T 254 -9.48 -29.67 -36.26
CA THR T 254 -8.05 -29.36 -36.32
C THR T 254 -7.78 -28.46 -37.50
N ASN T 255 -6.98 -27.42 -37.29
CA ASN T 255 -6.56 -26.52 -38.36
C ASN T 255 -5.07 -26.69 -38.61
N PHE T 256 -4.72 -26.87 -39.88
CA PHE T 256 -3.35 -27.17 -40.27
C PHE T 256 -2.87 -26.17 -41.31
N SER T 257 -1.61 -25.75 -41.19
CA SER T 257 -1.01 -24.84 -42.15
C SER T 257 0.50 -24.97 -42.09
N THR T 258 1.15 -24.66 -43.21
CA THR T 258 2.60 -24.65 -43.32
C THR T 258 3.04 -23.26 -43.78
N LYS T 259 4.35 -23.03 -43.73
CA LYS T 259 4.88 -21.73 -44.13
C LYS T 259 4.65 -21.47 -45.62
N ALA T 260 4.60 -22.55 -46.42
CA ALA T 260 4.29 -22.38 -47.83
C ALA T 260 2.83 -22.02 -48.03
N MET T 261 1.93 -22.58 -47.21
CA MET T 261 0.51 -22.27 -47.34
C MET T 261 0.20 -20.84 -46.91
N ARG T 262 0.96 -20.31 -45.96
CA ARG T 262 0.68 -18.98 -45.42
C ARG T 262 1.21 -17.85 -46.31
N GLU T 263 2.10 -18.14 -47.26
CA GLU T 263 2.62 -17.11 -48.14
C GLU T 263 1.64 -16.85 -49.28
N GLU T 264 1.99 -15.89 -50.13
CA GLU T 264 1.11 -15.54 -51.24
C GLU T 264 0.92 -16.70 -52.20
N ASN T 265 -0.29 -16.85 -52.71
CA ASN T 265 -0.67 -17.95 -53.60
C ASN T 265 -0.43 -19.31 -52.95
N GLY T 266 -0.59 -19.36 -51.62
CA GLY T 266 -0.45 -20.62 -50.90
C GLY T 266 -1.63 -21.55 -51.04
N LEU T 267 -2.73 -21.10 -51.65
CA LEU T 267 -3.89 -21.96 -51.82
C LEU T 267 -3.58 -23.15 -52.70
N LYS T 268 -2.63 -23.02 -53.62
CA LYS T 268 -2.23 -24.14 -54.45
C LYS T 268 -1.64 -25.27 -53.61
N TYR T 269 -0.81 -24.92 -52.62
CA TYR T 269 -0.31 -25.90 -51.67
C TYR T 269 -1.39 -26.48 -50.78
N ILE T 270 -2.38 -25.67 -50.41
CA ILE T 270 -3.48 -26.17 -49.57
C ILE T 270 -4.24 -27.27 -50.29
N GLU T 271 -4.53 -27.06 -51.58
CA GLU T 271 -5.25 -28.08 -52.35
C GLU T 271 -4.42 -29.35 -52.49
N GLU T 272 -3.10 -29.21 -52.66
CA GLU T 272 -2.24 -30.38 -52.82
C GLU T 272 -2.34 -31.31 -51.62
N ALA T 273 -2.31 -30.74 -50.41
CA ALA T 273 -2.41 -31.55 -49.21
C ALA T 273 -3.77 -32.21 -49.09
N ILE T 274 -4.82 -31.53 -49.53
CA ILE T 274 -6.17 -32.07 -49.40
C ILE T 274 -6.33 -33.31 -50.27
N GLU T 275 -5.81 -33.29 -51.50
CA GLU T 275 -5.91 -34.45 -52.36
C GLU T 275 -5.18 -35.65 -51.76
N LYS T 276 -4.03 -35.42 -51.14
CA LYS T 276 -3.32 -36.50 -50.46
C LYS T 276 -4.15 -37.08 -49.33
N LEU T 277 -4.85 -36.23 -48.58
CA LEU T 277 -5.68 -36.71 -47.49
C LEU T 277 -6.85 -37.54 -47.98
N SER T 278 -7.31 -37.33 -49.22
CA SER T 278 -8.44 -38.08 -49.75
C SER T 278 -8.10 -39.54 -50.02
N LYS T 279 -6.82 -39.91 -49.98
CA LYS T 279 -6.40 -41.27 -50.27
C LYS T 279 -6.31 -42.14 -49.03
N ARG T 280 -6.15 -41.55 -47.84
CA ARG T 280 -5.90 -42.30 -46.61
C ARG T 280 -7.00 -42.03 -45.60
N HIS T 281 -8.25 -42.12 -46.05
CA HIS T 281 -9.39 -41.84 -45.16
C HIS T 281 -9.44 -42.84 -44.01
N GLN T 282 -9.26 -44.13 -44.30
CA GLN T 282 -9.34 -45.15 -43.25
C GLN T 282 -8.17 -45.03 -42.28
N TYR T 283 -6.98 -44.68 -42.78
CA TYR T 283 -5.83 -44.53 -41.91
C TYR T 283 -6.04 -43.41 -40.89
N HIS T 284 -6.61 -42.29 -41.33
CA HIS T 284 -6.79 -41.16 -40.42
C HIS T 284 -7.94 -41.42 -39.45
N ILE T 285 -8.96 -42.15 -39.87
CA ILE T 285 -10.07 -42.46 -38.96
C ILE T 285 -9.58 -43.27 -37.78
N ARG T 286 -8.72 -44.26 -38.03
CA ARG T 286 -8.17 -45.06 -36.94
C ARG T 286 -7.29 -44.22 -36.02
N ALA T 287 -6.52 -43.29 -36.59
CA ALA T 287 -5.61 -42.48 -35.78
C ALA T 287 -6.30 -41.36 -35.02
N TYR T 288 -7.53 -41.02 -35.39
CA TYR T 288 -8.25 -39.92 -34.76
C TYR T 288 -9.02 -40.34 -33.52
N ASP T 289 -8.95 -41.62 -33.13
CA ASP T 289 -9.67 -42.10 -31.98
C ASP T 289 -8.75 -42.98 -31.12
N PRO T 290 -8.83 -42.84 -29.80
CA PRO T 290 -7.98 -43.67 -28.93
C PRO T 290 -8.39 -45.14 -28.88
N LYS T 291 -9.58 -45.48 -29.38
CA LYS T 291 -10.04 -46.88 -29.38
C LYS T 291 -10.16 -47.43 -30.79
N GLY T 292 -9.51 -46.80 -31.77
CA GLY T 292 -9.52 -47.29 -33.13
C GLY T 292 -10.62 -46.75 -34.02
N GLY T 293 -11.55 -45.97 -33.47
CA GLY T 293 -12.60 -45.37 -34.29
C GLY T 293 -14.01 -45.65 -33.81
N LEU T 294 -14.12 -46.47 -32.76
CA LEU T 294 -15.44 -46.84 -32.25
C LEU T 294 -16.16 -45.63 -31.64
N ASP T 295 -15.44 -44.80 -30.88
CA ASP T 295 -16.06 -43.66 -30.23
C ASP T 295 -16.60 -42.66 -31.25
N ASN T 296 -15.82 -42.36 -32.28
CA ASN T 296 -16.23 -41.36 -33.26
C ASN T 296 -17.40 -41.84 -34.12
N ALA T 297 -17.69 -43.14 -34.11
CA ALA T 297 -18.81 -43.65 -34.91
C ALA T 297 -20.15 -43.14 -34.40
N ARG T 298 -20.27 -42.92 -33.09
CA ARG T 298 -21.51 -42.43 -32.51
C ARG T 298 -21.80 -40.98 -32.84
N ARG T 299 -20.80 -40.21 -33.27
CA ARG T 299 -20.95 -38.79 -33.56
C ARG T 299 -21.05 -38.51 -35.05
N LEU T 300 -20.15 -39.07 -35.85
CA LEU T 300 -20.11 -38.80 -37.29
C LEU T 300 -21.14 -39.68 -37.98
N THR T 301 -22.37 -39.15 -38.11
CA THR T 301 -23.46 -39.88 -38.74
C THR T 301 -24.08 -39.13 -39.90
N GLY T 302 -23.55 -37.97 -40.28
CA GLY T 302 -24.09 -37.19 -41.37
C GLY T 302 -25.09 -36.12 -40.98
N PHE T 303 -25.38 -35.96 -39.70
CA PHE T 303 -26.32 -34.96 -39.21
C PHE T 303 -25.63 -34.07 -38.19
N HIS T 304 -26.35 -33.02 -37.77
CA HIS T 304 -25.82 -32.03 -36.84
C HIS T 304 -24.54 -31.40 -37.37
N GLU T 305 -24.61 -30.97 -38.63
CA GLU T 305 -23.48 -30.40 -39.39
C GLU T 305 -22.19 -31.20 -39.17
N THR T 306 -22.31 -32.52 -39.31
CA THR T 306 -21.18 -33.43 -39.26
C THR T 306 -21.17 -34.29 -40.53
N SER T 307 -19.97 -34.71 -40.91
CA SER T 307 -19.79 -35.56 -42.08
C SER T 307 -19.91 -37.03 -41.71
N ASN T 308 -20.23 -37.85 -42.70
CA ASN T 308 -20.36 -39.28 -42.48
C ASN T 308 -19.01 -39.91 -42.19
N ILE T 309 -19.04 -40.97 -41.37
CA ILE T 309 -17.81 -41.58 -40.89
C ILE T 309 -17.06 -42.29 -42.01
N ASN T 310 -17.78 -42.91 -42.96
CA ASN T 310 -17.17 -43.80 -43.93
C ASN T 310 -17.11 -43.21 -45.34
N ASP T 311 -16.88 -41.90 -45.44
CA ASP T 311 -16.66 -41.29 -46.76
C ASP T 311 -15.89 -40.00 -46.57
N PHE T 312 -15.26 -39.54 -47.64
CA PHE T 312 -14.43 -38.34 -47.63
C PHE T 312 -15.06 -37.29 -48.54
N SER T 313 -15.11 -36.06 -48.06
CA SER T 313 -15.63 -34.95 -48.84
C SER T 313 -14.91 -33.68 -48.43
N ALA T 314 -14.70 -32.79 -49.39
CA ALA T 314 -14.02 -31.52 -49.13
C ALA T 314 -14.75 -30.42 -49.88
N GLY T 315 -14.63 -29.20 -49.36
CA GLY T 315 -15.27 -28.06 -49.98
C GLY T 315 -14.88 -26.79 -49.27
N VAL T 316 -15.10 -25.67 -49.95
CA VAL T 316 -14.81 -24.36 -49.39
C VAL T 316 -16.07 -23.82 -48.71
N ALA T 317 -15.93 -23.37 -47.47
CA ALA T 317 -17.04 -22.86 -46.67
C ALA T 317 -18.16 -23.88 -46.53
N ASN T 318 -17.80 -25.17 -46.47
CA ASN T 318 -18.76 -26.25 -46.31
C ASN T 318 -18.56 -26.88 -44.95
N ARG T 319 -19.55 -26.70 -44.06
CA ARG T 319 -19.48 -27.24 -42.72
C ARG T 319 -19.99 -28.67 -42.62
N SER T 320 -20.51 -29.24 -43.71
CA SER T 320 -20.97 -30.62 -43.74
C SER T 320 -19.95 -31.58 -44.33
N ALA T 321 -18.79 -31.08 -44.74
CA ALA T 321 -17.76 -31.92 -45.33
C ALA T 321 -16.71 -32.28 -44.29
N SER T 322 -15.93 -33.32 -44.61
CA SER T 322 -14.85 -33.74 -43.72
C SER T 322 -13.76 -32.67 -43.65
N ILE T 323 -13.45 -32.04 -44.78
CA ILE T 323 -12.45 -30.98 -44.85
C ILE T 323 -13.14 -29.71 -45.33
N ARG T 324 -12.90 -28.61 -44.62
CA ARG T 324 -13.52 -27.33 -44.93
C ARG T 324 -12.44 -26.28 -45.15
N ILE T 325 -12.55 -25.53 -46.24
CA ILE T 325 -11.69 -24.40 -46.52
C ILE T 325 -12.46 -23.13 -46.16
N PRO T 326 -11.98 -22.30 -45.24
CA PRO T 326 -12.69 -21.06 -44.92
C PRO T 326 -12.84 -20.16 -46.13
N ARG T 327 -13.98 -19.46 -46.19
CA ARG T 327 -14.25 -18.60 -47.33
C ARG T 327 -13.23 -17.47 -47.42
N THR T 328 -12.83 -16.92 -46.28
CA THR T 328 -11.80 -15.89 -46.28
C THR T 328 -10.49 -16.42 -46.85
N VAL T 329 -10.11 -17.64 -46.46
CA VAL T 329 -8.89 -18.25 -46.99
C VAL T 329 -8.99 -18.44 -48.49
N GLY T 330 -10.16 -18.88 -48.97
CA GLY T 330 -10.32 -19.14 -50.39
C GLY T 330 -10.20 -17.90 -51.25
N GLN T 331 -10.65 -16.75 -50.76
CA GLN T 331 -10.64 -15.53 -51.56
C GLN T 331 -9.34 -14.75 -51.46
N GLU T 332 -8.52 -15.01 -50.44
CA GLU T 332 -7.20 -14.41 -50.37
C GLU T 332 -6.09 -15.33 -50.87
N LYS T 333 -6.45 -16.53 -51.34
CA LYS T 333 -5.52 -17.49 -51.93
C LYS T 333 -4.43 -17.94 -50.97
N LYS T 334 -4.65 -17.79 -49.67
CA LYS T 334 -3.67 -18.23 -48.68
C LYS T 334 -4.36 -18.43 -47.35
N GLY T 335 -3.72 -19.22 -46.48
CA GLY T 335 -4.26 -19.47 -45.16
C GLY T 335 -4.09 -20.89 -44.67
N TYR T 336 -5.19 -21.55 -44.32
CA TYR T 336 -5.17 -22.88 -43.74
C TYR T 336 -6.45 -23.61 -44.13
N PHE T 337 -6.56 -24.85 -43.68
CA PHE T 337 -7.77 -25.64 -43.88
C PHE T 337 -8.08 -26.40 -42.60
N GLU T 338 -9.33 -26.79 -42.44
CA GLU T 338 -9.84 -27.37 -41.21
C GLU T 338 -10.26 -28.83 -41.44
N ASP T 339 -9.81 -29.71 -40.54
CA ASP T 339 -10.21 -31.11 -40.55
C ASP T 339 -11.26 -31.31 -39.47
N ARG T 340 -12.45 -31.76 -39.86
CA ARG T 340 -13.60 -31.86 -38.96
C ARG T 340 -13.87 -33.28 -38.51
N ARG T 341 -12.99 -34.23 -38.83
CA ARG T 341 -13.20 -35.64 -38.49
C ARG T 341 -12.88 -36.00 -37.04
N PRO T 342 -11.79 -35.52 -36.44
CA PRO T 342 -11.42 -36.01 -35.10
C PRO T 342 -12.50 -35.76 -34.06
N SER T 343 -12.63 -36.71 -33.14
CA SER T 343 -13.61 -36.63 -32.06
C SER T 343 -13.00 -35.93 -30.84
N ALA T 344 -13.87 -35.58 -29.89
CA ALA T 344 -13.47 -34.75 -28.76
C ALA T 344 -12.47 -35.44 -27.83
N ASN T 345 -12.40 -36.78 -27.85
CA ASN T 345 -11.50 -37.52 -26.97
C ASN T 345 -10.25 -37.98 -27.71
N CYS T 346 -9.87 -37.32 -28.79
CA CYS T 346 -8.70 -37.71 -29.55
C CYS T 346 -7.42 -37.34 -28.81
N ASP T 347 -6.32 -38.00 -29.19
CA ASP T 347 -5.00 -37.68 -28.68
C ASP T 347 -4.34 -36.69 -29.62
N PRO T 348 -4.00 -35.48 -29.17
CA PRO T 348 -3.39 -34.50 -30.08
C PRO T 348 -2.08 -34.97 -30.69
N PHE T 349 -1.27 -35.74 -29.96
CA PHE T 349 -0.02 -36.23 -30.53
C PHE T 349 -0.28 -37.18 -31.70
N SER T 350 -1.29 -38.03 -31.57
CA SER T 350 -1.63 -38.94 -32.66
C SER T 350 -2.19 -38.20 -33.87
N VAL T 351 -3.02 -37.18 -33.63
CA VAL T 351 -3.67 -36.46 -34.72
C VAL T 351 -2.65 -35.66 -35.52
N THR T 352 -1.79 -34.92 -34.82
CA THR T 352 -0.83 -34.06 -35.51
C THR T 352 0.19 -34.87 -36.30
N GLU T 353 0.61 -36.02 -35.75
CA GLU T 353 1.58 -36.86 -36.45
C GLU T 353 1.01 -37.40 -37.75
N ALA T 354 -0.25 -37.82 -37.74
CA ALA T 354 -0.85 -38.39 -38.95
C ALA T 354 -0.93 -37.36 -40.07
N LEU T 355 -1.26 -36.11 -39.74
CA LEU T 355 -1.35 -35.08 -40.77
C LEU T 355 0.00 -34.84 -41.42
N ILE T 356 1.07 -34.80 -40.63
CA ILE T 356 2.40 -34.54 -41.18
C ILE T 356 2.85 -35.71 -42.06
N ARG T 357 2.57 -36.94 -41.62
CA ARG T 357 3.00 -38.11 -42.38
C ARG T 357 2.36 -38.14 -43.76
N THR T 358 1.05 -37.88 -43.83
CA THR T 358 0.35 -37.97 -45.11
C THR T 358 0.67 -36.77 -46.01
N CYS T 359 0.70 -35.57 -45.44
CA CYS T 359 0.77 -34.35 -46.26
C CYS T 359 2.19 -33.91 -46.55
N LEU T 360 3.11 -34.05 -45.61
CA LEU T 360 4.47 -33.56 -45.80
C LEU T 360 5.48 -34.65 -46.14
N LEU T 361 5.36 -35.84 -45.56
CA LEU T 361 6.27 -36.93 -45.85
C LEU T 361 5.78 -37.84 -46.96
N ASN T 362 4.58 -37.59 -47.49
CA ASN T 362 4.04 -38.32 -48.64
C ASN T 362 4.01 -39.83 -48.38
N GLU T 363 3.67 -40.20 -47.15
CA GLU T 363 3.57 -41.61 -46.78
C GLU T 363 2.30 -42.22 -47.36
N THR T 364 2.36 -43.52 -47.60
CA THR T 364 1.24 -44.29 -48.13
C THR T 364 1.18 -45.63 -47.42
N GLY T 365 0.07 -46.35 -47.60
CA GLY T 365 -0.12 -47.61 -46.93
C GLY T 365 -0.93 -47.48 -45.65
N ASP T 366 -1.04 -48.59 -44.93
CA ASP T 366 -1.81 -48.66 -43.70
C ASP T 366 -0.96 -48.59 -42.45
N GLU T 367 0.36 -48.58 -42.58
CA GLU T 367 1.27 -48.53 -41.44
C GLU T 367 2.26 -47.40 -41.61
N PRO T 368 2.66 -46.77 -40.50
CA PRO T 368 3.67 -45.72 -40.58
C PRO T 368 5.04 -46.31 -40.93
N PHE T 369 5.86 -45.50 -41.58
CA PHE T 369 7.22 -45.91 -41.89
C PHE T 369 8.05 -45.95 -40.62
N GLN T 370 8.77 -47.05 -40.41
CA GLN T 370 9.41 -47.29 -39.13
C GLN T 370 10.57 -46.33 -38.87
N TYR T 371 11.46 -46.19 -39.85
CA TYR T 371 12.67 -45.42 -39.64
C TYR T 371 12.41 -43.95 -39.96
N LYS T 372 13.48 -43.17 -40.12
CA LYS T 372 13.41 -41.73 -40.31
C LYS T 372 13.03 -41.30 -41.73
N ASN T 373 12.50 -42.22 -42.54
CA ASN T 373 11.94 -41.91 -43.85
C ASN T 373 13.00 -41.52 -44.87
PG ATP U . 24.29 14.68 35.91
O1G ATP U . 24.73 14.68 34.49
O2G ATP U . 23.86 16.05 36.43
O3G ATP U . 25.32 14.09 36.87
PB ATP U . 22.27 12.89 37.21
O1B ATP U . 23.21 11.95 37.86
O2B ATP U . 21.55 13.85 38.14
O3B ATP U . 22.99 13.75 36.10
PA ATP U . 21.15 11.11 35.14
O1A ATP U . 22.05 11.54 34.06
O2A ATP U . 19.69 10.94 34.72
O3A ATP U . 21.17 12.11 36.36
O5' ATP U . 21.63 9.74 35.79
C5' ATP U . 20.71 8.71 36.15
C4' ATP U . 21.29 7.38 35.79
O4' ATP U . 21.13 6.44 36.90
C3' ATP U . 20.68 6.70 34.56
O3' ATP U . 21.69 6.12 33.74
C2' ATP U . 19.77 5.63 35.18
O2' ATP U . 19.61 4.51 34.31
C1' ATP U . 20.58 5.24 36.41
N9 ATP U . 19.79 4.64 37.48
C8 ATP U . 18.53 4.99 37.88
N7 ATP U . 18.06 4.26 38.87
C5 ATP U . 19.08 3.37 39.13
C6 ATP U . 19.21 2.32 40.07
N6 ATP U . 18.27 1.99 40.95
N1 ATP U . 20.37 1.62 40.06
C2 ATP U . 21.32 1.94 39.18
N3 ATP U . 21.31 2.90 38.26
C4 ATP U . 20.16 3.58 38.29
MG MG V . 25.12 12.10 37.16
MG MG W . 23.35 13.18 34.14
PG ATP X . 44.53 -12.84 5.55
O1G ATP X . 44.47 -11.36 5.74
O2G ATP X . 45.38 -13.57 6.59
O3G ATP X . 45.00 -13.26 4.15
PB ATP X . 42.39 -14.90 5.92
O1B ATP X . 42.72 -15.85 4.85
O2B ATP X . 42.74 -15.34 7.34
O3B ATP X . 43.07 -13.49 5.69
PA ATP X . 39.68 -14.44 4.85
O1A ATP X . 39.75 -13.18 4.09
O2A ATP X . 38.37 -14.63 5.62
O3A ATP X . 40.84 -14.52 5.92
O5' ATP X . 39.91 -15.70 3.94
C5' ATP X . 38.97 -16.80 3.91
C4' ATP X . 38.65 -17.13 2.48
O4' ATP X . 38.77 -18.55 2.27
C3' ATP X . 37.24 -16.74 2.01
O3' ATP X . 37.28 -16.18 0.71
C2' ATP X . 36.49 -18.07 2.04
O2' ATP X . 35.43 -18.10 1.08
C1' ATP X . 37.61 -19.04 1.63
N9 ATP X . 37.38 -20.41 2.04
C8 ATP X . 36.86 -20.85 3.23
N7 ATP X . 36.77 -22.16 3.33
C5 ATP X . 37.27 -22.61 2.12
C6 ATP X . 37.44 -23.91 1.58
N6 ATP X . 37.12 -25.03 2.24
N1 ATP X . 37.96 -24.01 0.34
C2 ATP X . 38.28 -22.90 -0.32
N3 ATP X . 38.17 -21.62 0.08
C4 ATP X . 37.65 -21.55 1.31
N GLN Y . 17.54 -25.33 -20.85
CA GLN Y . 18.75 -24.60 -21.34
C GLN Y . 18.51 -24.12 -22.78
O GLN Y . 17.70 -23.22 -22.96
CB GLN Y . 19.99 -25.50 -21.26
CG GLN Y . 20.07 -26.34 -19.99
CD GLN Y . 20.18 -25.51 -18.73
OE1 GLN Y . 19.48 -25.74 -17.74
NE2 GLN Y . 21.08 -24.53 -18.75
OXT GLN Y . 19.14 -24.67 -23.69
MG MG Z . 43.70 -14.55 3.51
MG MG AA . 41.49 -11.69 4.54
PG ATP BA . 29.21 0.15 -35.21
O1G ATP BA . 30.50 -0.50 -34.83
O2G ATP BA . 28.78 1.28 -34.26
O3G ATP BA . 29.17 0.65 -36.65
PB ATP BA . 27.36 -2.08 -35.98
O1B ATP BA . 26.91 -1.59 -37.30
O2B ATP BA . 28.35 -3.23 -36.01
O3B ATP BA . 28.01 -0.91 -35.12
PA ATP BA . 24.93 -1.81 -34.32
O1A ATP BA . 24.38 -2.68 -33.25
O2A ATP BA . 25.44 -0.46 -33.83
O3A ATP BA . 26.13 -2.52 -35.07
O5' ATP BA . 23.88 -1.57 -35.46
C5' ATP BA . 22.87 -2.55 -35.79
C4' ATP BA . 21.63 -1.84 -36.26
O4' ATP BA . 21.04 -2.55 -37.37
C3' ATP BA . 20.53 -1.69 -35.21
O3' ATP BA . 19.99 -0.37 -35.21
C2' ATP BA . 19.49 -2.73 -35.65
O2' ATP BA . 18.16 -2.34 -35.28
C1' ATP BA . 19.66 -2.69 -37.16
N9 ATP BA . 19.19 -3.87 -37.85
C8 ATP BA . 19.33 -5.18 -37.45
N7 ATP BA . 18.80 -6.05 -38.28
C5 ATP BA . 18.27 -5.27 -39.28
C6 ATP BA . 17.56 -5.59 -40.47
N6 ATP BA . 17.27 -6.84 -40.85
N1 ATP BA . 17.18 -4.56 -41.27
C2 ATP BA . 17.48 -3.32 -40.90
N3 ATP BA . 18.13 -2.89 -39.81
C4 ATP BA . 18.50 -3.93 -39.04
N GLN CA . -8.99 8.74 -34.16
CA GLN CA . -10.27 8.01 -34.38
C GLN CA . -10.54 7.10 -33.17
O GLN CA . -11.53 6.36 -33.19
CB GLN CA . -10.22 7.19 -35.67
CG GLN CA . -9.22 6.04 -35.63
CD GLN CA . -8.16 6.14 -36.70
OE1 GLN CA . -8.35 6.77 -37.75
NE2 GLN CA . -7.01 5.53 -36.44
OXT GLN CA . -9.74 7.16 -32.22
MG MG DA . 27.36 0.42 -37.57
MG MG EA . 27.11 0.52 -33.66
PG ATP FA . 0.07 35.03 -30.33
O1G ATP FA . 0.94 35.13 -31.53
O2G ATP FA . -0.32 36.40 -29.74
O3G ATP FA . 0.65 34.15 -29.21
PB ATP FA . -1.94 32.91 -30.90
O1B ATP FA . -0.91 31.89 -31.13
O2B ATP FA . -3.02 33.02 -32.00
O3B ATP FA . -1.32 34.35 -30.71
PA ATP FA . -2.75 31.59 -28.39
O1A ATP FA . -1.49 31.56 -27.62
O2A ATP FA . -3.13 30.26 -29.05
O3A ATP FA . -2.71 32.69 -29.52
O5' ATP FA . -3.96 32.05 -27.48
C5' ATP FA . -5.32 31.78 -27.84
C4' ATP FA . -6.21 32.19 -26.70
O4' ATP FA . -7.54 32.45 -27.17
C3' ATP FA . -6.33 31.16 -25.57
O3' ATP FA . -6.20 31.78 -24.30
C2' ATP FA . -7.73 30.59 -25.76
O2' ATP FA . -8.31 30.17 -24.53
C1' ATP FA . -8.47 31.82 -26.31
N9 ATP FA . -9.68 31.51 -27.05
C8 ATP FA . -9.89 30.46 -27.93
N7 ATP FA . -11.08 30.43 -28.45
C5 ATP FA . -11.71 31.52 -27.90
C6 ATP FA . -13.02 32.05 -28.05
N6 ATP FA . -13.95 31.52 -28.84
N1 ATP FA . -13.33 33.16 -27.35
C2 ATP FA . -12.40 33.70 -26.55
N3 ATP FA . -11.15 33.30 -26.34
C4 ATP FA . -10.87 32.20 -27.04
MG MG GA . -2.13 35.75 -29.32
MG MG HA . 0.13 32.87 -27.81
PG ATP IA . -2.38 43.44 14.07
O1G ATP IA . -1.19 42.55 13.89
O2G ATP IA . -2.49 44.05 15.47
O3G ATP IA . -2.45 44.57 13.04
PB ATP IA . -5.18 42.50 14.50
O1B ATP IA . -6.13 43.42 13.86
O2B ATP IA . -5.02 42.64 16.01
O3B ATP IA . -3.74 42.62 13.86
PA ATP IA . -5.02 39.54 14.67
O1A ATP IA . -3.55 39.46 14.55
O2A ATP IA . -5.78 38.51 13.84
O3A ATP IA . -5.54 40.98 14.21
O5' ATP IA . -5.50 39.44 16.16
C5' ATP IA . -6.67 38.68 16.52
C4' ATP IA . -6.35 37.86 17.75
O4' ATP IA . -7.42 37.98 18.71
C3' ATP IA . -6.17 36.36 17.49
O3' ATP IA . -5.07 35.85 18.23
C2' ATP IA . -7.50 35.76 17.98
O2' ATP IA . -7.34 34.43 18.43
C1' ATP IA . -7.83 36.70 19.14
N9 ATP IA . -9.23 36.74 19.50
C8 ATP IA . -10.31 36.71 18.64
N7 ATP IA . -11.47 36.76 19.24
C5 ATP IA . -11.15 36.82 20.59
C6 ATP IA . -11.92 36.89 21.76
N6 ATP IA . -13.26 36.91 21.76
N1 ATP IA . -11.28 36.93 22.95
C2 ATP IA . -9.95 36.91 22.95
N3 ATP IA . -9.11 36.85 21.92
C4 ATP IA . -9.77 36.81 20.77
MG MG JA . -3.26 42.99 16.95
MG MG KA . -2.17 40.83 14.03
PG ATP LA . 74.69 21.47 15.69
O1G ATP LA . 74.71 20.37 14.70
O2G ATP LA . 73.48 22.40 15.56
O3G ATP LA . 74.79 20.99 17.14
PB ATP LA . 77.51 22.47 15.87
O1B ATP LA . 78.35 21.98 14.75
O2B ATP LA . 77.68 21.75 17.20
O3B ATP LA . 75.97 22.42 15.50
PA ATP LA . 77.35 25.40 15.42
O1A ATP LA . 78.28 25.73 14.33
O2A ATP LA . 75.87 25.29 15.03
O3A ATP LA . 77.74 24.03 16.13
O5' ATP LA . 77.47 26.43 16.60
C5' ATP LA . 78.76 26.88 17.08
C4' ATP LA . 78.54 27.97 18.09
O4' ATP LA . 79.67 28.03 18.99
C3' ATP LA . 78.37 29.38 17.51
O3' ATP LA . 77.34 30.08 18.19
C2' ATP LA . 79.74 30.02 17.75
O2' ATP LA . 79.64 31.43 17.91
C1' ATP LA . 80.14 29.37 19.07
N9 ATP LA . 81.58 29.35 19.32
C8 ATP LA . 82.57 29.17 18.40
N7 ATP LA . 83.79 29.21 18.91
C5 ATP LA . 83.56 29.44 20.26
C6 ATP LA . 84.44 29.59 21.35
N6 ATP LA . 85.77 29.52 21.25
N1 ATP LA . 83.89 29.81 22.57
C2 ATP LA . 82.56 29.88 22.67
N3 ATP LA . 81.64 29.76 21.72
C4 ATP LA . 82.21 29.53 20.52
MG MG MA . 75.75 22.51 18.06
MG MG NA . 74.14 24.21 14.99
PG ATP OA . 48.26 54.75 31.57
O1G ATP OA . 47.80 54.35 30.21
O2G ATP OA . 48.87 53.61 32.38
O3G ATP OA . 47.17 55.44 32.40
PB ATP OA . 50.74 56.28 32.24
O1B ATP OA . 50.44 56.74 33.61
O2B ATP OA . 51.75 55.14 32.13
O3B ATP OA . 49.43 55.84 31.46
PA ATP OA . 51.59 57.70 29.78
O1A ATP OA . 53.04 57.58 29.50
O2A ATP OA . 50.70 56.74 28.99
O3A ATP OA . 51.28 57.47 31.32
O5' ATP OA . 51.09 59.17 29.53
C5' ATP OA . 51.83 60.32 30.02
C4' ATP OA . 51.28 61.55 29.37
O4' ATP OA . 51.49 62.70 30.23
C3' ATP OA . 51.89 61.90 28.01
O3' ATP OA . 50.89 62.33 27.10
C2' ATP OA . 52.86 63.03 28.36
O2' ATP OA . 53.05 63.92 27.25
C1' ATP OA . 52.11 63.72 29.48
N9 ATP OA . 52.96 64.51 30.37
C8 ATP OA . 54.22 64.20 30.81
N7 ATP OA . 54.74 65.09 31.61
C5 ATP OA . 53.76 66.06 31.71
C6 ATP OA . 53.70 67.28 32.41
N6 ATP OA . 54.69 67.74 33.18
N1 ATP OA . 52.57 68.01 32.30
C2 ATP OA . 51.58 67.55 31.54
N3 ATP OA . 51.53 66.42 30.83
C4 ATP OA . 52.65 65.72 30.96
MG MG PA . 49.10 55.38 28.96
MG MG QA . 47.98 57.23 31.91
PG ATP RA . 27.94 74.54 -4.08
O1G ATP RA . 28.91 73.45 -4.41
O2G ATP RA . 27.42 74.49 -2.64
O3G ATP RA . 26.74 74.59 -5.04
PB ATP RA . 29.83 76.81 -3.60
O1B ATP RA . 30.34 76.20 -2.36
O2B ATP RA . 29.35 78.25 -3.47
O3B ATP RA . 28.63 75.98 -4.22
PA ATP RA . 32.30 76.08 -5.04
O1A ATP RA . 32.21 74.61 -4.99
O2A ATP RA . 33.30 76.70 -4.05
O3A ATP RA . 30.90 76.76 -4.78
O5' ATP RA . 32.67 76.58 -6.49
C5' ATP RA . 33.04 77.95 -6.74
C4' ATP RA . 33.41 78.07 -8.20
O4' ATP RA . 33.30 79.46 -8.62
C3' ATP RA . 34.84 77.63 -8.55
O3' ATP RA . 34.84 76.84 -9.73
C2' ATP RA . 35.58 78.94 -8.75
O2' ATP RA . 36.65 78.81 -9.68
C1' ATP RA . 34.48 79.82 -9.32
N9 ATP RA . 34.70 81.25 -9.16
C8 ATP RA . 35.23 81.88 -8.06
N7 ATP RA . 35.32 83.19 -8.19
C5 ATP RA . 34.81 83.43 -9.47
C6 ATP RA . 34.63 84.61 -10.21
N6 ATP RA . 34.94 85.83 -9.77
N1 ATP RA . 34.10 84.50 -11.45
C2 ATP RA . 33.78 83.28 -11.90
N3 ATP RA . 33.91 82.10 -11.30
C4 ATP RA . 34.42 82.24 -10.07
MG MG SA . 30.80 73.10 -4.92
MG MG TA . 28.11 75.78 -6.16
PG ATP UA . 41.94 53.09 -41.41
O1G ATP UA . 40.49 53.24 -41.10
O2G ATP UA . 42.71 52.31 -40.35
O3G ATP UA . 42.21 52.47 -42.79
PB ATP UA . 43.78 55.28 -42.30
O1B ATP UA . 43.25 56.50 -42.96
O2B ATP UA . 44.44 54.26 -43.22
O3B ATP UA . 42.66 54.52 -41.47
PA ATP UA . 46.30 55.20 -40.76
O1A ATP UA . 46.28 53.99 -39.91
O2A ATP UA . 46.98 56.42 -40.14
O3A ATP UA . 44.83 55.65 -41.16
O5' ATP UA . 46.99 54.91 -42.16
C5' ATP UA . 48.01 55.78 -42.68
C4' ATP UA . 49.35 55.10 -42.55
O4' ATP UA . 49.99 55.04 -43.85
C3' ATP UA . 50.36 55.82 -41.67
O3' ATP UA . 50.17 55.48 -40.30
C2' ATP UA . 51.69 55.30 -42.20
O2' ATP UA . 52.04 54.05 -41.62
C1' ATP UA . 51.39 55.12 -43.70
N9 ATP UA . 51.88 56.21 -44.54
C8 ATP UA . 51.75 57.55 -44.32
N7 ATP UA . 52.29 58.31 -45.25
C5 ATP UA . 52.81 57.39 -46.14
C6 ATP UA . 53.52 57.55 -47.36
N6 ATP UA . 53.83 58.73 -47.89
N1 ATP UA . 53.90 56.42 -48.01
C2 ATP UA . 53.59 55.24 -47.48
N3 ATP UA . 52.93 54.98 -46.35
C4 ATP UA . 52.56 56.10 -45.73
MG MG VA . 44.07 52.32 -43.46
MG MG WA . 41.29 50.51 -38.74
PG ATP XA . 71.13 20.00 -29.26
O1G ATP XA . 71.59 18.59 -29.10
O2G ATP XA . 70.25 20.50 -28.10
O3G ATP XA . 70.41 20.27 -30.58
PB ATP XA . 73.28 21.81 -30.29
O1B ATP XA . 74.04 20.91 -31.18
O2B ATP XA . 72.38 22.82 -31.00
O3B ATP XA . 72.38 21.01 -29.26
PA ATP XA . 74.08 23.79 -28.24
O1A ATP XA . 72.82 23.65 -27.48
O2A ATP XA . 74.25 25.11 -28.99
O3A ATP XA . 74.23 22.62 -29.31
O5' ATP XA . 75.33 23.57 -27.30
C5' ATP XA . 76.67 23.72 -27.80
C4' ATP XA . 77.57 24.00 -26.62
O4' ATP XA . 78.85 23.36 -26.84
C3' ATP XA . 77.92 25.46 -26.40
O3' ATP XA . 76.90 26.12 -25.68
C2' ATP XA . 79.22 25.37 -25.59
O2' ATP XA . 78.95 25.25 -24.19
C1' ATP XA . 79.85 24.07 -26.12
N9 ATP XA . 81.00 24.29 -27.00
C8 ATP XA . 81.07 25.15 -28.06
N7 ATP XA . 82.23 25.14 -28.68
C5 ATP XA . 82.97 24.20 -27.97
C6 ATP XA . 84.28 23.72 -28.12
N6 ATP XA . 85.13 24.14 -29.07
N1 ATP XA . 84.71 22.79 -27.25
C2 ATP XA . 83.87 22.36 -26.29
N3 ATP XA . 82.61 22.74 -26.06
C4 ATP XA . 82.22 23.67 -26.93
MG MG YA . 73.32 19.50 -28.30
MG MG ZA . 71.14 22.28 -27.29
PG ATP AB . -32.59 -65.32 31.54
O1G ATP AB . -31.30 -66.04 31.36
O2G ATP AB . -32.93 -64.36 30.40
O3G ATP AB . -32.70 -64.58 32.87
PB ATP AB . -34.82 -67.04 32.59
O1B ATP AB . -34.10 -67.87 33.58
O2B ATP AB . -35.69 -65.92 33.16
O3B ATP AB . -33.81 -66.36 31.56
PA ATP AB . -36.85 -67.63 30.53
O1A ATP AB . -36.55 -66.41 29.75
O2A ATP AB . -38.19 -67.62 31.25
O3A ATP AB . -35.73 -67.91 31.63
O5' ATP AB . -36.78 -68.92 29.62
C5' ATP AB . -37.26 -70.19 30.08
C4' ATP AB . -37.15 -71.17 28.94
O4' ATP AB . -37.05 -72.52 29.46
C3' ATP AB . -38.33 -71.17 27.96
O3' ATP AB . -37.87 -71.24 26.62
C2' ATP AB . -39.11 -72.41 28.35
O2' ATP AB . -39.82 -72.98 27.26
C1' ATP AB . -37.99 -73.35 28.80
N9 ATP AB . -38.40 -74.41 29.71
C8 ATP AB . -39.30 -74.32 30.73
N7 ATP AB . -39.49 -75.44 31.38
C5 ATP AB . -38.65 -76.34 30.74
C6 ATP AB . -38.37 -77.69 30.95
N6 ATP AB . -38.95 -78.44 31.92
N1 ATP AB . -37.48 -78.29 30.14
C2 ATP AB . -36.91 -77.56 29.18
N3 ATP AB . -37.08 -76.28 28.89
C4 ATP AB . -37.97 -75.71 29.71
MG MG BB . -32.45 -67.62 30.76
MG MG CB . -34.80 -65.03 29.51
PG ATP DB . -32.01 -71.70 -13.84
O1G ATP DB . -30.88 -72.35 -13.13
O2G ATP DB . -31.73 -71.49 -15.34
O3G ATP DB . -32.44 -70.36 -13.22
PB ATP DB . -33.82 -73.97 -13.13
O1B ATP DB . -33.15 -75.14 -13.71
O2B ATP DB . -33.70 -73.80 -11.62
O3B ATP DB . -33.31 -72.62 -13.79
PA ATP DB . -36.67 -73.19 -12.94
O1A ATP DB . -36.37 -71.80 -12.56
O2A ATP DB . -37.25 -74.06 -11.82
O3A ATP DB . -35.38 -73.93 -13.49
O5' ATP DB . -37.65 -73.23 -14.18
C5' ATP DB . -38.28 -74.47 -14.59
C4' ATP DB . -39.25 -74.15 -15.68
O4' ATP DB . -39.46 -75.31 -16.52
C3' ATP DB . -40.64 -73.71 -15.22
O3' ATP DB . -41.12 -72.61 -15.98
C2' ATP DB . -41.49 -74.97 -15.44
O2' ATP DB . -42.86 -74.64 -15.70
C1' ATP DB . -40.84 -75.55 -16.68
N9 ATP DB . -41.05 -76.98 -16.87
C8 ATP DB . -41.09 -77.94 -15.89
N7 ATP DB . -41.31 -79.15 -16.35
C5 ATP DB . -41.43 -78.97 -17.72
C6 ATP DB . -41.67 -79.87 -18.77
N6 ATP DB . -41.83 -81.18 -18.62
N1 ATP DB . -41.73 -79.36 -20.02
C2 ATP DB . -41.56 -78.04 -20.19
N3 ATP DB . -41.33 -77.10 -19.28
C4 ATP DB . -41.28 -77.64 -18.05
MG MG EB . -33.57 -72.19 -15.71
MG MG FB . -34.72 -70.26 -12.72
PG ATP GB . -59.83 -40.78 -32.14
O1G ATP GB . -60.24 -39.77 -33.16
O2G ATP GB . -59.69 -40.21 -30.73
O3G ATP GB . -58.55 -41.53 -32.50
PB ATP GB . -62.14 -42.57 -32.83
O1B ATP GB . -63.13 -41.55 -33.23
O2B ATP GB . -61.51 -43.38 -33.96
O3B ATP GB . -60.94 -41.93 -32.00
PA ATP GB . -63.64 -43.55 -30.47
O1A ATP GB . -62.99 -42.76 -29.41
O2A ATP GB . -63.97 -45.00 -30.09
O3A ATP GB . -62.74 -43.62 -31.78
O5' ATP GB . -64.96 -42.86 -30.98
C5' ATP GB . -66.22 -43.58 -31.01
C4' ATP GB . -67.30 -42.67 -30.45
O4' ATP GB . -68.45 -42.70 -31.33
C3' ATP GB . -67.81 -43.05 -29.06
O3' ATP GB . -68.06 -41.88 -28.28
C2' ATP GB . -69.09 -43.82 -29.37
O2' ATP GB . -70.03 -43.72 -28.30
C1' ATP GB . -69.60 -43.05 -30.58
N9 ATP GB . -70.49 -43.82 -31.45
C8 ATP GB . -70.40 -45.15 -31.76
N7 ATP GB . -71.35 -45.58 -32.55
C5 ATP GB . -72.13 -44.45 -32.77
C6 ATP GB . -73.30 -44.23 -33.53
N6 ATP GB . -73.92 -45.19 -34.24
N1 ATP GB . -73.82 -43.00 -33.53
C2 ATP GB . -73.22 -42.04 -32.83
N3 ATP GB . -72.11 -42.12 -32.08
C4 ATP GB . -71.62 -43.36 -32.10
MG MG HB . -62.21 -39.84 -32.71
MG MG IB . -61.06 -41.44 -29.72
PG ATP JB . -78.03 -15.41 1.14
O1G ATP JB . -78.03 -14.96 -0.28
O2G ATP JB . -76.77 -16.20 1.53
O3G ATP JB . -78.26 -14.29 2.15
PB ATP JB . -80.54 -16.98 0.67
O1B ATP JB . -81.56 -15.93 0.50
O2B ATP JB . -80.09 -17.67 -0.61
O3B ATP JB . -79.24 -16.44 1.40
PA ATP JB . -80.50 -19.57 2.12
O1A ATP JB . -79.03 -19.63 2.15
O2A ATP JB . -81.18 -20.59 1.20
O3A ATP JB . -81.01 -18.12 1.67
O5' ATP JB . -81.10 -19.73 3.56
C5' ATP JB . -82.52 -19.88 3.78
C4' ATP JB . -82.75 -20.15 5.24
O4' ATP JB . -84.11 -19.80 5.60
C3' ATP JB . -82.54 -21.60 5.67
O3' ATP JB . -81.82 -21.67 6.91
C2' ATP JB . -83.97 -22.12 5.84
O2' ATP JB . -84.05 -23.15 6.82
C1' ATP JB . -84.68 -20.86 6.32
N9 ATP JB . -86.13 -20.87 6.08
C8 ATP JB . -86.78 -21.35 4.98
N7 ATP JB . -88.09 -21.21 5.03
C5 ATP JB . -88.30 -20.61 6.26
C6 ATP JB . -89.47 -20.19 6.93
N6 ATP JB . -90.70 -20.34 6.42
N1 ATP JB . -89.34 -19.62 8.14
C2 ATP JB . -88.12 -19.48 8.65
N3 ATP JB . -86.93 -19.82 8.11
C4 ATP JB . -87.10 -20.39 6.92
MG MG KB . -79.61 -15.46 3.11
MG MG LB . -77.31 -18.27 2.05
PG ATP MB . -61.14 -30.59 40.45
O1G ATP MB . -60.42 -30.19 41.69
O2G ATP MB . -60.24 -31.19 39.36
O3G ATP MB . -61.98 -29.46 39.84
PB ATP MB . -63.72 -31.92 41.21
O1B ATP MB . -63.93 -31.47 42.60
O2B ATP MB . -64.58 -31.23 40.15
O3B ATP MB . -62.20 -31.75 40.76
PA ATP MB . -63.96 -34.53 39.84
O1A ATP MB . -62.92 -34.22 38.84
O2A ATP MB . -65.39 -34.58 39.32
O3A ATP MB . -63.93 -33.48 41.04
O5' ATP MB . -63.64 -35.90 40.57
C5' ATP MB . -64.59 -36.51 41.45
C4' ATP MB . -64.04 -37.86 41.87
O4' ATP MB . -64.66 -38.27 43.12
C3' ATP MB . -64.27 -39.00 40.88
O3' ATP MB . -63.10 -39.78 40.73
C2' ATP MB . -65.41 -39.79 41.51
O2' ATP MB . -65.35 -41.17 41.16
C1' ATP MB . -65.11 -39.59 42.99
N9 ATP MB . -66.27 -39.78 43.86
C8 ATP MB . -67.56 -39.40 43.62
N7 ATP MB . -68.40 -39.69 44.58
C5 ATP MB . -67.60 -40.32 45.53
C6 ATP MB . -67.89 -40.87 46.80
N6 ATP MB . -69.10 -40.89 47.34
N1 ATP MB . -66.86 -41.42 47.49
C2 ATP MB . -65.64 -41.41 46.94
N3 ATP MB . -65.25 -40.91 45.76
C4 ATP MB . -66.28 -40.38 45.10
MG MG NB . -61.06 -32.31 42.34
MG MG OB . -61.26 -32.83 38.59
PG ATP PB . 5.35 -45.55 -2.42
O1G ATP PB . 5.97 -46.46 -1.42
O2G ATP PB . 4.30 -44.61 -1.84
O3G ATP PB . 4.75 -46.29 -3.63
PB ATP PB . 8.03 -44.38 -3.06
O1B ATP PB . 8.65 -44.97 -4.27
O2B ATP PB . 8.55 -44.91 -1.72
O3B ATP PB . 6.46 -44.59 -3.06
PA ATP PB . 8.13 -41.65 -1.94
O1A ATP PB . 6.83 -41.61 -1.25
O2A ATP PB . 8.51 -40.35 -2.65
O3A ATP PB . 8.16 -42.80 -3.04
O5' ATP PB . 9.30 -42.05 -0.96
C5' ATP PB . 10.53 -41.29 -0.90
C4' ATP PB . 10.82 -40.93 0.52
O4' ATP PB . 12.20 -41.27 0.84
C3' ATP PB . 10.64 -39.46 0.88
O3' ATP PB . 10.02 -39.32 2.16
C2' ATP PB . 12.08 -38.93 0.90
O2' ATP PB . 12.23 -37.83 1.79
C1' ATP PB . 12.82 -40.15 1.43
N9 ATP PB . 14.25 -40.18 1.09
C8 ATP PB . 14.81 -39.81 -0.10
N7 ATP PB . 16.12 -39.93 -0.12
C5 ATP PB . 16.43 -40.42 1.14
C6 ATP PB . 17.65 -40.77 1.75
N6 ATP PB . 18.84 -40.68 1.15
N1 ATP PB . 17.61 -41.23 3.02
C2 ATP PB . 16.42 -41.31 3.63
N3 ATP PB . 15.21 -41.02 3.16
C4 ATP PB . 15.28 -40.57 1.90
N GLN QB . 21.68 -23.44 22.38
CA GLN QB . 20.41 -22.72 22.23
C GLN QB . 19.95 -22.71 20.78
O GLN QB . 20.17 -21.66 19.99
CB GLN QB . 20.55 -21.30 22.75
CG GLN QB . 20.34 -21.15 24.24
CD GLN QB . 20.24 -19.69 24.66
OE1 GLN QB . 19.74 -19.38 25.74
NE2 GLN QB . 20.70 -18.79 23.80
OXT GLN QB . 19.36 -23.67 20.29
MG MG RB . 7.33 -45.64 -0.25
MG MG SB . 5.24 -42.83 -1.73
PG ATP TB . -6.58 -26.52 37.41
O1G ATP TB . -7.38 -26.29 38.63
O2G ATP TB . -5.87 -27.88 37.38
O3G ATP TB . -7.37 -26.35 36.11
PB ATP TB . -3.82 -25.40 37.15
O1B ATP TB . -3.13 -25.85 38.37
O2B ATP TB . -3.47 -26.17 35.88
O3B ATP TB . -5.39 -25.45 37.30
PA ATP TB . -3.88 -22.84 35.68
O1A ATP TB . -2.75 -22.71 34.75
O2A ATP TB . -5.20 -23.28 35.04
O3A ATP TB . -3.57 -23.86 36.86
O5' ATP TB . -4.15 -21.48 36.44
C5' ATP TB . -3.06 -20.76 37.08
C4' ATP TB . -3.54 -19.37 37.40
O4' ATP TB . -2.80 -18.83 38.52
C3' ATP TB . -3.41 -18.36 36.26
O3' ATP TB . -4.59 -17.58 36.12
C2' ATP TB . -2.21 -17.50 36.70
O2' ATP TB . -2.32 -16.17 36.20
C1' ATP TB . -2.39 -17.53 38.21
N9 ATP TB . -1.17 -17.23 38.96
C8 ATP TB . 0.11 -17.60 38.64
N7 ATP TB . 1.01 -17.18 39.50
C5 ATP TB . 0.27 -16.49 40.44
C6 ATP TB . 0.65 -15.79 41.61
N6 ATP TB . 1.91 -15.69 42.05
N1 ATP TB . -0.33 -15.20 42.33
C2 ATP TB . -1.59 -15.30 41.89
N3 ATP TB . -2.06 -15.92 40.81
C4 ATP TB . -1.07 -16.50 40.12
N GLN UB . -6.74 13.52 37.08
CA GLN UB . -6.08 12.50 36.23
C GLN UB . -6.66 12.59 34.81
O GLN UB . -5.87 12.69 33.86
CB GLN UB . -6.28 11.09 36.81
CG GLN UB . -5.22 10.10 36.38
CD GLN UB . -5.65 9.22 35.22
OE1 GLN UB . -5.36 9.52 34.06
NE2 GLN UB . -6.34 8.14 35.53
OXT GLN UB . -7.89 12.53 34.68
MG MG VB . -6.64 -24.75 34.94
MG MG WB . -6.60 -24.48 38.78
PG ATP XB . -36.17 7.30 28.09
O1G ATP XB . -35.73 6.25 27.14
O2G ATP XB . -36.20 6.85 29.55
O3G ATP XB . -37.52 7.94 27.72
PB ATP XB . -33.74 8.94 28.69
O1B ATP XB . -33.89 9.78 29.89
O2B ATP XB . -32.94 7.66 28.88
O3B ATP XB . -35.14 8.53 28.07
PA ATP XB . -32.08 9.39 26.28
O1A ATP XB . -32.42 8.11 25.65
O2A ATP XB . -30.66 9.48 26.85
O3A ATP XB . -33.07 9.72 27.48
O5' ATP XB . -32.30 10.59 25.29
C5' ATP XB . -31.88 11.93 25.62
C4' ATP XB . -32.08 12.80 24.40
O4' ATP XB . -32.14 14.19 24.78
C3' ATP XB . -30.99 12.68 23.33
O3' ATP XB . -31.56 12.58 22.03
C2' ATP XB . -30.20 13.99 23.50
O2' ATP XB . -29.62 14.42 22.27
C1' ATP XB . -31.31 14.94 23.92
N9 ATP XB . -30.86 16.13 24.62
C8 ATP XB . -29.84 16.21 25.53
N7 ATP XB . -29.65 17.43 26.01
C5 ATP XB . -30.60 18.19 25.36
C6 ATP XB . -30.92 19.56 25.42
N6 ATP XB . -30.29 20.44 26.20
N1 ATP XB . -31.93 20.00 24.64
C2 ATP XB . -32.57 19.13 23.86
N3 ATP XB . -32.36 17.82 23.72
C4 ATP XB . -31.36 17.41 24.50
N GLN YB . -25.08 27.17 -1.35
CA GLN YB . -24.17 28.25 -0.92
C GLN YB . -23.95 28.09 0.59
O GLN YB . -24.36 28.96 1.34
CB GLN YB . -24.78 29.58 -1.30
CG GLN YB . -25.11 29.71 -2.78
CD GLN YB . -24.08 29.06 -3.68
OE1 GLN YB . -22.90 29.44 -3.69
NE2 GLN YB . -24.51 28.07 -4.44
OXT GLN YB . -23.34 27.08 0.97
MG MG ZB . -36.79 4.79 25.54
MG MG AC . -34.00 6.68 25.86
PG ATP BC . -41.79 8.32 -16.70
O1G ATP BC . -41.22 6.98 -16.39
O2G ATP BC . -42.44 8.41 -18.09
O3G ATP BC . -42.78 8.83 -15.65
PB ATP BC . -40.33 10.85 -17.36
O1B ATP BC . -40.52 10.85 -18.82
O2B ATP BC . -41.15 11.87 -16.58
O3B ATP BC . -40.64 9.43 -16.73
PA ATP BC . -37.42 10.34 -17.21
O1A ATP BC . -37.53 8.88 -16.96
O2A ATP BC . -36.37 11.04 -16.36
O3A ATP BC . -38.81 11.06 -16.95
O5' ATP BC . -37.13 10.64 -18.73
C5' ATP BC . -36.19 11.68 -19.11
C4' ATP BC . -35.36 11.18 -20.27
O4' ATP BC . -35.28 12.19 -21.30
C3' ATP BC . -33.93 10.78 -19.91
O3' ATP BC . -33.55 9.57 -20.56
C2' ATP BC . -33.11 11.98 -20.42
O2' ATP BC . -31.80 11.59 -20.80
C1' ATP BC . -33.92 12.37 -21.66
N9 ATP BC . -33.73 13.75 -22.09
C8 ATP BC . -33.58 14.85 -21.29
N7 ATP BC . -33.42 15.98 -21.95
C5 ATP BC . -33.46 15.58 -23.28
C6 ATP BC . -33.34 16.29 -24.49
N6 ATP BC . -33.16 17.62 -24.55
N1 ATP BC . -33.43 15.60 -25.64
C2 ATP BC . -33.62 14.28 -25.58
N3 ATP BC . -33.74 13.49 -24.51
C4 ATP BC . -33.65 14.21 -23.37
MG MG CC . -39.31 7.77 -16.50
MG MG DC . -41.13 9.01 -19.52
PG ATP EC . -16.19 -23.92 -36.20
O1G ATP EC . -15.79 -25.36 -36.28
O2G ATP EC . -16.19 -23.36 -34.78
O3G ATP EC . -17.55 -23.63 -36.86
PB ATP EC . -14.51 -21.56 -36.91
O1B ATP EC . -15.40 -20.59 -36.27
O2B ATP EC . -14.04 -21.19 -38.32
O3B ATP EC . -15.16 -23.00 -37.00
PA ATP EC . -12.57 -21.29 -34.69
O1A ATP EC . -13.36 -21.73 -33.53
O2A ATP EC . -12.42 -19.78 -34.85
O3A ATP EC . -13.20 -21.84 -36.04
O5' ATP EC . -11.13 -21.94 -34.69
C5' ATP EC . -10.03 -21.35 -35.43
C4' ATP EC . -8.76 -22.01 -34.99
O4' ATP EC . -7.80 -22.00 -36.07
C3' ATP EC . -8.07 -21.37 -33.78
O3' ATP EC . -7.67 -22.36 -32.84
C2' ATP EC . -6.87 -20.66 -34.40
O2' ATP EC . -5.77 -20.59 -33.50
C1' ATP EC . -6.55 -21.61 -35.56
N9 ATP EC . -5.79 -20.99 -36.64
C8 ATP EC . -5.92 -19.72 -37.13
N7 ATP EC . -5.09 -19.43 -38.11
C5 ATP EC . -4.36 -20.59 -38.27
C6 ATP EC . -3.31 -20.94 -39.15
N6 ATP EC . -2.80 -20.12 -40.07
N1 ATP EC . -2.80 -22.20 -39.06
C2 ATP EC . -3.31 -23.03 -38.14
N3 ATP EC . -4.29 -22.81 -37.26
C4 ATP EC . -4.77 -21.57 -37.37
MG MG FC . -14.92 -23.06 -33.29
MG MG GC . -13.91 -24.86 -36.53
#